data_7SFS
#
_entry.id   7SFS
#
loop_
_entity.id
_entity.type
_entity.pdbx_description
1 polymer 'Gene 3 protein'
2 polymer 'Gene 7 protein'
#
loop_
_entity_poly.entity_id
_entity_poly.type
_entity_poly.pdbx_seq_one_letter_code
_entity_poly.pdbx_strand_id
1 'polypeptide(L)'
;MAETLEKKHERIMLRFDRAYSPQKEVREKCIEATRFARVPGGQWEGATAAGTKLDEQFEKYPKFEINKVATELNRIIAEY
RNNRITVKFRPGDREASEELANKLNGLFRADYEETDGGEACDNAFDDAATGGFGCFRLTSMLVNEYDPMDDRQRIAIEPI
YDPSRSVWFDPDAKKYDKSDALWAFCMYSLSPEKYEAEYGKKPPTSLDVTSMTSWEYNWFGADVIYIAKYYEVRKESVDV
ISYRHPITGEIATYDSDQVEDIEDELAIAGFHEVARRSVKRRRVYVSVVDGDGFLEKPRRIPGEHIPLIPVYGKRWFIDD
IERVEGHIAKAMDPQRLYNLQVSMLADTAAQDPGQIPIVGMEQIRGLEKHWEARNKKRPAFLPLREVRDKSGNIIAGATP
AGYTQPAVMNQALAALLQQTSADIQEVTGGSQAMQQMPSNIAQETVNNLMNRADMASFIYLDNMAKSLKRAGEVWLSMAR
EVYGSEREVRIVNEDGSDDIAVLSAQVVDRQTGAVVALNDLSVGRYDVTVDVGPSYTARRDATVSVLTNVLSSMLPTDPM
RPAIQGIILDNIDGEGLDDFKEYNRNQLLISGIAKPRNEKEQQIVQQAQMAAQSQPNPEMVLAQAQMVAAQAEAQKATNE
TAQTQIKAFTAQQDAMESQANTVYKLAQARNIDDKAVMEAIRLLKDVAESQQQQFQSPPQSPADLMPS
;
M,A,B,C,D,E,F,G,H,I,J,K
2 'polypeptide(L)'
;MATVLTKGEIVLFALRKFAIASNASLTDVEPQSIEDGVNDLEDMMSEWMINPGDIGYAFATGDEQPLPDDESGLPRKYKH
AVGYQLLLRMLSDYSLEPTPQVLSNAQRSYDALMTDTLVVPSMRRRGDFPVGQGNKYDVFTSDRYYPGDLPLIDGDIPNA
;
N,O,P,Q,R,S,T,U,V,W,X,L
#
# COMPACT_ATOMS: atom_id res chain seq x y z
N MET A 1 66.78 39.17 43.92
CA MET A 1 66.08 37.92 44.17
C MET A 1 65.53 37.36 42.86
N ALA A 2 65.75 38.09 41.78
CA ALA A 2 65.16 37.82 40.48
C ALA A 2 66.27 37.48 39.48
N GLU A 3 65.89 37.41 38.20
CA GLU A 3 66.76 37.08 37.08
C GLU A 3 67.77 36.00 37.45
N THR A 4 69.05 36.37 37.56
CA THR A 4 70.07 35.41 37.95
C THR A 4 69.78 34.81 39.31
N LEU A 5 69.37 35.64 40.26
CA LEU A 5 68.96 35.15 41.57
C LEU A 5 67.67 34.34 41.40
N GLU A 6 67.76 33.04 41.65
CA GLU A 6 66.71 32.11 41.28
C GLU A 6 65.55 32.10 42.24
N LYS A 7 65.50 33.01 43.22
CA LYS A 7 64.37 33.02 44.14
C LYS A 7 63.05 33.21 43.43
N LYS A 8 63.05 33.76 42.22
CA LYS A 8 61.85 33.75 41.40
C LYS A 8 61.54 32.36 40.86
N HIS A 9 62.56 31.54 40.65
CA HIS A 9 62.34 30.24 40.01
C HIS A 9 61.60 29.27 40.93
N GLU A 10 61.88 29.29 42.23
CA GLU A 10 61.11 28.42 43.12
C GLU A 10 59.64 28.81 43.13
N ARG A 11 59.36 30.11 43.10
CA ARG A 11 57.96 30.53 43.04
C ARG A 11 57.31 30.06 41.75
N ILE A 12 58.03 30.15 40.64
CA ILE A 12 57.48 29.69 39.36
C ILE A 12 57.20 28.19 39.41
N MET A 13 58.14 27.40 39.94
CA MET A 13 57.94 25.96 40.03
C MET A 13 56.78 25.62 40.95
N LEU A 14 56.66 26.31 42.09
CA LEU A 14 55.53 26.05 42.97
C LEU A 14 54.21 26.35 42.29
N ARG A 15 54.16 27.45 41.54
CA ARG A 15 52.94 27.78 40.81
C ARG A 15 52.61 26.72 39.78
N PHE A 16 53.62 26.15 39.13
CA PHE A 16 53.34 25.08 38.17
C PHE A 16 52.64 23.90 38.83
N ASP A 17 53.15 23.45 39.97
CA ASP A 17 52.51 22.31 40.64
C ASP A 17 51.12 22.67 41.15
N ARG A 18 50.94 23.91 41.61
CA ARG A 18 49.60 24.29 42.06
C ARG A 18 48.61 24.31 40.92
N ALA A 19 49.03 24.70 39.73
CA ALA A 19 48.14 24.68 38.57
C ALA A 19 47.93 23.28 38.00
N TYR A 20 48.91 22.40 38.16
CA TYR A 20 48.83 21.07 37.56
C TYR A 20 47.90 20.15 38.34
N SER A 21 47.89 20.26 39.66
CA SER A 21 47.22 19.27 40.49
C SER A 21 45.72 19.19 40.27
N PRO A 22 44.94 20.28 40.28
CA PRO A 22 43.49 20.14 40.16
C PRO A 22 43.05 19.57 38.82
N GLN A 23 43.57 20.11 37.73
CA GLN A 23 43.18 19.68 36.38
C GLN A 23 44.01 18.52 35.90
N LYS A 24 44.15 17.49 36.73
CA LYS A 24 44.99 16.35 36.42
C LYS A 24 44.18 15.16 35.92
N GLU A 25 43.06 14.85 36.56
CA GLU A 25 42.20 13.78 36.11
C GLU A 25 41.30 14.20 34.96
N VAL A 26 41.07 15.49 34.78
CA VAL A 26 40.23 15.95 33.68
C VAL A 26 40.93 15.76 32.35
N ARG A 27 42.20 16.14 32.28
CA ARG A 27 42.92 16.06 31.02
C ARG A 27 43.25 14.63 30.62
N GLU A 28 43.29 13.71 31.57
CA GLU A 28 43.52 12.32 31.24
C GLU A 28 42.40 11.78 30.36
N LYS A 29 41.15 12.15 30.65
CA LYS A 29 40.04 11.73 29.81
C LYS A 29 40.14 12.30 28.41
N CYS A 30 40.56 13.56 28.28
CA CYS A 30 40.69 14.16 26.96
C CYS A 30 41.73 13.43 26.13
N ILE A 31 42.89 13.15 26.74
CA ILE A 31 43.94 12.45 26.01
C ILE A 31 43.49 11.05 25.64
N GLU A 32 42.85 10.36 26.59
CA GLU A 32 42.37 9.00 26.30
C GLU A 32 41.36 9.00 25.18
N ALA A 33 40.48 10.00 25.13
CA ALA A 33 39.47 10.06 24.07
C ALA A 33 40.11 10.29 22.71
N THR A 34 41.00 11.28 22.61
CA THR A 34 41.63 11.51 21.31
C THR A 34 42.37 10.27 20.84
N ARG A 35 43.12 9.64 21.73
CA ARG A 35 43.85 8.43 21.39
C ARG A 35 42.91 7.27 21.05
N PHE A 36 41.76 7.19 21.72
CA PHE A 36 40.78 6.15 21.45
C PHE A 36 40.17 6.30 20.06
N ALA A 37 39.99 7.53 19.61
CA ALA A 37 39.37 7.74 18.31
C ALA A 37 40.33 7.74 17.14
N ARG A 38 41.60 8.08 17.35
CA ARG A 38 42.48 8.32 16.21
C ARG A 38 43.62 7.32 16.06
N VAL A 39 44.26 6.91 17.15
CA VAL A 39 45.41 5.99 17.04
C VAL A 39 44.92 4.62 16.58
N PRO A 40 45.60 3.97 15.62
CA PRO A 40 45.04 2.76 15.01
C PRO A 40 44.78 1.62 15.99
N GLY A 41 45.60 1.43 17.00
CA GLY A 41 45.35 0.35 17.93
C GLY A 41 44.86 0.81 19.29
N GLY A 42 44.39 2.05 19.36
CA GLY A 42 44.15 2.69 20.64
C GLY A 42 42.88 2.30 21.35
N GLN A 43 42.01 1.51 20.73
CA GLN A 43 40.77 1.14 21.38
C GLN A 43 40.94 0.01 22.37
N TRP A 44 42.07 -0.70 22.33
CA TRP A 44 42.32 -1.81 23.24
C TRP A 44 43.41 -1.49 24.25
N GLU A 45 43.86 -0.25 24.31
CA GLU A 45 45.00 0.09 25.16
C GLU A 45 44.65 -0.12 26.62
N GLY A 46 45.56 -0.73 27.36
CA GLY A 46 45.28 -1.16 28.71
C GLY A 46 45.39 -2.66 28.82
N ALA A 47 44.90 -3.39 27.82
CA ALA A 47 45.10 -4.82 27.74
C ALA A 47 46.28 -5.18 26.83
N THR A 48 46.19 -4.85 25.55
CA THR A 48 47.23 -5.14 24.58
C THR A 48 47.78 -6.56 24.72
N ALA A 49 48.77 -6.75 25.57
CA ALA A 49 49.41 -8.05 25.76
C ALA A 49 48.72 -8.78 26.90
N ALA A 50 47.69 -9.55 26.58
CA ALA A 50 46.96 -10.33 27.57
C ALA A 50 46.63 -11.70 26.98
N GLY A 51 46.94 -12.75 27.73
CA GLY A 51 46.66 -14.10 27.27
C GLY A 51 46.95 -15.09 28.37
N THR A 52 46.85 -16.37 28.01
CA THR A 52 47.06 -17.46 28.96
C THR A 52 48.20 -18.36 28.50
N LYS A 53 48.59 -19.27 29.40
CA LYS A 53 49.74 -20.13 29.14
C LYS A 53 49.46 -21.11 28.01
N LEU A 54 48.35 -21.83 28.07
CA LEU A 54 47.89 -22.67 26.96
C LEU A 54 48.97 -23.69 26.56
N ASP A 55 49.29 -24.59 27.48
CA ASP A 55 50.30 -25.64 27.32
C ASP A 55 51.69 -25.05 27.09
N GLU A 56 52.14 -24.28 28.08
CA GLU A 56 53.49 -23.71 28.09
C GLU A 56 53.78 -22.89 26.84
N GLN A 57 52.87 -21.97 26.55
CA GLN A 57 53.05 -20.99 25.49
C GLN A 57 52.51 -19.66 26.02
N PHE A 58 52.40 -18.66 25.16
CA PHE A 58 51.69 -17.47 25.58
C PHE A 58 50.82 -16.91 24.46
N GLU A 59 49.98 -17.75 23.88
CA GLU A 59 49.03 -17.25 22.90
C GLU A 59 48.16 -16.16 23.53
N LYS A 60 47.99 -15.06 22.81
CA LYS A 60 47.24 -13.91 23.27
C LYS A 60 45.85 -13.89 22.66
N TYR A 61 44.91 -13.28 23.37
CA TYR A 61 43.55 -13.22 22.88
C TYR A 61 43.48 -12.36 21.62
N PRO A 62 42.71 -12.77 20.63
CA PRO A 62 42.49 -11.90 19.47
C PRO A 62 41.75 -10.64 19.88
N LYS A 63 42.18 -9.51 19.33
CA LYS A 63 41.62 -8.21 19.68
C LYS A 63 41.29 -7.46 18.40
N PHE A 64 40.12 -7.71 17.85
CA PHE A 64 39.71 -7.03 16.64
C PHE A 64 39.15 -5.65 16.97
N GLU A 65 39.28 -4.73 16.02
CA GLU A 65 38.91 -3.34 16.23
C GLU A 65 38.07 -2.87 15.05
N ILE A 66 36.83 -2.49 15.32
CA ILE A 66 35.89 -2.03 14.30
C ILE A 66 35.44 -0.63 14.73
N ASN A 67 36.07 0.38 14.18
CA ASN A 67 35.88 1.75 14.65
C ASN A 67 34.58 2.31 14.08
N LYS A 68 33.60 2.55 14.96
CA LYS A 68 32.30 3.04 14.55
C LYS A 68 31.93 4.36 15.20
N VAL A 69 32.81 4.93 16.03
CA VAL A 69 32.50 6.17 16.73
C VAL A 69 33.05 7.40 16.04
N ALA A 70 33.77 7.25 14.93
CA ALA A 70 34.43 8.38 14.29
C ALA A 70 33.59 9.02 13.18
N THR A 71 32.52 8.36 12.72
CA THR A 71 31.78 8.89 11.58
C THR A 71 31.09 10.21 11.93
N GLU A 72 30.40 10.25 13.07
CA GLU A 72 29.73 11.48 13.47
C GLU A 72 30.71 12.60 13.76
N LEU A 73 31.86 12.26 14.33
CA LEU A 73 32.90 13.26 14.56
C LEU A 73 33.39 13.84 13.24
N ASN A 74 33.61 13.00 12.24
CA ASN A 74 33.99 13.50 10.93
C ASN A 74 32.92 14.39 10.33
N ARG A 75 31.65 14.03 10.52
CA ARG A 75 30.56 14.88 10.05
C ARG A 75 30.61 16.25 10.70
N ILE A 76 30.83 16.29 12.01
CA ILE A 76 30.90 17.58 12.70
C ILE A 76 32.07 18.41 12.18
N ILE A 77 33.23 17.79 12.01
CA ILE A 77 34.40 18.54 11.55
C ILE A 77 34.19 19.08 10.14
N ALA A 78 33.59 18.27 9.26
CA ALA A 78 33.28 18.75 7.91
C ALA A 78 32.30 19.91 7.95
N GLU A 79 31.34 19.88 8.88
CA GLU A 79 30.41 20.99 9.02
C GLU A 79 31.12 22.31 9.27
N TYR A 80 32.13 22.32 10.11
CA TYR A 80 32.88 23.55 10.34
C TYR A 80 33.80 23.90 9.18
N ARG A 81 34.49 22.93 8.61
CA ARG A 81 35.40 23.25 7.52
C ARG A 81 34.67 23.75 6.30
N ASN A 82 33.36 23.50 6.21
CA ASN A 82 32.58 24.08 5.12
C ASN A 82 32.31 25.57 5.35
N ASN A 83 32.05 25.97 6.59
CA ASN A 83 31.72 27.34 6.94
C ASN A 83 32.60 27.76 8.10
N ARG A 84 33.61 28.61 7.83
CA ARG A 84 34.73 28.73 8.75
C ARG A 84 34.62 29.83 9.79
N ILE A 85 33.92 30.93 9.49
CA ILE A 85 33.64 32.08 10.37
C ILE A 85 34.89 32.73 10.97
N THR A 86 34.87 34.06 11.08
CA THR A 86 35.99 34.82 11.61
C THR A 86 35.46 36.09 12.29
N VAL A 87 36.36 37.01 12.61
CA VAL A 87 36.02 38.24 13.35
C VAL A 87 35.46 39.28 12.39
N LYS A 88 34.62 40.19 12.91
CA LYS A 88 33.84 41.09 12.08
C LYS A 88 34.12 42.56 12.29
N PHE A 89 34.13 43.04 13.54
CA PHE A 89 34.34 44.47 13.86
C PHE A 89 33.22 45.34 13.28
N ARG A 90 32.04 45.19 13.86
CA ARG A 90 30.89 46.00 13.47
C ARG A 90 31.12 47.47 13.82
N PRO A 91 30.52 48.39 13.05
CA PRO A 91 30.68 49.82 13.36
C PRO A 91 29.75 50.30 14.45
N GLY A 92 29.76 51.61 14.70
CA GLY A 92 28.88 52.21 15.67
C GLY A 92 28.09 53.37 15.10
N ASP A 93 27.57 54.24 15.95
CA ASP A 93 26.80 55.40 15.52
C ASP A 93 27.67 56.63 15.72
N ARG A 94 28.45 56.96 14.69
CA ARG A 94 29.36 58.09 14.76
C ARG A 94 29.70 58.50 13.34
N GLU A 95 30.30 59.69 13.23
CA GLU A 95 30.59 60.24 11.91
C GLU A 95 31.63 59.41 11.17
N ALA A 96 32.63 58.88 11.86
CA ALA A 96 33.76 58.25 11.21
C ALA A 96 33.94 56.78 11.54
N SER A 97 33.01 56.16 12.25
CA SER A 97 33.21 54.79 12.67
C SER A 97 33.18 53.81 11.50
N GLU A 98 32.55 54.17 10.39
CA GLU A 98 32.50 53.27 9.24
C GLU A 98 33.90 53.01 8.68
N GLU A 99 34.64 54.08 8.41
CA GLU A 99 36.00 53.92 7.90
C GLU A 99 36.89 53.24 8.92
N LEU A 100 36.68 53.52 10.20
CA LEU A 100 37.46 52.88 11.24
C LEU A 100 37.26 51.37 11.22
N ALA A 101 36.00 50.93 11.13
CA ALA A 101 35.72 49.50 11.06
C ALA A 101 36.32 48.87 9.81
N ASN A 102 36.20 49.57 8.67
CA ASN A 102 36.77 49.04 7.44
C ASN A 102 38.28 48.84 7.57
N LYS A 103 38.98 49.84 8.08
CA LYS A 103 40.42 49.72 8.24
C LYS A 103 40.78 48.61 9.21
N LEU A 104 40.07 48.51 10.33
CA LEU A 104 40.41 47.51 11.33
C LEU A 104 40.23 46.10 10.80
N ASN A 105 39.10 45.82 10.16
CA ASN A 105 38.93 44.44 9.72
C ASN A 105 39.53 44.18 8.35
N GLY A 106 40.18 45.18 7.74
CA GLY A 106 41.15 44.86 6.70
C GLY A 106 42.50 44.49 7.25
N LEU A 107 42.96 45.20 8.29
CA LEU A 107 44.21 44.85 8.95
C LEU A 107 44.14 43.44 9.55
N PHE A 108 43.01 43.10 10.19
CA PHE A 108 42.90 41.77 10.77
C PHE A 108 42.97 40.69 9.70
N ARG A 109 42.32 40.92 8.55
CA ARG A 109 42.38 39.95 7.47
C ARG A 109 43.81 39.78 6.98
N ALA A 110 44.54 40.89 6.86
CA ALA A 110 45.93 40.80 6.45
C ALA A 110 46.74 39.96 7.42
N ASP A 111 46.53 40.17 8.72
CA ASP A 111 47.28 39.39 9.71
C ASP A 111 46.88 37.91 9.70
N TYR A 112 45.61 37.62 9.47
CA TYR A 112 45.13 36.24 9.50
C TYR A 112 45.57 35.47 8.27
N GLU A 113 45.65 36.13 7.11
CA GLU A 113 46.00 35.43 5.88
C GLU A 113 47.49 35.17 5.75
N GLU A 114 48.32 36.17 6.06
CA GLU A 114 49.76 36.07 5.84
C GLU A 114 50.50 35.37 6.96
N THR A 115 49.77 34.71 7.86
CA THR A 115 50.36 33.91 8.92
C THR A 115 49.53 32.63 9.06
N ASP A 116 49.66 31.93 10.18
CA ASP A 116 49.11 30.59 10.30
C ASP A 116 47.73 30.61 10.93
N GLY A 117 46.91 31.60 10.59
CA GLY A 117 45.59 31.69 11.19
C GLY A 117 44.68 30.52 10.86
N GLY A 118 44.63 30.13 9.59
CA GLY A 118 43.73 29.05 9.20
C GLY A 118 44.11 27.72 9.83
N GLU A 119 45.40 27.40 9.81
CA GLU A 119 45.87 26.19 10.48
C GLU A 119 45.57 26.21 11.96
N ALA A 120 45.79 27.36 12.62
CA ALA A 120 45.53 27.44 14.05
C ALA A 120 44.07 27.20 14.37
N CYS A 121 43.17 27.83 13.63
CA CYS A 121 41.75 27.67 13.90
C CYS A 121 41.30 26.24 13.62
N ASP A 122 41.75 25.64 12.52
CA ASP A 122 41.35 24.28 12.22
C ASP A 122 41.85 23.31 13.28
N ASN A 123 43.11 23.46 13.70
CA ASN A 123 43.65 22.57 14.72
C ASN A 123 42.89 22.73 16.03
N ALA A 124 42.61 23.97 16.43
CA ALA A 124 41.89 24.20 17.67
C ALA A 124 40.51 23.57 17.64
N PHE A 125 39.76 23.76 16.55
CA PHE A 125 38.43 23.19 16.49
C PHE A 125 38.48 21.67 16.46
N ASP A 126 39.43 21.10 15.74
CA ASP A 126 39.54 19.64 15.69
C ASP A 126 39.78 19.07 17.08
N ASP A 127 40.73 19.66 17.81
CA ASP A 127 41.02 19.16 19.15
C ASP A 127 39.84 19.37 20.09
N ALA A 128 39.16 20.51 19.98
CA ALA A 128 38.03 20.78 20.85
C ALA A 128 36.89 19.80 20.60
N ALA A 129 36.63 19.46 19.34
CA ALA A 129 35.56 18.53 19.05
C ALA A 129 35.92 17.09 19.37
N THR A 130 37.19 16.72 19.31
CA THR A 130 37.57 15.34 19.61
C THR A 130 37.68 15.08 21.11
N GLY A 131 38.58 15.78 21.79
CA GLY A 131 38.81 15.54 23.19
C GLY A 131 37.98 16.42 24.10
N GLY A 132 37.93 17.71 23.78
CA GLY A 132 37.12 18.63 24.57
C GLY A 132 37.84 19.92 24.90
N PHE A 133 39.13 20.01 24.58
CA PHE A 133 39.89 21.21 24.89
C PHE A 133 40.82 21.54 23.72
N GLY A 134 40.78 22.78 23.26
CA GLY A 134 41.69 23.25 22.25
C GLY A 134 42.13 24.67 22.57
N CYS A 135 43.18 25.10 21.89
CA CYS A 135 43.75 26.41 22.20
C CYS A 135 44.55 26.90 21.00
N PHE A 136 44.78 28.21 20.94
CA PHE A 136 45.72 28.77 19.98
C PHE A 136 46.26 30.08 20.54
N ARG A 137 47.36 30.53 19.94
CA ARG A 137 48.16 31.61 20.49
C ARG A 137 48.13 32.82 19.58
N LEU A 138 48.43 33.98 20.14
CA LEU A 138 48.42 35.25 19.42
C LEU A 138 49.69 36.02 19.83
N THR A 139 50.72 35.97 19.00
CA THR A 139 52.01 36.54 19.31
C THR A 139 52.28 37.77 18.44
N SER A 140 53.45 38.36 18.62
CA SER A 140 53.89 39.52 17.83
C SER A 140 55.29 39.26 17.33
N MET A 141 55.43 39.07 16.02
CA MET A 141 56.69 38.72 15.39
C MET A 141 57.28 39.93 14.69
N LEU A 142 58.61 39.90 14.51
CA LEU A 142 59.36 41.03 13.99
C LEU A 142 59.63 40.82 12.50
N VAL A 143 58.88 41.53 11.66
CA VAL A 143 59.15 41.59 10.23
C VAL A 143 58.89 43.00 9.71
N ARG A 152 57.67 47.38 10.66
CA ARG A 152 58.72 46.44 11.05
C ARG A 152 58.31 45.64 12.29
N GLN A 153 57.03 45.72 12.63
CA GLN A 153 56.43 44.89 13.67
C GLN A 153 55.10 44.34 13.16
N ARG A 154 54.68 43.22 13.72
CA ARG A 154 53.52 42.53 13.19
C ARG A 154 52.88 41.70 14.29
N ILE A 155 51.58 41.49 14.18
CA ILE A 155 50.85 40.56 15.02
C ILE A 155 50.62 39.28 14.23
N ALA A 156 50.93 38.14 14.83
CA ALA A 156 50.81 36.86 14.16
C ALA A 156 49.96 35.91 14.98
N ILE A 157 49.28 35.00 14.29
CA ILE A 157 48.42 34.00 14.92
C ILE A 157 49.06 32.64 14.70
N GLU A 158 49.26 31.90 15.79
CA GLU A 158 50.01 30.66 15.75
C GLU A 158 49.22 29.53 16.37
N PRO A 159 49.42 28.29 15.92
CA PRO A 159 48.75 27.16 16.54
C PRO A 159 49.52 26.60 17.73
N ILE A 160 48.78 25.89 18.58
CA ILE A 160 49.34 25.20 19.73
C ILE A 160 49.01 23.73 19.59
N TYR A 161 50.02 22.88 19.70
CA TYR A 161 49.85 21.45 19.51
C TYR A 161 49.85 20.74 20.86
N ASP A 162 48.95 19.78 21.00
CA ASP A 162 48.71 19.05 22.25
C ASP A 162 48.28 19.98 23.36
N PRO A 163 47.15 20.70 23.22
CA PRO A 163 46.76 21.62 24.28
C PRO A 163 46.46 20.95 25.59
N SER A 164 45.98 19.71 25.58
CA SER A 164 45.55 19.06 26.81
C SER A 164 46.70 18.93 27.80
N ARG A 165 47.90 18.64 27.31
CA ARG A 165 49.06 18.44 28.17
C ARG A 165 50.07 19.57 28.05
N SER A 166 49.68 20.73 27.54
CA SER A 166 50.62 21.82 27.33
C SER A 166 50.21 23.14 27.98
N VAL A 167 48.92 23.42 28.10
CA VAL A 167 48.45 24.71 28.57
C VAL A 167 47.86 24.55 29.97
N TRP A 168 48.37 25.33 30.92
CA TRP A 168 47.90 25.29 32.30
C TRP A 168 47.70 26.72 32.79
N PHE A 169 46.54 26.98 33.38
CA PHE A 169 46.16 28.32 33.79
C PHE A 169 46.16 28.45 35.30
N ASP A 170 46.01 29.68 35.76
CA ASP A 170 45.81 29.98 37.17
C ASP A 170 44.56 29.27 37.67
N PRO A 171 44.65 28.49 38.76
CA PRO A 171 43.46 27.77 39.23
C PRO A 171 42.40 28.66 39.84
N ASP A 172 42.64 29.97 39.83
CA ASP A 172 41.68 30.92 40.36
C ASP A 172 40.83 31.57 39.28
N ALA A 173 41.07 31.26 38.01
CA ALA A 173 40.26 31.78 36.93
C ALA A 173 39.10 30.85 36.68
N LYS A 174 37.90 31.41 36.55
CA LYS A 174 36.69 30.61 36.43
C LYS A 174 35.90 30.87 35.16
N LYS A 175 36.18 31.96 34.46
CA LYS A 175 35.36 32.32 33.31
C LYS A 175 35.73 31.47 32.11
N TYR A 176 34.88 31.52 31.08
CA TYR A 176 35.11 30.73 29.88
C TYR A 176 36.42 31.10 29.21
N ASP A 177 36.69 32.41 29.09
CA ASP A 177 37.85 32.90 28.38
C ASP A 177 39.05 33.13 29.27
N LYS A 178 38.95 32.80 30.56
CA LYS A 178 40.06 32.97 31.50
C LYS A 178 40.54 34.41 31.55
N SER A 179 39.61 35.35 31.51
CA SER A 179 39.96 36.75 31.59
C SER A 179 40.59 37.09 32.93
N ASP A 180 40.09 36.50 34.00
CA ASP A 180 40.53 36.81 35.36
C ASP A 180 41.68 35.89 35.80
N ALA A 181 42.69 35.75 34.97
CA ALA A 181 43.84 34.93 35.27
C ALA A 181 45.08 35.80 35.34
N LEU A 182 46.01 35.42 36.20
CA LEU A 182 47.20 36.21 36.43
C LEU A 182 48.50 35.54 35.97
N TRP A 183 48.47 34.26 35.62
CA TRP A 183 49.62 33.62 35.01
C TRP A 183 49.18 32.37 34.29
N ALA A 184 50.04 31.88 33.40
CA ALA A 184 49.76 30.68 32.64
C ALA A 184 51.07 30.10 32.13
N PHE A 185 50.99 28.84 31.70
CA PHE A 185 52.14 28.10 31.17
C PHE A 185 51.80 27.56 29.79
N CYS A 186 52.83 27.41 28.96
CA CYS A 186 52.68 26.83 27.63
C CYS A 186 53.90 25.98 27.35
N MET A 187 53.76 24.67 27.53
CA MET A 187 54.85 23.73 27.32
C MET A 187 54.95 23.32 25.86
N TYR A 188 56.17 23.04 25.42
CA TYR A 188 56.39 22.46 24.11
C TYR A 188 57.68 21.64 24.14
N SER A 189 57.72 20.59 23.33
CA SER A 189 58.84 19.68 23.27
C SER A 189 59.89 20.17 22.30
N LEU A 190 61.10 19.66 22.45
CA LEU A 190 62.26 20.16 21.74
C LEU A 190 63.26 19.04 21.57
N SER A 191 64.18 19.22 20.62
CA SER A 191 65.22 18.24 20.38
C SER A 191 66.55 18.72 20.93
N PRO A 192 67.42 17.80 21.36
CA PRO A 192 68.70 18.21 21.95
C PRO A 192 69.55 19.08 21.03
N GLU A 193 69.53 18.78 19.73
CA GLU A 193 70.28 19.58 18.78
C GLU A 193 69.73 20.98 18.62
N LYS A 194 68.41 21.13 18.56
CA LYS A 194 67.83 22.46 18.52
C LYS A 194 68.03 23.20 19.84
N TYR A 195 68.10 22.48 20.95
CA TYR A 195 68.49 23.10 22.21
C TYR A 195 69.94 23.55 22.18
N GLU A 196 70.79 22.87 21.40
CA GLU A 196 72.15 23.35 21.23
C GLU A 196 72.23 24.57 20.32
N ALA A 197 71.32 24.67 19.36
CA ALA A 197 71.35 25.76 18.39
C ALA A 197 71.29 27.11 19.09
N GLU A 198 70.17 27.40 19.75
CA GLU A 198 70.05 28.56 20.63
C GLU A 198 70.12 28.08 22.06
N TYR A 199 70.17 29.03 23.00
CA TYR A 199 70.36 28.73 24.42
C TYR A 199 71.76 28.17 24.69
N GLY A 200 72.62 28.21 23.68
CA GLY A 200 74.02 27.93 23.86
C GLY A 200 74.31 26.48 24.18
N LYS A 201 75.58 26.22 24.48
CA LYS A 201 76.02 24.87 24.84
C LYS A 201 75.27 24.37 26.06
N LYS A 202 75.33 25.13 27.16
CA LYS A 202 74.52 24.94 28.34
C LYS A 202 74.85 23.61 29.02
N PRO A 203 74.45 23.41 30.27
CA PRO A 203 74.45 22.07 30.84
C PRO A 203 73.60 21.12 30.03
N PRO A 204 73.64 19.83 30.32
CA PRO A 204 72.98 18.84 29.45
C PRO A 204 71.47 18.85 29.50
N THR A 205 70.88 19.95 30.01
CA THR A 205 69.45 20.27 29.98
C THR A 205 68.72 19.63 31.15
N SER A 206 67.72 20.32 31.68
CA SER A 206 66.85 19.78 32.72
C SER A 206 65.41 20.05 32.31
N LEU A 207 64.75 19.05 31.75
CA LEU A 207 63.40 19.23 31.26
C LEU A 207 62.37 19.23 32.39
N ASP A 208 61.19 19.75 32.09
CA ASP A 208 60.09 19.73 33.03
C ASP A 208 59.53 18.32 33.17
N VAL A 209 58.70 18.11 34.19
CA VAL A 209 58.10 16.82 34.49
C VAL A 209 56.61 17.00 34.74
N THR A 210 55.80 16.11 34.18
CA THR A 210 54.37 16.06 34.45
C THR A 210 53.90 14.70 34.95
N SER A 211 54.61 13.62 34.61
CA SER A 211 54.16 12.26 34.89
C SER A 211 52.75 12.05 34.32
N MET A 212 52.56 12.52 33.10
CA MET A 212 51.25 12.64 32.49
C MET A 212 50.96 11.57 31.44
N THR A 213 51.75 11.53 30.38
CA THR A 213 51.50 10.64 29.25
C THR A 213 52.36 9.37 29.37
N SER A 214 52.41 8.61 28.28
CA SER A 214 52.92 7.23 28.23
C SER A 214 51.99 6.32 29.00
N TRP A 215 50.89 6.88 29.50
CA TRP A 215 49.88 6.11 30.19
C TRP A 215 49.18 5.26 29.13
N GLU A 216 49.53 3.97 29.08
CA GLU A 216 49.12 3.06 28.01
C GLU A 216 49.68 3.50 26.66
N TYR A 217 51.02 3.46 26.53
CA TYR A 217 51.73 3.85 25.32
C TYR A 217 53.21 3.49 25.41
N ASN A 218 53.87 3.35 24.26
CA ASN A 218 55.27 2.98 24.19
C ASN A 218 56.13 4.19 23.85
N TRP A 219 57.21 4.36 24.61
CA TRP A 219 58.16 5.42 24.36
C TRP A 219 59.45 4.82 23.83
N PHE A 220 60.05 5.51 22.85
CA PHE A 220 61.28 5.09 22.21
C PHE A 220 62.21 6.28 22.04
N GLY A 221 61.67 7.48 22.14
CA GLY A 221 62.43 8.68 21.85
C GLY A 221 62.93 9.39 23.08
N ALA A 222 64.25 9.61 23.16
CA ALA A 222 64.84 10.34 24.25
C ALA A 222 64.97 11.82 23.91
N ASP A 223 64.42 12.20 22.75
CA ASP A 223 64.43 13.59 22.30
C ASP A 223 63.26 14.32 22.94
N VAL A 224 63.36 14.49 24.25
CA VAL A 224 62.23 14.95 25.05
C VAL A 224 62.29 16.46 25.28
N ILE A 225 63.35 16.95 25.94
CA ILE A 225 63.53 18.31 26.39
C ILE A 225 62.25 19.14 26.38
N TYR A 226 61.53 19.15 27.50
CA TYR A 226 60.28 19.89 27.61
C TYR A 226 60.56 21.28 28.16
N ILE A 227 60.23 22.30 27.38
CA ILE A 227 60.42 23.69 27.75
C ILE A 227 59.06 24.34 27.89
N ALA A 228 58.98 25.39 28.71
CA ALA A 228 57.70 26.06 28.92
C ALA A 228 57.89 27.57 28.83
N LYS A 229 56.82 28.25 28.43
CA LYS A 229 56.75 29.70 28.45
C LYS A 229 55.87 30.14 29.61
N TYR A 230 56.26 31.22 30.28
CA TYR A 230 55.59 31.68 31.49
C TYR A 230 55.11 33.10 31.29
N TYR A 231 53.84 33.35 31.60
CA TYR A 231 53.22 34.66 31.40
C TYR A 231 52.86 35.25 32.75
N GLU A 232 53.28 36.49 32.98
CA GLU A 232 53.00 37.22 34.19
C GLU A 232 52.22 38.47 33.86
N VAL A 233 51.31 38.88 34.74
CA VAL A 233 50.66 40.18 34.64
C VAL A 233 50.97 40.96 35.91
N ARG A 234 51.50 42.15 35.75
CA ARG A 234 51.91 42.99 36.86
C ARG A 234 51.29 44.37 36.72
N LYS A 235 51.17 45.07 37.84
CA LYS A 235 50.63 46.42 37.80
C LYS A 235 51.71 47.44 37.42
N GLU A 236 52.73 47.57 38.26
CA GLU A 236 53.84 48.50 38.02
C GLU A 236 53.39 49.95 37.92
N SER A 237 54.35 50.86 37.95
CA SER A 237 54.08 52.29 37.82
C SER A 237 54.83 52.83 36.61
N VAL A 238 54.11 53.53 35.75
CA VAL A 238 54.68 54.10 34.54
C VAL A 238 54.38 55.58 34.53
N ASP A 239 55.33 56.38 34.06
CA ASP A 239 55.21 57.83 34.07
C ASP A 239 54.77 58.29 32.68
N VAL A 240 53.59 58.88 32.59
CA VAL A 240 53.12 59.48 31.35
C VAL A 240 53.67 60.91 31.30
N ILE A 241 54.46 61.19 30.27
CA ILE A 241 55.27 62.40 30.21
C ILE A 241 54.86 63.22 28.98
N SER A 242 53.56 63.33 28.77
CA SER A 242 52.88 63.94 27.63
C SER A 242 53.57 65.12 26.94
N TYR A 243 53.73 65.01 25.62
CA TYR A 243 54.09 66.14 24.76
C TYR A 243 52.83 66.71 24.12
N ARG A 244 52.00 67.37 24.94
CA ARG A 244 50.82 68.02 24.39
C ARG A 244 51.28 69.26 23.64
N HIS A 245 51.60 69.09 22.36
CA HIS A 245 52.11 70.20 21.56
C HIS A 245 50.95 71.04 21.05
N PRO A 246 50.90 72.33 21.39
CA PRO A 246 49.69 73.11 21.08
C PRO A 246 49.33 73.18 19.61
N ILE A 247 50.32 73.23 18.72
CA ILE A 247 50.04 73.35 17.29
C ILE A 247 49.54 72.02 16.75
N THR A 248 48.98 72.06 15.54
CA THR A 248 48.27 70.95 14.90
C THR A 248 47.45 70.16 15.91
N GLY A 249 46.66 70.90 16.69
CA GLY A 249 45.84 70.31 17.73
C GLY A 249 46.67 69.68 18.83
N GLU A 250 46.64 68.34 18.90
CA GLU A 250 47.45 67.57 19.84
C GLU A 250 47.18 67.98 21.28
N ILE A 251 45.95 67.72 21.71
CA ILE A 251 45.50 67.96 23.07
C ILE A 251 45.51 66.64 23.81
N ALA A 252 45.96 66.67 25.08
CA ALA A 252 45.94 65.49 25.95
C ALA A 252 46.72 64.33 25.33
N THR A 253 48.01 64.57 25.17
CA THR A 253 48.91 63.68 24.46
C THR A 253 49.42 62.57 25.42
N TYR A 254 50.12 61.60 24.84
CA TYR A 254 50.41 60.32 25.48
C TYR A 254 51.76 60.23 26.17
N ASP A 255 52.80 60.19 25.34
CA ASP A 255 54.21 59.99 25.66
C ASP A 255 54.41 59.12 26.89
N SER A 256 54.00 57.85 26.83
CA SER A 256 54.40 56.94 27.88
C SER A 256 55.93 56.83 27.95
N ASP A 257 56.41 56.24 29.04
CA ASP A 257 57.84 56.23 29.30
C ASP A 257 58.62 55.54 28.19
N GLN A 258 58.11 54.42 27.71
CA GLN A 258 58.77 53.62 26.67
C GLN A 258 58.77 54.29 25.30
N VAL A 259 58.24 55.49 25.18
CA VAL A 259 58.20 56.16 23.88
C VAL A 259 59.44 57.03 23.66
N GLU A 260 59.79 57.85 24.64
CA GLU A 260 60.86 58.83 24.45
C GLU A 260 62.20 58.16 24.17
N ASP A 261 62.51 57.09 24.89
CA ASP A 261 63.81 56.43 24.70
C ASP A 261 63.98 55.90 23.28
N ILE A 262 62.95 55.26 22.74
CA ILE A 262 63.01 54.81 21.36
C ILE A 262 62.84 55.98 20.40
N GLU A 263 61.86 56.85 20.65
CA GLU A 263 61.55 57.97 19.76
C GLU A 263 62.45 59.13 20.15
N ASP A 264 63.59 59.22 19.48
CA ASP A 264 64.53 60.32 19.66
C ASP A 264 64.53 61.16 18.39
N GLU A 265 63.55 62.05 18.29
CA GLU A 265 63.49 63.04 17.23
C GLU A 265 64.14 64.35 17.65
N LEU A 266 64.68 64.40 18.86
CA LEU A 266 65.23 65.63 19.44
C LEU A 266 64.15 66.70 19.61
N ALA A 267 62.91 66.26 19.79
CA ALA A 267 61.78 67.13 20.11
C ALA A 267 61.66 68.29 19.12
N ILE A 268 61.50 67.92 17.85
CA ILE A 268 61.37 68.93 16.80
C ILE A 268 60.10 69.74 17.00
N ALA A 269 58.99 69.07 17.29
CA ALA A 269 57.70 69.73 17.44
C ALA A 269 56.98 69.19 18.67
N GLY A 270 57.67 69.15 19.81
CA GLY A 270 57.05 68.60 20.99
C GLY A 270 56.79 69.51 22.17
N PHE A 271 57.69 70.45 22.48
CA PHE A 271 57.67 71.17 23.75
C PHE A 271 57.72 70.15 24.89
N HIS A 272 57.51 70.56 26.13
CA HIS A 272 57.46 69.56 27.20
C HIS A 272 56.23 69.66 28.08
N GLU A 273 55.82 70.88 28.43
CA GLU A 273 54.66 71.16 29.28
C GLU A 273 54.53 70.14 30.42
N VAL A 274 53.30 69.70 30.73
CA VAL A 274 53.11 68.82 31.87
C VAL A 274 53.59 67.42 31.51
N ALA A 275 54.52 66.90 32.30
CA ALA A 275 55.09 65.58 32.08
C ALA A 275 55.34 64.86 33.39
N ARG A 276 54.70 65.29 34.47
CA ARG A 276 55.07 64.77 35.78
C ARG A 276 53.86 64.11 36.43
N ARG A 277 53.12 63.33 35.65
CA ARG A 277 52.02 62.54 36.17
C ARG A 277 52.37 61.07 36.03
N SER A 278 52.35 60.35 37.15
CA SER A 278 52.69 58.93 37.18
C SER A 278 51.43 58.12 37.46
N VAL A 279 51.20 57.11 36.64
CA VAL A 279 49.96 56.34 36.69
C VAL A 279 50.31 54.87 36.82
N LYS A 280 49.43 54.11 37.47
CA LYS A 280 49.55 52.66 37.52
C LYS A 280 48.81 52.07 36.33
N ARG A 281 49.51 51.24 35.57
CA ARG A 281 48.94 50.58 34.40
C ARG A 281 48.99 49.07 34.61
N ARG A 282 48.73 48.33 33.55
CA ARG A 282 48.72 46.87 33.59
C ARG A 282 49.54 46.35 32.43
N ARG A 283 50.59 45.59 32.73
CA ARG A 283 51.48 45.05 31.70
C ARG A 283 51.64 43.55 31.87
N VAL A 284 52.12 42.92 30.81
CA VAL A 284 52.28 41.47 30.74
C VAL A 284 53.72 41.15 30.35
N TYR A 285 54.31 40.19 31.05
CA TYR A 285 55.68 39.77 30.82
C TYR A 285 55.71 38.31 30.40
N VAL A 286 56.70 37.95 29.58
CA VAL A 286 56.85 36.58 29.11
C VAL A 286 58.27 36.11 29.43
N SER A 287 58.38 34.81 29.71
CA SER A 287 59.66 34.23 30.11
C SER A 287 59.70 32.79 29.62
N VAL A 288 60.92 32.28 29.47
CA VAL A 288 61.15 30.89 29.07
C VAL A 288 61.96 30.22 30.16
N VAL A 289 61.43 29.12 30.71
CA VAL A 289 62.04 28.44 31.83
C VAL A 289 62.09 26.94 31.54
N ASP A 290 62.89 26.24 32.33
CA ASP A 290 62.94 24.80 32.33
C ASP A 290 63.09 24.33 33.78
N GLY A 291 63.41 23.06 33.96
CA GLY A 291 63.51 22.53 35.30
C GLY A 291 64.71 23.03 36.10
N ASP A 292 65.63 23.74 35.46
CA ASP A 292 66.82 24.24 36.12
C ASP A 292 66.77 25.74 36.38
N GLY A 293 66.57 26.55 35.34
CA GLY A 293 66.59 27.99 35.51
C GLY A 293 65.94 28.75 34.37
N PHE A 294 66.43 29.95 34.09
CA PHE A 294 65.86 30.81 33.06
C PHE A 294 66.65 30.64 31.77
N LEU A 295 65.99 30.14 30.73
CA LEU A 295 66.59 30.17 29.40
C LEU A 295 66.52 31.56 28.79
N GLU A 296 65.45 32.31 29.06
CA GLU A 296 65.32 33.68 28.60
C GLU A 296 64.75 34.53 29.72
N LYS A 297 65.41 35.65 30.02
CA LYS A 297 64.96 36.51 31.10
C LYS A 297 63.66 37.21 30.72
N PRO A 298 62.85 37.59 31.70
CA PRO A 298 61.54 38.16 31.40
C PRO A 298 61.63 39.47 30.62
N ARG A 299 60.64 39.68 29.76
CA ARG A 299 60.51 40.91 29.01
C ARG A 299 59.03 41.18 28.75
N ARG A 300 58.68 42.44 28.56
CA ARG A 300 57.27 42.80 28.41
C ARG A 300 56.82 42.71 26.96
N ILE A 301 55.60 42.23 26.77
CA ILE A 301 55.04 42.02 25.44
C ILE A 301 53.98 43.10 25.18
N PRO A 302 53.71 43.45 23.93
CA PRO A 302 52.80 44.57 23.62
C PRO A 302 51.32 44.23 23.79
N GLY A 303 50.81 44.40 24.99
CA GLY A 303 49.39 44.17 25.20
C GLY A 303 48.99 44.42 26.64
N GLU A 304 47.77 43.99 26.94
CA GLU A 304 47.22 44.06 28.29
C GLU A 304 46.67 42.73 28.77
N HIS A 305 46.40 41.80 27.86
CA HIS A 305 45.81 40.51 28.18
C HIS A 305 46.83 39.39 27.98
N ILE A 306 46.57 38.25 28.62
CA ILE A 306 47.35 37.04 28.32
C ILE A 306 46.97 36.56 26.92
N PRO A 307 47.91 36.33 26.03
CA PRO A 307 47.56 36.06 24.63
C PRO A 307 47.16 34.62 24.31
N LEU A 308 46.71 33.85 25.29
CA LEU A 308 46.26 32.48 25.04
C LEU A 308 44.73 32.47 24.93
N ILE A 309 44.23 31.78 23.91
CA ILE A 309 42.80 31.75 23.60
C ILE A 309 42.31 30.31 23.69
N PRO A 310 41.61 29.94 24.75
CA PRO A 310 41.12 28.57 24.87
C PRO A 310 39.85 28.33 24.06
N VAL A 311 39.69 27.09 23.61
CA VAL A 311 38.51 26.65 22.87
C VAL A 311 38.00 25.36 23.49
N TYR A 312 36.73 25.32 23.86
CA TYR A 312 36.14 24.17 24.51
C TYR A 312 35.00 23.61 23.68
N GLY A 313 34.82 22.30 23.77
CA GLY A 313 33.67 21.67 23.14
C GLY A 313 32.42 21.90 23.95
N LYS A 314 32.40 21.37 25.18
CA LYS A 314 31.34 21.64 26.13
C LYS A 314 31.99 21.81 27.48
N ARG A 315 31.71 22.91 28.17
CA ARG A 315 32.40 23.25 29.41
C ARG A 315 31.41 23.59 30.50
N TRP A 316 31.66 23.06 31.70
CA TRP A 316 30.85 23.35 32.88
C TRP A 316 31.77 23.49 34.08
N PHE A 317 31.24 24.11 35.14
CA PHE A 317 31.96 24.32 36.38
C PHE A 317 31.14 23.68 37.49
N ILE A 318 31.62 22.54 38.01
CA ILE A 318 30.78 21.67 38.86
C ILE A 318 31.16 21.77 40.33
N ASP A 319 32.36 21.35 40.70
CA ASP A 319 32.77 21.42 42.10
C ASP A 319 34.18 22.01 42.17
N ASP A 320 34.27 23.33 42.14
CA ASP A 320 35.54 24.05 42.16
C ASP A 320 36.50 23.57 41.08
N ILE A 321 35.99 22.82 40.10
CA ILE A 321 36.81 22.23 39.06
C ILE A 321 36.09 22.40 37.74
N GLU A 322 36.82 22.87 36.72
CA GLU A 322 36.26 23.01 35.39
C GLU A 322 36.27 21.67 34.67
N ARG A 323 35.16 21.32 34.04
CA ARG A 323 35.01 20.01 33.41
C ARG A 323 34.62 20.20 31.95
N VAL A 324 35.25 19.43 31.07
CA VAL A 324 35.07 19.55 29.63
C VAL A 324 34.67 18.19 29.06
N GLU A 325 34.10 18.21 27.87
CA GLU A 325 33.68 16.98 27.20
C GLU A 325 33.64 17.19 25.70
N GLY A 326 34.14 16.20 24.97
CA GLY A 326 34.12 16.24 23.52
C GLY A 326 32.90 15.58 22.94
N HIS A 327 33.08 14.71 21.95
CA HIS A 327 31.96 14.04 21.30
C HIS A 327 32.10 12.53 21.27
N ILE A 328 33.12 11.97 21.93
CA ILE A 328 33.35 10.53 21.91
C ILE A 328 33.52 9.94 23.29
N ALA A 329 33.55 10.75 24.34
CA ALA A 329 33.72 10.19 25.68
C ALA A 329 32.53 9.32 26.06
N LYS A 330 31.31 9.74 25.70
CA LYS A 330 30.12 9.03 26.11
C LYS A 330 29.98 7.67 25.45
N ALA A 331 30.68 7.42 24.35
CA ALA A 331 30.47 6.22 23.56
C ALA A 331 31.59 5.20 23.71
N MET A 332 32.44 5.33 24.72
CA MET A 332 33.55 4.39 24.86
C MET A 332 33.07 3.03 25.31
N ASP A 333 32.17 2.96 26.29
CA ASP A 333 31.78 1.65 26.82
C ASP A 333 31.05 0.79 25.79
N PRO A 334 30.01 1.26 25.10
CA PRO A 334 29.39 0.42 24.07
C PRO A 334 30.35 0.01 22.98
N GLN A 335 31.26 0.89 22.57
CA GLN A 335 32.19 0.55 21.50
C GLN A 335 33.13 -0.57 21.91
N ARG A 336 33.77 -0.43 23.07
CA ARG A 336 34.73 -1.44 23.49
C ARG A 336 34.07 -2.68 24.04
N LEU A 337 32.75 -2.68 24.22
CA LEU A 337 32.05 -3.91 24.50
C LEU A 337 31.64 -4.63 23.21
N TYR A 338 31.30 -3.86 22.18
CA TYR A 338 31.06 -4.41 20.85
C TYR A 338 32.29 -5.11 20.28
N ASN A 339 33.46 -4.49 20.45
CA ASN A 339 34.70 -5.11 19.98
C ASN A 339 34.90 -6.47 20.64
N LEU A 340 34.69 -6.56 21.95
CA LEU A 340 34.84 -7.82 22.66
C LEU A 340 33.84 -8.85 22.17
N GLN A 341 32.60 -8.44 21.91
CA GLN A 341 31.62 -9.40 21.40
C GLN A 341 32.07 -10.01 20.08
N VAL A 342 32.51 -9.18 19.14
CA VAL A 342 32.94 -9.70 17.85
C VAL A 342 34.16 -10.61 18.01
N SER A 343 35.13 -10.18 18.83
CA SER A 343 36.34 -10.97 19.01
C SER A 343 36.02 -12.33 19.62
N MET A 344 35.12 -12.38 20.58
CA MET A 344 34.76 -13.64 21.20
C MET A 344 33.96 -14.54 20.26
N LEU A 345 33.13 -13.97 19.40
CA LEU A 345 32.41 -14.81 18.45
C LEU A 345 33.33 -15.42 17.40
N ALA A 346 34.36 -14.68 16.97
CA ALA A 346 35.16 -15.16 15.84
C ALA A 346 35.84 -16.50 16.13
N ASP A 347 36.55 -16.61 17.26
CA ASP A 347 37.28 -17.84 17.52
C ASP A 347 36.37 -18.99 17.93
N THR A 348 35.26 -18.71 18.61
CA THR A 348 34.30 -19.76 18.87
C THR A 348 33.76 -20.34 17.57
N ALA A 349 33.48 -19.48 16.59
CA ALA A 349 33.08 -20.00 15.29
C ALA A 349 34.20 -20.80 14.64
N ALA A 350 35.44 -20.34 14.78
CA ALA A 350 36.55 -21.02 14.13
C ALA A 350 36.96 -22.32 14.81
N GLN A 351 36.47 -22.60 16.01
CA GLN A 351 36.91 -23.79 16.73
C GLN A 351 36.35 -25.09 16.16
N ASP A 352 35.06 -25.15 15.82
CA ASP A 352 34.40 -26.37 15.39
C ASP A 352 33.63 -26.12 14.09
N PRO A 353 34.29 -26.25 12.94
CA PRO A 353 33.62 -25.87 11.69
C PRO A 353 32.56 -26.85 11.23
N GLY A 354 32.79 -28.16 11.33
CA GLY A 354 31.86 -29.11 10.75
C GLY A 354 31.50 -30.29 11.62
N GLN A 355 31.15 -31.42 10.99
CA GLN A 355 30.74 -32.62 11.68
C GLN A 355 31.64 -33.78 11.28
N ILE A 356 32.00 -34.63 12.24
CA ILE A 356 32.84 -35.79 11.99
C ILE A 356 32.15 -37.01 12.60
N PRO A 357 32.07 -38.14 11.90
CA PRO A 357 31.52 -39.35 12.52
C PRO A 357 32.43 -39.89 13.60
N ILE A 358 31.83 -40.58 14.56
CA ILE A 358 32.54 -41.19 15.68
C ILE A 358 32.27 -42.69 15.65
N VAL A 359 33.35 -43.49 15.68
CA VAL A 359 33.25 -44.94 15.62
C VAL A 359 34.22 -45.55 16.62
N GLY A 360 34.02 -46.83 16.92
CA GLY A 360 34.97 -47.58 17.70
C GLY A 360 36.11 -48.10 16.86
N MET A 361 37.24 -48.38 17.50
CA MET A 361 38.45 -48.73 16.74
C MET A 361 38.26 -50.03 15.97
N GLU A 362 37.66 -51.04 16.60
CA GLU A 362 37.51 -52.33 15.97
C GLU A 362 36.27 -52.44 15.10
N GLN A 363 35.47 -51.38 15.03
CA GLN A 363 34.32 -51.33 14.15
C GLN A 363 34.68 -50.94 12.73
N ILE A 364 35.89 -50.40 12.51
CA ILE A 364 36.30 -49.88 11.21
C ILE A 364 37.65 -50.40 10.76
N ARG A 365 38.34 -51.19 11.58
CA ARG A 365 39.68 -51.63 11.22
C ARG A 365 39.64 -52.47 9.96
N GLY A 366 40.55 -52.15 9.03
CA GLY A 366 40.61 -52.82 7.74
C GLY A 366 39.74 -52.22 6.66
N LEU A 367 38.91 -51.22 6.99
CA LEU A 367 38.03 -50.61 6.01
C LEU A 367 38.25 -49.10 5.91
N GLU A 368 39.41 -48.62 6.34
CA GLU A 368 39.61 -47.18 6.39
C GLU A 368 39.71 -46.57 5.00
N LYS A 369 40.29 -47.27 4.04
CA LYS A 369 40.49 -46.68 2.72
C LYS A 369 39.18 -46.40 1.99
N HIS A 370 38.12 -47.12 2.32
CA HIS A 370 36.83 -46.84 1.69
C HIS A 370 36.20 -45.58 2.25
N TRP A 371 36.35 -45.34 3.55
CA TRP A 371 35.84 -44.12 4.15
C TRP A 371 36.72 -42.92 3.86
N GLU A 372 38.00 -43.13 3.59
CA GLU A 372 38.90 -42.03 3.33
C GLU A 372 38.56 -41.33 2.02
N ALA A 373 38.14 -42.08 1.00
CA ALA A 373 37.91 -41.55 -0.33
C ALA A 373 36.44 -41.53 -0.70
N ARG A 374 35.55 -41.26 0.26
CA ARG A 374 34.13 -41.30 -0.06
C ARG A 374 33.68 -40.09 -0.86
N ASN A 375 34.49 -39.04 -0.94
CA ASN A 375 34.09 -37.85 -1.69
C ASN A 375 34.72 -37.77 -3.08
N LYS A 376 35.78 -38.53 -3.35
CA LYS A 376 36.37 -38.58 -4.67
C LYS A 376 35.74 -39.67 -5.53
N LYS A 377 35.79 -40.91 -5.05
CA LYS A 377 35.16 -42.00 -5.76
C LYS A 377 33.66 -41.98 -5.51
N ARG A 378 32.95 -42.84 -6.19
CA ARG A 378 31.50 -42.77 -6.07
C ARG A 378 30.98 -44.12 -5.62
N PRO A 379 31.17 -44.48 -4.37
CA PRO A 379 30.84 -45.83 -3.93
C PRO A 379 29.33 -46.06 -3.89
N ALA A 380 28.94 -47.30 -4.20
CA ALA A 380 27.54 -47.66 -4.11
C ALA A 380 27.09 -47.81 -2.66
N PHE A 381 28.02 -48.08 -1.76
CA PHE A 381 27.71 -48.20 -0.34
C PHE A 381 29.01 -48.11 0.43
N LEU A 382 28.89 -48.00 1.75
CA LEU A 382 30.04 -47.99 2.64
C LEU A 382 29.90 -49.12 3.65
N PRO A 383 30.92 -49.94 3.84
CA PRO A 383 30.83 -51.04 4.79
C PRO A 383 31.25 -50.67 6.20
N LEU A 384 30.63 -51.35 7.17
CA LEU A 384 30.97 -51.17 8.58
C LEU A 384 30.52 -52.41 9.32
N ARG A 385 31.08 -52.62 10.50
CA ARG A 385 30.75 -53.76 11.34
C ARG A 385 29.85 -53.34 12.49
N GLU A 386 29.34 -54.32 13.21
CA GLU A 386 28.49 -54.09 14.36
C GLU A 386 29.31 -54.08 15.65
N VAL A 387 28.68 -53.62 16.72
CA VAL A 387 29.31 -53.54 18.02
C VAL A 387 29.02 -54.83 18.76
N ARG A 388 30.09 -55.52 19.17
CA ARG A 388 29.95 -56.79 19.88
C ARG A 388 30.58 -56.70 21.25
N ASP A 389 29.94 -57.35 22.22
CA ASP A 389 30.42 -57.33 23.59
C ASP A 389 31.53 -58.36 23.76
N LYS A 390 31.93 -58.64 24.99
CA LYS A 390 33.08 -59.52 25.22
C LYS A 390 32.79 -60.98 24.94
N SER A 391 31.52 -61.37 24.87
CA SER A 391 31.16 -62.76 24.61
C SER A 391 30.71 -63.00 23.18
N GLY A 392 30.69 -61.97 22.33
CA GLY A 392 30.38 -62.14 20.93
C GLY A 392 28.97 -61.79 20.51
N ASN A 393 28.16 -61.25 21.41
CA ASN A 393 26.79 -60.88 21.08
C ASN A 393 26.72 -59.49 20.47
N ILE A 394 25.73 -59.26 19.62
CA ILE A 394 25.54 -57.97 18.96
C ILE A 394 24.65 -57.10 19.85
N ILE A 395 25.11 -55.88 20.13
CA ILE A 395 24.36 -54.99 21.00
C ILE A 395 23.98 -53.71 20.27
N ALA A 396 24.64 -53.42 19.15
CA ALA A 396 24.35 -52.20 18.41
C ALA A 396 24.53 -52.46 16.92
N GLY A 397 23.94 -51.59 16.11
CA GLY A 397 23.96 -51.74 14.67
C GLY A 397 25.26 -51.24 14.05
N ALA A 398 25.27 -51.25 12.72
CA ALA A 398 26.45 -50.88 11.95
C ALA A 398 26.57 -49.40 11.68
N THR A 399 25.62 -48.60 12.12
CA THR A 399 25.70 -47.16 11.93
C THR A 399 26.74 -46.56 12.87
N PRO A 400 27.34 -45.42 12.50
CA PRO A 400 28.23 -44.73 13.43
C PRO A 400 27.50 -44.33 14.70
N ALA A 401 28.26 -44.29 15.80
CA ALA A 401 27.66 -44.00 17.11
C ALA A 401 27.07 -42.61 17.15
N GLY A 402 27.74 -41.63 16.56
CA GLY A 402 27.24 -40.27 16.60
C GLY A 402 28.13 -39.35 15.80
N TYR A 403 27.83 -38.05 15.89
CA TYR A 403 28.57 -37.02 15.20
C TYR A 403 28.92 -35.91 16.18
N THR A 404 29.96 -35.16 15.86
CA THR A 404 30.32 -34.01 16.66
C THR A 404 29.39 -32.84 16.34
N GLN A 405 29.41 -31.84 17.21
CA GLN A 405 28.53 -30.69 17.06
C GLN A 405 29.26 -29.51 16.46
N PRO A 406 28.61 -28.71 15.63
CA PRO A 406 29.23 -27.47 15.18
C PRO A 406 28.96 -26.30 16.12
N ALA A 407 29.51 -25.12 15.82
CA ALA A 407 29.40 -23.97 16.70
C ALA A 407 27.96 -23.46 16.77
N VAL A 408 27.66 -22.69 17.82
CA VAL A 408 26.25 -22.47 18.17
C VAL A 408 25.81 -21.00 18.24
N MET A 409 26.71 -20.09 18.64
CA MET A 409 26.36 -18.67 18.82
C MET A 409 25.23 -18.47 19.83
N ASN A 410 25.59 -18.60 21.10
CA ASN A 410 24.67 -18.34 22.20
C ASN A 410 23.91 -17.04 22.02
N GLN A 411 22.72 -16.98 22.62
CA GLN A 411 21.76 -15.90 22.39
C GLN A 411 22.18 -14.58 23.03
N ALA A 412 22.83 -14.63 24.18
CA ALA A 412 23.21 -13.40 24.88
C ALA A 412 24.18 -12.57 24.04
N LEU A 413 25.11 -13.24 23.36
CA LEU A 413 26.05 -12.53 22.50
C LEU A 413 25.33 -11.81 21.37
N ALA A 414 24.34 -12.45 20.75
CA ALA A 414 23.59 -11.79 19.68
C ALA A 414 22.84 -10.57 20.21
N ALA A 415 22.21 -10.72 21.37
CA ALA A 415 21.52 -9.58 21.96
C ALA A 415 22.47 -8.43 22.24
N LEU A 416 23.64 -8.72 22.79
CA LEU A 416 24.61 -7.67 23.05
C LEU A 416 25.10 -7.00 21.78
N LEU A 417 25.34 -7.79 20.72
CA LEU A 417 25.75 -7.19 19.46
C LEU A 417 24.72 -6.17 18.99
N GLN A 418 23.45 -6.58 18.93
CA GLN A 418 22.42 -5.65 18.46
C GLN A 418 22.30 -4.44 19.37
N GLN A 419 22.29 -4.65 20.69
CA GLN A 419 22.07 -3.56 21.62
C GLN A 419 23.19 -2.53 21.56
N THR A 420 24.44 -2.98 21.57
CA THR A 420 25.57 -2.05 21.55
C THR A 420 25.65 -1.31 20.21
N SER A 421 25.42 -2.02 19.10
CA SER A 421 25.43 -1.34 17.82
C SER A 421 24.35 -0.28 17.75
N ALA A 422 23.16 -0.55 18.29
CA ALA A 422 22.13 0.47 18.33
C ALA A 422 22.46 1.61 19.28
N ASP A 423 23.12 1.34 20.41
CA ASP A 423 23.40 2.38 21.38
C ASP A 423 24.46 3.34 20.91
N ILE A 424 25.42 2.87 20.11
CA ILE A 424 26.44 3.78 19.60
C ILE A 424 25.80 4.89 18.77
N GLN A 425 24.83 4.56 17.92
CA GLN A 425 24.18 5.59 17.13
C GLN A 425 23.26 6.47 17.97
N GLU A 426 22.73 5.97 19.08
CA GLU A 426 21.86 6.77 19.92
C GLU A 426 22.63 7.81 20.70
N VAL A 427 23.77 7.42 21.28
CA VAL A 427 24.52 8.34 22.12
C VAL A 427 25.12 9.47 21.30
N THR A 428 25.66 9.15 20.11
CA THR A 428 26.32 10.13 19.27
C THR A 428 25.34 10.64 18.22
N GLY A 429 24.73 11.79 18.50
CA GLY A 429 23.78 12.38 17.57
C GLY A 429 22.60 11.50 17.27
N MET A 450 14.94 26.75 13.46
CA MET A 450 15.01 25.52 14.24
C MET A 450 15.86 24.47 13.54
N ASN A 451 16.20 24.74 12.28
CA ASN A 451 17.00 23.80 11.51
C ASN A 451 18.37 23.62 12.15
N ARG A 452 19.01 24.74 12.51
CA ARG A 452 20.36 24.69 13.06
C ARG A 452 20.37 24.00 14.41
N ALA A 453 19.39 24.31 15.26
CA ALA A 453 19.40 23.80 16.63
C ALA A 453 19.19 22.30 16.68
N ASP A 454 18.58 21.73 15.64
CA ASP A 454 18.36 20.28 15.60
C ASP A 454 19.63 19.50 15.30
N MET A 455 20.65 20.13 14.76
CA MET A 455 21.85 19.41 14.38
C MET A 455 22.75 19.22 15.59
N ALA A 456 23.56 18.16 15.54
CA ALA A 456 24.41 17.80 16.66
C ALA A 456 25.68 18.64 16.74
N SER A 457 25.96 19.45 15.73
CA SER A 457 27.17 20.25 15.72
C SER A 457 26.94 21.69 16.15
N PHE A 458 25.76 22.02 16.67
CA PHE A 458 25.45 23.41 16.95
C PHE A 458 26.24 23.95 18.14
N ILE A 459 26.38 23.15 19.20
CA ILE A 459 27.00 23.65 20.42
C ILE A 459 28.48 23.91 20.20
N TYR A 460 29.17 23.06 19.44
CA TYR A 460 30.58 23.29 19.16
C TYR A 460 30.78 24.54 18.33
N LEU A 461 29.96 24.71 17.30
CA LEU A 461 30.06 25.89 16.45
C LEU A 461 29.69 27.16 17.20
N ASP A 462 28.84 27.06 18.22
CA ASP A 462 28.52 28.21 19.04
C ASP A 462 29.62 28.54 20.05
N ASN A 463 30.28 27.54 20.62
CA ASN A 463 31.40 27.80 21.50
C ASN A 463 32.62 28.31 20.76
N MET A 464 32.77 27.99 19.48
CA MET A 464 33.86 28.56 18.70
C MET A 464 33.71 30.06 18.49
N ALA A 465 32.48 30.54 18.30
CA ALA A 465 32.26 31.96 18.07
C ALA A 465 32.67 32.80 19.27
N LYS A 466 32.34 32.34 20.47
CA LYS A 466 32.68 33.13 21.65
C LYS A 466 34.15 33.03 22.02
N SER A 467 34.88 32.05 21.49
CA SER A 467 36.34 32.12 21.56
C SER A 467 36.91 33.12 20.57
N LEU A 468 36.36 33.15 19.35
CA LEU A 468 36.80 34.14 18.39
C LEU A 468 36.52 35.57 18.84
N LYS A 469 35.43 35.79 19.56
CA LYS A 469 35.18 37.11 20.12
C LYS A 469 36.26 37.54 21.10
N ARG A 470 36.74 36.63 21.96
CA ARG A 470 37.83 36.97 22.86
C ARG A 470 39.12 37.20 22.10
N ALA A 471 39.35 36.43 21.05
CA ALA A 471 40.53 36.65 20.22
C ALA A 471 40.52 38.03 19.60
N GLY A 472 39.35 38.49 19.14
CA GLY A 472 39.24 39.84 18.62
C GLY A 472 39.54 40.91 19.64
N GLU A 473 39.06 40.73 20.88
CA GLU A 473 39.35 41.69 21.94
C GLU A 473 40.84 41.75 22.24
N VAL A 474 41.50 40.59 22.33
CA VAL A 474 42.94 40.59 22.58
C VAL A 474 43.71 41.23 21.44
N TRP A 475 43.37 40.90 20.19
CA TRP A 475 44.01 41.53 19.04
C TRP A 475 43.83 43.03 19.03
N LEU A 476 42.62 43.51 19.31
CA LEU A 476 42.36 44.94 19.29
C LEU A 476 43.09 45.68 20.40
N SER A 477 43.20 45.07 21.58
CA SER A 477 43.99 45.66 22.65
C SER A 477 45.47 45.69 22.35
N MET A 478 45.98 44.66 21.68
CA MET A 478 47.40 44.56 21.36
C MET A 478 47.78 45.35 20.11
N ALA A 479 46.82 45.61 19.21
CA ALA A 479 47.13 46.30 17.96
C ALA A 479 47.42 47.78 18.17
N ARG A 480 46.95 48.36 19.27
CA ARG A 480 47.20 49.78 19.50
C ARG A 480 48.67 50.06 19.77
N GLU A 481 49.34 49.15 20.45
CA GLU A 481 50.75 49.33 20.78
C GLU A 481 51.67 49.00 19.62
N VAL A 482 51.17 48.38 18.56
CA VAL A 482 51.98 48.01 17.42
C VAL A 482 51.71 48.89 16.20
N TYR A 483 50.45 49.19 15.90
CA TYR A 483 50.10 50.03 14.76
C TYR A 483 49.77 51.46 15.15
N GLY A 484 49.62 51.76 16.43
CA GLY A 484 49.31 53.11 16.87
C GLY A 484 47.82 53.39 16.89
N SER A 485 47.45 54.45 17.60
CA SER A 485 46.06 54.87 17.65
C SER A 485 45.64 55.46 16.32
N GLU A 486 44.33 55.59 16.12
CA GLU A 486 43.83 55.97 14.81
C GLU A 486 43.58 57.48 14.69
N ARG A 487 42.64 58.01 15.47
CA ARG A 487 42.28 59.42 15.44
C ARG A 487 41.69 59.84 14.09
N GLU A 488 40.93 60.94 14.08
CA GLU A 488 40.35 61.46 12.86
C GLU A 488 40.05 62.94 13.04
N VAL A 489 40.44 63.74 12.06
CA VAL A 489 40.19 65.18 12.07
C VAL A 489 39.63 65.64 10.73
N ARG A 510 39.19 59.74 6.72
CA ARG A 510 40.46 59.01 6.66
C ARG A 510 40.87 58.55 8.06
N GLN A 511 41.90 57.69 8.13
CA GLN A 511 42.39 57.14 9.40
C GLN A 511 43.91 57.09 9.32
N THR A 512 44.56 58.09 9.90
CA THR A 512 46.02 58.22 9.83
C THR A 512 46.63 57.91 11.18
N GLY A 513 47.61 57.00 11.19
CA GLY A 513 48.23 56.58 12.43
C GLY A 513 49.47 57.34 12.82
N ALA A 514 50.52 56.61 13.19
CA ALA A 514 51.73 57.18 13.75
C ALA A 514 52.59 57.81 12.66
N VAL A 515 53.81 58.19 13.03
CA VAL A 515 54.81 58.68 12.09
C VAL A 515 55.99 57.71 11.98
N VAL A 516 56.59 57.36 13.12
CA VAL A 516 57.73 56.44 13.13
C VAL A 516 57.41 55.24 14.01
N ALA A 517 57.07 55.48 15.27
CA ALA A 517 56.46 54.46 16.13
C ALA A 517 55.87 55.17 17.34
N LEU A 518 54.55 55.18 17.47
CA LEU A 518 53.94 55.80 18.63
C LEU A 518 52.53 55.26 18.80
N ASN A 519 52.01 55.43 20.01
CA ASN A 519 50.75 54.83 20.44
C ASN A 519 49.63 55.85 20.56
N ASP A 520 49.89 56.95 21.25
CA ASP A 520 48.87 57.92 21.67
C ASP A 520 48.01 57.28 22.75
N LEU A 521 47.57 58.09 23.69
CA LEU A 521 46.87 57.60 24.87
C LEU A 521 45.89 58.68 25.27
N SER A 522 44.92 58.29 26.09
CA SER A 522 43.81 59.17 26.42
C SER A 522 43.04 59.55 25.17
N VAL A 523 42.97 58.62 24.21
CA VAL A 523 42.11 58.76 23.07
C VAL A 523 40.82 57.96 23.24
N GLY A 524 40.79 57.01 24.17
CA GLY A 524 39.56 56.35 24.56
C GLY A 524 39.26 55.10 23.77
N ARG A 525 38.24 54.39 24.25
CA ARG A 525 37.79 53.19 23.58
C ARG A 525 37.26 53.52 22.19
N TYR A 526 37.50 52.60 21.25
CA TYR A 526 37.01 52.77 19.90
C TYR A 526 35.50 52.59 19.86
N ASP A 527 34.89 53.00 18.75
CA ASP A 527 33.45 52.93 18.56
C ASP A 527 33.04 51.72 17.73
N VAL A 528 33.71 50.59 17.91
CA VAL A 528 33.39 49.37 17.18
C VAL A 528 32.98 48.30 18.17
N THR A 529 32.35 47.25 17.65
CA THR A 529 31.92 46.10 18.43
C THR A 529 32.43 44.82 17.78
N VAL A 530 32.95 43.92 18.59
CA VAL A 530 33.49 42.67 18.09
C VAL A 530 32.34 41.70 17.85
N ASP A 531 32.34 41.06 16.68
CA ASP A 531 31.32 40.10 16.31
C ASP A 531 31.99 38.99 15.51
N VAL A 532 31.17 38.09 14.97
CA VAL A 532 31.66 37.03 14.11
C VAL A 532 30.83 37.01 12.83
N GLY A 533 31.46 36.55 11.76
CA GLY A 533 30.81 36.43 10.48
C GLY A 533 31.59 35.49 9.59
N PRO A 534 31.09 35.26 8.37
CA PRO A 534 31.76 34.33 7.47
C PRO A 534 33.17 34.80 7.13
N SER A 535 34.06 33.84 6.89
CA SER A 535 35.46 34.11 6.61
C SER A 535 35.66 34.18 5.10
N TYR A 536 36.27 35.26 4.63
CA TYR A 536 36.50 35.49 3.22
C TYR A 536 37.98 35.66 2.94
N THR A 537 38.42 35.15 1.79
CA THR A 537 39.82 35.26 1.41
C THR A 537 40.18 36.68 0.99
N ALA A 538 39.30 37.34 0.25
CA ALA A 538 39.56 38.67 -0.28
C ALA A 538 38.37 39.57 -0.01
N ARG A 539 38.60 40.87 -0.13
CA ARG A 539 37.54 41.84 0.15
C ARG A 539 36.42 41.76 -0.88
N ARG A 540 36.77 41.49 -2.14
CA ARG A 540 35.75 41.42 -3.19
C ARG A 540 34.70 40.38 -2.88
N ASP A 541 35.11 39.24 -2.31
CA ASP A 541 34.15 38.23 -1.92
C ASP A 541 33.19 38.77 -0.88
N ALA A 542 33.70 39.52 0.09
CA ALA A 542 32.84 40.10 1.11
C ALA A 542 31.85 41.08 0.52
N THR A 543 32.29 41.90 -0.44
CA THR A 543 31.39 42.85 -1.06
C THR A 543 30.28 42.15 -1.83
N VAL A 544 30.65 41.23 -2.73
CA VAL A 544 29.65 40.58 -3.56
C VAL A 544 28.72 39.70 -2.74
N SER A 545 29.21 39.10 -1.65
CA SER A 545 28.36 38.22 -0.87
C SER A 545 27.22 38.97 -0.19
N VAL A 546 27.46 40.20 0.26
CA VAL A 546 26.42 40.95 0.95
C VAL A 546 25.54 41.64 -0.09
N LEU A 547 26.14 42.07 -1.20
CA LEU A 547 25.33 42.72 -2.23
C LEU A 547 24.37 41.74 -2.86
N THR A 548 24.77 40.49 -3.04
CA THR A 548 23.85 39.51 -3.63
C THR A 548 22.79 39.05 -2.64
N ASN A 549 23.01 39.22 -1.34
CA ASN A 549 21.95 38.98 -0.37
C ASN A 549 20.97 40.14 -0.34
N VAL A 550 21.45 41.37 -0.51
CA VAL A 550 20.55 42.50 -0.65
C VAL A 550 19.67 42.32 -1.88
N LEU A 551 20.28 41.92 -2.99
CA LEU A 551 19.52 41.47 -4.14
C LEU A 551 18.85 40.15 -3.80
N SER A 552 18.03 39.66 -4.72
CA SER A 552 17.29 38.40 -4.59
C SER A 552 16.23 38.46 -3.51
N SER A 553 16.14 39.56 -2.76
CA SER A 553 15.01 39.85 -1.91
C SER A 553 14.23 41.05 -2.42
N MET A 554 14.40 41.39 -3.69
CA MET A 554 13.81 42.58 -4.28
C MET A 554 13.00 42.18 -5.50
N LEU A 555 11.76 42.66 -5.57
CA LEU A 555 10.98 42.46 -6.77
C LEU A 555 11.60 43.23 -7.92
N PRO A 556 11.46 42.77 -9.16
CA PRO A 556 12.02 43.52 -10.28
C PRO A 556 11.25 44.80 -10.50
N THR A 557 11.79 45.90 -10.01
CA THR A 557 11.15 47.22 -9.99
C THR A 557 12.13 48.17 -9.30
N ASP A 558 11.89 49.47 -9.47
CA ASP A 558 12.60 50.58 -8.84
C ASP A 558 14.01 50.68 -9.42
N PRO A 559 14.65 51.85 -9.36
CA PRO A 559 15.99 51.98 -9.97
C PRO A 559 17.01 51.00 -9.42
N MET A 560 17.30 51.09 -8.12
CA MET A 560 17.98 50.06 -7.34
C MET A 560 18.60 48.90 -8.12
N ARG A 561 17.77 47.97 -8.58
CA ARG A 561 18.25 46.66 -9.05
C ARG A 561 19.32 46.75 -10.13
N PRO A 562 19.15 47.54 -11.20
CA PRO A 562 20.29 47.77 -12.10
C PRO A 562 21.51 48.35 -11.41
N ALA A 563 21.35 49.25 -10.44
CA ALA A 563 22.52 49.78 -9.74
C ALA A 563 23.22 48.70 -8.93
N ILE A 564 22.45 47.83 -8.28
CA ILE A 564 23.06 46.73 -7.53
C ILE A 564 23.81 45.81 -8.48
N GLN A 565 23.22 45.49 -9.63
CA GLN A 565 23.94 44.63 -10.57
C GLN A 565 25.21 45.29 -11.09
N GLY A 566 25.17 46.59 -11.37
CA GLY A 566 26.37 47.28 -11.81
C GLY A 566 27.47 47.24 -10.77
N ILE A 567 27.11 47.50 -9.51
CA ILE A 567 28.11 47.48 -8.45
C ILE A 567 28.68 46.07 -8.29
N ILE A 568 27.83 45.05 -8.38
CA ILE A 568 28.33 43.68 -8.25
C ILE A 568 29.30 43.34 -9.37
N LEU A 569 28.93 43.67 -10.61
CA LEU A 569 29.81 43.35 -11.73
C LEU A 569 31.07 44.17 -11.73
N ASP A 570 31.07 45.35 -11.11
CA ASP A 570 32.31 46.11 -10.99
C ASP A 570 33.36 45.40 -10.15
N ASN A 571 32.94 44.70 -9.10
CA ASN A 571 33.82 43.84 -8.34
C ASN A 571 34.00 42.52 -9.08
N ILE A 572 34.46 41.49 -8.39
CA ILE A 572 34.59 40.10 -8.86
C ILE A 572 35.40 40.09 -10.15
N ASP A 573 35.40 38.95 -10.85
CA ASP A 573 35.89 38.76 -12.21
C ASP A 573 37.36 38.36 -12.25
N GLY A 574 37.76 37.68 -13.32
CA GLY A 574 39.09 37.12 -13.46
C GLY A 574 39.75 37.40 -14.79
N GLU A 575 40.15 36.34 -15.50
CA GLU A 575 40.98 36.46 -16.69
C GLU A 575 40.17 36.81 -17.92
N GLY A 576 40.64 37.81 -18.68
CA GLY A 576 40.05 38.14 -19.95
C GLY A 576 38.78 38.95 -19.90
N LEU A 577 38.59 39.76 -18.85
CA LEU A 577 37.40 40.59 -18.72
C LEU A 577 37.72 42.07 -18.68
N ASP A 578 38.77 42.50 -19.38
CA ASP A 578 39.15 43.91 -19.34
C ASP A 578 38.14 44.78 -20.07
N ASP A 579 37.79 44.42 -21.30
CA ASP A 579 36.88 45.24 -22.10
C ASP A 579 35.48 45.27 -21.48
N PHE A 580 34.99 44.12 -21.03
CA PHE A 580 33.67 44.09 -20.42
C PHE A 580 33.60 44.95 -19.17
N LYS A 581 34.62 44.85 -18.32
CA LYS A 581 34.62 45.65 -17.09
C LYS A 581 34.74 47.14 -17.39
N GLU A 582 35.56 47.52 -18.36
CA GLU A 582 35.62 48.93 -18.73
C GLU A 582 34.29 49.44 -19.27
N TYR A 583 33.63 48.65 -20.12
CA TYR A 583 32.33 49.04 -20.65
C TYR A 583 31.32 49.18 -19.53
N ASN A 584 31.37 48.28 -18.55
CA ASN A 584 30.48 48.40 -17.39
C ASN A 584 30.75 49.67 -16.61
N ARG A 585 32.02 49.98 -16.34
CA ARG A 585 32.31 51.14 -15.51
C ARG A 585 31.93 52.43 -16.20
N ASN A 586 32.03 52.47 -17.54
CA ASN A 586 31.62 53.68 -18.24
C ASN A 586 30.15 53.99 -17.99
N GLN A 587 29.28 53.00 -18.17
CA GLN A 587 27.86 53.21 -17.89
C GLN A 587 27.61 53.44 -16.41
N LEU A 588 28.43 52.85 -15.54
CA LEU A 588 28.23 53.04 -14.11
C LEU A 588 28.55 54.47 -13.69
N LEU A 589 29.52 55.12 -14.34
CA LEU A 589 29.89 56.47 -13.95
C LEU A 589 29.17 57.56 -14.73
N ILE A 590 28.68 57.29 -15.95
CA ILE A 590 27.86 58.29 -16.60
C ILE A 590 26.48 58.41 -15.98
N SER A 591 26.11 57.48 -15.11
CA SER A 591 24.84 57.51 -14.42
C SER A 591 24.94 58.07 -13.00
N GLY A 592 26.09 58.62 -12.64
CA GLY A 592 26.24 59.25 -11.34
C GLY A 592 26.29 58.29 -10.17
N ILE A 593 26.87 57.11 -10.35
CA ILE A 593 26.97 56.15 -9.27
C ILE A 593 28.41 55.84 -8.89
N ALA A 594 29.39 56.17 -9.72
CA ALA A 594 30.76 55.72 -9.49
C ALA A 594 31.67 56.76 -8.85
N LYS A 595 31.35 58.05 -8.98
CA LYS A 595 32.20 59.09 -8.40
C LYS A 595 33.60 59.02 -8.97
N PRO A 596 33.82 59.51 -10.20
CA PRO A 596 35.14 59.48 -10.83
C PRO A 596 36.29 59.74 -9.88
N ARG A 597 37.34 58.92 -9.94
CA ARG A 597 38.44 59.07 -8.99
C ARG A 597 39.52 60.00 -9.53
N ASN A 598 39.08 61.15 -10.02
CA ASN A 598 39.91 62.34 -10.23
C ASN A 598 41.19 62.07 -11.03
N GLU A 599 41.11 61.17 -12.01
CA GLU A 599 42.29 60.96 -12.86
C GLU A 599 42.04 61.31 -14.32
N LYS A 600 41.10 60.65 -15.00
CA LYS A 600 40.88 60.96 -16.41
C LYS A 600 39.41 61.09 -16.77
N GLU A 601 38.55 60.31 -16.10
CA GLU A 601 37.16 60.25 -16.52
C GLU A 601 36.37 61.48 -16.11
N GLN A 602 36.75 62.13 -15.01
CA GLN A 602 36.06 63.34 -14.59
C GLN A 602 36.17 64.46 -15.61
N GLN A 603 37.17 64.41 -16.48
CA GLN A 603 37.40 65.47 -17.45
C GLN A 603 37.20 65.02 -18.89
N ILE A 604 37.02 63.72 -19.13
CA ILE A 604 36.94 63.25 -20.50
C ILE A 604 35.54 62.71 -20.79
N VAL A 605 35.14 61.65 -20.07
CA VAL A 605 33.86 61.03 -20.34
C VAL A 605 32.75 61.67 -19.50
N GLN A 606 33.08 62.17 -18.31
CA GLN A 606 32.07 62.83 -17.50
C GLN A 606 31.69 64.18 -18.10
N GLN A 607 32.68 64.92 -18.61
CA GLN A 607 32.37 66.19 -19.26
C GLN A 607 31.57 65.96 -20.54
N ALA A 608 31.93 64.92 -21.30
CA ALA A 608 31.15 64.57 -22.47
C ALA A 608 29.74 64.17 -22.09
N GLN A 609 29.58 63.50 -20.95
CA GLN A 609 28.23 63.18 -20.48
C GLN A 609 27.45 64.41 -20.11
N MET A 610 28.10 65.41 -19.51
CA MET A 610 27.40 66.66 -19.23
C MET A 610 26.97 67.35 -20.52
N ALA A 611 27.85 67.37 -21.52
CA ALA A 611 27.49 67.94 -22.81
C ALA A 611 26.32 67.19 -23.43
N ALA A 612 26.37 65.86 -23.40
CA ALA A 612 25.27 65.04 -23.90
C ALA A 612 24.04 65.10 -23.00
N GLN A 613 24.16 65.71 -21.82
CA GLN A 613 22.97 66.08 -21.06
C GLN A 613 22.38 67.39 -21.58
N SER A 614 23.25 68.32 -21.99
CA SER A 614 22.82 69.55 -22.64
C SER A 614 22.60 69.37 -24.15
N GLN A 615 23.21 68.33 -24.74
CA GLN A 615 23.04 68.08 -26.17
C GLN A 615 21.60 67.81 -26.58
N PRO A 616 20.86 66.91 -25.94
CA PRO A 616 19.55 66.53 -26.47
C PRO A 616 18.39 67.39 -25.97
N ASN A 617 18.67 68.47 -25.26
CA ASN A 617 17.61 69.41 -24.92
C ASN A 617 16.97 70.02 -26.17
N PRO A 618 17.73 70.50 -27.16
CA PRO A 618 17.10 70.89 -28.43
C PRO A 618 16.37 69.74 -29.10
N GLU A 619 16.89 68.52 -28.99
CA GLU A 619 16.23 67.37 -29.61
C GLU A 619 14.88 67.10 -28.97
N MET A 620 14.80 67.18 -27.63
CA MET A 620 13.55 66.87 -26.93
C MET A 620 12.55 68.01 -27.05
N VAL A 621 13.02 69.26 -27.04
CA VAL A 621 12.09 70.37 -27.26
C VAL A 621 11.66 70.42 -28.72
N LEU A 622 12.45 69.81 -29.62
CA LEU A 622 11.99 69.64 -31.00
C LEU A 622 10.80 68.70 -31.04
N ALA A 623 10.82 67.63 -30.24
CA ALA A 623 9.65 66.80 -30.07
C ALA A 623 8.55 67.50 -29.29
N GLN A 624 8.85 68.64 -28.67
CA GLN A 624 7.86 69.48 -28.01
C GLN A 624 7.76 70.87 -28.62
N ALA A 625 8.24 71.06 -29.84
CA ALA A 625 8.14 72.36 -30.50
C ALA A 625 6.82 72.53 -31.24
N GLN A 626 6.01 71.47 -31.35
CA GLN A 626 4.71 71.59 -32.00
C GLN A 626 3.81 72.59 -31.27
N MET A 627 3.94 72.67 -29.94
CA MET A 627 3.27 73.72 -29.19
C MET A 627 4.22 74.84 -28.78
N VAL A 628 5.39 74.93 -29.42
CA VAL A 628 6.27 76.08 -29.29
C VAL A 628 6.15 77.02 -30.48
N ALA A 629 5.89 76.46 -31.67
CA ALA A 629 5.46 77.31 -32.78
C ALA A 629 4.21 78.08 -32.41
N ALA A 630 3.27 77.41 -31.74
CA ALA A 630 2.09 78.10 -31.20
C ALA A 630 2.46 79.13 -30.15
N GLN A 631 3.43 78.83 -29.28
CA GLN A 631 3.94 79.83 -28.34
C GLN A 631 4.36 81.09 -29.06
N ALA A 632 5.20 80.95 -30.07
CA ALA A 632 5.71 82.11 -30.81
C ALA A 632 4.59 82.84 -31.54
N GLU A 633 3.69 82.11 -32.20
CA GLU A 633 2.62 82.76 -32.94
C GLU A 633 1.70 83.55 -32.01
N ALA A 634 1.31 82.95 -30.87
CA ALA A 634 0.49 83.67 -29.91
C ALA A 634 1.25 84.86 -29.31
N GLN A 635 2.53 84.68 -29.02
CA GLN A 635 3.31 85.77 -28.45
C GLN A 635 3.38 86.96 -29.39
N LYS A 636 3.56 86.72 -30.68
CA LYS A 636 3.59 87.84 -31.61
C LYS A 636 2.21 88.42 -31.87
N ALA A 637 1.18 87.58 -32.01
CA ALA A 637 -0.17 88.10 -32.15
C ALA A 637 -0.59 88.89 -30.92
N THR A 638 0.07 88.65 -29.77
CA THR A 638 -0.17 89.41 -28.56
C THR A 638 0.19 90.89 -28.71
N ASN A 639 1.01 91.24 -29.70
CA ASN A 639 1.37 92.63 -29.96
C ASN A 639 1.00 93.11 -31.35
N GLU A 640 0.70 92.19 -32.28
CA GLU A 640 0.39 92.58 -33.65
C GLU A 640 -1.04 93.07 -33.81
N THR A 641 -2.00 92.33 -33.26
CA THR A 641 -3.40 92.70 -33.42
C THR A 641 -3.73 94.04 -32.78
N ALA A 642 -2.93 94.49 -31.81
CA ALA A 642 -3.13 95.81 -31.22
C ALA A 642 -2.99 96.92 -32.24
N GLN A 643 -2.37 96.64 -33.40
CA GLN A 643 -2.38 97.61 -34.48
C GLN A 643 -3.80 97.94 -34.91
N THR A 644 -4.74 97.01 -34.70
CA THR A 644 -6.13 97.30 -35.03
C THR A 644 -6.72 98.32 -34.08
N GLN A 645 -6.39 98.21 -32.78
CA GLN A 645 -6.81 99.25 -31.85
C GLN A 645 -6.18 100.59 -32.19
N ILE A 646 -4.90 100.58 -32.54
CA ILE A 646 -4.23 101.82 -32.94
C ILE A 646 -4.88 102.39 -34.20
N LYS A 647 -5.27 101.52 -35.13
CA LYS A 647 -5.91 101.97 -36.36
C LYS A 647 -7.30 102.54 -36.06
N ALA A 648 -8.00 101.97 -35.10
CA ALA A 648 -9.28 102.52 -34.68
C ALA A 648 -9.10 103.91 -34.06
N PHE A 649 -8.04 104.08 -33.25
CA PHE A 649 -7.76 105.40 -32.68
C PHE A 649 -7.44 106.40 -33.78
N THR A 650 -6.64 105.99 -34.77
CA THR A 650 -6.31 106.85 -35.90
C THR A 650 -7.57 107.19 -36.70
N ALA A 651 -8.46 106.22 -36.88
CA ALA A 651 -9.70 106.48 -37.60
C ALA A 651 -10.60 107.43 -36.82
N GLN A 652 -10.61 107.35 -35.49
CA GLN A 652 -11.37 108.31 -34.69
C GLN A 652 -10.80 109.72 -34.84
N GLN A 653 -9.47 109.83 -34.85
CA GLN A 653 -8.86 111.14 -35.08
C GLN A 653 -9.22 111.68 -36.46
N ASP A 654 -9.15 110.83 -37.48
CA ASP A 654 -9.52 111.24 -38.82
C ASP A 654 -11.00 111.60 -38.90
N ALA A 655 -11.83 110.91 -38.11
CA ALA A 655 -13.26 111.18 -38.12
C ALA A 655 -13.57 112.53 -37.50
N MET A 656 -12.91 112.88 -36.39
CA MET A 656 -13.13 114.20 -35.82
C MET A 656 -12.57 115.30 -36.72
N GLU A 657 -11.43 115.03 -37.37
CA GLU A 657 -10.95 115.98 -38.38
C GLU A 657 -11.98 116.19 -39.48
N SER A 658 -12.48 115.10 -40.05
CA SER A 658 -13.50 115.20 -41.10
C SER A 658 -14.77 115.85 -40.58
N GLN A 659 -15.06 115.72 -39.29
CA GLN A 659 -16.17 116.45 -38.70
C GLN A 659 -15.95 117.95 -38.83
N ALA A 660 -14.78 118.43 -38.41
CA ALA A 660 -14.47 119.84 -38.58
C ALA A 660 -14.45 120.26 -40.05
N ASN A 661 -13.90 119.41 -40.92
CA ASN A 661 -13.81 119.73 -42.35
C ASN A 661 -15.18 119.87 -42.97
N THR A 662 -16.10 118.96 -42.64
CA THR A 662 -17.42 119.01 -43.23
C THR A 662 -18.26 120.12 -42.62
N VAL A 663 -18.00 120.47 -41.35
CA VAL A 663 -18.62 121.68 -40.80
C VAL A 663 -18.16 122.90 -41.59
N TYR A 664 -16.87 122.97 -41.92
CA TYR A 664 -16.39 124.05 -42.77
C TYR A 664 -17.03 124.00 -44.16
N LYS A 665 -17.23 122.79 -44.68
CA LYS A 665 -17.89 122.63 -45.98
C LYS A 665 -19.31 123.19 -45.94
N LEU A 666 -20.06 122.91 -44.88
CA LEU A 666 -21.38 123.50 -44.69
C LEU A 666 -21.31 125.01 -44.50
N ALA A 667 -20.23 125.52 -43.90
CA ALA A 667 -20.05 126.96 -43.78
C ALA A 667 -19.79 127.64 -45.11
N GLN A 668 -19.02 127.01 -45.99
CA GLN A 668 -18.64 127.63 -47.26
C GLN A 668 -19.79 127.59 -48.26
N ALA A 669 -20.56 126.50 -48.28
CA ALA A 669 -21.56 126.31 -49.34
C ALA A 669 -22.68 127.34 -49.28
N ARG A 670 -22.84 128.03 -48.15
CA ARG A 670 -23.84 129.09 -48.10
C ARG A 670 -23.46 130.26 -49.00
N ASN A 671 -22.15 130.53 -49.12
CA ASN A 671 -21.63 131.62 -49.94
C ASN A 671 -22.20 132.97 -49.49
N MET B 1 86.32 20.96 6.36
CA MET B 1 85.49 19.99 7.05
C MET B 1 84.33 19.57 6.16
N ALA B 2 84.20 20.24 5.02
CA ALA B 2 83.05 20.13 4.14
C ALA B 2 83.49 19.55 2.81
N GLU B 3 82.57 19.58 1.84
CA GLU B 3 82.76 19.03 0.49
C GLU B 3 83.53 17.72 0.52
N THR B 4 84.76 17.72 0.01
CA THR B 4 85.58 16.51 0.03
C THR B 4 85.80 16.02 1.46
N LEU B 5 86.08 16.93 2.37
CA LEU B 5 86.20 16.57 3.78
C LEU B 5 84.83 16.14 4.29
N GLU B 6 84.72 14.88 4.68
CA GLU B 6 83.44 14.24 4.89
C GLU B 6 82.85 14.52 6.26
N LYS B 7 83.42 15.44 7.05
CA LYS B 7 82.85 15.72 8.35
C LYS B 7 81.43 16.24 8.25
N LYS B 8 81.01 16.74 7.09
CA LYS B 8 79.61 17.02 6.85
C LYS B 8 78.80 15.75 6.66
N HIS B 9 79.42 14.69 6.15
CA HIS B 9 78.68 13.48 5.82
C HIS B 9 78.21 12.75 7.08
N GLU B 10 79.02 12.73 8.15
CA GLU B 10 78.53 12.11 9.37
C GLU B 10 77.34 12.86 9.94
N ARG B 11 77.37 14.19 9.86
CA ARG B 11 76.22 14.95 10.34
C ARG B 11 74.98 14.64 9.52
N ILE B 12 75.13 14.54 8.20
CA ILE B 12 73.99 14.22 7.35
C ILE B 12 73.44 12.84 7.71
N MET B 13 74.32 11.86 7.87
CA MET B 13 73.86 10.51 8.20
C MET B 13 73.18 10.48 9.56
N LEU B 14 73.73 11.18 10.55
CA LEU B 14 73.09 11.22 11.87
C LEU B 14 71.70 11.83 11.77
N ARG B 15 71.57 12.92 11.00
CA ARG B 15 70.27 13.53 10.82
C ARG B 15 69.29 12.57 10.16
N PHE B 16 69.76 11.72 9.24
CA PHE B 16 68.86 10.76 8.63
C PHE B 16 68.26 9.81 9.66
N ASP B 17 69.10 9.26 10.54
CA ASP B 17 68.56 8.34 11.55
C ASP B 17 67.68 9.07 12.54
N ARG B 18 68.00 10.33 12.86
CA ARG B 18 67.12 11.06 13.75
C ARG B 18 65.76 11.32 13.14
N ALA B 19 65.71 11.56 11.83
CA ALA B 19 64.43 11.76 11.16
C ALA B 19 63.66 10.46 10.93
N TYR B 20 64.37 9.35 10.77
CA TYR B 20 63.71 8.09 10.43
C TYR B 20 63.05 7.45 11.65
N SER B 21 63.66 7.58 12.82
CA SER B 21 63.23 6.79 13.98
C SER B 21 61.81 7.10 14.44
N PRO B 22 61.40 8.36 14.67
CA PRO B 22 60.04 8.60 15.18
C PRO B 22 58.95 8.14 14.23
N GLN B 23 59.09 8.48 12.95
CA GLN B 23 58.07 8.17 11.95
C GLN B 23 58.31 6.82 11.31
N LYS B 24 58.50 5.79 12.13
CA LYS B 24 58.83 4.46 11.64
C LYS B 24 57.63 3.53 11.66
N GLU B 25 56.85 3.55 12.74
CA GLU B 25 55.66 2.72 12.83
C GLU B 25 54.46 3.35 12.14
N VAL B 26 54.47 4.67 11.92
CA VAL B 26 53.36 5.31 11.23
C VAL B 26 53.37 4.94 9.76
N ARG B 27 54.53 4.99 9.13
CA ARG B 27 54.61 4.74 7.68
C ARG B 27 54.41 3.27 7.33
N GLU B 28 54.71 2.36 8.25
CA GLU B 28 54.45 0.96 8.00
C GLU B 28 52.96 0.71 7.77
N LYS B 29 52.12 1.39 8.54
CA LYS B 29 50.68 1.27 8.34
C LYS B 29 50.25 1.79 6.99
N CYS B 30 50.82 2.91 6.54
CA CYS B 30 50.48 3.45 5.22
C CYS B 30 50.84 2.46 4.12
N ILE B 31 52.05 1.90 4.20
CA ILE B 31 52.48 0.96 3.18
C ILE B 31 51.60 -0.28 3.21
N GLU B 32 51.30 -0.79 4.41
CA GLU B 32 50.46 -1.97 4.53
C GLU B 32 49.07 -1.71 3.96
N ALA B 33 48.52 -0.51 4.18
CA ALA B 33 47.20 -0.21 3.66
C ALA B 33 47.19 -0.16 2.14
N THR B 34 48.15 0.56 1.55
CA THR B 34 48.18 0.62 0.09
C THR B 34 48.31 -0.77 -0.52
N ARG B 35 49.22 -1.57 0.05
CA ARG B 35 49.42 -2.93 -0.45
C ARG B 35 48.19 -3.81 -0.21
N PHE B 36 47.48 -3.60 0.90
CA PHE B 36 46.26 -4.34 1.20
C PHE B 36 45.18 -4.05 0.20
N ALA B 37 45.07 -2.81 -0.26
CA ALA B 37 44.02 -2.44 -1.19
C ALA B 37 44.34 -2.73 -2.65
N ARG B 38 45.60 -2.73 -3.05
CA ARG B 38 45.93 -2.73 -4.47
C ARG B 38 46.58 -4.02 -4.97
N VAL B 39 47.56 -4.56 -4.26
CA VAL B 39 48.29 -5.73 -4.76
C VAL B 39 47.37 -6.93 -4.77
N PRO B 40 47.37 -7.75 -5.83
CA PRO B 40 46.35 -8.80 -5.95
C PRO B 40 46.33 -9.82 -4.83
N GLY B 41 47.46 -10.16 -4.24
CA GLY B 41 47.44 -11.12 -3.15
C GLY B 41 47.68 -10.52 -1.78
N GLY B 42 47.55 -9.20 -1.68
CA GLY B 42 48.01 -8.50 -0.50
C GLY B 42 47.11 -8.57 0.71
N GLN B 43 45.91 -9.11 0.58
CA GLN B 43 45.02 -9.17 1.73
C GLN B 43 45.35 -10.32 2.66
N TRP B 44 46.18 -11.27 2.22
CA TRP B 44 46.56 -12.41 3.04
C TRP B 44 48.02 -12.38 3.45
N GLU B 45 48.73 -11.30 3.19
CA GLU B 45 50.16 -11.27 3.46
C GLU B 45 50.41 -11.39 4.95
N GLY B 46 51.41 -12.18 5.31
CA GLY B 46 51.63 -12.54 6.69
C GLY B 46 51.45 -14.02 6.90
N ALA B 47 50.44 -14.60 6.27
CA ALA B 47 50.26 -16.05 6.28
C ALA B 47 50.82 -16.69 5.01
N THR B 48 50.25 -16.37 3.85
CA THR B 48 50.67 -16.92 2.57
C THR B 48 50.90 -18.42 2.63
N ALA B 49 52.11 -18.83 3.01
CA ALA B 49 52.47 -20.24 3.05
C ALA B 49 52.19 -20.79 4.45
N ALA B 50 50.98 -21.25 4.68
CA ALA B 50 50.60 -21.82 5.96
C ALA B 50 49.76 -23.07 5.74
N GLY B 51 50.10 -24.15 6.42
CA GLY B 51 49.36 -25.39 6.27
C GLY B 51 49.83 -26.41 7.27
N THR B 52 49.34 -27.64 7.10
CA THR B 52 49.69 -28.74 7.99
C THR B 52 50.24 -29.92 7.20
N LYS B 53 50.77 -30.88 7.95
CA LYS B 53 51.44 -32.03 7.35
C LYS B 53 50.46 -32.88 6.55
N LEU B 54 49.35 -33.30 7.16
CA LEU B 54 48.28 -34.00 6.47
C LEU B 54 48.79 -35.27 5.77
N ASP B 55 49.28 -36.21 6.58
CA ASP B 55 49.85 -37.49 6.13
C ASP B 55 51.09 -37.28 5.24
N GLU B 56 52.09 -36.64 5.84
CA GLU B 56 53.41 -36.49 5.22
C GLU B 56 53.34 -35.77 3.88
N GLN B 57 52.68 -34.62 3.88
CA GLN B 57 52.70 -33.69 2.77
C GLN B 57 52.70 -32.29 3.34
N PHE B 58 52.49 -31.28 2.51
CA PHE B 58 52.31 -29.94 3.05
C PHE B 58 51.20 -29.20 2.31
N GLU B 59 50.03 -29.81 2.21
CA GLU B 59 48.90 -29.10 1.65
C GLU B 59 48.65 -27.82 2.44
N LYS B 60 48.43 -26.73 1.72
CA LYS B 60 48.24 -25.41 2.30
C LYS B 60 46.75 -25.06 2.35
N TYR B 61 46.42 -24.20 3.30
CA TYR B 61 45.03 -23.78 3.46
C TYR B 61 44.58 -22.96 2.26
N PRO B 62 43.34 -23.12 1.81
CA PRO B 62 42.81 -22.24 0.77
C PRO B 62 42.60 -20.84 1.32
N LYS B 63 42.99 -19.85 0.52
CA LYS B 63 42.94 -18.45 0.93
C LYS B 63 42.27 -17.66 -0.18
N PHE B 64 40.94 -17.60 -0.15
CA PHE B 64 40.20 -16.83 -1.13
C PHE B 64 40.19 -15.37 -0.75
N GLU B 65 40.14 -14.51 -1.77
CA GLU B 65 40.22 -13.07 -1.58
C GLU B 65 39.10 -12.39 -2.34
N ILE B 66 38.22 -11.70 -1.62
CA ILE B 66 37.06 -11.04 -2.20
C ILE B 66 37.14 -9.57 -1.79
N ASN B 67 37.69 -8.73 -2.66
CA ASN B 67 38.03 -7.37 -2.30
C ASN B 67 36.78 -6.50 -2.35
N LYS B 68 36.30 -6.08 -1.18
CA LYS B 68 35.13 -5.22 -1.09
C LYS B 68 35.42 -3.85 -0.50
N VAL B 69 36.68 -3.53 -0.21
CA VAL B 69 37.00 -2.26 0.42
C VAL B 69 37.43 -1.19 -0.56
N ALA B 70 37.61 -1.53 -1.83
CA ALA B 70 38.14 -0.58 -2.80
C ALA B 70 37.08 0.21 -3.54
N THR B 71 35.80 -0.16 -3.40
CA THR B 71 34.76 0.54 -4.16
C THR B 71 34.61 1.99 -3.72
N GLU B 72 34.55 2.23 -2.41
CA GLU B 72 34.42 3.59 -1.92
C GLU B 72 35.65 4.42 -2.22
N LEU B 73 36.83 3.80 -2.15
CA LEU B 73 38.06 4.50 -2.51
C LEU B 73 38.04 4.92 -3.97
N ASN B 74 37.60 4.03 -4.85
CA ASN B 74 37.48 4.41 -6.26
C ASN B 74 36.47 5.53 -6.46
N ARG B 75 35.36 5.50 -5.71
CA ARG B 75 34.40 6.58 -5.79
C ARG B 75 35.03 7.91 -5.39
N ILE B 76 35.80 7.93 -4.30
CA ILE B 76 36.45 9.15 -3.86
C ILE B 76 37.42 9.66 -4.91
N ILE B 77 38.22 8.76 -5.49
CA ILE B 77 39.20 9.20 -6.48
C ILE B 77 38.50 9.77 -7.71
N ALA B 78 37.42 9.13 -8.15
CA ALA B 78 36.67 9.65 -9.28
C ALA B 78 36.08 11.02 -8.98
N GLU B 79 35.65 11.25 -7.74
CA GLU B 79 35.16 12.56 -7.35
C GLU B 79 36.19 13.65 -7.60
N TYR B 80 37.45 13.41 -7.24
CA TYR B 80 38.47 14.42 -7.49
C TYR B 80 38.81 14.53 -8.96
N ARG B 81 38.96 13.40 -9.65
CA ARG B 81 39.35 13.48 -11.06
C ARG B 81 38.28 14.13 -11.92
N ASN B 82 37.06 14.21 -11.41
CA ASN B 82 36.02 14.95 -12.12
C ASN B 82 36.17 16.47 -11.95
N ASN B 83 36.70 16.90 -10.80
CA ASN B 83 36.85 18.32 -10.49
C ASN B 83 38.23 18.54 -9.89
N ARG B 84 39.16 19.10 -10.67
CA ARG B 84 40.57 18.95 -10.35
C ARG B 84 41.17 20.05 -9.48
N ILE B 85 40.70 21.30 -9.60
CA ILE B 85 41.09 22.49 -8.83
C ILE B 85 42.60 22.79 -8.88
N THR B 86 42.94 24.08 -8.87
CA THR B 86 44.33 24.53 -8.98
C THR B 86 44.46 25.88 -8.28
N VAL B 87 45.61 26.55 -8.47
CA VAL B 87 45.92 27.82 -7.82
C VAL B 87 45.24 28.96 -8.57
N LYS B 88 44.93 30.05 -7.85
CA LYS B 88 44.05 31.10 -8.37
C LYS B 88 44.71 32.47 -8.48
N PHE B 89 45.37 32.96 -7.44
CA PHE B 89 46.00 34.28 -7.42
C PHE B 89 44.98 35.40 -7.59
N ARG B 90 44.17 35.56 -6.54
CA ARG B 90 43.19 36.64 -6.49
C ARG B 90 43.88 38.01 -6.46
N PRO B 91 43.25 39.03 -7.03
CA PRO B 91 43.85 40.38 -7.01
C PRO B 91 43.64 41.08 -5.68
N GLY B 92 44.06 42.34 -5.62
CA GLY B 92 43.85 43.15 -4.42
C GLY B 92 43.18 44.47 -4.74
N ASP B 93 43.27 45.43 -3.83
CA ASP B 93 42.66 46.75 -4.01
C ASP B 93 43.79 47.72 -4.34
N ARG B 94 44.07 47.87 -5.62
CA ARG B 94 45.15 48.73 -6.09
C ARG B 94 44.89 49.06 -7.54
N GLU B 95 45.64 50.04 -8.04
CA GLU B 95 45.43 50.49 -9.42
C GLU B 95 45.86 49.44 -10.42
N ALA B 96 46.89 48.66 -10.12
CA ALA B 96 47.49 47.76 -11.10
C ALA B 96 47.45 46.30 -10.70
N SER B 97 46.75 45.94 -9.63
CA SER B 97 46.76 44.55 -9.18
C SER B 97 46.05 43.61 -10.14
N GLU B 98 45.11 44.12 -10.94
CA GLU B 98 44.36 43.27 -11.87
C GLU B 98 45.29 42.65 -12.91
N GLU B 99 46.07 43.47 -13.59
CA GLU B 99 47.00 42.97 -14.60
C GLU B 99 48.05 42.08 -13.99
N LEU B 100 48.52 42.43 -12.79
CA LEU B 100 49.51 41.60 -12.11
C LEU B 100 48.97 40.21 -11.85
N ALA B 101 47.73 40.12 -11.34
CA ALA B 101 47.15 38.81 -11.08
C ALA B 101 46.94 38.03 -12.37
N ASN B 102 46.49 38.71 -13.43
CA ASN B 102 46.32 38.02 -14.71
C ASN B 102 47.62 37.46 -15.22
N LYS B 103 48.69 38.26 -15.19
CA LYS B 103 49.99 37.78 -15.66
C LYS B 103 50.48 36.62 -14.81
N LEU B 104 50.33 36.71 -13.49
CA LEU B 104 50.85 35.66 -12.62
C LEU B 104 50.14 34.34 -12.86
N ASN B 105 48.81 34.35 -12.90
CA ASN B 105 48.15 33.06 -13.08
C ASN B 105 48.05 32.65 -14.55
N GLY B 106 48.56 33.46 -15.48
CA GLY B 106 48.89 32.93 -16.79
C GLY B 106 50.22 32.21 -16.82
N LEU B 107 51.24 32.79 -16.18
CA LEU B 107 52.53 32.12 -16.10
C LEU B 107 52.43 30.79 -15.35
N PHE B 108 51.66 30.76 -14.26
CA PHE B 108 51.51 29.51 -13.53
C PHE B 108 50.85 28.44 -14.37
N ARG B 109 49.81 28.80 -15.13
CA ARG B 109 49.19 27.82 -16.01
C ARG B 109 50.17 27.32 -17.05
N ALA B 110 50.98 28.22 -17.60
CA ALA B 110 51.98 27.79 -18.57
C ALA B 110 52.94 26.77 -17.96
N ASP B 111 53.40 27.01 -16.73
CA ASP B 111 54.32 26.08 -16.10
C ASP B 111 53.65 24.75 -15.76
N TYR B 112 52.38 24.80 -15.36
CA TYR B 112 51.68 23.59 -14.97
C TYR B 112 51.35 22.71 -16.17
N GLU B 113 50.98 23.32 -17.30
CA GLU B 113 50.58 22.53 -18.47
C GLU B 113 51.77 21.91 -19.19
N GLU B 114 52.85 22.64 -19.37
CA GLU B 114 53.97 22.17 -20.17
C GLU B 114 54.94 21.31 -19.39
N THR B 115 54.57 20.86 -18.20
CA THR B 115 55.37 19.95 -17.39
C THR B 115 54.42 18.94 -16.76
N ASP B 116 54.85 18.24 -15.73
CA ASP B 116 54.12 17.08 -15.22
C ASP B 116 53.20 17.47 -14.08
N GLY B 117 52.55 18.63 -14.17
CA GLY B 117 51.69 19.07 -13.08
C GLY B 117 50.50 18.16 -12.84
N GLY B 118 49.80 17.78 -13.90
CA GLY B 118 48.62 16.95 -13.73
C GLY B 118 48.94 15.59 -13.17
N GLU B 119 50.00 14.96 -13.69
CA GLU B 119 50.44 13.67 -13.17
C GLU B 119 50.84 13.77 -11.71
N ALA B 120 51.56 14.82 -11.34
CA ALA B 120 51.98 14.98 -9.96
C ALA B 120 50.78 15.12 -9.03
N CYS B 121 49.82 15.96 -9.40
CA CYS B 121 48.67 16.15 -8.54
C CYS B 121 47.83 14.89 -8.42
N ASP B 122 47.60 14.18 -9.54
CA ASP B 122 46.80 12.97 -9.47
C ASP B 122 47.49 11.91 -8.62
N ASN B 123 48.79 11.74 -8.79
CA ASN B 123 49.51 10.75 -7.99
C ASN B 123 49.46 11.11 -6.51
N ALA B 124 49.65 12.39 -6.19
CA ALA B 124 49.63 12.79 -4.79
C ALA B 124 48.28 12.53 -4.16
N PHE B 125 47.19 12.89 -4.86
CA PHE B 125 45.87 12.66 -4.29
C PHE B 125 45.58 11.18 -4.15
N ASP B 126 45.99 10.36 -5.13
CA ASP B 126 45.75 8.93 -5.04
C ASP B 126 46.45 8.34 -3.83
N ASP B 127 47.70 8.71 -3.61
CA ASP B 127 48.45 8.17 -2.48
C ASP B 127 47.89 8.68 -1.16
N ALA B 128 47.44 9.94 -1.14
CA ALA B 128 46.87 10.48 0.09
C ALA B 128 45.57 9.78 0.45
N ALA B 129 44.72 9.53 -0.53
CA ALA B 129 43.45 8.87 -0.26
C ALA B 129 43.63 7.40 0.10
N THR B 130 44.62 6.71 -0.46
CA THR B 130 44.78 5.30 -0.15
C THR B 130 45.49 5.08 1.19
N GLY B 131 46.71 5.55 1.31
CA GLY B 131 47.51 5.29 2.49
C GLY B 131 47.41 6.36 3.55
N GLY B 132 47.44 7.62 3.14
CA GLY B 132 47.33 8.71 4.08
C GLY B 132 48.39 9.76 3.91
N PHE B 133 49.35 9.52 3.02
CA PHE B 133 50.44 10.46 2.82
C PHE B 133 50.82 10.52 1.35
N GLY B 134 50.85 11.74 0.80
CA GLY B 134 51.31 11.95 -0.56
C GLY B 134 52.16 13.20 -0.62
N CYS B 135 52.88 13.35 -1.72
CA CYS B 135 53.80 14.47 -1.85
C CYS B 135 54.10 14.71 -3.32
N PHE B 136 54.51 15.94 -3.63
CA PHE B 136 55.04 16.24 -4.95
C PHE B 136 56.05 17.38 -4.82
N ARG B 137 56.88 17.51 -5.85
CA ARG B 137 58.06 18.37 -5.82
C ARG B 137 57.87 19.55 -6.75
N LEU B 138 58.73 20.55 -6.58
CA LEU B 138 58.65 21.80 -7.35
C LEU B 138 60.09 22.26 -7.60
N THR B 139 60.62 21.95 -8.76
CA THR B 139 62.03 22.20 -9.09
C THR B 139 62.15 23.32 -10.12
N SER B 140 63.39 23.56 -10.56
CA SER B 140 63.68 24.55 -11.58
C SER B 140 64.63 23.94 -12.59
N MET B 141 64.14 23.69 -13.80
CA MET B 141 64.89 23.04 -14.85
C MET B 141 65.35 24.06 -15.89
N LEU B 142 66.37 23.68 -16.65
CA LEU B 142 67.04 24.58 -17.59
C LEU B 142 66.55 24.28 -19.00
N VAL B 143 65.74 25.19 -19.54
CA VAL B 143 65.34 25.14 -20.95
C VAL B 143 65.30 26.56 -21.50
N ARG B 152 65.55 31.22 -20.51
CA ARG B 152 66.38 30.02 -20.55
C ARG B 152 66.38 29.31 -19.20
N GLN B 153 65.46 29.71 -18.33
CA GLN B 153 65.22 29.04 -17.05
C GLN B 153 63.73 28.87 -16.86
N ARG B 154 63.35 27.85 -16.09
CA ARG B 154 61.94 27.50 -15.99
C ARG B 154 61.69 26.87 -14.63
N ILE B 155 60.46 26.97 -14.16
CA ILE B 155 59.99 26.27 -12.98
C ILE B 155 59.13 25.10 -13.42
N ALA B 156 59.43 23.92 -12.89
CA ALA B 156 58.74 22.70 -13.29
C ALA B 156 58.14 22.02 -12.06
N ILE B 157 57.04 21.30 -12.28
CA ILE B 157 56.35 20.56 -11.24
C ILE B 157 56.51 19.08 -11.54
N GLU B 158 57.04 18.33 -10.59
CA GLU B 158 57.39 16.94 -10.83
C GLU B 158 56.75 16.05 -9.76
N PRO B 159 56.43 14.82 -10.11
CA PRO B 159 55.83 13.90 -9.14
C PRO B 159 56.89 13.16 -8.33
N ILE B 160 56.46 12.68 -7.17
CA ILE B 160 57.27 11.88 -6.27
C ILE B 160 56.57 10.54 -6.10
N TYR B 161 57.31 9.45 -6.32
CA TYR B 161 56.75 8.11 -6.23
C TYR B 161 57.20 7.43 -4.96
N ASP B 162 56.27 6.72 -4.33
CA ASP B 162 56.44 6.08 -3.02
C ASP B 162 56.75 7.09 -1.94
N PRO B 163 55.87 8.07 -1.68
CA PRO B 163 56.19 9.07 -0.67
C PRO B 163 56.36 8.52 0.73
N SER B 164 55.66 7.43 1.06
CA SER B 164 55.71 6.92 2.42
C SER B 164 57.11 6.52 2.83
N ARG B 165 57.86 5.90 1.92
CA ARG B 165 59.20 5.44 2.22
C ARG B 165 60.27 6.29 1.55
N SER B 166 59.96 7.50 1.13
CA SER B 166 60.90 8.33 0.39
C SER B 166 61.17 9.69 1.02
N VAL B 167 60.18 10.32 1.64
CA VAL B 167 60.30 11.68 2.13
C VAL B 167 60.36 11.68 3.65
N TRP B 168 61.40 12.29 4.19
CA TRP B 168 61.59 12.38 5.63
C TRP B 168 61.96 13.81 5.99
N PHE B 169 61.25 14.38 6.96
CA PHE B 169 61.39 15.77 7.34
C PHE B 169 62.09 15.93 8.67
N ASP B 170 62.44 17.17 8.99
CA ASP B 170 62.97 17.51 10.30
C ASP B 170 61.97 17.11 11.39
N PRO B 171 62.38 16.34 12.39
CA PRO B 171 61.42 15.93 13.44
C PRO B 171 60.94 17.08 14.30
N ASP B 172 61.45 18.28 14.07
CA ASP B 172 61.03 19.45 14.83
C ASP B 172 59.96 20.28 14.14
N ALA B 173 59.57 19.91 12.92
CA ALA B 173 58.50 20.62 12.24
C ALA B 173 57.16 20.02 12.62
N LYS B 174 56.22 20.86 13.02
CA LYS B 174 54.94 20.40 13.53
C LYS B 174 53.75 20.85 12.70
N LYS B 175 53.92 21.81 11.81
CA LYS B 175 52.78 22.34 11.09
C LYS B 175 52.37 21.42 9.96
N TYR B 176 51.17 21.66 9.44
CA TYR B 176 50.65 20.84 8.35
C TYR B 176 51.56 20.90 7.13
N ASP B 177 51.99 22.09 6.76
CA ASP B 177 52.75 22.32 5.54
C ASP B 177 54.26 22.29 5.77
N LYS B 178 54.71 22.00 6.99
CA LYS B 178 56.13 21.87 7.29
C LYS B 178 56.90 23.14 6.96
N SER B 179 56.28 24.30 7.26
CA SER B 179 56.97 25.56 7.05
C SER B 179 58.18 25.68 7.95
N ASP B 180 58.07 25.22 9.19
CA ASP B 180 59.12 25.39 10.20
C ASP B 180 60.09 24.22 10.20
N ALA B 181 60.59 23.85 9.03
CA ALA B 181 61.54 22.77 8.90
C ALA B 181 62.85 23.32 8.36
N LEU B 182 63.95 22.69 8.75
CA LEU B 182 65.27 23.15 8.36
C LEU B 182 66.04 22.18 7.49
N TRP B 183 65.55 20.95 7.32
CA TRP B 183 66.16 20.03 6.37
C TRP B 183 65.17 18.94 6.04
N ALA B 184 65.42 18.24 4.94
CA ALA B 184 64.56 17.15 4.51
C ALA B 184 65.35 16.23 3.58
N PHE B 185 64.79 15.04 3.37
CA PHE B 185 65.38 14.03 2.50
C PHE B 185 64.35 13.59 1.47
N CYS B 186 64.83 13.19 0.31
CA CYS B 186 63.98 12.65 -0.76
C CYS B 186 64.75 11.53 -1.44
N MET B 187 64.34 10.29 -1.17
CA MET B 187 65.03 9.12 -1.69
C MET B 187 64.39 8.65 -2.99
N TYR B 188 65.20 8.06 -3.86
CA TYR B 188 64.69 7.43 -5.06
C TYR B 188 65.63 6.31 -5.49
N SER B 189 65.05 5.27 -6.05
CA SER B 189 65.80 4.09 -6.47
C SER B 189 66.37 4.28 -7.87
N LEU B 190 67.40 3.50 -8.17
CA LEU B 190 68.19 3.71 -9.37
C LEU B 190 68.79 2.36 -9.79
N SER B 191 69.15 2.26 -11.05
CA SER B 191 69.74 1.04 -11.57
C SER B 191 71.24 1.19 -11.72
N PRO B 192 72.00 0.10 -11.60
CA PRO B 192 73.47 0.20 -11.66
C PRO B 192 73.97 0.81 -12.96
N GLU B 193 73.29 0.52 -14.07
CA GLU B 193 73.68 1.11 -15.35
C GLU B 193 73.44 2.62 -15.39
N LYS B 194 72.33 3.10 -14.85
CA LYS B 194 72.12 4.54 -14.78
C LYS B 194 73.00 5.20 -13.75
N TYR B 195 73.43 4.48 -12.71
CA TYR B 195 74.46 4.99 -11.84
C TYR B 195 75.80 5.06 -12.55
N GLU B 196 76.03 4.19 -13.52
CA GLU B 196 77.26 4.28 -14.30
C GLU B 196 77.20 5.41 -15.33
N ALA B 197 76.00 5.75 -15.81
CA ALA B 197 75.87 6.80 -16.81
C ALA B 197 76.45 8.11 -16.31
N GLU B 198 75.86 8.69 -15.28
CA GLU B 198 76.44 9.84 -14.59
C GLU B 198 77.11 9.36 -13.32
N TYR B 199 77.73 10.27 -12.58
CA TYR B 199 78.45 9.93 -11.35
C TYR B 199 79.65 9.04 -11.66
N GLY B 200 79.96 8.84 -12.93
CA GLY B 200 81.20 8.22 -13.33
C GLY B 200 81.25 6.74 -13.01
N LYS B 201 82.43 6.17 -13.23
CA LYS B 201 82.67 4.76 -12.95
C LYS B 201 82.40 4.45 -11.49
N LYS B 202 83.14 5.11 -10.60
CA LYS B 202 82.90 5.12 -9.16
C LYS B 202 83.11 3.72 -8.57
N PRO B 203 83.27 3.60 -7.26
CA PRO B 203 83.16 2.29 -6.62
C PRO B 203 81.80 1.67 -6.86
N PRO B 204 81.61 0.40 -6.46
CA PRO B 204 80.41 -0.33 -6.87
C PRO B 204 79.14 0.12 -6.14
N THR B 205 79.16 1.31 -5.54
CA THR B 205 78.03 2.03 -4.95
C THR B 205 77.79 1.59 -3.52
N SER B 206 77.36 2.53 -2.68
CA SER B 206 76.95 2.23 -1.31
C SER B 206 75.57 2.85 -1.10
N LEU B 207 74.52 2.03 -1.19
CA LEU B 207 73.17 2.56 -1.10
C LEU B 207 72.76 2.79 0.35
N ASP B 208 71.73 3.60 0.52
CA ASP B 208 71.18 3.88 1.84
C ASP B 208 70.39 2.67 2.35
N VAL B 209 70.05 2.70 3.64
CA VAL B 209 69.36 1.59 4.29
C VAL B 209 68.24 2.13 5.16
N THR B 210 67.09 1.46 5.14
CA THR B 210 65.96 1.77 6.02
C THR B 210 65.43 0.56 6.76
N SER B 211 65.63 -0.65 6.24
CA SER B 211 65.06 -1.87 6.80
C SER B 211 63.53 -1.75 6.88
N MET B 212 62.94 -1.28 5.80
CA MET B 212 61.51 -1.00 5.70
C MET B 212 60.75 -1.99 4.83
N THR B 213 61.26 -2.26 3.63
CA THR B 213 60.52 -2.97 2.60
C THR B 213 60.83 -4.47 2.69
N SER B 214 60.18 -5.27 1.84
CA SER B 214 60.23 -6.72 1.83
C SER B 214 59.55 -7.28 3.07
N TRP B 215 58.95 -6.39 3.86
CA TRP B 215 58.17 -6.80 5.01
C TRP B 215 56.87 -7.40 4.47
N GLU B 216 56.81 -8.73 4.43
CA GLU B 216 55.76 -9.47 3.73
C GLU B 216 55.78 -9.14 2.24
N TYR B 217 56.83 -9.61 1.55
CA TYR B 217 57.06 -9.32 0.14
C TYR B 217 58.21 -10.13 -0.43
N ASN B 218 58.16 -10.44 -1.72
CA ASN B 218 59.18 -11.22 -2.40
C ASN B 218 60.14 -10.30 -3.16
N TRP B 219 61.43 -10.61 -3.04
CA TRP B 219 62.46 -9.79 -3.68
C TRP B 219 63.13 -10.62 -4.76
N PHE B 220 63.40 -9.96 -5.89
CA PHE B 220 64.08 -10.60 -7.00
C PHE B 220 65.10 -9.64 -7.63
N GLY B 221 64.95 -8.36 -7.33
CA GLY B 221 65.74 -7.34 -8.00
C GLY B 221 66.92 -6.86 -7.18
N ALA B 222 68.13 -7.02 -7.73
CA ALA B 222 69.33 -6.50 -7.10
C ALA B 222 69.61 -5.09 -7.61
N ASP B 223 68.71 -4.58 -8.44
CA ASP B 223 68.85 -3.22 -8.99
C ASP B 223 68.30 -2.23 -7.97
N VAL B 224 69.01 -2.13 -6.86
CA VAL B 224 68.52 -1.39 -5.71
C VAL B 224 69.02 0.06 -5.71
N ILE B 225 70.33 0.25 -5.58
CA ILE B 225 71.01 1.53 -5.39
C ILE B 225 70.07 2.68 -5.02
N TYR B 226 69.92 2.93 -3.72
CA TYR B 226 69.06 3.99 -3.22
C TYR B 226 69.87 5.27 -3.03
N ILE B 227 69.46 6.32 -3.71
CA ILE B 227 70.11 7.62 -3.63
C ILE B 227 69.12 8.60 -2.98
N ALA B 228 69.65 9.64 -2.37
CA ALA B 228 68.80 10.61 -1.69
C ALA B 228 69.22 12.02 -2.06
N LYS B 229 68.26 12.94 -2.01
CA LYS B 229 68.52 14.37 -2.13
C LYS B 229 68.37 15.01 -0.76
N TYR B 230 69.22 15.98 -0.47
CA TYR B 230 69.30 16.60 0.84
C TYR B 230 69.12 18.11 0.70
N TYR B 231 68.22 18.67 1.49
CA TYR B 231 67.91 20.09 1.44
C TYR B 231 68.32 20.76 2.75
N GLU B 232 69.05 21.85 2.65
CA GLU B 232 69.49 22.63 3.79
C GLU B 232 68.92 24.04 3.68
N VAL B 233 68.72 24.70 4.82
CA VAL B 233 68.40 26.12 4.85
C VAL B 233 69.41 26.80 5.77
N ARG B 234 70.06 27.84 5.25
CA ARG B 234 71.11 28.55 5.97
C ARG B 234 70.81 30.04 5.94
N LYS B 235 71.36 30.75 6.92
CA LYS B 235 71.19 32.20 6.95
C LYS B 235 72.20 32.89 6.05
N GLU B 236 73.48 32.77 6.36
CA GLU B 236 74.55 33.38 5.56
C GLU B 236 74.44 34.90 5.48
N SER B 237 75.49 35.55 4.99
CA SER B 237 75.53 36.98 4.82
C SER B 237 75.78 37.30 3.35
N VAL B 238 74.95 38.17 2.79
CA VAL B 238 75.03 38.54 1.38
C VAL B 238 75.07 40.05 1.30
N ASP B 239 75.88 40.57 0.38
CA ASP B 239 76.07 42.01 0.23
C ASP B 239 75.16 42.53 -0.87
N VAL B 240 74.28 43.46 -0.52
CA VAL B 240 73.48 44.17 -1.51
C VAL B 240 74.28 45.38 -1.96
N ILE B 241 74.53 45.46 -3.27
CA ILE B 241 75.53 46.38 -3.81
C ILE B 241 74.89 47.32 -4.82
N SER B 242 73.69 47.80 -4.48
CA SER B 242 72.76 48.55 -5.33
C SER B 242 73.36 49.44 -6.42
N TYR B 243 72.92 49.22 -7.66
CA TYR B 243 73.09 50.19 -8.74
C TYR B 243 71.85 51.07 -8.84
N ARG B 244 71.61 51.86 -7.79
CA ARG B 244 70.46 52.76 -7.81
C ARG B 244 70.75 53.86 -8.83
N HIS B 245 70.34 53.64 -10.07
CA HIS B 245 70.65 54.57 -11.14
C HIS B 245 69.63 55.70 -11.11
N PRO B 246 70.06 56.95 -10.93
CA PRO B 246 69.08 58.04 -10.79
C PRO B 246 68.16 58.20 -11.98
N ILE B 247 68.65 57.98 -13.20
CA ILE B 247 67.84 58.17 -14.38
C ILE B 247 66.82 57.03 -14.49
N THR B 248 65.82 57.23 -15.36
CA THR B 248 64.65 56.35 -15.51
C THR B 248 64.18 55.80 -14.16
N GLY B 249 64.03 56.72 -13.20
CA GLY B 249 63.61 56.35 -11.86
C GLY B 249 64.65 55.51 -11.16
N GLU B 250 64.33 54.23 -10.94
CA GLU B 250 65.26 53.26 -10.39
C GLU B 250 65.77 53.70 -9.01
N ILE B 251 64.84 53.80 -8.08
CA ILE B 251 65.11 54.13 -6.69
C ILE B 251 65.15 52.83 -5.90
N ALA B 252 66.11 52.74 -4.97
CA ALA B 252 66.21 51.59 -4.05
C ALA B 252 66.35 50.29 -4.84
N THR B 253 67.47 50.18 -5.52
CA THR B 253 67.78 49.10 -6.44
C THR B 253 68.31 47.88 -5.66
N TYR B 254 68.45 46.77 -6.37
CA TYR B 254 68.66 45.45 -5.78
C TYR B 254 70.11 45.04 -5.64
N ASP B 255 70.75 44.80 -6.78
CA ASP B 255 72.12 44.34 -6.95
C ASP B 255 72.55 43.41 -5.82
N SER B 256 71.91 42.25 -5.69
CA SER B 256 72.46 41.23 -4.83
C SER B 256 73.83 40.79 -5.36
N ASP B 257 74.56 40.06 -4.52
CA ASP B 257 75.92 39.67 -4.87
C ASP B 257 75.95 38.80 -6.12
N GLN B 258 75.00 37.87 -6.22
CA GLN B 258 74.92 36.94 -7.33
C GLN B 258 74.47 37.57 -8.64
N VAL B 259 74.26 38.88 -8.68
CA VAL B 259 73.82 39.53 -9.90
C VAL B 259 75.00 40.04 -10.72
N GLU B 260 75.92 40.77 -10.08
CA GLU B 260 76.99 41.43 -10.81
C GLU B 260 77.87 40.44 -11.55
N ASP B 261 78.20 39.31 -10.90
CA ASP B 261 79.09 38.34 -11.52
C ASP B 261 78.50 37.79 -12.81
N ILE B 262 77.22 37.45 -12.82
CA ILE B 262 76.58 36.99 -14.05
C ILE B 262 76.25 38.14 -14.97
N GLU B 263 75.68 39.22 -14.42
CA GLU B 263 75.28 40.38 -15.21
C GLU B 263 76.51 41.27 -15.40
N ASP B 264 77.21 41.06 -16.51
CA ASP B 264 78.37 41.86 -16.87
C ASP B 264 78.02 42.67 -18.12
N GLU B 265 77.34 43.79 -17.91
CA GLU B 265 77.07 44.77 -18.95
C GLU B 265 78.13 45.85 -19.00
N LEU B 266 79.16 45.74 -18.15
CA LEU B 266 80.18 46.76 -17.99
C LEU B 266 79.59 48.07 -17.49
N ALA B 267 78.51 47.97 -16.71
CA ALA B 267 77.92 49.11 -16.01
C ALA B 267 77.61 50.25 -16.98
N ILE B 268 76.71 49.97 -17.92
CA ILE B 268 76.39 50.95 -18.95
C ILE B 268 75.73 52.18 -18.33
N ALA B 269 74.58 51.99 -17.70
CA ALA B 269 73.77 53.09 -17.21
C ALA B 269 73.28 52.82 -15.80
N GLY B 270 74.18 52.46 -14.90
CA GLY B 270 73.74 52.19 -13.54
C GLY B 270 74.31 53.05 -12.42
N PHE B 271 75.59 53.44 -12.52
CA PHE B 271 76.33 54.06 -11.41
C PHE B 271 76.38 53.12 -10.20
N HIS B 272 77.21 53.45 -9.21
CA HIS B 272 77.44 52.49 -8.13
C HIS B 272 76.95 52.98 -6.78
N GLU B 273 77.17 54.27 -6.48
CA GLU B 273 76.70 54.92 -5.25
C GLU B 273 76.82 54.01 -4.03
N VAL B 274 75.82 54.01 -3.16
CA VAL B 274 75.88 53.21 -1.94
C VAL B 274 75.75 51.74 -2.30
N ALA B 275 76.79 50.97 -1.97
CA ALA B 275 76.82 49.56 -2.30
C ALA B 275 77.46 48.75 -1.18
N ARG B 276 77.52 49.31 0.02
CA ARG B 276 78.29 48.67 1.08
C ARG B 276 77.39 48.33 2.26
N ARG B 277 76.21 47.79 1.98
CA ARG B 277 75.29 47.32 3.01
C ARG B 277 75.21 45.81 2.94
N SER B 278 75.55 45.14 4.04
CA SER B 278 75.53 43.69 4.11
C SER B 278 74.34 43.25 4.95
N VAL B 279 73.56 42.32 4.40
CA VAL B 279 72.32 41.88 5.01
C VAL B 279 72.34 40.38 5.16
N LYS B 280 71.73 39.87 6.24
CA LYS B 280 71.53 38.44 6.42
C LYS B 280 70.23 38.05 5.71
N ARG B 281 70.33 37.08 4.82
CA ARG B 281 69.19 36.58 4.06
C ARG B 281 69.00 35.10 4.40
N ARG B 282 68.16 34.43 3.61
CA ARG B 282 67.84 33.03 3.83
C ARG B 282 67.90 32.32 2.49
N ARG B 283 68.78 31.32 2.36
CA ARG B 283 68.88 30.55 1.14
C ARG B 283 68.79 29.06 1.43
N VAL B 284 68.50 28.30 0.38
CA VAL B 284 68.30 26.86 0.44
C VAL B 284 69.32 26.19 -0.47
N TYR B 285 69.96 25.15 0.04
CA TYR B 285 70.95 24.39 -0.70
C TYR B 285 70.47 22.96 -0.91
N VAL B 286 70.89 22.36 -2.02
CA VAL B 286 70.53 20.99 -2.35
C VAL B 286 71.79 20.19 -2.61
N SER B 287 71.73 18.90 -2.31
CA SER B 287 72.88 18.02 -2.42
C SER B 287 72.40 16.61 -2.71
N VAL B 288 73.29 15.80 -3.26
CA VAL B 288 73.01 14.39 -3.54
C VAL B 288 74.02 13.55 -2.80
N VAL B 289 73.56 12.63 -1.96
CA VAL B 289 74.41 11.81 -1.12
C VAL B 289 74.00 10.36 -1.24
N ASP B 290 74.91 9.48 -0.81
CA ASP B 290 74.63 8.06 -0.68
C ASP B 290 75.28 7.57 0.60
N GLY B 291 75.41 6.25 0.74
CA GLY B 291 75.98 5.71 1.95
C GLY B 291 77.47 5.92 2.11
N ASP B 292 78.15 6.40 1.06
CA ASP B 292 79.59 6.59 1.09
C ASP B 292 80.00 8.06 1.17
N GLY B 293 79.53 8.89 0.25
CA GLY B 293 79.92 10.29 0.25
C GLY B 293 79.02 11.17 -0.58
N PHE B 294 79.58 12.20 -1.20
CA PHE B 294 78.82 13.15 -1.99
C PHE B 294 78.91 12.78 -3.47
N LEU B 295 77.75 12.47 -4.06
CA LEU B 295 77.71 12.33 -5.51
C LEU B 295 77.69 13.68 -6.21
N GLU B 296 77.05 14.68 -5.60
CA GLU B 296 77.03 16.04 -6.11
C GLU B 296 77.21 17.02 -4.97
N LYS B 297 78.17 17.92 -5.09
CA LYS B 297 78.44 18.87 -4.03
C LYS B 297 77.30 19.86 -3.90
N PRO B 298 77.12 20.46 -2.73
CA PRO B 298 75.97 21.36 -2.52
C PRO B 298 75.99 22.56 -3.44
N ARG B 299 74.79 22.99 -3.84
CA ARG B 299 74.60 24.20 -4.63
C ARG B 299 73.29 24.82 -4.20
N ARG B 300 73.18 26.13 -4.35
CA ARG B 300 71.99 26.85 -3.90
C ARG B 300 70.93 26.87 -5.00
N ILE B 301 69.68 26.70 -4.58
CA ILE B 301 68.55 26.66 -5.51
C ILE B 301 67.79 27.98 -5.42
N PRO B 302 67.12 28.41 -6.47
CA PRO B 302 66.49 29.74 -6.49
C PRO B 302 65.19 29.83 -5.70
N GLY B 303 65.28 30.09 -4.40
CA GLY B 303 64.08 30.25 -3.62
C GLY B 303 64.40 30.60 -2.18
N GLU B 304 63.37 30.47 -1.34
CA GLU B 304 63.51 30.69 0.09
C GLU B 304 62.92 29.55 0.91
N HIS B 305 62.04 28.74 0.35
CA HIS B 305 61.38 27.65 1.04
C HIS B 305 61.90 26.31 0.56
N ILE B 306 61.71 25.28 1.38
CA ILE B 306 61.98 23.92 0.93
C ILE B 306 60.92 23.52 -0.11
N PRO B 307 61.32 23.05 -1.27
CA PRO B 307 60.35 22.86 -2.35
C PRO B 307 59.53 21.58 -2.31
N LEU B 308 59.41 20.93 -1.16
CA LEU B 308 58.60 19.73 -1.02
C LEU B 308 57.22 20.08 -0.47
N ILE B 309 56.18 19.56 -1.10
CA ILE B 309 54.81 19.89 -0.75
C ILE B 309 54.09 18.64 -0.30
N PRO B 310 53.84 18.47 1.00
CA PRO B 310 53.16 17.27 1.48
C PRO B 310 51.65 17.36 1.31
N VAL B 311 51.03 16.20 1.12
CA VAL B 311 49.58 16.07 1.03
C VAL B 311 49.13 14.95 1.94
N TYR B 312 48.15 15.22 2.79
CA TYR B 312 47.67 14.26 3.78
C TYR B 312 46.18 13.98 3.57
N GLY B 313 45.77 12.77 3.90
CA GLY B 313 44.36 12.45 3.90
C GLY B 313 43.68 13.00 5.14
N LYS B 314 44.12 12.53 6.30
CA LYS B 314 43.69 13.08 7.59
C LYS B 314 44.90 13.09 8.49
N ARG B 315 45.22 14.24 9.07
CA ARG B 315 46.44 14.39 9.86
C ARG B 315 46.13 14.97 11.22
N TRP B 316 46.75 14.40 12.25
CA TRP B 316 46.63 14.88 13.62
C TRP B 316 47.98 14.78 14.31
N PHE B 317 48.11 15.50 15.41
CA PHE B 317 49.34 15.54 16.20
C PHE B 317 48.99 15.14 17.63
N ILE B 318 49.36 13.94 18.04
CA ILE B 318 48.81 13.31 19.24
C ILE B 318 49.81 13.34 20.40
N ASP B 319 50.92 12.62 20.28
CA ASP B 319 51.92 12.58 21.35
C ASP B 319 53.29 12.79 20.75
N ASP B 320 53.66 14.06 20.52
CA ASP B 320 54.94 14.42 19.93
C ASP B 320 55.19 13.72 18.60
N ILE B 321 54.16 13.11 18.02
CA ILE B 321 54.29 12.32 16.80
C ILE B 321 53.11 12.66 15.90
N GLU B 322 53.40 12.91 14.63
CA GLU B 322 52.35 13.18 13.65
C GLU B 322 51.74 11.88 13.16
N ARG B 323 50.41 11.82 13.10
CA ARG B 323 49.70 10.60 12.75
C ARG B 323 48.75 10.87 11.59
N VAL B 324 48.77 9.98 10.60
CA VAL B 324 47.98 10.13 9.39
C VAL B 324 47.03 8.94 9.28
N GLU B 325 46.06 9.06 8.38
CA GLU B 325 45.12 7.98 8.11
C GLU B 325 44.50 8.16 6.74
N GLY B 326 44.33 7.05 6.03
CA GLY B 326 43.74 7.08 4.71
C GLY B 326 42.25 6.80 4.74
N HIS B 327 41.79 5.87 3.92
CA HIS B 327 40.38 5.53 3.87
C HIS B 327 40.11 4.03 3.98
N ILE B 328 41.14 3.22 4.22
CA ILE B 328 40.97 1.78 4.31
C ILE B 328 41.58 1.18 5.56
N ALA B 329 42.32 1.96 6.35
CA ALA B 329 42.94 1.40 7.55
C ALA B 329 41.89 0.91 8.53
N LYS B 330 40.73 1.56 8.57
CA LYS B 330 39.71 1.17 9.53
C LYS B 330 38.98 -0.10 9.14
N ALA B 331 39.08 -0.54 7.89
CA ALA B 331 38.31 -1.68 7.41
C ALA B 331 39.14 -2.95 7.24
N MET B 332 40.36 -2.98 7.77
CA MET B 332 41.20 -4.17 7.59
C MET B 332 40.61 -5.37 8.31
N ASP B 333 40.22 -5.21 9.57
CA ASP B 333 39.81 -6.38 10.36
C ASP B 333 38.54 -7.02 9.83
N PRO B 334 37.44 -6.31 9.59
CA PRO B 334 36.26 -6.97 9.01
C PRO B 334 36.54 -7.61 7.67
N GLN B 335 37.36 -7.01 6.82
CA GLN B 335 37.62 -7.59 5.51
C GLN B 335 38.37 -8.91 5.63
N ARG B 336 39.45 -8.93 6.39
CA ARG B 336 40.25 -10.14 6.51
C ARG B 336 39.62 -11.15 7.44
N LEU B 337 38.51 -10.81 8.10
CA LEU B 337 37.73 -11.82 8.79
C LEU B 337 36.65 -12.41 7.90
N TYR B 338 36.07 -11.59 7.02
CA TYR B 338 35.14 -12.09 6.01
C TYR B 338 35.81 -13.07 5.06
N ASN B 339 37.06 -12.78 4.66
CA ASN B 339 37.79 -13.70 3.81
C ASN B 339 37.94 -15.06 4.48
N LEU B 340 38.30 -15.06 5.77
CA LEU B 340 38.46 -16.31 6.49
C LEU B 340 37.16 -17.07 6.57
N GLN B 341 36.05 -16.37 6.81
CA GLN B 341 34.77 -17.05 6.87
C GLN B 341 34.45 -17.75 5.56
N VAL B 342 34.64 -17.08 4.43
CA VAL B 342 34.31 -17.71 3.15
C VAL B 342 35.23 -18.89 2.89
N SER B 343 36.53 -18.74 3.14
CA SER B 343 37.46 -19.82 2.89
C SER B 343 37.15 -21.03 3.75
N MET B 344 36.75 -20.82 5.00
CA MET B 344 36.44 -21.94 5.86
C MET B 344 35.12 -22.61 5.48
N LEU B 345 34.16 -21.86 4.96
CA LEU B 345 32.91 -22.48 4.52
C LEU B 345 33.11 -23.33 3.27
N ALA B 346 33.96 -22.88 2.35
CA ALA B 346 34.07 -23.55 1.05
C ALA B 346 34.48 -25.01 1.18
N ASP B 347 35.58 -25.28 1.89
CA ASP B 347 36.06 -26.66 1.96
C ASP B 347 35.20 -27.54 2.86
N THR B 348 34.59 -26.99 3.90
CA THR B 348 33.63 -27.75 4.67
C THR B 348 32.48 -28.20 3.80
N ALA B 349 31.99 -27.32 2.93
CA ALA B 349 30.96 -27.73 1.98
C ALA B 349 31.48 -28.79 1.03
N ALA B 350 32.72 -28.65 0.56
CA ALA B 350 33.25 -29.59 -0.42
C ALA B 350 33.63 -30.95 0.18
N GLN B 351 33.66 -31.08 1.50
CA GLN B 351 34.09 -32.34 2.10
C GLN B 351 33.05 -33.46 1.99
N ASP B 352 31.77 -33.17 2.24
CA ASP B 352 30.72 -34.19 2.28
C ASP B 352 29.55 -33.77 1.42
N PRO B 353 29.58 -34.08 0.12
CA PRO B 353 28.53 -33.55 -0.77
C PRO B 353 27.17 -34.22 -0.61
N GLY B 354 27.12 -35.53 -0.44
CA GLY B 354 25.83 -36.21 -0.45
C GLY B 354 25.65 -37.28 0.60
N GLN B 355 24.81 -38.28 0.30
CA GLN B 355 24.48 -39.35 1.22
C GLN B 355 24.84 -40.70 0.60
N ILE B 356 25.36 -41.60 1.42
CA ILE B 356 25.70 -42.95 0.97
C ILE B 356 25.13 -43.95 1.97
N PRO B 357 24.43 -44.99 1.53
CA PRO B 357 23.94 -45.99 2.48
C PRO B 357 25.09 -46.78 3.10
N ILE B 358 24.86 -47.27 4.31
CA ILE B 358 25.83 -48.05 5.06
C ILE B 358 25.24 -49.43 5.32
N VAL B 359 26.00 -50.47 4.97
CA VAL B 359 25.57 -51.85 5.14
C VAL B 359 26.73 -52.66 5.69
N GLY B 360 26.42 -53.87 6.16
CA GLY B 360 27.45 -54.81 6.55
C GLY B 360 27.90 -55.68 5.39
N MET B 361 29.10 -56.22 5.50
CA MET B 361 29.68 -56.96 4.38
C MET B 361 28.86 -58.20 4.05
N GLU B 362 28.39 -58.90 5.06
CA GLU B 362 27.64 -60.13 4.85
C GLU B 362 26.21 -59.88 4.41
N GLN B 363 25.75 -58.63 4.46
CA GLN B 363 24.38 -58.30 4.13
C GLN B 363 24.17 -58.03 2.65
N ILE B 364 25.25 -57.85 1.88
CA ILE B 364 25.15 -57.45 0.48
C ILE B 364 26.01 -58.29 -0.44
N ARG B 365 26.80 -59.21 0.09
CA ARG B 365 27.71 -59.99 -0.73
C ARG B 365 26.92 -60.79 -1.77
N GLY B 366 27.36 -60.73 -3.02
CA GLY B 366 26.70 -61.39 -4.11
C GLY B 366 25.59 -60.60 -4.77
N LEU B 367 25.27 -59.40 -4.26
CA LEU B 367 24.20 -58.59 -4.82
C LEU B 367 24.70 -57.20 -5.21
N GLU B 368 26.01 -57.01 -5.35
CA GLU B 368 26.53 -55.67 -5.56
C GLU B 368 26.16 -55.12 -6.93
N LYS B 369 26.04 -55.97 -7.94
CA LYS B 369 25.78 -55.46 -9.28
C LYS B 369 24.39 -54.86 -9.41
N HIS B 370 23.43 -55.29 -8.58
CA HIS B 370 22.11 -54.70 -8.64
C HIS B 370 22.09 -53.31 -8.02
N TRP B 371 22.82 -53.12 -6.93
CA TRP B 371 22.91 -51.81 -6.30
C TRP B 371 23.81 -50.85 -7.07
N GLU B 372 24.78 -51.37 -7.81
CA GLU B 372 25.69 -50.51 -8.55
C GLU B 372 24.99 -49.79 -9.69
N ALA B 373 24.01 -50.44 -10.32
CA ALA B 373 23.36 -49.90 -11.50
C ALA B 373 21.92 -49.50 -11.25
N ARG B 374 21.60 -49.03 -10.06
CA ARG B 374 20.21 -48.70 -9.76
C ARG B 374 19.74 -47.42 -10.44
N ASN B 375 20.66 -46.59 -10.93
CA ASN B 375 20.26 -45.35 -11.56
C ASN B 375 20.25 -45.41 -13.08
N LYS B 376 20.84 -46.44 -13.68
CA LYS B 376 20.77 -46.64 -15.12
C LYS B 376 19.60 -47.53 -15.49
N LYS B 377 19.61 -48.76 -14.99
CA LYS B 377 18.49 -49.66 -15.21
C LYS B 377 17.33 -49.26 -14.32
N ARG B 378 16.20 -49.90 -14.52
CA ARG B 378 15.02 -49.47 -13.79
C ARG B 378 14.46 -50.64 -13.02
N PRO B 379 15.09 -51.02 -11.91
CA PRO B 379 14.66 -52.23 -11.21
C PRO B 379 13.29 -52.06 -10.56
N ALA B 380 12.55 -53.16 -10.53
CA ALA B 380 11.26 -53.14 -9.84
C ALA B 380 11.44 -53.18 -8.33
N PHE B 381 12.59 -53.67 -7.86
CA PHE B 381 12.89 -53.72 -6.44
C PHE B 381 14.40 -53.92 -6.29
N LEU B 382 14.86 -53.86 -5.05
CA LEU B 382 16.26 -54.11 -4.74
C LEU B 382 16.36 -55.17 -3.65
N PRO B 383 17.21 -56.17 -3.81
CA PRO B 383 17.33 -57.23 -2.80
C PRO B 383 18.36 -56.93 -1.74
N LEU B 384 18.10 -57.43 -0.54
CA LEU B 384 19.05 -57.35 0.56
C LEU B 384 18.71 -58.43 1.58
N ARG B 385 19.69 -58.78 2.40
CA ARG B 385 19.52 -59.78 3.44
C ARG B 385 19.33 -59.12 4.79
N GLU B 386 19.01 -59.94 5.79
CA GLU B 386 18.82 -59.47 7.15
C GLU B 386 20.09 -59.66 7.96
N VAL B 387 20.12 -59.04 9.13
CA VAL B 387 21.26 -59.13 10.03
C VAL B 387 21.04 -60.33 10.95
N ARG B 388 22.03 -61.22 11.01
CA ARG B 388 21.94 -62.42 11.81
C ARG B 388 23.10 -62.49 12.78
N ASP B 389 22.82 -62.96 13.99
CA ASP B 389 23.83 -63.09 15.02
C ASP B 389 24.60 -64.39 14.82
N LYS B 390 25.43 -64.76 15.78
CA LYS B 390 26.29 -65.94 15.61
C LYS B 390 25.51 -67.24 15.66
N SER B 391 24.31 -67.24 16.24
CA SER B 391 23.48 -68.45 16.30
C SER B 391 22.55 -68.60 15.11
N GLY B 392 22.46 -67.60 14.25
CA GLY B 392 21.56 -67.65 13.12
C GLY B 392 20.21 -66.99 13.31
N ASN B 393 20.02 -66.24 14.40
CA ASN B 393 18.77 -65.56 14.66
C ASN B 393 18.76 -64.18 14.02
N ILE B 394 17.57 -63.76 13.58
CA ILE B 394 17.41 -62.47 12.92
C ILE B 394 17.22 -61.40 13.99
N ILE B 395 18.01 -60.34 13.91
CA ILE B 395 17.95 -59.28 14.91
C ILE B 395 17.56 -57.95 14.29
N ALA B 396 17.67 -57.83 12.97
CA ALA B 396 17.37 -56.58 12.31
C ALA B 396 16.87 -56.87 10.90
N GLY B 397 16.17 -55.89 10.32
CA GLY B 397 15.54 -56.06 9.03
C GLY B 397 16.51 -55.89 7.88
N ALA B 398 15.94 -55.91 6.67
CA ALA B 398 16.71 -55.87 5.44
C ALA B 398 17.08 -54.46 4.99
N THR B 399 16.64 -53.43 5.69
CA THR B 399 16.97 -52.07 5.32
C THR B 399 18.43 -51.77 5.65
N PRO B 400 19.04 -50.80 4.96
CA PRO B 400 20.39 -50.36 5.36
C PRO B 400 20.38 -49.80 6.76
N ALA B 401 21.53 -49.94 7.44
CA ALA B 401 21.64 -49.49 8.82
C ALA B 401 21.43 -48.00 8.94
N GLY B 402 21.97 -47.22 8.01
CA GLY B 402 21.83 -45.78 8.08
C GLY B 402 22.46 -45.11 6.88
N TYR B 403 22.56 -43.80 6.96
CA TYR B 403 23.14 -42.99 5.90
C TYR B 403 24.12 -42.00 6.49
N THR B 404 25.05 -41.54 5.66
CA THR B 404 25.97 -40.50 6.09
C THR B 404 25.28 -39.14 6.07
N GLN B 405 25.91 -38.18 6.75
CA GLN B 405 25.32 -36.86 6.83
C GLN B 405 25.97 -35.91 5.85
N PRO B 406 25.22 -34.99 5.28
CA PRO B 406 25.83 -33.94 4.46
C PRO B 406 26.25 -32.74 5.31
N ALA B 407 26.86 -31.73 4.69
CA ALA B 407 27.40 -30.59 5.43
C ALA B 407 26.29 -29.72 6.00
N VAL B 408 26.65 -28.89 6.99
CA VAL B 408 25.63 -28.23 7.81
C VAL B 408 25.68 -26.70 7.81
N MET B 409 26.85 -26.10 7.67
CA MET B 409 27.01 -24.65 7.68
C MET B 409 26.51 -24.06 9.00
N ASN B 410 27.31 -24.28 10.05
CA ASN B 410 26.97 -23.85 11.40
C ASN B 410 26.53 -22.40 11.47
N GLN B 411 25.82 -22.07 12.55
CA GLN B 411 25.12 -20.79 12.67
C GLN B 411 26.08 -19.62 12.91
N ALA B 412 27.15 -19.83 13.66
CA ALA B 412 28.06 -18.74 13.98
C ALA B 412 28.73 -18.20 12.73
N LEU B 413 29.07 -19.09 11.79
CA LEU B 413 29.68 -18.64 10.55
C LEU B 413 28.71 -17.77 9.73
N ALA B 414 27.43 -18.15 9.68
CA ALA B 414 26.47 -17.33 8.96
C ALA B 414 26.32 -15.96 9.60
N ALA B 415 26.27 -15.92 10.92
CA ALA B 415 26.17 -14.64 11.61
C ALA B 415 27.39 -13.78 11.34
N LEU B 416 28.58 -14.36 11.35
CA LEU B 416 29.78 -13.59 11.07
C LEU B 416 29.80 -13.07 9.65
N LEU B 417 29.37 -13.89 8.69
CA LEU B 417 29.29 -13.41 7.31
C LEU B 417 28.43 -12.17 7.22
N GLN B 418 27.21 -12.23 7.76
CA GLN B 418 26.33 -11.08 7.68
C GLN B 418 26.91 -9.87 8.42
N GLN B 419 27.43 -10.08 9.62
CA GLN B 419 27.91 -8.96 10.42
C GLN B 419 29.09 -8.25 9.77
N THR B 420 30.08 -9.02 9.30
CA THR B 420 31.25 -8.40 8.68
C THR B 420 30.90 -7.73 7.37
N SER B 421 30.04 -8.36 6.55
CA SER B 421 29.64 -7.72 5.31
C SER B 421 28.91 -6.41 5.57
N ALA B 422 28.08 -6.35 6.60
CA ALA B 422 27.42 -5.09 6.94
C ALA B 422 28.38 -4.07 7.53
N ASP B 423 29.38 -4.51 8.28
CA ASP B 423 30.29 -3.56 8.93
C ASP B 423 31.25 -2.92 7.95
N ILE B 424 31.65 -3.63 6.90
CA ILE B 424 32.54 -3.03 5.91
C ILE B 424 31.91 -1.78 5.31
N GLN B 425 30.62 -1.82 5.00
CA GLN B 425 29.96 -0.64 4.45
C GLN B 425 29.75 0.44 5.49
N GLU B 426 29.48 0.07 6.74
CA GLU B 426 29.27 1.07 7.78
C GLU B 426 30.53 1.87 8.07
N VAL B 427 31.68 1.20 8.13
CA VAL B 427 32.92 1.90 8.47
C VAL B 427 33.31 2.87 7.36
N THR B 428 33.20 2.45 6.11
CA THR B 428 33.62 3.26 4.97
C THR B 428 32.42 3.98 4.40
N GLY B 429 32.23 5.23 4.78
CA GLY B 429 31.13 6.04 4.28
C GLY B 429 29.78 5.43 4.52
N MET B 450 25.37 21.98 2.82
CA MET B 450 25.19 20.73 3.54
C MET B 450 25.32 19.55 2.58
N ASN B 451 25.05 19.80 1.30
CA ASN B 451 25.18 18.75 0.31
C ASN B 451 26.61 18.23 0.25
N ARG B 452 27.59 19.13 0.20
CA ARG B 452 28.98 18.73 0.09
C ARG B 452 29.45 18.06 1.37
N ALA B 453 29.10 18.62 2.53
CA ALA B 453 29.64 18.13 3.78
C ALA B 453 29.11 16.75 4.12
N ASP B 454 27.98 16.36 3.54
CA ASP B 454 27.43 15.03 3.79
C ASP B 454 28.22 13.92 3.12
N MET B 455 28.98 14.22 2.08
CA MET B 455 29.72 13.20 1.36
C MET B 455 30.96 12.80 2.14
N ALA B 456 31.44 11.59 1.87
CA ALA B 456 32.59 11.05 2.57
C ALA B 456 33.91 11.54 1.99
N SER B 457 33.89 12.23 0.86
CA SER B 457 35.11 12.68 0.21
C SER B 457 35.43 14.14 0.49
N PHE B 458 34.75 14.78 1.44
CA PHE B 458 34.92 16.20 1.62
C PHE B 458 36.26 16.53 2.29
N ILE B 459 36.65 15.77 3.29
CA ILE B 459 37.85 16.11 4.05
C ILE B 459 39.10 15.98 3.20
N TYR B 460 39.16 14.97 2.33
CA TYR B 460 40.31 14.82 1.45
C TYR B 460 40.40 15.99 0.47
N LEU B 461 39.29 16.35 -0.14
CA LEU B 461 39.26 17.45 -1.08
C LEU B 461 39.52 18.79 -0.40
N ASP B 462 39.28 18.88 0.90
CA ASP B 462 39.61 20.08 1.63
C ASP B 462 41.07 20.15 2.04
N ASN B 463 41.66 19.02 2.41
CA ASN B 463 43.09 19.00 2.70
C ASN B 463 43.95 19.14 1.46
N MET B 464 43.43 18.81 0.27
CA MET B 464 44.17 19.08 -0.95
C MET B 464 44.28 20.57 -1.26
N ALA B 465 43.24 21.34 -0.95
CA ALA B 465 43.27 22.77 -1.23
C ALA B 465 44.32 23.49 -0.41
N LYS B 466 44.45 23.14 0.86
CA LYS B 466 45.45 23.80 1.70
C LYS B 466 46.86 23.31 1.43
N SER B 467 47.02 22.24 0.65
CA SER B 467 48.32 21.91 0.10
C SER B 467 48.62 22.73 -1.15
N LEU B 468 47.64 22.88 -2.03
CA LEU B 468 47.82 23.73 -3.20
C LEU B 468 48.10 25.18 -2.83
N LYS B 469 47.52 25.67 -1.73
CA LYS B 469 47.85 27.01 -1.27
C LYS B 469 49.32 27.16 -0.90
N ARG B 470 49.91 26.18 -0.23
CA ARG B 470 51.33 26.23 0.08
C ARG B 470 52.17 26.12 -1.18
N ALA B 471 51.74 25.29 -2.14
CA ALA B 471 52.46 25.21 -3.41
C ALA B 471 52.48 26.56 -4.12
N GLY B 472 51.37 27.29 -4.08
CA GLY B 472 51.36 28.62 -4.66
C GLY B 472 52.31 29.59 -4.00
N GLU B 473 52.40 29.54 -2.67
CA GLU B 473 53.34 30.40 -1.95
C GLU B 473 54.78 30.08 -2.33
N VAL B 474 55.13 28.80 -2.39
CA VAL B 474 56.47 28.42 -2.79
C VAL B 474 56.76 28.84 -4.23
N TRP B 475 55.81 28.66 -5.14
CA TRP B 475 56.00 29.13 -6.50
C TRP B 475 56.20 30.64 -6.59
N LEU B 476 55.43 31.43 -5.84
CA LEU B 476 55.64 32.86 -5.84
C LEU B 476 57.02 33.24 -5.33
N SER B 477 57.47 32.62 -4.25
CA SER B 477 58.81 32.90 -3.75
C SER B 477 59.89 32.49 -4.74
N MET B 478 59.66 31.43 -5.50
CA MET B 478 60.62 30.94 -6.47
C MET B 478 60.60 31.71 -7.78
N ALA B 479 59.46 32.29 -8.16
CA ALA B 479 59.34 32.92 -9.47
C ALA B 479 60.06 34.25 -9.56
N ARG B 480 60.22 34.95 -8.43
CA ARG B 480 60.87 36.25 -8.47
C ARG B 480 62.31 36.14 -8.92
N GLU B 481 63.02 35.12 -8.47
CA GLU B 481 64.43 34.95 -8.79
C GLU B 481 64.65 34.33 -10.17
N VAL B 482 63.60 33.78 -10.77
CA VAL B 482 63.71 33.19 -12.09
C VAL B 482 63.16 34.09 -13.19
N TYR B 483 62.02 34.74 -12.96
CA TYR B 483 61.42 35.62 -13.96
C TYR B 483 61.61 37.10 -13.66
N GLY B 484 62.12 37.45 -12.49
CA GLY B 484 62.33 38.84 -12.14
C GLY B 484 61.10 39.48 -11.51
N SER B 485 61.34 40.58 -10.80
CA SER B 485 60.24 41.32 -10.19
C SER B 485 59.43 42.04 -11.25
N GLU B 486 58.22 42.46 -10.88
CA GLU B 486 57.30 43.00 -11.86
C GLU B 486 57.40 44.52 -11.99
N ARG B 487 57.13 45.25 -10.91
CA ARG B 487 57.20 46.72 -10.79
C ARG B 487 56.31 47.43 -11.80
N GLU B 488 56.00 48.70 -11.54
CA GLU B 488 55.10 49.43 -12.43
C GLU B 488 55.46 50.89 -12.46
N VAL B 489 55.02 51.57 -13.52
CA VAL B 489 55.22 53.01 -13.67
C VAL B 489 54.20 53.59 -14.64
N ARG B 510 50.40 48.19 -18.14
CA ARG B 510 51.34 47.18 -18.62
C ARG B 510 52.05 46.47 -17.47
N GLN B 511 52.88 45.49 -17.81
CA GLN B 511 53.63 44.68 -16.84
C GLN B 511 54.96 44.30 -17.49
N THR B 512 56.03 44.99 -17.11
CA THR B 512 57.34 44.78 -17.71
C THR B 512 58.31 44.20 -16.70
N GLY B 513 59.03 43.16 -17.09
CA GLY B 513 59.97 42.51 -16.21
C GLY B 513 61.41 42.95 -16.37
N ALA B 514 62.34 42.01 -16.43
CA ALA B 514 63.77 42.28 -16.45
C ALA B 514 64.23 42.63 -17.87
N VAL B 515 65.54 42.60 -18.06
CA VAL B 515 66.14 42.79 -19.38
C VAL B 515 66.89 41.53 -19.82
N VAL B 516 67.85 41.06 -19.02
CA VAL B 516 68.62 39.87 -19.38
C VAL B 516 68.47 38.81 -18.30
N ALA B 517 68.82 39.14 -17.06
CA ALA B 517 68.47 38.32 -15.90
C ALA B 517 68.68 39.17 -14.66
N LEU B 518 67.60 39.53 -13.97
CA LEU B 518 67.74 40.32 -12.76
C LEU B 518 66.47 40.15 -11.93
N ASN B 519 66.60 40.45 -10.65
CA ASN B 519 65.57 40.18 -9.66
C ASN B 519 64.84 41.43 -9.22
N ASP B 520 65.58 42.49 -8.88
CA ASP B 520 65.09 43.64 -8.16
C ASP B 520 64.74 43.23 -6.73
N LEU B 521 64.94 44.15 -5.80
CA LEU B 521 64.77 43.84 -4.40
C LEU B 521 64.33 45.13 -3.73
N SER B 522 63.76 44.99 -2.54
CA SER B 522 63.12 46.12 -1.87
C SER B 522 61.99 46.69 -2.72
N VAL B 523 61.31 45.81 -3.45
CA VAL B 523 60.07 46.16 -4.11
C VAL B 523 58.85 45.74 -3.29
N GLY B 524 59.00 44.80 -2.37
CA GLY B 524 57.96 44.49 -1.42
C GLY B 524 57.07 43.35 -1.85
N ARG B 525 56.22 42.93 -0.91
CA ARG B 525 55.26 41.90 -1.18
C ARG B 525 54.27 42.34 -2.25
N TYR B 526 53.86 41.40 -3.09
CA TYR B 526 52.87 41.68 -4.12
C TYR B 526 51.49 41.88 -3.48
N ASP B 527 50.58 42.44 -4.28
CA ASP B 527 49.22 42.73 -3.83
C ASP B 527 48.23 41.65 -4.26
N VAL B 528 48.65 40.39 -4.25
CA VAL B 528 47.76 39.29 -4.61
C VAL B 528 47.61 38.37 -3.40
N THR B 529 46.59 37.52 -3.48
CA THR B 529 46.32 36.53 -2.44
C THR B 529 46.19 35.16 -3.07
N VAL B 530 46.83 34.17 -2.47
CA VAL B 530 46.80 32.81 -3.00
C VAL B 530 45.48 32.15 -2.64
N ASP B 531 44.84 31.53 -3.61
CA ASP B 531 43.56 30.86 -3.41
C ASP B 531 43.53 29.62 -4.28
N VAL B 532 42.37 28.96 -4.32
CA VAL B 532 42.17 27.81 -5.18
C VAL B 532 40.92 28.01 -6.01
N GLY B 533 40.88 27.35 -7.15
CA GLY B 533 39.76 27.41 -8.05
C GLY B 533 39.82 26.29 -9.07
N PRO B 534 38.80 26.19 -9.92
CA PRO B 534 38.77 25.09 -10.89
C PRO B 534 39.93 25.17 -11.86
N SER B 535 40.34 24.00 -12.34
CA SER B 535 41.46 23.87 -13.26
C SER B 535 40.97 23.94 -14.69
N TYR B 536 41.56 24.84 -15.48
CA TYR B 536 41.16 25.04 -16.87
C TYR B 536 42.36 24.82 -17.78
N THR B 537 42.11 24.19 -18.93
CA THR B 537 43.18 23.93 -19.88
C THR B 537 43.64 25.19 -20.58
N ALA B 538 42.70 26.06 -20.96
CA ALA B 538 43.01 27.28 -21.67
C ALA B 538 42.31 28.45 -21.01
N ARG B 539 42.76 29.67 -21.35
CA ARG B 539 42.18 30.86 -20.74
C ARG B 539 40.74 31.07 -21.19
N ARG B 540 40.41 30.72 -22.43
CA ARG B 540 39.06 30.92 -22.93
C ARG B 540 38.04 30.18 -22.09
N ASP B 541 38.38 28.98 -21.63
CA ASP B 541 37.49 28.24 -20.73
C ASP B 541 37.25 29.02 -19.46
N ALA B 542 38.31 29.62 -18.90
CA ALA B 542 38.15 30.40 -17.69
C ALA B 542 37.24 31.59 -17.91
N THR B 543 37.38 32.27 -19.05
CA THR B 543 36.53 33.43 -19.32
C THR B 543 35.07 33.01 -19.46
N VAL B 544 34.79 32.03 -20.32
CA VAL B 544 33.39 31.67 -20.57
C VAL B 544 32.75 31.03 -19.34
N SER B 545 33.53 30.34 -18.51
CA SER B 545 32.95 29.70 -17.33
C SER B 545 32.43 30.71 -16.33
N VAL B 546 33.09 31.85 -16.19
CA VAL B 546 32.65 32.84 -15.21
C VAL B 546 31.59 33.72 -15.85
N LEU B 547 31.71 33.98 -17.15
CA LEU B 547 30.69 34.80 -17.80
C LEU B 547 29.36 34.10 -17.87
N THR B 548 29.36 32.78 -18.07
CA THR B 548 28.10 32.05 -18.10
C THR B 548 27.48 31.88 -16.71
N ASN B 549 28.28 32.01 -15.65
CA ASN B 549 27.72 32.07 -14.31
C ASN B 549 27.14 33.44 -14.01
N VAL B 550 27.77 34.51 -14.53
CA VAL B 550 27.18 35.83 -14.41
C VAL B 550 25.83 35.86 -15.11
N LEU B 551 25.77 35.33 -16.32
CA LEU B 551 24.51 35.06 -16.97
C LEU B 551 23.79 33.94 -16.23
N SER B 552 22.55 33.68 -16.63
CA SER B 552 21.68 32.67 -16.04
C SER B 552 21.28 32.99 -14.61
N SER B 553 21.80 34.07 -14.04
CA SER B 553 21.28 34.64 -12.80
C SER B 553 20.66 36.01 -13.05
N MET B 554 20.32 36.30 -14.30
CA MET B 554 19.83 37.61 -14.71
C MET B 554 18.48 37.43 -15.40
N LEU B 555 17.51 38.23 -14.99
CA LEU B 555 16.24 38.24 -15.70
C LEU B 555 16.45 38.81 -17.10
N PRO B 556 15.67 38.38 -18.08
CA PRO B 556 15.85 38.95 -19.43
C PRO B 556 15.34 40.37 -19.47
N THR B 557 16.28 41.31 -19.40
CA THR B 557 16.01 42.74 -19.27
C THR B 557 17.37 43.43 -19.16
N ASP B 558 17.39 44.75 -19.40
CA ASP B 558 18.52 45.65 -19.24
C ASP B 558 19.55 45.36 -20.32
N PRO B 559 20.39 46.35 -20.70
CA PRO B 559 21.32 46.12 -21.82
C PRO B 559 22.24 44.93 -21.63
N MET B 560 23.07 44.94 -20.60
CA MET B 560 23.80 43.77 -20.09
C MET B 560 23.69 42.49 -20.93
N ARG B 561 22.57 41.79 -20.84
CA ARG B 561 22.46 40.41 -21.31
C ARG B 561 22.91 40.22 -22.76
N PRO B 562 22.45 41.02 -23.73
CA PRO B 562 23.07 40.96 -25.06
C PRO B 562 24.58 41.18 -25.06
N ALA B 563 25.08 42.10 -24.24
CA ALA B 563 26.53 42.31 -24.19
C ALA B 563 27.24 41.09 -23.63
N ILE B 564 26.67 40.46 -22.60
CA ILE B 564 27.27 39.24 -22.06
C ILE B 564 27.30 38.14 -23.11
N GLN B 565 26.21 37.97 -23.85
CA GLN B 565 26.21 36.96 -24.90
C GLN B 565 27.23 37.26 -25.98
N GLY B 566 27.36 38.53 -26.37
CA GLY B 566 28.34 38.88 -27.38
C GLY B 566 29.75 38.58 -26.92
N ILE B 567 30.07 38.93 -25.67
CA ILE B 567 31.41 38.65 -25.15
C ILE B 567 31.66 37.16 -25.08
N ILE B 568 30.66 36.38 -24.65
CA ILE B 568 30.84 34.93 -24.58
C ILE B 568 31.10 34.35 -25.97
N LEU B 569 30.31 34.76 -26.96
CA LEU B 569 30.49 34.21 -28.30
C LEU B 569 31.78 34.69 -28.95
N ASP B 570 32.32 35.83 -28.53
CA ASP B 570 33.61 36.26 -29.05
C ASP B 570 34.73 35.28 -28.68
N ASN B 571 34.70 34.74 -27.47
CA ASN B 571 35.60 33.68 -27.07
C ASN B 571 35.10 32.36 -27.64
N ILE B 572 35.57 31.24 -27.09
CA ILE B 572 35.16 29.87 -27.39
C ILE B 572 35.29 29.64 -28.91
N ASP B 573 34.71 28.55 -29.40
CA ASP B 573 34.51 28.22 -30.81
C ASP B 573 35.69 27.44 -31.38
N GLY B 574 35.41 26.67 -32.43
CA GLY B 574 36.37 25.76 -33.02
C GLY B 574 36.51 25.90 -34.53
N GLU B 575 36.27 24.82 -35.25
CA GLU B 575 36.51 24.76 -36.69
C GLU B 575 35.35 25.32 -37.48
N GLY B 576 35.66 26.07 -38.53
CA GLY B 576 34.64 26.54 -39.45
C GLY B 576 33.77 27.66 -38.92
N LEU B 577 34.26 28.46 -37.98
CA LEU B 577 33.46 29.53 -37.39
C LEU B 577 34.07 30.91 -37.62
N ASP B 578 34.88 31.06 -38.66
CA ASP B 578 35.55 32.34 -38.88
C ASP B 578 34.57 33.43 -39.32
N ASP B 579 33.69 33.11 -40.28
CA ASP B 579 32.74 34.11 -40.77
C ASP B 579 31.77 34.53 -39.68
N PHE B 580 31.24 33.57 -38.93
CA PHE B 580 30.30 33.90 -37.87
C PHE B 580 30.96 34.75 -36.80
N LYS B 581 32.20 34.41 -36.41
CA LYS B 581 32.89 35.19 -35.39
C LYS B 581 33.20 36.60 -35.88
N GLU B 582 33.58 36.75 -37.15
CA GLU B 582 33.80 38.09 -37.67
C GLU B 582 32.52 38.91 -37.68
N TYR B 583 31.41 38.30 -38.08
CA TYR B 583 30.13 39.00 -38.06
C TYR B 583 29.76 39.42 -36.64
N ASN B 584 30.03 38.54 -35.67
CA ASN B 584 29.79 38.90 -34.28
C ASN B 584 30.65 40.06 -33.82
N ARG B 585 31.95 40.04 -34.15
CA ARG B 585 32.83 41.08 -33.65
C ARG B 585 32.49 42.43 -34.26
N ASN B 586 32.03 42.44 -35.52
CA ASN B 586 31.62 43.72 -36.11
C ASN B 586 30.52 44.39 -35.30
N GLN B 587 29.46 43.65 -34.99
CA GLN B 587 28.39 44.22 -34.17
C GLN B 587 28.86 44.52 -32.76
N LEU B 588 29.82 43.74 -32.25
CA LEU B 588 30.31 43.99 -30.90
C LEU B 588 31.10 45.28 -30.82
N LEU B 589 31.80 45.66 -31.89
CA LEU B 589 32.59 46.88 -31.85
C LEU B 589 31.88 48.11 -32.37
N ILE B 590 30.86 47.96 -33.22
CA ILE B 590 30.09 49.15 -33.58
C ILE B 590 29.18 49.61 -32.46
N SER B 591 29.05 48.82 -31.40
CA SER B 591 28.24 49.18 -30.24
C SER B 591 29.09 49.69 -29.09
N GLY B 592 30.36 49.98 -29.32
CA GLY B 592 31.23 50.52 -28.29
C GLY B 592 31.52 49.59 -27.14
N ILE B 593 31.73 48.31 -27.42
CA ILE B 593 32.07 47.34 -26.39
C ILE B 593 33.43 46.68 -26.62
N ALA B 594 33.96 46.71 -27.83
CA ALA B 594 35.14 45.92 -28.14
C ALA B 594 36.45 46.68 -28.09
N LYS B 595 36.42 48.02 -28.20
CA LYS B 595 37.65 48.81 -28.17
C LYS B 595 38.60 48.40 -29.28
N PRO B 596 38.35 48.82 -30.52
CA PRO B 596 39.21 48.46 -31.66
C PRO B 596 40.69 48.42 -31.32
N ARG B 597 41.39 47.36 -31.73
CA ARG B 597 42.81 47.22 -31.38
C ARG B 597 43.71 47.85 -32.44
N ASN B 598 43.36 49.07 -32.82
CA ASN B 598 44.25 50.01 -33.49
C ASN B 598 44.96 49.43 -34.72
N GLU B 599 44.27 48.57 -35.47
CA GLU B 599 44.87 48.08 -36.71
C GLU B 599 44.07 48.46 -37.96
N LYS B 600 42.81 48.05 -38.08
CA LYS B 600 42.07 48.38 -39.29
C LYS B 600 40.65 48.85 -39.00
N GLU B 601 40.04 48.33 -37.95
CA GLU B 601 38.63 48.62 -37.71
C GLU B 601 38.41 50.01 -37.16
N GLN B 602 39.38 50.55 -36.41
CA GLN B 602 39.24 51.89 -35.86
C GLN B 602 39.10 52.96 -36.94
N GLN B 603 39.53 52.66 -38.16
CA GLN B 603 39.51 53.63 -39.25
C GLN B 603 38.61 53.23 -40.40
N ILE B 604 38.08 52.01 -40.41
CA ILE B 604 37.31 51.55 -41.55
C ILE B 604 35.86 51.38 -41.14
N VAL B 605 35.59 50.47 -40.22
CA VAL B 605 34.21 50.18 -39.82
C VAL B 605 33.77 51.10 -38.68
N GLN B 606 34.70 51.51 -37.82
CA GLN B 606 34.33 52.42 -36.74
C GLN B 606 34.06 53.82 -37.28
N GLN B 607 34.87 54.27 -38.23
CA GLN B 607 34.63 55.56 -38.86
C GLN B 607 33.32 55.55 -39.63
N ALA B 608 33.04 54.45 -40.34
CA ALA B 608 31.77 54.30 -41.00
C ALA B 608 30.62 54.29 -40.00
N GLN B 609 30.85 53.73 -38.81
CA GLN B 609 29.83 53.79 -37.77
C GLN B 609 29.60 55.21 -37.29
N MET B 610 30.65 56.01 -37.17
CA MET B 610 30.47 57.42 -36.82
C MET B 610 29.67 58.15 -37.91
N ALA B 611 29.99 57.89 -39.17
CA ALA B 611 29.24 58.51 -40.25
C ALA B 611 27.77 58.09 -40.21
N ALA B 612 27.51 56.79 -40.01
CA ALA B 612 26.15 56.28 -39.88
C ALA B 612 25.51 56.67 -38.56
N GLN B 613 26.27 57.28 -37.64
CA GLN B 613 25.67 57.94 -36.49
C GLN B 613 25.24 59.35 -36.85
N SER B 614 26.01 60.03 -37.69
CA SER B 614 25.62 61.31 -38.25
C SER B 614 24.71 61.17 -39.46
N GLN B 615 24.75 60.03 -40.14
CA GLN B 615 23.90 59.81 -41.31
C GLN B 615 22.40 59.89 -41.01
N PRO B 616 21.85 59.22 -39.99
CA PRO B 616 20.40 59.17 -39.84
C PRO B 616 19.82 60.31 -39.00
N ASN B 617 20.62 61.29 -38.62
CA ASN B 617 20.06 62.46 -37.96
C ASN B 617 19.10 63.21 -38.89
N PRO B 618 19.42 63.50 -40.15
CA PRO B 618 18.40 64.03 -41.06
C PRO B 618 17.22 63.09 -41.23
N GLU B 619 17.46 61.78 -41.23
CA GLU B 619 16.36 60.82 -41.40
C GLU B 619 15.39 60.89 -40.23
N MET B 620 15.91 60.99 -39.00
CA MET B 620 15.05 61.00 -37.83
C MET B 620 14.39 62.35 -37.63
N VAL B 621 15.08 63.45 -37.95
CA VAL B 621 14.44 64.75 -37.86
C VAL B 621 13.44 64.92 -38.99
N LEU B 622 13.58 64.13 -40.07
CA LEU B 622 12.55 64.08 -41.09
C LEU B 622 11.26 63.50 -40.53
N ALA B 623 11.38 62.45 -39.71
CA ALA B 623 10.23 61.95 -38.96
C ALA B 623 9.78 62.92 -37.87
N GLN B 624 10.60 63.92 -37.57
CA GLN B 624 10.22 64.99 -36.65
C GLN B 624 10.20 66.36 -37.32
N ALA B 625 10.12 66.41 -38.64
CA ALA B 625 10.06 67.69 -39.35
C ALA B 625 8.63 68.21 -39.49
N GLN B 626 7.63 67.42 -39.11
CA GLN B 626 6.25 67.89 -39.15
C GLN B 626 6.05 69.07 -38.22
N MET B 627 6.73 69.09 -37.08
CA MET B 627 6.75 70.27 -36.24
C MET B 627 8.03 71.09 -36.41
N VAL B 628 8.76 70.89 -37.51
CA VAL B 628 9.85 71.78 -37.91
C VAL B 628 9.40 72.72 -39.02
N ALA B 629 8.54 72.25 -39.92
CA ALA B 629 7.87 73.17 -40.83
C ALA B 629 7.11 74.23 -40.06
N ALA B 630 6.42 73.82 -38.98
CA ALA B 630 5.78 74.78 -38.09
C ALA B 630 6.80 75.70 -37.41
N GLN B 631 7.95 75.18 -37.00
CA GLN B 631 9.02 76.02 -36.47
C GLN B 631 9.36 77.13 -37.45
N ALA B 632 9.62 76.76 -38.70
CA ALA B 632 10.02 77.75 -39.70
C ALA B 632 8.90 78.74 -39.99
N GLU B 633 7.66 78.26 -40.11
CA GLU B 633 6.55 79.15 -40.40
C GLU B 633 6.33 80.15 -39.27
N ALA B 634 6.36 79.69 -38.02
CA ALA B 634 6.23 80.61 -36.89
C ALA B 634 7.42 81.55 -36.81
N GLN B 635 8.63 81.06 -37.08
CA GLN B 635 9.81 81.91 -37.02
C GLN B 635 9.73 83.04 -38.03
N LYS B 636 9.27 82.75 -39.24
CA LYS B 636 9.15 83.83 -40.22
C LYS B 636 7.96 84.74 -39.94
N ALA B 637 6.81 84.19 -39.54
CA ALA B 637 5.70 85.04 -39.16
C ALA B 637 6.04 85.91 -37.96
N THR B 638 7.05 85.52 -37.18
CA THR B 638 7.54 86.32 -36.08
C THR B 638 8.13 87.65 -36.53
N ASN B 639 8.49 87.79 -37.81
CA ASN B 639 9.00 89.04 -38.35
C ASN B 639 8.18 89.59 -39.50
N GLU B 640 7.33 88.76 -40.13
CA GLU B 640 6.56 89.22 -41.28
C GLU B 640 5.35 90.06 -40.88
N THR B 641 4.59 89.59 -39.89
CA THR B 641 3.38 90.30 -39.48
C THR B 641 3.69 91.69 -38.92
N ALA B 642 4.92 91.92 -38.46
CA ALA B 642 5.30 93.26 -37.99
C ALA B 642 5.21 94.29 -39.09
N GLN B 643 5.18 93.86 -40.36
CA GLN B 643 4.90 94.80 -41.43
C GLN B 643 3.55 95.47 -41.23
N THR B 644 2.62 94.81 -40.54
CA THR B 644 1.33 95.45 -40.27
C THR B 644 1.47 96.59 -39.26
N GLN B 645 2.31 96.40 -38.24
CA GLN B 645 2.60 97.50 -37.33
C GLN B 645 3.29 98.65 -38.06
N ILE B 646 4.25 98.31 -38.93
CA ILE B 646 4.93 99.34 -39.69
C ILE B 646 3.95 100.06 -40.62
N LYS B 647 2.99 99.31 -41.19
CA LYS B 647 1.99 99.90 -42.06
C LYS B 647 1.05 100.81 -41.28
N ALA B 648 0.73 100.43 -40.04
CA ALA B 648 -0.08 101.30 -39.19
C ALA B 648 0.68 102.59 -38.87
N PHE B 649 1.99 102.48 -38.61
CA PHE B 649 2.79 103.67 -38.37
C PHE B 649 2.82 104.57 -39.61
N THR B 650 2.97 103.97 -40.79
CA THR B 650 2.94 104.72 -42.04
C THR B 650 1.59 105.38 -42.25
N ALA B 651 0.51 104.67 -41.92
CA ALA B 651 -0.83 105.23 -42.07
C ALA B 651 -1.07 106.37 -41.10
N GLN B 652 -0.51 106.30 -39.88
CA GLN B 652 -0.59 107.42 -38.96
C GLN B 652 0.17 108.64 -39.50
N GLN B 653 1.35 108.41 -40.06
CA GLN B 653 2.08 109.51 -40.67
C GLN B 653 1.29 110.13 -41.82
N ASP B 654 0.69 109.29 -42.66
CA ASP B 654 -0.13 109.78 -43.76
C ASP B 654 -1.37 110.51 -43.24
N ALA B 655 -1.88 110.08 -42.08
CA ALA B 655 -3.01 110.76 -41.47
C ALA B 655 -2.62 112.16 -41.00
N MET B 656 -1.44 112.30 -40.41
CA MET B 656 -0.95 113.63 -40.05
C MET B 656 -0.78 114.50 -41.29
N GLU B 657 -0.21 113.92 -42.36
CA GLU B 657 -0.13 114.65 -43.63
C GLU B 657 -1.49 115.11 -44.10
N SER B 658 -2.46 114.20 -44.16
CA SER B 658 -3.79 114.55 -44.63
C SER B 658 -4.46 115.55 -43.71
N GLN B 659 -4.11 115.53 -42.43
CA GLN B 659 -4.62 116.56 -41.52
C GLN B 659 -4.12 117.94 -41.95
N ALA B 660 -2.81 118.05 -42.18
CA ALA B 660 -2.28 119.32 -42.67
C ALA B 660 -2.89 119.72 -44.02
N ASN B 661 -3.02 118.75 -44.92
CA ASN B 661 -3.50 119.04 -46.27
C ASN B 661 -4.94 119.52 -46.24
N THR B 662 -5.79 118.89 -45.42
CA THR B 662 -7.19 119.27 -45.38
C THR B 662 -7.37 120.57 -44.61
N VAL B 663 -6.51 120.84 -43.63
CA VAL B 663 -6.52 122.17 -43.02
C VAL B 663 -6.21 123.23 -44.05
N TYR B 664 -5.23 122.96 -44.91
CA TYR B 664 -4.94 123.88 -46.01
C TYR B 664 -6.14 123.98 -46.97
N LYS B 665 -6.81 122.86 -47.22
CA LYS B 665 -8.00 122.87 -48.08
C LYS B 665 -9.09 123.77 -47.50
N LEU B 666 -9.32 123.69 -46.20
CA LEU B 666 -10.24 124.60 -45.53
C LEU B 666 -9.76 126.04 -45.55
N ALA B 667 -8.45 126.27 -45.56
CA ALA B 667 -7.91 127.62 -45.70
C ALA B 667 -8.13 128.20 -47.08
N GLN B 668 -8.00 127.38 -48.14
CA GLN B 668 -8.09 127.89 -49.50
C GLN B 668 -9.54 128.14 -49.91
N ALA B 669 -10.47 127.29 -49.48
CA ALA B 669 -11.84 127.34 -49.98
C ALA B 669 -12.55 128.62 -49.59
N ARG B 670 -12.06 129.34 -48.57
CA ARG B 670 -12.65 130.63 -48.23
C ARG B 670 -12.43 131.65 -49.34
N ASN B 671 -11.29 131.57 -50.01
CA ASN B 671 -10.93 132.49 -51.10
C ASN B 671 -10.92 133.93 -50.62
N MET C 1 82.53 -1.62 -33.44
CA MET C 1 81.92 -2.39 -32.36
C MET C 1 80.42 -2.52 -32.61
N ALA C 2 79.96 -1.87 -33.67
CA ALA C 2 78.53 -1.73 -33.95
C ALA C 2 78.21 -2.44 -35.27
N GLU C 3 76.98 -2.20 -35.76
CA GLU C 3 76.44 -2.81 -36.97
C GLU C 3 76.87 -4.26 -37.11
N THR C 4 77.72 -4.55 -38.10
CA THR C 4 78.21 -5.92 -38.29
C THR C 4 78.92 -6.42 -37.04
N LEU C 5 79.75 -5.58 -36.42
CA LEU C 5 80.37 -5.94 -35.16
C LEU C 5 79.29 -6.02 -34.09
N GLU C 6 79.06 -7.23 -33.59
CA GLU C 6 77.88 -7.52 -32.80
C GLU C 6 78.00 -7.08 -31.35
N LYS C 7 79.04 -6.35 -30.98
CA LYS C 7 79.17 -5.91 -29.59
C LYS C 7 77.98 -5.07 -29.15
N LYS C 8 77.29 -4.43 -30.08
CA LYS C 8 76.01 -3.81 -29.76
C LYS C 8 74.94 -4.84 -29.42
N HIS C 9 75.01 -6.01 -30.04
CA HIS C 9 73.94 -6.99 -29.86
C HIS C 9 73.91 -7.56 -28.46
N GLU C 10 75.07 -7.82 -27.85
CA GLU C 10 75.06 -8.30 -26.48
C GLU C 10 74.47 -7.27 -25.54
N ARG C 11 74.78 -5.99 -25.74
CA ARG C 11 74.19 -4.97 -24.89
C ARG C 11 72.69 -4.93 -25.07
N ILE C 12 72.21 -5.04 -26.31
CA ILE C 12 70.77 -5.04 -26.55
C ILE C 12 70.12 -6.23 -25.85
N MET C 13 70.71 -7.41 -25.97
CA MET C 13 70.10 -8.59 -25.39
C MET C 13 70.13 -8.54 -23.86
N LEU C 14 71.20 -7.99 -23.27
CA LEU C 14 71.23 -7.80 -21.83
C LEU C 14 70.15 -6.83 -21.38
N ARG C 15 69.95 -5.76 -22.14
CA ARG C 15 68.89 -4.81 -21.80
C ARG C 15 67.52 -5.48 -21.85
N PHE C 16 67.32 -6.40 -22.79
CA PHE C 16 66.05 -7.10 -22.83
C PHE C 16 65.78 -7.87 -21.54
N ASP C 17 66.75 -8.63 -21.05
CA ASP C 17 66.53 -9.37 -19.82
C ASP C 17 66.38 -8.44 -18.63
N ARG C 18 67.08 -7.32 -18.63
CA ARG C 18 66.88 -6.38 -17.52
C ARG C 18 65.49 -5.79 -17.52
N ALA C 19 64.91 -5.55 -18.69
CA ALA C 19 63.55 -5.03 -18.76
C ALA C 19 62.49 -6.09 -18.49
N TYR C 20 62.78 -7.34 -18.82
CA TYR C 20 61.77 -8.39 -18.71
C TYR C 20 61.59 -8.85 -17.27
N SER C 21 62.67 -8.89 -16.49
CA SER C 21 62.62 -9.53 -15.18
C SER C 21 61.66 -8.86 -14.19
N PRO C 22 61.68 -7.54 -13.98
CA PRO C 22 60.79 -6.96 -12.96
C PRO C 22 59.33 -7.11 -13.29
N GLN C 23 58.95 -6.82 -14.53
CA GLN C 23 57.55 -6.85 -14.96
C GLN C 23 57.15 -8.23 -15.45
N LYS C 24 57.46 -9.26 -14.68
CA LYS C 24 57.24 -10.64 -15.09
C LYS C 24 56.00 -11.24 -14.47
N GLU C 25 55.82 -11.07 -13.16
CA GLU C 25 54.62 -11.56 -12.50
C GLU C 25 53.43 -10.64 -12.68
N VAL C 26 53.66 -9.37 -13.03
CA VAL C 26 52.54 -8.45 -13.24
C VAL C 26 51.80 -8.79 -14.52
N ARG C 27 52.53 -9.07 -15.60
CA ARG C 27 51.90 -9.33 -16.88
C ARG C 27 51.23 -10.70 -16.93
N GLU C 28 51.68 -11.64 -16.10
CA GLU C 28 51.02 -12.93 -16.04
C GLU C 28 49.57 -12.79 -15.59
N LYS C 29 49.32 -11.91 -14.62
CA LYS C 29 47.95 -11.66 -14.20
C LYS C 29 47.11 -11.05 -15.32
N CYS C 30 47.68 -10.13 -16.08
CA CYS C 30 46.93 -9.53 -17.19
C CYS C 30 46.53 -10.58 -18.21
N ILE C 31 47.49 -11.42 -18.59
CA ILE C 31 47.20 -12.47 -19.57
C ILE C 31 46.16 -13.44 -19.02
N GLU C 32 46.32 -13.83 -17.76
CA GLU C 32 45.37 -14.75 -17.15
C GLU C 32 43.97 -14.17 -17.11
N ALA C 33 43.86 -12.86 -16.81
CA ALA C 33 42.54 -12.24 -16.77
C ALA C 33 41.89 -12.20 -18.14
N THR C 34 42.62 -11.76 -19.16
CA THR C 34 42.01 -11.71 -20.49
C THR C 34 41.56 -13.10 -20.93
N ARG C 35 42.41 -14.10 -20.72
CA ARG C 35 42.05 -15.47 -21.09
C ARG C 35 40.89 -15.99 -20.25
N PHE C 36 40.82 -15.60 -18.98
CA PHE C 36 39.74 -16.01 -18.10
C PHE C 36 38.40 -15.45 -18.55
N ALA C 37 38.41 -14.25 -19.11
CA ALA C 37 37.17 -13.62 -19.52
C ALA C 37 36.72 -13.96 -20.93
N ARG C 38 37.64 -14.31 -21.83
CA ARG C 38 37.27 -14.42 -23.24
C ARG C 38 37.32 -15.84 -23.80
N VAL C 39 38.35 -16.60 -23.51
CA VAL C 39 38.51 -17.93 -24.11
C VAL C 39 37.42 -18.87 -23.59
N PRO C 40 36.75 -19.63 -24.46
CA PRO C 40 35.56 -20.38 -24.01
C PRO C 40 35.80 -21.36 -22.87
N GLY C 41 36.94 -22.03 -22.83
CA GLY C 41 37.18 -22.97 -21.76
C GLY C 41 38.13 -22.44 -20.70
N GLY C 42 38.39 -21.13 -20.72
CA GLY C 42 39.49 -20.56 -19.97
C GLY C 42 39.26 -20.38 -18.49
N GLN C 43 38.04 -20.57 -18.01
CA GLN C 43 37.79 -20.39 -16.59
C GLN C 43 38.26 -21.57 -15.75
N TRP C 44 38.48 -22.73 -16.36
CA TRP C 44 38.91 -23.92 -15.65
C TRP C 44 40.35 -24.27 -15.94
N GLU C 45 41.11 -23.39 -16.59
CA GLU C 45 42.48 -23.71 -16.95
C GLU C 45 43.32 -23.88 -15.70
N GLY C 46 44.16 -24.90 -15.71
CA GLY C 46 44.89 -25.27 -14.51
C GLY C 46 44.49 -26.67 -14.06
N ALA C 47 43.21 -26.99 -14.14
CA ALA C 47 42.75 -28.35 -13.89
C ALA C 47 42.54 -29.13 -15.18
N THR C 48 41.59 -28.69 -16.02
CA THR C 48 41.28 -29.35 -17.28
C THR C 48 41.22 -30.87 -17.16
N ALA C 49 42.37 -31.53 -17.27
CA ALA C 49 42.45 -32.98 -17.19
C ALA C 49 42.66 -33.39 -15.74
N ALA C 50 41.57 -33.54 -15.00
CA ALA C 50 41.62 -33.97 -13.61
C ALA C 50 40.53 -35.00 -13.36
N GLY C 51 40.88 -36.08 -12.68
CA GLY C 51 39.92 -37.14 -12.45
C GLY C 51 40.50 -38.21 -11.56
N THR C 52 39.75 -39.29 -11.41
CA THR C 52 40.17 -40.44 -10.61
C THR C 52 40.03 -41.73 -11.40
N LYS C 53 40.61 -42.80 -10.85
CA LYS C 53 40.65 -44.08 -11.55
C LYS C 53 39.27 -44.65 -11.73
N LEU C 54 38.50 -44.78 -10.66
CA LEU C 54 37.10 -45.19 -10.74
C LEU C 54 36.94 -46.54 -11.45
N ASP C 55 37.50 -47.58 -10.82
CA ASP C 55 37.49 -48.95 -11.35
C ASP C 55 38.25 -49.07 -12.66
N GLU C 56 39.53 -48.72 -12.62
CA GLU C 56 40.44 -48.87 -13.76
C GLU C 56 39.92 -48.17 -15.00
N GLN C 57 39.56 -46.90 -14.83
CA GLN C 57 39.23 -46.02 -15.94
C GLN C 57 39.82 -44.66 -15.62
N PHE C 58 39.49 -43.63 -16.38
CA PHE C 58 39.88 -42.29 -15.98
C PHE C 58 38.76 -41.29 -16.24
N GLU C 59 37.57 -41.57 -15.73
CA GLU C 59 36.51 -40.58 -15.82
C GLU C 59 36.96 -39.29 -15.17
N LYS C 60 36.71 -38.17 -15.84
CA LYS C 60 37.12 -36.86 -15.39
C LYS C 60 35.96 -36.13 -14.76
N TYR C 61 36.27 -35.22 -13.85
CA TYR C 61 35.24 -34.46 -13.18
C TYR C 61 34.51 -33.56 -14.17
N PRO C 62 33.19 -33.42 -14.05
CA PRO C 62 32.48 -32.46 -14.90
C PRO C 62 32.85 -31.04 -14.52
N LYS C 63 33.08 -30.21 -15.53
CA LYS C 63 33.57 -28.85 -15.34
C LYS C 63 32.68 -27.90 -16.12
N PHE C 64 31.57 -27.50 -15.51
CA PHE C 64 30.66 -26.56 -16.15
C PHE C 64 31.14 -25.14 -15.97
N GLU C 65 30.70 -24.26 -16.87
CA GLU C 65 31.17 -22.89 -16.91
C GLU C 65 30.01 -21.96 -17.18
N ILE C 66 29.75 -21.04 -16.25
CA ILE C 66 28.64 -20.09 -16.35
C ILE C 66 29.25 -18.70 -16.21
N ASN C 67 29.59 -18.08 -17.34
CA ASN C 67 30.35 -16.84 -17.34
C ASN C 67 29.45 -15.68 -16.97
N LYS C 68 29.66 -15.11 -15.79
CA LYS C 68 28.89 -13.96 -15.35
C LYS C 68 29.74 -12.74 -15.05
N VAL C 69 31.04 -12.78 -15.33
CA VAL C 69 31.90 -11.64 -15.06
C VAL C 69 32.07 -10.73 -16.26
N ALA C 70 31.50 -11.08 -17.41
CA ALA C 70 31.73 -10.32 -18.62
C ALA C 70 30.67 -9.26 -18.91
N THR C 71 29.53 -9.29 -18.21
CA THR C 71 28.45 -8.37 -18.54
C THR C 71 28.87 -6.92 -18.26
N GLU C 72 29.44 -6.67 -17.08
CA GLU C 72 29.87 -5.31 -16.75
C GLU C 72 31.00 -4.85 -17.65
N LEU C 73 31.90 -5.76 -18.03
CA LEU C 73 32.96 -5.41 -18.95
C LEU C 73 32.40 -4.98 -20.30
N ASN C 74 31.42 -5.72 -20.81
CA ASN C 74 30.79 -5.34 -22.07
C ASN C 74 30.07 -4.00 -21.95
N ARG C 75 29.43 -3.75 -20.81
CA ARG C 75 28.79 -2.46 -20.60
C ARG C 75 29.82 -1.33 -20.66
N ILE C 76 30.95 -1.51 -20.00
CA ILE C 76 31.99 -0.48 -20.02
C ILE C 76 32.50 -0.25 -21.43
N ILE C 77 32.74 -1.32 -22.19
CA ILE C 77 33.26 -1.16 -23.54
C ILE C 77 32.26 -0.44 -24.43
N ALA C 78 30.98 -0.77 -24.29
CA ALA C 78 29.94 -0.07 -25.05
C ALA C 78 29.90 1.40 -24.70
N GLU C 79 30.09 1.74 -23.42
CA GLU C 79 30.14 3.14 -23.03
C GLU C 79 31.19 3.92 -23.80
N TYR C 80 32.38 3.36 -24.00
CA TYR C 80 33.38 4.06 -24.78
C TYR C 80 33.04 4.06 -26.26
N ARG C 81 32.63 2.93 -26.82
CA ARG C 81 32.35 2.90 -28.26
C ARG C 81 31.21 3.81 -28.64
N ASN C 82 30.39 4.22 -27.68
CA ASN C 82 29.37 5.23 -27.97
C ASN C 82 29.98 6.62 -28.11
N ASN C 83 30.93 6.96 -27.26
CA ASN C 83 31.55 8.29 -27.24
C ASN C 83 33.06 8.12 -27.31
N ARG C 84 33.64 8.40 -28.48
CA ARG C 84 34.97 7.87 -28.77
C ARG C 84 36.13 8.79 -28.39
N ILE C 85 35.94 10.11 -28.42
CA ILE C 85 36.89 11.16 -28.04
C ILE C 85 38.24 11.09 -28.76
N THR C 86 38.81 12.26 -29.07
CA THR C 86 40.06 12.34 -29.83
C THR C 86 40.79 13.62 -29.42
N VAL C 87 41.84 13.97 -30.17
CA VAL C 87 42.68 15.12 -29.85
C VAL C 87 42.03 16.40 -30.34
N LYS C 88 42.34 17.53 -29.69
CA LYS C 88 41.61 18.77 -29.90
C LYS C 88 42.46 19.91 -30.46
N PHE C 89 43.61 20.21 -29.87
CA PHE C 89 44.47 21.34 -30.28
C PHE C 89 43.74 22.68 -30.11
N ARG C 90 43.54 23.05 -28.84
CA ARG C 90 42.95 24.34 -28.52
C ARG C 90 43.86 25.48 -28.96
N PRO C 91 43.30 26.63 -29.32
CA PRO C 91 44.13 27.78 -29.70
C PRO C 91 44.69 28.52 -28.51
N GLY C 92 45.38 29.62 -28.77
CA GLY C 92 45.91 30.46 -27.71
C GLY C 92 45.48 31.91 -27.86
N ASP C 93 46.17 32.82 -27.19
CA ASP C 93 45.86 34.25 -27.25
C ASP C 93 46.91 34.90 -28.15
N ARG C 94 46.62 34.97 -29.43
CA ARG C 94 47.56 35.52 -30.39
C ARG C 94 46.77 35.92 -31.64
N GLU C 95 47.44 36.68 -32.51
CA GLU C 95 46.78 37.16 -33.71
C GLU C 95 46.43 36.03 -34.67
N ALA C 96 47.28 35.01 -34.77
CA ALA C 96 47.12 34.00 -35.80
C ALA C 96 46.95 32.58 -35.25
N SER C 97 46.79 32.41 -33.93
CA SER C 97 46.71 31.07 -33.39
C SER C 97 45.45 30.33 -33.81
N GLU C 98 44.39 31.05 -34.17
CA GLU C 98 43.15 30.39 -34.59
C GLU C 98 43.36 29.58 -35.86
N GLU C 99 43.93 30.19 -36.89
CA GLU C 99 44.17 29.47 -38.13
C GLU C 99 45.16 28.34 -37.94
N LEU C 100 46.17 28.55 -37.09
CA LEU C 100 47.12 27.50 -36.80
C LEU C 100 46.44 26.29 -36.18
N ALA C 101 45.58 26.52 -35.19
CA ALA C 101 44.87 25.42 -34.57
C ALA C 101 43.97 24.70 -35.57
N ASN C 102 43.27 25.47 -36.41
CA ASN C 102 42.40 24.84 -37.40
C ASN C 102 43.19 23.95 -38.35
N LYS C 103 44.30 24.46 -38.86
CA LYS C 103 45.12 23.67 -39.77
C LYS C 103 45.66 22.42 -39.09
N LEU C 104 46.12 22.55 -37.85
CA LEU C 104 46.71 21.42 -37.15
C LEU C 104 45.69 20.32 -36.92
N ASN C 105 44.52 20.66 -36.41
CA ASN C 105 43.58 19.58 -36.14
C ASN C 105 42.74 19.20 -37.35
N GLY C 106 42.95 19.84 -38.50
CA GLY C 106 42.54 19.24 -39.75
C GLY C 106 43.52 18.21 -40.26
N LEU C 107 44.82 18.52 -40.18
CA LEU C 107 45.84 17.54 -40.58
C LEU C 107 45.76 16.29 -39.70
N PHE C 108 45.56 16.46 -38.40
CA PHE C 108 45.48 15.29 -37.53
C PHE C 108 44.28 14.42 -37.88
N ARG C 109 43.14 15.03 -38.17
CA ARG C 109 41.99 14.24 -38.58
C ARG C 109 42.26 13.49 -39.86
N ALA C 110 42.93 14.14 -40.82
CA ALA C 110 43.26 13.44 -42.06
C ALA C 110 44.14 12.24 -41.78
N ASP C 111 45.14 12.38 -40.91
CA ASP C 111 46.01 11.25 -40.59
C ASP C 111 45.26 10.14 -39.87
N TYR C 112 44.34 10.50 -38.98
CA TYR C 112 43.63 9.52 -38.19
C TYR C 112 42.61 8.74 -39.04
N GLU C 113 41.92 9.41 -39.95
CA GLU C 113 40.87 8.75 -40.72
C GLU C 113 41.44 7.84 -41.81
N GLU C 114 42.46 8.29 -42.53
CA GLU C 114 42.97 7.54 -43.67
C GLU C 114 43.96 6.45 -43.28
N THR C 115 44.04 6.11 -42.00
CA THR C 115 44.88 5.04 -41.51
C THR C 115 44.12 4.29 -40.43
N ASP C 116 44.81 3.50 -39.62
CA ASP C 116 44.16 2.57 -38.72
C ASP C 116 43.97 3.19 -37.34
N GLY C 117 43.61 4.47 -37.28
CA GLY C 117 43.44 5.13 -35.99
C GLY C 117 42.31 4.57 -35.16
N GLY C 118 41.14 4.38 -35.77
CA GLY C 118 40.00 3.91 -35.01
C GLY C 118 40.20 2.50 -34.48
N GLU C 119 40.72 1.62 -35.33
CA GLU C 119 41.02 0.27 -34.89
C GLU C 119 42.04 0.25 -33.77
N ALA C 120 43.09 1.08 -33.88
CA ALA C 120 44.11 1.12 -32.84
C ALA C 120 43.52 1.57 -31.51
N CYS C 121 42.72 2.64 -31.53
CA CYS C 121 42.14 3.11 -30.27
C CYS C 121 41.18 2.10 -29.67
N ASP C 122 40.34 1.48 -30.50
CA ASP C 122 39.40 0.49 -29.97
C ASP C 122 40.14 -0.69 -29.36
N ASN C 123 41.16 -1.19 -30.05
CA ASN C 123 41.91 -2.32 -29.51
C ASN C 123 42.60 -1.96 -28.21
N ALA C 124 43.21 -0.77 -28.16
CA ALA C 124 43.89 -0.35 -26.95
C ALA C 124 42.94 -0.25 -25.77
N PHE C 125 41.78 0.37 -25.97
CA PHE C 125 40.83 0.50 -24.87
C PHE C 125 40.30 -0.85 -24.43
N ASP C 126 40.02 -1.74 -25.38
CA ASP C 126 39.52 -3.06 -25.03
C ASP C 126 40.53 -3.81 -24.17
N ASP C 127 41.80 -3.77 -24.55
CA ASP C 127 42.82 -4.46 -23.77
C ASP C 127 43.03 -3.82 -22.41
N ALA C 128 42.96 -2.48 -22.36
CA ALA C 128 43.12 -1.79 -21.08
C ALA C 128 42.00 -2.14 -20.11
N ALA C 129 40.76 -2.20 -20.61
CA ALA C 129 39.65 -2.51 -19.72
C ALA C 129 39.58 -3.98 -19.34
N THR C 130 40.03 -4.88 -20.21
CA THR C 130 39.96 -6.30 -19.88
C THR C 130 41.07 -6.74 -18.94
N GLY C 131 42.32 -6.62 -19.37
CA GLY C 131 43.43 -7.08 -18.58
C GLY C 131 44.05 -6.00 -17.72
N GLY C 132 44.30 -4.84 -18.32
CA GLY C 132 44.83 -3.73 -17.56
C GLY C 132 45.91 -2.95 -18.28
N PHE C 133 46.35 -3.44 -19.44
CA PHE C 133 47.42 -2.77 -20.17
C PHE C 133 47.09 -2.79 -21.66
N GLY C 134 47.33 -1.66 -22.33
CA GLY C 134 47.14 -1.57 -23.76
C GLY C 134 48.08 -0.54 -24.35
N CYS C 135 48.24 -0.59 -25.67
CA CYS C 135 49.22 0.27 -26.31
C CYS C 135 48.87 0.42 -27.78
N PHE C 136 49.37 1.48 -28.39
CA PHE C 136 49.33 1.63 -29.84
C PHE C 136 50.52 2.45 -30.29
N ARG C 137 50.84 2.32 -31.57
CA ARG C 137 52.07 2.85 -32.14
C ARG C 137 51.76 4.07 -33.00
N LEU C 138 52.82 4.80 -33.35
CA LEU C 138 52.70 6.02 -34.14
C LEU C 138 53.92 6.09 -35.05
N THR C 139 53.79 5.64 -36.28
CA THR C 139 54.92 5.51 -37.20
C THR C 139 54.80 6.55 -38.31
N SER C 140 55.74 6.50 -39.25
CA SER C 140 55.75 7.38 -40.42
C SER C 140 56.00 6.54 -41.66
N MET C 141 54.97 6.38 -42.48
CA MET C 141 55.04 5.55 -43.67
C MET C 141 55.15 6.42 -44.91
N LEU C 142 55.55 5.79 -46.01
CA LEU C 142 55.86 6.48 -47.26
C LEU C 142 54.69 6.32 -48.23
N VAL C 143 54.09 7.44 -48.61
CA VAL C 143 53.06 7.46 -49.65
C VAL C 143 52.80 8.88 -50.11
N ARG C 152 54.99 13.29 -49.93
CA ARG C 152 55.43 11.92 -50.16
C ARG C 152 55.86 11.24 -48.86
N GLN C 153 55.58 11.90 -47.74
CA GLN C 153 55.77 11.32 -46.42
C GLN C 153 54.52 11.56 -45.59
N ARG C 154 54.26 10.65 -44.67
CA ARG C 154 53.01 10.69 -43.93
C ARG C 154 53.23 10.13 -42.54
N ILE C 155 52.39 10.55 -41.60
CA ILE C 155 52.37 10.00 -40.25
C ILE C 155 51.15 9.09 -40.13
N ALA C 156 51.37 7.86 -39.71
CA ALA C 156 50.31 6.88 -39.60
C ALA C 156 50.19 6.37 -38.17
N ILE C 157 48.98 5.98 -37.80
CA ILE C 157 48.69 5.42 -36.47
C ILE C 157 48.36 3.95 -36.66
N GLU C 158 49.03 3.09 -35.90
CA GLU C 158 48.91 1.66 -36.08
C GLU C 158 48.57 0.97 -34.76
N PRO C 159 47.85 -0.13 -34.81
CA PRO C 159 47.55 -0.88 -33.59
C PRO C 159 48.67 -1.84 -33.22
N ILE C 160 48.68 -2.21 -31.94
CA ILE C 160 49.60 -3.21 -31.39
C ILE C 160 48.78 -4.32 -30.79
N TYR C 161 49.07 -5.55 -31.18
CA TYR C 161 48.31 -6.72 -30.73
C TYR C 161 49.11 -7.50 -29.71
N ASP C 162 48.45 -7.90 -28.63
CA ASP C 162 49.05 -8.56 -27.48
C ASP C 162 50.04 -7.65 -26.78
N PRO C 163 49.62 -6.51 -26.26
CA PRO C 163 50.58 -5.60 -25.62
C PRO C 163 51.18 -6.16 -24.35
N SER C 164 50.49 -7.07 -23.67
CA SER C 164 50.99 -7.56 -22.39
C SER C 164 52.30 -8.30 -22.55
N ARG C 165 52.46 -9.05 -23.63
CA ARG C 165 53.65 -9.85 -23.86
C ARG C 165 54.51 -9.33 -25.00
N SER C 166 54.36 -8.07 -25.37
CA SER C 166 55.06 -7.53 -26.52
C SER C 166 55.82 -6.24 -26.23
N VAL C 167 55.34 -5.40 -25.33
CA VAL C 167 55.94 -4.10 -25.10
C VAL C 167 56.68 -4.10 -23.76
N TRP C 168 57.96 -3.76 -23.80
CA TRP C 168 58.80 -3.71 -22.61
C TRP C 168 59.58 -2.42 -22.62
N PHE C 169 59.61 -1.73 -21.49
CA PHE C 169 60.21 -0.41 -21.38
C PHE C 169 61.46 -0.46 -20.51
N ASP C 170 62.16 0.67 -20.50
CA ASP C 170 63.25 0.88 -19.56
C ASP C 170 62.73 0.79 -18.13
N PRO C 171 63.31 -0.05 -17.27
CA PRO C 171 62.80 -0.17 -15.90
C PRO C 171 63.02 1.07 -15.06
N ASP C 172 63.69 2.08 -15.62
CA ASP C 172 63.93 3.33 -14.92
C ASP C 172 62.88 4.39 -15.21
N ALA C 173 61.93 4.13 -16.09
CA ALA C 173 60.85 5.06 -16.35
C ALA C 173 59.71 4.82 -15.38
N LYS C 174 59.24 5.89 -14.74
CA LYS C 174 58.24 5.76 -13.70
C LYS C 174 56.95 6.49 -14.00
N LYS C 175 56.95 7.45 -14.92
CA LYS C 175 55.77 8.26 -15.15
C LYS C 175 54.72 7.46 -15.92
N TYR C 176 53.51 8.01 -15.95
CA TYR C 176 52.40 7.32 -16.61
C TYR C 176 52.69 7.10 -18.08
N ASP C 177 53.20 8.12 -18.76
CA ASP C 177 53.40 8.07 -20.20
C ASP C 177 54.80 7.63 -20.59
N LYS C 178 55.64 7.25 -19.64
CA LYS C 178 56.99 6.77 -19.92
C LYS C 178 57.80 7.80 -20.69
N SER C 179 57.63 9.07 -20.34
CA SER C 179 58.38 10.12 -21.00
C SER C 179 59.86 10.00 -20.73
N ASP C 180 60.23 9.61 -19.51
CA ASP C 180 61.63 9.55 -19.09
C ASP C 180 62.25 8.18 -19.33
N ALA C 181 62.06 7.64 -20.54
CA ALA C 181 62.60 6.34 -20.90
C ALA C 181 63.65 6.52 -21.99
N LEU C 182 64.64 5.63 -21.98
CA LEU C 182 65.74 5.73 -22.93
C LEU C 182 65.76 4.61 -23.96
N TRP C 183 64.97 3.56 -23.78
CA TRP C 183 64.86 2.52 -24.80
C TRP C 183 63.59 1.72 -24.53
N ALA C 184 63.15 0.97 -25.54
CA ALA C 184 61.96 0.16 -25.42
C ALA C 184 62.00 -0.94 -26.47
N PHE C 185 61.14 -1.93 -26.29
CA PHE C 185 61.05 -3.08 -27.17
C PHE C 185 59.62 -3.29 -27.63
N CYS C 186 59.45 -3.86 -28.81
CA CYS C 186 58.13 -4.16 -29.37
C CYS C 186 58.21 -5.45 -30.18
N MET C 187 57.74 -6.54 -29.60
CA MET C 187 57.80 -7.85 -30.24
C MET C 187 56.58 -8.08 -31.11
N TYR C 188 56.74 -8.89 -32.14
CA TYR C 188 55.62 -9.36 -32.93
C TYR C 188 55.98 -10.70 -33.57
N SER C 189 54.96 -11.54 -33.73
CA SER C 189 55.14 -12.88 -34.27
C SER C 189 55.11 -12.84 -35.79
N LEU C 190 55.67 -13.89 -36.40
CA LEU C 190 55.89 -13.93 -37.83
C LEU C 190 55.85 -15.38 -38.28
N SER C 191 55.67 -15.57 -39.58
CA SER C 191 55.67 -16.91 -40.16
C SER C 191 56.96 -17.16 -40.93
N PRO C 192 57.39 -18.42 -41.03
CA PRO C 192 58.64 -18.73 -41.72
C PRO C 192 58.68 -18.26 -43.17
N GLU C 193 57.55 -18.35 -43.85
CA GLU C 193 57.47 -17.91 -45.24
C GLU C 193 57.56 -16.40 -45.39
N LYS C 194 56.90 -15.65 -44.51
CA LYS C 194 57.04 -14.21 -44.54
C LYS C 194 58.42 -13.75 -44.09
N TYR C 195 59.05 -14.47 -43.17
CA TYR C 195 60.46 -14.24 -42.88
C TYR C 195 61.33 -14.55 -44.08
N GLU C 196 60.93 -15.51 -44.90
CA GLU C 196 61.70 -15.86 -46.08
C GLU C 196 61.58 -14.82 -47.18
N ALA C 197 60.39 -14.24 -47.37
CA ALA C 197 60.17 -13.28 -48.43
C ALA C 197 61.13 -12.10 -48.31
N GLU C 198 61.01 -11.36 -47.22
CA GLU C 198 61.97 -10.31 -46.88
C GLU C 198 63.07 -10.90 -46.03
N TYR C 199 64.05 -10.07 -45.66
CA TYR C 199 65.19 -10.53 -44.87
C TYR C 199 65.97 -11.65 -45.55
N GLY C 200 65.64 -11.97 -46.80
CA GLY C 200 66.43 -12.88 -47.59
C GLY C 200 66.31 -14.32 -47.12
N LYS C 201 67.14 -15.17 -47.73
CA LYS C 201 67.21 -16.58 -47.39
C LYS C 201 67.53 -16.75 -45.91
N LYS C 202 68.69 -16.23 -45.49
CA LYS C 202 69.10 -16.13 -44.10
C LYS C 202 69.29 -17.51 -43.50
N PRO C 203 69.99 -17.63 -42.38
CA PRO C 203 69.95 -18.86 -41.60
C PRO C 203 68.51 -19.21 -41.22
N PRO C 204 68.30 -20.40 -40.65
CA PRO C 204 66.93 -20.87 -40.44
C PRO C 204 66.19 -20.16 -39.30
N THR C 205 66.66 -18.98 -38.90
CA THR C 205 66.02 -18.05 -37.97
C THR C 205 66.37 -18.39 -36.52
N SER C 206 66.54 -17.37 -35.69
CA SER C 206 66.72 -17.55 -34.24
C SER C 206 65.75 -16.59 -33.55
N LEU C 207 64.60 -17.11 -33.13
CA LEU C 207 63.59 -16.26 -32.52
C LEU C 207 63.96 -15.90 -31.08
N ASP C 208 63.34 -14.85 -30.58
CA ASP C 208 63.52 -14.44 -29.20
C ASP C 208 62.82 -15.40 -28.26
N VAL C 209 63.16 -15.31 -26.98
CA VAL C 209 62.62 -16.20 -25.95
C VAL C 209 62.12 -15.38 -24.77
N THR C 210 60.92 -15.69 -24.30
CA THR C 210 60.37 -15.10 -23.07
C THR C 210 60.03 -16.13 -22.01
N SER C 211 59.72 -17.37 -22.42
CA SER C 211 59.20 -18.39 -21.51
C SER C 211 57.97 -17.85 -20.77
N MET C 212 57.10 -17.18 -21.51
CA MET C 212 56.02 -16.38 -20.96
C MET C 212 54.66 -17.06 -21.05
N THR C 213 54.19 -17.36 -22.25
CA THR C 213 52.88 -17.91 -22.47
C THR C 213 52.94 -19.43 -22.63
N SER C 214 51.84 -20.02 -23.09
CA SER C 214 51.56 -21.45 -23.07
C SER C 214 51.37 -21.92 -21.63
N TRP C 215 51.43 -20.97 -20.70
CA TRP C 215 51.16 -21.27 -19.30
C TRP C 215 49.67 -21.57 -19.18
N GLU C 216 49.34 -22.86 -19.05
CA GLU C 216 47.98 -23.36 -19.13
C GLU C 216 47.37 -23.08 -20.51
N TYR C 217 47.94 -23.72 -21.54
CA TYR C 217 47.51 -23.58 -22.93
C TYR C 217 48.21 -24.60 -23.84
N ASN C 218 47.58 -24.92 -24.97
CA ASN C 218 48.11 -25.91 -25.90
C ASN C 218 48.71 -25.23 -27.12
N TRP C 219 49.90 -25.69 -27.50
CA TRP C 219 50.57 -25.19 -28.69
C TRP C 219 50.58 -26.28 -29.75
N PHE C 220 50.33 -25.86 -30.99
CA PHE C 220 50.30 -26.75 -32.14
C PHE C 220 51.05 -26.12 -33.31
N GLY C 221 51.29 -24.81 -33.23
CA GLY C 221 51.89 -24.09 -34.33
C GLY C 221 53.37 -23.83 -34.14
N ALA C 222 54.18 -24.31 -35.08
CA ALA C 222 55.62 -24.07 -35.04
C ALA C 222 55.95 -22.81 -35.83
N ASP C 223 54.93 -22.10 -36.27
CA ASP C 223 55.11 -20.85 -37.01
C ASP C 223 55.26 -19.71 -36.00
N VAL C 224 56.37 -19.76 -35.28
CA VAL C 224 56.59 -18.87 -34.15
C VAL C 224 57.36 -17.62 -34.55
N ILE C 225 58.62 -17.78 -34.97
CA ILE C 225 59.58 -16.72 -35.24
C ILE C 225 59.20 -15.38 -34.64
N TYR C 226 59.71 -15.09 -33.44
CA TYR C 226 59.43 -13.83 -32.75
C TYR C 226 60.51 -12.82 -33.07
N ILE C 227 60.10 -11.69 -33.65
CA ILE C 227 61.00 -10.60 -34.00
C ILE C 227 60.60 -9.39 -33.15
N ALA C 228 61.57 -8.52 -32.89
CA ALA C 228 61.31 -7.35 -32.06
C ALA C 228 61.92 -6.11 -32.68
N LYS C 229 61.32 -4.97 -32.39
CA LYS C 229 61.86 -3.67 -32.76
C LYS C 229 62.48 -3.00 -31.54
N TYR C 230 63.58 -2.30 -31.75
CA TYR C 230 64.36 -1.69 -30.69
C TYR C 230 64.48 -0.19 -30.92
N TYR C 231 64.18 0.59 -29.89
CA TYR C 231 64.19 2.04 -29.98
C TYR C 231 65.28 2.60 -29.08
N GLU C 232 66.12 3.45 -29.64
CA GLU C 232 67.19 4.12 -28.91
C GLU C 232 66.95 5.62 -28.94
N VAL C 233 67.39 6.31 -27.90
CA VAL C 233 67.43 7.77 -27.90
C VAL C 233 68.85 8.19 -27.56
N ARG C 234 69.45 9.01 -28.42
CA ARG C 234 70.82 9.44 -28.27
C ARG C 234 70.89 10.96 -28.34
N LYS C 235 71.97 11.51 -27.78
CA LYS C 235 72.16 12.95 -27.85
C LYS C 235 72.79 13.36 -29.19
N GLU C 236 74.02 12.92 -29.45
CA GLU C 236 74.73 13.23 -30.68
C GLU C 236 74.96 14.73 -30.87
N SER C 237 75.80 15.08 -31.83
CA SER C 237 76.08 16.47 -32.17
C SER C 237 75.76 16.70 -33.63
N VAL C 238 74.96 17.73 -33.89
CA VAL C 238 74.53 18.05 -35.25
C VAL C 238 74.87 19.51 -35.51
N ASP C 239 75.32 19.80 -36.72
CA ASP C 239 75.76 21.15 -37.09
C ASP C 239 74.61 21.88 -37.76
N VAL C 240 74.18 22.99 -37.18
CA VAL C 240 73.22 23.87 -37.83
C VAL C 240 74.00 24.85 -38.69
N ILE C 241 73.71 24.85 -39.97
CA ILE C 241 74.50 25.58 -40.97
C ILE C 241 73.61 26.63 -41.64
N SER C 242 72.80 27.31 -40.82
CA SER C 242 71.74 28.25 -41.21
C SER C 242 71.97 29.07 -42.47
N TYR C 243 70.98 29.04 -43.37
CA TYR C 243 70.96 29.88 -44.57
C TYR C 243 70.04 31.08 -44.33
N ARG C 244 70.42 31.91 -43.37
CA ARG C 244 69.62 33.10 -43.08
C ARG C 244 69.73 34.04 -44.28
N HIS C 245 68.83 33.88 -45.24
CA HIS C 245 68.88 34.69 -46.45
C HIS C 245 68.24 36.04 -46.17
N PRO C 246 68.95 37.15 -46.34
CA PRO C 246 68.40 38.45 -45.93
C PRO C 246 67.09 38.82 -46.62
N ILE C 247 66.94 38.45 -47.89
CA ILE C 247 65.73 38.82 -48.64
C ILE C 247 64.55 37.98 -48.14
N THR C 248 63.35 38.41 -48.52
CA THR C 248 62.07 37.86 -48.07
C THR C 248 62.12 37.46 -46.60
N GLY C 249 62.62 38.40 -45.78
CA GLY C 249 62.77 38.16 -44.36
C GLY C 249 63.80 37.08 -44.07
N GLU C 250 63.34 35.92 -43.61
CA GLU C 250 64.19 34.75 -43.40
C GLU C 250 65.32 35.07 -42.42
N ILE C 251 64.93 35.35 -41.19
CA ILE C 251 65.85 35.62 -40.09
C ILE C 251 65.94 34.37 -39.23
N ALA C 252 67.14 34.07 -38.73
CA ALA C 252 67.36 32.96 -37.81
C ALA C 252 66.89 31.64 -38.41
N THR C 253 67.51 31.29 -39.52
CA THR C 253 67.12 30.17 -40.35
C THR C 253 67.69 28.85 -39.79
N TYR C 254 67.24 27.74 -40.36
CA TYR C 254 67.43 26.40 -39.84
C TYR C 254 68.63 25.69 -40.43
N ASP C 255 68.50 25.36 -41.71
CA ASP C 255 69.43 24.67 -42.58
C ASP C 255 70.25 23.66 -41.77
N SER C 256 69.59 22.71 -41.12
CA SER C 256 70.30 21.69 -40.37
C SER C 256 71.16 20.83 -41.30
N ASP C 257 71.91 19.92 -40.68
CA ASP C 257 72.83 19.07 -41.45
C ASP C 257 72.07 18.20 -42.45
N GLN C 258 70.94 17.63 -42.04
CA GLN C 258 70.26 16.60 -42.80
C GLN C 258 69.37 17.15 -43.90
N VAL C 259 69.25 18.46 -44.05
CA VAL C 259 68.43 19.01 -45.12
C VAL C 259 69.28 19.37 -46.34
N GLU C 260 70.52 19.79 -46.13
CA GLU C 260 71.35 20.23 -47.24
C GLU C 260 71.60 19.11 -48.24
N ASP C 261 71.91 17.91 -47.76
CA ASP C 261 72.20 16.80 -48.67
C ASP C 261 70.99 16.44 -49.51
N ILE C 262 69.81 16.35 -48.90
CA ILE C 262 68.59 16.09 -49.65
C ILE C 262 68.19 17.28 -50.49
N GLU C 263 68.23 18.48 -49.92
CA GLU C 263 67.79 19.70 -50.60
C GLU C 263 68.99 20.26 -51.35
N ASP C 264 69.11 19.88 -52.61
CA ASP C 264 70.14 20.38 -53.51
C ASP C 264 69.47 21.26 -54.56
N GLU C 265 69.21 22.51 -54.18
CA GLU C 265 68.70 23.52 -55.08
C GLU C 265 69.81 24.35 -55.70
N LEU C 266 71.07 24.03 -55.37
CA LEU C 266 72.23 24.81 -55.77
C LEU C 266 72.18 26.22 -55.20
N ALA C 267 71.52 26.37 -54.05
CA ALA C 267 71.51 27.61 -53.28
C ALA C 267 71.11 28.81 -54.13
N ILE C 268 69.89 28.74 -54.67
CA ILE C 268 69.42 29.76 -55.59
C ILE C 268 69.29 31.11 -54.86
N ALA C 269 68.59 31.12 -53.74
CA ALA C 269 68.36 32.35 -52.98
C ALA C 269 68.53 32.10 -51.49
N GLY C 270 69.63 31.44 -51.12
CA GLY C 270 69.79 31.09 -49.72
C GLY C 270 70.96 31.70 -48.97
N PHE C 271 72.09 31.90 -49.66
CA PHE C 271 73.33 32.36 -49.04
C PHE C 271 73.81 31.40 -47.94
N HIS C 272 74.97 31.68 -47.36
CA HIS C 272 75.53 30.76 -46.37
C HIS C 272 75.79 31.43 -45.03
N GLU C 273 76.41 32.62 -45.04
CA GLU C 273 76.74 33.40 -43.85
C GLU C 273 77.19 32.54 -42.69
N VAL C 274 76.75 32.84 -41.47
CA VAL C 274 77.17 32.07 -40.31
C VAL C 274 76.56 30.68 -40.40
N ALA C 275 77.42 29.67 -40.46
CA ALA C 275 76.98 28.29 -40.59
C ALA C 275 77.84 27.36 -39.75
N ARG C 276 78.53 27.89 -38.76
CA ARG C 276 79.52 27.08 -38.06
C ARG C 276 79.17 26.97 -36.58
N ARG C 277 77.90 26.75 -36.28
CA ARG C 277 77.45 26.51 -34.92
C ARG C 277 76.99 25.06 -34.80
N SER C 278 77.63 24.32 -33.90
CA SER C 278 77.30 22.92 -33.67
C SER C 278 76.57 22.78 -32.34
N VAL C 279 75.42 22.11 -32.37
CA VAL C 279 74.54 22.03 -31.21
C VAL C 279 74.23 20.58 -30.92
N LYS C 280 74.10 20.25 -29.64
CA LYS C 280 73.66 18.93 -29.23
C LYS C 280 72.14 18.88 -29.30
N ARG C 281 71.60 17.90 -30.00
CA ARG C 281 70.17 17.70 -30.12
C ARG C 281 69.80 16.35 -29.54
N ARG C 282 68.57 15.92 -29.76
CA ARG C 282 68.07 14.66 -29.25
C ARG C 282 67.38 13.92 -30.40
N ARG C 283 67.85 12.72 -30.71
CA ARG C 283 67.31 11.94 -31.81
C ARG C 283 66.98 10.53 -31.35
N VAL C 284 66.11 9.88 -32.12
CA VAL C 284 65.63 8.54 -31.81
C VAL C 284 65.95 7.62 -32.99
N TYR C 285 66.46 6.44 -32.67
CA TYR C 285 66.85 5.45 -33.66
C TYR C 285 66.03 4.18 -33.49
N VAL C 286 65.79 3.49 -34.60
CA VAL C 286 65.00 2.26 -34.57
C VAL C 286 65.78 1.16 -35.27
N SER C 287 65.58 -0.08 -34.81
CA SER C 287 66.29 -1.23 -35.31
C SER C 287 65.40 -2.46 -35.18
N VAL C 288 65.70 -3.47 -35.99
CA VAL C 288 64.99 -4.75 -35.94
C VAL C 288 66.01 -5.83 -35.63
N VAL C 289 65.75 -6.61 -34.58
CA VAL C 289 66.69 -7.60 -34.10
C VAL C 289 65.97 -8.93 -33.90
N ASP C 290 66.76 -9.99 -33.80
CA ASP C 290 66.27 -11.30 -33.40
C ASP C 290 67.28 -11.89 -32.42
N GLY C 291 67.16 -13.18 -32.15
CA GLY C 291 68.07 -13.81 -31.21
C GLY C 291 69.48 -14.00 -31.73
N ASP C 292 69.71 -13.77 -33.02
CA ASP C 292 71.02 -13.97 -33.63
C ASP C 292 71.76 -12.66 -33.93
N GLY C 293 71.14 -11.76 -34.67
CA GLY C 293 71.82 -10.53 -35.05
C GLY C 293 70.87 -9.43 -35.48
N PHE C 294 71.32 -8.57 -36.39
CA PHE C 294 70.53 -7.45 -36.86
C PHE C 294 69.84 -7.82 -38.17
N LEU C 295 68.51 -7.82 -38.16
CA LEU C 295 67.78 -7.94 -39.42
C LEU C 295 67.77 -6.62 -40.18
N GLU C 296 67.74 -5.50 -39.48
CA GLU C 296 67.81 -4.18 -40.10
C GLU C 296 68.69 -3.28 -39.26
N LYS C 297 69.68 -2.66 -39.89
CA LYS C 297 70.62 -1.81 -39.18
C LYS C 297 69.92 -0.54 -38.70
N PRO C 298 70.41 0.07 -37.62
CA PRO C 298 69.72 1.24 -37.04
C PRO C 298 69.63 2.40 -38.02
N ARG C 299 68.51 3.12 -37.92
CA ARG C 299 68.28 4.34 -38.68
C ARG C 299 67.42 5.26 -37.84
N ARG C 300 67.51 6.56 -38.10
CA ARG C 300 66.81 7.54 -37.28
C ARG C 300 65.43 7.83 -37.84
N ILE C 301 64.46 7.93 -36.93
CA ILE C 301 63.06 8.20 -37.28
C ILE C 301 62.76 9.67 -37.03
N PRO C 302 61.79 10.25 -37.73
CA PRO C 302 61.52 11.70 -37.63
C PRO C 302 60.78 12.10 -36.35
N GLY C 303 61.52 12.35 -35.29
CA GLY C 303 60.87 12.81 -34.07
C GLY C 303 61.88 13.09 -32.98
N GLU C 304 61.37 13.27 -31.77
CA GLU C 304 62.18 13.46 -30.59
C GLU C 304 61.79 12.51 -29.46
N HIS C 305 60.60 11.93 -29.50
CA HIS C 305 60.07 11.05 -28.48
C HIS C 305 60.04 9.60 -28.97
N ILE C 306 59.94 8.67 -28.02
CA ILE C 306 59.66 7.28 -28.38
C ILE C 306 58.21 7.16 -28.82
N PRO C 307 57.92 6.60 -29.98
CA PRO C 307 56.56 6.66 -30.52
C PRO C 307 55.59 5.64 -29.96
N LEU C 308 55.84 5.06 -28.79
CA LEU C 308 54.92 4.11 -28.17
C LEU C 308 54.05 4.82 -27.14
N ILE C 309 52.76 4.55 -27.17
CA ILE C 309 51.78 5.25 -26.35
C ILE C 309 51.05 4.23 -25.49
N PRO C 310 51.39 4.11 -24.21
CA PRO C 310 50.73 3.13 -23.35
C PRO C 310 49.37 3.60 -22.87
N VAL C 311 48.48 2.63 -22.65
CA VAL C 311 47.16 2.87 -22.09
C VAL C 311 46.96 1.91 -20.92
N TYR C 312 46.52 2.44 -19.78
CA TYR C 312 46.32 1.65 -18.57
C TYR C 312 44.88 1.76 -18.10
N GLY C 313 44.39 0.69 -17.49
CA GLY C 313 43.09 0.72 -16.87
C GLY C 313 43.14 1.42 -15.53
N LYS C 314 43.92 0.87 -14.60
CA LYS C 314 44.22 1.49 -13.32
C LYS C 314 45.67 1.20 -13.01
N ARG C 315 46.46 2.25 -12.77
CA ARG C 315 47.89 2.08 -12.61
C ARG C 315 48.37 2.74 -11.33
N TRP C 316 49.23 2.03 -10.58
CA TRP C 316 49.82 2.54 -9.36
C TRP C 316 51.28 2.11 -9.32
N PHE C 317 52.04 2.78 -8.46
CA PHE C 317 53.47 2.51 -8.27
C PHE C 317 53.68 2.21 -6.79
N ILE C 318 53.92 0.95 -6.45
CA ILE C 318 53.85 0.49 -5.06
C ILE C 318 55.24 0.26 -4.47
N ASP C 319 55.98 -0.73 -4.97
CA ASP C 319 57.31 -1.02 -4.44
C ASP C 319 58.30 -1.17 -5.59
N ASP C 320 58.77 -0.04 -6.11
CA ASP C 320 59.69 0.00 -7.24
C ASP C 320 59.16 -0.73 -8.46
N ILE C 321 57.89 -1.12 -8.43
CA ILE C 321 57.26 -1.90 -9.49
C ILE C 321 55.95 -1.22 -9.85
N GLU C 322 55.73 -1.02 -11.15
CA GLU C 322 54.45 -0.51 -11.62
C GLU C 322 53.42 -1.63 -11.65
N ARG C 323 52.23 -1.36 -11.14
CA ARG C 323 51.19 -2.38 -11.02
C ARG C 323 49.92 -1.89 -11.68
N VAL C 324 49.27 -2.77 -12.45
CA VAL C 324 48.09 -2.43 -13.22
C VAL C 324 46.96 -3.36 -12.82
N GLU C 325 45.74 -2.96 -13.16
CA GLU C 325 44.56 -3.77 -12.86
C GLU C 325 43.47 -3.47 -13.87
N GLY C 326 42.74 -4.50 -14.26
CA GLY C 326 41.65 -4.35 -15.20
C GLY C 326 40.30 -4.25 -14.52
N HIS C 327 39.31 -5.00 -14.98
CA HIS C 327 37.98 -4.98 -14.39
C HIS C 327 37.47 -6.36 -14.03
N ILE C 328 38.30 -7.40 -14.09
CA ILE C 328 37.87 -8.76 -13.77
C ILE C 328 38.80 -9.46 -12.81
N ALA C 329 39.96 -8.89 -12.50
CA ALA C 329 40.89 -9.59 -11.63
C ALA C 329 40.30 -9.81 -10.24
N LYS C 330 39.44 -8.89 -9.79
CA LYS C 330 38.91 -8.99 -8.45
C LYS C 330 37.80 -10.02 -8.33
N ALA C 331 37.20 -10.44 -9.43
CA ALA C 331 36.05 -11.33 -9.39
C ALA C 331 36.38 -12.76 -9.76
N MET C 332 37.67 -13.12 -9.79
CA MET C 332 38.03 -14.47 -10.22
C MET C 332 37.65 -15.51 -9.18
N ASP C 333 37.94 -15.24 -7.90
CA ASP C 333 37.68 -16.25 -6.88
C ASP C 333 36.20 -16.57 -6.72
N PRO C 334 35.30 -15.59 -6.56
CA PRO C 334 33.87 -15.94 -6.49
C PRO C 334 33.36 -16.65 -7.73
N GLN C 335 33.85 -16.28 -8.92
CA GLN C 335 33.35 -16.92 -10.14
C GLN C 335 33.76 -18.38 -10.20
N ARG C 336 35.04 -18.66 -9.96
CA ARG C 336 35.49 -20.04 -10.06
C ARG C 336 35.12 -20.87 -8.84
N LEU C 337 34.57 -20.24 -7.81
CA LEU C 337 33.97 -21.02 -6.73
C LEU C 337 32.50 -21.33 -7.03
N TYR C 338 31.81 -20.39 -7.68
CA TYR C 338 30.44 -20.63 -8.15
C TYR C 338 30.38 -21.76 -9.16
N ASN C 339 31.32 -21.80 -10.10
CA ASN C 339 31.36 -22.89 -11.06
C ASN C 339 31.51 -24.24 -10.37
N LEU C 340 32.38 -24.32 -9.37
CA LEU C 340 32.57 -25.56 -8.64
C LEU C 340 31.29 -25.97 -7.91
N GLN C 341 30.60 -25.00 -7.30
CA GLN C 341 29.36 -25.34 -6.61
C GLN C 341 28.34 -25.95 -7.57
N VAL C 342 28.14 -25.33 -8.73
CA VAL C 342 27.15 -25.85 -9.67
C VAL C 342 27.56 -27.24 -10.17
N SER C 343 28.83 -27.41 -10.51
CA SER C 343 29.28 -28.70 -11.02
C SER C 343 29.10 -29.80 -9.98
N MET C 344 29.41 -29.50 -8.72
CA MET C 344 29.25 -30.50 -7.68
C MET C 344 27.79 -30.82 -7.40
N LEU C 345 26.90 -29.83 -7.54
CA LEU C 345 25.48 -30.13 -7.34
C LEU C 345 24.91 -31.00 -8.44
N ALA C 346 25.35 -30.80 -9.68
CA ALA C 346 24.73 -31.49 -10.81
C ALA C 346 24.82 -33.01 -10.67
N ASP C 347 26.01 -33.54 -10.44
CA ASP C 347 26.15 -34.99 -10.41
C ASP C 347 25.57 -35.61 -9.15
N THR C 348 25.61 -34.91 -8.03
CA THR C 348 24.91 -35.39 -6.84
C THR C 348 23.42 -35.54 -7.12
N ALA C 349 22.83 -34.56 -7.80
CA ALA C 349 21.43 -34.71 -8.19
C ALA C 349 21.24 -35.89 -9.13
N ALA C 350 22.18 -36.08 -10.07
CA ALA C 350 22.03 -37.14 -11.05
C ALA C 350 22.26 -38.53 -10.49
N GLN C 351 22.83 -38.66 -9.29
CA GLN C 351 23.16 -39.98 -8.77
C GLN C 351 21.95 -40.78 -8.31
N ASP C 352 21.03 -40.16 -7.56
CA ASP C 352 19.90 -40.87 -6.95
C ASP C 352 18.60 -40.16 -7.27
N PRO C 353 17.98 -40.47 -8.41
CA PRO C 353 16.80 -39.69 -8.81
C PRO C 353 15.54 -40.00 -8.02
N GLY C 354 15.25 -41.27 -7.73
CA GLY C 354 13.99 -41.61 -7.11
C GLY C 354 14.06 -42.59 -5.97
N GLN C 355 12.99 -43.33 -5.75
CA GLN C 355 12.87 -44.28 -4.65
C GLN C 355 12.58 -45.68 -5.19
N ILE C 356 13.22 -46.68 -4.60
CA ILE C 356 13.01 -48.07 -4.97
C ILE C 356 12.72 -48.88 -3.71
N PRO C 357 11.69 -49.73 -3.69
CA PRO C 357 11.46 -50.56 -2.52
C PRO C 357 12.54 -51.62 -2.35
N ILE C 358 12.76 -52.02 -1.10
CA ILE C 358 13.77 -53.01 -0.74
C ILE C 358 13.05 -54.20 -0.10
N VAL C 359 13.32 -55.40 -0.62
CA VAL C 359 12.66 -56.61 -0.16
C VAL C 359 13.70 -57.72 -0.04
N GLY C 360 13.33 -58.77 0.70
CA GLY C 360 14.15 -59.96 0.75
C GLY C 360 13.88 -60.89 -0.41
N MET C 361 14.87 -61.74 -0.72
CA MET C 361 14.77 -62.58 -1.90
C MET C 361 13.60 -63.56 -1.78
N GLU C 362 13.45 -64.18 -0.63
CA GLU C 362 12.42 -65.19 -0.43
C GLU C 362 11.04 -64.57 -0.24
N GLN C 363 10.99 -63.27 0.01
CA GLN C 363 9.74 -62.56 0.23
C GLN C 363 8.99 -62.26 -1.06
N ILE C 364 9.65 -62.35 -2.21
CA ILE C 364 9.05 -61.95 -3.48
C ILE C 364 9.21 -62.99 -4.57
N ARG C 365 9.92 -64.09 -4.30
CA ARG C 365 10.15 -65.08 -5.35
C ARG C 365 8.84 -65.65 -5.86
N GLY C 366 8.69 -65.69 -7.17
CA GLY C 366 7.47 -66.17 -7.80
C GLY C 366 6.40 -65.13 -8.01
N LEU C 367 6.61 -63.89 -7.55
CA LEU C 367 5.62 -62.83 -7.69
C LEU C 367 6.19 -61.62 -8.42
N GLU C 368 7.29 -61.78 -9.14
CA GLU C 368 7.95 -60.63 -9.74
C GLU C 368 7.12 -60.02 -10.86
N LYS C 369 6.39 -60.84 -11.62
CA LYS C 369 5.66 -60.30 -12.76
C LYS C 369 4.55 -59.35 -12.36
N HIS C 370 4.01 -59.48 -11.15
CA HIS C 370 2.98 -58.55 -10.71
C HIS C 370 3.58 -57.21 -10.33
N TRP C 371 4.74 -57.22 -9.69
CA TRP C 371 5.41 -55.97 -9.31
C TRP C 371 6.09 -55.30 -10.49
N GLU C 372 6.40 -56.05 -11.54
CA GLU C 372 7.05 -55.46 -12.70
C GLU C 372 6.10 -54.57 -13.48
N ALA C 373 4.82 -54.93 -13.54
CA ALA C 373 3.85 -54.24 -14.36
C ALA C 373 2.81 -53.48 -13.53
N ARG C 374 3.21 -52.93 -12.39
CA ARG C 374 2.23 -52.25 -11.54
C ARG C 374 1.83 -50.90 -12.10
N ASN C 375 2.54 -50.37 -13.09
CA ASN C 375 2.22 -49.06 -13.64
C ASN C 375 1.50 -49.13 -14.97
N LYS C 376 1.50 -50.29 -15.64
CA LYS C 376 0.74 -50.45 -16.87
C LYS C 376 -0.64 -51.04 -16.58
N LYS C 377 -0.67 -52.23 -16.02
CA LYS C 377 -1.94 -52.83 -15.64
C LYS C 377 -2.47 -52.15 -14.39
N ARG C 378 -3.72 -52.40 -14.09
CA ARG C 378 -4.31 -51.69 -12.97
C ARG C 378 -4.70 -52.69 -11.89
N PRO C 379 -3.74 -53.18 -11.11
CA PRO C 379 -4.05 -54.26 -10.17
C PRO C 379 -4.92 -53.78 -9.02
N ALA C 380 -5.79 -54.67 -8.56
CA ALA C 380 -6.61 -54.36 -7.39
C ALA C 380 -5.79 -54.37 -6.12
N PHE C 381 -4.69 -55.13 -6.11
CA PHE C 381 -3.80 -55.20 -4.96
C PHE C 381 -2.49 -55.80 -5.44
N LEU C 382 -1.51 -55.83 -4.53
CA LEU C 382 -0.23 -56.46 -4.80
C LEU C 382 0.06 -57.50 -3.74
N PRO C 383 0.52 -58.69 -4.11
CA PRO C 383 0.79 -59.73 -3.12
C PRO C 383 2.24 -59.74 -2.65
N LEU C 384 2.42 -60.14 -1.40
CA LEU C 384 3.76 -60.30 -0.84
C LEU C 384 3.68 -61.25 0.35
N ARG C 385 4.80 -61.85 0.68
CA ARG C 385 4.89 -62.79 1.79
C ARG C 385 5.45 -62.10 3.03
N GLU C 386 5.36 -62.79 4.15
CA GLU C 386 5.89 -62.30 5.41
C GLU C 386 7.32 -62.80 5.61
N VAL C 387 7.99 -62.21 6.57
CA VAL C 387 9.38 -62.57 6.88
C VAL C 387 9.35 -63.65 7.94
N ARG C 388 10.00 -64.77 7.66
CA ARG C 388 10.04 -65.91 8.56
C ARG C 388 11.48 -66.24 8.92
N ASP C 389 11.68 -66.64 10.17
CA ASP C 389 13.00 -66.99 10.64
C ASP C 389 13.27 -68.47 10.32
N LYS C 390 14.33 -69.04 10.89
CA LYS C 390 14.72 -70.40 10.55
C LYS C 390 13.76 -71.45 11.10
N SER C 391 12.95 -71.12 12.10
CA SER C 391 12.00 -72.06 12.65
C SER C 391 10.63 -72.00 12.00
N GLY C 392 10.38 -71.01 11.14
CA GLY C 392 9.09 -70.85 10.53
C GLY C 392 8.17 -69.85 11.20
N ASN C 393 8.64 -69.12 12.19
CA ASN C 393 7.84 -68.12 12.88
C ASN C 393 7.87 -66.80 12.13
N ILE C 394 6.79 -66.03 12.27
CA ILE C 394 6.67 -64.74 11.59
C ILE C 394 7.25 -63.66 12.47
N ILE C 395 8.16 -62.85 11.91
CA ILE C 395 8.81 -61.80 12.70
C ILE C 395 8.45 -60.42 12.16
N ALA C 396 8.07 -60.34 10.89
CA ALA C 396 7.76 -59.06 10.27
C ALA C 396 6.57 -59.24 9.34
N GLY C 397 5.96 -58.11 8.97
CA GLY C 397 4.79 -58.11 8.13
C GLY C 397 5.11 -58.23 6.66
N ALA C 398 4.07 -58.11 5.83
CA ALA C 398 4.18 -58.28 4.39
C ALA C 398 4.61 -57.02 3.66
N THR C 399 4.80 -55.90 4.36
CA THR C 399 5.22 -54.67 3.71
C THR C 399 6.71 -54.73 3.38
N PRO C 400 7.16 -53.96 2.38
CA PRO C 400 8.60 -53.86 2.13
C PRO C 400 9.34 -53.30 3.31
N ALA C 401 10.60 -53.72 3.45
CA ALA C 401 11.41 -53.29 4.58
C ALA C 401 11.63 -51.79 4.59
N GLY C 402 11.91 -51.20 3.43
CA GLY C 402 12.15 -49.78 3.37
C GLY C 402 12.29 -49.31 1.94
N TYR C 403 12.72 -48.06 1.79
CA TYR C 403 12.93 -47.45 0.50
C TYR C 403 14.28 -46.74 0.49
N THR C 404 14.81 -46.53 -0.71
CA THR C 404 16.04 -45.76 -0.84
C THR C 404 15.75 -44.27 -0.68
N GLN C 405 16.81 -43.50 -0.47
CA GLN C 405 16.62 -42.07 -0.29
C GLN C 405 16.99 -41.32 -1.56
N PRO C 406 16.28 -40.26 -1.89
CA PRO C 406 16.69 -39.42 -3.03
C PRO C 406 17.69 -38.35 -2.62
N ALA C 407 18.19 -37.57 -3.58
CA ALA C 407 19.23 -36.59 -3.32
C ALA C 407 18.72 -35.48 -2.41
N VAL C 408 19.66 -34.78 -1.76
CA VAL C 408 19.29 -33.96 -0.61
C VAL C 408 19.66 -32.48 -0.72
N MET C 409 20.75 -32.14 -1.41
CA MET C 409 21.22 -30.75 -1.55
C MET C 409 21.50 -30.12 -0.18
N ASN C 410 22.64 -30.49 0.38
CA ASN C 410 23.09 -29.96 1.67
C ASN C 410 23.04 -28.44 1.70
N GLN C 411 22.99 -27.89 2.92
CA GLN C 411 22.72 -26.47 3.13
C GLN C 411 23.91 -25.58 2.81
N ALA C 412 25.13 -26.04 3.10
CA ALA C 412 26.30 -25.21 2.89
C ALA C 412 26.47 -24.87 1.41
N LEU C 413 26.17 -25.82 0.53
CA LEU C 413 26.27 -25.55 -0.90
C LEU C 413 25.28 -24.48 -1.34
N ALA C 414 24.05 -24.51 -0.81
CA ALA C 414 23.08 -23.48 -1.17
C ALA C 414 23.53 -22.11 -0.67
N ALA C 415 24.05 -22.05 0.55
CA ALA C 415 24.55 -20.78 1.06
C ALA C 415 25.69 -20.25 0.21
N LEU C 416 26.61 -21.11 -0.21
CA LEU C 416 27.71 -20.68 -1.07
C LEU C 416 27.21 -20.20 -2.42
N LEU C 417 26.24 -20.90 -3.02
CA LEU C 417 25.70 -20.44 -4.29
C LEU C 417 25.16 -19.03 -4.17
N GLN C 418 24.31 -18.78 -3.18
CA GLN C 418 23.76 -17.43 -3.03
C GLN C 418 24.85 -16.39 -2.76
N GLN C 419 25.80 -16.72 -1.87
CA GLN C 419 26.81 -15.74 -1.49
C GLN C 419 27.71 -15.37 -2.66
N THR C 420 28.19 -16.36 -3.41
CA THR C 420 29.08 -16.06 -4.53
C THR C 420 28.34 -15.33 -5.63
N SER C 421 27.11 -15.73 -5.93
CA SER C 421 26.35 -15.02 -6.94
C SER C 421 26.14 -13.56 -6.56
N ALA C 422 25.83 -13.29 -5.29
CA ALA C 422 25.69 -11.92 -4.83
C ALA C 422 27.00 -11.14 -4.83
N ASP C 423 28.11 -11.80 -4.52
CA ASP C 423 29.39 -11.11 -4.43
C ASP C 423 29.95 -10.74 -5.79
N ILE C 424 29.66 -11.52 -6.83
CA ILE C 424 30.15 -11.15 -8.15
C ILE C 424 29.61 -9.78 -8.57
N GLN C 425 28.32 -9.54 -8.32
CA GLN C 425 27.75 -8.25 -8.67
C GLN C 425 28.25 -7.12 -7.77
N GLU C 426 28.58 -7.43 -6.52
CA GLU C 426 29.07 -6.40 -5.61
C GLU C 426 30.48 -5.94 -5.95
N VAL C 427 31.35 -6.89 -6.30
CA VAL C 427 32.73 -6.52 -6.59
C VAL C 427 32.82 -5.69 -7.87
N THR C 428 32.10 -6.11 -8.91
CA THR C 428 32.17 -5.46 -10.21
C THR C 428 31.02 -4.47 -10.34
N GLY C 429 31.31 -3.19 -10.11
CA GLY C 429 30.32 -2.15 -10.22
C GLY C 429 29.11 -2.36 -9.33
N MET C 450 28.08 14.97 -10.78
CA MET C 450 28.17 13.76 -9.98
C MET C 450 27.60 12.56 -10.74
N ASN C 451 26.87 12.83 -11.82
CA ASN C 451 26.30 11.74 -12.60
C ASN C 451 27.41 10.86 -13.18
N ARG C 452 28.42 11.48 -13.77
CA ARG C 452 29.48 10.72 -14.43
C ARG C 452 30.29 9.91 -13.43
N ALA C 453 30.62 10.53 -12.29
CA ALA C 453 31.51 9.88 -11.34
C ALA C 453 30.87 8.67 -10.68
N ASP C 454 29.55 8.61 -10.63
CA ASP C 454 28.87 7.46 -10.06
C ASP C 454 29.04 6.19 -10.89
N MET C 455 29.29 6.30 -12.18
CA MET C 455 29.39 5.13 -13.03
C MET C 455 30.74 4.45 -12.83
N ALA C 456 30.76 3.15 -13.08
CA ALA C 456 31.96 2.35 -12.90
C ALA C 456 32.95 2.52 -14.03
N SER C 457 32.57 3.18 -15.11
CA SER C 457 33.44 3.33 -16.27
C SER C 457 34.19 4.64 -16.30
N PHE C 458 34.10 5.45 -15.25
CA PHE C 458 34.69 6.78 -15.31
C PHE C 458 36.21 6.74 -15.33
N ILE C 459 36.81 5.86 -14.51
CA ILE C 459 38.26 5.88 -14.37
C ILE C 459 38.95 5.45 -15.66
N TYR C 460 38.40 4.45 -16.36
CA TYR C 460 38.98 4.03 -17.62
C TYR C 460 38.90 5.13 -18.68
N LEU C 461 37.74 5.77 -18.78
CA LEU C 461 37.55 6.85 -19.72
C LEU C 461 38.40 8.06 -19.39
N ASP C 462 38.72 8.27 -18.12
CA ASP C 462 39.64 9.34 -17.75
C ASP C 462 41.09 9.00 -18.04
N ASN C 463 41.50 7.76 -17.82
CA ASN C 463 42.86 7.35 -18.16
C ASN C 463 43.10 7.27 -19.66
N MET C 464 42.06 7.09 -20.47
CA MET C 464 42.24 7.17 -21.91
C MET C 464 42.54 8.58 -22.40
N ALA C 465 41.95 9.58 -21.77
CA ALA C 465 42.17 10.96 -22.18
C ALA C 465 43.62 11.38 -21.99
N LYS C 466 44.22 10.99 -20.88
CA LYS C 466 45.60 11.39 -20.62
C LYS C 466 46.61 10.57 -21.40
N SER C 467 46.18 9.49 -22.05
CA SER C 467 47.01 8.85 -23.06
C SER C 467 46.88 9.55 -24.40
N LEU C 468 45.68 9.96 -24.77
CA LEU C 468 45.51 10.72 -25.99
C LEU C 468 46.24 12.05 -25.95
N LYS C 469 46.32 12.69 -24.79
CA LYS C 469 47.12 13.90 -24.68
C LYS C 469 48.59 13.65 -25.00
N ARG C 470 49.16 12.55 -24.54
CA ARG C 470 50.55 12.24 -24.86
C ARG C 470 50.71 11.91 -26.34
N ALA C 471 49.72 11.22 -26.92
CA ALA C 471 49.76 10.95 -28.35
C ALA C 471 49.78 12.24 -29.16
N GLY C 472 48.98 13.23 -28.76
CA GLY C 472 49.03 14.52 -29.42
C GLY C 472 50.38 15.21 -29.34
N GLU C 473 51.03 15.14 -28.18
CA GLU C 473 52.35 15.73 -28.02
C GLU C 473 53.37 15.06 -28.93
N VAL C 474 53.36 13.73 -28.98
CA VAL C 474 54.28 13.02 -29.88
C VAL C 474 54.01 13.34 -31.33
N TRP C 475 52.73 13.40 -31.74
CA TRP C 475 52.40 13.79 -33.10
C TRP C 475 52.87 15.19 -33.44
N LEU C 476 52.71 16.16 -32.54
CA LEU C 476 53.21 17.50 -32.79
C LEU C 476 54.72 17.52 -32.95
N SER C 477 55.45 16.81 -32.09
CA SER C 477 56.89 16.76 -32.23
C SER C 477 57.33 16.07 -33.52
N MET C 478 56.53 15.13 -34.00
CA MET C 478 56.85 14.37 -35.21
C MET C 478 56.43 15.09 -36.48
N ALA C 479 55.38 15.91 -36.44
CA ALA C 479 54.83 16.50 -37.65
C ALA C 479 55.66 17.65 -38.18
N ARG C 480 56.52 18.24 -37.34
CA ARG C 480 57.33 19.36 -37.80
C ARG C 480 58.39 18.91 -38.78
N GLU C 481 58.94 17.73 -38.59
CA GLU C 481 59.98 17.22 -39.47
C GLU C 481 59.43 16.56 -40.72
N VAL C 482 58.14 16.27 -40.75
CA VAL C 482 57.50 15.69 -41.93
C VAL C 482 56.79 16.74 -42.78
N TYR C 483 56.07 17.68 -42.16
CA TYR C 483 55.33 18.70 -42.89
C TYR C 483 56.00 20.06 -42.88
N GLY C 484 56.95 20.31 -41.99
CA GLY C 484 57.62 21.58 -41.91
C GLY C 484 56.95 22.54 -40.95
N SER C 485 57.72 23.54 -40.51
CA SER C 485 57.18 24.53 -39.60
C SER C 485 56.18 25.42 -40.32
N GLU C 486 55.26 26.00 -39.55
CA GLU C 486 54.15 26.71 -40.16
C GLU C 486 54.49 28.16 -40.49
N ARG C 487 54.77 28.98 -39.48
CA ARG C 487 55.15 30.38 -39.65
C ARG C 487 54.00 31.19 -40.22
N GLU C 488 53.99 32.50 -39.99
CA GLU C 488 52.94 33.36 -40.51
C GLU C 488 53.48 34.79 -40.62
N VAL C 489 53.23 35.40 -41.77
CA VAL C 489 53.64 36.79 -42.00
C VAL C 489 52.51 37.58 -42.64
N ARG C 510 46.95 33.23 -43.05
CA ARG C 510 47.28 31.99 -43.75
C ARG C 510 48.38 31.23 -43.01
N GLN C 511 48.65 30.00 -43.43
CA GLN C 511 49.67 29.15 -42.83
C GLN C 511 50.36 28.38 -43.95
N THR C 512 51.50 28.88 -44.40
CA THR C 512 52.22 28.30 -45.53
C THR C 512 53.49 27.62 -45.03
N GLY C 513 53.70 26.37 -45.47
CA GLY C 513 54.83 25.60 -45.01
C GLY C 513 56.05 25.62 -45.91
N ALA C 514 56.59 24.44 -46.20
CA ALA C 514 57.85 24.30 -46.91
C ALA C 514 57.68 24.57 -48.39
N VAL C 515 58.74 24.29 -49.16
CA VAL C 515 58.70 24.34 -50.61
C VAL C 515 58.87 22.94 -51.22
N VAL C 516 59.91 22.22 -50.81
CA VAL C 516 60.15 20.88 -51.34
C VAL C 516 60.23 19.87 -50.19
N ALA C 517 61.15 20.07 -49.25
CA ALA C 517 61.14 19.36 -47.98
C ALA C 517 62.03 20.12 -47.03
N LEU C 518 61.46 20.78 -46.03
CA LEU C 518 62.27 21.51 -45.07
C LEU C 518 61.47 21.69 -43.78
N ASN C 519 62.20 21.99 -42.71
CA ASN C 519 61.67 22.01 -41.35
C ASN C 519 61.57 23.42 -40.80
N ASP C 520 62.65 24.19 -40.90
CA ASP C 520 62.83 25.47 -40.23
C ASP C 520 62.97 25.22 -38.74
N LEU C 521 63.83 26.01 -38.11
CA LEU C 521 64.21 25.78 -36.73
C LEU C 521 64.40 27.14 -36.08
N SER C 522 64.37 27.16 -34.76
CA SER C 522 64.38 28.41 -34.00
C SER C 522 63.16 29.26 -34.36
N VAL C 523 62.04 28.58 -34.63
CA VAL C 523 60.76 29.25 -34.74
C VAL C 523 59.97 29.15 -33.43
N GLY C 524 60.30 28.20 -32.57
CA GLY C 524 59.76 28.18 -31.22
C GLY C 524 58.53 27.30 -31.08
N ARG C 525 58.13 27.14 -29.82
CA ARG C 525 56.95 26.38 -29.50
C ARG C 525 55.71 27.04 -30.09
N TYR C 526 54.79 26.21 -30.57
CA TYR C 526 53.54 26.72 -31.10
C TYR C 526 52.66 27.26 -29.99
N ASP C 527 51.66 28.05 -30.37
CA ASP C 527 50.75 28.67 -29.42
C ASP C 527 49.45 27.91 -29.26
N VAL C 528 49.50 26.58 -29.28
CA VAL C 528 48.32 25.76 -29.08
C VAL C 528 48.52 24.89 -27.85
N THR C 529 47.43 24.32 -27.37
CA THR C 529 47.42 23.44 -26.22
C THR C 529 46.72 22.15 -26.58
N VAL C 530 47.27 21.02 -26.14
CA VAL C 530 46.69 19.72 -26.44
C VAL C 530 45.56 19.44 -25.47
N ASP C 531 44.42 19.02 -25.99
CA ASP C 531 43.25 18.68 -25.19
C ASP C 531 42.57 17.48 -25.82
N VAL C 532 41.39 17.14 -25.31
CA VAL C 532 40.58 16.07 -25.90
C VAL C 532 39.17 16.58 -26.08
N GLY C 533 38.48 15.96 -27.03
CA GLY C 533 37.10 16.30 -27.32
C GLY C 533 36.46 15.20 -28.14
N PRO C 534 35.17 15.35 -28.45
CA PRO C 534 34.47 14.30 -29.18
C PRO C 534 35.08 14.08 -30.56
N SER C 535 34.99 12.84 -31.03
CA SER C 535 35.56 12.43 -32.30
C SER C 535 34.53 12.58 -33.41
N TYR C 536 34.87 13.33 -34.45
CA TYR C 536 33.97 13.61 -35.56
C TYR C 536 34.56 13.09 -36.85
N THR C 537 33.70 12.54 -37.72
CA THR C 537 34.16 12.00 -38.99
C THR C 537 34.51 13.10 -39.98
N ALA C 538 33.71 14.17 -40.01
CA ALA C 538 33.92 15.27 -40.95
C ALA C 538 33.89 16.59 -40.19
N ARG C 539 34.43 17.63 -40.83
CA ARG C 539 34.47 18.94 -40.20
C ARG C 539 33.08 19.52 -40.00
N ARG C 540 32.16 19.26 -40.94
CA ARG C 540 30.81 19.79 -40.83
C ARG C 540 30.15 19.34 -39.54
N ASP C 541 30.39 18.10 -39.13
CA ASP C 541 29.84 17.62 -37.88
C ASP C 541 30.37 18.44 -36.71
N ALA C 542 31.66 18.74 -36.72
CA ALA C 542 32.25 19.54 -35.65
C ALA C 542 31.64 20.94 -35.62
N THR C 543 31.40 21.54 -36.78
CA THR C 543 30.79 22.86 -36.80
C THR C 543 29.38 22.83 -36.24
N VAL C 544 28.53 21.94 -36.77
CA VAL C 544 27.13 21.95 -36.35
C VAL C 544 26.97 21.51 -34.91
N SER C 545 27.85 20.65 -34.40
CA SER C 545 27.74 20.20 -33.02
C SER C 545 27.92 21.34 -32.03
N VAL C 546 28.84 22.26 -32.30
CA VAL C 546 29.09 23.35 -31.36
C VAL C 546 28.09 24.46 -31.61
N LEU C 547 27.70 24.66 -32.87
CA LEU C 547 26.71 25.71 -33.14
C LEU C 547 25.36 25.37 -32.55
N THR C 548 24.97 24.10 -32.55
CA THR C 548 23.69 23.74 -31.95
C THR C 548 23.75 23.73 -30.43
N ASN C 549 24.94 23.64 -29.84
CA ASN C 549 25.05 23.82 -28.39
C ASN C 549 24.98 25.30 -28.03
N VAL C 550 25.56 26.17 -28.86
CA VAL C 550 25.38 27.61 -28.66
C VAL C 550 23.91 27.96 -28.73
N LEU C 551 23.22 27.44 -29.74
CA LEU C 551 21.77 27.53 -29.77
C LEU C 551 21.19 26.67 -28.65
N SER C 552 19.89 26.76 -28.44
CA SER C 552 19.16 26.03 -27.42
C SER C 552 19.54 26.45 -26.02
N SER C 553 20.51 27.35 -25.85
CA SER C 553 20.74 28.05 -24.60
C SER C 553 20.41 29.52 -24.72
N MET C 554 19.66 29.90 -25.74
CA MET C 554 19.33 31.28 -26.02
C MET C 554 17.82 31.42 -26.10
N LEU C 555 17.28 32.41 -25.42
CA LEU C 555 15.87 32.70 -25.53
C LEU C 555 15.56 33.20 -26.93
N PRO C 556 14.34 33.00 -27.42
CA PRO C 556 14.00 33.53 -28.75
C PRO C 556 13.90 35.04 -28.70
N THR C 557 14.96 35.71 -29.14
CA THR C 557 15.14 37.16 -29.06
C THR C 557 16.52 37.47 -29.63
N ASP C 558 16.74 38.74 -29.97
CA ASP C 558 18.01 39.30 -30.43
C ASP C 558 18.30 38.78 -31.84
N PRO C 559 19.11 39.48 -32.65
CA PRO C 559 19.34 39.02 -34.03
C PRO C 559 19.91 37.61 -34.10
N MET C 560 21.11 37.39 -33.55
CA MET C 560 21.68 36.08 -33.25
C MET C 560 20.96 34.87 -33.84
N ARG C 561 19.82 34.50 -33.26
CA ARG C 561 19.22 33.18 -33.49
C ARG C 561 18.95 32.88 -34.97
N PRO C 562 18.32 33.77 -35.74
CA PRO C 562 18.29 33.53 -37.19
C PRO C 562 19.66 33.38 -37.84
N ALA C 563 20.66 34.16 -37.40
CA ALA C 563 21.99 33.99 -37.97
C ALA C 563 22.58 32.62 -37.65
N ILE C 564 22.39 32.15 -36.41
CA ILE C 564 22.86 30.82 -36.04
C ILE C 564 22.18 29.76 -36.88
N GLN C 565 20.86 29.87 -37.07
CA GLN C 565 20.17 28.88 -37.89
C GLN C 565 20.65 28.91 -39.33
N GLY C 566 20.85 30.09 -39.90
CA GLY C 566 21.36 30.16 -41.25
C GLY C 566 22.73 29.53 -41.39
N ILE C 567 23.61 29.80 -40.43
CA ILE C 567 24.95 29.23 -40.50
C ILE C 567 24.89 27.71 -40.37
N ILE C 568 24.03 27.20 -39.48
CA ILE C 568 23.90 25.76 -39.34
C ILE C 568 23.40 25.12 -40.62
N LEU C 569 22.35 25.69 -41.21
CA LEU C 569 21.78 25.10 -42.41
C LEU C 569 22.70 25.25 -43.62
N ASP C 570 23.63 26.21 -43.59
CA ASP C 570 24.63 26.28 -44.65
C ASP C 570 25.55 25.07 -44.68
N ASN C 571 25.92 24.56 -43.51
CA ASN C 571 26.65 23.31 -43.40
C ASN C 571 25.66 22.16 -43.54
N ILE C 572 26.06 20.96 -43.12
CA ILE C 572 25.24 19.74 -43.07
C ILE C 572 24.65 19.48 -44.46
N ASP C 573 23.66 18.60 -44.53
CA ASP C 573 22.82 18.33 -45.69
C ASP C 573 23.39 17.25 -46.61
N GLY C 574 22.52 16.59 -47.36
CA GLY C 574 22.88 15.47 -48.20
C GLY C 574 22.31 15.54 -49.59
N GLU C 575 21.58 14.52 -50.00
CA GLU C 575 21.12 14.38 -51.38
C GLU C 575 19.90 15.24 -51.66
N GLY C 576 19.89 15.86 -52.83
CA GLY C 576 18.72 16.58 -53.31
C GLY C 576 18.40 17.88 -52.60
N LEU C 577 19.41 18.57 -52.07
CA LEU C 577 19.18 19.83 -51.37
C LEU C 577 19.93 20.99 -52.03
N ASP C 578 20.11 20.94 -53.34
CA ASP C 578 20.85 22.01 -54.02
C ASP C 578 20.06 23.31 -54.02
N ASP C 579 18.80 23.25 -54.42
CA ASP C 579 18.00 24.47 -54.52
C ASP C 579 17.78 25.10 -53.15
N PHE C 580 17.45 24.29 -52.14
CA PHE C 580 17.24 24.82 -50.81
C PHE C 580 18.50 25.47 -50.26
N LYS C 581 19.65 24.82 -50.43
CA LYS C 581 20.89 25.39 -49.93
C LYS C 581 21.26 26.67 -50.65
N GLU C 582 21.04 26.73 -51.96
CA GLU C 582 21.32 27.98 -52.68
C GLU C 582 20.39 29.10 -52.22
N TYR C 583 19.11 28.80 -52.02
CA TYR C 583 18.18 29.80 -51.53
C TYR C 583 18.59 30.30 -50.16
N ASN C 584 19.03 29.39 -49.29
CA ASN C 584 19.50 29.80 -47.98
C ASN C 584 20.73 30.69 -48.07
N ARG C 585 21.70 30.31 -48.89
CA ARG C 585 22.92 31.09 -48.98
C ARG C 585 22.64 32.48 -49.52
N ASN C 586 21.69 32.61 -50.45
CA ASN C 586 21.36 33.94 -50.97
C ASN C 586 20.92 34.87 -49.86
N GLN C 587 19.93 34.46 -49.06
CA GLN C 587 19.51 35.29 -47.94
C GLN C 587 20.61 35.43 -46.90
N LEU C 588 21.53 34.48 -46.84
CA LEU C 588 22.62 34.59 -45.89
C LEU C 588 23.61 35.68 -46.27
N LEU C 589 23.86 35.89 -47.56
CA LEU C 589 24.84 36.92 -47.90
C LEU C 589 24.20 38.26 -48.26
N ILE C 590 22.90 38.31 -48.59
CA ILE C 590 22.28 39.62 -48.74
C ILE C 590 22.12 40.32 -47.40
N SER C 591 22.29 39.61 -46.30
CA SER C 591 22.24 40.18 -44.96
C SER C 591 23.61 40.45 -44.38
N GLY C 592 24.66 40.36 -45.18
CA GLY C 592 26.00 40.68 -44.72
C GLY C 592 26.57 39.74 -43.67
N ILE C 593 26.34 38.44 -43.83
CA ILE C 593 26.91 37.45 -42.92
C ILE C 593 27.83 36.47 -43.61
N ALA C 594 27.77 36.34 -44.94
CA ALA C 594 28.48 35.26 -45.61
C ALA C 594 29.81 35.67 -46.23
N LYS C 595 30.04 36.97 -46.48
CA LYS C 595 31.30 37.40 -47.07
C LYS C 595 31.56 36.75 -48.42
N PRO C 596 30.87 37.21 -49.49
CA PRO C 596 31.06 36.64 -50.84
C PRO C 596 32.48 36.22 -51.14
N ARG C 597 32.67 35.02 -51.69
CA ARG C 597 34.02 34.53 -51.95
C ARG C 597 34.50 34.89 -53.35
N ASN C 598 34.29 36.17 -53.70
CA ASN C 598 35.01 36.84 -54.79
C ASN C 598 34.94 36.09 -56.12
N GLU C 599 33.81 35.44 -56.41
CA GLU C 599 33.69 34.80 -57.73
C GLU C 599 32.54 35.38 -58.55
N LYS C 600 31.30 35.32 -58.09
CA LYS C 600 30.20 35.84 -58.89
C LYS C 600 29.23 36.68 -58.09
N GLU C 601 29.03 36.34 -56.82
CA GLU C 601 27.99 36.98 -56.04
C GLU C 601 28.36 38.39 -55.60
N GLN C 602 29.64 38.66 -55.40
CA GLN C 602 30.07 39.99 -54.99
C GLN C 602 29.73 41.05 -56.04
N GLN C 603 29.51 40.63 -57.29
CA GLN C 603 29.25 41.57 -58.38
C GLN C 603 27.88 41.40 -58.99
N ILE C 604 27.13 40.37 -58.63
CA ILE C 604 25.85 40.12 -59.28
C ILE C 604 24.72 40.35 -58.29
N VAL C 605 24.68 39.56 -57.22
CA VAL C 605 23.60 39.67 -56.24
C VAL C 605 23.93 40.71 -55.19
N GLN C 606 25.21 40.87 -54.83
CA GLN C 606 25.56 41.85 -53.82
C GLN C 606 25.40 43.27 -54.35
N GLN C 607 25.79 43.51 -55.61
CA GLN C 607 25.58 44.81 -56.21
C GLN C 607 24.10 45.11 -56.35
N ALA C 608 23.32 44.10 -56.74
CA ALA C 608 21.87 44.28 -56.82
C ALA C 608 21.28 44.59 -55.45
N GLN C 609 21.87 44.03 -54.39
CA GLN C 609 21.37 44.33 -53.06
C GLN C 609 21.78 45.72 -52.61
N MET C 610 22.93 46.22 -53.06
CA MET C 610 23.26 47.62 -52.81
C MET C 610 22.27 48.53 -53.52
N ALA C 611 21.92 48.21 -54.76
CA ALA C 611 20.91 48.99 -55.48
C ALA C 611 19.58 48.95 -54.75
N ALA C 612 19.17 47.75 -54.31
CA ALA C 612 17.94 47.58 -53.55
C ALA C 612 18.05 48.14 -52.13
N GLN C 613 19.24 48.55 -51.72
CA GLN C 613 19.39 49.37 -50.51
C GLN C 613 19.16 50.83 -50.83
N SER C 614 19.60 51.27 -52.01
CA SER C 614 19.29 52.61 -52.49
C SER C 614 17.92 52.68 -53.15
N GLN C 615 17.39 51.55 -53.62
CA GLN C 615 16.07 51.54 -54.25
C GLN C 615 14.93 52.00 -53.34
N PRO C 616 14.78 51.48 -52.12
CA PRO C 616 13.58 51.80 -51.34
C PRO C 616 13.71 53.05 -50.49
N ASN C 617 14.79 53.82 -50.62
CA ASN C 617 14.85 55.11 -49.96
C ASN C 617 13.76 56.05 -50.47
N PRO C 618 13.54 56.22 -51.79
CA PRO C 618 12.36 56.98 -52.23
C PRO C 618 11.05 56.37 -51.79
N GLU C 619 10.97 55.04 -51.74
CA GLU C 619 9.74 54.38 -51.32
C GLU C 619 9.41 54.69 -49.87
N MET C 620 10.41 54.67 -49.00
CA MET C 620 10.16 54.89 -47.57
C MET C 620 10.01 56.36 -47.24
N VAL C 621 10.74 57.25 -47.93
CA VAL C 621 10.52 58.67 -47.72
C VAL C 621 9.20 59.10 -48.34
N LEU C 622 8.67 58.32 -49.30
CA LEU C 622 7.31 58.54 -49.75
C LEU C 622 6.32 58.29 -48.62
N ALA C 623 6.55 57.24 -47.83
CA ALA C 623 5.78 57.05 -46.61
C ALA C 623 6.09 58.10 -45.55
N GLN C 624 7.15 58.88 -45.74
CA GLN C 624 7.47 60.01 -44.89
C GLN C 624 7.46 61.34 -45.64
N ALA C 625 6.81 61.40 -46.80
CA ALA C 625 6.72 62.64 -47.56
C ALA C 625 5.55 63.51 -47.13
N GLN C 626 4.67 63.00 -46.26
CA GLN C 626 3.56 63.80 -45.77
C GLN C 626 4.06 65.00 -44.99
N MET C 627 5.16 64.88 -44.26
CA MET C 627 5.80 66.02 -43.65
C MET C 627 7.02 66.50 -44.45
N VAL C 628 7.13 66.10 -45.72
CA VAL C 628 8.10 66.68 -46.65
C VAL C 628 7.44 67.69 -47.58
N ALA C 629 6.18 67.46 -47.95
CA ALA C 629 5.41 68.51 -48.59
C ALA C 629 5.32 69.74 -47.69
N ALA C 630 5.13 69.52 -46.39
CA ALA C 630 5.19 70.61 -45.43
C ALA C 630 6.57 71.25 -45.36
N GLN C 631 7.64 70.44 -45.43
CA GLN C 631 8.99 70.99 -45.51
C GLN C 631 9.11 71.96 -46.67
N ALA C 632 8.70 71.54 -47.86
CA ALA C 632 8.82 72.39 -49.04
C ALA C 632 7.94 73.63 -48.93
N GLU C 633 6.71 73.48 -48.45
CA GLU C 633 5.82 74.63 -48.33
C GLU C 633 6.37 75.67 -47.36
N ALA C 634 6.84 75.21 -46.19
CA ALA C 634 7.44 76.13 -45.23
C ALA C 634 8.72 76.74 -45.78
N GLN C 635 9.54 75.96 -46.49
CA GLN C 635 10.78 76.49 -47.03
C GLN C 635 10.52 77.59 -48.04
N LYS C 636 9.51 77.43 -48.89
CA LYS C 636 9.21 78.50 -49.84
C LYS C 636 8.52 79.68 -49.19
N ALA C 637 7.58 79.44 -48.27
CA ALA C 637 6.98 80.55 -47.54
C ALA C 637 8.01 81.30 -46.73
N THR C 638 9.15 80.67 -46.42
CA THR C 638 10.25 81.33 -45.74
C THR C 638 10.86 82.46 -46.56
N ASN C 639 10.62 82.49 -47.88
CA ASN C 639 11.11 83.57 -48.72
C ASN C 639 10.01 84.31 -49.46
N GLU C 640 8.80 83.74 -49.54
CA GLU C 640 7.72 84.37 -50.28
C GLU C 640 7.04 85.49 -49.50
N THR C 641 6.71 85.24 -48.23
CA THR C 641 6.00 86.24 -47.45
C THR C 641 6.83 87.51 -47.25
N ALA C 642 8.15 87.43 -47.38
CA ALA C 642 9.00 88.62 -47.28
C ALA C 642 8.67 89.64 -48.36
N GLN C 643 7.98 89.22 -49.42
CA GLN C 643 7.47 90.19 -50.39
C GLN C 643 6.54 91.18 -49.72
N THR C 644 5.88 90.79 -48.62
CA THR C 644 5.03 91.73 -47.91
C THR C 644 5.85 92.81 -47.22
N GLN C 645 6.99 92.43 -46.63
CA GLN C 645 7.89 93.44 -46.07
C GLN C 645 8.42 94.35 -47.17
N ILE C 646 8.80 93.78 -48.31
CA ILE C 646 9.28 94.59 -49.42
C ILE C 646 8.18 95.53 -49.91
N LYS C 647 6.93 95.04 -49.93
CA LYS C 647 5.81 95.86 -50.36
C LYS C 647 5.54 96.99 -49.37
N ALA C 648 5.72 96.71 -48.07
CA ALA C 648 5.59 97.76 -47.08
C ALA C 648 6.68 98.82 -47.25
N PHE C 649 7.90 98.39 -47.58
CA PHE C 649 8.96 99.35 -47.84
C PHE C 649 8.64 100.20 -49.07
N THR C 650 8.13 99.57 -50.12
CA THR C 650 7.71 100.28 -51.32
C THR C 650 6.58 101.26 -51.01
N ALA C 651 5.64 100.85 -50.17
CA ALA C 651 4.53 101.72 -49.79
C ALA C 651 5.03 102.90 -48.97
N GLN C 652 6.03 102.69 -48.11
CA GLN C 652 6.61 103.82 -47.37
C GLN C 652 7.29 104.80 -48.32
N GLN C 653 8.02 104.28 -49.31
CA GLN C 653 8.63 105.16 -50.31
C GLN C 653 7.57 105.95 -51.07
N ASP C 654 6.49 105.27 -51.47
CA ASP C 654 5.40 105.95 -52.16
C ASP C 654 4.73 106.97 -51.25
N ALA C 655 4.67 106.68 -49.95
CA ALA C 655 4.05 107.59 -49.00
C ALA C 655 4.87 108.86 -48.84
N MET C 656 6.21 108.73 -48.76
CA MET C 656 7.03 109.94 -48.66
C MET C 656 7.01 110.72 -49.98
N GLU C 657 6.99 110.03 -51.11
CA GLU C 657 6.79 110.72 -52.37
C GLU C 657 5.49 111.50 -52.37
N SER C 658 4.38 110.86 -52.00
CA SER C 658 3.10 111.54 -51.94
C SER C 658 3.11 112.66 -50.92
N GLN C 659 3.92 112.56 -49.87
CA GLN C 659 4.10 113.67 -48.96
C GLN C 659 4.65 114.89 -49.69
N ALA C 660 5.74 114.70 -50.42
CA ALA C 660 6.29 115.79 -51.22
C ALA C 660 5.28 116.30 -52.26
N ASN C 661 4.57 115.38 -52.92
CA ASN C 661 3.63 115.75 -53.98
C ASN C 661 2.49 116.58 -53.42
N THR C 662 1.94 116.18 -52.27
CA THR C 662 0.79 116.90 -51.73
C THR C 662 1.23 118.21 -51.08
N VAL C 663 2.47 118.27 -50.58
CA VAL C 663 3.02 119.56 -50.17
C VAL C 663 3.09 120.51 -51.37
N TYR C 664 3.54 119.99 -52.52
CA TYR C 664 3.51 120.79 -53.74
C TYR C 664 2.09 121.19 -54.12
N LYS C 665 1.14 120.28 -53.94
CA LYS C 665 -0.26 120.59 -54.22
C LYS C 665 -0.77 121.73 -53.35
N LEU C 666 -0.41 121.73 -52.07
CA LEU C 666 -0.72 122.85 -51.19
C LEU C 666 0.00 124.12 -51.60
N ALA C 667 1.21 124.02 -52.15
CA ALA C 667 1.93 125.18 -52.65
C ALA C 667 1.28 125.78 -53.88
N GLN C 668 0.77 124.95 -54.79
CA GLN C 668 0.20 125.46 -56.03
C GLN C 668 -1.19 126.06 -55.83
N ALA C 669 -2.00 125.47 -54.96
CA ALA C 669 -3.40 125.86 -54.84
C ALA C 669 -3.57 127.29 -54.33
N ARG C 670 -2.53 127.86 -53.72
CA ARG C 670 -2.61 129.26 -53.30
C ARG C 670 -2.70 130.19 -54.50
N ASN C 671 -2.02 129.82 -55.59
CA ASN C 671 -1.99 130.62 -56.82
C ASN C 671 -1.43 132.01 -56.56
N MET D 1 56.46 -22.88 -64.91
CA MET D 1 56.20 -23.48 -63.61
C MET D 1 54.78 -23.20 -63.18
N ALA D 2 54.06 -22.45 -64.00
CA ALA D 2 52.73 -21.94 -63.67
C ALA D 2 51.71 -22.54 -64.61
N GLU D 3 50.49 -22.00 -64.56
CA GLU D 3 49.34 -22.43 -65.36
C GLU D 3 49.29 -23.95 -65.51
N THR D 4 49.55 -24.45 -66.71
CA THR D 4 49.56 -25.89 -66.93
C THR D 4 50.60 -26.56 -66.05
N LEU D 5 51.79 -25.98 -65.94
CA LEU D 5 52.81 -26.51 -65.04
C LEU D 5 52.33 -26.30 -63.61
N GLU D 6 52.06 -27.40 -62.91
CA GLU D 6 51.35 -27.37 -61.65
C GLU D 6 52.22 -26.98 -60.48
N LYS D 7 53.48 -26.55 -60.70
CA LYS D 7 54.32 -26.15 -59.58
C LYS D 7 53.70 -25.02 -58.78
N LYS D 8 52.79 -24.25 -59.36
CA LYS D 8 52.01 -23.31 -58.58
C LYS D 8 50.99 -24.01 -57.70
N HIS D 9 50.49 -25.16 -58.13
CA HIS D 9 49.41 -25.82 -57.40
C HIS D 9 49.89 -26.38 -56.06
N GLU D 10 51.11 -26.92 -55.99
CA GLU D 10 51.59 -27.38 -54.69
C GLU D 10 51.73 -26.22 -53.72
N ARG D 11 52.19 -25.07 -54.20
CA ARG D 11 52.26 -23.91 -53.32
C ARG D 11 50.88 -23.51 -52.83
N ILE D 12 49.90 -23.53 -53.73
CA ILE D 12 48.53 -23.18 -53.33
C ILE D 12 48.01 -24.16 -52.28
N MET D 13 48.22 -25.45 -52.49
CA MET D 13 47.77 -26.45 -51.53
C MET D 13 48.46 -26.30 -50.19
N LEU D 14 49.77 -26.04 -50.19
CA LEU D 14 50.47 -25.83 -48.94
C LEU D 14 49.94 -24.62 -48.20
N ARG D 15 49.66 -23.54 -48.92
CA ARG D 15 49.09 -22.35 -48.30
C ARG D 15 47.73 -22.66 -47.69
N PHE D 16 46.92 -23.50 -48.34
CA PHE D 16 45.63 -23.85 -47.76
C PHE D 16 45.79 -24.51 -46.40
N ASP D 17 46.68 -25.50 -46.29
CA ASP D 17 46.86 -26.17 -45.01
C ASP D 17 47.46 -25.24 -43.97
N ARG D 18 48.34 -24.33 -44.38
CA ARG D 18 48.89 -23.39 -43.41
C ARG D 18 47.81 -22.45 -42.88
N ALA D 19 46.86 -22.06 -43.72
CA ALA D 19 45.77 -21.20 -43.26
C ALA D 19 44.72 -21.96 -42.46
N TYR D 20 44.55 -23.25 -42.73
CA TYR D 20 43.49 -24.02 -42.10
C TYR D 20 43.85 -24.40 -40.66
N SER D 21 45.12 -24.70 -40.41
CA SER D 21 45.51 -25.29 -39.13
C SER D 21 45.25 -24.41 -37.92
N PRO D 22 45.66 -23.13 -37.88
CA PRO D 22 45.47 -22.34 -36.66
C PRO D 22 44.01 -22.12 -36.30
N GLN D 23 43.21 -21.71 -37.27
CA GLN D 23 41.80 -21.40 -37.04
C GLN D 23 40.92 -22.62 -37.20
N LYS D 24 41.30 -23.72 -36.55
CA LYS D 24 40.60 -24.98 -36.68
C LYS D 24 39.68 -25.26 -35.50
N GLU D 25 40.15 -25.02 -34.28
CA GLU D 25 39.32 -25.18 -33.10
C GLU D 25 38.40 -24.00 -32.87
N VAL D 26 38.71 -22.84 -33.45
CA VAL D 26 37.85 -21.68 -33.26
C VAL D 26 36.55 -21.85 -34.05
N ARG D 27 36.65 -22.27 -35.29
CA ARG D 27 35.46 -22.39 -36.13
C ARG D 27 34.56 -23.53 -35.71
N GLU D 28 35.10 -24.53 -35.02
CA GLU D 28 34.27 -25.62 -34.53
C GLU D 28 33.23 -25.09 -33.54
N LYS D 29 33.62 -24.18 -32.66
CA LYS D 29 32.67 -23.59 -31.73
C LYS D 29 31.59 -22.80 -32.45
N CYS D 30 31.95 -22.06 -33.50
CA CYS D 30 30.95 -21.30 -34.24
C CYS D 30 29.93 -22.22 -34.87
N ILE D 31 30.40 -23.28 -35.53
CA ILE D 31 29.48 -24.22 -36.17
C ILE D 31 28.61 -24.89 -35.13
N GLU D 32 29.20 -25.32 -34.01
CA GLU D 32 28.43 -25.97 -32.96
C GLU D 32 27.37 -25.04 -32.40
N ALA D 33 27.69 -23.75 -32.24
CA ALA D 33 26.72 -22.82 -31.70
C ALA D 33 25.55 -22.61 -32.66
N THR D 34 25.83 -22.36 -33.94
CA THR D 34 24.73 -22.17 -34.88
C THR D 34 23.84 -23.40 -34.92
N ARG D 35 24.45 -24.58 -34.97
CA ARG D 35 23.68 -25.82 -34.99
C ARG D 35 22.92 -26.04 -33.68
N PHE D 36 23.49 -25.63 -32.55
CA PHE D 36 22.84 -25.74 -31.26
C PHE D 36 21.60 -24.87 -31.18
N ALA D 37 21.63 -23.70 -31.80
CA ALA D 37 20.51 -22.78 -31.71
C ALA D 37 19.44 -23.01 -32.76
N ARG D 38 19.77 -23.57 -33.92
CA ARG D 38 18.83 -23.57 -35.03
C ARG D 38 18.33 -24.95 -35.44
N VAL D 39 19.18 -25.96 -35.48
CA VAL D 39 18.76 -27.29 -35.94
C VAL D 39 17.81 -27.90 -34.90
N PRO D 40 16.69 -28.50 -35.33
CA PRO D 40 15.66 -28.90 -34.36
C PRO D 40 16.13 -29.90 -33.30
N GLY D 41 17.02 -30.82 -33.63
CA GLY D 41 17.47 -31.76 -32.62
C GLY D 41 18.89 -31.52 -32.16
N GLY D 42 19.42 -30.33 -32.44
CA GLY D 42 20.84 -30.09 -32.29
C GLY D 42 21.33 -29.84 -30.89
N GLN D 43 20.44 -29.75 -29.90
CA GLN D 43 20.89 -29.48 -28.55
C GLN D 43 21.39 -30.73 -27.85
N TRP D 44 21.09 -31.91 -28.38
CA TRP D 44 21.53 -33.16 -27.77
C TRP D 44 22.60 -33.86 -28.59
N GLU D 45 23.14 -33.21 -29.61
CA GLU D 45 24.06 -33.88 -30.51
C GLU D 45 25.33 -34.26 -29.78
N GLY D 46 25.79 -35.48 -30.01
CA GLY D 46 26.89 -36.03 -29.24
C GLY D 46 26.43 -37.26 -28.49
N ALA D 47 25.22 -37.22 -27.93
CA ALA D 47 24.60 -38.39 -27.33
C ALA D 47 23.66 -39.09 -28.30
N THR D 48 22.58 -38.42 -28.70
CA THR D 48 21.58 -38.96 -29.61
C THR D 48 21.19 -40.39 -29.25
N ALA D 49 21.94 -41.36 -29.76
CA ALA D 49 21.63 -42.78 -29.52
C ALA D 49 22.40 -43.26 -28.31
N ALA D 50 21.80 -43.13 -27.14
CA ALA D 50 22.41 -43.59 -25.90
C ALA D 50 21.35 -44.24 -25.02
N GLY D 51 21.65 -45.43 -24.54
CA GLY D 51 20.71 -46.15 -23.69
C GLY D 51 21.36 -47.39 -23.12
N THR D 52 20.54 -48.18 -22.43
CA THR D 52 21.02 -49.41 -21.79
C THR D 52 20.27 -50.62 -22.33
N LYS D 53 20.76 -51.80 -21.94
CA LYS D 53 20.23 -53.05 -22.45
C LYS D 53 18.80 -53.29 -21.97
N LEU D 54 18.56 -53.18 -20.67
CA LEU D 54 17.22 -53.24 -20.11
C LEU D 54 16.47 -54.51 -20.52
N ASP D 55 17.00 -55.65 -20.06
CA ASP D 55 16.46 -56.99 -20.35
C ASP D 55 16.50 -57.30 -21.86
N GLU D 56 17.71 -57.27 -22.40
CA GLU D 56 17.96 -57.65 -23.79
C GLU D 56 17.12 -56.83 -24.77
N GLN D 57 17.18 -55.51 -24.60
CA GLN D 57 16.59 -54.57 -25.53
C GLN D 57 17.56 -53.41 -25.68
N PHE D 58 17.14 -52.34 -26.33
CA PHE D 58 17.96 -51.14 -26.31
C PHE D 58 17.11 -49.89 -26.17
N GLU D 59 16.26 -49.85 -25.16
CA GLU D 59 15.52 -48.62 -24.91
C GLU D 59 16.50 -47.48 -24.64
N LYS D 60 16.25 -46.34 -25.27
CA LYS D 60 17.09 -45.16 -25.19
C LYS D 60 16.50 -44.16 -24.21
N TYR D 61 17.38 -43.35 -23.62
CA TYR D 61 16.94 -42.36 -22.67
C TYR D 61 16.09 -41.30 -23.37
N PRO D 62 15.00 -40.85 -22.75
CA PRO D 62 14.25 -39.73 -23.32
C PRO D 62 15.09 -38.47 -23.31
N LYS D 63 15.01 -37.72 -24.40
CA LYS D 63 15.81 -36.51 -24.57
C LYS D 63 14.90 -35.38 -25.01
N PHE D 64 14.29 -34.71 -24.06
CA PHE D 64 13.40 -33.60 -24.37
C PHE D 64 14.23 -32.33 -24.59
N GLU D 65 13.69 -31.44 -25.42
CA GLU D 65 14.40 -30.23 -25.82
C GLU D 65 13.47 -29.04 -25.67
N ILE D 66 13.86 -28.09 -24.82
CA ILE D 66 13.06 -26.90 -24.54
C ILE D 66 13.97 -25.71 -24.83
N ASN D 67 13.86 -25.16 -26.03
CA ASN D 67 14.81 -24.15 -26.50
C ASN D 67 14.48 -22.80 -25.89
N LYS D 68 15.35 -22.31 -25.03
CA LYS D 68 15.14 -21.05 -24.34
C LYS D 68 16.23 -20.03 -24.59
N VAL D 69 17.23 -20.36 -25.43
CA VAL D 69 18.33 -19.45 -25.68
C VAL D 69 18.18 -18.64 -26.95
N ALA D 70 17.11 -18.86 -27.71
CA ALA D 70 16.94 -18.20 -28.99
C ALA D 70 16.15 -16.91 -28.94
N THR D 71 15.46 -16.63 -27.82
CA THR D 71 14.59 -15.46 -27.77
C THR D 71 15.39 -14.16 -27.85
N GLU D 72 16.46 -14.07 -27.06
CA GLU D 72 17.27 -12.86 -27.08
C GLU D 72 17.98 -12.68 -28.42
N LEU D 73 18.41 -13.79 -29.03
CA LEU D 73 19.00 -13.72 -30.35
C LEU D 73 18.01 -13.18 -31.37
N ASN D 74 16.76 -13.64 -31.32
CA ASN D 74 15.75 -13.11 -32.21
C ASN D 74 15.51 -11.63 -31.96
N ARG D 75 15.54 -11.21 -30.70
CA ARG D 75 15.39 -9.79 -30.39
C ARG D 75 16.51 -8.98 -31.02
N ILE D 76 17.75 -9.46 -30.92
CA ILE D 76 18.87 -8.74 -31.51
C ILE D 76 18.72 -8.65 -33.03
N ILE D 77 18.35 -9.75 -33.67
CA ILE D 77 18.22 -9.74 -35.13
C ILE D 77 17.11 -8.80 -35.58
N ALA D 78 15.98 -8.79 -34.86
CA ALA D 78 14.91 -7.85 -35.18
C ALA D 78 15.37 -6.41 -35.01
N GLU D 79 16.21 -6.15 -34.00
CA GLU D 79 16.73 -4.80 -33.83
C GLU D 79 17.47 -4.31 -35.06
N TYR D 80 18.29 -5.14 -35.69
CA TYR D 80 18.96 -4.73 -36.90
C TYR D 80 18.05 -4.66 -38.10
N ARG D 81 17.16 -5.64 -38.27
CA ARG D 81 16.28 -5.61 -39.43
C ARG D 81 15.32 -4.44 -39.40
N ASN D 82 15.11 -3.84 -38.23
CA ASN D 82 14.31 -2.62 -38.16
C ASN D 82 15.09 -1.41 -38.69
N ASN D 83 16.38 -1.33 -38.41
CA ASN D 83 17.22 -0.19 -38.79
C ASN D 83 18.47 -0.73 -39.48
N ARG D 84 18.53 -0.61 -40.81
CA ARG D 84 19.44 -1.46 -41.56
C ARG D 84 20.82 -0.87 -41.83
N ILE D 85 20.95 0.46 -41.93
CA ILE D 85 22.19 1.23 -42.12
C ILE D 85 23.01 0.81 -43.34
N THR D 86 23.62 1.78 -44.02
CA THR D 86 24.41 1.54 -45.22
C THR D 86 25.51 2.60 -45.32
N VAL D 87 26.18 2.68 -46.47
CA VAL D 87 27.30 3.57 -46.69
C VAL D 87 26.80 4.97 -47.02
N LYS D 88 27.61 6.00 -46.72
CA LYS D 88 27.16 7.38 -46.77
C LYS D 88 27.93 8.26 -47.74
N PHE D 89 29.27 8.24 -47.72
CA PHE D 89 30.09 9.10 -48.59
C PHE D 89 29.87 10.59 -48.30
N ARG D 90 30.33 11.00 -47.12
CA ARG D 90 30.25 12.40 -46.72
C ARG D 90 31.13 13.27 -47.62
N PRO D 91 30.77 14.54 -47.82
CA PRO D 91 31.58 15.43 -48.65
C PRO D 91 32.77 16.02 -47.91
N GLY D 92 33.49 16.92 -48.56
CA GLY D 92 34.61 17.60 -47.96
C GLY D 92 34.49 19.11 -48.08
N ASP D 93 35.60 19.82 -47.93
CA ASP D 93 35.62 21.28 -48.03
C ASP D 93 36.29 21.63 -49.36
N ARG D 94 35.48 21.73 -50.41
CA ARG D 94 35.98 22.01 -51.74
C ARG D 94 34.83 22.54 -52.56
N GLU D 95 35.17 23.12 -53.72
CA GLU D 95 34.15 23.74 -54.55
C GLU D 95 33.17 22.73 -55.12
N ALA D 96 33.64 21.54 -55.48
CA ALA D 96 32.81 20.59 -56.21
C ALA D 96 32.57 19.28 -55.48
N SER D 97 32.99 19.15 -54.23
CA SER D 97 32.85 17.88 -53.54
C SER D 97 31.41 17.50 -53.26
N GLU D 98 30.50 18.48 -53.21
CA GLU D 98 29.09 18.17 -52.95
C GLU D 98 28.51 17.32 -54.06
N GLU D 99 28.66 17.76 -55.31
CA GLU D 99 28.15 16.99 -56.44
C GLU D 99 28.85 15.66 -56.55
N LEU D 100 30.15 15.61 -56.24
CA LEU D 100 30.88 14.36 -56.28
C LEU D 100 30.29 13.35 -55.30
N ALA D 101 30.02 13.79 -54.08
CA ALA D 101 29.42 12.89 -53.09
C ALA D 101 28.04 12.44 -53.52
N ASN D 102 27.23 13.37 -54.07
CA ASN D 102 25.90 13.00 -54.52
C ASN D 102 25.97 11.92 -55.60
N LYS D 103 26.82 12.11 -56.60
CA LYS D 103 26.96 11.14 -57.66
C LYS D 103 27.43 9.79 -57.13
N LEU D 104 28.42 9.81 -56.23
CA LEU D 104 28.99 8.56 -55.74
C LEU D 104 27.97 7.76 -54.96
N ASN D 105 27.26 8.40 -54.04
CA ASN D 105 26.33 7.60 -53.25
C ASN D 105 24.96 7.46 -53.92
N GLY D 106 24.78 7.99 -55.12
CA GLY D 106 23.72 7.50 -55.98
C GLY D 106 24.11 6.25 -56.74
N LEU D 107 25.35 6.22 -57.24
CA LEU D 107 25.84 5.02 -57.91
C LEU D 107 25.87 3.83 -56.95
N PHE D 108 26.31 4.05 -55.71
CA PHE D 108 26.36 2.94 -54.76
C PHE D 108 24.95 2.41 -54.48
N ARG D 109 23.97 3.30 -54.34
CA ARG D 109 22.60 2.84 -54.13
C ARG D 109 22.11 2.03 -55.31
N ALA D 110 22.43 2.48 -56.52
CA ALA D 110 22.03 1.70 -57.69
C ALA D 110 22.63 0.30 -57.66
N ASP D 111 23.91 0.20 -57.30
CA ASP D 111 24.55 -1.12 -57.25
C ASP D 111 23.97 -1.99 -56.14
N TYR D 112 23.63 -1.40 -55.00
CA TYR D 112 23.14 -2.16 -53.86
C TYR D 112 21.70 -2.64 -54.08
N GLU D 113 20.89 -1.85 -54.78
CA GLU D 113 19.48 -2.21 -54.97
C GLU D 113 19.30 -3.25 -56.06
N GLU D 114 19.96 -3.08 -57.19
CA GLU D 114 19.74 -3.93 -58.35
C GLU D 114 20.54 -5.23 -58.30
N THR D 115 21.11 -5.56 -57.15
CA THR D 115 21.80 -6.83 -56.94
C THR D 115 21.45 -7.33 -55.55
N ASP D 116 22.21 -8.27 -55.01
CA ASP D 116 21.81 -8.98 -53.81
C ASP D 116 22.39 -8.35 -52.57
N GLY D 117 22.42 -7.02 -52.50
CA GLY D 117 23.00 -6.35 -51.35
C GLY D 117 22.23 -6.62 -50.06
N GLY D 118 20.91 -6.51 -50.10
CA GLY D 118 20.13 -6.67 -48.88
C GLY D 118 20.23 -8.08 -48.32
N GLU D 119 20.11 -9.08 -49.19
CA GLU D 119 20.27 -10.45 -48.76
C GLU D 119 21.66 -10.71 -48.19
N ALA D 120 22.70 -10.17 -48.83
CA ALA D 120 24.05 -10.37 -48.33
C ALA D 120 24.22 -9.79 -46.95
N CYS D 121 23.76 -8.56 -46.73
CA CYS D 121 23.93 -7.94 -45.42
C CYS D 121 23.12 -8.67 -44.35
N ASP D 122 21.88 -9.05 -44.66
CA ASP D 122 21.08 -9.77 -43.68
C ASP D 122 21.72 -11.10 -43.31
N ASN D 123 22.18 -11.85 -44.30
CA ASN D 123 22.80 -13.14 -44.02
C ASN D 123 24.06 -12.97 -43.19
N ALA D 124 24.89 -11.98 -43.54
CA ALA D 124 26.11 -11.75 -42.79
C ALA D 124 25.81 -11.40 -41.34
N PHE D 125 24.84 -10.52 -41.11
CA PHE D 125 24.55 -10.16 -39.73
C PHE D 125 23.96 -11.32 -38.95
N ASP D 126 23.08 -12.12 -39.56
CA ASP D 126 22.54 -13.27 -38.86
C ASP D 126 23.65 -14.22 -38.43
N ASP D 127 24.57 -14.52 -39.35
CA ASP D 127 25.66 -15.43 -39.03
C ASP D 127 26.57 -14.85 -37.96
N ALA D 128 26.87 -13.55 -38.05
CA ALA D 128 27.74 -12.92 -37.07
C ALA D 128 27.12 -12.93 -35.68
N ALA D 129 25.83 -12.67 -35.58
CA ALA D 129 25.18 -12.66 -34.28
C ALA D 129 24.96 -14.05 -33.72
N THR D 130 24.78 -15.06 -34.56
CA THR D 130 24.54 -16.41 -34.04
C THR D 130 25.85 -17.12 -33.65
N GLY D 131 26.74 -17.30 -34.61
CA GLY D 131 27.96 -18.04 -34.33
C GLY D 131 29.12 -17.15 -33.95
N GLY D 132 29.30 -16.05 -34.68
CA GLY D 132 30.36 -15.12 -34.34
C GLY D 132 31.16 -14.66 -35.55
N PHE D 133 30.93 -15.27 -36.71
CA PHE D 133 31.67 -14.91 -37.90
C PHE D 133 30.72 -14.88 -39.10
N GLY D 134 30.75 -13.76 -39.84
CA GLY D 134 30.01 -13.65 -41.07
C GLY D 134 30.84 -12.96 -42.12
N CYS D 135 30.40 -13.03 -43.37
CA CYS D 135 31.19 -12.48 -44.46
C CYS D 135 30.27 -12.24 -45.65
N PHE D 136 30.70 -11.36 -46.56
CA PHE D 136 30.05 -11.22 -47.85
C PHE D 136 31.05 -10.72 -48.86
N ARG D 137 30.70 -10.84 -50.14
CA ARG D 137 31.63 -10.67 -51.24
C ARG D 137 31.22 -9.47 -52.09
N LEU D 138 32.20 -8.94 -52.82
CA LEU D 138 32.01 -7.77 -53.67
C LEU D 138 32.69 -8.06 -55.01
N THR D 139 31.91 -8.47 -56.01
CA THR D 139 32.44 -8.88 -57.29
C THR D 139 32.09 -7.86 -58.38
N SER D 140 32.50 -8.16 -59.60
CA SER D 140 32.22 -7.32 -60.77
C SER D 140 31.68 -8.19 -61.88
N MET D 141 30.40 -8.03 -62.19
CA MET D 141 29.71 -8.85 -63.17
C MET D 141 29.52 -8.09 -64.46
N LEU D 142 29.36 -8.83 -65.56
CA LEU D 142 29.31 -8.26 -66.90
C LEU D 142 27.85 -8.15 -67.35
N VAL D 143 27.33 -6.93 -67.34
CA VAL D 143 26.02 -6.62 -67.91
C VAL D 143 26.08 -5.26 -68.58
N ARG D 152 28.59 -1.53 -69.76
CA ARG D 152 28.61 -2.96 -70.00
C ARG D 152 29.45 -3.68 -68.94
N GLN D 153 29.77 -2.97 -67.87
CA GLN D 153 30.41 -3.55 -66.70
C GLN D 153 29.72 -3.03 -65.45
N ARG D 154 29.81 -3.78 -64.38
CA ARG D 154 29.05 -3.46 -63.18
C ARG D 154 29.74 -4.03 -61.96
N ILE D 155 29.54 -3.39 -60.83
CA ILE D 155 29.96 -3.92 -59.53
C ILE D 155 28.74 -4.50 -58.84
N ALA D 156 28.88 -5.72 -58.33
CA ALA D 156 27.76 -6.42 -57.70
C ALA D 156 28.16 -6.88 -56.31
N ILE D 157 27.16 -6.95 -55.42
CA ILE D 157 27.36 -7.38 -54.04
C ILE D 157 26.66 -8.72 -53.87
N GLU D 158 27.38 -9.72 -53.38
CA GLU D 158 26.89 -11.08 -53.32
C GLU D 158 27.04 -11.64 -51.93
N PRO D 159 26.16 -12.56 -51.53
CA PRO D 159 26.29 -13.20 -50.22
C PRO D 159 27.21 -14.42 -50.26
N ILE D 160 27.71 -14.77 -49.09
CA ILE D 160 28.54 -15.96 -48.90
C ILE D 160 27.86 -16.83 -47.86
N TYR D 161 27.65 -18.09 -48.19
CA TYR D 161 26.94 -19.01 -47.32
C TYR D 161 27.92 -19.95 -46.63
N ASP D 162 27.68 -20.19 -45.34
CA ASP D 162 28.56 -20.95 -44.46
C ASP D 162 29.93 -20.33 -44.36
N PRO D 163 30.05 -19.09 -43.88
CA PRO D 163 31.37 -18.46 -43.80
C PRO D 163 32.33 -19.19 -42.88
N SER D 164 31.84 -19.84 -41.83
CA SER D 164 32.73 -20.44 -40.86
C SER D 164 33.61 -21.50 -41.49
N ARG D 165 33.08 -22.29 -42.41
CA ARG D 165 33.81 -23.38 -43.04
C ARG D 165 34.13 -23.10 -44.50
N SER D 166 34.09 -21.84 -44.92
CA SER D 166 34.32 -21.50 -46.32
C SER D 166 35.41 -20.47 -46.55
N VAL D 167 35.61 -19.53 -45.63
CA VAL D 167 36.53 -18.42 -45.85
C VAL D 167 37.75 -18.61 -44.97
N TRP D 168 38.93 -18.59 -45.57
CA TRP D 168 40.19 -18.75 -44.85
C TRP D 168 41.17 -17.71 -45.35
N PHE D 169 41.80 -17.00 -44.42
CA PHE D 169 42.68 -15.89 -44.74
C PHE D 169 44.14 -16.23 -44.45
N ASP D 170 45.01 -15.36 -44.90
CA ASP D 170 46.43 -15.43 -44.57
C ASP D 170 46.62 -15.38 -43.06
N PRO D 171 47.33 -16.33 -42.46
CA PRO D 171 47.47 -16.32 -41.00
C PRO D 171 48.36 -15.21 -40.49
N ASP D 172 48.86 -14.36 -41.39
CA ASP D 172 49.68 -13.23 -41.00
C ASP D 172 48.91 -11.92 -40.92
N ALA D 173 47.62 -11.93 -41.24
CA ALA D 173 46.80 -10.74 -41.12
C ALA D 173 46.20 -10.68 -39.73
N LYS D 174 46.27 -9.51 -39.11
CA LYS D 174 45.84 -9.37 -37.72
C LYS D 174 44.76 -8.32 -37.52
N LYS D 175 44.52 -7.46 -38.50
CA LYS D 175 43.58 -6.37 -38.30
C LYS D 175 42.14 -6.88 -38.43
N TYR D 176 41.20 -6.03 -38.00
CA TYR D 176 39.80 -6.41 -38.04
C TYR D 176 39.33 -6.69 -39.46
N ASP D 177 39.72 -5.85 -40.40
CA ASP D 177 39.25 -5.95 -41.77
C ASP D 177 40.20 -6.75 -42.66
N LYS D 178 41.26 -7.31 -42.11
CA LYS D 178 42.22 -8.12 -42.87
C LYS D 178 42.80 -7.33 -44.03
N SER D 179 43.10 -6.06 -43.78
CA SER D 179 43.72 -5.23 -44.82
C SER D 179 45.09 -5.76 -45.20
N ASP D 180 45.86 -6.22 -44.22
CA ASP D 180 47.24 -6.65 -44.43
C ASP D 180 47.33 -8.14 -44.76
N ALA D 181 46.51 -8.59 -45.69
CA ALA D 181 46.50 -9.99 -46.11
C ALA D 181 46.91 -10.09 -47.56
N LEU D 182 47.58 -11.17 -47.90
CA LEU D 182 48.10 -11.35 -49.24
C LEU D 182 47.46 -12.48 -50.03
N TRP D 183 46.64 -13.31 -49.39
CA TRP D 183 45.86 -14.30 -50.12
C TRP D 183 44.72 -14.77 -49.26
N ALA D 184 43.72 -15.37 -49.90
CA ALA D 184 42.56 -15.89 -49.19
C ALA D 184 41.88 -16.95 -50.05
N PHE D 185 41.01 -17.72 -49.41
CA PHE D 185 40.27 -18.80 -50.05
C PHE D 185 38.78 -18.60 -49.82
N CYS D 186 37.97 -19.08 -50.76
CA CYS D 186 36.52 -19.02 -50.63
C CYS D 186 35.95 -20.32 -51.22
N MET D 187 35.63 -21.27 -50.36
CA MET D 187 35.09 -22.55 -50.78
C MET D 187 33.59 -22.48 -50.99
N TYR D 188 33.10 -23.30 -51.91
CA TYR D 188 31.66 -23.48 -52.08
C TYR D 188 31.40 -24.85 -52.68
N SER D 189 30.25 -25.43 -52.32
CA SER D 189 29.87 -26.77 -52.74
C SER D 189 29.18 -26.72 -54.09
N LEU D 190 29.14 -27.87 -54.75
CA LEU D 190 28.70 -27.96 -56.13
C LEU D 190 28.12 -29.34 -56.37
N SER D 191 27.33 -29.47 -57.43
CA SER D 191 26.75 -30.75 -57.80
C SER D 191 27.47 -31.34 -59.01
N PRO D 192 27.53 -32.66 -59.11
CA PRO D 192 28.26 -33.28 -60.23
C PRO D 192 27.74 -32.86 -61.59
N GLU D 193 26.43 -32.69 -61.72
CA GLU D 193 25.85 -32.25 -62.98
C GLU D 193 26.22 -30.83 -63.33
N LYS D 194 26.20 -29.92 -62.36
CA LYS D 194 26.66 -28.56 -62.63
C LYS D 194 28.16 -28.52 -62.88
N TYR D 195 28.93 -29.42 -62.29
CA TYR D 195 30.33 -29.56 -62.65
C TYR D 195 30.49 -30.08 -64.07
N GLU D 196 29.53 -30.85 -64.57
CA GLU D 196 29.58 -31.24 -65.97
C GLU D 196 29.18 -30.11 -66.90
N ALA D 197 28.31 -29.21 -66.44
CA ALA D 197 27.84 -28.12 -67.29
C ALA D 197 28.99 -27.27 -67.80
N GLU D 198 29.69 -26.59 -66.90
CA GLU D 198 30.93 -25.92 -67.23
C GLU D 198 32.08 -26.73 -66.70
N TYR D 199 33.32 -26.34 -67.04
CA TYR D 199 34.52 -27.09 -66.69
C TYR D 199 34.58 -28.40 -67.45
N GLY D 200 33.66 -28.59 -68.40
CA GLY D 200 33.76 -29.69 -69.34
C GLY D 200 33.52 -31.04 -68.71
N LYS D 201 33.72 -32.07 -69.52
CA LYS D 201 33.55 -33.44 -69.07
C LYS D 201 34.48 -33.74 -67.91
N LYS D 202 35.78 -33.53 -68.12
CA LYS D 202 36.80 -33.55 -67.07
C LYS D 202 36.92 -34.94 -66.47
N PRO D 203 38.00 -35.23 -65.75
CA PRO D 203 38.03 -36.41 -64.89
C PRO D 203 36.90 -36.37 -63.87
N PRO D 204 36.69 -37.46 -63.13
CA PRO D 204 35.50 -37.56 -62.27
C PRO D 204 35.54 -36.66 -61.05
N THR D 205 36.41 -35.64 -61.05
CA THR D 205 36.48 -34.55 -60.07
C THR D 205 37.32 -34.94 -58.87
N SER D 206 38.05 -33.99 -58.31
CA SER D 206 38.79 -34.19 -57.07
C SER D 206 38.49 -33.02 -56.15
N LEU D 207 37.59 -33.22 -55.20
CA LEU D 207 37.18 -32.13 -54.33
C LEU D 207 38.21 -31.87 -53.23
N ASP D 208 38.11 -30.70 -52.63
CA ASP D 208 38.96 -30.33 -51.51
C ASP D 208 38.55 -31.11 -50.26
N VAL D 209 39.42 -31.07 -49.24
CA VAL D 209 39.18 -31.78 -47.99
C VAL D 209 39.47 -30.84 -46.82
N THR D 210 38.60 -30.86 -45.82
CA THR D 210 38.80 -30.14 -44.57
C THR D 210 38.76 -31.03 -43.34
N SER D 211 38.04 -32.16 -43.41
CA SER D 211 37.79 -33.01 -42.24
C SER D 211 37.15 -32.17 -41.13
N MET D 212 36.20 -31.34 -41.52
CA MET D 212 35.65 -30.29 -40.66
C MET D 212 34.28 -30.63 -40.11
N THR D 213 33.29 -30.82 -40.98
CA THR D 213 31.92 -31.02 -40.57
C THR D 213 31.56 -32.51 -40.57
N SER D 214 30.26 -32.79 -40.48
CA SER D 214 29.70 -34.12 -40.17
C SER D 214 30.04 -34.46 -38.72
N TRP D 215 30.68 -33.53 -38.02
CA TRP D 215 30.99 -33.72 -36.62
C TRP D 215 29.68 -33.65 -35.84
N GLU D 216 29.18 -34.82 -35.43
CA GLU D 216 27.84 -34.95 -34.85
C GLU D 216 26.76 -34.54 -35.85
N TYR D 217 26.64 -35.32 -36.94
CA TYR D 217 25.68 -35.08 -38.01
C TYR D 217 25.64 -36.23 -39.00
N ASN D 218 24.52 -36.39 -39.70
CA ASN D 218 24.34 -37.48 -40.65
C ASN D 218 24.51 -36.98 -42.09
N TRP D 219 25.30 -37.72 -42.85
CA TRP D 219 25.49 -37.41 -44.26
C TRP D 219 24.81 -38.48 -45.10
N PHE D 220 24.18 -38.02 -46.19
CA PHE D 220 23.46 -38.88 -47.11
C PHE D 220 23.76 -38.47 -48.55
N GLY D 221 24.30 -37.27 -48.72
CA GLY D 221 24.49 -36.73 -50.05
C GLY D 221 25.91 -36.84 -50.55
N ALA D 222 26.08 -37.49 -51.71
CA ALA D 222 27.39 -37.61 -52.33
C ALA D 222 27.61 -36.47 -53.30
N ASP D 223 26.67 -35.51 -53.34
CA ASP D 223 26.78 -34.35 -54.21
C ASP D 223 27.62 -33.29 -53.50
N VAL D 224 28.90 -33.61 -53.37
CA VAL D 224 29.79 -32.84 -52.52
C VAL D 224 30.58 -31.81 -53.32
N ILE D 225 31.39 -32.26 -54.30
CA ILE D 225 32.34 -31.47 -55.07
C ILE D 225 32.61 -30.10 -54.49
N TYR D 226 33.64 -29.99 -53.65
CA TYR D 226 34.00 -28.73 -53.01
C TYR D 226 35.03 -28.01 -53.87
N ILE D 227 34.69 -26.82 -54.33
CA ILE D 227 35.56 -26.00 -55.16
C ILE D 227 35.91 -24.75 -54.37
N ALA D 228 37.06 -24.15 -54.68
CA ALA D 228 37.50 -22.96 -53.97
C ALA D 228 37.98 -21.91 -54.96
N LYS D 229 37.86 -20.65 -54.56
CA LYS D 229 38.42 -19.52 -55.28
C LYS D 229 39.64 -19.01 -54.54
N TYR D 230 40.66 -18.64 -55.28
CA TYR D 230 41.95 -18.25 -54.71
C TYR D 230 42.29 -16.84 -55.15
N TYR D 231 42.65 -15.98 -54.18
CA TYR D 231 42.94 -14.58 -54.43
C TYR D 231 44.42 -14.32 -54.15
N GLU D 232 45.10 -13.70 -55.11
CA GLU D 232 46.51 -13.35 -54.99
C GLU D 232 46.65 -11.85 -55.11
N VAL D 233 47.61 -11.27 -54.40
CA VAL D 233 47.99 -9.88 -54.61
C VAL D 233 49.47 -9.85 -54.98
N ARG D 234 49.78 -9.21 -56.10
CA ARG D 234 51.13 -9.15 -56.62
C ARG D 234 51.50 -7.71 -56.89
N LYS D 235 52.81 -7.44 -56.92
CA LYS D 235 53.27 -6.10 -57.23
C LYS D 235 53.31 -5.86 -58.73
N GLU D 236 54.16 -6.61 -59.44
CA GLU D 236 54.29 -6.49 -60.89
C GLU D 236 54.74 -5.11 -61.34
N SER D 237 55.13 -5.00 -62.60
CA SER D 237 55.55 -3.73 -63.19
C SER D 237 54.63 -3.41 -64.37
N VAL D 238 54.08 -2.21 -64.37
CA VAL D 238 53.19 -1.75 -65.42
C VAL D 238 53.74 -0.45 -65.98
N ASP D 239 53.62 -0.28 -67.29
CA ASP D 239 54.15 0.88 -67.98
C ASP D 239 53.04 1.89 -68.19
N VAL D 240 53.17 3.06 -67.58
CA VAL D 240 52.24 4.15 -67.82
C VAL D 240 52.73 4.91 -69.05
N ILE D 241 51.91 4.96 -70.08
CA ILE D 241 52.31 5.41 -71.41
C ILE D 241 51.48 6.62 -71.81
N SER D 242 51.31 7.53 -70.86
CA SER D 242 50.46 8.73 -70.91
C SER D 242 50.28 9.39 -72.27
N TYR D 243 49.02 9.59 -72.66
CA TYR D 243 48.65 10.49 -73.75
C TYR D 243 48.25 11.86 -73.19
N ARG D 244 49.24 12.59 -72.70
CA ARG D 244 48.95 13.95 -72.22
C ARG D 244 48.67 14.80 -73.45
N HIS D 245 47.39 14.87 -73.83
CA HIS D 245 47.01 15.61 -75.02
C HIS D 245 46.97 17.09 -74.69
N PRO D 246 47.77 17.92 -75.36
CA PRO D 246 47.82 19.35 -74.97
C PRO D 246 46.49 20.06 -75.08
N ILE D 247 45.66 19.71 -76.05
CA ILE D 247 44.38 20.39 -76.24
C ILE D 247 43.40 19.92 -75.17
N THR D 248 42.31 20.67 -75.03
CA THR D 248 41.28 20.50 -73.99
C THR D 248 41.91 20.12 -72.65
N GLY D 249 42.93 20.89 -72.26
CA GLY D 249 43.64 20.65 -71.02
C GLY D 249 44.40 19.34 -71.05
N GLU D 250 43.94 18.38 -70.25
CA GLU D 250 44.48 17.02 -70.25
C GLU D 250 45.98 17.02 -69.94
N ILE D 251 46.30 17.44 -68.73
CA ILE D 251 47.66 17.47 -68.20
C ILE D 251 47.85 16.24 -67.32
N ALA D 252 49.02 15.63 -67.40
CA ALA D 252 49.39 14.50 -66.55
C ALA D 252 48.40 13.36 -66.69
N THR D 253 48.35 12.81 -67.90
CA THR D 253 47.38 11.82 -68.31
C THR D 253 47.85 10.42 -67.90
N TYR D 254 46.95 9.44 -68.07
CA TYR D 254 47.08 8.12 -67.47
C TYR D 254 47.70 7.05 -68.36
N ASP D 255 46.92 6.65 -69.36
CA ASP D 255 47.15 5.57 -70.31
C ASP D 255 47.96 4.43 -69.72
N SER D 256 47.43 3.74 -68.70
CA SER D 256 48.07 2.51 -68.28
C SER D 256 48.12 1.51 -69.44
N ASP D 257 48.91 0.46 -69.25
CA ASP D 257 49.19 -0.47 -70.35
C ASP D 257 47.92 -1.12 -70.86
N GLN D 258 47.03 -1.53 -69.94
CA GLN D 258 45.80 -2.20 -70.30
C GLN D 258 44.77 -1.30 -70.97
N VAL D 259 45.10 -0.04 -71.24
CA VAL D 259 44.15 0.86 -71.87
C VAL D 259 44.29 0.85 -73.38
N GLU D 260 45.51 0.97 -73.89
CA GLU D 260 45.72 1.12 -75.33
C GLU D 260 45.22 -0.08 -76.11
N ASP D 261 45.49 -1.29 -75.61
CA ASP D 261 45.09 -2.49 -76.34
C ASP D 261 43.58 -2.57 -76.53
N ILE D 262 42.82 -2.29 -75.48
CA ILE D 262 41.37 -2.25 -75.61
C ILE D 262 40.92 -0.99 -76.32
N GLU D 263 41.46 0.17 -75.93
CA GLU D 263 41.05 1.46 -76.50
C GLU D 263 41.86 1.70 -77.76
N ASP D 264 41.29 1.29 -78.89
CA ASP D 264 41.89 1.51 -80.21
C ASP D 264 41.03 2.52 -80.96
N GLU D 265 41.26 3.80 -80.66
CA GLU D 265 40.64 4.89 -81.39
C GLU D 265 41.54 5.38 -82.52
N LEU D 266 42.69 4.75 -82.71
CA LEU D 266 43.70 5.18 -83.67
C LEU D 266 44.24 6.56 -83.34
N ALA D 267 44.22 6.91 -82.05
CA ALA D 267 44.82 8.13 -81.53
C ALA D 267 44.34 9.37 -82.30
N ILE D 268 43.02 9.59 -82.23
CA ILE D 268 42.42 10.72 -82.94
C ILE D 268 42.95 12.03 -82.38
N ALA D 269 42.94 12.17 -81.06
CA ALA D 269 43.38 13.40 -80.40
C ALA D 269 44.27 13.06 -79.21
N GLY D 270 45.27 12.21 -79.44
CA GLY D 270 46.10 11.79 -78.32
C GLY D 270 47.55 12.24 -78.31
N PHE D 271 48.19 12.31 -79.48
CA PHE D 271 49.64 12.51 -79.55
C PHE D 271 50.34 11.38 -78.80
N HIS D 272 51.65 11.46 -78.57
CA HIS D 272 52.27 10.42 -77.76
C HIS D 272 53.08 10.96 -76.60
N GLU D 273 53.87 12.02 -76.84
CA GLU D 273 54.74 12.65 -75.84
C GLU D 273 55.41 11.63 -74.93
N VAL D 274 55.50 11.91 -73.64
CA VAL D 274 56.21 11.02 -72.73
C VAL D 274 55.36 9.78 -72.45
N ALA D 275 55.93 8.61 -72.75
CA ALA D 275 55.23 7.35 -72.55
C ALA D 275 56.18 6.27 -72.05
N ARG D 276 57.34 6.65 -71.53
CA ARG D 276 58.35 5.67 -71.22
C ARG D 276 58.69 5.69 -69.74
N ARG D 277 57.67 5.77 -68.90
CA ARG D 277 57.82 5.68 -67.46
C ARG D 277 57.16 4.42 -66.97
N SER D 278 57.93 3.55 -66.32
CA SER D 278 57.43 2.27 -65.82
C SER D 278 57.36 2.32 -64.30
N VAL D 279 56.21 1.95 -63.75
CA VAL D 279 55.95 2.08 -62.32
C VAL D 279 55.53 0.73 -61.78
N LYS D 280 55.83 0.48 -60.51
CA LYS D 280 55.34 -0.69 -59.80
C LYS D 280 54.00 -0.35 -59.16
N ARG D 281 52.98 -1.15 -59.46
CA ARG D 281 51.64 -0.97 -58.91
C ARG D 281 51.28 -2.20 -58.08
N ARG D 282 50.01 -2.29 -57.72
CA ARG D 282 49.51 -3.40 -56.91
C ARG D 282 48.24 -3.93 -57.56
N ARG D 283 48.25 -5.21 -57.93
CA ARG D 283 47.11 -5.83 -58.59
C ARG D 283 46.71 -7.10 -57.87
N VAL D 284 45.49 -7.55 -58.16
CA VAL D 284 44.88 -8.71 -57.52
C VAL D 284 44.44 -9.68 -58.59
N TYR D 285 44.72 -10.96 -58.40
CA TYR D 285 44.37 -12.02 -59.33
C TYR D 285 43.43 -13.01 -58.66
N VAL D 286 42.56 -13.62 -59.45
CA VAL D 286 41.62 -14.60 -58.94
C VAL D 286 41.75 -15.89 -59.75
N SER D 287 41.53 -17.01 -59.08
CA SER D 287 41.69 -18.31 -59.70
C SER D 287 40.71 -19.28 -59.07
N VAL D 288 40.39 -20.34 -59.81
CA VAL D 288 39.50 -21.40 -59.34
C VAL D 288 40.28 -22.70 -59.37
N VAL D 289 40.36 -23.38 -58.23
CA VAL D 289 41.15 -24.58 -58.08
C VAL D 289 40.32 -25.65 -57.39
N ASP D 290 40.81 -26.89 -57.47
CA ASP D 290 40.25 -28.00 -56.71
C ASP D 290 41.42 -28.86 -56.25
N GLY D 291 41.13 -30.06 -55.78
CA GLY D 291 42.17 -30.92 -55.27
C GLY D 291 43.11 -31.48 -56.31
N ASP D 292 42.80 -31.31 -57.59
CA ASP D 292 43.62 -31.83 -58.67
C ASP D 292 44.43 -30.74 -59.39
N GLY D 293 43.76 -29.71 -59.90
CA GLY D 293 44.46 -28.69 -60.66
C GLY D 293 43.69 -27.40 -60.81
N PHE D 294 43.88 -26.70 -61.93
CA PHE D 294 43.25 -25.42 -62.17
C PHE D 294 42.00 -25.63 -63.02
N LEU D 295 40.83 -25.31 -62.45
CA LEU D 295 39.63 -25.25 -63.26
C LEU D 295 39.57 -23.98 -64.10
N GLU D 296 40.10 -22.87 -63.58
CA GLU D 296 40.18 -21.63 -64.33
C GLU D 296 41.52 -20.98 -64.06
N LYS D 297 42.23 -20.62 -65.13
CA LYS D 297 43.55 -20.02 -64.99
C LYS D 297 43.44 -18.62 -64.40
N PRO D 298 44.48 -18.14 -63.73
CA PRO D 298 44.39 -16.84 -63.06
C PRO D 298 44.17 -15.69 -64.02
N ARG D 299 43.44 -14.69 -63.53
CA ARG D 299 43.19 -13.47 -64.26
C ARG D 299 43.04 -12.33 -63.28
N ARG D 300 43.32 -11.11 -63.71
CA ARG D 300 43.31 -9.97 -62.81
C ARG D 300 41.93 -9.34 -62.74
N ILE D 301 41.54 -8.94 -61.53
CA ILE D 301 40.22 -8.36 -61.28
C ILE D 301 40.38 -6.86 -61.08
N PRO D 302 39.34 -6.05 -61.34
CA PRO D 302 39.47 -4.59 -61.27
C PRO D 302 39.46 -4.02 -59.86
N GLY D 303 40.64 -3.94 -59.26
CA GLY D 303 40.73 -3.35 -57.95
C GLY D 303 42.14 -3.34 -57.43
N GLU D 304 42.25 -3.04 -56.13
CA GLU D 304 43.51 -3.07 -55.42
C GLU D 304 43.45 -3.87 -54.13
N HIS D 305 42.26 -4.14 -53.62
CA HIS D 305 42.05 -4.86 -52.37
C HIS D 305 41.47 -6.25 -52.64
N ILE D 306 41.63 -7.14 -51.66
CA ILE D 306 40.91 -8.42 -51.70
C ILE D 306 39.42 -8.14 -51.46
N PRO D 307 38.53 -8.61 -52.30
CA PRO D 307 37.13 -8.19 -52.20
C PRO D 307 36.28 -8.94 -51.17
N LEU D 308 36.89 -9.55 -50.16
CA LEU D 308 36.15 -10.23 -49.11
C LEU D 308 36.01 -9.31 -47.90
N ILE D 309 34.80 -9.23 -47.36
CA ILE D 309 34.48 -8.32 -46.26
C ILE D 309 34.01 -9.14 -45.06
N PRO D 310 34.85 -9.31 -44.06
CA PRO D 310 34.44 -10.09 -42.88
C PRO D 310 33.58 -9.29 -41.92
N VAL D 311 32.68 -9.99 -41.22
CA VAL D 311 31.82 -9.41 -40.20
C VAL D 311 31.90 -10.27 -38.96
N TYR D 312 32.21 -9.65 -37.82
CA TYR D 312 32.38 -10.36 -36.57
C TYR D 312 31.38 -9.87 -35.53
N GLY D 313 30.95 -10.77 -34.66
CA GLY D 313 30.12 -10.39 -33.53
C GLY D 313 30.95 -9.72 -32.46
N LYS D 314 31.87 -10.46 -31.87
CA LYS D 314 32.85 -9.92 -30.94
C LYS D 314 34.18 -10.57 -31.24
N ARG D 315 35.23 -9.77 -31.45
CA ARG D 315 36.50 -10.29 -31.90
C ARG D 315 37.64 -9.77 -31.03
N TRP D 316 38.55 -10.67 -30.67
CA TRP D 316 39.74 -10.33 -29.90
C TRP D 316 40.92 -11.12 -30.44
N PHE D 317 42.11 -10.65 -30.09
CA PHE D 317 43.37 -11.28 -30.50
C PHE D 317 44.14 -11.62 -29.24
N ILE D 318 44.20 -12.90 -28.88
CA ILE D 318 44.64 -13.30 -27.55
C ILE D 318 46.06 -13.90 -27.56
N ASP D 319 46.26 -15.03 -28.21
CA ASP D 319 47.59 -15.64 -28.25
C ASP D 319 47.90 -16.05 -29.69
N ASP D 320 48.36 -15.10 -30.49
CA ASP D 320 48.67 -15.31 -31.90
C ASP D 320 47.50 -15.91 -32.67
N ILE D 321 46.31 -15.89 -32.08
CA ILE D 321 45.13 -16.51 -32.66
C ILE D 321 43.96 -15.56 -32.48
N GLU D 322 43.21 -15.34 -33.56
CA GLU D 322 42.02 -14.51 -33.50
C GLU D 322 40.86 -15.32 -32.95
N ARG D 323 40.12 -14.75 -32.00
CA ARG D 323 39.03 -15.45 -31.32
C ARG D 323 37.74 -14.65 -31.45
N VAL D 324 36.65 -15.34 -31.75
CA VAL D 324 35.36 -14.72 -32.00
C VAL D 324 34.33 -15.33 -31.08
N GLU D 325 33.21 -14.63 -30.90
CA GLU D 325 32.13 -15.11 -30.05
C GLU D 325 30.81 -14.50 -30.48
N GLY D 326 29.77 -15.31 -30.52
CA GLY D 326 28.45 -14.86 -30.87
C GLY D 326 27.64 -14.44 -29.66
N HIS D 327 26.40 -14.91 -29.56
CA HIS D 327 25.53 -14.57 -28.45
C HIS D 327 24.94 -15.79 -27.76
N ILE D 328 25.35 -17.00 -28.11
CA ILE D 328 24.80 -18.21 -27.53
C ILE D 328 25.86 -19.16 -27.00
N ALA D 329 27.14 -18.89 -27.23
CA ALA D 329 28.17 -19.79 -26.75
C ALA D 329 28.18 -19.85 -25.23
N LYS D 330 27.97 -18.71 -24.57
CA LYS D 330 28.07 -18.67 -23.12
C LYS D 330 26.94 -19.40 -22.42
N ALA D 331 25.83 -19.66 -23.11
CA ALA D 331 24.64 -20.21 -22.47
C ALA D 331 24.43 -21.68 -22.78
N MET D 332 25.44 -22.38 -23.32
CA MET D 332 25.22 -23.76 -23.70
C MET D 332 25.13 -24.68 -22.48
N ASP D 333 25.99 -24.47 -21.48
CA ASP D 333 25.99 -25.39 -20.34
C ASP D 333 24.71 -25.31 -19.53
N PRO D 334 24.23 -24.14 -19.09
CA PRO D 334 22.96 -24.12 -18.35
C PRO D 334 21.79 -24.67 -19.16
N GLN D 335 21.75 -24.42 -20.47
CA GLN D 335 20.64 -24.90 -21.27
C GLN D 335 20.62 -26.43 -21.34
N ARG D 336 21.75 -27.03 -21.65
CA ARG D 336 21.79 -28.48 -21.79
C ARG D 336 21.81 -29.19 -20.45
N LEU D 337 21.97 -28.45 -19.35
CA LEU D 337 21.75 -29.06 -18.04
C LEU D 337 20.28 -28.97 -17.63
N TYR D 338 19.60 -27.88 -18.02
CA TYR D 338 18.16 -27.76 -17.83
C TYR D 338 17.40 -28.85 -18.57
N ASN D 339 17.81 -29.13 -19.81
CA ASN D 339 17.16 -30.19 -20.58
C ASN D 339 17.26 -31.53 -19.86
N LEU D 340 18.44 -31.85 -19.33
CA LEU D 340 18.62 -33.09 -18.61
C LEU D 340 17.76 -33.14 -17.35
N GLN D 341 17.66 -32.02 -16.64
CA GLN D 341 16.82 -32.01 -15.44
C GLN D 341 15.37 -32.35 -15.78
N VAL D 342 14.82 -31.71 -16.81
CA VAL D 342 13.43 -31.98 -17.17
C VAL D 342 13.26 -33.43 -17.63
N SER D 343 14.18 -33.92 -18.45
CA SER D 343 14.08 -35.28 -18.95
C SER D 343 14.13 -36.30 -17.83
N MET D 344 14.99 -36.07 -16.84
CA MET D 344 15.08 -37.00 -15.72
C MET D 344 13.85 -36.93 -14.81
N LEU D 345 13.25 -35.75 -14.66
CA LEU D 345 12.05 -35.67 -13.85
C LEU D 345 10.86 -36.37 -14.50
N ALA D 346 10.75 -36.30 -15.82
CA ALA D 346 9.54 -36.79 -16.49
C ALA D 346 9.33 -38.28 -16.23
N ASP D 347 10.33 -39.11 -16.49
CA ASP D 347 10.12 -40.55 -16.35
C ASP D 347 10.06 -41.01 -14.89
N THR D 348 10.78 -40.34 -14.00
CA THR D 348 10.61 -40.64 -12.58
C THR D 348 9.18 -40.37 -12.14
N ALA D 349 8.59 -39.28 -12.61
CA ALA D 349 7.19 -39.04 -12.31
C ALA D 349 6.30 -40.11 -12.92
N ALA D 350 6.62 -40.54 -14.14
CA ALA D 350 5.79 -41.51 -14.83
C ALA D 350 5.94 -42.93 -14.29
N GLN D 351 6.93 -43.21 -13.47
CA GLN D 351 7.15 -44.57 -13.01
C GLN D 351 6.13 -45.06 -11.98
N ASP D 352 5.78 -44.24 -10.99
CA ASP D 352 4.90 -44.65 -9.90
C ASP D 352 3.79 -43.62 -9.71
N PRO D 353 2.69 -43.77 -10.44
CA PRO D 353 1.65 -42.71 -10.40
C PRO D 353 0.84 -42.69 -9.12
N GLY D 354 0.44 -43.84 -8.57
CA GLY D 354 -0.46 -43.83 -7.45
C GLY D 354 -0.11 -44.77 -6.32
N GLN D 355 -1.11 -45.21 -5.56
CA GLN D 355 -0.93 -46.09 -4.42
C GLN D 355 -1.74 -47.37 -4.61
N ILE D 356 -1.15 -48.50 -4.23
CA ILE D 356 -1.82 -49.80 -4.32
C ILE D 356 -1.72 -50.49 -2.97
N PRO D 357 -2.79 -51.08 -2.46
CA PRO D 357 -2.68 -51.84 -1.22
C PRO D 357 -1.87 -53.10 -1.40
N ILE D 358 -1.24 -53.54 -0.32
CA ILE D 358 -0.42 -54.75 -0.30
C ILE D 358 -1.02 -55.72 0.72
N VAL D 359 -1.27 -56.96 0.30
CA VAL D 359 -1.87 -57.98 1.14
C VAL D 359 -1.15 -59.29 0.92
N GLY D 360 -1.34 -60.23 1.84
CA GLY D 360 -0.87 -61.58 1.64
C GLY D 360 -1.85 -62.41 0.82
N MET D 361 -1.34 -63.46 0.19
CA MET D 361 -2.18 -64.22 -0.74
C MET D 361 -3.36 -64.86 -0.03
N GLU D 362 -3.13 -65.41 1.15
CA GLU D 362 -4.15 -66.16 1.86
C GLU D 362 -5.10 -65.25 2.63
N GLN D 363 -4.79 -63.96 2.72
CA GLN D 363 -5.62 -63.00 3.42
C GLN D 363 -6.78 -62.49 2.57
N ILE D 364 -6.75 -62.72 1.26
CA ILE D 364 -7.76 -62.18 0.35
C ILE D 364 -8.34 -63.24 -0.57
N ARG D 365 -7.86 -64.47 -0.52
CA ARG D 365 -8.33 -65.50 -1.44
C ARG D 365 -9.83 -65.74 -1.24
N GLY D 366 -10.55 -65.77 -2.35
CA GLY D 366 -11.99 -65.94 -2.33
C GLY D 366 -12.79 -64.66 -2.21
N LEU D 367 -12.13 -63.51 -2.02
CA LEU D 367 -12.82 -62.23 -1.86
C LEU D 367 -12.36 -61.22 -2.89
N GLU D 368 -11.76 -61.65 -3.99
CA GLU D 368 -11.18 -60.71 -4.93
C GLU D 368 -12.22 -59.89 -5.66
N LYS D 369 -13.38 -60.48 -5.97
CA LYS D 369 -14.37 -59.76 -6.76
C LYS D 369 -14.95 -58.57 -6.03
N HIS D 370 -14.94 -58.59 -4.69
CA HIS D 370 -15.44 -57.43 -3.96
C HIS D 370 -14.46 -56.27 -4.00
N TRP D 371 -13.16 -56.56 -3.94
CA TRP D 371 -12.15 -55.51 -4.05
C TRP D 371 -11.96 -55.05 -5.48
N GLU D 372 -12.28 -55.89 -6.46
CA GLU D 372 -12.09 -55.51 -7.85
C GLU D 372 -13.04 -54.40 -8.26
N ALA D 373 -14.28 -54.43 -7.76
CA ALA D 373 -15.32 -53.50 -8.17
C ALA D 373 -15.67 -52.50 -7.08
N ARG D 374 -14.71 -52.09 -6.26
CA ARG D 374 -15.02 -51.18 -5.16
C ARG D 374 -15.31 -49.76 -5.65
N ASN D 375 -14.98 -49.44 -6.89
CA ASN D 375 -15.21 -48.08 -7.39
C ASN D 375 -16.45 -47.97 -8.26
N LYS D 376 -16.98 -49.08 -8.76
CA LYS D 376 -18.22 -49.06 -9.53
C LYS D 376 -19.43 -49.25 -8.64
N LYS D 377 -19.47 -50.36 -7.90
CA LYS D 377 -20.55 -50.60 -6.96
C LYS D 377 -20.33 -49.77 -5.71
N ARG D 378 -21.30 -49.80 -4.83
CA ARG D 378 -21.18 -48.93 -3.67
C ARG D 378 -21.29 -49.77 -2.41
N PRO D 379 -20.25 -50.53 -2.08
CA PRO D 379 -20.36 -51.47 -0.97
C PRO D 379 -20.44 -50.77 0.38
N ALA D 380 -21.19 -51.38 1.29
CA ALA D 380 -21.26 -50.85 2.64
C ALA D 380 -19.98 -51.12 3.42
N PHE D 381 -19.24 -52.14 3.03
CA PHE D 381 -17.97 -52.47 3.68
C PHE D 381 -17.20 -53.39 2.75
N LEU D 382 -15.94 -53.63 3.10
CA LEU D 382 -15.10 -54.56 2.37
C LEU D 382 -14.58 -55.63 3.32
N PRO D 383 -14.70 -56.90 2.99
CA PRO D 383 -14.24 -57.96 3.88
C PRO D 383 -12.78 -58.34 3.68
N LEU D 384 -12.16 -58.77 4.77
CA LEU D 384 -10.78 -59.26 4.73
C LEU D 384 -10.55 -60.14 5.94
N ARG D 385 -9.53 -60.98 5.87
CA ARG D 385 -9.18 -61.89 6.95
C ARG D 385 -7.98 -61.37 7.73
N GLU D 386 -7.68 -62.03 8.83
CA GLU D 386 -6.55 -61.70 9.66
C GLU D 386 -5.35 -62.55 9.29
N VAL D 387 -4.19 -62.15 9.80
CA VAL D 387 -2.94 -62.85 9.55
C VAL D 387 -2.74 -63.87 10.65
N ARG D 388 -2.60 -65.13 10.27
CA ARG D 388 -2.43 -66.22 11.22
C ARG D 388 -1.10 -66.92 10.99
N ASP D 389 -0.47 -67.31 12.08
CA ASP D 389 0.82 -67.99 12.02
C ASP D 389 0.59 -69.47 11.71
N LYS D 390 1.64 -70.28 11.83
CA LYS D 390 1.55 -71.68 11.43
C LYS D 390 0.73 -72.53 12.39
N SER D 391 0.51 -72.06 13.61
CA SER D 391 -0.27 -72.81 14.59
C SER D 391 -1.70 -72.30 14.75
N GLY D 392 -2.09 -71.27 14.01
CA GLY D 392 -3.45 -70.79 14.02
C GLY D 392 -3.73 -69.58 14.88
N ASN D 393 -2.72 -68.96 15.45
CA ASN D 393 -2.91 -67.78 16.28
C ASN D 393 -2.94 -66.51 15.44
N ILE D 394 -3.67 -65.51 15.92
CA ILE D 394 -3.79 -64.23 15.22
C ILE D 394 -2.66 -63.31 15.67
N ILE D 395 -1.92 -62.75 14.70
CA ILE D 395 -0.79 -61.89 15.02
C ILE D 395 -1.00 -60.49 14.47
N ALA D 396 -1.93 -60.33 13.52
CA ALA D 396 -2.15 -59.03 12.92
C ALA D 396 -3.62 -58.89 12.57
N GLY D 397 -4.05 -57.65 12.38
CA GLY D 397 -5.45 -57.35 12.11
C GLY D 397 -5.81 -57.56 10.65
N ALA D 398 -7.05 -57.17 10.34
CA ALA D 398 -7.61 -57.38 9.01
C ALA D 398 -7.30 -56.25 8.04
N THR D 399 -6.60 -55.21 8.48
CA THR D 399 -6.24 -54.12 7.59
C THR D 399 -5.13 -54.56 6.64
N PRO D 400 -5.03 -53.95 5.46
CA PRO D 400 -3.90 -54.23 4.57
C PRO D 400 -2.58 -53.87 5.24
N ALA D 401 -1.53 -54.62 4.87
CA ALA D 401 -0.23 -54.43 5.50
C ALA D 401 0.33 -53.04 5.23
N GLY D 402 0.16 -52.53 4.02
CA GLY D 402 0.69 -51.23 3.70
C GLY D 402 0.31 -50.82 2.30
N TYR D 403 0.89 -49.70 1.86
CA TYR D 403 0.64 -49.16 0.54
C TYR D 403 1.97 -48.81 -0.12
N THR D 404 1.97 -48.78 -1.44
CA THR D 404 3.16 -48.35 -2.16
C THR D 404 3.29 -46.83 -2.12
N GLN D 405 4.46 -46.35 -2.48
CA GLN D 405 4.74 -44.92 -2.42
C GLN D 405 4.63 -44.29 -3.80
N PRO D 406 4.17 -43.06 -3.90
CA PRO D 406 4.22 -42.35 -5.18
C PRO D 406 5.53 -41.60 -5.37
N ALA D 407 5.70 -40.95 -6.52
CA ALA D 407 6.96 -40.27 -6.85
C ALA D 407 7.18 -39.07 -5.95
N VAL D 408 8.44 -38.62 -5.88
CA VAL D 408 8.82 -37.73 -4.78
C VAL D 408 9.44 -36.38 -5.21
N MET D 409 10.16 -36.34 -6.33
CA MET D 409 10.85 -35.12 -6.78
C MET D 409 11.85 -34.61 -5.73
N ASN D 410 12.99 -35.29 -5.66
CA ASN D 410 14.09 -34.88 -4.80
C ASN D 410 14.40 -33.40 -4.94
N GLN D 411 14.96 -32.83 -3.87
CA GLN D 411 15.14 -31.39 -3.73
C GLN D 411 16.23 -30.83 -4.64
N ALA D 412 17.29 -31.59 -4.87
CA ALA D 412 18.40 -31.09 -5.68
C ALA D 412 17.96 -30.80 -7.10
N LEU D 413 17.08 -31.64 -7.66
CA LEU D 413 16.57 -31.41 -9.00
C LEU D 413 15.78 -30.11 -9.07
N ALA D 414 14.95 -29.82 -8.07
CA ALA D 414 14.20 -28.57 -8.07
C ALA D 414 15.12 -27.37 -8.00
N ALA D 415 16.14 -27.46 -7.14
CA ALA D 415 17.10 -26.36 -7.06
C ALA D 415 17.82 -26.14 -8.38
N LEU D 416 18.22 -27.22 -9.05
CA LEU D 416 18.89 -27.07 -10.34
C LEU D 416 17.96 -26.48 -11.39
N LEU D 417 16.70 -26.90 -11.41
CA LEU D 417 15.76 -26.32 -12.36
C LEU D 417 15.69 -24.81 -12.19
N GLN D 418 15.45 -24.35 -10.95
CA GLN D 418 15.36 -22.90 -10.74
C GLN D 418 16.65 -22.19 -11.08
N GLN D 419 17.80 -22.73 -10.64
CA GLN D 419 19.06 -22.06 -10.85
C GLN D 419 19.41 -21.93 -12.33
N THR D 420 19.26 -23.01 -13.09
CA THR D 420 19.61 -22.97 -14.51
C THR D 420 18.65 -22.07 -15.28
N SER D 421 17.35 -22.14 -14.97
CA SER D 421 16.41 -21.25 -15.65
C SER D 421 16.74 -19.79 -15.37
N ALA D 422 17.12 -19.46 -14.14
CA ALA D 422 17.53 -18.09 -13.84
C ALA D 422 18.85 -17.71 -14.51
N ASP D 423 19.80 -18.64 -14.63
CA ASP D 423 21.10 -18.31 -15.20
C ASP D 423 21.03 -18.07 -16.69
N ILE D 424 20.13 -18.75 -17.39
CA ILE D 424 20.02 -18.52 -18.83
C ILE D 424 19.66 -17.06 -19.11
N GLN D 425 18.73 -16.49 -18.34
CA GLN D 425 18.37 -15.09 -18.55
C GLN D 425 19.46 -14.14 -18.10
N GLU D 426 20.29 -14.54 -17.14
CA GLU D 426 21.35 -13.67 -16.67
C GLU D 426 22.49 -13.57 -17.68
N VAL D 427 22.89 -14.71 -18.25
CA VAL D 427 24.03 -14.70 -19.15
C VAL D 427 23.70 -13.97 -20.45
N THR D 428 22.50 -14.18 -20.98
CA THR D 428 22.09 -13.58 -22.25
C THR D 428 21.30 -12.31 -21.96
N GLY D 429 21.97 -11.17 -22.04
CA GLY D 429 21.33 -9.89 -21.81
C GLY D 429 20.69 -9.76 -20.45
N MET D 450 22.78 7.34 -23.41
CA MET D 450 23.04 6.15 -22.63
C MET D 450 22.01 5.06 -22.90
N ASN D 451 20.94 5.44 -23.62
CA ASN D 451 19.90 4.48 -23.93
C ASN D 451 20.45 3.35 -24.80
N ARG D 452 21.21 3.71 -25.83
CA ARG D 452 21.71 2.71 -26.76
C ARG D 452 22.71 1.79 -26.09
N ALA D 453 23.60 2.35 -25.26
CA ALA D 453 24.67 1.55 -24.69
C ALA D 453 24.15 0.54 -23.69
N ASP D 454 22.96 0.77 -23.13
CA ASP D 454 22.38 -0.16 -22.18
C ASP D 454 21.82 -1.42 -22.83
N MET D 455 21.57 -1.39 -24.13
CA MET D 455 20.97 -2.53 -24.80
C MET D 455 22.03 -3.56 -25.15
N ALA D 456 21.61 -4.81 -25.24
CA ALA D 456 22.52 -5.92 -25.47
C ALA D 456 22.93 -6.06 -26.92
N SER D 457 22.31 -5.32 -27.83
CA SER D 457 22.61 -5.42 -29.25
C SER D 457 23.55 -4.33 -29.73
N PHE D 458 24.15 -3.54 -28.84
CA PHE D 458 24.92 -2.40 -29.28
C PHE D 458 26.24 -2.81 -29.93
N ILE D 459 26.91 -3.81 -29.36
CA ILE D 459 28.24 -4.16 -29.85
C ILE D 459 28.17 -4.77 -31.24
N TYR D 460 27.16 -5.59 -31.51
CA TYR D 460 27.00 -6.17 -32.84
C TYR D 460 26.71 -5.10 -33.87
N LEU D 461 25.80 -4.18 -33.55
CA LEU D 461 25.46 -3.10 -34.46
C LEU D 461 26.62 -2.15 -34.68
N ASP D 462 27.51 -2.03 -33.70
CA ASP D 462 28.71 -1.22 -33.87
C ASP D 462 29.77 -1.91 -34.71
N ASN D 463 29.93 -3.22 -34.56
CA ASN D 463 30.87 -3.95 -35.40
C ASN D 463 30.40 -4.07 -36.84
N MET D 464 29.08 -4.01 -37.08
CA MET D 464 28.60 -4.00 -38.46
C MET D 464 28.97 -2.72 -39.20
N ALA D 465 28.95 -1.58 -38.51
CA ALA D 465 29.27 -0.32 -39.15
C ALA D 465 30.71 -0.27 -39.65
N LYS D 466 31.64 -0.79 -38.87
CA LYS D 466 33.04 -0.74 -39.29
C LYS D 466 33.36 -1.78 -40.34
N SER D 467 32.51 -2.80 -40.53
CA SER D 467 32.62 -3.63 -41.72
C SER D 467 32.09 -2.92 -42.95
N LEU D 468 30.97 -2.22 -42.81
CA LEU D 468 30.46 -1.45 -43.93
C LEU D 468 31.40 -0.34 -44.36
N LYS D 469 32.14 0.25 -43.44
CA LYS D 469 33.15 1.23 -43.82
C LYS D 469 34.24 0.63 -44.69
N ARG D 470 34.70 -0.59 -44.39
CA ARG D 470 35.68 -1.25 -45.25
C ARG D 470 35.08 -1.61 -46.59
N ALA D 471 33.81 -2.02 -46.61
CA ALA D 471 33.14 -2.30 -47.87
C ALA D 471 33.10 -1.06 -48.76
N GLY D 472 32.82 0.10 -48.16
CA GLY D 472 32.84 1.33 -48.93
C GLY D 472 34.20 1.65 -49.51
N GLU D 473 35.26 1.44 -48.74
CA GLU D 473 36.61 1.67 -49.25
C GLU D 473 36.93 0.75 -50.42
N VAL D 474 36.61 -0.53 -50.30
CA VAL D 474 36.86 -1.46 -51.41
C VAL D 474 36.04 -1.09 -52.64
N TRP D 475 34.76 -0.77 -52.48
CA TRP D 475 33.94 -0.34 -53.60
C TRP D 475 34.50 0.90 -54.27
N LEU D 476 34.92 1.89 -53.49
CA LEU D 476 35.44 3.13 -54.06
C LEU D 476 36.75 2.92 -54.79
N SER D 477 37.62 2.05 -54.27
CA SER D 477 38.84 1.71 -54.98
C SER D 477 38.60 0.95 -56.27
N MET D 478 37.60 0.08 -56.28
CA MET D 478 37.28 -0.74 -57.44
C MET D 478 36.43 0.00 -58.46
N ALA D 479 35.67 1.02 -58.05
CA ALA D 479 34.79 1.73 -58.95
C ALA D 479 35.54 2.61 -59.95
N ARG D 480 36.76 3.01 -59.62
CA ARG D 480 37.52 3.86 -60.53
C ARG D 480 37.89 3.12 -61.81
N GLU D 481 38.19 1.84 -61.70
CA GLU D 481 38.59 1.05 -62.85
C GLU D 481 37.41 0.59 -63.69
N VAL D 482 36.18 0.75 -63.20
CA VAL D 482 35.00 0.32 -63.92
C VAL D 482 34.20 1.50 -64.46
N TYR D 483 34.01 2.56 -63.68
CA TYR D 483 33.28 3.72 -64.12
C TYR D 483 34.16 4.89 -64.55
N GLY D 484 35.45 4.83 -64.28
CA GLY D 484 36.37 5.89 -64.66
C GLY D 484 36.48 6.98 -63.62
N SER D 485 37.57 7.74 -63.71
CA SER D 485 37.78 8.84 -62.78
C SER D 485 36.82 9.99 -63.11
N GLU D 486 36.61 10.86 -62.13
CA GLU D 486 35.61 11.90 -62.28
C GLU D 486 36.15 13.15 -62.94
N ARG D 487 37.09 13.85 -62.28
CA ARG D 487 37.68 15.09 -62.79
C ARG D 487 36.66 16.22 -62.91
N GLU D 488 37.12 17.46 -62.86
CA GLU D 488 36.22 18.61 -62.95
C GLU D 488 36.92 19.75 -63.67
N VAL D 489 36.11 20.65 -64.22
CA VAL D 489 36.61 21.84 -64.92
C VAL D 489 35.51 22.89 -65.07
N ARG D 510 28.96 20.28 -62.76
CA ARG D 510 28.69 18.98 -63.38
C ARG D 510 29.71 17.93 -62.96
N GLN D 511 29.51 16.69 -63.42
CA GLN D 511 30.39 15.55 -63.12
C GLN D 511 30.44 14.67 -64.36
N THR D 512 31.50 14.78 -65.14
CA THR D 512 31.64 14.05 -66.39
C THR D 512 32.72 13.00 -66.27
N GLY D 513 32.43 11.77 -66.70
CA GLY D 513 33.39 10.69 -66.63
C GLY D 513 34.11 10.42 -67.93
N ALA D 514 34.26 9.14 -68.27
CA ALA D 514 35.04 8.72 -69.42
C ALA D 514 34.25 8.91 -70.71
N VAL D 515 34.73 8.29 -71.78
CA VAL D 515 34.04 8.29 -73.07
C VAL D 515 33.61 6.90 -73.48
N VAL D 516 34.55 5.96 -73.57
CA VAL D 516 34.22 4.61 -74.02
C VAL D 516 34.60 3.59 -72.94
N ALA D 517 35.87 3.56 -72.54
CA ALA D 517 36.28 2.84 -71.33
C ALA D 517 37.67 3.35 -70.96
N LEU D 518 37.76 4.11 -69.88
CA LEU D 518 39.07 4.57 -69.42
C LEU D 518 38.97 4.98 -67.96
N ASN D 519 40.13 4.99 -67.31
CA ASN D 519 40.23 5.15 -65.87
C ASN D 519 40.77 6.52 -65.49
N ASP D 520 41.86 6.95 -66.15
CA ASP D 520 42.61 8.15 -65.79
C ASP D 520 43.33 7.93 -64.48
N LEU D 521 44.50 8.53 -64.36
CA LEU D 521 45.40 8.26 -63.25
C LEU D 521 46.14 9.55 -62.97
N SER D 522 46.75 9.62 -61.79
CA SER D 522 47.38 10.84 -61.32
C SER D 522 46.34 11.96 -61.20
N VAL D 523 45.12 11.58 -60.84
CA VAL D 523 44.10 12.54 -60.47
C VAL D 523 43.96 12.65 -58.95
N GLY D 524 44.45 11.68 -58.20
CA GLY D 524 44.56 11.80 -56.76
C GLY D 524 43.35 11.26 -56.03
N ARG D 525 43.51 11.20 -54.71
CA ARG D 525 42.44 10.76 -53.84
C ARG D 525 41.26 11.73 -53.91
N TYR D 526 40.05 11.17 -53.84
CA TYR D 526 38.85 11.99 -53.84
C TYR D 526 38.72 12.75 -52.52
N ASP D 527 37.85 13.75 -52.52
CA ASP D 527 37.62 14.59 -51.36
C ASP D 527 36.39 14.18 -50.57
N VAL D 528 36.14 12.88 -50.45
CA VAL D 528 35.01 12.37 -49.71
C VAL D 528 35.51 11.51 -48.56
N THR D 529 34.63 11.25 -47.61
CA THR D 529 34.91 10.41 -46.46
C THR D 529 33.84 9.35 -46.33
N VAL D 530 34.26 8.11 -46.07
CA VAL D 530 33.33 7.00 -45.94
C VAL D 530 32.72 7.02 -44.55
N ASP D 531 31.40 6.88 -44.47
CA ASP D 531 30.69 6.88 -43.21
C ASP D 531 29.54 5.88 -43.34
N VAL D 532 28.69 5.84 -42.32
CA VAL D 532 27.49 5.01 -42.34
C VAL D 532 26.30 5.86 -41.96
N GLY D 533 25.13 5.46 -42.45
CA GLY D 533 23.90 6.14 -42.18
C GLY D 533 22.72 5.24 -42.50
N PRO D 534 21.51 5.71 -42.25
CA PRO D 534 20.32 4.88 -42.50
C PRO D 534 20.22 4.51 -43.97
N SER D 535 19.65 3.34 -44.21
CA SER D 535 19.50 2.80 -45.56
C SER D 535 18.13 3.16 -46.12
N TYR D 536 18.12 3.75 -47.30
CA TYR D 536 16.90 4.23 -47.95
C TYR D 536 16.73 3.56 -49.31
N THR D 537 15.47 3.27 -49.65
CA THR D 537 15.19 2.63 -50.93
C THR D 537 15.33 3.61 -52.09
N ALA D 538 14.88 4.84 -51.91
CA ALA D 538 14.89 5.84 -52.96
C ALA D 538 15.47 7.14 -52.43
N ARG D 539 15.86 8.02 -53.35
CA ARG D 539 16.46 9.29 -52.95
C ARG D 539 15.46 10.20 -52.24
N ARG D 540 14.18 10.15 -52.66
CA ARG D 540 13.17 11.01 -52.05
C ARG D 540 13.06 10.76 -50.56
N ASP D 541 13.16 9.49 -50.14
CA ASP D 541 13.13 9.18 -48.73
C ASP D 541 14.28 9.85 -48.01
N ALA D 542 15.47 9.83 -48.60
CA ALA D 542 16.63 10.46 -47.98
C ALA D 542 16.42 11.96 -47.85
N THR D 543 15.86 12.60 -48.88
CA THR D 543 15.62 14.03 -48.81
C THR D 543 14.63 14.38 -47.71
N VAL D 544 13.46 13.73 -47.72
CA VAL D 544 12.43 14.09 -46.76
C VAL D 544 12.84 13.73 -45.34
N SER D 545 13.63 12.67 -45.15
CA SER D 545 14.02 12.28 -43.80
C SER D 545 14.91 13.31 -43.14
N VAL D 546 15.79 13.96 -43.89
CA VAL D 546 16.69 14.94 -43.29
C VAL D 546 15.98 16.29 -43.20
N LEU D 547 15.12 16.58 -44.17
CA LEU D 547 14.40 17.85 -44.12
C LEU D 547 13.42 17.87 -42.96
N THR D 548 12.79 16.74 -42.64
CA THR D 548 11.88 16.72 -41.51
C THR D 548 12.60 16.71 -40.17
N ASN D 549 13.87 16.32 -40.14
CA ASN D 549 14.66 16.48 -38.93
C ASN D 549 15.11 17.92 -38.75
N VAL D 550 15.42 18.61 -39.85
CA VAL D 550 15.70 20.04 -39.77
C VAL D 550 14.48 20.78 -39.24
N LEU D 551 13.31 20.45 -39.78
CA LEU D 551 12.07 20.91 -39.20
C LEU D 551 11.88 20.20 -37.86
N SER D 552 10.82 20.58 -37.14
CA SER D 552 10.46 20.04 -35.83
C SER D 552 11.48 20.39 -34.75
N SER D 553 12.57 21.05 -35.11
CA SER D 553 13.46 21.68 -34.15
C SER D 553 13.43 23.20 -34.29
N MET D 554 12.38 23.72 -34.91
CA MET D 554 12.26 25.14 -35.21
C MET D 554 10.97 25.67 -34.62
N LEU D 555 11.07 26.79 -33.91
CA LEU D 555 9.87 27.46 -33.44
C LEU D 555 9.11 28.01 -34.63
N PRO D 556 7.78 28.11 -34.55
CA PRO D 556 7.03 28.67 -35.67
C PRO D 556 7.30 30.16 -35.80
N THR D 557 8.18 30.52 -36.72
CA THR D 557 8.68 31.88 -36.91
C THR D 557 9.69 31.81 -38.06
N ASP D 558 10.02 32.99 -38.61
CA ASP D 558 11.03 33.22 -39.64
C ASP D 558 10.56 32.63 -40.96
N PRO D 559 11.06 33.11 -42.10
CA PRO D 559 10.56 32.60 -43.39
C PRO D 559 10.72 31.11 -43.56
N MET D 560 11.95 30.61 -43.53
CA MET D 560 12.31 29.21 -43.35
C MET D 560 11.15 28.20 -43.40
N ARG D 561 10.36 28.12 -42.34
CA ARG D 561 9.44 26.99 -42.12
C ARG D 561 8.49 26.75 -43.28
N PRO D 562 7.79 27.77 -43.83
CA PRO D 562 7.07 27.53 -45.08
C PRO D 562 7.94 27.05 -46.22
N ALA D 563 9.17 27.53 -46.35
CA ALA D 563 10.04 27.03 -47.42
C ALA D 563 10.39 25.56 -47.21
N ILE D 564 10.67 25.17 -45.97
CA ILE D 564 10.95 23.77 -45.69
C ILE D 564 9.75 22.91 -46.02
N GLN D 565 8.54 23.35 -45.64
CA GLN D 565 7.36 22.57 -45.97
C GLN D 565 7.15 22.46 -47.48
N GLY D 566 7.38 23.55 -48.21
CA GLY D 566 7.24 23.49 -49.65
C GLY D 566 8.21 22.51 -50.28
N ILE D 567 9.47 22.54 -49.83
CA ILE D 567 10.45 21.63 -50.38
C ILE D 567 10.09 20.18 -50.05
N ILE D 568 9.61 19.94 -48.83
CA ILE D 568 9.23 18.58 -48.46
C ILE D 568 8.07 18.09 -49.32
N LEU D 569 7.04 18.92 -49.49
CA LEU D 569 5.90 18.49 -50.28
C LEU D 569 6.22 18.36 -51.75
N ASP D 570 7.24 19.06 -52.24
CA ASP D 570 7.67 18.87 -53.63
C ASP D 570 8.18 17.47 -53.89
N ASN D 571 8.88 16.88 -52.93
CA ASN D 571 9.29 15.49 -53.00
C ASN D 571 8.10 14.61 -52.60
N ILE D 572 8.37 13.36 -52.26
CA ILE D 572 7.42 12.38 -51.72
C ILE D 572 6.23 12.27 -52.67
N ASP D 573 5.15 11.62 -52.21
CA ASP D 573 3.82 11.59 -52.82
C ASP D 573 3.66 10.43 -53.80
N GLY D 574 2.41 10.00 -54.00
CA GLY D 574 2.10 8.84 -54.81
C GLY D 574 0.98 9.05 -55.80
N GLU D 575 -0.07 8.23 -55.72
CA GLU D 575 -1.12 8.18 -56.73
C GLU D 575 -2.14 9.29 -56.55
N GLY D 576 -2.46 9.98 -57.65
CA GLY D 576 -3.52 10.96 -57.65
C GLY D 576 -3.19 12.31 -57.05
N LEU D 577 -1.92 12.71 -57.09
CA LEU D 577 -1.50 13.99 -56.54
C LEU D 577 -0.90 14.91 -57.60
N ASP D 578 -1.38 14.83 -58.85
CA ASP D 578 -0.81 15.65 -59.90
C ASP D 578 -1.16 17.13 -59.72
N ASP D 579 -2.46 17.41 -59.53
CA ASP D 579 -2.89 18.80 -59.43
C ASP D 579 -2.33 19.46 -58.18
N PHE D 580 -2.34 18.76 -57.06
CA PHE D 580 -1.81 19.33 -55.82
C PHE D 580 -0.34 19.65 -55.95
N LYS D 581 0.43 18.73 -56.53
CA LYS D 581 1.86 18.96 -56.67
C LYS D 581 2.16 20.10 -57.64
N GLU D 582 1.40 20.20 -58.74
CA GLU D 582 1.60 21.32 -59.63
C GLU D 582 1.26 22.65 -58.96
N TYR D 583 0.17 22.69 -58.21
CA TYR D 583 -0.19 23.91 -57.49
C TYR D 583 0.89 24.28 -56.48
N ASN D 584 1.46 23.28 -55.80
CA ASN D 584 2.56 23.56 -54.88
C ASN D 584 3.77 24.12 -55.61
N ARG D 585 4.15 23.53 -56.74
CA ARG D 585 5.35 23.97 -57.40
C ARG D 585 5.20 25.38 -57.96
N ASN D 586 3.98 25.75 -58.38
CA ASN D 586 3.78 27.11 -58.87
C ASN D 586 4.10 28.13 -57.79
N GLN D 587 3.55 27.95 -56.59
CA GLN D 587 3.87 28.86 -55.49
C GLN D 587 5.32 28.75 -55.07
N LEU D 588 5.91 27.57 -55.21
CA LEU D 588 7.31 27.40 -54.82
C LEU D 588 8.25 28.16 -55.75
N LEU D 589 7.89 28.28 -57.03
CA LEU D 589 8.77 28.96 -57.97
C LEU D 589 8.45 30.44 -58.16
N ILE D 590 7.21 30.87 -57.91
CA ILE D 590 6.96 32.31 -57.94
C ILE D 590 7.57 33.03 -56.75
N SER D 591 8.02 32.29 -55.74
CA SER D 591 8.65 32.86 -54.57
C SER D 591 10.18 32.79 -54.64
N GLY D 592 10.73 32.44 -55.79
CA GLY D 592 12.18 32.42 -55.96
C GLY D 592 12.89 31.34 -55.18
N ILE D 593 12.30 30.17 -55.05
CA ILE D 593 12.94 29.05 -54.36
C ILE D 593 13.20 27.86 -55.26
N ALA D 594 12.56 27.78 -56.43
CA ALA D 594 12.63 26.57 -57.23
C ALA D 594 13.63 26.62 -58.38
N LYS D 595 14.00 27.82 -58.85
CA LYS D 595 14.93 27.93 -59.97
C LYS D 595 14.40 27.21 -61.21
N PRO D 596 13.45 27.82 -61.93
CA PRO D 596 12.87 27.21 -63.13
C PRO D 596 13.87 26.44 -63.97
N ARG D 597 13.53 25.22 -64.38
CA ARG D 597 14.46 24.40 -65.14
C ARG D 597 14.35 24.62 -66.64
N ASN D 598 14.30 25.90 -67.02
CA ASN D 598 14.58 26.36 -68.38
C ASN D 598 13.75 25.63 -69.45
N GLU D 599 12.50 25.29 -69.13
CA GLU D 599 11.66 24.70 -70.17
C GLU D 599 10.42 25.53 -70.50
N LYS D 600 9.54 25.80 -69.54
CA LYS D 600 8.35 26.57 -69.86
C LYS D 600 8.05 27.64 -68.82
N GLU D 601 8.34 27.37 -67.55
CA GLU D 601 7.92 28.27 -66.49
C GLU D 601 8.75 29.54 -66.42
N GLN D 602 10.02 29.48 -66.83
CA GLN D 602 10.86 30.67 -66.83
C GLN D 602 10.34 31.74 -67.76
N GLN D 603 9.53 31.37 -68.75
CA GLN D 603 9.03 32.32 -69.73
C GLN D 603 7.52 32.52 -69.67
N ILE D 604 6.81 31.74 -68.87
CA ILE D 604 5.36 31.83 -68.87
C ILE D 604 4.87 32.34 -67.52
N VAL D 605 5.14 31.58 -66.45
CA VAL D 605 4.63 31.95 -65.14
C VAL D 605 5.62 32.83 -64.40
N GLN D 606 6.92 32.67 -64.66
CA GLN D 606 7.90 33.52 -64.02
C GLN D 606 7.85 34.94 -64.57
N GLN D 607 7.69 35.06 -65.90
CA GLN D 607 7.55 36.39 -66.49
C GLN D 607 6.27 37.05 -66.02
N ALA D 608 5.18 36.29 -65.91
CA ALA D 608 3.95 36.83 -65.36
C ALA D 608 4.13 37.24 -63.92
N GLN D 609 4.96 36.52 -63.16
CA GLN D 609 5.26 36.93 -61.80
C GLN D 609 6.05 38.23 -61.76
N MET D 610 6.98 38.41 -62.68
CA MET D 610 7.67 39.70 -62.76
C MET D 610 6.70 40.84 -63.08
N ALA D 611 5.79 40.60 -64.02
CA ALA D 611 4.78 41.61 -64.34
C ALA D 611 3.92 41.93 -63.13
N ALA D 612 3.46 40.89 -62.41
CA ALA D 612 2.69 41.06 -61.19
C ALA D 612 3.54 41.57 -60.03
N GLN D 613 4.86 41.64 -60.20
CA GLN D 613 5.69 42.38 -59.27
C GLN D 613 5.69 43.86 -59.62
N SER D 614 5.67 44.18 -60.92
CA SER D 614 5.50 45.55 -61.37
C SER D 614 4.05 45.97 -61.44
N GLN D 615 3.12 45.01 -61.50
CA GLN D 615 1.70 45.34 -61.54
C GLN D 615 1.20 46.09 -60.31
N PRO D 616 1.47 45.67 -59.08
CA PRO D 616 0.84 46.31 -57.93
C PRO D 616 1.62 47.49 -57.37
N ASN D 617 2.67 47.93 -58.05
CA ASN D 617 3.31 49.19 -57.65
C ASN D 617 2.34 50.37 -57.75
N PRO D 618 1.61 50.58 -58.85
CA PRO D 618 0.56 51.60 -58.84
C PRO D 618 -0.51 51.36 -57.79
N GLU D 619 -0.85 50.10 -57.55
CA GLU D 619 -1.87 49.79 -56.54
C GLU D 619 -1.42 50.19 -55.14
N MET D 620 -0.16 49.92 -54.80
CA MET D 620 0.31 50.20 -53.45
C MET D 620 0.67 51.68 -53.27
N VAL D 621 1.18 52.33 -54.32
CA VAL D 621 1.41 53.78 -54.21
C VAL D 621 0.07 54.51 -54.25
N LEU D 622 -0.98 53.87 -54.77
CA LEU D 622 -2.32 54.43 -54.63
C LEU D 622 -2.74 54.45 -53.16
N ALA D 623 -2.42 53.40 -52.42
CA ALA D 623 -2.59 53.42 -50.97
C ALA D 623 -1.62 54.37 -50.29
N GLN D 624 -0.60 54.84 -51.01
CA GLN D 624 0.31 55.86 -50.50
C GLN D 624 0.27 57.13 -51.33
N ALA D 625 -0.80 57.36 -52.10
CA ALA D 625 -0.92 58.58 -52.88
C ALA D 625 -1.57 59.72 -52.10
N GLN D 626 -2.06 59.45 -50.89
CA GLN D 626 -2.64 60.51 -50.08
C GLN D 626 -1.60 61.57 -49.73
N MET D 627 -0.34 61.17 -49.53
CA MET D 627 0.73 62.13 -49.40
C MET D 627 1.54 62.29 -50.69
N VAL D 628 1.00 61.84 -51.82
CA VAL D 628 1.55 62.14 -53.13
C VAL D 628 0.80 63.28 -53.81
N ALA D 629 -0.51 63.37 -53.58
CA ALA D 629 -1.24 64.58 -53.95
C ALA D 629 -0.62 65.79 -53.26
N ALA D 630 -0.26 65.65 -51.98
CA ALA D 630 0.48 66.69 -51.27
C ALA D 630 1.85 66.95 -51.88
N GLN D 631 2.55 65.89 -52.30
CA GLN D 631 3.82 66.07 -53.01
C GLN D 631 3.63 66.98 -54.21
N ALA D 632 2.65 66.67 -55.05
CA ALA D 632 2.42 67.46 -56.27
C ALA D 632 2.00 68.88 -55.94
N GLU D 633 1.11 69.06 -54.96
CA GLU D 633 0.64 70.39 -54.63
C GLU D 633 1.78 71.26 -54.09
N ALA D 634 2.59 70.70 -53.20
CA ALA D 634 3.75 71.45 -52.70
C ALA D 634 4.76 71.71 -53.80
N GLN D 635 4.99 70.74 -54.70
CA GLN D 635 5.94 70.93 -55.78
C GLN D 635 5.51 72.07 -56.69
N LYS D 636 4.23 72.16 -57.01
CA LYS D 636 3.79 73.26 -57.86
C LYS D 636 3.75 74.59 -57.11
N ALA D 637 3.29 74.60 -55.87
CA ALA D 637 3.34 75.83 -55.09
C ALA D 637 4.77 76.30 -54.88
N THR D 638 5.74 75.41 -55.02
CA THR D 638 7.15 75.76 -54.96
C THR D 638 7.58 76.70 -56.09
N ASN D 639 6.80 76.77 -57.18
CA ASN D 639 7.10 77.68 -58.27
C ASN D 639 5.97 78.67 -58.55
N GLU D 640 4.76 78.43 -58.04
CA GLU D 640 3.63 79.31 -58.33
C GLU D 640 3.65 80.57 -57.47
N THR D 641 3.86 80.42 -56.16
CA THR D 641 3.82 81.57 -55.26
C THR D 641 4.93 82.58 -55.58
N ALA D 642 5.99 82.16 -56.25
CA ALA D 642 7.05 83.10 -56.66
C ALA D 642 6.51 84.15 -57.61
N GLN D 643 5.35 83.92 -58.24
CA GLN D 643 4.71 84.97 -59.01
C GLN D 643 4.40 86.18 -58.13
N THR D 644 4.24 85.98 -56.82
CA THR D 644 4.01 87.11 -55.93
C THR D 644 5.29 87.95 -55.78
N GLN D 645 6.45 87.29 -55.69
CA GLN D 645 7.70 88.03 -55.69
C GLN D 645 7.90 88.78 -57.01
N ILE D 646 7.58 88.12 -58.12
CA ILE D 646 7.70 88.78 -59.42
C ILE D 646 6.72 89.96 -59.51
N LYS D 647 5.53 89.80 -58.93
CA LYS D 647 4.55 90.89 -58.94
C LYS D 647 5.03 92.05 -58.07
N ALA D 648 5.69 91.74 -56.95
CA ALA D 648 6.28 92.80 -56.13
C ALA D 648 7.36 93.55 -56.89
N PHE D 649 8.19 92.82 -57.65
CA PHE D 649 9.22 93.46 -58.45
C PHE D 649 8.59 94.36 -59.51
N THR D 650 7.53 93.86 -60.17
CA THR D 650 6.81 94.65 -61.16
C THR D 650 6.18 95.89 -60.52
N ALA D 651 5.63 95.74 -59.31
CA ALA D 651 5.05 96.88 -58.61
C ALA D 651 6.11 97.89 -58.23
N GLN D 652 7.31 97.44 -57.86
CA GLN D 652 8.40 98.37 -57.58
C GLN D 652 8.80 99.14 -58.84
N GLN D 653 8.87 98.45 -59.98
CA GLN D 653 9.14 99.14 -61.24
C GLN D 653 8.07 100.17 -61.56
N ASP D 654 6.80 99.78 -61.39
CA ASP D 654 5.70 100.72 -61.63
C ASP D 654 5.74 101.88 -60.64
N ALA D 655 6.20 101.61 -59.42
CA ALA D 655 6.28 102.66 -58.40
C ALA D 655 7.36 103.68 -58.74
N MET D 656 8.52 103.22 -59.21
CA MET D 656 9.55 104.17 -59.61
C MET D 656 9.14 104.94 -60.87
N GLU D 657 8.45 104.26 -61.80
CA GLU D 657 7.88 104.99 -62.93
C GLU D 657 6.93 106.07 -62.48
N SER D 658 5.97 105.72 -61.61
CA SER D 658 5.03 106.70 -61.10
C SER D 658 5.73 107.79 -60.30
N GLN D 659 6.87 107.48 -59.69
CA GLN D 659 7.67 108.52 -59.05
C GLN D 659 8.12 109.55 -60.07
N ALA D 660 8.70 109.10 -61.18
CA ALA D 660 9.09 110.03 -62.24
C ALA D 660 7.88 110.76 -62.81
N ASN D 661 6.77 110.05 -63.01
CA ASN D 661 5.57 110.66 -63.59
C ASN D 661 5.01 111.75 -62.70
N THR D 662 4.98 111.52 -61.39
CA THR D 662 4.41 112.52 -60.49
C THR D 662 5.40 113.66 -60.27
N VAL D 663 6.70 113.40 -60.37
CA VAL D 663 7.66 114.51 -60.40
C VAL D 663 7.39 115.40 -61.61
N TYR D 664 7.13 114.78 -62.77
CA TYR D 664 6.75 115.56 -63.95
C TYR D 664 5.44 116.30 -63.71
N LYS D 665 4.49 115.67 -63.03
CA LYS D 665 3.22 116.32 -62.71
C LYS D 665 3.44 117.57 -61.85
N LEU D 666 4.31 117.48 -60.85
CA LEU D 666 4.68 118.65 -60.06
C LEU D 666 5.44 119.68 -60.88
N ALA D 667 6.19 119.26 -61.90
CA ALA D 667 6.86 120.20 -62.79
C ALA D 667 5.88 120.96 -63.68
N GLN D 668 4.84 120.28 -64.16
CA GLN D 668 3.90 120.90 -65.11
C GLN D 668 2.94 121.84 -64.40
N ALA D 669 2.49 121.49 -63.19
CA ALA D 669 1.43 122.24 -62.53
C ALA D 669 1.85 123.66 -62.17
N ARG D 670 3.15 123.95 -62.14
CA ARG D 670 3.59 125.31 -61.90
C ARG D 670 3.20 126.23 -63.06
N ASN D 671 3.21 125.70 -64.28
CA ASN D 671 2.87 126.46 -65.49
C ASN D 671 3.78 127.67 -65.65
N MET E 1 15.11 -37.01 -79.57
CA MET E 1 15.36 -37.45 -78.21
C MET E 1 14.37 -36.82 -77.26
N ALA E 2 13.57 -35.90 -77.78
CA ALA E 2 12.70 -35.04 -77.00
C ALA E 2 11.25 -35.34 -77.35
N GLU E 3 10.35 -34.49 -76.86
CA GLU E 3 8.89 -34.62 -77.02
C GLU E 3 8.44 -36.07 -76.93
N THR E 4 7.99 -36.64 -78.04
CA THR E 4 7.55 -38.04 -78.04
C THR E 4 8.69 -38.96 -77.61
N LEU E 5 9.90 -38.71 -78.12
CA LEU E 5 11.07 -39.47 -77.70
C LEU E 5 11.36 -39.14 -76.24
N GLU E 6 11.24 -40.14 -75.38
CA GLU E 6 11.19 -39.93 -73.95
C GLU E 6 12.55 -39.77 -73.31
N LYS E 7 13.62 -39.65 -74.08
CA LYS E 7 14.94 -39.49 -73.47
C LYS E 7 15.01 -38.23 -72.62
N LYS E 8 14.12 -37.26 -72.83
CA LYS E 8 13.99 -36.16 -71.91
C LYS E 8 13.32 -36.58 -70.61
N HIS E 9 12.46 -37.59 -70.65
CA HIS E 9 11.69 -37.97 -69.48
C HIS E 9 12.57 -38.60 -68.41
N GLU E 10 13.56 -39.41 -68.80
CA GLU E 10 14.46 -39.95 -67.79
C GLU E 10 15.25 -38.85 -67.10
N ARG E 11 15.68 -37.85 -67.86
CA ARG E 11 16.39 -36.74 -67.24
C ARG E 11 15.48 -36.00 -66.26
N ILE E 12 14.23 -35.78 -66.63
CA ILE E 12 13.31 -35.10 -65.73
C ILE E 12 13.11 -35.91 -64.46
N MET E 13 12.90 -37.22 -64.60
CA MET E 13 12.71 -38.06 -63.42
C MET E 13 13.94 -38.08 -62.53
N LEU E 14 15.13 -38.18 -63.13
CA LEU E 14 16.34 -38.16 -62.32
C LEU E 14 16.48 -36.85 -61.56
N ARG E 15 16.16 -35.73 -62.22
CA ARG E 15 16.20 -34.45 -61.55
C ARG E 15 15.22 -34.40 -60.39
N PHE E 16 14.06 -35.04 -60.53
CA PHE E 16 13.12 -35.05 -59.42
C PHE E 16 13.71 -35.72 -58.18
N ASP E 17 14.33 -36.88 -58.35
CA ASP E 17 14.91 -37.55 -57.19
C ASP E 17 16.09 -36.78 -56.64
N ARG E 18 16.86 -36.11 -57.50
CA ARG E 18 17.96 -35.31 -56.99
C ARG E 18 17.45 -34.13 -56.16
N ALA E 19 16.33 -33.54 -56.56
CA ALA E 19 15.76 -32.43 -55.79
C ALA E 19 15.06 -32.89 -54.52
N TYR E 20 14.50 -34.09 -54.53
CA TYR E 20 13.71 -34.55 -53.40
C TYR E 20 14.58 -35.00 -52.23
N SER E 21 15.73 -35.61 -52.52
CA SER E 21 16.50 -36.29 -51.47
C SER E 21 17.02 -35.37 -50.39
N PRO E 22 17.69 -34.24 -50.68
CA PRO E 22 18.23 -33.41 -49.60
C PRO E 22 17.17 -32.83 -48.69
N GLN E 23 16.12 -32.26 -49.29
CA GLN E 23 15.07 -31.59 -48.54
C GLN E 23 13.96 -32.56 -48.15
N LYS E 24 14.33 -33.69 -47.56
CA LYS E 24 13.39 -34.74 -47.22
C LYS E 24 13.03 -34.74 -45.75
N GLU E 25 14.02 -34.55 -44.87
CA GLU E 25 13.75 -34.51 -43.44
C GLU E 25 13.36 -33.12 -42.97
N VAL E 26 13.65 -32.08 -43.73
CA VAL E 26 13.24 -30.75 -43.35
C VAL E 26 11.73 -30.59 -43.49
N ARG E 27 11.17 -31.08 -44.60
CA ARG E 27 9.75 -30.89 -44.86
C ARG E 27 8.87 -31.77 -43.98
N GLU E 28 9.40 -32.89 -43.51
CA GLU E 28 8.64 -33.72 -42.59
C GLU E 28 8.31 -32.97 -41.32
N LYS E 29 9.27 -32.18 -40.80
CA LYS E 29 9.00 -31.35 -39.63
C LYS E 29 7.93 -30.31 -39.90
N CYS E 30 7.95 -29.69 -41.07
CA CYS E 30 6.93 -28.70 -41.39
C CYS E 30 5.54 -29.33 -41.41
N ILE E 31 5.43 -30.48 -42.06
CA ILE E 31 4.14 -31.15 -42.14
C ILE E 31 3.68 -31.57 -40.75
N GLU E 32 4.59 -32.14 -39.95
CA GLU E 32 4.24 -32.56 -38.61
C GLU E 32 3.79 -31.38 -37.76
N ALA E 33 4.43 -30.23 -37.91
CA ALA E 33 4.06 -29.06 -37.13
C ALA E 33 2.66 -28.57 -37.52
N THR E 34 2.40 -28.40 -38.81
CA THR E 34 1.07 -27.95 -39.21
C THR E 34 0.00 -28.90 -38.71
N ARG E 35 0.22 -30.20 -38.87
CA ARG E 35 -0.74 -31.19 -38.42
C ARG E 35 -0.87 -31.20 -36.90
N PHE E 36 0.23 -30.95 -36.18
CA PHE E 36 0.21 -30.88 -34.72
C PHE E 36 -0.63 -29.73 -34.22
N ALA E 37 -0.59 -28.59 -34.93
CA ALA E 37 -1.34 -27.42 -34.48
C ALA E 37 -2.78 -27.41 -34.93
N ARG E 38 -3.13 -28.03 -36.05
CA ARG E 38 -4.45 -27.81 -36.64
C ARG E 38 -5.38 -29.00 -36.60
N VAL E 39 -4.91 -30.19 -36.93
CA VAL E 39 -5.79 -31.37 -36.99
C VAL E 39 -6.28 -31.72 -35.60
N PRO E 40 -7.57 -32.03 -35.40
CA PRO E 40 -8.10 -32.18 -34.04
C PRO E 40 -7.42 -33.26 -33.21
N GLY E 41 -6.99 -34.36 -33.80
CA GLY E 41 -6.35 -35.39 -32.99
C GLY E 41 -4.85 -35.48 -33.21
N GLY E 42 -4.27 -34.45 -33.80
CA GLY E 42 -2.90 -34.54 -34.27
C GLY E 42 -1.82 -34.42 -33.22
N GLN E 43 -2.16 -34.08 -31.99
CA GLN E 43 -1.14 -33.94 -30.97
C GLN E 43 -0.69 -35.28 -30.40
N TRP E 44 -1.44 -36.35 -30.66
CA TRP E 44 -1.11 -37.67 -30.15
C TRP E 44 -0.70 -38.63 -31.25
N GLU E 45 -0.52 -38.16 -32.47
CA GLU E 45 -0.23 -39.06 -33.58
C GLU E 45 1.11 -39.73 -33.37
N GLY E 46 1.16 -41.03 -33.66
CA GLY E 46 2.31 -41.83 -33.33
C GLY E 46 1.94 -42.91 -32.33
N ALA E 47 1.12 -42.55 -31.34
CA ALA E 47 0.57 -43.55 -30.42
C ALA E 47 -0.83 -43.99 -30.82
N THR E 48 -1.79 -43.06 -30.81
CA THR E 48 -3.18 -43.34 -31.15
C THR E 48 -3.68 -44.62 -30.51
N ALA E 49 -3.46 -45.75 -31.16
CA ALA E 49 -3.94 -47.03 -30.68
C ALA E 49 -2.86 -47.71 -29.84
N ALA E 50 -2.84 -47.40 -28.55
CA ALA E 50 -1.87 -47.98 -27.64
C ALA E 50 -2.55 -48.36 -26.34
N GLY E 51 -2.32 -49.57 -25.87
CA GLY E 51 -2.93 -50.03 -24.64
C GLY E 51 -2.38 -51.37 -24.24
N THR E 52 -3.00 -51.97 -23.23
CA THR E 52 -2.58 -53.26 -22.71
C THR E 52 -3.73 -54.24 -22.72
N LYS E 53 -3.39 -55.51 -22.47
CA LYS E 53 -4.38 -56.58 -22.52
C LYS E 53 -5.42 -56.42 -21.44
N LEU E 54 -5.00 -56.27 -20.19
CA LEU E 54 -5.88 -55.91 -19.08
C LEU E 54 -7.04 -56.91 -18.95
N ASP E 55 -6.67 -58.16 -18.62
CA ASP E 55 -7.61 -59.29 -18.48
C ASP E 55 -8.32 -59.61 -19.80
N GLU E 56 -7.52 -59.93 -20.81
CA GLU E 56 -8.02 -60.44 -22.09
C GLU E 56 -9.00 -59.46 -22.75
N GLN E 57 -8.57 -58.21 -22.84
CA GLN E 57 -9.27 -57.20 -23.63
C GLN E 57 -8.21 -56.31 -24.25
N PHE E 58 -8.60 -55.19 -24.82
CA PHE E 58 -7.61 -54.23 -25.27
C PHE E 58 -8.03 -52.80 -24.95
N GLU E 59 -8.37 -52.54 -23.69
CA GLU E 59 -8.64 -51.17 -23.31
C GLU E 59 -7.43 -50.29 -23.62
N LYS E 60 -7.69 -49.14 -24.21
CA LYS E 60 -6.66 -48.20 -24.62
C LYS E 60 -6.49 -47.08 -23.62
N TYR E 61 -5.30 -46.52 -23.58
CA TYR E 61 -5.02 -45.42 -22.66
C TYR E 61 -5.84 -44.19 -23.03
N PRO E 62 -6.33 -43.45 -22.05
CA PRO E 62 -6.97 -42.17 -22.36
C PRO E 62 -5.94 -41.16 -22.82
N LYS E 63 -6.29 -40.41 -23.86
CA LYS E 63 -5.39 -39.44 -24.47
C LYS E 63 -6.12 -38.12 -24.61
N PHE E 64 -6.10 -37.31 -23.56
CA PHE E 64 -6.74 -36.01 -23.59
C PHE E 64 -5.84 -35.00 -24.30
N GLU E 65 -6.46 -34.04 -24.96
CA GLU E 65 -5.73 -33.07 -25.76
C GLU E 65 -6.21 -31.66 -25.40
N ILE E 66 -5.29 -30.85 -24.90
CA ILE E 66 -5.60 -29.49 -24.45
C ILE E 66 -4.66 -28.56 -25.21
N ASN E 67 -5.14 -28.00 -26.32
CA ASN E 67 -4.29 -27.27 -27.25
C ASN E 67 -4.03 -25.87 -26.73
N LYS E 68 -2.80 -25.62 -26.28
CA LYS E 68 -2.41 -24.30 -25.79
C LYS E 68 -1.34 -23.63 -26.62
N VAL E 69 -0.94 -24.22 -27.75
CA VAL E 69 0.14 -23.63 -28.54
C VAL E 69 -0.37 -22.79 -29.70
N ALA E 70 -1.67 -22.78 -29.96
CA ALA E 70 -2.20 -22.09 -31.13
C ALA E 70 -2.60 -20.65 -30.86
N THR E 71 -2.64 -20.21 -29.61
CA THR E 71 -3.09 -18.85 -29.32
C THR E 71 -2.14 -17.80 -29.88
N GLU E 72 -0.84 -17.98 -29.65
CA GLU E 72 0.13 -17.02 -30.17
C GLU E 72 0.18 -17.04 -31.69
N LEU E 73 0.03 -18.21 -32.29
CA LEU E 73 -0.03 -18.30 -33.75
C LEU E 73 -1.22 -17.55 -34.30
N ASN E 74 -2.38 -17.69 -33.67
CA ASN E 74 -3.55 -16.93 -34.10
C ASN E 74 -3.32 -15.43 -33.94
N ARG E 75 -2.66 -15.02 -32.86
CA ARG E 75 -2.34 -13.62 -32.69
C ARG E 75 -1.46 -13.10 -33.82
N ILE E 76 -0.44 -13.87 -34.19
CA ILE E 76 0.45 -13.46 -35.28
C ILE E 76 -0.32 -13.34 -36.59
N ILE E 77 -1.18 -14.32 -36.88
CA ILE E 77 -1.92 -14.27 -38.14
C ILE E 77 -2.87 -13.08 -38.17
N ALA E 78 -3.52 -12.79 -37.05
CA ALA E 78 -4.39 -11.62 -36.99
C ALA E 78 -3.60 -10.33 -37.19
N GLU E 79 -2.38 -10.26 -36.67
CA GLU E 79 -1.53 -9.11 -36.91
C GLU E 79 -1.34 -8.82 -38.38
N TYR E 80 -1.07 -9.86 -39.19
CA TYR E 80 -0.91 -9.63 -40.62
C TYR E 80 -2.23 -9.31 -41.29
N ARG E 81 -3.30 -10.04 -40.97
CA ARG E 81 -4.55 -9.80 -41.65
C ARG E 81 -5.12 -8.42 -41.33
N ASN E 82 -4.64 -7.79 -40.28
CA ASN E 82 -5.04 -6.41 -40.00
C ASN E 82 -4.31 -5.41 -40.90
N ASN E 83 -3.08 -5.73 -41.31
CA ASN E 83 -2.24 -4.84 -42.12
C ASN E 83 -1.59 -5.68 -43.22
N ARG E 84 -2.09 -5.56 -44.45
CA ARG E 84 -1.83 -6.61 -45.43
C ARG E 84 -0.61 -6.40 -46.31
N ILE E 85 -0.25 -5.14 -46.63
CA ILE E 85 0.92 -4.71 -47.42
C ILE E 85 1.01 -5.36 -48.81
N THR E 86 1.51 -4.59 -49.78
CA THR E 86 1.60 -5.04 -51.17
C THR E 86 2.76 -4.31 -51.85
N VAL E 87 2.84 -4.43 -53.18
CA VAL E 87 3.93 -3.84 -53.97
C VAL E 87 3.66 -2.36 -54.21
N LYS E 88 4.72 -1.58 -54.38
CA LYS E 88 4.62 -0.11 -54.36
C LYS E 88 5.04 0.57 -55.65
N PHE E 89 6.20 0.22 -56.22
CA PHE E 89 6.72 0.85 -57.45
C PHE E 89 6.99 2.34 -57.27
N ARG E 90 8.01 2.63 -56.45
CA ARG E 90 8.44 4.00 -56.23
C ARG E 90 8.99 4.62 -57.53
N PRO E 91 8.84 5.93 -57.71
CA PRO E 91 9.37 6.57 -58.92
C PRO E 91 10.86 6.84 -58.82
N GLY E 92 11.41 7.53 -59.81
CA GLY E 92 12.80 7.91 -59.82
C GLY E 92 13.00 9.38 -60.06
N ASP E 93 14.21 9.78 -60.44
CA ASP E 93 14.53 11.19 -60.71
C ASP E 93 14.61 11.35 -62.22
N ARG E 94 13.46 11.67 -62.83
CA ARG E 94 13.38 11.81 -64.27
C ARG E 94 12.14 12.64 -64.58
N GLU E 95 12.07 13.11 -65.83
CA GLU E 95 10.96 13.97 -66.22
C GLU E 95 9.64 13.22 -66.24
N ALA E 96 9.65 11.94 -66.59
CA ALA E 96 8.41 11.20 -66.81
C ALA E 96 8.23 10.00 -65.89
N SER E 97 9.07 9.83 -64.87
CA SER E 97 8.96 8.64 -64.04
C SER E 97 7.71 8.64 -63.17
N GLU E 98 7.15 9.81 -62.87
CA GLU E 98 5.96 9.88 -62.03
C GLU E 98 4.78 9.18 -62.68
N GLU E 99 4.47 9.54 -63.92
CA GLU E 99 3.36 8.92 -64.63
C GLU E 99 3.61 7.44 -64.86
N LEU E 100 4.86 7.08 -65.14
CA LEU E 100 5.19 5.67 -65.34
C LEU E 100 4.89 4.86 -64.08
N ALA E 101 5.32 5.37 -62.92
CA ALA E 101 5.05 4.65 -61.68
C ALA E 101 3.57 4.58 -61.39
N ASN E 102 2.83 5.66 -61.63
CA ASN E 102 1.39 5.63 -61.43
C ASN E 102 0.72 4.58 -62.29
N LYS E 103 1.07 4.55 -63.59
CA LYS E 103 0.48 3.56 -64.48
C LYS E 103 0.82 2.14 -64.05
N LEU E 104 2.08 1.91 -63.66
CA LEU E 104 2.50 0.56 -63.32
C LEU E 104 1.78 0.06 -62.09
N ASN E 105 1.72 0.86 -61.03
CA ASN E 105 1.06 0.33 -59.84
C ASN E 105 -0.45 0.51 -59.88
N GLY E 106 -1.00 1.09 -60.95
CA GLY E 106 -2.42 0.89 -61.22
C GLY E 106 -2.70 -0.42 -61.92
N LEU E 107 -1.86 -0.77 -62.90
CA LEU E 107 -2.02 -2.06 -63.57
C LEU E 107 -1.83 -3.22 -62.59
N PHE E 108 -0.85 -3.12 -61.69
CA PHE E 108 -0.63 -4.19 -60.73
C PHE E 108 -1.84 -4.35 -59.81
N ARG E 109 -2.42 -3.24 -59.35
CA ARG E 109 -3.61 -3.35 -58.51
C ARG E 109 -4.74 -4.00 -59.28
N ALA E 110 -4.90 -3.65 -60.55
CA ALA E 110 -5.95 -4.28 -61.34
C ALA E 110 -5.75 -5.78 -61.44
N ASP E 111 -4.51 -6.23 -61.65
CA ASP E 111 -4.27 -7.66 -61.74
C ASP E 111 -4.46 -8.36 -60.40
N TYR E 112 -4.09 -7.70 -59.30
CA TYR E 112 -4.19 -8.32 -57.99
C TYR E 112 -5.65 -8.42 -57.53
N GLU E 113 -6.47 -7.41 -57.83
CA GLU E 113 -7.85 -7.42 -57.35
C GLU E 113 -8.73 -8.38 -58.14
N GLU E 114 -8.60 -8.41 -59.46
CA GLU E 114 -9.50 -9.19 -60.30
C GLU E 114 -9.09 -10.64 -60.43
N THR E 115 -8.16 -11.10 -59.60
CA THR E 115 -7.75 -12.50 -59.57
C THR E 115 -7.56 -12.88 -58.11
N ASP E 116 -6.86 -13.98 -57.83
CA ASP E 116 -6.83 -14.56 -56.50
C ASP E 116 -5.64 -14.07 -55.70
N GLY E 117 -5.30 -12.79 -55.83
CA GLY E 117 -4.14 -12.27 -55.12
C GLY E 117 -4.28 -12.33 -53.60
N GLY E 118 -5.41 -11.88 -53.08
CA GLY E 118 -5.58 -11.86 -51.64
C GLY E 118 -5.58 -13.25 -51.03
N GLU E 119 -6.28 -14.19 -51.67
CA GLU E 119 -6.27 -15.56 -51.20
C GLU E 119 -4.88 -16.16 -51.23
N ALA E 120 -4.13 -15.91 -52.30
CA ALA E 120 -2.77 -16.44 -52.40
C ALA E 120 -1.88 -15.90 -51.29
N CYS E 121 -1.93 -14.59 -51.07
CA CYS E 121 -1.07 -14.02 -50.03
C CYS E 121 -1.46 -14.52 -48.64
N ASP E 122 -2.75 -14.58 -48.34
CA ASP E 122 -3.17 -15.04 -47.02
C ASP E 122 -2.76 -16.49 -46.80
N ASN E 123 -2.96 -17.34 -47.80
CA ASN E 123 -2.58 -18.74 -47.66
C ASN E 123 -1.08 -18.88 -47.46
N ALA E 124 -0.29 -18.13 -48.24
CA ALA E 124 1.15 -18.22 -48.12
C ALA E 124 1.61 -17.80 -46.73
N PHE E 125 1.08 -16.69 -46.22
CA PHE E 125 1.51 -16.26 -44.89
C PHE E 125 1.07 -17.25 -43.82
N ASP E 126 -0.14 -17.80 -43.94
CA ASP E 126 -0.59 -18.77 -42.96
C ASP E 126 0.33 -19.98 -42.91
N ASP E 127 0.67 -20.52 -44.08
CA ASP E 127 1.54 -21.69 -44.12
C ASP E 127 2.94 -21.37 -43.65
N ALA E 128 3.43 -20.16 -43.96
CA ALA E 128 4.76 -19.78 -43.50
C ALA E 128 4.81 -19.64 -41.98
N ALA E 129 3.80 -19.03 -41.39
CA ALA E 129 3.79 -18.87 -39.94
C ALA E 129 3.57 -20.18 -39.20
N THR E 130 2.80 -21.11 -39.77
CA THR E 130 2.56 -22.37 -39.06
C THR E 130 3.73 -23.34 -39.20
N GLY E 131 4.04 -23.75 -40.42
CA GLY E 131 5.04 -24.76 -40.64
C GLY E 131 6.43 -24.21 -40.89
N GLY E 132 6.51 -23.17 -41.69
CA GLY E 132 7.80 -22.56 -41.97
C GLY E 132 8.06 -22.35 -43.45
N PHE E 133 7.16 -22.83 -44.30
CA PHE E 133 7.34 -22.70 -45.74
C PHE E 133 6.01 -22.44 -46.42
N GLY E 134 5.96 -21.38 -47.23
CA GLY E 134 4.79 -21.09 -48.03
C GLY E 134 5.21 -20.64 -49.41
N CYS E 135 4.25 -20.63 -50.34
CA CYS E 135 4.58 -20.30 -51.71
C CYS E 135 3.31 -19.85 -52.42
N PHE E 136 3.48 -19.08 -53.49
CA PHE E 136 2.38 -18.77 -54.39
C PHE E 136 2.93 -18.55 -55.79
N ARG E 137 2.05 -18.65 -56.77
CA ARG E 137 2.42 -18.71 -58.18
C ARG E 137 2.01 -17.42 -58.89
N LEU E 138 2.55 -17.22 -60.08
CA LEU E 138 2.31 -16.03 -60.87
C LEU E 138 2.27 -16.44 -62.34
N THR E 139 1.07 -16.62 -62.89
CA THR E 139 0.89 -17.16 -64.23
C THR E 139 0.35 -16.10 -65.17
N SER E 140 0.07 -16.52 -66.41
CA SER E 140 -0.51 -15.65 -67.43
C SER E 140 -1.67 -16.38 -68.09
N MET E 141 -2.88 -15.92 -67.84
CA MET E 141 -4.10 -16.54 -68.34
C MET E 141 -4.67 -15.74 -69.50
N LEU E 142 -5.49 -16.41 -70.30
CA LEU E 142 -6.02 -15.85 -71.54
C LEU E 142 -7.45 -15.36 -71.32
N VAL E 143 -7.62 -14.05 -71.28
CA VAL E 143 -8.94 -13.43 -71.26
C VAL E 143 -8.93 -12.18 -72.12
N ARG E 152 -6.27 -9.13 -74.61
CA ARG E 152 -6.73 -10.51 -74.64
C ARG E 152 -5.75 -11.44 -73.94
N GLN E 153 -4.80 -10.84 -73.21
CA GLN E 153 -3.87 -11.57 -72.36
C GLN E 153 -3.77 -10.86 -71.03
N ARG E 154 -3.45 -11.61 -69.98
CA ARG E 154 -3.50 -11.06 -68.64
C ARG E 154 -2.55 -11.85 -67.74
N ILE E 155 -2.00 -11.15 -66.74
CA ILE E 155 -1.19 -11.77 -65.70
C ILE E 155 -2.07 -12.03 -64.49
N ALA E 156 -2.01 -13.23 -63.95
CA ALA E 156 -2.85 -13.64 -62.84
C ALA E 156 -1.98 -14.15 -61.70
N ILE E 157 -2.48 -13.98 -60.47
CA ILE E 157 -1.80 -14.45 -59.26
C ILE E 157 -2.65 -15.56 -58.67
N GLU E 158 -2.04 -16.72 -58.46
CA GLU E 158 -2.76 -17.91 -58.04
C GLU E 158 -2.13 -18.50 -56.81
N PRO E 159 -2.91 -19.13 -55.94
CA PRO E 159 -2.36 -19.76 -54.75
C PRO E 159 -1.88 -21.18 -55.01
N ILE E 160 -0.99 -21.63 -54.12
CA ILE E 160 -0.45 -22.98 -54.13
C ILE E 160 -0.81 -23.63 -52.81
N TYR E 161 -1.40 -24.82 -52.86
CA TYR E 161 -1.84 -25.51 -51.67
C TYR E 161 -0.91 -26.67 -51.37
N ASP E 162 -0.60 -26.84 -50.08
CA ASP E 162 0.36 -27.80 -49.57
C ASP E 162 1.76 -27.55 -50.12
N PRO E 163 2.35 -26.37 -49.87
CA PRO E 163 3.66 -26.09 -50.44
C PRO E 163 4.75 -27.03 -49.95
N SER E 164 4.64 -27.53 -48.72
CA SER E 164 5.72 -28.34 -48.17
C SER E 164 5.97 -29.59 -49.00
N ARG E 165 4.91 -30.25 -49.46
CA ARG E 165 5.02 -31.47 -50.23
C ARG E 165 4.74 -31.27 -51.70
N SER E 166 4.80 -30.04 -52.21
CA SER E 166 4.45 -29.75 -53.59
C SER E 166 5.55 -29.08 -54.39
N VAL E 167 6.34 -28.21 -53.79
CA VAL E 167 7.30 -27.39 -54.51
C VAL E 167 8.71 -27.88 -54.20
N TRP E 168 9.46 -28.19 -55.26
CA TRP E 168 10.84 -28.66 -55.12
C TRP E 168 11.71 -27.90 -56.10
N PHE E 169 12.82 -27.35 -55.62
CA PHE E 169 13.69 -26.50 -56.40
C PHE E 169 14.99 -27.19 -56.74
N ASP E 170 15.76 -26.55 -57.62
CA ASP E 170 17.11 -27.00 -57.93
C ASP E 170 17.94 -27.03 -56.65
N PRO E 171 18.60 -28.15 -56.34
CA PRO E 171 19.40 -28.20 -55.10
C PRO E 171 20.62 -27.30 -55.12
N ASP E 172 20.88 -26.63 -56.24
CA ASP E 172 22.01 -25.73 -56.36
C ASP E 172 21.65 -24.27 -56.10
N ALA E 173 20.39 -23.95 -55.87
CA ALA E 173 20.00 -22.59 -55.56
C ALA E 173 20.11 -22.36 -54.06
N LYS E 174 20.77 -21.28 -53.67
CA LYS E 174 21.04 -21.02 -52.27
C LYS E 174 20.44 -19.73 -51.75
N LYS E 175 19.98 -18.84 -52.63
CA LYS E 175 19.51 -17.56 -52.17
C LYS E 175 18.09 -17.67 -51.62
N TYR E 176 17.67 -16.62 -50.92
CA TYR E 176 16.34 -16.61 -50.31
C TYR E 176 15.25 -16.76 -51.35
N ASP E 177 15.36 -16.02 -52.45
CA ASP E 177 14.32 -15.98 -53.47
C ASP E 177 14.53 -17.00 -54.56
N LYS E 178 15.57 -17.84 -54.46
CA LYS E 178 15.85 -18.87 -55.46
C LYS E 178 16.03 -18.26 -56.84
N SER E 179 16.70 -17.10 -56.90
CA SER E 179 16.97 -16.47 -58.17
C SER E 179 17.89 -17.32 -59.04
N ASP E 180 18.87 -17.96 -58.41
CA ASP E 180 19.88 -18.73 -59.13
C ASP E 180 19.49 -20.19 -59.29
N ALA E 181 18.27 -20.43 -59.75
CA ALA E 181 17.77 -21.78 -59.95
C ALA E 181 17.49 -21.97 -61.43
N LEU E 182 17.63 -23.21 -61.89
CA LEU E 182 17.47 -23.53 -63.29
C LEU E 182 16.31 -24.46 -63.59
N TRP E 183 15.68 -25.05 -62.58
CA TRP E 183 14.47 -25.82 -62.79
C TRP E 183 13.74 -25.97 -61.47
N ALA E 184 12.45 -26.31 -61.56
CA ALA E 184 11.63 -26.50 -60.37
C ALA E 184 10.44 -27.37 -60.72
N PHE E 185 9.79 -27.88 -59.68
CA PHE E 185 8.61 -28.73 -59.81
C PHE E 185 7.48 -28.15 -58.98
N CYS E 186 6.25 -28.39 -59.42
CA CYS E 186 5.06 -27.98 -58.69
C CYS E 186 4.02 -29.07 -58.85
N MET E 187 3.78 -29.85 -57.80
CA MET E 187 2.88 -30.98 -57.83
C MET E 187 1.49 -30.57 -57.37
N TYR E 188 0.48 -31.24 -57.91
CA TYR E 188 -0.89 -31.07 -57.43
C TYR E 188 -1.68 -32.33 -57.69
N SER E 189 -2.62 -32.60 -56.79
CA SER E 189 -3.44 -33.80 -56.84
C SER E 189 -4.65 -33.58 -57.74
N LEU E 190 -5.20 -34.69 -58.23
CA LEU E 190 -6.22 -34.65 -59.26
C LEU E 190 -7.10 -35.88 -59.10
N SER E 191 -8.32 -35.80 -59.62
CA SER E 191 -9.25 -36.92 -59.56
C SER E 191 -9.29 -37.64 -60.90
N PRO E 192 -9.57 -38.95 -60.89
CA PRO E 192 -9.58 -39.71 -62.14
C PRO E 192 -10.54 -39.17 -63.17
N GLU E 193 -11.69 -38.66 -62.74
CA GLU E 193 -12.65 -38.06 -63.66
C GLU E 193 -12.13 -36.79 -64.29
N LYS E 194 -11.49 -35.92 -63.51
CA LYS E 194 -10.88 -34.74 -64.10
C LYS E 194 -9.66 -35.06 -64.93
N TYR E 195 -8.96 -36.15 -64.62
CA TYR E 195 -7.93 -36.62 -65.53
C TYR E 195 -8.52 -37.11 -66.84
N GLU E 196 -9.74 -37.66 -66.80
CA GLU E 196 -10.40 -38.09 -68.02
C GLU E 196 -10.93 -36.91 -68.82
N ALA E 197 -11.28 -35.81 -68.16
CA ALA E 197 -11.84 -34.65 -68.84
C ALA E 197 -10.88 -34.15 -69.92
N GLU E 198 -9.71 -33.67 -69.51
CA GLU E 198 -8.64 -33.35 -70.45
C GLU E 198 -7.66 -34.50 -70.47
N TYR E 199 -6.58 -34.35 -71.24
CA TYR E 199 -5.57 -35.40 -71.36
C TYR E 199 -6.15 -36.68 -71.94
N GLY E 200 -7.38 -36.64 -72.41
CA GLY E 200 -7.96 -37.73 -73.17
C GLY E 200 -8.24 -38.95 -72.32
N LYS E 201 -8.65 -40.02 -73.01
CA LYS E 201 -8.94 -41.30 -72.38
C LYS E 201 -7.72 -41.80 -71.65
N LYS E 202 -6.62 -41.99 -72.40
CA LYS E 202 -5.29 -42.28 -71.87
C LYS E 202 -5.27 -43.64 -71.17
N PRO E 203 -4.09 -44.22 -70.94
CA PRO E 203 -3.99 -45.35 -70.02
C PRO E 203 -4.46 -44.97 -68.63
N PRO E 204 -4.56 -45.95 -67.72
CA PRO E 204 -5.18 -45.68 -66.42
C PRO E 204 -4.33 -44.84 -65.48
N THR E 205 -3.34 -44.12 -66.02
CA THR E 205 -2.56 -43.07 -65.36
C THR E 205 -1.40 -43.65 -64.55
N SER E 206 -0.30 -42.93 -64.49
CA SER E 206 0.83 -43.30 -63.64
C SER E 206 1.22 -42.07 -62.82
N LEU E 207 0.81 -42.05 -61.56
CA LEU E 207 1.06 -40.89 -60.72
C LEU E 207 2.49 -40.90 -60.19
N ASP E 208 2.95 -39.73 -59.74
CA ASP E 208 4.26 -39.59 -59.14
C ASP E 208 4.27 -40.18 -57.74
N VAL E 209 5.47 -40.34 -57.17
CA VAL E 209 5.66 -40.96 -55.87
C VAL E 209 6.65 -40.15 -55.06
N THR E 210 6.37 -39.96 -53.76
CA THR E 210 7.28 -39.33 -52.83
C THR E 210 7.50 -40.13 -51.56
N SER E 211 6.57 -41.01 -51.19
CA SER E 211 6.63 -41.75 -49.93
C SER E 211 6.75 -40.78 -48.74
N MET E 212 5.90 -39.75 -48.76
CA MET E 212 5.92 -38.68 -47.78
C MET E 212 4.76 -38.72 -46.81
N THR E 213 3.53 -38.85 -47.31
CA THR E 213 2.33 -38.67 -46.53
C THR E 213 1.86 -40.02 -45.98
N SER E 214 0.75 -40.02 -45.23
CA SER E 214 0.22 -41.15 -44.48
C SER E 214 1.15 -41.48 -43.32
N TRP E 215 2.20 -40.69 -43.16
CA TRP E 215 3.10 -40.85 -42.02
C TRP E 215 2.34 -40.39 -40.79
N GLU E 216 1.81 -41.35 -40.02
CA GLU E 216 0.88 -41.09 -38.93
C GLU E 216 -0.40 -40.43 -39.45
N TYR E 217 -1.15 -41.17 -40.28
CA TYR E 217 -2.39 -40.71 -40.88
C TYR E 217 -3.11 -41.84 -41.61
N ASN E 218 -4.43 -41.71 -41.75
CA ASN E 218 -5.26 -42.73 -42.39
C ASN E 218 -5.67 -42.31 -43.79
N TRP E 219 -5.52 -43.24 -44.74
CA TRP E 219 -5.92 -42.98 -46.11
C TRP E 219 -7.15 -43.81 -46.43
N PHE E 220 -8.06 -43.18 -47.17
CA PHE E 220 -9.31 -43.80 -47.59
C PHE E 220 -9.60 -43.48 -49.05
N GLY E 221 -8.93 -42.47 -49.58
CA GLY E 221 -9.22 -42.00 -50.92
C GLY E 221 -8.24 -42.49 -51.97
N ALA E 222 -8.76 -43.14 -53.00
CA ALA E 222 -7.92 -43.61 -54.10
C ALA E 222 -7.87 -42.56 -55.21
N ASP E 223 -8.47 -41.39 -54.95
CA ASP E 223 -8.45 -40.30 -55.92
C ASP E 223 -7.15 -39.52 -55.77
N VAL E 224 -6.08 -40.19 -56.17
CA VAL E 224 -4.73 -39.69 -55.90
C VAL E 224 -4.19 -38.89 -57.08
N ILE E 225 -4.05 -39.53 -58.25
CA ILE E 225 -3.41 -39.00 -59.45
C ILE E 225 -2.59 -37.74 -59.21
N TYR E 226 -1.30 -37.91 -58.94
CA TYR E 226 -0.41 -36.78 -58.67
C TYR E 226 0.26 -36.36 -59.97
N ILE E 227 0.04 -35.11 -60.37
CA ILE E 227 0.61 -34.54 -61.59
C ILE E 227 1.55 -33.42 -61.16
N ALA E 228 2.52 -33.11 -62.02
CA ALA E 228 3.49 -32.08 -61.69
C ALA E 228 3.68 -31.16 -62.88
N LYS E 229 4.06 -29.91 -62.59
CA LYS E 229 4.50 -28.97 -63.61
C LYS E 229 6.00 -28.79 -63.51
N TYR E 230 6.64 -28.65 -64.66
CA TYR E 230 8.09 -28.61 -64.74
C TYR E 230 8.53 -27.35 -65.46
N TYR E 231 9.47 -26.62 -64.85
CA TYR E 231 9.94 -25.35 -65.38
C TYR E 231 11.42 -25.48 -65.77
N GLU E 232 11.75 -25.06 -66.98
CA GLU E 232 13.11 -25.07 -67.49
C GLU E 232 13.52 -23.65 -67.82
N VAL E 233 14.82 -23.36 -67.74
CA VAL E 233 15.37 -22.12 -68.26
C VAL E 233 16.50 -22.47 -69.23
N ARG E 234 16.42 -21.92 -70.43
CA ARG E 234 17.36 -22.22 -71.49
C ARG E 234 17.89 -20.92 -72.07
N LYS E 235 19.08 -20.99 -72.67
CA LYS E 235 19.65 -19.81 -73.31
C LYS E 235 19.08 -19.62 -74.70
N GLU E 236 19.35 -20.56 -75.61
CA GLU E 236 18.86 -20.50 -76.98
C GLU E 236 19.35 -19.27 -77.74
N SER E 237 19.16 -19.26 -79.05
CA SER E 237 19.54 -18.14 -79.90
C SER E 237 18.31 -17.62 -80.62
N VAL E 238 18.09 -16.32 -80.54
CA VAL E 238 16.93 -15.68 -81.14
C VAL E 238 17.43 -14.52 -82.00
N ASP E 239 16.80 -14.32 -83.15
CA ASP E 239 17.20 -13.31 -84.11
C ASP E 239 16.36 -12.06 -83.91
N VAL E 240 17.02 -10.93 -83.64
CA VAL E 240 16.34 -9.64 -83.62
C VAL E 240 16.39 -9.07 -85.02
N ILE E 241 15.21 -8.77 -85.58
CA ILE E 241 15.07 -8.51 -87.00
C ILE E 241 14.48 -7.13 -87.23
N SER E 242 14.96 -6.15 -86.44
CA SER E 242 14.43 -4.80 -86.30
C SER E 242 13.77 -4.16 -87.51
N TYR E 243 12.54 -3.71 -87.33
CA TYR E 243 11.89 -2.76 -88.25
C TYR E 243 12.12 -1.33 -87.75
N ARG E 244 13.38 -0.91 -87.73
CA ARG E 244 13.67 0.45 -87.30
C ARG E 244 13.15 1.41 -88.37
N HIS E 245 11.92 1.84 -88.21
CA HIS E 245 11.28 2.68 -89.21
C HIS E 245 11.72 4.12 -88.99
N PRO E 246 12.36 4.76 -89.97
CA PRO E 246 12.89 6.11 -89.75
C PRO E 246 11.83 7.13 -89.36
N ILE E 247 10.62 7.03 -89.93
CA ILE E 247 9.58 8.00 -89.64
C ILE E 247 9.04 7.78 -88.23
N THR E 248 8.29 8.76 -87.74
CA THR E 248 7.80 8.84 -86.35
C THR E 248 8.84 8.31 -85.36
N GLY E 249 10.06 8.81 -85.50
CA GLY E 249 11.17 8.38 -84.65
C GLY E 249 11.52 6.93 -84.88
N GLU E 250 11.23 6.09 -83.88
CA GLU E 250 11.40 4.65 -83.97
C GLU E 250 12.84 4.27 -84.31
N ILE E 251 13.73 4.61 -83.39
CA ILE E 251 15.15 4.30 -83.47
C ILE E 251 15.41 3.07 -82.61
N ALA E 252 16.25 2.15 -83.11
CA ALA E 252 16.67 0.97 -82.35
C ALA E 252 15.46 0.12 -81.95
N THR E 253 14.79 -0.41 -82.96
CA THR E 253 13.54 -1.13 -82.82
C THR E 253 13.82 -2.58 -82.41
N TYR E 254 12.75 -3.30 -82.08
CA TYR E 254 12.78 -4.58 -81.41
C TYR E 254 12.79 -5.80 -82.33
N ASP E 255 11.66 -6.01 -82.98
CA ASP E 255 11.36 -7.11 -83.87
C ASP E 255 12.05 -8.40 -83.46
N SER E 256 11.72 -8.94 -82.29
CA SER E 256 12.15 -10.28 -81.98
C SER E 256 11.52 -11.27 -82.97
N ASP E 257 12.04 -12.49 -82.97
CA ASP E 257 11.58 -13.48 -83.94
C ASP E 257 10.10 -13.79 -83.78
N GLN E 258 9.65 -13.91 -82.54
CA GLN E 258 8.26 -14.24 -82.23
C GLN E 258 7.27 -13.11 -82.51
N VAL E 259 7.73 -11.99 -83.06
CA VAL E 259 6.83 -10.87 -83.33
C VAL E 259 6.28 -10.93 -84.75
N GLU E 260 7.16 -11.12 -85.75
CA GLU E 260 6.75 -11.03 -87.14
C GLU E 260 5.70 -12.09 -87.48
N ASP E 261 5.87 -13.31 -86.99
CA ASP E 261 4.94 -14.38 -87.33
C ASP E 261 3.53 -14.07 -86.85
N ILE E 262 3.39 -13.57 -85.63
CA ILE E 262 2.08 -13.17 -85.13
C ILE E 262 1.65 -11.83 -85.72
N GLU E 263 2.55 -10.86 -85.74
CA GLU E 263 2.25 -9.51 -86.22
C GLU E 263 2.43 -9.51 -87.74
N ASP E 264 1.34 -9.75 -88.46
CA ASP E 264 1.31 -9.73 -89.91
C ASP E 264 0.45 -8.53 -90.34
N GLU E 265 1.07 -7.35 -90.35
CA GLU E 265 0.46 -6.16 -90.91
C GLU E 265 0.85 -5.95 -92.36
N LEU E 266 1.60 -6.89 -92.93
CA LEU E 266 2.15 -6.77 -94.28
C LEU E 266 3.10 -5.59 -94.39
N ALA E 267 3.77 -5.25 -93.28
CA ALA E 267 4.83 -4.25 -93.25
C ALA E 267 4.35 -2.93 -93.85
N ILE E 268 3.35 -2.34 -93.20
CA ILE E 268 2.76 -1.10 -93.70
C ILE E 268 3.78 0.03 -93.69
N ALA E 269 4.29 0.37 -92.50
CA ALA E 269 5.15 1.53 -92.34
C ALA E 269 6.35 1.20 -91.47
N GLY E 270 7.06 0.11 -91.79
CA GLY E 270 8.21 -0.23 -90.98
C GLY E 270 9.58 -0.24 -91.65
N PHE E 271 9.65 -0.68 -92.91
CA PHE E 271 10.92 -0.98 -93.59
C PHE E 271 11.70 -2.07 -92.84
N HIS E 272 12.75 -2.61 -93.45
CA HIS E 272 13.39 -3.79 -92.87
C HIS E 272 14.82 -3.52 -92.42
N GLU E 273 15.59 -2.78 -93.22
CA GLU E 273 16.97 -2.39 -92.91
C GLU E 273 17.76 -3.49 -92.22
N VAL E 274 18.55 -3.15 -91.21
CA VAL E 274 19.38 -4.15 -90.53
C VAL E 274 18.50 -5.08 -89.73
N ALA E 275 18.53 -6.36 -90.07
CA ALA E 275 17.70 -7.36 -89.41
C ALA E 275 18.45 -8.67 -89.22
N ARG E 276 19.77 -8.64 -89.30
CA ARG E 276 20.52 -9.89 -89.35
C ARG E 276 21.49 -9.98 -88.19
N ARG E 277 21.04 -9.59 -87.00
CA ARG E 277 21.84 -9.73 -85.79
C ARG E 277 21.17 -10.74 -84.87
N SER E 278 21.90 -11.79 -84.52
CA SER E 278 21.40 -12.88 -83.70
C SER E 278 21.98 -12.77 -82.30
N VAL E 279 21.12 -12.84 -81.30
CA VAL E 279 21.51 -12.61 -79.91
C VAL E 279 21.07 -13.80 -79.08
N LYS E 280 21.87 -14.14 -78.07
CA LYS E 280 21.50 -15.15 -77.09
C LYS E 280 20.68 -14.48 -76.00
N ARG E 281 19.49 -15.00 -75.76
CA ARG E 281 18.59 -14.48 -74.74
C ARG E 281 18.34 -15.58 -73.70
N ARG E 282 17.35 -15.37 -72.86
CA ARG E 282 17.01 -16.29 -71.78
C ARG E 282 15.50 -16.47 -71.75
N ARG E 283 15.03 -17.70 -71.96
CA ARG E 283 13.61 -17.97 -71.90
C ARG E 283 13.32 -19.13 -70.96
N VAL E 284 12.05 -19.22 -70.55
CA VAL E 284 11.57 -20.20 -69.60
C VAL E 284 10.49 -21.04 -70.27
N TYR E 285 10.58 -22.35 -70.10
CA TYR E 285 9.63 -23.28 -70.67
C TYR E 285 8.88 -24.02 -69.55
N VAL E 286 7.64 -24.38 -69.83
CA VAL E 286 6.81 -25.10 -68.87
C VAL E 286 6.29 -26.37 -69.52
N SER E 287 6.09 -27.39 -68.69
CA SER E 287 5.67 -28.70 -69.17
C SER E 287 4.85 -29.39 -68.09
N VAL E 288 4.05 -30.37 -68.48
CA VAL E 288 3.26 -31.17 -67.56
C VAL E 288 3.66 -32.62 -67.76
N VAL E 289 4.07 -33.29 -66.69
CA VAL E 289 4.56 -34.66 -66.74
C VAL E 289 3.90 -35.47 -65.65
N ASP E 290 3.99 -36.79 -65.81
CA ASP E 290 3.55 -37.73 -64.78
C ASP E 290 4.58 -38.86 -64.74
N GLY E 291 4.20 -39.98 -64.11
CA GLY E 291 5.13 -41.08 -63.98
C GLY E 291 5.38 -41.84 -65.27
N ASP E 292 4.60 -41.57 -66.32
CA ASP E 292 4.73 -42.28 -67.58
C ASP E 292 5.36 -41.45 -68.68
N GLY E 293 4.81 -40.27 -68.98
CA GLY E 293 5.34 -39.45 -70.04
C GLY E 293 4.89 -38.01 -69.99
N PHE E 294 4.71 -37.39 -71.15
CA PHE E 294 4.33 -35.98 -71.24
C PHE E 294 2.82 -35.88 -71.44
N LEU E 295 2.14 -35.26 -70.48
CA LEU E 295 0.74 -34.92 -70.71
C LEU E 295 0.60 -33.68 -71.58
N GLU E 296 1.53 -32.74 -71.47
CA GLU E 296 1.55 -31.55 -72.31
C GLU E 296 2.99 -31.26 -72.71
N LYS E 297 3.22 -31.12 -74.01
CA LYS E 297 4.57 -30.87 -74.49
C LYS E 297 5.04 -29.48 -74.08
N PRO E 298 6.36 -29.28 -73.99
CA PRO E 298 6.87 -27.99 -73.50
C PRO E 298 6.48 -26.82 -74.39
N ARG E 299 6.24 -25.68 -73.74
CA ARG E 299 5.97 -24.42 -74.42
C ARG E 299 6.57 -23.30 -73.60
N ARG E 300 6.92 -22.21 -74.26
CA ARG E 300 7.59 -21.10 -73.58
C ARG E 300 6.58 -20.13 -72.99
N ILE E 301 6.86 -19.66 -71.78
CA ILE E 301 5.98 -18.75 -71.06
C ILE E 301 6.56 -17.35 -71.15
N PRO E 302 5.73 -16.31 -71.10
CA PRO E 302 6.21 -14.94 -71.34
C PRO E 302 6.95 -14.32 -70.15
N GLY E 303 8.25 -14.57 -70.06
CA GLY E 303 9.01 -13.97 -68.99
C GLY E 303 10.48 -14.32 -69.09
N GLU E 304 11.19 -14.06 -68.00
CA GLU E 304 12.60 -14.38 -67.89
C GLU E 304 12.93 -15.15 -66.61
N HIS E 305 12.09 -15.07 -65.59
CA HIS E 305 12.32 -15.70 -64.30
C HIS E 305 11.37 -16.87 -64.10
N ILE E 306 11.74 -17.77 -63.20
CA ILE E 306 10.81 -18.83 -62.78
C ILE E 306 9.70 -18.20 -61.97
N PRO E 307 8.45 -18.45 -62.29
CA PRO E 307 7.35 -17.69 -61.66
C PRO E 307 6.90 -18.19 -60.30
N LEU E 308 7.72 -18.95 -59.58
CA LEU E 308 7.38 -19.41 -58.24
C LEU E 308 8.01 -18.50 -57.19
N ILE E 309 7.22 -18.08 -56.21
CA ILE E 309 7.64 -17.13 -55.20
C ILE E 309 7.57 -17.78 -53.84
N PRO E 310 8.71 -18.15 -53.25
CA PRO E 310 8.69 -18.79 -51.93
C PRO E 310 8.55 -17.78 -50.80
N VAL E 311 7.93 -18.23 -49.71
CA VAL E 311 7.77 -17.45 -48.49
C VAL E 311 8.20 -18.30 -47.31
N TYR E 312 9.07 -17.76 -46.47
CA TYR E 312 9.61 -18.49 -45.33
C TYR E 312 9.29 -17.77 -44.03
N GLY E 313 9.13 -18.53 -42.96
CA GLY E 313 8.99 -17.93 -41.65
C GLY E 313 10.33 -17.49 -41.11
N LYS E 314 11.25 -18.45 -40.95
CA LYS E 314 12.63 -18.16 -40.58
C LYS E 314 13.50 -19.13 -41.36
N ARG E 315 14.48 -18.63 -42.11
CA ARG E 315 15.27 -19.46 -42.99
C ARG E 315 16.76 -19.25 -42.74
N TRP E 316 17.50 -20.35 -42.69
CA TRP E 316 18.94 -20.32 -42.53
C TRP E 316 19.56 -21.39 -43.42
N PHE E 317 20.87 -21.25 -43.66
CA PHE E 317 21.64 -22.18 -44.48
C PHE E 317 22.80 -22.69 -43.65
N ILE E 318 22.73 -23.94 -43.20
CA ILE E 318 23.60 -24.44 -42.14
C ILE E 318 24.70 -25.36 -42.69
N ASP E 319 24.33 -26.51 -43.23
CA ASP E 319 25.33 -27.44 -43.76
C ASP E 319 24.87 -27.92 -45.13
N ASP E 320 25.14 -27.12 -46.15
CA ASP E 320 24.74 -27.42 -47.53
C ASP E 320 23.26 -27.71 -47.66
N ILE E 321 22.48 -27.39 -46.64
CA ILE E 321 21.06 -27.69 -46.59
C ILE E 321 20.33 -26.48 -46.03
N GLU E 322 19.25 -26.08 -46.70
CA GLU E 322 18.43 -24.98 -46.23
C GLU E 322 17.48 -25.45 -45.14
N ARG E 323 17.38 -24.69 -44.06
CA ARG E 323 16.58 -25.09 -42.91
C ARG E 323 15.60 -23.99 -42.55
N VAL E 324 14.34 -24.37 -42.31
CA VAL E 324 13.27 -23.43 -42.03
C VAL E 324 12.69 -23.74 -40.65
N GLU E 325 11.89 -22.81 -40.14
CA GLU E 325 11.23 -22.99 -38.87
C GLU E 325 10.02 -22.09 -38.78
N GLY E 326 8.94 -22.61 -38.20
CA GLY E 326 7.71 -21.85 -38.05
C GLY E 326 7.62 -21.19 -36.69
N HIS E 327 6.49 -21.38 -36.00
CA HIS E 327 6.30 -20.78 -34.69
C HIS E 327 5.85 -21.78 -33.64
N ILE E 328 5.78 -23.07 -33.98
CA ILE E 328 5.31 -24.09 -33.05
C ILE E 328 6.26 -25.26 -32.92
N ALA E 329 7.29 -25.34 -33.76
CA ALA E 329 8.20 -26.48 -33.67
C ALA E 329 8.91 -26.52 -32.32
N LYS E 330 9.18 -25.36 -31.73
CA LYS E 330 9.91 -25.33 -30.47
C LYS E 330 9.06 -25.75 -29.28
N ALA E 331 7.73 -25.77 -29.42
CA ALA E 331 6.85 -26.03 -28.29
C ALA E 331 6.23 -27.41 -28.32
N MET E 332 6.73 -28.32 -29.16
CA MET E 332 6.13 -29.65 -29.23
C MET E 332 6.33 -30.41 -27.93
N ASP E 333 7.55 -30.45 -27.41
CA ASP E 333 7.84 -31.32 -26.27
C ASP E 333 7.09 -30.90 -25.02
N PRO E 334 7.12 -29.64 -24.57
CA PRO E 334 6.31 -29.28 -23.40
C PRO E 334 4.82 -29.52 -23.58
N GLN E 335 4.28 -29.30 -24.77
CA GLN E 335 2.85 -29.51 -24.98
C GLN E 335 2.47 -30.98 -24.83
N ARG E 336 3.20 -31.86 -25.52
CA ARG E 336 2.86 -33.27 -25.48
C ARG E 336 3.33 -33.93 -24.21
N LEU E 337 4.06 -33.21 -23.35
CA LEU E 337 4.31 -33.72 -22.01
C LEU E 337 3.24 -33.27 -21.03
N TYR E 338 2.73 -32.06 -21.20
CA TYR E 338 1.59 -31.58 -20.42
C TYR E 338 0.36 -32.44 -20.66
N ASN E 339 0.11 -32.82 -21.91
CA ASN E 339 -1.02 -33.70 -22.20
C ASN E 339 -0.90 -35.01 -21.44
N LEU E 340 0.29 -35.60 -21.42
CA LEU E 340 0.50 -36.85 -20.71
C LEU E 340 0.27 -36.68 -19.22
N GLN E 341 0.73 -35.57 -18.65
CA GLN E 341 0.52 -35.34 -17.23
C GLN E 341 -0.97 -35.29 -16.89
N VAL E 342 -1.75 -34.56 -17.67
CA VAL E 342 -3.18 -34.47 -17.38
C VAL E 342 -3.86 -35.82 -17.53
N SER E 343 -3.54 -36.54 -18.61
CA SER E 343 -4.17 -37.83 -18.83
C SER E 343 -3.83 -38.82 -17.72
N MET E 344 -2.60 -38.80 -17.23
CA MET E 344 -2.22 -39.71 -16.15
C MET E 344 -2.85 -39.31 -14.83
N LEU E 345 -3.06 -38.03 -14.57
CA LEU E 345 -3.73 -37.63 -13.34
C LEU E 345 -5.20 -38.02 -13.33
N ALA E 346 -5.88 -37.91 -14.47
CA ALA E 346 -7.33 -38.09 -14.50
C ALA E 346 -7.74 -39.47 -14.01
N ASP E 347 -7.17 -40.53 -14.59
CA ASP E 347 -7.61 -41.88 -14.21
C ASP E 347 -7.14 -42.30 -12.83
N THR E 348 -5.97 -41.83 -12.39
CA THR E 348 -5.55 -42.07 -11.02
C THR E 348 -6.55 -41.46 -10.05
N ALA E 349 -7.03 -40.26 -10.34
CA ALA E 349 -8.08 -39.67 -9.51
C ALA E 349 -9.36 -40.51 -9.57
N ALA E 350 -9.71 -40.99 -10.76
CA ALA E 350 -10.97 -41.72 -10.90
C ALA E 350 -10.92 -43.14 -10.34
N GLN E 351 -9.74 -43.65 -9.98
CA GLN E 351 -9.66 -45.03 -9.51
C GLN E 351 -10.20 -45.23 -8.09
N ASP E 352 -9.87 -44.34 -7.16
CA ASP E 352 -10.23 -44.49 -5.75
C ASP E 352 -10.89 -43.22 -5.22
N PRO E 353 -12.21 -43.09 -5.38
CA PRO E 353 -12.86 -41.81 -5.03
C PRO E 353 -12.97 -41.56 -3.53
N GLY E 354 -13.31 -42.56 -2.74
CA GLY E 354 -13.60 -42.32 -1.34
C GLY E 354 -13.02 -43.32 -0.36
N GLN E 355 -13.69 -43.49 0.79
CA GLN E 355 -13.25 -44.37 1.84
C GLN E 355 -14.32 -45.41 2.15
N ILE E 356 -13.89 -46.65 2.40
CA ILE E 356 -14.82 -47.72 2.75
C ILE E 356 -14.27 -48.43 3.99
N PRO E 357 -15.08 -48.67 5.01
CA PRO E 357 -14.60 -49.42 6.18
C PRO E 357 -14.30 -50.87 5.82
N ILE E 358 -13.35 -51.46 6.55
CA ILE E 358 -12.94 -52.84 6.36
C ILE E 358 -13.22 -53.60 7.64
N VAL E 359 -13.92 -54.74 7.52
CA VAL E 359 -14.29 -55.56 8.66
C VAL E 359 -14.07 -57.02 8.29
N GLY E 360 -14.09 -57.88 9.31
CA GLY E 360 -14.07 -59.30 9.09
C GLY E 360 -15.47 -59.87 8.92
N MET E 361 -15.54 -61.03 8.26
CA MET E 361 -16.85 -61.60 7.95
C MET E 361 -17.63 -61.95 9.20
N GLU E 362 -16.96 -62.48 10.21
CA GLU E 362 -17.63 -62.91 11.43
C GLU E 362 -17.98 -61.74 12.34
N GLN E 363 -17.47 -60.55 12.04
CA GLN E 363 -17.67 -59.39 12.88
C GLN E 363 -18.95 -58.63 12.56
N ILE E 364 -19.56 -58.89 11.40
CA ILE E 364 -20.71 -58.13 10.94
C ILE E 364 -21.87 -59.00 10.48
N ARG E 365 -21.70 -60.32 10.47
CA ARG E 365 -22.74 -61.20 9.97
C ARG E 365 -24.01 -61.05 10.79
N GLY E 366 -25.14 -60.90 10.11
CA GLY E 366 -26.42 -60.69 10.76
C GLY E 366 -26.76 -59.25 11.07
N LEU E 367 -25.86 -58.31 10.79
CA LEU E 367 -26.09 -56.91 11.08
C LEU E 367 -25.90 -56.03 9.85
N GLU E 368 -25.95 -56.61 8.65
CA GLU E 368 -25.62 -55.85 7.44
C GLU E 368 -26.68 -54.81 7.12
N LYS E 369 -27.95 -55.08 7.44
CA LYS E 369 -28.99 -54.14 7.07
C LYS E 369 -28.91 -52.83 7.85
N HIS E 370 -28.34 -52.85 9.05
CA HIS E 370 -28.20 -51.60 9.80
C HIS E 370 -27.10 -50.73 9.19
N TRP E 371 -26.00 -51.34 8.75
CA TRP E 371 -24.92 -50.59 8.11
C TRP E 371 -25.26 -50.19 6.70
N GLU E 372 -26.13 -50.93 6.02
CA GLU E 372 -26.48 -50.60 4.64
C GLU E 372 -27.28 -49.30 4.55
N ALA E 373 -28.11 -49.03 5.55
CA ALA E 373 -29.03 -47.89 5.51
C ALA E 373 -28.67 -46.81 6.51
N ARG E 374 -27.38 -46.62 6.79
CA ARG E 374 -27.00 -45.64 7.80
C ARG E 374 -27.15 -44.21 7.33
N ASN E 375 -27.28 -43.98 6.03
CA ASN E 375 -27.40 -42.62 5.52
C ASN E 375 -28.83 -42.21 5.21
N LYS E 376 -29.76 -43.17 5.15
CA LYS E 376 -31.17 -42.84 4.98
C LYS E 376 -31.87 -42.72 6.33
N LYS E 377 -31.87 -43.78 7.10
CA LYS E 377 -32.41 -43.74 8.44
C LYS E 377 -31.46 -43.02 9.37
N ARG E 378 -31.90 -42.79 10.58
CA ARG E 378 -31.10 -41.96 11.47
C ARG E 378 -30.82 -42.73 12.75
N PRO E 379 -29.94 -43.73 12.70
CA PRO E 379 -29.75 -44.58 13.87
C PRO E 379 -29.11 -43.85 15.02
N ALA E 380 -29.50 -44.25 16.23
CA ALA E 380 -28.88 -43.69 17.43
C ALA E 380 -27.48 -44.26 17.63
N PHE E 381 -27.23 -45.46 17.11
CA PHE E 381 -25.92 -46.09 17.21
C PHE E 381 -25.84 -47.16 16.15
N LEU E 382 -24.66 -47.75 16.01
CA LEU E 382 -24.45 -48.85 15.10
C LEU E 382 -23.83 -50.03 15.83
N PRO E 383 -24.34 -51.25 15.66
CA PRO E 383 -23.79 -52.40 16.37
C PRO E 383 -22.68 -53.10 15.62
N LEU E 384 -21.77 -53.68 16.39
CA LEU E 384 -20.71 -54.51 15.83
C LEU E 384 -20.18 -55.41 16.93
N ARG E 385 -19.53 -56.50 16.52
CA ARG E 385 -18.95 -57.47 17.45
C ARG E 385 -17.45 -57.25 17.55
N GLU E 386 -16.84 -57.97 18.49
CA GLU E 386 -15.40 -57.91 18.71
C GLU E 386 -14.71 -59.04 17.97
N VAL E 387 -13.38 -58.93 17.88
CA VAL E 387 -12.57 -59.95 17.23
C VAL E 387 -12.17 -60.99 18.26
N ARG E 388 -12.43 -62.25 17.97
CA ARG E 388 -12.14 -63.34 18.87
C ARG E 388 -11.24 -64.36 18.20
N ASP E 389 -10.31 -64.91 18.96
CA ASP E 389 -9.38 -65.90 18.45
C ASP E 389 -10.06 -67.28 18.49
N LYS E 390 -9.30 -68.34 18.24
CA LYS E 390 -9.88 -69.67 18.15
C LYS E 390 -10.33 -70.21 19.50
N SER E 391 -9.82 -69.67 20.60
CA SER E 391 -10.22 -70.10 21.93
C SER E 391 -11.40 -69.33 22.49
N GLY E 392 -11.82 -68.26 21.82
CA GLY E 392 -12.90 -67.43 22.32
C GLY E 392 -12.49 -66.21 23.09
N ASN E 393 -11.21 -65.85 23.09
CA ASN E 393 -10.72 -64.68 23.80
C ASN E 393 -10.81 -63.44 22.91
N ILE E 394 -11.07 -62.30 23.53
CA ILE E 394 -11.20 -61.03 22.81
C ILE E 394 -9.82 -60.43 22.64
N ILE E 395 -9.47 -60.07 21.40
CA ILE E 395 -8.15 -59.54 21.11
C ILE E 395 -8.23 -58.13 20.56
N ALA E 396 -9.40 -57.71 20.10
CA ALA E 396 -9.56 -56.40 19.51
C ALA E 396 -10.98 -55.91 19.74
N GLY E 397 -11.16 -54.59 19.65
CA GLY E 397 -12.42 -53.96 19.94
C GLY E 397 -13.42 -54.07 18.80
N ALA E 398 -14.54 -53.39 18.99
CA ALA E 398 -15.66 -53.45 18.06
C ALA E 398 -15.55 -52.48 16.90
N THR E 399 -14.51 -51.65 16.85
CA THR E 399 -14.35 -50.72 15.76
C THR E 399 -13.91 -51.45 14.50
N PRO E 400 -14.17 -50.87 13.31
CA PRO E 400 -13.61 -51.46 12.09
C PRO E 400 -12.10 -51.45 12.10
N ALA E 401 -11.52 -52.43 11.41
CA ALA E 401 -10.07 -52.56 11.41
C ALA E 401 -9.39 -51.36 10.79
N GLY E 402 -9.95 -50.81 9.72
CA GLY E 402 -9.35 -49.67 9.07
C GLY E 402 -10.21 -49.18 7.93
N TYR E 403 -9.63 -48.28 7.14
CA TYR E 403 -10.30 -47.70 5.99
C TYR E 403 -9.37 -47.71 4.80
N THR E 404 -9.95 -47.66 3.61
CA THR E 404 -9.15 -47.55 2.40
C THR E 404 -8.66 -46.12 2.22
N GLN E 405 -7.67 -45.97 1.35
CA GLN E 405 -7.10 -44.65 1.13
C GLN E 405 -7.64 -44.02 -0.14
N PRO E 406 -7.85 -42.73 -0.16
CA PRO E 406 -8.19 -42.05 -1.42
C PRO E 406 -6.95 -41.65 -2.21
N ALA E 407 -7.13 -41.07 -3.40
CA ALA E 407 -6.01 -40.75 -4.27
C ALA E 407 -5.17 -39.61 -3.71
N VAL E 408 -3.93 -39.48 -4.23
CA VAL E 408 -2.95 -38.62 -3.57
C VAL E 408 -2.37 -37.51 -4.44
N MET E 409 -2.27 -37.72 -5.75
CA MET E 409 -1.70 -36.72 -6.67
C MET E 409 -0.26 -36.36 -6.27
N ASN E 410 0.64 -37.30 -6.56
CA ASN E 410 2.04 -37.19 -6.19
C ASN E 410 2.65 -35.85 -6.61
N GLN E 411 3.75 -35.50 -5.96
CA GLN E 411 4.34 -34.17 -6.06
C GLN E 411 5.01 -33.92 -7.40
N ALA E 412 5.66 -34.94 -7.97
CA ALA E 412 6.37 -34.76 -9.23
C ALA E 412 5.42 -34.37 -10.36
N LEU E 413 4.24 -34.95 -10.38
CA LEU E 413 3.27 -34.61 -11.40
C LEU E 413 2.81 -33.15 -11.28
N ALA E 414 2.60 -32.67 -10.06
CA ALA E 414 2.21 -31.27 -9.88
C ALA E 414 3.32 -30.34 -10.36
N ALA E 415 4.57 -30.67 -10.02
CA ALA E 415 5.68 -29.86 -10.49
C ALA E 415 5.78 -29.85 -12.00
N LEU E 416 5.59 -31.00 -12.64
CA LEU E 416 5.65 -31.04 -14.10
C LEU E 416 4.51 -30.24 -14.73
N LEU E 417 3.31 -30.32 -14.16
CA LEU E 417 2.22 -29.51 -14.67
C LEU E 417 2.59 -28.04 -14.67
N GLN E 418 3.04 -27.52 -13.53
CA GLN E 418 3.39 -26.11 -13.46
C GLN E 418 4.53 -25.76 -14.41
N GLN E 419 5.58 -26.59 -14.44
CA GLN E 419 6.75 -26.26 -15.25
C GLN E 419 6.43 -26.23 -16.74
N THR E 420 5.71 -27.25 -17.23
CA THR E 420 5.39 -27.29 -18.64
C THR E 420 4.42 -26.20 -19.04
N SER E 421 3.42 -25.92 -18.19
CA SER E 421 2.50 -24.83 -18.50
C SER E 421 3.23 -23.50 -18.57
N ALA E 422 4.19 -23.27 -17.68
CA ALA E 422 4.97 -22.05 -17.75
C ALA E 422 5.91 -22.01 -18.94
N ASP E 423 6.46 -23.15 -19.35
CA ASP E 423 7.43 -23.17 -20.44
C ASP E 423 6.78 -22.95 -21.79
N ILE E 424 5.54 -23.42 -21.98
CA ILE E 424 4.86 -23.20 -23.25
C ILE E 424 4.77 -21.71 -23.56
N GLN E 425 4.44 -20.89 -22.56
CA GLN E 425 4.37 -19.45 -22.80
C GLN E 425 5.74 -18.82 -22.97
N GLU E 426 6.76 -19.31 -22.27
CA GLU E 426 8.09 -18.75 -22.39
C GLU E 426 8.67 -18.97 -23.78
N VAL E 427 8.50 -20.17 -24.33
CA VAL E 427 9.09 -20.46 -25.62
C VAL E 427 8.44 -19.65 -26.73
N THR E 428 7.11 -19.53 -26.71
CA THR E 428 6.37 -18.83 -27.75
C THR E 428 6.09 -17.41 -27.30
N GLY E 429 6.89 -16.47 -27.77
CA GLY E 429 6.71 -15.07 -27.43
C GLY E 429 6.72 -14.79 -25.94
N MET E 450 11.28 0.74 -31.74
CA MET E 450 11.48 -0.31 -30.75
C MET E 450 10.16 -0.98 -30.43
N ASN E 451 9.05 -0.27 -30.66
CA ASN E 451 7.73 -0.84 -30.42
C ASN E 451 7.51 -2.05 -31.30
N ARG E 452 7.81 -1.92 -32.59
CA ARG E 452 7.59 -3.02 -33.52
C ARG E 452 8.54 -4.19 -33.24
N ALA E 453 9.81 -3.88 -33.00
CA ALA E 453 10.80 -4.95 -32.87
C ALA E 453 10.58 -5.78 -31.61
N ASP E 454 9.87 -5.24 -30.63
CA ASP E 454 9.61 -5.98 -29.40
C ASP E 454 8.57 -7.09 -29.59
N MET E 455 7.73 -7.00 -30.61
CA MET E 455 6.70 -7.99 -30.83
C MET E 455 7.29 -9.25 -31.43
N ALA E 456 6.60 -10.37 -31.23
CA ALA E 456 7.05 -11.66 -31.70
C ALA E 456 6.73 -11.90 -33.17
N SER E 457 5.94 -11.03 -33.79
CA SER E 457 5.52 -11.22 -35.17
C SER E 457 6.34 -10.40 -36.15
N PHE E 458 7.45 -9.80 -35.71
CA PHE E 458 8.16 -8.88 -36.60
C PHE E 458 8.91 -9.61 -37.70
N ILE E 459 9.56 -10.72 -37.37
CA ILE E 459 10.42 -11.39 -38.33
C ILE E 459 9.60 -11.98 -39.47
N TYR E 460 8.41 -12.52 -39.17
CA TYR E 460 7.56 -13.05 -40.23
C TYR E 460 7.08 -11.95 -41.16
N LEU E 461 6.62 -10.84 -40.60
CA LEU E 461 6.18 -9.71 -41.40
C LEU E 461 7.31 -9.06 -42.17
N ASP E 462 8.56 -9.24 -41.73
CA ASP E 462 9.69 -8.73 -42.47
C ASP E 462 10.11 -9.66 -43.60
N ASN E 463 10.04 -10.97 -43.38
CA ASN E 463 10.32 -11.92 -44.45
C ASN E 463 9.21 -11.96 -45.51
N MET E 464 7.99 -11.53 -45.17
CA MET E 464 6.94 -11.40 -46.17
C MET E 464 7.22 -10.29 -47.16
N ALA E 465 7.79 -9.17 -46.69
CA ALA E 465 8.06 -8.04 -47.56
C ALA E 465 9.11 -8.37 -48.60
N LYS E 466 10.17 -9.07 -48.22
CA LYS E 466 11.21 -9.39 -49.18
C LYS E 466 10.80 -10.52 -50.13
N SER E 467 9.69 -11.19 -49.85
CA SER E 467 9.08 -12.06 -50.85
C SER E 467 8.24 -11.25 -51.83
N LEU E 468 7.46 -10.30 -51.32
CA LEU E 468 6.71 -9.42 -52.20
C LEU E 468 7.60 -8.61 -53.13
N LYS E 469 8.78 -8.23 -52.68
CA LYS E 469 9.71 -7.54 -53.57
C LYS E 469 10.14 -8.40 -54.75
N ARG E 470 10.40 -9.68 -54.53
CA ARG E 470 10.72 -10.58 -55.64
C ARG E 470 9.53 -10.78 -56.56
N ALA E 471 8.33 -10.86 -55.97
CA ALA E 471 7.13 -10.96 -56.80
C ALA E 471 6.98 -9.76 -57.71
N GLY E 472 7.27 -8.56 -57.21
CA GLY E 472 7.25 -7.38 -58.05
C GLY E 472 8.24 -7.42 -59.19
N GLU E 473 9.46 -7.90 -58.93
CA GLU E 473 10.45 -8.02 -59.99
C GLU E 473 10.01 -8.99 -61.07
N VAL E 474 9.47 -10.15 -60.66
CA VAL E 474 8.97 -11.10 -61.64
C VAL E 474 7.81 -10.53 -62.44
N TRP E 475 6.88 -9.83 -61.78
CA TRP E 475 5.79 -9.18 -62.50
C TRP E 475 6.28 -8.15 -63.51
N LEU E 476 7.26 -7.33 -63.13
CA LEU E 476 7.80 -6.36 -64.09
C LEU E 476 8.45 -7.05 -65.28
N SER E 477 9.22 -8.10 -65.06
CA SER E 477 9.81 -8.82 -66.18
C SER E 477 8.76 -9.48 -67.06
N MET E 478 7.65 -9.91 -66.48
CA MET E 478 6.58 -10.56 -67.22
C MET E 478 5.65 -9.58 -67.92
N ALA E 479 5.50 -8.37 -67.41
CA ALA E 479 4.52 -7.44 -67.95
C ALA E 479 4.96 -6.83 -69.27
N ARG E 480 6.27 -6.74 -69.52
CA ARG E 480 6.72 -6.13 -70.76
C ARG E 480 6.30 -6.93 -71.97
N GLU E 481 6.34 -8.25 -71.89
CA GLU E 481 6.00 -9.10 -73.00
C GLU E 481 4.49 -9.30 -73.17
N VAL E 482 3.70 -8.92 -72.17
CA VAL E 482 2.25 -9.04 -72.24
C VAL E 482 1.58 -7.71 -72.54
N TYR E 483 2.01 -6.61 -71.92
CA TYR E 483 1.41 -5.31 -72.14
C TYR E 483 2.25 -4.39 -73.03
N GLY E 484 3.47 -4.77 -73.36
CA GLY E 484 4.32 -3.96 -74.20
C GLY E 484 5.13 -2.94 -73.41
N SER E 485 6.20 -2.46 -74.03
CA SER E 485 7.03 -1.44 -73.40
C SER E 485 6.30 -0.11 -73.39
N GLU E 486 6.79 0.81 -72.55
CA GLU E 486 6.07 2.05 -72.33
C GLU E 486 6.51 3.18 -73.26
N ARG E 487 7.79 3.56 -73.18
CA ARG E 487 8.45 4.59 -74.02
C ARG E 487 7.77 5.95 -73.92
N GLU E 488 8.48 7.01 -74.29
CA GLU E 488 7.92 8.35 -74.17
C GLU E 488 8.45 9.25 -75.26
N VAL E 489 7.72 10.33 -75.51
CA VAL E 489 8.12 11.34 -76.50
C VAL E 489 7.43 12.67 -76.21
N ARG E 510 2.10 11.87 -71.03
CA ARG E 510 1.29 10.70 -71.35
C ARG E 510 2.08 9.42 -71.27
N GLN E 511 1.42 8.28 -71.49
CA GLN E 511 2.02 6.94 -71.43
C GLN E 511 1.31 6.07 -72.45
N THR E 512 1.93 5.85 -73.61
CA THR E 512 1.31 5.10 -74.69
C THR E 512 2.05 3.79 -74.91
N GLY E 513 1.30 2.69 -75.03
CA GLY E 513 1.90 1.39 -75.23
C GLY E 513 1.93 0.93 -76.68
N ALA E 514 1.54 -0.32 -76.92
CA ALA E 514 1.64 -0.94 -78.23
C ALA E 514 0.47 -0.54 -79.12
N VAL E 515 0.30 -1.26 -80.22
CA VAL E 515 -0.85 -1.10 -81.11
C VAL E 515 -1.72 -2.34 -81.13
N VAL E 516 -1.14 -3.50 -81.45
CA VAL E 516 -1.91 -4.74 -81.52
C VAL E 516 -1.30 -5.78 -80.57
N ALA E 517 -0.03 -6.10 -80.75
CA ALA E 517 0.73 -6.85 -79.75
C ALA E 517 2.20 -6.71 -80.10
N LEU E 518 2.96 -6.00 -79.26
CA LEU E 518 4.39 -5.85 -79.51
C LEU E 518 5.07 -5.47 -78.21
N ASN E 519 6.37 -5.71 -78.17
CA ASN E 519 7.17 -5.60 -76.95
C ASN E 519 8.04 -4.36 -76.95
N ASP E 520 8.76 -4.11 -78.04
CA ASP E 520 9.85 -3.15 -78.10
C ASP E 520 11.01 -3.67 -77.26
N LEU E 521 12.23 -3.38 -77.71
CA LEU E 521 13.41 -3.93 -77.08
C LEU E 521 14.51 -2.90 -77.26
N SER E 522 15.55 -3.01 -76.45
CA SER E 522 16.59 -1.99 -76.39
C SER E 522 15.99 -0.64 -75.99
N VAL E 523 14.98 -0.68 -75.12
CA VAL E 523 14.48 0.51 -74.47
C VAL E 523 15.05 0.67 -73.07
N GLY E 524 15.56 -0.40 -72.46
CA GLY E 524 16.30 -0.30 -71.24
C GLY E 524 15.46 -0.51 -70.00
N ARG E 525 16.16 -0.60 -68.87
CA ARG E 525 15.51 -0.72 -67.58
C ARG E 525 14.67 0.51 -67.29
N TYR E 526 13.53 0.29 -66.63
CA TYR E 526 12.67 1.38 -66.23
C TYR E 526 13.31 2.16 -65.08
N ASP E 527 12.78 3.35 -64.83
CA ASP E 527 13.29 4.24 -63.78
C ASP E 527 12.46 4.14 -62.50
N VAL E 528 12.00 2.94 -62.15
CA VAL E 528 11.24 2.75 -60.93
C VAL E 528 12.01 1.79 -60.02
N THR E 529 11.61 1.77 -58.75
CA THR E 529 12.20 0.88 -57.76
C THR E 529 11.08 0.12 -57.06
N VAL E 530 11.29 -1.19 -56.90
CA VAL E 530 10.29 -2.04 -56.26
C VAL E 530 10.36 -1.86 -54.76
N ASP E 531 9.21 -1.66 -54.13
CA ASP E 531 9.13 -1.47 -52.69
C ASP E 531 7.86 -2.12 -52.19
N VAL E 532 7.55 -1.91 -50.91
CA VAL E 532 6.32 -2.42 -50.32
C VAL E 532 5.61 -1.28 -49.61
N GLY E 533 4.29 -1.43 -49.49
CA GLY E 533 3.47 -0.45 -48.83
C GLY E 533 2.11 -1.03 -48.50
N PRO E 534 1.27 -0.25 -47.83
CA PRO E 534 -0.04 -0.77 -47.43
C PRO E 534 -0.90 -1.11 -48.64
N SER E 535 -1.78 -2.09 -48.45
CA SER E 535 -2.65 -2.58 -49.50
C SER E 535 -3.97 -1.82 -49.47
N TYR E 536 -4.36 -1.25 -50.61
CA TYR E 536 -5.57 -0.45 -50.73
C TYR E 536 -6.48 -1.06 -51.79
N THR E 537 -7.78 -1.05 -51.51
CA THR E 537 -8.74 -1.60 -52.46
C THR E 537 -8.91 -0.71 -53.67
N ALA E 538 -8.95 0.61 -53.47
CA ALA E 538 -9.15 1.55 -54.56
C ALA E 538 -8.10 2.65 -54.47
N ARG E 539 -7.97 3.40 -55.57
CA ARG E 539 -6.96 4.46 -55.61
C ARG E 539 -7.31 5.60 -54.66
N ARG E 540 -8.61 5.89 -54.50
CA ARG E 540 -9.01 6.99 -53.63
C ARG E 540 -8.52 6.78 -52.21
N ASP E 541 -8.55 5.55 -51.73
CA ASP E 541 -8.01 5.26 -50.41
C ASP E 541 -6.54 5.61 -50.34
N ALA E 542 -5.78 5.27 -51.38
CA ALA E 542 -4.35 5.59 -51.39
C ALA E 542 -4.12 7.08 -51.36
N THR E 543 -4.93 7.85 -52.10
CA THR E 543 -4.77 9.30 -52.10
C THR E 543 -5.06 9.89 -50.73
N VAL E 544 -6.24 9.58 -50.17
CA VAL E 544 -6.62 10.20 -48.91
C VAL E 544 -5.74 9.73 -47.76
N SER E 545 -5.21 8.51 -47.82
CA SER E 545 -4.38 8.02 -46.73
C SER E 545 -3.08 8.80 -46.62
N VAL E 546 -2.50 9.22 -47.74
CA VAL E 546 -1.24 9.94 -47.69
C VAL E 546 -1.51 11.42 -47.47
N LEU E 547 -2.62 11.93 -48.01
CA LEU E 547 -2.92 13.34 -47.79
C LEU E 547 -3.28 13.61 -46.34
N THR E 548 -3.95 12.67 -45.67
CA THR E 548 -4.27 12.88 -44.27
C THR E 548 -3.06 12.71 -43.36
N ASN E 549 -2.01 12.02 -43.82
CA ASN E 549 -0.76 12.00 -43.08
C ASN E 549 0.03 13.28 -43.29
N VAL E 550 -0.06 13.86 -44.49
CA VAL E 550 0.54 15.17 -44.71
C VAL E 550 -0.11 16.20 -43.80
N LEU E 551 -1.43 16.19 -43.75
CA LEU E 551 -2.15 16.93 -42.74
C LEU E 551 -1.89 16.29 -41.38
N SER E 552 -2.38 16.95 -40.32
CA SER E 552 -2.24 16.51 -38.93
C SER E 552 -0.80 16.57 -38.46
N SER E 553 0.16 16.91 -39.32
CA SER E 553 1.51 17.28 -38.93
C SER E 553 1.77 18.74 -39.23
N MET E 554 0.73 19.54 -39.40
CA MET E 554 0.82 20.93 -39.81
C MET E 554 0.10 21.79 -38.80
N LEU E 555 0.76 22.85 -38.33
CA LEU E 555 0.08 23.81 -37.49
C LEU E 555 -0.99 24.54 -38.29
N PRO E 556 -2.08 24.96 -37.65
CA PRO E 556 -3.11 25.68 -38.41
C PRO E 556 -2.61 27.06 -38.80
N THR E 557 -2.19 27.19 -40.06
CA THR E 557 -1.51 28.37 -40.59
C THR E 557 -1.14 28.05 -42.03
N ASP E 558 -0.86 29.09 -42.82
CA ASP E 558 -0.39 29.05 -44.20
C ASP E 558 -1.50 28.59 -45.11
N PRO E 559 -1.47 28.93 -46.42
CA PRO E 559 -2.57 28.56 -47.30
C PRO E 559 -2.84 27.06 -47.36
N MET E 560 -1.85 26.28 -47.77
CA MET E 560 -1.78 24.82 -47.59
C MET E 560 -3.02 24.16 -47.01
N ARG E 561 -3.25 24.28 -45.70
CA ARG E 561 -4.20 23.43 -44.99
C ARG E 561 -5.61 23.45 -45.58
N PRO E 562 -6.20 24.61 -45.88
CA PRO E 562 -7.46 24.59 -46.65
C PRO E 562 -7.34 23.87 -47.99
N ALA E 563 -6.22 24.03 -48.70
CA ALA E 563 -6.08 23.32 -49.97
C ALA E 563 -6.02 21.81 -49.76
N ILE E 564 -5.31 21.36 -48.71
CA ILE E 564 -5.25 19.94 -48.42
C ILE E 564 -6.64 19.41 -48.09
N GLN E 565 -7.40 20.14 -47.28
CA GLN E 565 -8.76 19.69 -46.99
C GLN E 565 -9.63 19.64 -48.22
N GLY E 566 -9.52 20.63 -49.10
CA GLY E 566 -10.31 20.60 -50.32
C GLY E 566 -9.97 19.41 -51.19
N ILE E 567 -8.68 19.12 -51.35
CA ILE E 567 -8.29 17.98 -52.15
C ILE E 567 -8.78 16.68 -51.53
N ILE E 568 -8.69 16.56 -50.20
CA ILE E 568 -9.17 15.34 -49.55
C ILE E 568 -10.65 15.16 -49.77
N LEU E 569 -11.43 16.22 -49.59
CA LEU E 569 -12.87 16.10 -49.74
C LEU E 569 -13.28 15.89 -51.19
N ASP E 570 -12.46 16.31 -52.15
CA ASP E 570 -12.76 16.02 -53.55
C ASP E 570 -12.76 14.53 -53.84
N ASN E 571 -11.85 13.77 -53.24
CA ASN E 571 -11.86 12.33 -53.29
C ASN E 571 -12.89 11.80 -52.31
N ILE E 572 -12.79 10.51 -51.96
CA ILE E 572 -13.60 9.81 -50.95
C ILE E 572 -15.08 10.02 -51.29
N ASP E 573 -15.96 9.68 -50.34
CA ASP E 573 -17.39 9.97 -50.33
C ASP E 573 -18.21 8.86 -50.99
N GLY E 574 -19.47 8.75 -50.59
CA GLY E 574 -20.35 7.68 -51.02
C GLY E 574 -21.68 8.15 -51.55
N GLU E 575 -22.77 7.69 -50.94
CA GLU E 575 -24.12 7.91 -51.44
C GLU E 575 -24.65 9.26 -50.99
N GLY E 576 -25.34 9.95 -51.89
CA GLY E 576 -26.02 11.18 -51.54
C GLY E 576 -25.14 12.38 -51.31
N LEU E 577 -23.95 12.41 -51.92
CA LEU E 577 -23.02 13.51 -51.72
C LEU E 577 -22.71 14.25 -53.02
N ASP E 578 -23.60 14.21 -54.00
CA ASP E 578 -23.30 14.85 -55.28
C ASP E 578 -23.33 16.36 -55.18
N ASP E 579 -24.34 16.93 -54.52
CA ASP E 579 -24.44 18.38 -54.42
C ASP E 579 -23.29 18.96 -53.60
N PHE E 580 -22.97 18.31 -52.48
CA PHE E 580 -21.87 18.80 -51.65
C PHE E 580 -20.55 18.73 -52.40
N LYS E 581 -20.29 17.64 -53.12
CA LYS E 581 -19.05 17.52 -53.86
C LYS E 581 -18.97 18.54 -55.00
N GLU E 582 -20.08 18.81 -55.68
CA GLU E 582 -20.06 19.84 -56.71
C GLU E 582 -19.77 21.20 -56.12
N TYR E 583 -20.39 21.52 -54.98
CA TYR E 583 -20.12 22.80 -54.32
C TYR E 583 -18.66 22.91 -53.92
N ASN E 584 -18.08 21.80 -53.44
CA ASN E 584 -16.66 21.81 -53.11
C ASN E 584 -15.79 22.04 -54.33
N ARG E 585 -16.08 21.36 -55.43
CA ARG E 585 -15.23 21.47 -56.61
C ARG E 585 -15.28 22.86 -57.20
N ASN E 586 -16.45 23.51 -57.12
CA ASN E 586 -16.52 24.88 -57.63
C ASN E 586 -15.54 25.80 -56.92
N GLN E 587 -15.54 25.78 -55.58
CA GLN E 587 -14.59 26.60 -54.84
C GLN E 587 -13.17 26.13 -55.05
N LEU E 588 -12.97 24.83 -55.29
CA LEU E 588 -11.62 24.33 -55.50
C LEU E 588 -11.04 24.81 -56.82
N LEU E 589 -11.88 25.00 -57.84
CA LEU E 589 -11.38 25.43 -59.14
C LEU E 589 -11.41 26.94 -59.35
N ILE E 590 -12.26 27.67 -58.64
CA ILE E 590 -12.18 29.13 -58.74
C ILE E 590 -10.97 29.68 -58.00
N SER E 591 -10.29 28.85 -57.22
CA SER E 591 -9.10 29.25 -56.49
C SER E 591 -7.82 28.80 -57.19
N GLY E 592 -7.91 28.33 -58.42
CA GLY E 592 -6.73 27.94 -59.17
C GLY E 592 -6.01 26.72 -58.64
N ILE E 593 -6.76 25.71 -58.18
CA ILE E 593 -6.16 24.48 -57.69
C ILE E 593 -6.60 23.25 -58.48
N ALA E 594 -7.70 23.31 -59.21
CA ALA E 594 -8.27 22.11 -59.80
C ALA E 594 -7.91 21.91 -61.27
N LYS E 595 -7.51 22.95 -61.99
CA LYS E 595 -7.16 22.82 -63.40
C LYS E 595 -8.33 22.27 -64.21
N PRO E 596 -9.33 23.11 -64.52
CA PRO E 596 -10.50 22.66 -65.29
C PRO E 596 -10.18 21.67 -66.39
N ARG E 597 -10.95 20.58 -66.48
CA ARG E 597 -10.65 19.54 -67.46
C ARG E 597 -11.39 19.79 -68.78
N ASN E 598 -11.29 21.03 -69.24
CA ASN E 598 -11.54 21.41 -70.64
C ASN E 598 -12.89 20.92 -71.17
N GLU E 599 -13.92 20.90 -70.32
CA GLU E 599 -15.24 20.54 -70.83
C GLU E 599 -16.27 21.67 -70.69
N LYS E 600 -16.56 22.14 -69.47
CA LYS E 600 -17.57 23.17 -69.33
C LYS E 600 -17.14 24.28 -68.39
N GLU E 601 -16.38 23.94 -67.35
CA GLU E 601 -16.07 24.92 -66.32
C GLU E 601 -15.03 25.94 -66.77
N GLN E 602 -14.13 25.55 -67.67
CA GLN E 602 -13.11 26.47 -68.16
C GLN E 602 -13.72 27.68 -68.87
N GLN E 603 -14.95 27.56 -69.34
CA GLN E 603 -15.59 28.62 -70.11
C GLN E 603 -16.82 29.20 -69.42
N ILE E 604 -17.29 28.59 -68.35
CA ILE E 604 -18.54 29.04 -67.73
C ILE E 604 -18.25 29.65 -66.37
N VAL E 605 -17.73 28.84 -65.45
CA VAL E 605 -17.50 29.32 -64.10
C VAL E 605 -16.11 29.93 -63.96
N GLN E 606 -15.15 29.45 -64.74
CA GLN E 606 -13.81 30.03 -64.67
C GLN E 606 -13.77 31.41 -65.35
N GLN E 607 -14.48 31.54 -66.47
CA GLN E 607 -14.57 32.85 -67.11
C GLN E 607 -15.33 33.83 -66.22
N ALA E 608 -16.39 33.36 -65.57
CA ALA E 608 -17.08 34.21 -64.61
C ALA E 608 -16.18 34.57 -63.45
N GLN E 609 -15.28 33.68 -63.05
CA GLN E 609 -14.31 34.02 -62.02
C GLN E 609 -13.34 35.08 -62.50
N MET E 610 -12.90 35.02 -63.76
CA MET E 610 -12.06 36.09 -64.29
C MET E 610 -12.80 37.42 -64.30
N ALA E 611 -14.07 37.41 -64.71
CA ALA E 611 -14.86 38.64 -64.69
C ALA E 611 -14.99 39.17 -63.26
N ALA E 612 -15.29 38.30 -62.31
CA ALA E 612 -15.38 38.68 -60.90
C ALA E 612 -14.02 38.96 -60.28
N GLN E 613 -12.94 38.69 -61.01
CA GLN E 613 -11.63 39.21 -60.61
C GLN E 613 -11.44 40.64 -61.11
N SER E 614 -11.95 40.93 -62.31
CA SER E 614 -11.99 42.29 -62.82
C SER E 614 -13.18 43.08 -62.30
N GLN E 615 -14.24 42.40 -61.86
CA GLN E 615 -15.41 43.09 -61.32
C GLN E 615 -15.13 43.94 -60.09
N PRO E 616 -14.45 43.45 -59.05
CA PRO E 616 -14.35 44.24 -57.81
C PRO E 616 -13.16 45.18 -57.76
N ASN E 617 -12.41 45.34 -58.86
CA ASN E 617 -11.38 46.37 -58.89
C ASN E 617 -11.97 47.76 -58.73
N PRO E 618 -13.03 48.15 -59.44
CA PRO E 618 -13.69 49.43 -59.11
C PRO E 618 -14.23 49.47 -57.70
N GLU E 619 -14.71 48.34 -57.18
CA GLU E 619 -15.23 48.31 -55.81
C GLU E 619 -14.14 48.59 -54.79
N MET E 620 -12.96 48.00 -54.97
CA MET E 620 -11.88 48.17 -54.02
C MET E 620 -11.19 49.51 -54.17
N VAL E 621 -11.07 50.02 -55.40
CA VAL E 621 -10.51 51.35 -55.56
C VAL E 621 -11.52 52.41 -55.11
N LEU E 622 -12.81 52.05 -55.05
CA LEU E 622 -13.78 52.92 -54.43
C LEU E 622 -13.50 53.08 -52.94
N ALA E 623 -13.13 51.98 -52.28
CA ALA E 623 -12.64 52.06 -50.91
C ALA E 623 -11.28 52.72 -50.81
N GLN E 624 -10.60 52.91 -51.94
CA GLN E 624 -9.36 53.67 -52.01
C GLN E 624 -9.47 54.90 -52.89
N ALA E 625 -10.68 55.39 -53.16
CA ALA E 625 -10.86 56.60 -53.96
C ALA E 625 -10.82 57.87 -53.12
N GLN E 626 -10.77 57.74 -51.79
CA GLN E 626 -10.64 58.92 -50.95
C GLN E 626 -9.34 59.65 -51.21
N MET E 627 -8.26 58.92 -51.50
CA MET E 627 -7.03 59.54 -51.97
C MET E 627 -6.88 59.45 -53.49
N VAL E 628 -7.96 59.21 -54.22
CA VAL E 628 -7.98 59.36 -55.67
C VAL E 628 -8.67 60.65 -56.08
N ALA E 629 -9.69 61.08 -55.33
CA ALA E 629 -10.20 62.44 -55.51
C ALA E 629 -9.09 63.46 -55.28
N ALA E 630 -8.25 63.23 -54.27
CA ALA E 630 -7.08 64.06 -54.07
C ALA E 630 -6.10 63.96 -55.22
N GLN E 631 -5.89 62.76 -55.77
CA GLN E 631 -5.07 62.61 -56.97
C GLN E 631 -5.56 63.53 -58.07
N ALA E 632 -6.85 63.47 -58.38
CA ALA E 632 -7.41 64.28 -59.47
C ALA E 632 -7.31 65.76 -59.16
N GLU E 633 -7.62 66.17 -57.93
CA GLU E 633 -7.56 67.58 -57.58
C GLU E 633 -6.14 68.13 -57.70
N ALA E 634 -5.17 67.38 -57.18
CA ALA E 634 -3.77 67.81 -57.31
C ALA E 634 -3.32 67.81 -58.76
N GLN E 635 -3.74 66.81 -59.54
CA GLN E 635 -3.35 66.74 -60.94
C GLN E 635 -3.87 67.95 -61.72
N LYS E 636 -5.11 68.35 -61.46
CA LYS E 636 -5.62 69.52 -62.17
C LYS E 636 -5.04 70.82 -61.64
N ALA E 637 -4.89 70.96 -60.33
CA ALA E 637 -4.22 72.15 -59.79
C ALA E 637 -2.78 72.25 -60.27
N THR E 638 -2.20 71.13 -60.70
CA THR E 638 -0.86 71.13 -61.27
C THR E 638 -0.78 71.90 -62.58
N ASN E 639 -1.91 72.17 -63.23
CA ASN E 639 -1.93 72.95 -64.44
C ASN E 639 -2.81 74.20 -64.35
N GLU E 640 -3.70 74.27 -63.37
CA GLU E 640 -4.60 75.42 -63.25
C GLU E 640 -3.93 76.63 -62.63
N THR E 641 -3.21 76.45 -61.53
CA THR E 641 -2.58 77.56 -60.85
C THR E 641 -1.54 78.26 -61.72
N ALA E 642 -1.00 77.57 -62.73
CA ALA E 642 -0.05 78.20 -63.66
C ALA E 642 -0.70 79.37 -64.41
N GLN E 643 -2.03 79.43 -64.43
CA GLN E 643 -2.69 80.62 -64.96
C GLN E 643 -2.26 81.86 -64.19
N THR E 644 -1.87 81.71 -62.92
CA THR E 644 -1.42 82.87 -62.16
C THR E 644 -0.06 83.35 -62.66
N GLN E 645 0.85 82.42 -62.99
CA GLN E 645 2.11 82.80 -63.61
C GLN E 645 1.87 83.47 -64.96
N ILE E 646 0.96 82.91 -65.77
CA ILE E 646 0.63 83.51 -67.06
C ILE E 646 0.04 84.90 -66.86
N LYS E 647 -0.78 85.07 -65.82
CA LYS E 647 -1.39 86.37 -65.54
C LYS E 647 -0.34 87.37 -65.08
N ALA E 648 0.65 86.91 -64.33
CA ALA E 648 1.77 87.79 -63.96
C ALA E 648 2.55 88.21 -65.18
N PHE E 649 2.77 87.29 -66.12
CA PHE E 649 3.46 87.65 -67.36
C PHE E 649 2.65 88.66 -68.16
N THR E 650 1.34 88.46 -68.24
CA THR E 650 0.46 89.41 -68.91
C THR E 650 0.48 90.77 -68.21
N ALA E 651 0.51 90.78 -66.88
CA ALA E 651 0.57 92.03 -66.14
C ALA E 651 1.89 92.75 -66.35
N GLN E 652 3.00 92.00 -66.48
CA GLN E 652 4.27 92.63 -66.80
C GLN E 652 4.25 93.25 -68.19
N GLN E 653 3.65 92.54 -69.15
CA GLN E 653 3.50 93.12 -70.49
C GLN E 653 2.66 94.39 -70.45
N ASP E 654 1.55 94.36 -69.70
CA ASP E 654 0.72 95.55 -69.58
C ASP E 654 1.45 96.66 -68.85
N ALA E 655 2.35 96.31 -67.93
CA ALA E 655 3.16 97.31 -67.25
C ALA E 655 4.13 97.98 -68.19
N MET E 656 4.75 97.21 -69.10
CA MET E 656 5.58 97.82 -70.13
C MET E 656 4.76 98.74 -71.02
N GLU E 657 3.56 98.29 -71.41
CA GLU E 657 2.66 99.15 -72.17
C GLU E 657 2.39 100.45 -71.44
N SER E 658 1.97 100.35 -70.17
CA SER E 658 1.64 101.54 -69.39
C SER E 658 2.86 102.41 -69.19
N GLN E 659 4.05 101.82 -69.16
CA GLN E 659 5.27 102.63 -69.10
C GLN E 659 5.39 103.49 -70.35
N ALA E 660 5.25 102.88 -71.53
CA ALA E 660 5.27 103.66 -72.75
C ALA E 660 4.16 104.71 -72.79
N ASN E 661 2.96 104.33 -72.37
CA ASN E 661 1.81 105.23 -72.44
C ASN E 661 2.01 106.43 -71.53
N THR E 662 2.51 106.21 -70.32
CA THR E 662 2.67 107.31 -69.39
C THR E 662 3.88 108.17 -69.77
N VAL E 663 4.90 107.57 -70.38
CA VAL E 663 5.97 108.41 -70.94
C VAL E 663 5.40 109.33 -72.02
N TYR E 664 4.52 108.79 -72.86
CA TYR E 664 3.84 109.65 -73.85
C TYR E 664 2.99 110.70 -73.16
N LYS E 665 2.32 110.34 -72.07
CA LYS E 665 1.51 111.30 -71.32
C LYS E 665 2.37 112.44 -70.79
N LEU E 666 3.55 112.13 -70.26
CA LEU E 666 4.49 113.17 -69.85
C LEU E 666 5.02 113.98 -71.03
N ALA E 667 5.12 113.37 -72.21
CA ALA E 667 5.51 114.11 -73.40
C ALA E 667 4.44 115.09 -73.87
N GLN E 668 3.16 114.70 -73.77
CA GLN E 668 2.07 115.54 -74.28
C GLN E 668 1.77 116.71 -73.35
N ALA E 669 1.84 116.48 -72.03
CA ALA E 669 1.38 117.48 -71.08
C ALA E 669 2.21 118.75 -71.10
N ARG E 670 3.42 118.70 -71.65
CA ARG E 670 4.22 119.92 -71.79
C ARG E 670 3.58 120.88 -72.78
N ASN E 671 2.93 120.35 -73.81
CA ASN E 671 2.27 121.15 -74.85
C ASN E 671 3.26 122.08 -75.53
N MET F 1 -30.32 -40.02 -73.53
CA MET F 1 -29.62 -40.54 -72.37
C MET F 1 -29.92 -39.68 -71.16
N ALA F 2 -30.66 -38.60 -71.37
CA ALA F 2 -30.90 -37.57 -70.38
C ALA F 2 -32.38 -37.52 -70.05
N GLU F 3 -32.77 -36.48 -69.30
CA GLU F 3 -34.13 -36.24 -68.82
C GLU F 3 -34.80 -37.54 -68.39
N THR F 4 -35.81 -37.99 -69.16
CA THR F 4 -36.49 -39.23 -68.84
C THR F 4 -35.51 -40.41 -68.84
N LEU F 5 -34.62 -40.46 -69.84
CA LEU F 5 -33.57 -41.47 -69.86
C LEU F 5 -32.64 -41.21 -68.69
N GLU F 6 -32.62 -42.12 -67.72
CA GLU F 6 -32.00 -41.88 -66.44
C GLU F 6 -30.50 -42.04 -66.44
N LYS F 7 -29.87 -42.23 -67.60
CA LYS F 7 -28.41 -42.38 -67.61
C LYS F 7 -27.70 -41.18 -67.02
N LYS F 8 -28.34 -40.01 -67.00
CA LYS F 8 -27.81 -38.90 -66.23
C LYS F 8 -27.91 -39.14 -64.73
N HIS F 9 -28.92 -39.88 -64.29
CA HIS F 9 -29.15 -40.03 -62.86
C HIS F 9 -28.06 -40.87 -62.19
N GLU F 10 -27.58 -41.93 -62.86
CA GLU F 10 -26.49 -42.68 -62.26
C GLU F 10 -25.23 -41.84 -62.13
N ARG F 11 -24.94 -41.00 -63.12
CA ARG F 11 -23.78 -40.13 -63.00
C ARG F 11 -23.94 -39.16 -61.84
N ILE F 12 -25.14 -38.61 -61.68
CA ILE F 12 -25.39 -37.69 -60.57
C ILE F 12 -25.19 -38.41 -59.24
N MET F 13 -25.74 -39.61 -59.12
CA MET F 13 -25.65 -40.32 -57.84
C MET F 13 -24.22 -40.75 -57.55
N LEU F 14 -23.45 -41.11 -58.58
CA LEU F 14 -22.04 -41.41 -58.38
C LEU F 14 -21.28 -40.17 -57.92
N ARG F 15 -21.59 -39.02 -58.51
CA ARG F 15 -20.93 -37.78 -58.09
C ARG F 15 -21.25 -37.46 -56.64
N PHE F 16 -22.47 -37.75 -56.18
CA PHE F 16 -22.78 -37.52 -54.78
C PHE F 16 -21.88 -38.34 -53.87
N ASP F 17 -21.71 -39.62 -54.19
CA ASP F 17 -20.86 -40.46 -53.34
C ASP F 17 -19.41 -40.01 -53.38
N ARG F 18 -18.95 -39.55 -54.55
CA ARG F 18 -17.58 -39.06 -54.62
C ARG F 18 -17.38 -37.80 -53.79
N ALA F 19 -18.38 -36.93 -53.75
CA ALA F 19 -18.26 -35.71 -52.95
C ALA F 19 -18.45 -35.96 -51.46
N TYR F 20 -19.22 -36.98 -51.10
CA TYR F 20 -19.53 -37.21 -49.69
C TYR F 20 -18.36 -37.87 -48.96
N SER F 21 -17.63 -38.76 -49.63
CA SER F 21 -16.66 -39.60 -48.94
C SER F 21 -15.52 -38.83 -48.29
N PRO F 22 -14.82 -37.91 -48.97
CA PRO F 22 -13.67 -37.25 -48.33
C PRO F 22 -14.06 -36.41 -47.13
N GLN F 23 -15.09 -35.59 -47.29
CA GLN F 23 -15.52 -34.67 -46.25
C GLN F 23 -16.50 -35.32 -45.28
N LYS F 24 -16.17 -36.50 -44.81
CA LYS F 24 -17.08 -37.28 -43.97
C LYS F 24 -16.75 -37.18 -42.50
N GLU F 25 -15.47 -37.32 -42.14
CA GLU F 25 -15.06 -37.18 -40.76
C GLU F 25 -14.91 -35.74 -40.33
N VAL F 26 -14.75 -34.81 -41.28
CA VAL F 26 -14.62 -33.41 -40.93
C VAL F 26 -15.95 -32.85 -40.43
N ARG F 27 -17.04 -33.17 -41.13
CA ARG F 27 -18.34 -32.62 -40.77
C ARG F 27 -18.91 -33.24 -39.50
N GLU F 28 -18.49 -34.45 -39.16
CA GLU F 28 -18.94 -35.06 -37.92
C GLU F 28 -18.49 -34.24 -36.72
N LYS F 29 -17.26 -33.72 -36.77
CA LYS F 29 -16.78 -32.85 -35.70
C LYS F 29 -17.59 -31.56 -35.61
N CYS F 30 -17.95 -30.97 -36.75
CA CYS F 30 -18.75 -29.75 -36.72
C CYS F 30 -20.10 -30.00 -36.06
N ILE F 31 -20.76 -31.08 -36.46
CA ILE F 31 -22.07 -31.39 -35.88
C ILE F 31 -21.94 -31.69 -34.39
N GLU F 32 -20.91 -32.46 -34.03
CA GLU F 32 -20.71 -32.77 -32.62
C GLU F 32 -20.46 -31.52 -31.80
N ALA F 33 -19.71 -30.57 -32.35
CA ALA F 33 -19.44 -29.34 -31.61
C ALA F 33 -20.72 -28.51 -31.43
N THR F 34 -21.49 -28.31 -32.49
CA THR F 34 -22.72 -27.52 -32.34
C THR F 34 -23.65 -28.16 -31.32
N ARG F 35 -23.82 -29.48 -31.41
CA ARG F 35 -24.68 -30.19 -30.47
C ARG F 35 -24.12 -30.15 -29.06
N PHE F 36 -22.80 -30.19 -28.92
CA PHE F 36 -22.15 -30.12 -27.61
C PHE F 36 -22.37 -28.77 -26.95
N ALA F 37 -22.45 -27.71 -27.73
CA ALA F 37 -22.61 -26.38 -27.17
C ALA F 37 -24.05 -25.96 -26.96
N ARG F 38 -25.01 -26.50 -27.71
CA ARG F 38 -26.35 -25.96 -27.69
C ARG F 38 -27.40 -26.88 -27.08
N VAL F 39 -27.40 -28.15 -27.44
CA VAL F 39 -28.47 -29.06 -26.99
C VAL F 39 -28.34 -29.28 -25.48
N PRO F 40 -29.45 -29.20 -24.73
CA PRO F 40 -29.33 -29.19 -23.25
C PRO F 40 -28.64 -30.41 -22.66
N GLY F 41 -28.85 -31.60 -23.20
CA GLY F 41 -28.19 -32.76 -22.64
C GLY F 41 -27.00 -33.24 -23.45
N GLY F 42 -26.53 -32.40 -24.37
CA GLY F 42 -25.60 -32.84 -25.39
C GLY F 42 -24.17 -33.01 -24.96
N GLN F 43 -23.81 -32.57 -23.76
CA GLN F 43 -22.43 -32.71 -23.32
C GLN F 43 -22.09 -34.12 -22.87
N TRP F 44 -23.08 -34.94 -22.56
CA TRP F 44 -22.86 -36.30 -22.10
C TRP F 44 -23.24 -37.33 -23.14
N GLU F 45 -23.52 -36.92 -24.38
CA GLU F 45 -23.94 -37.85 -25.40
C GLU F 45 -22.83 -38.85 -25.69
N GLY F 46 -23.20 -40.11 -25.81
CA GLY F 46 -22.23 -41.18 -25.92
C GLY F 46 -22.34 -42.13 -24.76
N ALA F 47 -22.55 -41.59 -23.55
CA ALA F 47 -22.84 -42.41 -22.38
C ALA F 47 -24.34 -42.50 -22.10
N THR F 48 -24.96 -41.36 -21.76
CA THR F 48 -26.38 -41.30 -21.45
C THR F 48 -26.83 -42.44 -20.55
N ALA F 49 -27.17 -43.58 -21.15
CA ALA F 49 -27.64 -44.74 -20.39
C ALA F 49 -26.45 -45.61 -20.02
N ALA F 50 -25.84 -45.29 -18.87
CA ALA F 50 -24.70 -46.05 -18.36
C ALA F 50 -24.88 -46.26 -16.86
N GLY F 51 -24.66 -47.48 -16.41
CA GLY F 51 -24.85 -47.78 -15.00
C GLY F 51 -24.42 -49.19 -14.68
N THR F 52 -24.70 -49.60 -13.45
CA THR F 52 -24.38 -50.95 -12.99
C THR F 52 -25.60 -51.60 -12.36
N LYS F 53 -25.48 -52.91 -12.12
CA LYS F 53 -26.61 -53.69 -11.63
C LYS F 53 -27.03 -53.25 -10.23
N LEU F 54 -26.08 -53.21 -9.30
CA LEU F 54 -26.33 -52.67 -7.96
C LEU F 54 -27.50 -53.39 -7.27
N ASP F 55 -27.30 -54.68 -7.01
CA ASP F 55 -28.30 -55.56 -6.38
C ASP F 55 -29.55 -55.70 -7.23
N GLU F 56 -29.36 -56.20 -8.45
CA GLU F 56 -30.46 -56.51 -9.37
C GLU F 56 -31.36 -55.30 -9.62
N GLN F 57 -30.72 -54.19 -9.97
CA GLN F 57 -31.41 -53.00 -10.42
C GLN F 57 -30.61 -52.44 -11.59
N PHE F 58 -30.94 -51.24 -12.04
CA PHE F 58 -30.07 -50.59 -13.00
C PHE F 58 -29.94 -49.10 -12.70
N GLU F 59 -29.59 -48.76 -11.47
CA GLU F 59 -29.33 -47.36 -11.17
C GLU F 59 -28.22 -46.85 -12.08
N LYS F 60 -28.44 -45.67 -12.65
CA LYS F 60 -27.51 -45.05 -13.58
C LYS F 60 -26.67 -44.00 -12.89
N TYR F 61 -25.49 -43.76 -13.42
CA TYR F 61 -24.59 -42.78 -12.84
C TYR F 61 -25.19 -41.38 -12.97
N PRO F 62 -25.05 -40.54 -11.95
CA PRO F 62 -25.47 -39.14 -12.09
C PRO F 62 -24.58 -38.41 -13.08
N LYS F 63 -25.21 -37.63 -13.95
CA LYS F 63 -24.51 -36.95 -15.03
C LYS F 63 -24.89 -35.48 -15.03
N PHE F 64 -24.19 -34.70 -14.20
CA PHE F 64 -24.45 -33.27 -14.12
C PHE F 64 -23.74 -32.54 -15.24
N GLU F 65 -24.25 -31.35 -15.56
CA GLU F 65 -23.76 -30.59 -16.71
C GLU F 65 -23.68 -29.12 -16.33
N ILE F 66 -22.48 -28.55 -16.40
CA ILE F 66 -22.24 -27.16 -16.04
C ILE F 66 -21.57 -26.52 -17.26
N ASN F 67 -22.38 -25.92 -18.13
CA ASN F 67 -21.91 -25.43 -19.41
C ASN F 67 -21.15 -24.14 -19.23
N LYS F 68 -19.83 -24.18 -19.43
CA LYS F 68 -19.00 -22.99 -19.34
C LYS F 68 -18.25 -22.66 -20.61
N VAL F 69 -18.51 -23.38 -21.71
CA VAL F 69 -17.80 -23.11 -22.96
C VAL F 69 -18.58 -22.17 -23.86
N ALA F 70 -19.78 -21.76 -23.48
CA ALA F 70 -20.63 -20.96 -24.36
C ALA F 70 -20.51 -19.46 -24.14
N THR F 71 -19.89 -19.03 -23.04
CA THR F 71 -19.85 -17.59 -22.75
C THR F 71 -19.04 -16.83 -23.80
N GLU F 72 -17.85 -17.32 -24.13
CA GLU F 72 -17.04 -16.66 -25.13
C GLU F 72 -17.68 -16.71 -26.51
N LEU F 73 -18.35 -17.81 -26.82
CA LEU F 73 -19.06 -17.91 -28.08
C LEU F 73 -20.16 -16.86 -28.18
N ASN F 74 -20.93 -16.68 -27.10
CA ASN F 74 -21.96 -15.65 -27.10
C ASN F 74 -21.36 -14.26 -27.22
N ARG F 75 -20.22 -14.02 -26.57
CA ARG F 75 -19.55 -12.74 -26.71
C ARG F 75 -19.16 -12.47 -28.16
N ILE F 76 -18.61 -13.48 -28.83
CA ILE F 76 -18.21 -13.31 -30.23
C ILE F 76 -19.44 -13.02 -31.09
N ILE F 77 -20.52 -13.75 -30.88
CA ILE F 77 -21.72 -13.54 -31.71
C ILE F 77 -22.29 -12.15 -31.49
N ALA F 78 -22.30 -11.68 -30.25
CA ALA F 78 -22.75 -10.32 -29.98
C ALA F 78 -21.87 -9.29 -30.65
N GLU F 79 -20.55 -9.53 -30.69
CA GLU F 79 -19.66 -8.62 -31.39
C GLU F 79 -20.06 -8.41 -32.84
N TYR F 80 -20.45 -9.47 -33.55
CA TYR F 80 -20.90 -9.31 -34.91
C TYR F 80 -22.28 -8.68 -35.00
N ARG F 81 -23.22 -9.12 -34.18
CA ARG F 81 -24.57 -8.57 -34.28
C ARG F 81 -24.61 -7.09 -33.94
N ASN F 82 -23.57 -6.58 -33.27
CA ASN F 82 -23.50 -5.15 -33.02
C ASN F 82 -23.05 -4.39 -34.27
N ASN F 83 -22.17 -4.96 -35.07
CA ASN F 83 -21.63 -4.33 -36.27
C ASN F 83 -21.74 -5.31 -37.43
N ARG F 84 -22.70 -5.10 -38.33
CA ARG F 84 -23.13 -6.19 -39.18
C ARG F 84 -22.42 -6.30 -40.53
N ILE F 85 -21.97 -5.19 -41.10
CA ILE F 85 -21.19 -5.07 -42.35
C ILE F 85 -21.87 -5.70 -43.56
N THR F 86 -21.71 -5.07 -44.73
CA THR F 86 -22.36 -5.53 -45.96
C THR F 86 -21.49 -5.13 -47.15
N VAL F 87 -22.04 -5.26 -48.36
CA VAL F 87 -21.31 -4.99 -49.60
C VAL F 87 -21.29 -3.49 -49.88
N LYS F 88 -20.26 -3.02 -50.59
CA LYS F 88 -20.00 -1.59 -50.73
C LYS F 88 -20.07 -1.07 -52.15
N PHE F 89 -19.39 -1.69 -53.11
CA PHE F 89 -19.34 -1.24 -54.50
C PHE F 89 -18.68 0.15 -54.62
N ARG F 90 -17.39 0.17 -54.36
CA ARG F 90 -16.61 1.39 -54.50
C ARG F 90 -16.57 1.84 -55.96
N PRO F 91 -16.48 3.15 -56.22
CA PRO F 91 -16.39 3.63 -57.60
C PRO F 91 -14.99 3.50 -58.19
N GLY F 92 -14.81 4.01 -59.39
CA GLY F 92 -13.51 4.01 -60.03
C GLY F 92 -13.10 5.40 -60.50
N ASP F 93 -12.13 5.48 -61.39
CA ASP F 93 -11.67 6.76 -61.93
C ASP F 93 -12.22 6.88 -63.34
N ARG F 94 -13.40 7.49 -63.44
CA ARG F 94 -14.07 7.64 -64.72
C ARG F 94 -15.08 8.77 -64.59
N GLU F 95 -15.60 9.20 -65.74
CA GLU F 95 -16.53 10.31 -65.76
C GLU F 95 -17.85 9.95 -65.08
N ALA F 96 -18.32 8.72 -65.24
CA ALA F 96 -19.65 8.35 -64.80
C ALA F 96 -19.68 7.22 -63.77
N SER F 97 -18.53 6.80 -63.24
CA SER F 97 -18.52 5.68 -62.33
C SER F 97 -19.22 5.99 -61.01
N GLU F 98 -19.30 7.26 -60.63
CA GLU F 98 -19.95 7.62 -59.36
C GLU F 98 -21.43 7.26 -59.39
N GLU F 99 -22.15 7.69 -60.42
CA GLU F 99 -23.56 7.37 -60.52
C GLU F 99 -23.79 5.88 -60.66
N LEU F 100 -22.92 5.20 -61.39
CA LEU F 100 -23.03 3.75 -61.52
C LEU F 100 -22.92 3.07 -60.17
N ALA F 101 -21.93 3.46 -59.37
CA ALA F 101 -21.77 2.87 -58.05
C ALA F 101 -22.98 3.15 -57.17
N ASN F 102 -23.48 4.39 -57.22
CA ASN F 102 -24.65 4.72 -56.41
C ASN F 102 -25.86 3.87 -56.78
N LYS F 103 -26.13 3.74 -58.08
CA LYS F 103 -27.25 2.93 -58.52
C LYS F 103 -27.08 1.47 -58.12
N LEU F 104 -25.86 0.94 -58.27
CA LEU F 104 -25.65 -0.47 -57.97
C LEU F 104 -25.86 -0.76 -56.50
N ASN F 105 -25.27 0.03 -55.62
CA ASN F 105 -25.44 -0.30 -54.21
C ASN F 105 -26.73 0.26 -53.61
N GLY F 106 -27.54 0.96 -54.40
CA GLY F 106 -28.93 1.12 -54.03
C GLY F 106 -29.77 -0.08 -54.38
N LEU F 107 -29.57 -0.64 -55.58
CA LEU F 107 -30.28 -1.86 -55.97
C LEU F 107 -29.95 -3.01 -55.02
N PHE F 108 -28.67 -3.15 -54.65
CA PHE F 108 -28.30 -4.24 -53.75
C PHE F 108 -28.98 -4.08 -52.39
N ARG F 109 -29.05 -2.87 -51.86
CA ARG F 109 -29.73 -2.65 -50.60
C ARG F 109 -31.21 -3.01 -50.71
N ALA F 110 -31.84 -2.63 -51.83
CA ALA F 110 -33.23 -2.98 -52.01
C ALA F 110 -33.43 -4.49 -52.00
N ASP F 111 -32.54 -5.23 -52.68
CA ASP F 111 -32.66 -6.68 -52.70
C ASP F 111 -32.41 -7.29 -51.33
N TYR F 112 -31.47 -6.73 -50.57
CA TYR F 112 -31.13 -7.29 -49.27
C TYR F 112 -32.21 -7.03 -48.23
N GLU F 113 -32.81 -5.84 -48.25
CA GLU F 113 -33.80 -5.50 -47.23
C GLU F 113 -35.14 -6.20 -47.44
N GLU F 114 -35.62 -6.25 -48.68
CA GLU F 114 -36.95 -6.77 -48.95
C GLU F 114 -36.98 -8.29 -49.07
N THR F 115 -35.92 -8.97 -48.65
CA THR F 115 -35.86 -10.42 -48.64
C THR F 115 -35.16 -10.85 -47.36
N ASP F 116 -34.68 -12.09 -47.30
CA ASP F 116 -34.20 -12.67 -46.06
C ASP F 116 -32.70 -12.50 -45.92
N GLY F 117 -32.18 -11.34 -46.32
CA GLY F 117 -30.74 -11.13 -46.24
C GLY F 117 -30.20 -11.13 -44.82
N GLY F 118 -30.84 -10.40 -43.91
CA GLY F 118 -30.33 -10.31 -42.56
C GLY F 118 -30.36 -11.64 -41.84
N GLU F 119 -31.47 -12.36 -41.98
CA GLU F 119 -31.57 -13.69 -41.38
C GLU F 119 -30.53 -14.63 -41.95
N ALA F 120 -30.30 -14.59 -43.26
CA ALA F 120 -29.30 -15.46 -43.86
C ALA F 120 -27.92 -15.17 -43.32
N CYS F 121 -27.54 -13.90 -43.25
CA CYS F 121 -26.21 -13.57 -42.76
C CYS F 121 -26.04 -13.93 -41.29
N ASP F 122 -27.06 -13.66 -40.47
CA ASP F 122 -26.96 -14.01 -39.05
C ASP F 122 -26.82 -15.51 -38.87
N ASN F 123 -27.64 -16.30 -39.57
CA ASN F 123 -27.56 -17.74 -39.45
C ASN F 123 -26.20 -18.26 -39.90
N ALA F 124 -25.69 -17.74 -41.02
CA ALA F 124 -24.40 -18.19 -41.52
C ALA F 124 -23.29 -17.90 -40.53
N PHE F 125 -23.26 -16.68 -39.98
CA PHE F 125 -22.20 -16.35 -39.03
C PHE F 125 -22.32 -17.19 -37.77
N ASP F 126 -23.55 -17.42 -37.29
CA ASP F 126 -23.71 -18.21 -36.09
C ASP F 126 -23.18 -19.62 -36.28
N ASP F 127 -23.50 -20.24 -37.42
CA ASP F 127 -23.02 -21.58 -37.69
C ASP F 127 -21.51 -21.62 -37.89
N ALA F 128 -20.96 -20.59 -38.55
CA ALA F 128 -19.53 -20.54 -38.75
C ALA F 128 -18.78 -20.43 -37.43
N ALA F 129 -19.27 -19.60 -36.52
CA ALA F 129 -18.59 -19.44 -35.24
C ALA F 129 -18.79 -20.61 -34.31
N THR F 130 -19.92 -21.31 -34.39
CA THR F 130 -20.15 -22.42 -33.48
C THR F 130 -19.43 -23.70 -33.92
N GLY F 131 -19.76 -24.20 -35.10
CA GLY F 131 -19.18 -25.44 -35.56
C GLY F 131 -17.97 -25.24 -36.44
N GLY F 132 -18.08 -24.34 -37.41
CA GLY F 132 -16.96 -24.05 -38.27
C GLY F 132 -17.31 -23.89 -39.73
N PHE F 133 -18.56 -24.17 -40.09
CA PHE F 133 -18.99 -24.09 -41.48
C PHE F 133 -20.37 -23.47 -41.55
N GLY F 134 -20.57 -22.56 -42.51
CA GLY F 134 -21.87 -21.96 -42.74
C GLY F 134 -22.00 -21.56 -44.20
N CYS F 135 -23.24 -21.31 -44.60
CA CYS F 135 -23.49 -21.04 -46.01
C CYS F 135 -24.81 -20.29 -46.15
N PHE F 136 -24.97 -19.61 -47.28
CA PHE F 136 -26.26 -19.04 -47.65
C PHE F 136 -26.35 -19.00 -49.16
N ARG F 137 -27.59 -18.91 -49.66
CA ARG F 137 -27.89 -19.07 -51.06
C ARG F 137 -28.23 -17.72 -51.68
N LEU F 138 -28.25 -17.68 -53.00
CA LEU F 138 -28.53 -16.46 -53.75
C LEU F 138 -29.32 -16.86 -54.99
N THR F 139 -30.64 -16.76 -54.93
CA THR F 139 -31.52 -17.23 -55.98
C THR F 139 -32.17 -16.05 -56.71
N SER F 140 -33.05 -16.37 -57.65
CA SER F 140 -33.80 -15.37 -58.40
C SER F 140 -35.26 -15.79 -58.44
N MET F 141 -36.11 -15.06 -57.73
CA MET F 141 -37.52 -15.37 -57.62
C MET F 141 -38.35 -14.43 -58.48
N LEU F 142 -39.59 -14.81 -58.72
CA LEU F 142 -40.49 -14.11 -59.63
C LEU F 142 -41.46 -13.26 -58.82
N VAL F 143 -41.41 -11.95 -59.03
CA VAL F 143 -42.37 -11.02 -58.44
C VAL F 143 -42.27 -9.65 -59.12
N ARG F 152 -40.42 -7.70 -63.24
CA ARG F 152 -41.15 -8.92 -62.91
C ARG F 152 -40.19 -10.07 -62.59
N GLN F 153 -38.91 -9.74 -62.46
CA GLN F 153 -37.91 -10.67 -61.98
C GLN F 153 -37.07 -10.00 -60.91
N ARG F 154 -36.57 -10.80 -59.98
CA ARG F 154 -35.90 -10.25 -58.82
C ARG F 154 -34.81 -11.19 -58.37
N ILE F 155 -33.80 -10.65 -57.71
CA ILE F 155 -32.76 -11.43 -57.05
C ILE F 155 -33.04 -11.44 -55.56
N ALA F 156 -33.04 -12.63 -54.97
CA ALA F 156 -33.34 -12.79 -53.55
C ALA F 156 -32.20 -13.52 -52.85
N ILE F 157 -32.02 -13.22 -51.57
CA ILE F 157 -31.01 -13.86 -50.74
C ILE F 157 -31.73 -14.73 -49.72
N GLU F 158 -31.33 -15.98 -49.61
CA GLU F 158 -32.03 -16.94 -48.78
C GLU F 158 -31.08 -17.64 -47.84
N PRO F 159 -31.54 -18.04 -46.66
CA PRO F 159 -30.70 -18.79 -45.73
C PRO F 159 -30.70 -20.28 -46.02
N ILE F 160 -29.66 -20.94 -45.53
CA ILE F 160 -29.52 -22.38 -45.61
C ILE F 160 -29.38 -22.92 -44.21
N TYR F 161 -30.21 -23.90 -43.87
CA TYR F 161 -30.23 -24.46 -42.52
C TYR F 161 -29.57 -25.82 -42.51
N ASP F 162 -28.74 -26.06 -41.50
CA ASP F 162 -27.89 -27.24 -41.36
C ASP F 162 -26.89 -27.35 -42.50
N PRO F 163 -25.99 -26.39 -42.65
CA PRO F 163 -25.05 -26.46 -43.77
C PRO F 163 -24.08 -27.61 -43.66
N SER F 164 -23.80 -28.10 -42.45
CA SER F 164 -22.78 -29.13 -42.29
C SER F 164 -23.18 -30.42 -42.98
N ARG F 165 -24.46 -30.76 -42.95
CA ARG F 165 -24.96 -31.99 -43.53
C ARG F 165 -25.81 -31.78 -44.77
N SER F 166 -25.69 -30.62 -45.42
CA SER F 166 -26.54 -30.29 -46.55
C SER F 166 -25.77 -29.86 -47.80
N VAL F 167 -24.63 -29.21 -47.65
CA VAL F 167 -23.91 -28.64 -48.78
C VAL F 167 -22.68 -29.48 -49.07
N TRP F 168 -22.56 -29.97 -50.30
CA TRP F 168 -21.43 -30.78 -50.73
C TRP F 168 -20.93 -30.27 -52.06
N PHE F 169 -19.63 -30.09 -52.19
CA PHE F 169 -19.01 -29.50 -53.37
C PHE F 169 -18.21 -30.52 -54.15
N ASP F 170 -17.76 -30.10 -55.33
CA ASP F 170 -16.80 -30.85 -56.10
C ASP F 170 -15.52 -31.03 -55.28
N PRO F 171 -15.02 -32.26 -55.11
CA PRO F 171 -13.82 -32.46 -54.32
C PRO F 171 -12.56 -31.90 -54.97
N ASP F 172 -12.70 -31.37 -56.18
CA ASP F 172 -11.58 -30.79 -56.89
C ASP F 172 -11.45 -29.29 -56.69
N ALA F 173 -12.39 -28.67 -55.97
CA ALA F 173 -12.30 -27.24 -55.68
C ALA F 173 -11.50 -27.04 -54.40
N LYS F 174 -10.52 -26.15 -54.46
CA LYS F 174 -9.61 -25.96 -53.34
C LYS F 174 -9.64 -24.56 -52.76
N LYS F 175 -10.13 -23.57 -53.50
CA LYS F 175 -10.05 -22.20 -53.03
C LYS F 175 -11.08 -21.95 -51.93
N TYR F 176 -10.93 -20.81 -51.25
CA TYR F 176 -11.81 -20.48 -50.14
C TYR F 176 -13.26 -20.39 -50.60
N ASP F 177 -13.49 -19.72 -51.72
CA ASP F 177 -14.84 -19.44 -52.19
C ASP F 177 -15.36 -20.49 -53.17
N LYS F 178 -14.59 -21.55 -53.42
CA LYS F 178 -15.01 -22.63 -54.32
C LYS F 178 -15.34 -22.10 -55.71
N SER F 179 -14.53 -21.15 -56.18
CA SER F 179 -14.74 -20.61 -57.51
C SER F 179 -14.51 -21.66 -58.58
N ASP F 180 -13.52 -22.52 -58.39
CA ASP F 180 -13.14 -23.52 -59.39
C ASP F 180 -13.87 -24.84 -59.19
N ALA F 181 -15.18 -24.78 -59.03
CA ALA F 181 -16.00 -25.97 -58.85
C ALA F 181 -16.93 -26.13 -60.04
N LEU F 182 -17.25 -27.38 -60.36
CA LEU F 182 -18.06 -27.67 -61.52
C LEU F 182 -19.44 -28.23 -61.17
N TRP F 183 -19.69 -28.61 -59.93
CA TRP F 183 -21.01 -29.02 -59.51
C TRP F 183 -21.08 -28.96 -57.99
N ALA F 184 -22.31 -28.96 -57.47
CA ALA F 184 -22.52 -28.90 -56.04
C ALA F 184 -23.91 -29.45 -55.72
N PHE F 185 -24.13 -29.73 -54.44
CA PHE F 185 -25.39 -30.29 -53.95
C PHE F 185 -25.90 -29.45 -52.79
N CYS F 186 -27.22 -29.45 -52.61
CA CYS F 186 -27.86 -28.72 -51.51
C CYS F 186 -29.09 -29.50 -51.07
N MET F 187 -28.97 -30.23 -49.97
CA MET F 187 -30.06 -31.05 -49.46
C MET F 187 -30.97 -30.24 -48.55
N TYR F 188 -32.23 -30.65 -48.48
CA TYR F 188 -33.16 -30.11 -47.50
C TYR F 188 -34.25 -31.13 -47.22
N SER F 189 -34.72 -31.12 -45.98
CA SER F 189 -35.73 -32.07 -45.52
C SER F 189 -37.12 -31.58 -45.87
N LEU F 190 -38.07 -32.51 -45.90
CA LEU F 190 -39.41 -32.25 -46.39
C LEU F 190 -40.37 -33.19 -45.68
N SER F 191 -41.66 -32.85 -45.73
CA SER F 191 -42.69 -33.68 -45.14
C SER F 191 -43.48 -34.40 -46.23
N PRO F 192 -44.03 -35.57 -45.91
CA PRO F 192 -44.77 -36.34 -46.92
C PRO F 192 -45.94 -35.58 -47.53
N GLU F 193 -46.63 -34.78 -46.73
CA GLU F 193 -47.75 -34.00 -47.23
C GLU F 193 -47.32 -32.87 -48.16
N LYS F 194 -46.23 -32.18 -47.83
CA LYS F 194 -45.71 -31.16 -48.73
C LYS F 194 -45.10 -31.77 -49.99
N TYR F 195 -44.51 -32.95 -49.89
CA TYR F 195 -44.13 -33.69 -51.09
C TYR F 195 -45.35 -34.09 -51.91
N GLU F 196 -46.48 -34.32 -51.25
CA GLU F 196 -47.70 -34.69 -51.96
C GLU F 196 -48.33 -33.52 -52.68
N ALA F 197 -48.29 -32.33 -52.08
CA ALA F 197 -48.93 -31.16 -52.67
C ALA F 197 -48.36 -30.88 -54.05
N GLU F 198 -47.07 -30.57 -54.10
CA GLU F 198 -46.35 -30.45 -55.36
C GLU F 198 -45.75 -31.79 -55.74
N TYR F 199 -45.10 -31.86 -56.89
CA TYR F 199 -44.51 -33.11 -57.38
C TYR F 199 -45.54 -34.22 -57.56
N GLY F 200 -46.83 -33.88 -57.41
CA GLY F 200 -47.89 -34.81 -57.74
C GLY F 200 -48.00 -35.96 -56.76
N LYS F 201 -48.87 -36.90 -57.11
CA LYS F 201 -49.08 -38.11 -56.31
C LYS F 201 -47.77 -38.86 -56.14
N LYS F 202 -47.18 -39.27 -57.26
CA LYS F 202 -45.84 -39.85 -57.32
C LYS F 202 -45.81 -41.19 -56.58
N PRO F 203 -44.80 -42.01 -56.83
CA PRO F 203 -44.54 -43.14 -55.94
C PRO F 203 -44.34 -42.67 -54.51
N PRO F 204 -44.26 -43.61 -53.56
CA PRO F 204 -44.25 -43.21 -52.14
C PRO F 204 -42.95 -42.59 -51.67
N THR F 205 -42.13 -42.09 -52.59
CA THR F 205 -40.92 -41.28 -52.37
C THR F 205 -39.70 -42.17 -52.12
N SER F 206 -38.55 -41.75 -52.62
CA SER F 206 -37.28 -42.41 -52.33
C SER F 206 -36.28 -41.34 -51.91
N LEU F 207 -36.10 -41.18 -50.60
CA LEU F 207 -35.24 -40.12 -50.11
C LEU F 207 -33.76 -40.48 -50.26
N ASP F 208 -32.91 -39.47 -50.21
CA ASP F 208 -31.47 -39.68 -50.26
C ASP F 208 -30.97 -40.25 -48.93
N VAL F 209 -29.74 -40.74 -48.95
CA VAL F 209 -29.14 -41.39 -47.79
C VAL F 209 -27.74 -40.83 -47.56
N THR F 210 -27.44 -40.47 -46.31
CA THR F 210 -26.09 -40.08 -45.90
C THR F 210 -25.53 -40.96 -44.80
N SER F 211 -26.39 -41.52 -43.94
CA SER F 211 -25.96 -42.29 -42.77
C SER F 211 -25.03 -41.45 -41.90
N MET F 212 -25.41 -40.20 -41.70
CA MET F 212 -24.59 -39.21 -41.01
C MET F 212 -25.03 -38.92 -39.59
N THR F 213 -26.26 -38.46 -39.41
CA THR F 213 -26.75 -38.03 -38.11
C THR F 213 -27.47 -39.18 -37.40
N SER F 214 -28.19 -38.83 -36.33
CA SER F 214 -28.70 -39.77 -35.33
C SER F 214 -27.53 -40.41 -34.59
N TRP F 215 -26.32 -39.98 -34.92
CA TRP F 215 -25.11 -40.44 -34.25
C TRP F 215 -25.11 -39.83 -32.85
N GLU F 216 -25.46 -40.63 -31.85
CA GLU F 216 -25.73 -40.17 -30.49
C GLU F 216 -26.92 -39.21 -30.48
N TYR F 217 -28.10 -39.74 -30.83
CA TYR F 217 -29.35 -38.98 -30.88
C TYR F 217 -30.55 -39.88 -31.12
N ASN F 218 -31.73 -39.44 -30.70
CA ASN F 218 -32.95 -40.21 -30.83
C ASN F 218 -33.83 -39.68 -31.96
N TRP F 219 -34.33 -40.61 -32.77
CA TRP F 219 -35.24 -40.27 -33.86
C TRP F 219 -36.63 -40.78 -33.52
N PHE F 220 -37.62 -39.96 -33.85
CA PHE F 220 -39.03 -40.27 -33.61
C PHE F 220 -39.86 -39.90 -34.83
N GLY F 221 -39.30 -39.08 -35.70
CA GLY F 221 -40.03 -38.57 -36.84
C GLY F 221 -39.74 -39.30 -38.13
N ALA F 222 -40.78 -39.86 -38.74
CA ALA F 222 -40.64 -40.54 -40.02
C ALA F 222 -40.90 -39.56 -41.16
N ASP F 223 -41.04 -38.29 -40.82
CA ASP F 223 -41.26 -37.23 -41.82
C ASP F 223 -39.90 -36.76 -42.33
N VAL F 224 -39.23 -37.67 -43.02
CA VAL F 224 -37.85 -37.47 -43.42
C VAL F 224 -37.73 -36.87 -44.81
N ILE F 225 -38.16 -37.60 -45.84
CA ILE F 225 -37.99 -37.29 -47.26
C ILE F 225 -36.94 -36.24 -47.54
N TYR F 226 -35.71 -36.67 -47.82
CA TYR F 226 -34.61 -35.76 -48.10
C TYR F 226 -34.51 -35.55 -49.61
N ILE F 227 -34.62 -34.29 -50.03
CA ILE F 227 -34.53 -33.90 -51.42
C ILE F 227 -33.30 -33.00 -51.56
N ALA F 228 -32.71 -33.00 -52.76
CA ALA F 228 -31.52 -32.21 -52.99
C ALA F 228 -31.61 -31.45 -54.30
N LYS F 229 -30.91 -30.32 -54.36
CA LYS F 229 -30.76 -29.56 -55.59
C LYS F 229 -29.37 -29.78 -56.17
N TYR F 230 -29.29 -29.85 -57.48
CA TYR F 230 -28.06 -30.16 -58.20
C TYR F 230 -27.72 -29.03 -59.16
N TYR F 231 -26.47 -28.57 -59.10
CA TYR F 231 -26.01 -27.46 -59.91
C TYR F 231 -24.96 -27.94 -60.89
N GLU F 232 -25.13 -27.64 -62.16
CA GLU F 232 -24.19 -27.99 -63.22
C GLU F 232 -23.65 -26.70 -63.84
N VAL F 233 -22.42 -26.74 -64.32
CA VAL F 233 -21.88 -25.68 -65.15
C VAL F 233 -21.38 -26.30 -66.45
N ARG F 234 -21.86 -25.78 -67.57
CA ARG F 234 -21.54 -26.31 -68.88
C ARG F 234 -21.03 -25.19 -69.77
N LYS F 235 -20.30 -25.57 -70.81
CA LYS F 235 -19.81 -24.58 -71.77
C LYS F 235 -20.89 -24.25 -72.81
N GLU F 236 -21.27 -25.23 -73.61
CA GLU F 236 -22.29 -25.05 -74.66
C GLU F 236 -21.90 -24.01 -75.69
N SER F 237 -22.64 -23.95 -76.79
CA SER F 237 -22.43 -22.98 -77.85
C SER F 237 -23.70 -22.18 -78.04
N VAL F 238 -23.58 -20.86 -78.02
CA VAL F 238 -24.71 -19.96 -78.17
C VAL F 238 -24.40 -18.99 -79.29
N ASP F 239 -25.41 -18.68 -80.10
CA ASP F 239 -25.24 -17.83 -81.26
C ASP F 239 -25.62 -16.40 -80.90
N VAL F 240 -24.66 -15.49 -81.02
CA VAL F 240 -24.94 -14.06 -80.87
C VAL F 240 -25.36 -13.53 -82.24
N ILE F 241 -26.56 -12.97 -82.30
CA ILE F 241 -27.20 -12.60 -83.55
C ILE F 241 -27.43 -11.09 -83.56
N SER F 242 -26.43 -10.35 -83.08
CA SER F 242 -26.46 -8.90 -82.83
C SER F 242 -27.32 -8.04 -83.75
N TYR F 243 -28.17 -7.22 -83.15
CA TYR F 243 -28.96 -6.22 -83.87
C TYR F 243 -28.31 -4.85 -83.72
N ARG F 244 -27.10 -4.72 -84.24
CA ARG F 244 -26.40 -3.44 -84.17
C ARG F 244 -27.15 -2.46 -85.06
N HIS F 245 -28.11 -1.76 -84.48
CA HIS F 245 -28.93 -0.83 -85.23
C HIS F 245 -28.17 0.48 -85.38
N PRO F 246 -27.91 0.96 -86.60
CA PRO F 246 -27.04 2.14 -86.76
C PRO F 246 -27.57 3.38 -86.07
N ILE F 247 -28.89 3.58 -86.03
CA ILE F 247 -29.45 4.77 -85.44
C ILE F 247 -29.34 4.70 -83.92
N THR F 248 -29.53 5.85 -83.27
CA THR F 248 -29.35 6.06 -81.83
C THR F 248 -28.13 5.29 -81.31
N GLY F 249 -27.02 5.45 -82.02
CA GLY F 249 -25.79 4.77 -81.68
C GLY F 249 -25.90 3.27 -81.87
N GLU F 250 -25.92 2.53 -80.76
CA GLU F 250 -26.15 1.09 -80.76
C GLU F 250 -25.12 0.37 -81.62
N ILE F 251 -23.87 0.45 -81.17
CA ILE F 251 -22.73 -0.21 -81.80
C ILE F 251 -22.40 -1.46 -81.01
N ALA F 252 -22.05 -2.53 -81.71
CA ALA F 252 -21.61 -3.78 -81.08
C ALA F 252 -22.67 -4.31 -80.10
N THR F 253 -23.83 -4.61 -80.68
CA THR F 253 -25.02 -4.98 -79.94
C THR F 253 -24.98 -6.47 -79.55
N TYR F 254 -25.92 -6.87 -78.72
CA TYR F 254 -25.94 -8.15 -78.04
C TYR F 254 -26.75 -9.22 -78.76
N ASP F 255 -28.06 -9.00 -78.78
CA ASP F 255 -29.11 -9.83 -79.35
C ASP F 255 -28.72 -11.30 -79.28
N SER F 256 -28.50 -11.82 -78.08
CA SER F 256 -28.17 -13.22 -77.93
C SER F 256 -29.34 -14.11 -78.36
N ASP F 257 -29.10 -15.42 -78.32
CA ASP F 257 -30.10 -16.36 -78.78
C ASP F 257 -31.37 -16.28 -77.94
N GLN F 258 -31.22 -16.16 -76.63
CA GLN F 258 -32.33 -16.31 -75.69
C GLN F 258 -33.16 -15.04 -75.52
N VAL F 259 -32.81 -13.95 -76.17
CA VAL F 259 -33.61 -12.73 -76.06
C VAL F 259 -34.59 -12.61 -77.22
N GLU F 260 -34.21 -13.09 -78.40
CA GLU F 260 -35.06 -12.91 -79.58
C GLU F 260 -36.41 -13.60 -79.40
N ASP F 261 -36.40 -14.84 -78.89
CA ASP F 261 -37.65 -15.57 -78.73
C ASP F 261 -38.60 -14.88 -77.76
N ILE F 262 -38.08 -14.44 -76.62
CA ILE F 262 -38.89 -13.70 -75.66
C ILE F 262 -39.24 -12.30 -76.18
N GLU F 263 -38.24 -11.60 -76.72
CA GLU F 263 -38.43 -10.23 -77.19
C GLU F 263 -38.90 -10.28 -78.64
N ASP F 264 -40.21 -10.27 -78.83
CA ASP F 264 -40.83 -10.24 -80.14
C ASP F 264 -41.48 -8.87 -80.32
N GLU F 265 -40.67 -7.90 -80.70
CA GLU F 265 -41.14 -6.56 -81.04
C GLU F 265 -41.38 -6.41 -82.53
N LEU F 266 -41.17 -7.49 -83.30
CA LEU F 266 -41.24 -7.48 -84.75
C LEU F 266 -40.17 -6.55 -85.35
N ALA F 267 -39.06 -6.39 -84.63
CA ALA F 267 -37.88 -5.68 -85.11
C ALA F 267 -38.24 -4.29 -85.63
N ILE F 268 -38.77 -3.47 -84.74
CA ILE F 268 -39.24 -2.14 -85.12
C ILE F 268 -38.08 -1.27 -85.58
N ALA F 269 -37.03 -1.19 -84.76
CA ALA F 269 -35.88 -0.34 -85.06
C ALA F 269 -34.58 -1.08 -84.73
N GLY F 270 -34.46 -2.33 -85.16
CA GLY F 270 -33.30 -3.10 -84.77
C GLY F 270 -32.37 -3.55 -85.88
N PHE F 271 -32.91 -3.86 -87.06
CA PHE F 271 -32.13 -4.43 -88.16
C PHE F 271 -31.47 -5.75 -87.78
N HIS F 272 -30.81 -6.41 -88.73
CA HIS F 272 -30.23 -7.72 -88.45
C HIS F 272 -28.73 -7.77 -88.72
N GLU F 273 -28.30 -7.24 -89.86
CA GLU F 273 -26.89 -7.18 -90.28
C GLU F 273 -26.13 -8.45 -89.90
N VAL F 274 -24.89 -8.32 -89.43
CA VAL F 274 -24.10 -9.49 -89.07
C VAL F 274 -24.71 -10.16 -87.84
N ALA F 275 -25.13 -11.40 -88.01
CA ALA F 275 -25.78 -12.15 -86.94
C ALA F 275 -25.34 -13.60 -86.94
N ARG F 276 -24.21 -13.89 -87.56
CA ARG F 276 -23.85 -15.28 -87.76
C ARG F 276 -22.53 -15.61 -87.07
N ARG F 277 -22.35 -15.11 -85.86
CA ARG F 277 -21.20 -15.42 -85.05
C ARG F 277 -21.64 -16.27 -83.87
N SER F 278 -21.07 -17.47 -83.74
CA SER F 278 -21.39 -18.39 -82.67
C SER F 278 -20.22 -18.47 -81.70
N VAL F 279 -20.51 -18.29 -80.42
CA VAL F 279 -19.48 -18.17 -79.39
C VAL F 279 -19.77 -19.17 -78.29
N LYS F 280 -18.71 -19.72 -77.70
CA LYS F 280 -18.83 -20.58 -76.53
C LYS F 280 -18.93 -19.69 -75.30
N ARG F 281 -19.96 -19.90 -74.50
CA ARG F 281 -20.17 -19.17 -73.27
C ARG F 281 -20.13 -20.14 -72.10
N ARG F 282 -20.52 -19.66 -70.93
CA ARG F 282 -20.54 -20.47 -69.71
C ARG F 282 -21.88 -20.28 -69.03
N ARG F 283 -22.61 -21.37 -68.83
CA ARG F 283 -23.93 -21.31 -68.23
C ARG F 283 -24.06 -22.32 -67.09
N VAL F 284 -25.02 -22.07 -66.21
CA VAL F 284 -25.25 -22.88 -65.02
C VAL F 284 -26.67 -23.41 -65.06
N TYR F 285 -26.81 -24.70 -64.76
CA TYR F 285 -28.10 -25.39 -64.78
C TYR F 285 -28.43 -25.90 -63.38
N VAL F 286 -29.72 -25.95 -63.07
CA VAL F 286 -30.16 -26.43 -61.77
C VAL F 286 -31.22 -27.50 -61.95
N SER F 287 -31.25 -28.44 -61.01
CA SER F 287 -32.15 -29.58 -61.08
C SER F 287 -32.50 -30.02 -59.67
N VAL F 288 -33.62 -30.72 -59.55
CA VAL F 288 -34.07 -31.28 -58.27
C VAL F 288 -34.17 -32.78 -58.44
N VAL F 289 -33.50 -33.52 -57.57
CA VAL F 289 -33.41 -34.97 -57.67
C VAL F 289 -33.73 -35.60 -56.33
N ASP F 290 -34.03 -36.89 -56.36
CA ASP F 290 -34.15 -37.70 -55.17
C ASP F 290 -33.46 -39.03 -55.44
N GLY F 291 -33.69 -40.01 -54.57
CA GLY F 291 -33.04 -41.30 -54.75
C GLY F 291 -33.57 -42.12 -55.90
N ASP F 292 -34.68 -41.70 -56.51
CA ASP F 292 -35.30 -42.45 -57.60
C ASP F 292 -35.08 -41.81 -58.98
N GLY F 293 -35.44 -40.55 -59.14
CA GLY F 293 -35.31 -39.91 -60.43
C GLY F 293 -35.31 -38.40 -60.38
N PHE F 294 -35.83 -37.75 -61.41
CA PHE F 294 -35.85 -36.30 -61.50
C PHE F 294 -37.21 -35.79 -61.04
N LEU F 295 -37.23 -35.01 -59.97
CA LEU F 295 -38.45 -34.29 -59.61
C LEU F 295 -38.67 -33.08 -60.49
N GLU F 296 -37.60 -32.42 -60.91
CA GLU F 296 -37.67 -31.29 -61.83
C GLU F 296 -36.54 -31.38 -62.83
N LYS F 297 -36.88 -31.32 -64.11
CA LYS F 297 -35.89 -31.44 -65.16
C LYS F 297 -34.97 -30.21 -65.16
N PRO F 298 -33.73 -30.36 -65.65
CA PRO F 298 -32.78 -29.25 -65.59
C PRO F 298 -33.23 -28.03 -66.37
N ARG F 299 -32.90 -26.87 -65.83
CA ARG F 299 -33.16 -25.59 -66.48
C ARG F 299 -32.04 -24.63 -66.09
N ARG F 300 -31.79 -23.64 -66.93
CA ARG F 300 -30.67 -22.74 -66.70
C ARG F 300 -31.09 -21.54 -65.87
N ILE F 301 -30.24 -21.18 -64.91
CA ILE F 301 -30.47 -20.05 -64.01
C ILE F 301 -29.69 -18.85 -64.54
N PRO F 302 -30.13 -17.63 -64.27
CA PRO F 302 -29.52 -16.45 -64.91
C PRO F 302 -28.21 -15.99 -64.28
N GLY F 303 -27.11 -16.62 -64.66
CA GLY F 303 -25.84 -16.23 -64.12
C GLY F 303 -24.69 -16.96 -64.79
N GLU F 304 -23.52 -16.85 -64.17
CA GLU F 304 -22.32 -17.53 -64.63
C GLU F 304 -21.64 -18.33 -63.54
N HIS F 305 -21.92 -18.05 -62.27
CA HIS F 305 -21.30 -18.70 -61.13
C HIS F 305 -22.30 -19.62 -60.43
N ILE F 306 -21.78 -20.54 -59.63
CA ILE F 306 -22.63 -21.32 -58.73
C ILE F 306 -23.11 -20.41 -57.60
N PRO F 307 -24.40 -20.33 -57.33
CA PRO F 307 -24.90 -19.33 -56.39
C PRO F 307 -24.78 -19.69 -54.91
N LEU F 308 -23.91 -20.61 -54.54
CA LEU F 308 -23.70 -20.97 -53.14
C LEU F 308 -22.48 -20.23 -52.59
N ILE F 309 -22.64 -19.66 -51.40
CA ILE F 309 -21.63 -18.80 -50.79
C ILE F 309 -21.23 -19.39 -49.44
N PRO F 310 -20.07 -20.05 -49.37
CA PRO F 310 -19.66 -20.66 -48.10
C PRO F 310 -19.07 -19.64 -47.13
N VAL F 311 -19.22 -19.93 -45.84
CA VAL F 311 -18.63 -19.13 -44.77
C VAL F 311 -17.92 -20.07 -43.83
N TYR F 312 -16.67 -19.75 -43.48
CA TYR F 312 -15.85 -20.59 -42.61
C TYR F 312 -15.39 -19.80 -41.40
N GLY F 313 -15.26 -20.49 -40.27
CA GLY F 313 -14.68 -19.89 -39.10
C GLY F 313 -13.17 -19.78 -39.22
N LYS F 314 -12.51 -20.94 -39.32
CA LYS F 314 -11.09 -21.01 -39.61
C LYS F 314 -10.88 -22.17 -40.55
N ARG F 315 -10.25 -21.93 -41.70
CA ARG F 315 -10.15 -22.95 -42.73
C ARG F 315 -8.70 -23.11 -43.17
N TRP F 316 -8.27 -24.37 -43.30
CA TRP F 316 -6.94 -24.70 -43.78
C TRP F 316 -7.03 -25.89 -44.72
N PHE F 317 -5.98 -26.09 -45.49
CA PHE F 317 -5.88 -27.19 -46.46
C PHE F 317 -4.62 -27.98 -46.12
N ILE F 318 -4.78 -29.17 -45.55
CA ILE F 318 -3.66 -29.89 -44.92
C ILE F 318 -3.18 -31.06 -45.78
N ASP F 319 -4.01 -32.08 -45.96
CA ASP F 319 -3.59 -33.24 -46.76
C ASP F 319 -4.71 -33.60 -47.73
N ASP F 320 -4.76 -32.88 -48.85
CA ASP F 320 -5.77 -33.05 -49.88
C ASP F 320 -7.19 -32.93 -49.34
N ILE F 321 -7.32 -32.48 -48.09
CA ILE F 321 -8.60 -32.39 -47.40
C ILE F 321 -8.71 -30.99 -46.80
N GLU F 322 -9.83 -30.33 -47.03
CA GLU F 322 -10.11 -29.06 -46.40
C GLU F 322 -10.58 -29.28 -44.96
N ARG F 323 -10.00 -28.53 -44.03
CA ARG F 323 -10.29 -28.71 -42.61
C ARG F 323 -10.74 -27.40 -42.00
N VAL F 324 -11.80 -27.45 -41.18
CA VAL F 324 -12.41 -26.27 -40.59
C VAL F 324 -12.40 -26.42 -39.08
N GLU F 325 -12.59 -25.30 -38.39
CA GLU F 325 -12.63 -25.31 -36.93
C GLU F 325 -13.46 -24.14 -36.44
N GLY F 326 -14.23 -24.36 -35.39
CA GLY F 326 -15.05 -23.32 -34.80
C GLY F 326 -14.40 -22.67 -33.62
N HIS F 327 -15.14 -22.51 -32.51
CA HIS F 327 -14.59 -21.89 -31.32
C HIS F 327 -14.78 -22.73 -30.07
N ILE F 328 -15.23 -23.98 -30.19
CA ILE F 328 -15.44 -24.84 -29.03
C ILE F 328 -14.81 -26.20 -29.18
N ALA F 329 -14.28 -26.55 -30.35
CA ALA F 329 -13.72 -27.88 -30.53
C ALA F 329 -12.53 -28.10 -29.61
N LYS F 330 -11.78 -27.04 -29.30
CA LYS F 330 -10.58 -27.19 -28.51
C LYS F 330 -10.86 -27.35 -27.03
N ALA F 331 -12.06 -27.00 -26.57
CA ALA F 331 -12.37 -26.99 -25.15
C ALA F 331 -13.26 -28.16 -24.74
N MET F 332 -13.40 -29.18 -25.58
CA MET F 332 -14.30 -30.27 -25.24
C MET F 332 -13.73 -31.14 -24.13
N ASP F 333 -12.45 -31.49 -24.21
CA ASP F 333 -11.88 -32.40 -23.22
C ASP F 333 -11.88 -31.81 -21.82
N PRO F 334 -11.36 -30.59 -21.58
CA PRO F 334 -11.46 -30.03 -20.22
C PRO F 334 -12.89 -29.90 -19.72
N GLN F 335 -13.84 -29.56 -20.58
CA GLN F 335 -15.22 -29.39 -20.13
C GLN F 335 -15.82 -30.71 -19.67
N ARG F 336 -15.68 -31.75 -20.49
CA ARG F 336 -16.28 -33.02 -20.13
C ARG F 336 -15.47 -33.77 -19.09
N LEU F 337 -14.28 -33.29 -18.76
CA LEU F 337 -13.59 -33.84 -17.59
C LEU F 337 -14.00 -33.12 -16.32
N TYR F 338 -14.27 -31.81 -16.41
CA TYR F 338 -14.80 -31.04 -15.29
C TYR F 338 -16.18 -31.56 -14.86
N ASN F 339 -17.04 -31.87 -15.83
CA ASN F 339 -18.35 -32.43 -15.49
C ASN F 339 -18.20 -33.73 -14.71
N LEU F 340 -17.30 -34.60 -15.14
CA LEU F 340 -17.08 -35.86 -14.46
C LEU F 340 -16.58 -35.63 -13.03
N GLN F 341 -15.67 -34.68 -12.85
CA GLN F 341 -15.18 -34.40 -11.51
C GLN F 341 -16.31 -33.99 -10.58
N VAL F 342 -17.15 -33.05 -11.03
CA VAL F 342 -18.23 -32.59 -10.15
C VAL F 342 -19.20 -33.72 -9.85
N SER F 343 -19.58 -34.50 -10.87
CA SER F 343 -20.53 -35.58 -10.65
C SER F 343 -19.97 -36.61 -9.67
N MET F 344 -18.69 -36.94 -9.79
CA MET F 344 -18.09 -37.90 -8.87
C MET F 344 -17.98 -37.36 -7.46
N LEU F 345 -17.76 -36.06 -7.30
CA LEU F 345 -17.70 -35.50 -5.95
C LEU F 345 -19.06 -35.50 -5.27
N ALA F 346 -20.12 -35.24 -6.03
CA ALA F 346 -21.44 -35.06 -5.41
C ALA F 346 -21.89 -36.29 -4.63
N ASP F 347 -21.86 -37.46 -5.26
CA ASP F 347 -22.36 -38.64 -4.58
C ASP F 347 -21.44 -39.14 -3.47
N THR F 348 -20.13 -38.96 -3.63
CA THR F 348 -19.22 -39.27 -2.52
C THR F 348 -19.56 -38.42 -1.30
N ALA F 349 -19.83 -37.13 -1.51
CA ALA F 349 -20.28 -36.31 -0.39
C ALA F 349 -21.60 -36.80 0.18
N ALA F 350 -22.51 -37.22 -0.70
CA ALA F 350 -23.84 -37.65 -0.24
C ALA F 350 -23.82 -39.00 0.47
N GLN F 351 -22.75 -39.78 0.35
CA GLN F 351 -22.77 -41.12 0.93
C GLN F 351 -22.65 -41.14 2.45
N ASP F 352 -21.75 -40.35 3.04
CA ASP F 352 -21.46 -40.40 4.46
C ASP F 352 -21.50 -39.01 5.06
N PRO F 353 -22.69 -38.54 5.46
CA PRO F 353 -22.80 -37.13 5.90
C PRO F 353 -22.20 -36.86 7.27
N GLY F 354 -22.40 -37.73 8.25
CA GLY F 354 -21.98 -37.42 9.60
C GLY F 354 -21.28 -38.55 10.34
N GLN F 355 -21.38 -38.53 11.66
CA GLN F 355 -20.72 -39.50 12.53
C GLN F 355 -21.74 -40.22 13.39
N ILE F 356 -21.56 -41.53 13.56
CA ILE F 356 -22.44 -42.33 14.41
C ILE F 356 -21.58 -43.14 15.37
N PRO F 357 -21.90 -43.18 16.66
CA PRO F 357 -21.12 -44.03 17.57
C PRO F 357 -21.35 -45.50 17.30
N ILE F 358 -20.34 -46.30 17.64
CA ILE F 358 -20.36 -47.75 17.45
C ILE F 358 -20.22 -48.41 18.81
N VAL F 359 -21.15 -49.31 19.13
CA VAL F 359 -21.19 -49.98 20.43
C VAL F 359 -21.47 -51.45 20.21
N GLY F 360 -21.20 -52.24 21.25
CA GLY F 360 -21.59 -53.64 21.25
C GLY F 360 -23.01 -53.83 21.70
N MET F 361 -23.61 -54.97 21.29
CA MET F 361 -25.02 -55.19 21.56
C MET F 361 -25.30 -55.27 23.05
N GLU F 362 -24.46 -55.99 23.78
CA GLU F 362 -24.67 -56.20 25.20
C GLU F 362 -24.28 -54.97 26.02
N GLN F 363 -23.55 -54.04 25.42
CA GLN F 363 -23.11 -52.84 26.10
C GLN F 363 -24.20 -51.79 26.24
N ILE F 364 -25.29 -51.91 25.49
CA ILE F 364 -26.33 -50.88 25.45
C ILE F 364 -27.72 -51.43 25.64
N ARG F 365 -27.89 -52.76 25.73
CA ARG F 365 -29.22 -53.33 25.83
C ARG F 365 -29.92 -52.83 27.09
N GLY F 366 -31.17 -52.39 26.92
CA GLY F 366 -31.95 -51.84 28.01
C GLY F 366 -31.76 -50.37 28.27
N LEU F 367 -30.87 -49.69 27.54
CA LEU F 367 -30.62 -48.27 27.73
C LEU F 367 -30.82 -47.48 26.44
N GLU F 368 -31.55 -48.03 25.47
CA GLU F 368 -31.65 -47.38 24.17
C GLU F 368 -32.47 -46.10 24.24
N LYS F 369 -33.49 -46.07 25.11
CA LYS F 369 -34.37 -44.89 25.14
C LYS F 369 -33.65 -43.65 25.62
N HIS F 370 -32.59 -43.79 26.41
CA HIS F 370 -31.85 -42.60 26.84
C HIS F 370 -30.98 -42.07 25.71
N TRP F 371 -30.36 -42.95 24.92
CA TRP F 371 -29.55 -42.51 23.82
C TRP F 371 -30.37 -42.06 22.63
N GLU F 372 -31.62 -42.50 22.53
CA GLU F 372 -32.47 -42.09 21.42
C GLU F 372 -32.87 -40.63 21.53
N ALA F 373 -33.09 -40.14 22.75
CA ALA F 373 -33.61 -38.80 22.97
C ALA F 373 -32.57 -37.85 23.56
N ARG F 374 -31.30 -38.04 23.23
CA ARG F 374 -30.27 -37.19 23.82
C ARG F 374 -30.28 -35.77 23.29
N ASN F 375 -30.99 -35.51 22.20
CA ASN F 375 -31.01 -34.17 21.62
C ASN F 375 -32.29 -33.40 21.93
N LYS F 376 -33.34 -34.07 22.39
CA LYS F 376 -34.55 -33.38 22.81
C LYS F 376 -34.54 -33.08 24.30
N LYS F 377 -34.44 -34.13 25.11
CA LYS F 377 -34.34 -33.93 26.55
C LYS F 377 -32.93 -33.47 26.90
N ARG F 378 -32.75 -33.09 28.14
CA ARG F 378 -31.46 -32.52 28.49
C ARG F 378 -30.85 -33.35 29.59
N PRO F 379 -30.29 -34.50 29.28
CA PRO F 379 -29.82 -35.41 30.33
C PRO F 379 -28.58 -34.88 31.03
N ALA F 380 -28.51 -35.15 32.33
CA ALA F 380 -27.33 -34.78 33.09
C ALA F 380 -26.14 -35.66 32.73
N PHE F 381 -26.40 -36.86 32.25
CA PHE F 381 -25.36 -37.79 31.84
C PHE F 381 -26.00 -38.87 30.99
N LEU F 382 -25.17 -39.74 30.43
CA LEU F 382 -25.64 -40.89 29.67
C LEU F 382 -25.03 -42.15 30.25
N PRO F 383 -25.81 -43.21 30.43
CA PRO F 383 -25.29 -44.45 31.00
C PRO F 383 -24.83 -45.44 29.94
N LEU F 384 -23.82 -46.22 30.32
CA LEU F 384 -23.34 -47.29 29.45
C LEU F 384 -22.60 -48.30 30.30
N ARG F 385 -22.52 -49.54 29.81
CA ARG F 385 -21.84 -50.61 30.50
C ARG F 385 -20.42 -50.79 29.96
N GLU F 386 -19.64 -51.59 30.67
CA GLU F 386 -18.28 -51.91 30.27
C GLU F 386 -18.26 -53.17 29.44
N VAL F 387 -17.13 -53.42 28.80
CA VAL F 387 -16.96 -54.59 27.94
C VAL F 387 -16.38 -55.71 28.80
N ARG F 388 -17.06 -56.84 28.82
CA ARG F 388 -16.65 -57.99 29.61
C ARG F 388 -16.42 -59.20 28.72
N ASP F 389 -15.40 -59.98 29.06
CA ASP F 389 -15.08 -61.17 28.29
C ASP F 389 -15.92 -62.34 28.80
N LYS F 390 -15.59 -63.56 28.39
CA LYS F 390 -16.41 -64.71 28.73
C LYS F 390 -16.32 -65.10 30.20
N SER F 391 -15.29 -64.67 30.91
CA SER F 391 -15.14 -64.98 32.32
C SER F 391 -15.74 -63.93 33.24
N GLY F 392 -16.17 -62.79 32.70
CA GLY F 392 -16.69 -61.72 33.51
C GLY F 392 -15.71 -60.63 33.88
N ASN F 393 -14.50 -60.65 33.32
CA ASN F 393 -13.50 -59.63 33.60
C ASN F 393 -13.70 -58.43 32.68
N ILE F 394 -13.30 -57.26 33.16
CA ILE F 394 -13.45 -56.02 32.40
C ILE F 394 -12.21 -55.81 31.55
N ILE F 395 -12.42 -55.57 30.25
CA ILE F 395 -11.29 -55.39 29.35
C ILE F 395 -11.28 -53.99 28.76
N ALA F 396 -12.43 -53.33 28.72
CA ALA F 396 -12.53 -52.00 28.14
C ALA F 396 -13.47 -51.16 28.98
N GLY F 397 -13.40 -49.84 28.77
CA GLY F 397 -14.20 -48.90 29.53
C GLY F 397 -15.60 -48.75 28.98
N ALA F 398 -16.33 -47.80 29.57
CA ALA F 398 -17.73 -47.57 29.24
C ALA F 398 -17.93 -46.65 28.04
N THR F 399 -16.85 -46.14 27.44
CA THR F 399 -16.99 -45.27 26.29
C THR F 399 -17.29 -46.09 25.04
N PRO F 400 -17.92 -45.48 24.02
CA PRO F 400 -18.11 -46.18 22.75
C PRO F 400 -16.78 -46.55 22.12
N ALA F 401 -16.80 -47.65 21.36
CA ALA F 401 -15.57 -48.14 20.74
C ALA F 401 -14.99 -47.13 19.75
N GLY F 402 -15.85 -46.52 18.94
CA GLY F 402 -15.36 -45.58 17.96
C GLY F 402 -16.50 -44.89 17.25
N TYR F 403 -16.17 -44.16 16.19
CA TYR F 403 -17.13 -43.44 15.39
C TYR F 403 -16.86 -43.69 13.92
N THR F 404 -17.87 -43.50 13.10
CA THR F 404 -17.70 -43.60 11.66
C THR F 404 -17.00 -42.36 11.13
N GLN F 405 -16.50 -42.46 9.90
CA GLN F 405 -15.80 -41.33 9.32
C GLN F 405 -16.69 -40.61 8.32
N PRO F 406 -16.60 -39.30 8.24
CA PRO F 406 -17.33 -38.58 7.19
C PRO F 406 -16.53 -38.48 5.89
N ALA F 407 -17.13 -37.90 4.85
CA ALA F 407 -16.50 -37.85 3.53
C ALA F 407 -15.24 -36.99 3.56
N VAL F 408 -14.37 -37.21 2.57
CA VAL F 408 -13.00 -36.72 2.69
C VAL F 408 -12.53 -35.79 1.56
N MET F 409 -13.03 -35.97 0.34
CA MET F 409 -12.63 -35.16 -0.82
C MET F 409 -11.12 -35.26 -1.08
N ASN F 410 -10.73 -36.39 -1.67
CA ASN F 410 -9.33 -36.62 -2.01
C ASN F 410 -8.73 -35.46 -2.79
N GLN F 411 -7.40 -35.38 -2.76
CA GLN F 411 -6.67 -34.22 -3.27
C GLN F 411 -6.62 -34.16 -4.79
N ALA F 412 -6.50 -35.31 -5.45
CA ALA F 412 -6.38 -35.30 -6.91
C ALA F 412 -7.61 -34.72 -7.57
N LEU F 413 -8.79 -34.98 -7.02
CA LEU F 413 -10.00 -34.42 -7.56
C LEU F 413 -10.02 -32.90 -7.46
N ALA F 414 -9.57 -32.35 -6.32
CA ALA F 414 -9.52 -30.91 -6.18
C ALA F 414 -8.55 -30.29 -7.17
N ALA F 415 -7.38 -30.91 -7.34
CA ALA F 415 -6.42 -30.40 -8.31
C ALA F 415 -7.00 -30.42 -9.71
N LEU F 416 -7.69 -31.50 -10.09
CA LEU F 416 -8.30 -31.56 -11.41
C LEU F 416 -9.39 -30.50 -11.58
N LEU F 417 -10.22 -30.29 -10.57
CA LEU F 417 -11.23 -29.24 -10.67
C LEU F 417 -10.59 -27.90 -10.97
N GLN F 418 -9.60 -27.51 -10.18
CA GLN F 418 -8.96 -26.21 -10.44
C GLN F 418 -8.31 -26.16 -11.82
N GLN F 419 -7.60 -27.22 -12.20
CA GLN F 419 -6.85 -27.20 -13.46
C GLN F 419 -7.78 -27.10 -14.66
N THR F 420 -8.84 -27.91 -14.68
CA THR F 420 -9.76 -27.88 -15.82
C THR F 420 -10.52 -26.56 -15.88
N SER F 421 -10.96 -26.05 -14.74
CA SER F 421 -11.64 -24.77 -14.75
C SER F 421 -10.74 -23.66 -15.27
N ALA F 422 -9.46 -23.66 -14.88
CA ALA F 422 -8.54 -22.66 -15.41
C ALA F 422 -8.23 -22.86 -16.88
N ASP F 423 -8.17 -24.11 -17.35
CA ASP F 423 -7.81 -24.37 -18.74
C ASP F 423 -8.91 -24.02 -19.71
N ILE F 424 -10.18 -24.12 -19.29
CA ILE F 424 -11.25 -23.75 -20.20
C ILE F 424 -11.14 -22.28 -20.59
N GLN F 425 -10.83 -21.41 -19.63
CA GLN F 425 -10.67 -19.99 -19.95
C GLN F 425 -9.42 -19.71 -20.76
N GLU F 426 -8.36 -20.50 -20.57
CA GLU F 426 -7.13 -20.29 -21.30
C GLU F 426 -7.27 -20.66 -22.77
N VAL F 427 -7.91 -21.80 -23.04
CA VAL F 427 -8.02 -22.25 -24.43
C VAL F 427 -8.91 -21.31 -25.24
N THR F 428 -10.03 -20.89 -24.68
CA THR F 428 -10.99 -20.05 -25.38
C THR F 428 -10.76 -18.59 -25.03
N GLY F 429 -10.07 -17.87 -25.90
CA GLY F 429 -9.80 -16.47 -25.69
C GLY F 429 -9.06 -16.17 -24.40
N MET F 450 -3.90 -2.11 -33.29
CA MET F 450 -3.63 -3.31 -32.52
C MET F 450 -4.78 -3.65 -31.59
N ASN F 451 -5.70 -2.71 -31.39
CA ASN F 451 -6.84 -2.95 -30.53
C ASN F 451 -7.68 -4.10 -31.08
N ARG F 452 -7.98 -4.06 -32.37
CA ARG F 452 -8.87 -5.06 -32.96
C ARG F 452 -8.22 -6.44 -32.95
N ALA F 453 -6.93 -6.50 -33.28
CA ALA F 453 -6.29 -7.80 -33.43
C ALA F 453 -6.14 -8.53 -32.11
N ASP F 454 -6.14 -7.81 -31.00
CA ASP F 454 -6.05 -8.44 -29.69
C ASP F 454 -7.29 -9.25 -29.33
N MET F 455 -8.45 -8.93 -29.89
CA MET F 455 -9.66 -9.62 -29.54
C MET F 455 -9.71 -10.98 -30.22
N ALA F 456 -10.44 -11.90 -29.58
CA ALA F 456 -10.55 -13.26 -30.08
C ALA F 456 -11.53 -13.39 -31.23
N SER F 457 -12.29 -12.35 -31.54
CA SER F 457 -13.29 -12.41 -32.59
C SER F 457 -12.81 -11.85 -33.91
N PHE F 458 -11.53 -11.50 -34.04
CA PHE F 458 -11.07 -10.83 -35.24
C PHE F 458 -11.09 -11.76 -36.46
N ILE F 459 -10.66 -13.01 -36.27
CA ILE F 459 -10.50 -13.89 -37.42
C ILE F 459 -11.85 -14.24 -38.05
N TYR F 460 -12.87 -14.46 -37.22
CA TYR F 460 -14.20 -14.75 -37.76
C TYR F 460 -14.75 -13.56 -38.53
N LEU F 461 -14.62 -12.36 -37.97
CA LEU F 461 -15.11 -11.17 -38.62
C LEU F 461 -14.33 -10.85 -39.89
N ASP F 462 -13.07 -11.26 -39.96
CA ASP F 462 -12.30 -11.11 -41.20
C ASP F 462 -12.68 -12.13 -42.25
N ASN F 463 -12.95 -13.37 -41.86
CA ASN F 463 -13.38 -14.38 -42.82
C ASN F 463 -14.80 -14.14 -43.31
N MET F 464 -15.63 -13.42 -42.57
CA MET F 464 -16.94 -13.04 -43.09
C MET F 464 -16.85 -12.02 -44.21
N ALA F 465 -15.90 -11.09 -44.14
CA ALA F 465 -15.76 -10.07 -45.15
C ALA F 465 -15.40 -10.66 -46.51
N LYS F 466 -14.51 -11.64 -46.52
CA LYS F 466 -14.10 -12.23 -47.78
C LYS F 466 -15.12 -13.21 -48.34
N SER F 467 -16.14 -13.58 -47.56
CA SER F 467 -17.30 -14.25 -48.12
C SER F 467 -18.28 -13.26 -48.72
N LEU F 468 -18.48 -12.13 -48.04
CA LEU F 468 -19.34 -11.10 -48.60
C LEU F 468 -18.79 -10.54 -49.90
N LYS F 469 -17.47 -10.45 -50.04
CA LYS F 469 -16.91 -10.04 -51.33
C LYS F 469 -17.27 -11.00 -52.45
N ARG F 470 -17.24 -12.30 -52.21
CA ARG F 470 -17.65 -13.26 -53.23
C ARG F 470 -19.14 -13.17 -53.53
N ALA F 471 -19.94 -12.92 -52.49
CA ALA F 471 -21.38 -12.73 -52.71
C ALA F 471 -21.63 -11.54 -53.62
N GLY F 472 -20.91 -10.44 -53.42
CA GLY F 472 -21.04 -9.30 -54.30
C GLY F 472 -20.68 -9.60 -55.75
N GLU F 473 -19.62 -10.40 -55.96
CA GLU F 473 -19.23 -10.77 -57.30
C GLU F 473 -20.31 -11.61 -57.99
N VAL F 474 -20.86 -12.59 -57.28
CA VAL F 474 -21.93 -13.39 -57.84
C VAL F 474 -23.16 -12.55 -58.15
N TRP F 475 -23.54 -11.65 -57.24
CA TRP F 475 -24.65 -10.76 -57.51
C TRP F 475 -24.42 -9.88 -58.72
N LEU F 476 -23.24 -9.31 -58.88
CA LEU F 476 -22.96 -8.51 -60.08
C LEU F 476 -23.06 -9.33 -61.34
N SER F 477 -22.50 -10.54 -61.36
CA SER F 477 -22.60 -11.39 -62.54
C SER F 477 -24.03 -11.79 -62.83
N MET F 478 -24.87 -11.91 -61.81
CA MET F 478 -26.22 -12.39 -61.98
C MET F 478 -27.24 -11.26 -62.14
N ALA F 479 -26.88 -10.03 -61.80
CA ALA F 479 -27.82 -8.91 -61.91
C ALA F 479 -27.86 -8.34 -63.32
N ARG F 480 -26.86 -8.64 -64.15
CA ARG F 480 -26.86 -8.10 -65.50
C ARG F 480 -27.92 -8.75 -66.36
N GLU F 481 -28.17 -10.03 -66.16
CA GLU F 481 -29.16 -10.75 -66.95
C GLU F 481 -30.59 -10.55 -66.44
N VAL F 482 -30.75 -10.01 -65.23
CA VAL F 482 -32.06 -9.72 -64.70
C VAL F 482 -32.47 -8.26 -64.88
N TYR F 483 -31.55 -7.32 -64.67
CA TYR F 483 -31.86 -5.90 -64.79
C TYR F 483 -31.32 -5.26 -66.07
N GLY F 484 -30.38 -5.90 -66.76
CA GLY F 484 -29.83 -5.36 -67.98
C GLY F 484 -28.57 -4.54 -67.73
N SER F 485 -27.79 -4.37 -68.79
CA SER F 485 -26.58 -3.57 -68.68
C SER F 485 -26.93 -2.11 -68.52
N GLU F 486 -26.01 -1.36 -67.92
CA GLU F 486 -26.32 0.01 -67.54
C GLU F 486 -26.08 1.01 -68.68
N ARG F 487 -24.83 1.15 -69.11
CA ARG F 487 -24.46 2.03 -70.23
C ARG F 487 -24.71 3.49 -69.85
N GLU F 488 -24.00 4.42 -70.51
CA GLU F 488 -24.17 5.83 -70.26
C GLU F 488 -23.73 6.62 -71.49
N VAL F 489 -24.56 7.57 -71.89
CA VAL F 489 -24.27 8.43 -73.03
C VAL F 489 -24.58 9.89 -72.69
N ARG F 510 -26.67 10.01 -65.94
CA ARG F 510 -27.77 9.09 -65.70
C ARG F 510 -27.35 7.65 -65.99
N GLN F 511 -28.22 6.69 -65.65
CA GLN F 511 -27.96 5.27 -65.88
C GLN F 511 -29.28 4.63 -66.29
N THR F 512 -29.49 4.45 -67.58
CA THR F 512 -30.74 3.93 -68.11
C THR F 512 -30.52 2.51 -68.65
N GLY F 513 -31.40 1.60 -68.25
CA GLY F 513 -31.25 0.21 -68.63
C GLY F 513 -32.05 -0.22 -69.84
N ALA F 514 -32.78 -1.33 -69.70
CA ALA F 514 -33.47 -1.98 -70.82
C ALA F 514 -34.75 -1.24 -71.17
N VAL F 515 -35.54 -1.86 -72.04
CA VAL F 515 -36.87 -1.38 -72.38
C VAL F 515 -37.95 -2.35 -71.91
N VAL F 516 -37.83 -3.63 -72.27
CA VAL F 516 -38.81 -4.62 -71.85
C VAL F 516 -38.12 -5.75 -71.09
N ALA F 517 -37.14 -6.40 -71.71
CA ALA F 517 -36.21 -7.29 -71.01
C ALA F 517 -35.03 -7.53 -71.94
N LEU F 518 -33.85 -7.02 -71.58
CA LEU F 518 -32.68 -7.23 -72.42
C LEU F 518 -31.43 -7.01 -71.58
N ASN F 519 -30.33 -7.56 -72.07
CA ASN F 519 -29.06 -7.62 -71.34
C ASN F 519 -28.03 -6.67 -71.90
N ASP F 520 -27.81 -6.70 -73.22
CA ASP F 520 -26.72 -6.03 -73.90
C ASP F 520 -25.43 -6.73 -73.55
N LEU F 521 -24.54 -6.85 -74.52
CA LEU F 521 -23.34 -7.64 -74.37
C LEU F 521 -22.23 -6.91 -75.10
N SER F 522 -20.99 -7.27 -74.79
CA SER F 522 -19.82 -6.56 -75.30
C SER F 522 -19.86 -5.10 -74.86
N VAL F 523 -20.38 -4.87 -73.65
CA VAL F 523 -20.24 -3.58 -73.00
C VAL F 523 -19.09 -3.57 -72.00
N GLY F 524 -18.63 -4.73 -71.55
CA GLY F 524 -17.41 -4.83 -70.79
C GLY F 524 -17.62 -4.81 -69.29
N ARG F 525 -16.52 -5.06 -68.59
CA ARG F 525 -16.53 -5.03 -67.14
C ARG F 525 -16.84 -3.63 -66.64
N TYR F 526 -17.62 -3.57 -65.56
CA TYR F 526 -17.95 -2.30 -64.95
C TYR F 526 -16.72 -1.71 -64.27
N ASP F 527 -16.80 -0.40 -63.98
CA ASP F 527 -15.68 0.33 -63.36
C ASP F 527 -15.86 0.47 -61.86
N VAL F 528 -16.37 -0.56 -61.19
CA VAL F 528 -16.52 -0.53 -59.74
C VAL F 528 -15.69 -1.67 -59.15
N THR F 529 -15.48 -1.59 -57.85
CA THR F 529 -14.74 -2.59 -57.10
C THR F 529 -15.58 -3.04 -55.91
N VAL F 530 -15.58 -4.35 -55.64
CA VAL F 530 -16.36 -4.90 -54.54
C VAL F 530 -15.57 -4.72 -53.25
N ASP F 531 -16.24 -4.21 -52.22
CA ASP F 531 -15.63 -4.02 -50.91
C ASP F 531 -16.69 -4.33 -49.86
N VAL F 532 -16.37 -4.04 -48.60
CA VAL F 532 -17.31 -4.19 -47.51
C VAL F 532 -17.32 -2.93 -46.68
N GLY F 533 -18.43 -2.70 -46.01
CA GLY F 533 -18.60 -1.55 -45.15
C GLY F 533 -19.78 -1.76 -44.23
N PRO F 534 -20.03 -0.80 -43.34
CA PRO F 534 -21.12 -0.96 -42.38
C PRO F 534 -22.47 -1.07 -43.07
N SER F 535 -23.36 -1.81 -42.43
CA SER F 535 -24.70 -2.08 -42.97
C SER F 535 -25.67 -1.04 -42.47
N TYR F 536 -26.35 -0.38 -43.40
CA TYR F 536 -27.29 0.70 -43.08
C TYR F 536 -28.68 0.34 -43.58
N THR F 537 -29.69 0.70 -42.79
CA THR F 537 -31.06 0.40 -43.16
C THR F 537 -31.56 1.31 -44.27
N ALA F 538 -31.21 2.59 -44.22
CA ALA F 538 -31.65 3.57 -45.19
C ALA F 538 -30.46 4.36 -45.71
N ARG F 539 -30.67 5.02 -46.86
CA ARG F 539 -29.57 5.79 -47.45
C ARG F 539 -29.20 6.99 -46.59
N ARG F 540 -30.18 7.60 -45.92
CA ARG F 540 -29.89 8.76 -45.09
C ARG F 540 -28.89 8.44 -44.02
N ASP F 541 -28.97 7.24 -43.44
CA ASP F 541 -28.00 6.84 -42.44
C ASP F 541 -26.60 6.80 -43.04
N ALA F 542 -26.48 6.27 -44.26
CA ALA F 542 -25.18 6.21 -44.92
C ALA F 542 -24.63 7.60 -45.17
N THR F 543 -25.48 8.54 -45.58
CA THR F 543 -25.01 9.90 -45.82
C THR F 543 -24.53 10.55 -44.53
N VAL F 544 -25.37 10.55 -43.49
CA VAL F 544 -25.00 11.26 -42.27
C VAL F 544 -23.83 10.60 -41.56
N SER F 545 -23.67 9.27 -41.70
CA SER F 545 -22.57 8.59 -41.03
C SER F 545 -21.22 9.04 -41.57
N VAL F 546 -21.10 9.27 -42.88
CA VAL F 546 -19.83 9.67 -43.44
C VAL F 546 -19.65 11.16 -43.29
N LEU F 547 -20.75 11.92 -43.38
CA LEU F 547 -20.63 13.36 -43.21
C LEU F 547 -20.21 13.73 -41.80
N THR F 548 -20.70 13.02 -40.79
CA THR F 548 -20.29 13.31 -39.43
C THR F 548 -18.89 12.83 -39.11
N ASN F 549 -18.36 11.88 -39.89
CA ASN F 549 -16.95 11.53 -39.74
C ASN F 549 -16.06 12.57 -40.40
N VAL F 550 -16.50 13.13 -41.53
CA VAL F 550 -15.78 14.26 -42.12
C VAL F 550 -15.73 15.41 -41.14
N LEU F 551 -16.87 15.72 -40.54
CA LEU F 551 -16.89 16.65 -39.42
C LEU F 551 -16.18 16.01 -38.23
N SER F 552 -15.97 16.80 -37.18
CA SER F 552 -15.33 16.36 -35.95
C SER F 552 -13.85 16.05 -36.15
N SER F 553 -13.35 16.11 -37.38
CA SER F 553 -11.92 16.13 -37.65
C SER F 553 -11.48 17.46 -38.23
N MET F 554 -12.29 18.50 -38.07
CA MET F 554 -12.05 19.81 -38.63
C MET F 554 -12.09 20.83 -37.49
N LEU F 555 -11.08 21.69 -37.44
CA LEU F 555 -11.10 22.78 -36.48
C LEU F 555 -12.22 23.76 -36.84
N PRO F 556 -12.77 24.47 -35.86
CA PRO F 556 -13.79 25.47 -36.20
C PRO F 556 -13.17 26.64 -36.92
N THR F 557 -13.29 26.66 -38.25
CA THR F 557 -12.67 27.62 -39.15
C THR F 557 -13.05 27.21 -40.57
N ASP F 558 -12.90 28.14 -41.51
CA ASP F 558 -13.09 27.97 -42.94
C ASP F 558 -14.58 27.80 -43.21
N PRO F 559 -15.07 28.09 -44.44
CA PRO F 559 -16.52 27.98 -44.67
C PRO F 559 -17.09 26.60 -44.37
N MET F 560 -16.67 25.58 -45.12
CA MET F 560 -16.91 24.17 -44.81
C MET F 560 -17.93 23.87 -43.70
N ARG F 561 -17.54 24.07 -42.44
CA ARG F 561 -18.26 23.51 -41.30
C ARG F 561 -19.74 23.87 -41.27
N PRO F 562 -20.14 25.14 -41.41
CA PRO F 562 -21.58 25.41 -41.60
C PRO F 562 -22.21 24.68 -42.78
N ALA F 563 -21.50 24.55 -43.89
CA ALA F 563 -22.06 23.81 -45.01
C ALA F 563 -22.27 22.34 -44.67
N ILE F 564 -21.30 21.73 -43.98
CA ILE F 564 -21.44 20.34 -43.56
C ILE F 564 -22.63 20.19 -42.62
N GLN F 565 -22.79 21.10 -41.67
CA GLN F 565 -23.93 21.00 -40.76
C GLN F 565 -25.25 21.17 -41.49
N GLY F 566 -25.33 22.11 -42.44
CA GLY F 566 -26.56 22.26 -43.20
C GLY F 566 -26.89 21.02 -44.00
N ILE F 567 -25.89 20.42 -44.64
CA ILE F 567 -26.14 19.21 -45.41
C ILE F 567 -26.60 18.08 -44.51
N ILE F 568 -25.98 17.94 -43.33
CA ILE F 568 -26.39 16.88 -42.40
C ILE F 568 -27.82 17.09 -41.96
N LEU F 569 -28.17 18.30 -41.55
CA LEU F 569 -29.52 18.55 -41.06
C LEU F 569 -30.55 18.47 -42.17
N ASP F 570 -30.16 18.64 -43.43
CA ASP F 570 -31.10 18.42 -44.53
C ASP F 570 -31.56 16.98 -44.61
N ASN F 571 -30.67 16.03 -44.38
CA ASN F 571 -31.03 14.62 -44.25
C ASN F 571 -31.61 14.38 -42.86
N ILE F 572 -31.66 13.13 -42.44
CA ILE F 572 -32.07 12.68 -41.11
C ILE F 572 -33.47 13.24 -40.81
N ASP F 573 -33.89 13.17 -39.55
CA ASP F 573 -35.07 13.82 -38.98
C ASP F 573 -36.32 12.94 -39.09
N GLY F 574 -37.28 13.17 -38.20
CA GLY F 574 -38.47 12.37 -38.07
C GLY F 574 -39.74 13.17 -37.98
N GLU F 575 -40.53 12.97 -36.94
CA GLU F 575 -41.86 13.53 -36.81
C GLU F 575 -41.81 14.98 -36.35
N GLY F 576 -42.66 15.81 -36.96
CA GLY F 576 -42.85 17.16 -36.51
C GLY F 576 -41.72 18.12 -36.79
N LEU F 577 -40.95 17.89 -37.86
CA LEU F 577 -39.84 18.77 -38.20
C LEU F 577 -40.00 19.40 -39.58
N ASP F 578 -41.23 19.65 -40.01
CA ASP F 578 -41.45 20.22 -41.34
C ASP F 578 -40.97 21.66 -41.42
N ASP F 579 -41.37 22.49 -40.45
CA ASP F 579 -41.01 23.90 -40.49
C ASP F 579 -39.51 24.10 -40.33
N PHE F 580 -38.90 23.37 -39.40
CA PHE F 580 -37.46 23.50 -39.20
C PHE F 580 -36.69 23.08 -40.44
N LYS F 581 -37.08 21.97 -41.07
CA LYS F 581 -36.38 21.52 -42.25
C LYS F 581 -36.56 22.48 -43.42
N GLU F 582 -37.76 23.04 -43.58
CA GLU F 582 -37.95 24.03 -44.63
C GLU F 582 -37.11 25.27 -44.39
N TYR F 583 -37.07 25.75 -43.15
CA TYR F 583 -36.24 26.91 -42.83
C TYR F 583 -34.78 26.63 -43.11
N ASN F 584 -34.31 25.43 -42.77
CA ASN F 584 -32.92 25.08 -43.06
C ASN F 584 -32.67 25.04 -44.56
N ARG F 585 -33.55 24.43 -45.32
CA ARG F 585 -33.32 24.33 -46.75
C ARG F 585 -33.31 25.69 -47.41
N ASN F 586 -34.12 26.63 -46.93
CA ASN F 586 -34.12 27.97 -47.51
C ASN F 586 -32.75 28.60 -47.40
N GLN F 587 -32.18 28.64 -46.19
CA GLN F 587 -30.84 29.19 -46.03
C GLN F 587 -29.81 28.35 -46.76
N LEU F 588 -30.09 27.07 -46.98
CA LEU F 588 -29.15 26.23 -47.69
C LEU F 588 -29.08 26.58 -49.17
N LEU F 589 -30.19 26.95 -49.79
CA LEU F 589 -30.11 27.26 -51.22
C LEU F 589 -29.94 28.74 -51.51
N ILE F 590 -30.25 29.64 -50.57
CA ILE F 590 -29.90 31.03 -50.81
C ILE F 590 -28.41 31.27 -50.75
N SER F 591 -27.65 30.31 -50.24
CA SER F 591 -26.20 30.37 -50.18
C SER F 591 -25.54 29.60 -51.31
N GLY F 592 -26.30 29.14 -52.30
CA GLY F 592 -25.73 28.46 -53.44
C GLY F 592 -25.11 27.11 -53.15
N ILE F 593 -25.75 26.31 -52.31
CA ILE F 593 -25.26 24.96 -52.02
C ILE F 593 -26.27 23.89 -52.39
N ALA F 594 -27.54 24.21 -52.59
CA ALA F 594 -28.56 23.18 -52.73
C ALA F 594 -28.95 22.88 -54.17
N LYS F 595 -28.70 23.80 -55.11
CA LYS F 595 -29.07 23.56 -56.50
C LYS F 595 -30.56 23.32 -56.67
N PRO F 596 -31.38 24.38 -56.61
CA PRO F 596 -32.84 24.24 -56.77
C PRO F 596 -33.26 23.18 -57.76
N ARG F 597 -34.21 22.32 -57.39
CA ARG F 597 -34.63 21.24 -58.27
C ARG F 597 -35.78 21.65 -59.18
N ASN F 598 -35.62 22.83 -59.79
CA ASN F 598 -36.37 23.24 -60.99
C ASN F 598 -37.88 23.10 -60.84
N GLU F 599 -38.41 23.36 -59.64
CA GLU F 599 -39.87 23.34 -59.51
C GLU F 599 -40.45 24.70 -59.08
N LYS F 600 -40.05 25.25 -57.94
CA LYS F 600 -40.63 26.52 -57.51
C LYS F 600 -39.57 27.50 -57.01
N GLU F 601 -38.53 26.98 -56.36
CA GLU F 601 -37.58 27.85 -55.69
C GLU F 601 -36.64 28.55 -56.65
N GLN F 602 -36.34 27.94 -57.78
CA GLN F 602 -35.46 28.57 -58.76
C GLN F 602 -36.04 29.87 -59.30
N GLN F 603 -37.35 30.06 -59.18
CA GLN F 603 -38.01 31.24 -59.73
C GLN F 603 -38.67 32.10 -58.68
N ILE F 604 -38.73 31.66 -57.43
CA ILE F 604 -39.44 32.42 -56.41
C ILE F 604 -38.44 32.97 -55.40
N VAL F 605 -37.76 32.08 -54.70
CA VAL F 605 -36.82 32.51 -53.65
C VAL F 605 -35.45 32.79 -54.23
N GLN F 606 -35.05 32.05 -55.27
CA GLN F 606 -33.74 32.28 -55.86
C GLN F 606 -33.70 33.60 -56.61
N GLN F 607 -34.76 33.92 -57.35
CA GLN F 607 -34.83 35.20 -58.03
C GLN F 607 -34.88 36.34 -57.02
N ALA F 608 -35.63 36.16 -55.94
CA ALA F 608 -35.66 37.17 -54.88
C ALA F 608 -34.28 37.35 -54.26
N GLN F 609 -33.50 36.26 -54.18
CA GLN F 609 -32.15 36.39 -53.63
C GLN F 609 -31.22 37.07 -54.61
N MET F 610 -31.42 36.88 -55.92
CA MET F 610 -30.66 37.68 -56.88
C MET F 610 -30.99 39.15 -56.74
N ALA F 611 -32.28 39.49 -56.58
CA ALA F 611 -32.65 40.88 -56.35
C ALA F 611 -32.03 41.41 -55.07
N ALA F 612 -32.06 40.63 -53.99
CA ALA F 612 -31.44 41.01 -52.74
C ALA F 612 -29.91 40.94 -52.79
N GLN F 613 -29.36 40.42 -53.90
CA GLN F 613 -27.94 40.60 -54.16
C GLN F 613 -27.68 41.93 -54.84
N SER F 614 -28.60 42.35 -55.72
CA SER F 614 -28.56 43.68 -56.30
C SER F 614 -29.16 44.74 -55.39
N GLN F 615 -30.03 44.33 -54.46
CA GLN F 615 -30.64 45.29 -53.53
C GLN F 615 -29.65 46.03 -52.66
N PRO F 616 -28.71 45.38 -51.96
CA PRO F 616 -27.88 46.09 -51.00
C PRO F 616 -26.62 46.71 -51.57
N ASN F 617 -26.43 46.69 -52.89
CA ASN F 617 -25.34 47.43 -53.48
C ASN F 617 -25.48 48.93 -53.23
N PRO F 618 -26.63 49.57 -53.45
CA PRO F 618 -26.78 50.97 -53.02
C PRO F 618 -26.62 51.16 -51.52
N GLU F 619 -27.08 50.19 -50.72
CA GLU F 619 -26.95 50.29 -49.28
C GLU F 619 -25.49 50.30 -48.84
N MET F 620 -24.67 49.44 -49.44
CA MET F 620 -23.28 49.32 -49.02
C MET F 620 -22.42 50.43 -49.62
N VAL F 621 -22.73 50.86 -50.85
CA VAL F 621 -21.99 52.00 -51.40
C VAL F 621 -22.43 53.28 -50.71
N LEU F 622 -23.61 53.29 -50.08
CA LEU F 622 -23.97 54.39 -49.21
C LEU F 622 -23.03 54.47 -48.01
N ALA F 623 -22.68 53.31 -47.45
CA ALA F 623 -21.64 53.25 -46.43
C ALA F 623 -20.26 53.55 -47.00
N GLN F 624 -20.13 53.56 -48.33
CA GLN F 624 -18.91 53.97 -49.00
C GLN F 624 -19.10 55.19 -49.89
N ALA F 625 -20.17 55.97 -49.67
CA ALA F 625 -20.40 57.18 -50.45
C ALA F 625 -19.70 58.39 -49.87
N GLN F 626 -19.11 58.27 -48.68
CA GLN F 626 -18.36 59.38 -48.10
C GLN F 626 -17.18 59.78 -48.98
N MET F 627 -16.54 58.80 -49.62
CA MET F 627 -15.53 59.11 -50.63
C MET F 627 -16.07 59.00 -52.05
N VAL F 628 -17.40 58.99 -52.22
CA VAL F 628 -18.02 59.13 -53.53
C VAL F 628 -18.51 60.56 -53.76
N ALA F 629 -18.97 61.23 -52.71
CA ALA F 629 -19.18 62.67 -52.81
C ALA F 629 -17.89 63.37 -53.19
N ALA F 630 -16.76 62.95 -52.61
CA ALA F 630 -15.46 63.44 -53.03
C ALA F 630 -15.15 63.08 -54.48
N GLN F 631 -15.50 61.87 -54.91
CA GLN F 631 -15.35 61.51 -56.32
C GLN F 631 -16.04 62.51 -57.22
N ALA F 632 -17.31 62.79 -56.93
CA ALA F 632 -18.09 63.71 -57.76
C ALA F 632 -17.53 65.13 -57.71
N GLU F 633 -17.15 65.60 -56.51
CA GLU F 633 -16.63 66.95 -56.39
C GLU F 633 -15.33 67.12 -57.17
N ALA F 634 -14.42 66.15 -57.03
CA ALA F 634 -13.18 66.20 -57.79
C ALA F 634 -13.43 66.08 -59.29
N GLN F 635 -14.37 65.22 -59.69
CA GLN F 635 -14.66 65.04 -61.10
C GLN F 635 -15.18 66.32 -61.72
N LYS F 636 -16.05 67.04 -61.01
CA LYS F 636 -16.53 68.30 -61.58
C LYS F 636 -15.49 69.41 -61.51
N ALA F 637 -14.75 69.51 -60.40
CA ALA F 637 -13.67 70.48 -60.35
C ALA F 637 -12.60 70.21 -61.41
N THR F 638 -12.54 68.97 -61.91
CA THR F 638 -11.65 68.61 -63.00
C THR F 638 -11.97 69.35 -64.29
N ASN F 639 -13.18 69.90 -64.43
CA ASN F 639 -13.56 70.67 -65.60
C ASN F 639 -13.99 72.09 -65.27
N GLU F 640 -14.28 72.39 -64.02
CA GLU F 640 -14.76 73.73 -63.66
C GLU F 640 -13.63 74.74 -63.53
N THR F 641 -12.55 74.37 -62.84
CA THR F 641 -11.45 75.32 -62.62
C THR F 641 -10.78 75.72 -63.93
N ALA F 642 -10.91 74.92 -64.99
CA ALA F 642 -10.35 75.29 -66.28
C ALA F 642 -10.98 76.57 -66.83
N GLN F 643 -12.13 76.98 -66.29
CA GLN F 643 -12.67 78.28 -66.63
C GLN F 643 -11.70 79.39 -66.26
N THR F 644 -10.83 79.15 -65.27
CA THR F 644 -9.83 80.16 -64.92
C THR F 644 -8.77 80.28 -66.01
N GLN F 645 -8.35 79.14 -66.59
CA GLN F 645 -7.45 79.20 -67.73
C GLN F 645 -8.10 79.90 -68.91
N ILE F 646 -9.37 79.58 -69.17
CA ILE F 646 -10.09 80.24 -70.26
C ILE F 646 -10.21 81.73 -69.99
N LYS F 647 -10.43 82.12 -68.73
CA LYS F 647 -10.54 83.52 -68.36
C LYS F 647 -9.20 84.23 -68.52
N ALA F 648 -8.10 83.54 -68.22
CA ALA F 648 -6.78 84.11 -68.45
C ALA F 648 -6.53 84.31 -69.94
N PHE F 649 -6.97 83.36 -70.77
CA PHE F 649 -6.85 83.53 -72.22
C PHE F 649 -7.67 84.73 -72.70
N THR F 650 -8.90 84.86 -72.18
CA THR F 650 -9.73 86.01 -72.52
C THR F 650 -9.11 87.31 -72.07
N ALA F 651 -8.50 87.31 -70.88
CA ALA F 651 -7.83 88.51 -70.38
C ALA F 651 -6.61 88.86 -71.22
N GLN F 652 -5.88 87.86 -71.72
CA GLN F 652 -4.77 88.15 -72.62
C GLN F 652 -5.27 88.76 -73.93
N GLN F 653 -6.38 88.23 -74.46
CA GLN F 653 -6.95 88.83 -75.67
C GLN F 653 -7.38 90.27 -75.42
N ASP F 654 -8.03 90.51 -74.27
CA ASP F 654 -8.42 91.87 -73.93
C ASP F 654 -7.20 92.76 -73.71
N ALA F 655 -6.11 92.19 -73.21
CA ALA F 655 -4.90 92.97 -72.99
C ALA F 655 -4.26 93.39 -74.29
N MET F 656 -4.20 92.49 -75.28
CA MET F 656 -3.65 92.87 -76.58
C MET F 656 -4.57 93.87 -77.29
N GLU F 657 -5.89 93.69 -77.16
CA GLU F 657 -6.80 94.70 -77.67
C GLU F 657 -6.52 96.06 -77.04
N SER F 658 -6.44 96.11 -75.72
CA SER F 658 -6.15 97.37 -75.03
C SER F 658 -4.79 97.91 -75.41
N GLN F 659 -3.84 97.04 -75.77
CA GLN F 659 -2.56 97.51 -76.30
C GLN F 659 -2.78 98.31 -77.57
N ALA F 660 -3.52 97.74 -78.52
CA ALA F 660 -3.84 98.48 -79.74
C ALA F 660 -4.61 99.75 -79.45
N ASN F 661 -5.59 99.67 -78.54
CA ASN F 661 -6.44 100.82 -78.24
C ASN F 661 -5.64 101.95 -77.62
N THR F 662 -4.74 101.64 -76.69
CA THR F 662 -3.98 102.70 -76.04
C THR F 662 -2.88 103.23 -76.94
N VAL F 663 -2.37 102.40 -77.86
CA VAL F 663 -1.50 102.92 -78.90
C VAL F 663 -2.25 103.95 -79.75
N TYR F 664 -3.51 103.63 -80.10
CA TYR F 664 -4.33 104.61 -80.80
C TYR F 664 -4.57 105.86 -79.95
N LYS F 665 -4.75 105.68 -78.65
CA LYS F 665 -4.92 106.82 -77.76
C LYS F 665 -3.70 107.73 -77.77
N LEU F 666 -2.50 107.13 -77.75
CA LEU F 666 -1.28 107.91 -77.90
C LEU F 666 -1.16 108.55 -79.27
N ALA F 667 -1.68 107.92 -80.32
CA ALA F 667 -1.70 108.52 -81.65
C ALA F 667 -2.62 109.73 -81.74
N GLN F 668 -3.78 109.67 -81.07
CA GLN F 668 -4.76 110.75 -81.18
C GLN F 668 -4.37 111.96 -80.35
N ALA F 669 -3.79 111.73 -79.17
CA ALA F 669 -3.56 112.82 -78.22
C ALA F 669 -2.55 113.84 -78.74
N ARG F 670 -1.76 113.49 -79.75
CA ARG F 670 -0.84 114.46 -80.35
C ARG F 670 -1.61 115.57 -81.06
N ASN F 671 -2.75 115.21 -81.66
CA ASN F 671 -3.58 116.16 -82.40
C ASN F 671 -2.81 116.80 -83.55
N MET G 1 -67.85 -31.32 -48.30
CA MET G 1 -66.87 -32.01 -47.47
C MET G 1 -66.39 -31.09 -46.37
N ALA G 2 -66.88 -29.86 -46.38
CA ALA G 2 -66.40 -28.79 -45.52
C ALA G 2 -67.52 -28.35 -44.59
N GLU G 3 -67.29 -27.24 -43.89
CA GLU G 3 -68.20 -26.65 -42.91
C GLU G 3 -68.90 -27.72 -42.08
N THR G 4 -70.22 -27.90 -42.30
CA THR G 4 -70.95 -28.93 -41.57
C THR G 4 -70.38 -30.30 -41.83
N LEU G 5 -70.04 -30.59 -43.08
CA LEU G 5 -69.39 -31.85 -43.42
C LEU G 5 -67.99 -31.84 -42.81
N GLU G 6 -67.77 -32.72 -41.84
CA GLU G 6 -66.60 -32.66 -40.99
C GLU G 6 -65.35 -33.22 -41.63
N LYS G 7 -65.38 -33.56 -42.92
CA LYS G 7 -64.18 -34.09 -43.55
C LYS G 7 -63.01 -33.12 -43.49
N LYS G 8 -63.28 -31.83 -43.30
CA LYS G 8 -62.20 -30.89 -42.99
C LYS G 8 -61.68 -31.08 -41.59
N HIS G 9 -62.50 -31.54 -40.66
CA HIS G 9 -62.09 -31.61 -39.27
C HIS G 9 -61.08 -32.71 -39.02
N GLU G 10 -61.19 -33.85 -39.72
CA GLU G 10 -60.15 -34.86 -39.55
C GLU G 10 -58.81 -34.36 -40.06
N ARG G 11 -58.81 -33.62 -41.16
CA ARG G 11 -57.56 -33.06 -41.65
C ARG G 11 -56.99 -32.08 -40.63
N ILE G 12 -57.84 -31.26 -40.02
CA ILE G 12 -57.36 -30.32 -39.01
C ILE G 12 -56.76 -31.07 -37.82
N MET G 13 -57.44 -32.11 -37.35
CA MET G 13 -56.93 -32.87 -36.21
C MET G 13 -55.63 -33.59 -36.55
N LEU G 14 -55.50 -34.11 -37.77
CA LEU G 14 -54.26 -34.74 -38.17
C LEU G 14 -53.12 -33.73 -38.20
N ARG G 15 -53.40 -32.53 -38.71
CA ARG G 15 -52.38 -31.49 -38.75
C ARG G 15 -51.94 -31.09 -37.36
N PHE G 16 -52.87 -31.04 -36.40
CA PHE G 16 -52.49 -30.73 -35.03
C PHE G 16 -51.50 -31.75 -34.48
N ASP G 17 -51.77 -33.03 -34.69
CA ASP G 17 -50.85 -34.05 -34.19
C ASP G 17 -49.50 -33.98 -34.90
N ARG G 18 -49.50 -33.68 -36.19
CA ARG G 18 -48.24 -33.59 -36.90
C ARG G 18 -47.41 -32.41 -36.41
N ALA G 19 -48.05 -31.31 -36.06
CA ALA G 19 -47.32 -30.16 -35.53
C ALA G 19 -46.89 -30.34 -34.09
N TYR G 20 -47.64 -31.13 -33.32
CA TYR G 20 -47.35 -31.28 -31.90
C TYR G 20 -46.16 -32.19 -31.65
N SER G 21 -46.01 -33.24 -32.46
CA SER G 21 -45.05 -34.29 -32.15
C SER G 21 -43.60 -33.83 -32.13
N PRO G 22 -43.07 -33.13 -33.15
CA PRO G 22 -41.64 -32.79 -33.14
C PRO G 22 -41.25 -31.87 -32.00
N GLN G 23 -42.01 -30.79 -31.81
CA GLN G 23 -41.69 -29.79 -30.78
C GLN G 23 -42.31 -30.15 -29.44
N LYS G 24 -42.11 -31.39 -29.01
CA LYS G 24 -42.72 -31.88 -27.79
C LYS G 24 -41.75 -31.89 -26.62
N GLU G 25 -40.53 -32.36 -26.85
CA GLU G 25 -39.52 -32.34 -25.81
C GLU G 25 -38.87 -30.98 -25.65
N VAL G 26 -38.95 -30.12 -26.66
CA VAL G 26 -38.37 -28.80 -26.55
C VAL G 26 -39.17 -27.92 -25.60
N ARG G 27 -40.49 -27.93 -25.74
CA ARG G 27 -41.32 -27.07 -24.91
C ARG G 27 -41.38 -27.52 -23.47
N GLU G 28 -41.11 -28.80 -23.20
CA GLU G 28 -41.06 -29.27 -21.82
C GLU G 28 -39.98 -28.56 -21.04
N LYS G 29 -38.81 -28.36 -21.65
CA LYS G 29 -37.74 -27.63 -20.99
C LYS G 29 -38.12 -26.19 -20.70
N CYS G 30 -38.80 -25.53 -21.64
CA CYS G 30 -39.22 -24.15 -21.42
C CYS G 30 -40.18 -24.05 -20.24
N ILE G 31 -41.17 -24.94 -20.20
CA ILE G 31 -42.13 -24.91 -19.10
C ILE G 31 -41.43 -25.21 -17.79
N GLU G 32 -40.55 -26.21 -17.77
CA GLU G 32 -39.84 -26.56 -16.55
C GLU G 32 -38.98 -25.39 -16.07
N ALA G 33 -38.36 -24.66 -16.99
CA ALA G 33 -37.51 -23.55 -16.59
C ALA G 33 -38.34 -22.42 -15.99
N THR G 34 -39.43 -22.02 -16.64
CA THR G 34 -40.25 -20.95 -16.07
C THR G 34 -40.75 -21.34 -14.69
N ARG G 35 -41.23 -22.57 -14.56
CA ARG G 35 -41.73 -23.04 -13.27
C ARG G 35 -40.61 -23.15 -12.24
N PHE G 36 -39.40 -23.50 -12.66
CA PHE G 36 -38.25 -23.59 -11.77
C PHE G 36 -37.87 -22.22 -11.22
N ALA G 37 -38.01 -21.18 -12.02
CA ALA G 37 -37.60 -19.85 -11.59
C ALA G 37 -38.68 -19.09 -10.85
N ARG G 38 -39.96 -19.36 -11.09
CA ARG G 38 -41.01 -18.48 -10.59
C ARG G 38 -41.90 -19.10 -9.53
N VAL G 39 -42.31 -20.35 -9.68
CA VAL G 39 -43.23 -20.96 -8.73
C VAL G 39 -42.52 -21.17 -7.39
N PRO G 40 -43.15 -20.84 -6.26
CA PRO G 40 -42.43 -20.82 -4.98
C PRO G 40 -41.81 -22.15 -4.57
N GLY G 41 -42.45 -23.27 -4.87
CA GLY G 41 -41.86 -24.54 -4.49
C GLY G 41 -41.34 -25.34 -5.65
N GLY G 42 -41.12 -24.67 -6.79
CA GLY G 42 -40.88 -25.38 -8.03
C GLY G 42 -39.48 -25.89 -8.24
N GLN G 43 -38.55 -25.58 -7.34
CA GLN G 43 -37.18 -26.05 -7.54
C GLN G 43 -36.99 -27.49 -7.10
N TRP G 44 -37.93 -28.05 -6.34
CA TRP G 44 -37.84 -29.43 -5.88
C TRP G 44 -38.84 -30.34 -6.55
N GLU G 45 -39.53 -29.86 -7.58
CA GLU G 45 -40.61 -30.65 -8.16
C GLU G 45 -40.05 -31.90 -8.82
N GLY G 46 -40.72 -33.02 -8.59
CA GLY G 46 -40.19 -34.31 -8.99
C GLY G 46 -39.97 -35.18 -7.78
N ALA G 47 -39.46 -34.60 -6.69
CA ALA G 47 -39.35 -35.29 -5.42
C ALA G 47 -40.52 -34.98 -4.51
N THR G 48 -40.66 -33.72 -4.10
CA THR G 48 -41.73 -33.27 -3.22
C THR G 48 -41.93 -34.21 -2.05
N ALA G 49 -42.76 -35.24 -2.23
CA ALA G 49 -43.08 -36.18 -1.17
C ALA G 49 -42.12 -37.36 -1.24
N ALA G 50 -40.99 -37.25 -0.55
CA ALA G 50 -40.01 -38.32 -0.52
C ALA G 50 -39.45 -38.45 0.90
N GLY G 51 -39.45 -39.66 1.42
CA GLY G 51 -38.96 -39.90 2.76
C GLY G 51 -38.88 -41.38 3.05
N THR G 52 -38.56 -41.70 4.30
CA THR G 52 -38.42 -43.09 4.73
C THR G 52 -39.38 -43.40 5.85
N LYS G 53 -39.45 -44.70 6.18
CA LYS G 53 -40.41 -45.17 7.17
C LYS G 53 -40.06 -44.66 8.56
N LEU G 54 -38.82 -44.84 9.00
CA LEU G 54 -38.33 -44.26 10.25
C LEU G 54 -39.19 -44.66 11.44
N ASP G 55 -39.18 -45.96 11.74
CA ASP G 55 -39.97 -46.56 12.83
C ASP G 55 -41.47 -46.36 12.63
N GLU G 56 -41.97 -46.87 11.52
CA GLU G 56 -43.40 -46.89 11.21
C GLU G 56 -44.00 -45.48 11.24
N GLN G 57 -43.37 -44.58 10.50
CA GLN G 57 -43.91 -43.26 10.24
C GLN G 57 -43.58 -42.92 8.79
N PHE G 58 -43.78 -41.67 8.39
CA PHE G 58 -43.29 -41.27 7.09
C PHE G 58 -42.70 -39.87 7.13
N GLU G 59 -41.77 -39.63 8.04
CA GLU G 59 -41.08 -38.36 8.01
C GLU G 59 -40.39 -38.14 6.67
N LYS G 60 -40.55 -36.96 6.11
CA LYS G 60 -40.01 -36.60 4.81
C LYS G 60 -38.74 -35.78 4.97
N TYR G 61 -37.88 -35.87 3.97
CA TYR G 61 -36.63 -35.13 4.02
C TYR G 61 -36.89 -33.63 3.96
N PRO G 62 -36.17 -32.84 4.74
CA PRO G 62 -36.28 -31.39 4.60
C PRO G 62 -35.78 -30.93 3.25
N LYS G 63 -36.51 -30.00 2.64
CA LYS G 63 -36.21 -29.51 1.30
C LYS G 63 -36.21 -28.00 1.33
N PHE G 64 -35.08 -27.41 1.68
CA PHE G 64 -34.97 -25.96 1.71
C PHE G 64 -34.70 -25.43 0.31
N GLU G 65 -35.12 -24.20 0.07
CA GLU G 65 -35.03 -23.59 -1.25
C GLU G 65 -34.46 -22.19 -1.11
N ILE G 66 -33.31 -21.96 -1.74
CA ILE G 66 -32.61 -20.67 -1.68
C ILE G 66 -32.42 -20.23 -3.13
N ASN G 67 -33.33 -19.40 -3.62
CA ASN G 67 -33.38 -19.06 -5.03
C ASN G 67 -32.31 -18.03 -5.36
N LYS G 68 -31.31 -18.43 -6.13
CA LYS G 68 -30.19 -17.56 -6.48
C LYS G 68 -30.05 -17.37 -7.98
N VAL G 69 -30.92 -17.96 -8.80
CA VAL G 69 -30.79 -17.84 -10.24
C VAL G 69 -31.68 -16.77 -10.84
N ALA G 70 -32.47 -16.08 -10.03
CA ALA G 70 -33.42 -15.11 -10.56
C ALA G 70 -32.89 -13.69 -10.61
N THR G 71 -31.77 -13.40 -9.94
CA THR G 71 -31.30 -12.02 -9.87
C THR G 71 -30.86 -11.50 -11.23
N GLU G 72 -30.08 -12.29 -11.96
CA GLU G 72 -29.63 -11.85 -13.28
C GLU G 72 -30.80 -11.74 -14.26
N LEU G 73 -31.77 -12.65 -14.14
CA LEU G 73 -32.97 -12.55 -14.97
C LEU G 73 -33.72 -11.26 -14.70
N ASN G 74 -33.86 -10.89 -13.43
CA ASN G 74 -34.51 -9.63 -13.11
C ASN G 74 -33.73 -8.45 -13.66
N ARG G 75 -32.40 -8.52 -13.61
CA ARG G 75 -31.59 -7.46 -14.19
C ARG G 75 -31.84 -7.32 -15.68
N ILE G 76 -31.91 -8.44 -16.40
CA ILE G 76 -32.17 -8.39 -17.84
C ILE G 76 -33.54 -7.79 -18.12
N ILE G 77 -34.56 -8.20 -17.35
CA ILE G 77 -35.90 -7.69 -17.61
C ILE G 77 -35.98 -6.19 -17.32
N ALA G 78 -35.34 -5.74 -16.25
CA ALA G 78 -35.30 -4.31 -15.97
C ALA G 78 -34.59 -3.54 -17.07
N GLU G 79 -33.55 -4.14 -17.67
CA GLU G 79 -32.88 -3.49 -18.78
C GLU G 79 -33.81 -3.19 -19.94
N TYR G 80 -34.70 -4.11 -20.27
CA TYR G 80 -35.65 -3.84 -21.35
C TYR G 80 -36.75 -2.89 -20.90
N ARG G 81 -37.28 -3.05 -19.71
CA ARG G 81 -38.36 -2.17 -19.28
C ARG G 81 -37.90 -0.73 -19.14
N ASN G 82 -36.59 -0.50 -19.02
CA ASN G 82 -36.09 0.86 -19.03
C ASN G 82 -36.12 1.48 -20.43
N ASN G 83 -35.81 0.69 -21.45
CA ASN G 83 -35.73 1.17 -22.83
C ASN G 83 -36.54 0.22 -23.70
N ARG G 84 -37.74 0.66 -24.14
CA ARG G 84 -38.74 -0.30 -24.58
C ARG G 84 -38.74 -0.58 -26.08
N ILE G 85 -38.34 0.37 -26.93
CA ILE G 85 -38.21 0.27 -28.40
C ILE G 85 -39.49 -0.17 -29.12
N THR G 86 -39.73 0.41 -30.29
CA THR G 86 -40.93 0.11 -31.08
C THR G 86 -40.59 0.31 -32.56
N VAL G 87 -41.63 0.30 -33.40
CA VAL G 87 -41.48 0.38 -34.85
C VAL G 87 -41.27 1.82 -35.28
N LYS G 88 -40.58 2.02 -36.42
CA LYS G 88 -40.12 3.34 -36.82
C LYS G 88 -40.68 3.84 -38.15
N PHE G 89 -40.66 3.03 -39.21
CA PHE G 89 -41.11 3.45 -40.54
C PHE G 89 -40.30 4.61 -41.10
N ARG G 90 -39.04 4.30 -41.42
CA ARG G 90 -38.16 5.28 -42.02
C ARG G 90 -38.65 5.68 -43.42
N PRO G 91 -38.36 6.91 -43.85
CA PRO G 91 -38.78 7.34 -45.20
C PRO G 91 -37.85 6.87 -46.30
N GLY G 92 -38.11 7.31 -47.52
CA GLY G 92 -37.27 6.99 -48.65
C GLY G 92 -36.82 8.23 -49.39
N ASP G 93 -36.40 8.07 -50.64
CA ASP G 93 -35.94 9.18 -51.48
C ASP G 93 -37.03 9.44 -52.52
N ARG G 94 -37.98 10.30 -52.16
CA ARG G 94 -39.10 10.61 -53.03
C ARG G 94 -39.69 11.93 -52.57
N GLU G 95 -40.53 12.50 -53.43
CA GLU G 95 -41.08 13.82 -53.14
C GLU G 95 -42.00 13.81 -51.93
N ALA G 96 -42.78 12.74 -51.75
CA ALA G 96 -43.82 12.73 -50.74
C ALA G 96 -43.65 11.66 -49.66
N SER G 97 -42.52 10.96 -49.64
CA SER G 97 -42.36 9.88 -48.68
C SER G 97 -42.27 10.37 -47.24
N GLU G 98 -41.88 11.62 -47.02
CA GLU G 98 -41.78 12.14 -45.66
C GLU G 98 -43.13 12.18 -44.98
N GLU G 99 -44.12 12.78 -45.65
CA GLU G 99 -45.46 12.84 -45.09
C GLU G 99 -46.06 11.46 -44.95
N LEU G 100 -45.77 10.57 -45.90
CA LEU G 100 -46.26 9.20 -45.82
C LEU G 100 -45.75 8.52 -44.57
N ALA G 101 -44.44 8.63 -44.30
CA ALA G 101 -43.87 8.02 -43.10
C ALA G 101 -44.47 8.63 -41.84
N ASN G 102 -44.64 9.96 -41.82
CA ASN G 102 -45.22 10.60 -40.65
C ASN G 102 -46.62 10.07 -40.38
N LYS G 103 -47.45 10.00 -41.40
CA LYS G 103 -48.82 9.50 -41.23
C LYS G 103 -48.81 8.05 -40.77
N LEU G 104 -47.96 7.22 -41.36
CA LEU G 104 -47.97 5.80 -41.02
C LEU G 104 -47.55 5.57 -39.58
N ASN G 105 -46.47 6.20 -39.14
CA ASN G 105 -46.06 5.91 -37.77
C ASN G 105 -46.75 6.81 -36.75
N GLY G 106 -47.67 7.67 -37.18
CA GLY G 106 -48.66 8.19 -36.25
C GLY G 106 -49.83 7.23 -36.07
N LEU G 107 -50.29 6.63 -37.17
CA LEU G 107 -51.35 5.63 -37.07
C LEU G 107 -50.92 4.44 -36.23
N PHE G 108 -49.68 3.98 -36.41
CA PHE G 108 -49.21 2.84 -35.62
C PHE G 108 -49.17 3.19 -34.14
N ARG G 109 -48.72 4.39 -33.80
CA ARG G 109 -48.71 4.79 -32.39
C ARG G 109 -50.12 4.83 -31.83
N ALA G 110 -51.08 5.33 -32.61
CA ALA G 110 -52.46 5.32 -32.14
C ALA G 110 -52.94 3.91 -31.86
N ASP G 111 -52.64 2.97 -32.76
CA ASP G 111 -53.07 1.59 -32.54
C ASP G 111 -52.38 0.94 -31.35
N TYR G 112 -51.11 1.27 -31.13
CA TYR G 112 -50.35 0.64 -30.05
C TYR G 112 -50.75 1.19 -28.69
N GLU G 113 -51.10 2.47 -28.61
CA GLU G 113 -51.44 3.08 -27.33
C GLU G 113 -52.84 2.74 -26.87
N GLU G 114 -53.82 2.80 -27.77
CA GLU G 114 -55.21 2.63 -27.40
C GLU G 114 -55.65 1.17 -27.33
N THR G 115 -54.70 0.24 -27.34
CA THR G 115 -54.98 -1.18 -27.16
C THR G 115 -53.87 -1.75 -26.28
N ASP G 116 -53.71 -3.07 -26.26
CA ASP G 116 -52.88 -3.73 -25.27
C ASP G 116 -51.47 -3.96 -25.79
N GLY G 117 -50.92 -3.00 -26.53
CA GLY G 117 -49.59 -3.17 -27.08
C GLY G 117 -48.50 -3.30 -26.02
N GLY G 118 -48.52 -2.43 -25.02
CA GLY G 118 -47.46 -2.46 -24.02
C GLY G 118 -47.47 -3.74 -23.21
N GLU G 119 -48.66 -4.16 -22.77
CA GLU G 119 -48.77 -5.41 -22.06
C GLU G 119 -48.32 -6.59 -22.90
N ALA G 120 -48.70 -6.61 -24.18
CA ALA G 120 -48.29 -7.71 -25.05
C ALA G 120 -46.78 -7.79 -25.19
N CYS G 121 -46.13 -6.65 -25.43
CA CYS G 121 -44.68 -6.66 -25.59
C CYS G 121 -43.98 -7.06 -24.31
N ASP G 122 -44.43 -6.53 -23.16
CA ASP G 122 -43.79 -6.89 -21.91
C ASP G 122 -43.94 -8.38 -21.61
N ASN G 123 -45.14 -8.92 -21.80
CA ASN G 123 -45.36 -10.34 -21.54
C ASN G 123 -44.49 -11.19 -22.45
N ALA G 124 -44.44 -10.83 -23.74
CA ALA G 124 -43.63 -11.60 -24.68
C ALA G 124 -42.18 -11.59 -24.29
N PHE G 125 -41.64 -10.42 -23.91
CA PHE G 125 -40.23 -10.37 -23.55
C PHE G 125 -39.94 -11.14 -22.27
N ASP G 126 -40.83 -11.05 -21.28
CA ASP G 126 -40.60 -11.81 -20.05
C ASP G 126 -40.56 -13.30 -20.34
N ASP G 127 -41.51 -13.80 -21.13
CA ASP G 127 -41.55 -15.22 -21.44
C ASP G 127 -40.32 -15.63 -22.26
N ALA G 128 -39.91 -14.80 -23.21
CA ALA G 128 -38.76 -15.13 -24.03
C ALA G 128 -37.49 -15.18 -23.20
N ALA G 129 -37.31 -14.26 -22.27
CA ALA G 129 -36.11 -14.26 -21.45
C ALA G 129 -36.11 -15.34 -20.39
N THR G 130 -37.27 -15.75 -19.89
CA THR G 130 -37.30 -16.77 -18.85
C THR G 130 -37.19 -18.18 -19.43
N GLY G 131 -38.13 -18.58 -20.27
CA GLY G 131 -38.14 -19.92 -20.80
C GLY G 131 -37.42 -20.05 -22.12
N GLY G 132 -37.68 -19.12 -23.03
CA GLY G 132 -37.02 -19.14 -24.31
C GLY G 132 -37.94 -18.90 -25.49
N PHE G 133 -39.24 -18.87 -25.24
CA PHE G 133 -40.21 -18.69 -26.32
C PHE G 133 -41.32 -17.75 -25.85
N GLY G 134 -41.59 -16.72 -26.65
CA GLY G 134 -42.71 -15.83 -26.39
C GLY G 134 -43.39 -15.49 -27.69
N CYS G 135 -44.59 -14.92 -27.58
CA CYS G 135 -45.38 -14.64 -28.76
C CYS G 135 -46.42 -13.57 -28.43
N PHE G 136 -46.91 -12.90 -29.47
CA PHE G 136 -48.06 -12.02 -29.32
C PHE G 136 -48.81 -11.94 -30.64
N ARG G 137 -50.04 -11.45 -30.58
CA ARG G 137 -50.99 -11.54 -31.69
C ARG G 137 -51.32 -10.16 -32.21
N LEU G 138 -51.79 -10.11 -33.45
CA LEU G 138 -52.14 -8.87 -34.13
C LEU G 138 -53.47 -9.09 -34.84
N THR G 139 -54.56 -8.64 -34.22
CA THR G 139 -55.91 -8.89 -34.73
C THR G 139 -56.53 -7.60 -35.24
N SER G 140 -57.78 -7.70 -35.70
CA SER G 140 -58.53 -6.56 -36.20
C SER G 140 -59.91 -6.56 -35.55
N MET G 141 -60.15 -5.60 -34.67
CA MET G 141 -61.38 -5.52 -33.90
C MET G 141 -62.30 -4.45 -34.46
N LEU G 142 -63.59 -4.60 -34.19
CA LEU G 142 -64.63 -3.74 -34.76
C LEU G 142 -65.02 -2.67 -33.76
N VAL G 143 -64.55 -1.45 -34.00
CA VAL G 143 -64.99 -0.27 -33.24
C VAL G 143 -65.10 0.92 -34.18
N ARG G 152 -64.75 2.60 -38.49
CA ARG G 152 -65.51 1.57 -37.79
C ARG G 152 -64.80 0.22 -37.84
N GLN G 153 -63.53 0.25 -38.23
CA GLN G 153 -62.66 -0.91 -38.16
C GLN G 153 -61.31 -0.48 -37.60
N ARG G 154 -60.60 -1.42 -37.01
CA ARG G 154 -59.38 -1.08 -36.29
C ARG G 154 -58.46 -2.28 -36.26
N ILE G 155 -57.16 -2.01 -36.18
CA ILE G 155 -56.15 -3.03 -35.93
C ILE G 155 -55.76 -2.96 -34.47
N ALA G 156 -55.73 -4.11 -33.80
CA ALA G 156 -55.42 -4.16 -32.37
C ALA G 156 -54.30 -5.15 -32.12
N ILE G 157 -53.52 -4.88 -31.07
CA ILE G 157 -52.41 -5.73 -30.68
C ILE G 157 -52.76 -6.37 -29.35
N GLU G 158 -52.66 -7.69 -29.27
CA GLU G 158 -53.14 -8.44 -28.12
C GLU G 158 -52.05 -9.37 -27.62
N PRO G 159 -52.04 -9.66 -26.31
CA PRO G 159 -51.06 -10.60 -25.77
C PRO G 159 -51.56 -12.04 -25.86
N ILE G 160 -50.59 -12.94 -25.80
CA ILE G 160 -50.84 -14.38 -25.77
C ILE G 160 -50.21 -14.94 -24.51
N TYR G 161 -51.00 -15.67 -23.74
CA TYR G 161 -50.56 -16.21 -22.45
C TYR G 161 -50.25 -17.69 -22.58
N ASP G 162 -49.15 -18.11 -21.97
CA ASP G 162 -48.61 -19.46 -22.05
C ASP G 162 -48.27 -19.84 -23.48
N PRO G 163 -47.36 -19.12 -24.13
CA PRO G 163 -47.04 -19.45 -25.53
C PRO G 163 -46.43 -20.83 -25.69
N SER G 164 -45.71 -21.33 -24.69
CA SER G 164 -45.01 -22.60 -24.86
C SER G 164 -45.98 -23.74 -25.14
N ARG G 165 -47.14 -23.73 -24.51
CA ARG G 165 -48.12 -24.79 -24.65
C ARG G 165 -49.36 -24.35 -25.41
N SER G 166 -49.29 -23.26 -26.16
CA SER G 166 -50.45 -22.73 -26.85
C SER G 166 -50.25 -22.52 -28.34
N VAL G 167 -49.06 -22.19 -28.80
CA VAL G 167 -48.82 -21.84 -30.19
C VAL G 167 -48.05 -22.96 -30.87
N TRP G 168 -48.60 -23.48 -31.97
CA TRP G 168 -47.97 -24.55 -32.73
C TRP G 168 -48.02 -24.20 -34.21
N PHE G 169 -46.88 -24.31 -34.88
CA PHE G 169 -46.74 -23.90 -36.27
C PHE G 169 -46.59 -25.11 -37.19
N ASP G 170 -46.66 -24.83 -38.48
CA ASP G 170 -46.37 -25.82 -39.50
C ASP G 170 -44.94 -26.33 -39.34
N PRO G 171 -44.73 -27.65 -39.25
CA PRO G 171 -43.37 -28.15 -39.03
C PRO G 171 -42.47 -27.99 -40.23
N ASP G 172 -42.97 -27.38 -41.31
CA ASP G 172 -42.18 -27.13 -42.49
C ASP G 172 -41.63 -25.72 -42.56
N ALA G 173 -41.95 -24.87 -41.59
CA ALA G 173 -41.40 -23.53 -41.55
C ALA G 173 -40.09 -23.53 -40.77
N LYS G 174 -39.08 -22.88 -41.31
CA LYS G 174 -37.75 -22.93 -40.72
C LYS G 174 -37.19 -21.57 -40.37
N LYS G 175 -37.77 -20.49 -40.87
CA LYS G 175 -37.19 -19.18 -40.65
C LYS G 175 -37.52 -18.67 -39.24
N TYR G 176 -36.83 -17.61 -38.85
CA TYR G 176 -37.02 -17.05 -37.51
C TYR G 176 -38.44 -16.58 -37.32
N ASP G 177 -39.00 -15.89 -38.30
CA ASP G 177 -40.32 -15.28 -38.20
C ASP G 177 -41.43 -16.19 -38.73
N LYS G 178 -41.11 -17.39 -39.16
CA LYS G 178 -42.11 -18.34 -39.66
C LYS G 178 -42.88 -17.75 -40.84
N SER G 179 -42.17 -17.04 -41.71
CA SER G 179 -42.80 -16.49 -42.89
C SER G 179 -43.33 -17.57 -43.81
N ASP G 180 -42.59 -18.66 -43.96
CA ASP G 180 -42.92 -19.74 -44.88
C ASP G 180 -43.78 -20.81 -44.22
N ALA G 181 -44.83 -20.40 -43.53
CA ALA G 181 -45.74 -21.32 -42.87
C ALA G 181 -47.12 -21.20 -43.49
N LEU G 182 -47.84 -22.31 -43.52
CA LEU G 182 -49.14 -22.36 -44.15
C LEU G 182 -50.30 -22.59 -43.20
N TRP G 183 -50.04 -22.92 -41.94
CA TRP G 183 -51.10 -23.00 -40.95
C TRP G 183 -50.48 -22.92 -39.56
N ALA G 184 -51.33 -22.61 -38.59
CA ALA G 184 -50.88 -22.52 -37.21
C ALA G 184 -52.08 -22.66 -36.28
N PHE G 185 -51.79 -22.91 -35.01
CA PHE G 185 -52.80 -23.10 -33.98
C PHE G 185 -52.54 -22.14 -32.83
N CYS G 186 -53.60 -21.75 -32.14
CA CYS G 186 -53.48 -20.89 -30.96
C CYS G 186 -54.52 -21.35 -29.94
N MET G 187 -54.08 -22.13 -28.97
CA MET G 187 -54.97 -22.66 -27.94
C MET G 187 -55.14 -21.66 -26.81
N TYR G 188 -56.32 -21.69 -26.19
CA TYR G 188 -56.58 -20.94 -24.98
C TYR G 188 -57.64 -21.65 -24.16
N SER G 189 -57.54 -21.51 -22.84
CA SER G 189 -58.44 -22.16 -21.91
C SER G 189 -59.69 -21.32 -21.68
N LEU G 190 -60.73 -21.96 -21.18
CA LEU G 190 -62.05 -21.37 -21.09
C LEU G 190 -62.79 -22.00 -19.93
N SER G 191 -63.84 -21.32 -19.47
CA SER G 191 -64.67 -21.83 -18.39
C SER G 191 -66.00 -22.33 -18.94
N PRO G 192 -66.59 -23.34 -18.29
CA PRO G 192 -67.86 -23.90 -18.81
C PRO G 192 -68.97 -22.87 -18.93
N GLU G 193 -69.04 -21.94 -17.99
CA GLU G 193 -70.05 -20.90 -18.06
C GLU G 193 -69.83 -19.94 -19.21
N LYS G 194 -68.60 -19.53 -19.46
CA LYS G 194 -68.32 -18.71 -20.63
C LYS G 194 -68.52 -19.48 -21.92
N TYR G 195 -68.30 -20.79 -21.92
CA TYR G 195 -68.67 -21.62 -23.06
C TYR G 195 -70.17 -21.68 -23.24
N GLU G 196 -70.94 -21.54 -22.16
CA GLU G 196 -72.39 -21.45 -22.31
C GLU G 196 -72.82 -20.09 -22.82
N ALA G 197 -72.07 -19.04 -22.50
CA ALA G 197 -72.47 -17.69 -22.91
C ALA G 197 -72.60 -17.58 -24.42
N GLU G 198 -71.50 -17.75 -25.14
CA GLU G 198 -71.54 -17.87 -26.58
C GLU G 198 -71.32 -19.33 -26.95
N TYR G 199 -71.48 -19.65 -28.24
CA TYR G 199 -71.42 -21.03 -28.72
C TYR G 199 -72.62 -21.83 -28.24
N GLY G 200 -73.58 -21.15 -27.62
CA GLY G 200 -74.86 -21.75 -27.33
C GLY G 200 -74.79 -22.81 -26.25
N LYS G 201 -75.93 -23.47 -26.04
CA LYS G 201 -76.04 -24.53 -25.05
C LYS G 201 -75.05 -25.64 -25.36
N LYS G 202 -75.14 -26.19 -26.58
CA LYS G 202 -74.16 -27.11 -27.15
C LYS G 202 -74.12 -28.41 -26.36
N PRO G 203 -73.55 -29.48 -26.91
CA PRO G 203 -73.20 -30.63 -26.10
C PRO G 203 -72.26 -30.25 -24.96
N PRO G 204 -72.00 -31.15 -24.03
CA PRO G 204 -71.25 -30.78 -22.82
C PRO G 204 -69.77 -30.50 -23.04
N THR G 205 -69.38 -30.24 -24.30
CA THR G 205 -68.07 -29.75 -24.73
C THR G 205 -67.08 -30.89 -24.90
N SER G 206 -66.19 -30.78 -25.88
CA SER G 206 -65.11 -31.73 -26.08
C SER G 206 -63.82 -30.94 -26.26
N LEU G 207 -63.03 -30.84 -25.20
CA LEU G 207 -61.81 -30.04 -25.25
C LEU G 207 -60.70 -30.77 -25.98
N ASP G 208 -59.69 -30.01 -26.40
CA ASP G 208 -58.50 -30.57 -27.01
C ASP G 208 -57.64 -31.27 -25.97
N VAL G 209 -56.67 -32.06 -26.45
CA VAL G 209 -55.79 -32.83 -25.59
C VAL G 209 -54.35 -32.63 -26.06
N THR G 210 -53.44 -32.43 -25.11
CA THR G 210 -52.00 -32.38 -25.37
C THR G 210 -51.20 -33.39 -24.56
N SER G 211 -51.71 -33.79 -23.40
CA SER G 211 -50.94 -34.63 -22.46
C SER G 211 -49.60 -33.95 -22.14
N MET G 212 -49.66 -32.64 -21.91
CA MET G 212 -48.49 -31.79 -21.84
C MET G 212 -48.12 -31.40 -20.42
N THR G 213 -49.01 -30.69 -19.72
CA THR G 213 -48.73 -30.16 -18.41
C THR G 213 -49.29 -31.07 -17.31
N SER G 214 -49.34 -30.54 -16.09
CA SER G 214 -49.55 -31.30 -14.85
C SER G 214 -48.34 -32.19 -14.59
N TRP G 215 -47.34 -32.07 -15.44
CA TRP G 215 -46.10 -32.81 -15.27
C TRP G 215 -45.37 -32.21 -14.07
N GLU G 216 -45.44 -32.91 -12.93
CA GLU G 216 -44.97 -32.41 -11.65
C GLU G 216 -45.77 -31.18 -11.22
N TYR G 217 -47.07 -31.36 -10.97
CA TYR G 217 -47.97 -30.30 -10.56
C TYR G 217 -49.33 -30.86 -10.14
N ASN G 218 -50.06 -30.12 -9.31
CA ASN G 218 -51.35 -30.54 -8.80
C ASN G 218 -52.49 -29.84 -9.54
N TRP G 219 -53.47 -30.64 -9.96
CA TRP G 219 -54.66 -30.10 -10.61
C TRP G 219 -55.85 -30.24 -9.67
N PHE G 220 -56.68 -29.20 -9.66
CA PHE G 220 -57.87 -29.14 -8.83
C PHE G 220 -59.05 -28.60 -9.64
N GLY G 221 -58.75 -27.96 -10.76
CA GLY G 221 -59.77 -27.27 -11.52
C GLY G 221 -60.26 -28.05 -12.73
N ALA G 222 -61.57 -28.30 -12.78
CA ALA G 222 -62.17 -28.98 -13.91
C ALA G 222 -62.64 -27.96 -14.94
N ASP G 223 -62.34 -26.69 -14.71
CA ASP G 223 -62.70 -25.62 -15.63
C ASP G 223 -61.63 -25.52 -16.71
N VAL G 224 -61.61 -26.56 -17.54
CA VAL G 224 -60.52 -26.75 -18.49
C VAL G 224 -60.86 -26.21 -19.88
N ILE G 225 -61.92 -26.73 -20.50
CA ILE G 225 -62.34 -26.47 -21.88
C ILE G 225 -61.27 -25.77 -22.71
N TYR G 226 -60.44 -26.54 -23.40
CA TYR G 226 -59.37 -25.99 -24.22
C TYR G 226 -59.87 -25.81 -25.65
N ILE G 227 -59.86 -24.57 -26.12
CA ILE G 227 -60.31 -24.23 -27.46
C ILE G 227 -59.10 -23.73 -28.24
N ALA G 228 -59.16 -23.86 -29.57
CA ALA G 228 -58.05 -23.43 -30.41
C ALA G 228 -58.55 -22.64 -31.59
N LYS G 229 -57.70 -21.73 -32.08
CA LYS G 229 -57.95 -21.01 -33.31
C LYS G 229 -57.04 -21.56 -34.40
N TYR G 230 -57.59 -21.67 -35.62
CA TYR G 230 -56.89 -22.30 -36.72
C TYR G 230 -56.75 -21.31 -37.87
N TYR G 231 -55.54 -21.17 -38.39
CA TYR G 231 -55.23 -20.21 -39.45
C TYR G 231 -54.86 -20.98 -40.71
N GLU G 232 -55.49 -20.62 -41.82
CA GLU G 232 -55.24 -21.22 -43.12
C GLU G 232 -54.78 -20.13 -44.08
N VAL G 233 -53.89 -20.48 -45.00
CA VAL G 233 -53.55 -19.60 -46.11
C VAL G 233 -53.87 -20.34 -47.41
N ARG G 234 -54.66 -19.71 -48.27
CA ARG G 234 -55.10 -20.31 -49.51
C ARG G 234 -54.80 -19.37 -50.66
N LYS G 235 -54.71 -19.93 -51.86
CA LYS G 235 -54.49 -19.09 -53.04
C LYS G 235 -55.79 -18.50 -53.56
N GLU G 236 -56.71 -19.36 -53.99
CA GLU G 236 -58.02 -18.92 -54.50
C GLU G 236 -57.90 -18.03 -55.72
N SER G 237 -59.03 -17.79 -56.39
CA SER G 237 -59.10 -16.91 -57.55
C SER G 237 -60.08 -15.79 -57.26
N VAL G 238 -59.65 -14.56 -57.47
CA VAL G 238 -60.46 -13.38 -57.22
C VAL G 238 -60.46 -12.53 -58.48
N ASP G 239 -61.61 -11.97 -58.81
CA ASP G 239 -61.79 -11.20 -60.04
C ASP G 239 -61.63 -9.72 -59.73
N VAL G 240 -60.64 -9.09 -60.34
CA VAL G 240 -60.48 -7.64 -60.24
C VAL G 240 -61.31 -7.00 -61.34
N ILE G 241 -62.26 -6.16 -60.93
CA ILE G 241 -63.31 -5.66 -61.80
C ILE G 241 -63.24 -4.14 -61.88
N SER G 242 -62.01 -3.64 -62.01
CA SER G 242 -61.62 -2.22 -62.00
C SER G 242 -62.63 -1.21 -62.53
N TYR G 243 -62.92 -0.20 -61.71
CA TYR G 243 -63.61 1.02 -62.15
C TYR G 243 -62.59 2.11 -62.44
N ARG G 244 -61.83 1.94 -63.52
CA ARG G 244 -60.89 2.97 -63.92
C ARG G 244 -61.70 4.13 -64.50
N HIS G 245 -62.11 5.05 -63.64
CA HIS G 245 -62.95 6.16 -64.08
C HIS G 245 -62.06 7.26 -64.64
N PRO G 246 -62.23 7.64 -65.92
CA PRO G 246 -61.27 8.56 -66.55
C PRO G 246 -61.11 9.90 -65.86
N ILE G 247 -62.19 10.45 -65.32
CA ILE G 247 -62.11 11.77 -64.69
C ILE G 247 -61.41 11.65 -63.33
N THR G 248 -61.02 12.81 -62.78
CA THR G 248 -60.17 12.94 -61.60
C THR G 248 -59.09 11.86 -61.59
N GLY G 249 -58.39 11.75 -62.71
CA GLY G 249 -57.34 10.76 -62.87
C GLY G 249 -57.87 9.34 -62.83
N GLU G 250 -57.55 8.63 -61.76
CA GLU G 250 -58.07 7.28 -61.51
C GLU G 250 -57.71 6.33 -62.67
N ILE G 251 -56.42 6.11 -62.82
CA ILE G 251 -55.86 5.19 -63.81
C ILE G 251 -55.51 3.89 -63.11
N ALA G 252 -55.81 2.76 -63.75
CA ALA G 252 -55.43 1.44 -63.24
C ALA G 252 -56.01 1.21 -61.84
N THR G 253 -57.34 1.19 -61.80
CA THR G 253 -58.10 1.14 -60.57
C THR G 253 -58.25 -0.32 -60.10
N TYR G 254 -58.77 -0.48 -58.89
CA TYR G 254 -58.72 -1.73 -58.14
C TYR G 254 -59.94 -2.62 -58.26
N ASP G 255 -61.02 -2.18 -57.64
CA ASP G 255 -62.30 -2.84 -57.47
C ASP G 255 -62.17 -4.36 -57.37
N SER G 256 -61.49 -4.86 -56.34
CA SER G 256 -61.55 -6.29 -56.09
C SER G 256 -63.00 -6.72 -55.85
N ASP G 257 -63.21 -8.03 -55.87
CA ASP G 257 -64.58 -8.57 -55.83
C ASP G 257 -65.32 -8.16 -54.57
N GLN G 258 -64.63 -8.20 -53.42
CA GLN G 258 -65.24 -7.88 -52.13
C GLN G 258 -65.56 -6.40 -51.97
N VAL G 259 -65.33 -5.58 -52.98
CA VAL G 259 -65.60 -4.15 -52.86
C VAL G 259 -67.01 -3.80 -53.31
N GLU G 260 -67.42 -4.28 -54.48
CA GLU G 260 -68.69 -3.87 -55.07
C GLU G 260 -69.87 -4.27 -54.18
N ASP G 261 -69.84 -5.48 -53.63
CA ASP G 261 -70.96 -5.95 -52.82
C ASP G 261 -71.18 -5.06 -51.61
N ILE G 262 -70.12 -4.68 -50.92
CA ILE G 262 -70.24 -3.76 -49.79
C ILE G 262 -70.43 -2.32 -50.27
N GLU G 263 -69.63 -1.89 -51.25
CA GLU G 263 -69.67 -0.52 -51.75
C GLU G 263 -70.75 -0.46 -52.83
N ASP G 264 -71.95 -0.07 -52.42
CA ASP G 264 -73.08 0.12 -53.32
C ASP G 264 -73.41 1.61 -53.34
N GLU G 265 -72.66 2.35 -54.15
CA GLU G 265 -72.96 3.75 -54.42
C GLU G 265 -73.81 3.92 -55.66
N LEU G 266 -74.21 2.81 -56.28
CA LEU G 266 -74.94 2.82 -57.56
C LEU G 266 -74.10 3.44 -58.68
N ALA G 267 -72.78 3.34 -58.56
CA ALA G 267 -71.84 3.75 -59.59
C ALA G 267 -72.08 5.18 -60.04
N ILE G 268 -72.00 6.10 -59.08
CA ILE G 268 -72.21 7.52 -59.38
C ILE G 268 -71.13 8.03 -60.32
N ALA G 269 -69.88 7.69 -60.04
CA ALA G 269 -68.74 8.17 -60.82
C ALA G 269 -67.79 7.01 -61.11
N GLY G 270 -68.32 5.90 -61.60
CA GLY G 270 -67.45 4.77 -61.85
C GLY G 270 -67.25 4.29 -63.28
N PHE G 271 -68.29 4.32 -64.12
CA PHE G 271 -68.27 3.62 -65.41
C PHE G 271 -67.97 2.14 -65.15
N HIS G 272 -67.70 1.35 -66.19
CA HIS G 272 -67.31 -0.04 -65.92
C HIS G 272 -66.03 -0.45 -66.62
N GLU G 273 -65.86 -0.05 -67.88
CA GLU G 273 -64.68 -0.37 -68.70
C GLU G 273 -64.21 -1.81 -68.48
N VAL G 274 -62.89 -2.02 -68.42
CA VAL G 274 -62.38 -3.39 -68.31
C VAL G 274 -62.59 -3.90 -66.89
N ALA G 275 -63.30 -5.03 -66.78
CA ALA G 275 -63.59 -5.62 -65.48
C ALA G 275 -63.54 -7.14 -65.55
N ARG G 276 -62.88 -7.69 -66.57
CA ARG G 276 -62.96 -9.13 -66.78
C ARG G 276 -61.58 -9.75 -66.72
N ARG G 277 -60.79 -9.34 -65.74
CA ARG G 277 -59.48 -9.92 -65.49
C ARG G 277 -59.50 -10.62 -64.14
N SER G 278 -59.22 -11.92 -64.14
CA SER G 278 -59.23 -12.73 -62.94
C SER G 278 -57.80 -13.08 -62.55
N VAL G 279 -57.46 -12.87 -61.29
CA VAL G 279 -56.09 -13.02 -60.81
C VAL G 279 -56.10 -13.96 -59.61
N LYS G 280 -55.00 -14.70 -59.43
CA LYS G 280 -54.79 -15.50 -58.23
C LYS G 280 -54.10 -14.64 -57.19
N ARG G 281 -54.69 -14.56 -56.00
CA ARG G 281 -54.14 -13.79 -54.90
C ARG G 281 -53.84 -14.74 -53.74
N ARG G 282 -53.55 -14.17 -52.58
CA ARG G 282 -53.22 -14.94 -51.39
C ARG G 282 -54.04 -14.41 -50.23
N ARG G 283 -54.87 -15.26 -49.63
CA ARG G 283 -55.73 -14.87 -48.53
C ARG G 283 -55.54 -15.79 -47.34
N VAL G 284 -56.00 -15.33 -46.18
CA VAL G 284 -55.86 -16.03 -44.91
C VAL G 284 -57.23 -16.18 -44.28
N TYR G 285 -57.52 -17.38 -43.77
CA TYR G 285 -58.78 -17.68 -43.13
C TYR G 285 -58.56 -18.07 -41.67
N VAL G 286 -59.52 -17.78 -40.83
CA VAL G 286 -59.44 -18.12 -39.41
C VAL G 286 -60.67 -18.91 -39.02
N SER G 287 -60.48 -19.83 -38.07
CA SER G 287 -61.53 -20.73 -37.64
C SER G 287 -61.34 -21.06 -36.18
N VAL G 288 -62.42 -21.44 -35.52
CA VAL G 288 -62.39 -21.86 -34.12
C VAL G 288 -62.90 -23.29 -34.05
N VAL G 289 -62.09 -24.19 -33.48
CA VAL G 289 -62.41 -25.60 -33.43
C VAL G 289 -62.18 -26.12 -32.02
N ASP G 290 -62.71 -27.31 -31.76
CA ASP G 290 -62.43 -28.04 -30.54
C ASP G 290 -62.30 -29.52 -30.90
N GLY G 291 -62.33 -30.38 -29.90
CA GLY G 291 -62.16 -31.80 -30.16
C GLY G 291 -63.32 -32.45 -30.86
N ASP G 292 -64.45 -31.77 -31.00
CA ASP G 292 -65.64 -32.33 -31.64
C ASP G 292 -65.88 -31.78 -33.04
N GLY G 293 -65.98 -30.46 -33.18
CA GLY G 293 -66.28 -29.88 -34.48
C GLY G 293 -65.95 -28.40 -34.58
N PHE G 294 -66.71 -27.67 -35.38
CA PHE G 294 -66.48 -26.26 -35.62
C PHE G 294 -67.35 -25.43 -34.69
N LEU G 295 -66.73 -24.67 -33.80
CA LEU G 295 -67.47 -23.67 -33.04
C LEU G 295 -67.78 -22.44 -33.88
N GLU G 296 -66.88 -22.07 -34.79
CA GLU G 296 -67.10 -20.96 -35.70
C GLU G 296 -66.58 -21.34 -37.08
N LYS G 297 -67.43 -21.17 -38.09
CA LYS G 297 -67.05 -21.55 -39.45
C LYS G 297 -65.99 -20.60 -39.99
N PRO G 298 -65.16 -21.05 -40.93
CA PRO G 298 -64.05 -20.22 -41.40
C PRO G 298 -64.51 -18.94 -42.07
N ARG G 299 -63.70 -17.91 -41.91
CA ARG G 299 -63.93 -16.62 -42.54
C ARG G 299 -62.58 -15.97 -42.81
N ARG G 300 -62.53 -15.09 -43.79
CA ARG G 300 -61.26 -14.49 -44.20
C ARG G 300 -60.98 -13.22 -43.40
N ILE G 301 -59.71 -13.05 -43.02
CA ILE G 301 -59.28 -11.91 -42.23
C ILE G 301 -58.53 -10.93 -43.11
N PRO G 302 -58.49 -9.64 -42.77
CA PRO G 302 -57.88 -8.64 -43.65
C PRO G 302 -56.36 -8.62 -43.62
N GLY G 303 -55.74 -9.43 -44.48
CA GLY G 303 -54.30 -9.42 -44.56
C GLY G 303 -53.79 -10.40 -45.59
N GLU G 304 -52.49 -10.63 -45.54
CA GLU G 304 -51.81 -11.60 -46.38
C GLU G 304 -50.92 -12.55 -45.59
N HIS G 305 -50.56 -12.20 -44.36
CA HIS G 305 -49.69 -12.99 -43.51
C HIS G 305 -50.46 -13.61 -42.35
N ILE G 306 -49.89 -14.66 -41.77
CA ILE G 306 -50.42 -15.18 -40.51
C ILE G 306 -50.11 -14.17 -39.40
N PRO G 307 -51.08 -13.75 -38.62
CA PRO G 307 -50.85 -12.64 -37.69
C PRO G 307 -50.19 -13.01 -36.37
N LEU G 308 -49.49 -14.12 -36.29
CA LEU G 308 -48.77 -14.51 -35.07
C LEU G 308 -47.31 -14.09 -35.18
N ILE G 309 -46.79 -13.48 -34.12
CA ILE G 309 -45.45 -12.93 -34.10
C ILE G 309 -44.65 -13.61 -33.00
N PRO G 310 -43.76 -14.55 -33.35
CA PRO G 310 -42.97 -15.22 -32.31
C PRO G 310 -41.80 -14.39 -31.83
N VAL G 311 -41.43 -14.61 -30.57
CA VAL G 311 -40.27 -13.96 -29.96
C VAL G 311 -39.44 -15.03 -29.26
N TYR G 312 -38.15 -15.08 -29.57
CA TYR G 312 -37.25 -16.08 -29.04
C TYR G 312 -36.12 -15.43 -28.26
N GLY G 313 -35.66 -16.11 -27.22
CA GLY G 313 -34.49 -15.66 -26.50
C GLY G 313 -33.23 -15.96 -27.28
N LYS G 314 -32.95 -17.24 -27.48
CA LYS G 314 -31.86 -17.69 -28.35
C LYS G 314 -32.38 -18.87 -29.15
N ARG G 315 -32.25 -18.83 -30.47
CA ARG G 315 -32.84 -19.84 -31.32
C ARG G 315 -31.83 -20.37 -32.32
N TRP G 316 -31.81 -21.69 -32.48
CA TRP G 316 -30.96 -22.37 -33.45
C TRP G 316 -31.73 -23.50 -34.10
N PHE G 317 -31.22 -23.95 -35.23
CA PHE G 317 -31.82 -25.04 -36.00
C PHE G 317 -30.76 -26.13 -36.15
N ILE G 318 -30.91 -27.23 -35.43
CA ILE G 318 -29.82 -28.19 -35.25
C ILE G 318 -30.03 -29.46 -36.08
N ASP G 319 -31.06 -30.24 -35.77
CA ASP G 319 -31.31 -31.48 -36.53
C ASP G 319 -32.78 -31.54 -36.89
N ASP G 320 -33.16 -30.86 -37.96
CA ASP G 320 -34.54 -30.78 -38.43
C ASP G 320 -35.50 -30.32 -37.33
N ILE G 321 -34.97 -29.78 -36.25
CA ILE G 321 -35.76 -29.38 -35.10
C ILE G 321 -35.25 -28.02 -34.62
N GLU G 322 -36.18 -27.10 -34.39
CA GLU G 322 -35.82 -25.79 -33.86
C GLU G 322 -35.63 -25.87 -32.36
N ARG G 323 -34.55 -25.29 -31.85
CA ARG G 323 -34.20 -25.37 -30.44
C ARG G 323 -34.03 -23.98 -29.86
N VAL G 324 -34.59 -23.77 -28.67
CA VAL G 324 -34.61 -22.46 -28.03
C VAL G 324 -34.01 -22.59 -26.64
N GLU G 325 -33.59 -21.45 -26.08
CA GLU G 325 -33.01 -21.43 -24.75
C GLU G 325 -33.20 -20.06 -24.12
N GLY G 326 -33.55 -20.05 -22.85
CA GLY G 326 -33.72 -18.82 -22.10
C GLY G 326 -32.46 -18.39 -21.39
N HIS G 327 -32.57 -18.05 -20.11
CA HIS G 327 -31.42 -17.60 -19.34
C HIS G 327 -31.24 -18.37 -18.04
N ILE G 328 -32.03 -19.43 -17.80
CA ILE G 328 -31.94 -20.18 -16.56
C ILE G 328 -31.80 -21.68 -16.78
N ALA G 329 -31.89 -22.16 -18.02
CA ALA G 329 -31.77 -23.59 -18.25
C ALA G 329 -30.38 -24.08 -17.87
N LYS G 330 -29.35 -23.30 -18.16
CA LYS G 330 -27.97 -23.75 -17.93
C LYS G 330 -27.62 -23.84 -16.46
N ALA G 331 -28.37 -23.18 -15.58
CA ALA G 331 -28.01 -23.09 -14.17
C ALA G 331 -28.86 -23.97 -13.27
N MET G 332 -29.60 -24.93 -13.84
CA MET G 332 -30.48 -25.74 -13.00
C MET G 332 -29.69 -26.73 -12.15
N ASP G 333 -28.68 -27.38 -12.72
CA ASP G 333 -27.96 -28.40 -11.96
C ASP G 333 -27.20 -27.83 -10.77
N PRO G 334 -26.35 -26.80 -10.92
CA PRO G 334 -25.70 -26.24 -9.72
C PRO G 334 -26.66 -25.74 -8.68
N GLN G 335 -27.78 -25.14 -9.09
CA GLN G 335 -28.73 -24.60 -8.12
C GLN G 335 -29.36 -25.72 -7.28
N ARG G 336 -29.85 -26.76 -7.95
CA ARG G 336 -30.53 -27.82 -7.22
C ARG G 336 -29.56 -28.76 -6.55
N LEU G 337 -28.25 -28.63 -6.81
CA LEU G 337 -27.27 -29.34 -6.01
C LEU G 337 -26.88 -28.53 -4.77
N TYR G 338 -26.85 -27.20 -4.90
CA TYR G 338 -26.64 -26.32 -3.76
C TYR G 338 -27.76 -26.47 -2.73
N ASN G 339 -29.01 -26.55 -3.20
CA ASN G 339 -30.12 -26.74 -2.28
C ASN G 339 -29.95 -28.02 -1.46
N LEU G 340 -29.57 -29.10 -2.13
CA LEU G 340 -29.36 -30.37 -1.43
C LEU G 340 -28.24 -30.26 -0.41
N GLN G 341 -27.15 -29.56 -0.77
CA GLN G 341 -26.06 -29.41 0.19
C GLN G 341 -26.52 -28.72 1.47
N VAL G 342 -27.24 -27.60 1.32
CA VAL G 342 -27.70 -26.89 2.51
C VAL G 342 -28.66 -27.75 3.31
N SER G 343 -29.60 -28.41 2.64
CA SER G 343 -30.58 -29.22 3.35
C SER G 343 -29.92 -30.36 4.12
N MET G 344 -28.90 -30.99 3.53
CA MET G 344 -28.21 -32.07 4.22
C MET G 344 -27.37 -31.57 5.38
N LEU G 345 -26.79 -30.37 5.26
CA LEU G 345 -26.02 -29.85 6.38
C LEU G 345 -26.90 -29.49 7.58
N ALA G 346 -28.11 -28.98 7.33
CA ALA G 346 -28.93 -28.47 8.42
C ALA G 346 -29.24 -29.55 9.47
N ASP G 347 -29.78 -30.69 9.04
CA ASP G 347 -30.17 -31.69 10.03
C ASP G 347 -28.98 -32.42 10.64
N THR G 348 -27.90 -32.61 9.89
CA THR G 348 -26.68 -33.14 10.47
C THR G 348 -26.19 -32.26 11.61
N ALA G 349 -26.24 -30.95 11.41
CA ALA G 349 -25.92 -30.04 12.51
C ALA G 349 -26.93 -30.19 13.64
N ALA G 350 -28.19 -30.43 13.30
CA ALA G 350 -29.24 -30.49 14.32
C ALA G 350 -29.24 -31.77 15.15
N GLN G 351 -28.56 -32.84 14.73
CA GLN G 351 -28.61 -34.04 15.58
C GLN G 351 -27.86 -33.91 16.90
N ASP G 352 -26.64 -33.40 16.89
CA ASP G 352 -25.77 -33.47 18.07
C ASP G 352 -25.24 -32.08 18.40
N PRO G 353 -26.00 -31.31 19.17
CA PRO G 353 -25.58 -29.92 19.44
C PRO G 353 -24.40 -29.80 20.39
N GLY G 354 -24.35 -30.62 21.44
CA GLY G 354 -23.31 -30.43 22.44
C GLY G 354 -22.62 -31.70 22.91
N GLN G 355 -22.12 -31.68 24.15
CA GLN G 355 -21.39 -32.79 24.73
C GLN G 355 -22.05 -33.23 26.02
N ILE G 356 -22.11 -34.54 26.24
CA ILE G 356 -22.70 -35.10 27.45
C ILE G 356 -21.72 -36.08 28.07
N PRO G 357 -21.47 -36.03 29.38
CA PRO G 357 -20.61 -37.04 29.99
C PRO G 357 -21.25 -38.42 29.98
N ILE G 358 -20.40 -39.45 29.96
CA ILE G 358 -20.82 -40.84 29.97
C ILE G 358 -20.26 -41.52 31.20
N VAL G 359 -21.12 -42.17 31.98
CA VAL G 359 -20.72 -42.83 33.22
C VAL G 359 -21.40 -44.18 33.30
N GLY G 360 -20.90 -45.03 34.19
CA GLY G 360 -21.57 -46.27 34.52
C GLY G 360 -22.66 -46.07 35.55
N MET G 361 -23.64 -46.99 35.56
CA MET G 361 -24.81 -46.80 36.41
C MET G 361 -24.44 -46.77 37.89
N GLU G 362 -23.58 -47.66 38.32
CA GLU G 362 -23.24 -47.76 39.73
C GLU G 362 -22.10 -46.82 40.13
N GLN G 363 -21.58 -46.05 39.18
CA GLN G 363 -20.57 -45.05 39.48
C GLN G 363 -21.18 -43.74 39.95
N ILE G 364 -22.49 -43.55 39.76
CA ILE G 364 -23.15 -42.29 40.07
C ILE G 364 -24.40 -42.45 40.91
N ARG G 365 -24.81 -43.68 41.20
CA ARG G 365 -26.05 -43.90 41.93
C ARG G 365 -25.98 -43.24 43.31
N GLY G 366 -27.03 -42.50 43.64
CA GLY G 366 -27.10 -41.78 44.89
C GLY G 366 -26.52 -40.39 44.87
N LEU G 367 -25.89 -39.98 43.76
CA LEU G 367 -25.28 -38.67 43.66
C LEU G 367 -25.83 -37.87 42.48
N GLU G 368 -27.01 -38.23 41.99
CA GLU G 368 -27.52 -37.59 40.77
C GLU G 368 -27.90 -36.14 41.01
N LYS G 369 -28.42 -35.82 42.19
CA LYS G 369 -28.90 -34.46 42.42
C LYS G 369 -27.78 -33.44 42.42
N HIS G 370 -26.55 -33.84 42.72
CA HIS G 370 -25.44 -32.90 42.67
C HIS G 370 -25.04 -32.59 41.24
N TRP G 371 -25.06 -33.60 40.37
CA TRP G 371 -24.76 -33.37 38.96
C TRP G 371 -25.90 -32.71 38.22
N GLU G 372 -27.14 -32.87 38.70
CA GLU G 372 -28.28 -32.28 38.02
C GLU G 372 -28.26 -30.76 38.10
N ALA G 373 -27.82 -30.21 39.23
CA ALA G 373 -27.87 -28.78 39.47
C ALA G 373 -26.49 -28.13 39.47
N ARG G 374 -25.57 -28.62 38.63
CA ARG G 374 -24.22 -28.07 38.66
C ARG G 374 -24.14 -26.70 38.01
N ASN G 375 -25.15 -26.28 37.28
CA ASN G 375 -25.11 -24.98 36.63
C ASN G 375 -25.90 -23.91 37.37
N LYS G 376 -26.79 -24.28 38.27
CA LYS G 376 -27.52 -23.32 39.09
C LYS G 376 -26.77 -23.00 40.38
N LYS G 377 -26.50 -24.03 41.18
CA LYS G 377 -25.74 -23.86 42.39
C LYS G 377 -24.27 -23.72 42.06
N ARG G 378 -23.47 -23.44 43.07
CA ARG G 378 -22.07 -23.20 42.78
C ARG G 378 -21.22 -24.15 43.61
N PRO G 379 -21.18 -25.43 43.26
CA PRO G 379 -20.51 -26.40 44.12
C PRO G 379 -19.01 -26.23 44.10
N ALA G 380 -18.41 -26.51 45.26
CA ALA G 380 -16.95 -26.46 45.35
C ALA G 380 -16.31 -27.65 44.64
N PHE G 381 -17.04 -28.74 44.51
CA PHE G 381 -16.55 -29.93 43.81
C PHE G 381 -17.74 -30.80 43.48
N LEU G 382 -17.49 -31.83 42.67
CA LEU G 382 -18.49 -32.81 42.32
C LEU G 382 -18.01 -34.20 42.70
N PRO G 383 -18.80 -34.99 43.41
CA PRO G 383 -18.36 -36.33 43.82
C PRO G 383 -18.67 -37.40 42.80
N LEU G 384 -17.82 -38.42 42.78
CA LEU G 384 -18.01 -39.58 41.93
C LEU G 384 -17.22 -40.74 42.50
N ARG G 385 -17.58 -41.95 42.11
CA ARG G 385 -16.92 -43.16 42.58
C ARG G 385 -16.00 -43.71 41.50
N GLU G 386 -15.21 -44.70 41.89
CA GLU G 386 -14.29 -45.36 40.99
C GLU G 386 -14.93 -46.61 40.39
N VAL G 387 -14.29 -47.14 39.35
CA VAL G 387 -14.78 -48.32 38.67
C VAL G 387 -14.14 -49.53 39.32
N ARG G 388 -14.96 -50.46 39.80
CA ARG G 388 -14.49 -51.65 40.46
C ARG G 388 -14.94 -52.90 39.71
N ASP G 389 -14.07 -53.89 39.68
CA ASP G 389 -14.36 -55.13 38.98
C ASP G 389 -15.20 -56.02 39.90
N LYS G 390 -15.39 -57.29 39.53
CA LYS G 390 -16.29 -58.16 40.26
C LYS G 390 -15.72 -58.60 41.61
N SER G 391 -14.42 -58.48 41.82
CA SER G 391 -13.82 -58.88 43.08
C SER G 391 -13.49 -57.70 43.99
N GLY G 392 -13.80 -56.47 43.58
CA GLY G 392 -13.63 -55.31 44.42
C GLY G 392 -12.38 -54.49 44.20
N ASN G 393 -11.60 -54.79 43.17
CA ASN G 393 -10.39 -54.04 42.88
C ASN G 393 -10.70 -52.82 42.02
N ILE G 394 -9.88 -51.78 42.17
CA ILE G 394 -10.05 -50.54 41.42
C ILE G 394 -9.28 -50.65 40.11
N ILE G 395 -9.96 -50.38 38.99
CA ILE G 395 -9.31 -50.49 37.69
C ILE G 395 -9.30 -49.15 36.96
N ALA G 396 -10.13 -48.20 37.41
CA ALA G 396 -10.22 -46.92 36.74
C ALA G 396 -10.51 -45.84 37.77
N GLY G 397 -10.22 -44.60 37.41
CA GLY G 397 -10.38 -43.47 38.31
C GLY G 397 -11.81 -42.98 38.37
N ALA G 398 -11.98 -41.87 39.09
CA ALA G 398 -13.29 -41.29 39.34
C ALA G 398 -13.76 -40.35 38.25
N THR G 399 -12.95 -40.11 37.23
CA THR G 399 -13.36 -39.24 36.14
C THR G 399 -14.40 -39.95 35.27
N PRO G 400 -15.25 -39.19 34.58
CA PRO G 400 -16.16 -39.82 33.61
C PRO G 400 -15.39 -40.53 32.51
N ALA G 401 -15.99 -41.59 31.98
CA ALA G 401 -15.32 -42.40 30.97
C ALA G 401 -15.04 -41.60 29.70
N GLY G 402 -15.98 -40.77 29.29
CA GLY G 402 -15.78 -40.01 28.06
C GLY G 402 -16.93 -39.06 27.82
N TYR G 403 -16.91 -38.43 26.65
CA TYR G 403 -17.93 -37.49 26.25
C TYR G 403 -18.39 -37.81 24.83
N THR G 404 -19.60 -37.39 24.51
CA THR G 404 -20.09 -37.56 23.15
C THR G 404 -19.49 -36.51 22.23
N GLN G 405 -19.61 -36.73 20.93
CA GLN G 405 -19.00 -35.86 19.94
C GLN G 405 -20.04 -34.91 19.36
N PRO G 406 -19.67 -33.69 19.04
CA PRO G 406 -20.58 -32.81 18.29
C PRO G 406 -20.42 -32.95 16.78
N ALA G 407 -21.23 -32.23 16.01
CA ALA G 407 -21.23 -32.36 14.56
C ALA G 407 -19.94 -31.81 13.95
N VAL G 408 -19.66 -32.20 12.70
CA VAL G 408 -18.34 -31.97 12.13
C VAL G 408 -18.30 -31.20 10.81
N MET G 409 -19.32 -31.33 9.96
CA MET G 409 -19.31 -30.73 8.61
C MET G 409 -18.13 -31.23 7.78
N ASN G 410 -18.25 -32.46 7.30
CA ASN G 410 -17.27 -33.05 6.40
C ASN G 410 -16.85 -32.09 5.29
N GLN G 411 -15.63 -32.32 4.77
CA GLN G 411 -14.96 -31.40 3.88
C GLN G 411 -15.58 -31.37 2.48
N ALA G 412 -16.08 -32.50 1.99
CA ALA G 412 -16.64 -32.55 0.65
C ALA G 412 -17.85 -31.64 0.53
N LEU G 413 -18.69 -31.60 1.57
CA LEU G 413 -19.85 -30.72 1.54
C LEU G 413 -19.45 -29.26 1.47
N ALA G 414 -18.42 -28.85 2.21
CA ALA G 414 -17.96 -27.47 2.15
C ALA G 414 -17.44 -27.13 0.76
N ALA G 415 -16.66 -28.04 0.18
CA ALA G 415 -16.15 -27.79 -1.17
C ALA G 415 -17.29 -27.67 -2.17
N LEU G 416 -18.31 -28.52 -2.07
CA LEU G 416 -19.44 -28.42 -2.98
C LEU G 416 -20.21 -27.13 -2.80
N LEU G 417 -20.40 -26.68 -1.55
CA LEU G 417 -21.07 -25.41 -1.33
C LEU G 417 -20.35 -24.29 -2.05
N GLN G 418 -19.04 -24.16 -1.83
CA GLN G 418 -18.30 -23.10 -2.48
C GLN G 418 -18.33 -23.22 -4.00
N GLN G 419 -18.11 -24.43 -4.51
CA GLN G 419 -18.02 -24.61 -5.96
C GLN G 419 -19.33 -24.29 -6.65
N THR G 420 -20.46 -24.78 -6.12
CA THR G 420 -21.74 -24.54 -6.76
C THR G 420 -22.15 -23.07 -6.65
N SER G 421 -21.90 -22.45 -5.49
CA SER G 421 -22.20 -21.03 -5.38
C SER G 421 -21.40 -20.21 -6.37
N ALA G 422 -20.12 -20.54 -6.57
CA ALA G 422 -19.33 -19.85 -7.57
C ALA G 422 -19.79 -20.14 -8.99
N ASP G 423 -20.23 -21.36 -9.29
CA ASP G 423 -20.61 -21.71 -10.65
C ASP G 423 -21.91 -21.06 -11.07
N ILE G 424 -22.83 -20.83 -10.13
CA ILE G 424 -24.07 -20.16 -10.51
C ILE G 424 -23.79 -18.77 -11.07
N GLN G 425 -22.88 -18.02 -10.45
CA GLN G 425 -22.55 -16.70 -10.97
C GLN G 425 -21.76 -16.76 -12.26
N GLU G 426 -21.00 -17.83 -12.49
CA GLU G 426 -20.22 -17.94 -13.72
C GLU G 426 -21.11 -18.24 -14.92
N VAL G 427 -22.06 -19.16 -14.76
CA VAL G 427 -22.89 -19.56 -15.89
C VAL G 427 -23.81 -18.43 -16.32
N THR G 428 -24.40 -17.72 -15.37
CA THR G 428 -25.35 -16.66 -15.65
C THR G 428 -24.63 -15.32 -15.64
N GLY G 429 -24.25 -14.83 -16.82
CA GLY G 429 -23.57 -13.57 -16.94
C GLY G 429 -22.27 -13.49 -16.17
N MET G 450 -18.56 -1.00 -27.82
CA MET G 450 -18.28 -2.29 -27.20
C MET G 450 -18.95 -2.40 -25.84
N ASN G 451 -19.49 -1.28 -25.35
CA ASN G 451 -20.16 -1.29 -24.05
C ASN G 451 -21.39 -2.20 -24.10
N ARG G 452 -22.19 -2.08 -25.15
CA ARG G 452 -23.42 -2.85 -25.22
C ARG G 452 -23.13 -4.34 -25.38
N ALA G 453 -22.15 -4.68 -26.21
CA ALA G 453 -21.89 -6.08 -26.51
C ALA G 453 -21.35 -6.83 -25.30
N ASP G 454 -20.76 -6.12 -24.34
CA ASP G 454 -20.25 -6.76 -23.13
C ASP G 454 -21.34 -7.19 -22.17
N MET G 455 -22.53 -6.64 -22.28
CA MET G 455 -23.59 -6.93 -21.34
C MET G 455 -24.28 -8.24 -21.71
N ALA G 456 -24.84 -8.90 -20.70
CA ALA G 456 -25.46 -10.20 -20.90
C ALA G 456 -26.85 -10.12 -21.49
N SER G 457 -27.41 -8.93 -21.61
CA SER G 457 -28.77 -8.77 -22.13
C SER G 457 -28.80 -8.36 -23.59
N PHE G 458 -27.66 -8.38 -24.29
CA PHE G 458 -27.63 -7.85 -25.64
C PHE G 458 -28.37 -8.74 -26.62
N ILE G 459 -28.19 -10.06 -26.50
CA ILE G 459 -28.76 -10.96 -27.50
C ILE G 459 -30.29 -10.97 -27.43
N TYR G 460 -30.85 -10.91 -26.23
CA TYR G 460 -32.30 -10.86 -26.10
C TYR G 460 -32.87 -9.58 -26.68
N LEU G 461 -32.24 -8.45 -26.39
CA LEU G 461 -32.69 -7.17 -26.91
C LEU G 461 -32.50 -7.06 -28.41
N ASP G 462 -31.54 -7.79 -28.97
CA ASP G 462 -31.38 -7.85 -30.42
C ASP G 462 -32.39 -8.75 -31.09
N ASN G 463 -32.75 -9.86 -30.48
CA ASN G 463 -33.79 -10.72 -31.03
C ASN G 463 -35.17 -10.10 -30.91
N MET G 464 -35.40 -9.21 -29.94
CA MET G 464 -36.67 -8.52 -29.88
C MET G 464 -36.88 -7.56 -31.04
N ALA G 465 -35.81 -6.89 -31.48
CA ALA G 465 -35.92 -5.94 -32.58
C ALA G 465 -36.35 -6.60 -33.88
N LYS G 466 -35.81 -7.77 -34.17
CA LYS G 466 -36.16 -8.44 -35.42
C LYS G 466 -37.52 -9.10 -35.36
N SER G 467 -38.08 -9.31 -34.17
CA SER G 467 -39.49 -9.64 -34.08
C SER G 467 -40.38 -8.43 -34.33
N LEU G 468 -40.00 -7.28 -33.77
CA LEU G 468 -40.76 -6.07 -34.03
C LEU G 468 -40.74 -5.67 -35.49
N LYS G 469 -39.65 -5.94 -36.20
CA LYS G 469 -39.62 -5.69 -37.63
C LYS G 469 -40.63 -6.52 -38.39
N ARG G 470 -40.80 -7.80 -38.03
CA ARG G 470 -41.82 -8.61 -38.66
C ARG G 470 -43.22 -8.14 -38.30
N ALA G 471 -43.41 -7.69 -37.06
CA ALA G 471 -44.69 -7.14 -36.66
C ALA G 471 -45.04 -5.92 -37.50
N GLY G 472 -44.06 -5.06 -37.77
CA GLY G 472 -44.31 -3.91 -38.63
C GLY G 472 -44.71 -4.30 -40.04
N GLU G 473 -44.06 -5.32 -40.60
CA GLU G 473 -44.43 -5.79 -41.93
C GLU G 473 -45.85 -6.33 -41.97
N VAL G 474 -46.23 -7.13 -40.98
CA VAL G 474 -47.59 -7.65 -40.94
C VAL G 474 -48.61 -6.53 -40.77
N TRP G 475 -48.36 -5.58 -39.87
CA TRP G 475 -49.25 -4.44 -39.71
C TRP G 475 -49.39 -3.64 -40.98
N LEU G 476 -48.29 -3.37 -41.68
CA LEU G 476 -48.35 -2.58 -42.89
C LEU G 476 -49.08 -3.30 -44.01
N SER G 477 -48.93 -4.62 -44.12
CA SER G 477 -49.68 -5.38 -45.10
C SER G 477 -51.17 -5.44 -44.78
N MET G 478 -51.51 -5.49 -43.50
CA MET G 478 -52.90 -5.58 -43.07
C MET G 478 -53.59 -4.22 -43.02
N ALA G 479 -52.83 -3.13 -42.87
CA ALA G 479 -53.43 -1.81 -42.75
C ALA G 479 -54.00 -1.29 -44.06
N ARG G 480 -53.53 -1.81 -45.20
CA ARG G 480 -54.04 -1.35 -46.48
C ARG G 480 -55.49 -1.75 -46.68
N GLU G 481 -55.87 -2.92 -46.20
CA GLU G 481 -57.23 -3.41 -46.36
C GLU G 481 -58.19 -2.81 -45.36
N VAL G 482 -57.70 -2.11 -44.34
CA VAL G 482 -58.55 -1.53 -43.32
C VAL G 482 -58.62 -0.01 -43.44
N TYR G 483 -57.50 0.67 -43.68
CA TYR G 483 -57.48 2.11 -43.82
C TYR G 483 -57.42 2.59 -45.26
N GLY G 484 -57.18 1.71 -46.21
CA GLY G 484 -57.12 2.08 -47.61
C GLY G 484 -55.74 2.52 -48.05
N SER G 485 -55.52 2.47 -49.36
CA SER G 485 -54.25 2.91 -49.92
C SER G 485 -54.14 4.43 -49.84
N GLU G 486 -52.90 4.91 -49.91
CA GLU G 486 -52.67 6.34 -49.70
C GLU G 486 -52.80 7.16 -50.97
N ARG G 487 -51.91 6.93 -51.95
CA ARG G 487 -51.91 7.67 -53.22
C ARG G 487 -51.62 9.15 -53.03
N GLU G 488 -51.09 9.81 -54.06
CA GLU G 488 -50.76 11.22 -53.99
C GLU G 488 -50.99 11.88 -55.34
N VAL G 489 -51.18 13.20 -55.30
CA VAL G 489 -51.36 14.00 -56.51
C VAL G 489 -51.13 15.48 -56.23
N ARG G 510 -50.07 16.70 -48.99
CA ARG G 510 -51.13 16.08 -48.22
C ARG G 510 -51.12 14.56 -48.36
N GLN G 511 -52.01 13.88 -47.64
CA GLN G 511 -52.15 12.42 -47.66
C GLN G 511 -53.63 12.09 -47.50
N THR G 512 -54.30 11.78 -48.62
CA THR G 512 -55.73 11.52 -48.62
C THR G 512 -55.99 10.04 -48.90
N GLY G 513 -56.85 9.42 -48.10
CA GLY G 513 -57.17 8.02 -48.27
C GLY G 513 -58.47 7.77 -49.01
N ALA G 514 -59.26 6.83 -48.51
CA ALA G 514 -60.49 6.40 -49.18
C ALA G 514 -61.62 7.40 -48.95
N VAL G 515 -62.84 6.97 -49.25
CA VAL G 515 -64.04 7.75 -48.99
C VAL G 515 -64.95 7.08 -47.98
N VAL G 516 -65.38 5.84 -48.27
CA VAL G 516 -66.30 5.14 -47.38
C VAL G 516 -65.67 3.85 -46.87
N ALA G 517 -65.29 2.95 -47.77
CA ALA G 517 -64.44 1.82 -47.43
C ALA G 517 -63.89 1.26 -48.74
N LEU G 518 -62.59 1.45 -48.98
CA LEU G 518 -61.98 0.90 -50.18
C LEU G 518 -60.48 0.83 -49.99
N ASN G 519 -59.86 -0.04 -50.78
CA ASN G 519 -58.46 -0.41 -50.62
C ASN G 519 -57.60 0.19 -51.71
N ASP G 520 -58.01 0.07 -52.96
CA ASP G 520 -57.23 0.43 -54.15
C ASP G 520 -56.08 -0.54 -54.31
N LEU G 521 -55.72 -0.82 -55.54
CA LEU G 521 -54.80 -1.89 -55.87
C LEU G 521 -54.02 -1.43 -57.10
N SER G 522 -52.91 -2.10 -57.35
CA SER G 522 -51.99 -1.68 -58.41
C SER G 522 -51.48 -0.26 -58.15
N VAL G 523 -51.31 0.07 -56.88
CA VAL G 523 -50.61 1.28 -56.49
C VAL G 523 -49.18 1.00 -56.08
N GLY G 524 -48.84 -0.25 -55.77
CA GLY G 524 -47.46 -0.64 -55.59
C GLY G 524 -46.99 -0.55 -54.15
N ARG G 525 -45.80 -1.08 -53.94
CA ARG G 525 -45.18 -1.03 -52.62
C ARG G 525 -44.90 0.41 -52.22
N TYR G 526 -45.05 0.68 -50.93
CA TYR G 526 -44.77 2.01 -50.40
C TYR G 526 -43.27 2.26 -50.41
N ASP G 527 -42.91 3.53 -50.24
CA ASP G 527 -41.51 3.95 -50.24
C ASP G 527 -40.96 4.13 -48.84
N VAL G 528 -41.34 3.27 -47.91
CA VAL G 528 -40.85 3.34 -46.54
C VAL G 528 -40.10 2.06 -46.22
N THR G 529 -39.33 2.10 -45.14
CA THR G 529 -38.58 0.96 -44.65
C THR G 529 -38.89 0.74 -43.17
N VAL G 530 -39.09 -0.50 -42.79
CA VAL G 530 -39.40 -0.83 -41.41
C VAL G 530 -38.11 -0.86 -40.60
N ASP G 531 -38.12 -0.21 -39.44
CA ASP G 531 -36.97 -0.17 -38.56
C ASP G 531 -37.47 -0.20 -37.13
N VAL G 532 -36.55 -0.03 -36.18
CA VAL G 532 -36.91 0.06 -34.77
C VAL G 532 -36.24 1.29 -34.18
N GLY G 533 -36.88 1.82 -33.13
CA GLY G 533 -36.39 2.98 -32.44
C GLY G 533 -37.04 3.09 -31.08
N PRO G 534 -36.65 4.09 -30.30
CA PRO G 534 -37.21 4.24 -28.95
C PRO G 534 -38.72 4.45 -29.00
N SER G 535 -39.39 3.98 -27.96
CA SER G 535 -40.84 4.06 -27.86
C SER G 535 -41.24 5.31 -27.09
N TYR G 536 -42.13 6.11 -27.68
CA TYR G 536 -42.56 7.37 -27.10
C TYR G 536 -44.07 7.37 -26.92
N THR G 537 -44.51 7.98 -25.81
CA THR G 537 -45.95 8.05 -25.55
C THR G 537 -46.65 9.04 -26.46
N ALA G 538 -46.02 10.19 -26.72
CA ALA G 538 -46.62 11.24 -27.52
C ALA G 538 -45.63 11.72 -28.56
N ARG G 539 -46.15 12.43 -29.57
CA ARG G 539 -45.29 12.91 -30.65
C ARG G 539 -44.31 13.97 -30.16
N ARG G 540 -44.74 14.82 -29.22
CA ARG G 540 -43.86 15.87 -28.73
C ARG G 540 -42.58 15.32 -28.14
N ASP G 541 -42.68 14.18 -27.45
CA ASP G 541 -41.48 13.55 -26.92
C ASP G 541 -40.53 13.16 -28.04
N ALA G 542 -41.08 12.62 -29.14
CA ALA G 542 -40.25 12.23 -30.26
C ALA G 542 -39.57 13.44 -30.88
N THR G 543 -40.29 14.55 -31.01
CA THR G 543 -39.69 15.74 -31.58
C THR G 543 -38.56 16.27 -30.71
N VAL G 544 -38.83 16.48 -29.42
CA VAL G 544 -37.81 17.07 -28.56
C VAL G 544 -36.63 16.14 -28.36
N SER G 545 -36.84 14.82 -28.39
CA SER G 545 -35.73 13.90 -28.17
C SER G 545 -34.71 13.95 -29.29
N VAL G 546 -35.15 14.14 -30.54
CA VAL G 546 -34.22 14.17 -31.65
C VAL G 546 -33.65 15.58 -31.78
N LEU G 547 -34.45 16.59 -31.47
CA LEU G 547 -33.93 17.95 -31.57
C LEU G 547 -32.86 18.21 -30.52
N THR G 548 -33.00 17.63 -29.33
CA THR G 548 -31.97 17.83 -28.32
C THR G 548 -30.72 17.00 -28.57
N ASN G 549 -30.82 15.94 -29.39
CA ASN G 549 -29.62 15.23 -29.83
C ASN G 549 -28.91 16.01 -30.94
N VAL G 550 -29.67 16.67 -31.81
CA VAL G 550 -29.05 17.55 -32.79
C VAL G 550 -28.31 18.67 -32.08
N LEU G 551 -28.95 19.27 -31.09
CA LEU G 551 -28.25 20.17 -30.20
C LEU G 551 -27.28 19.36 -29.35
N SER G 552 -26.49 20.07 -28.53
CA SER G 552 -25.49 19.48 -27.65
C SER G 552 -24.35 18.83 -28.40
N SER G 553 -24.41 18.78 -29.73
CA SER G 553 -23.27 18.45 -30.56
C SER G 553 -22.83 19.64 -31.39
N MET G 554 -23.21 20.85 -30.97
CA MET G 554 -22.97 22.07 -31.72
C MET G 554 -22.24 23.06 -30.83
N LEU G 555 -21.15 23.63 -31.34
CA LEU G 555 -20.49 24.70 -30.63
C LEU G 555 -21.40 25.92 -30.59
N PRO G 556 -21.31 26.74 -29.56
CA PRO G 556 -22.16 27.94 -29.52
C PRO G 556 -21.71 28.95 -30.56
N THR G 557 -22.41 28.97 -31.69
CA THR G 557 -22.08 29.77 -32.87
C THR G 557 -23.15 29.46 -33.92
N ASP G 558 -23.21 30.31 -34.95
CA ASP G 558 -24.05 30.18 -36.13
C ASP G 558 -25.51 30.40 -35.74
N PRO G 559 -26.38 30.81 -36.69
CA PRO G 559 -27.77 31.10 -36.31
C PRO G 559 -28.48 29.93 -35.66
N MET G 560 -28.63 28.82 -36.38
CA MET G 560 -28.99 27.50 -35.85
C MET G 560 -29.42 27.45 -34.39
N ARG G 561 -28.47 27.53 -33.45
CA ARG G 561 -28.71 27.17 -32.05
C ARG G 561 -29.90 27.89 -31.43
N PRO G 562 -30.03 29.22 -31.55
CA PRO G 562 -31.29 29.84 -31.13
C PRO G 562 -32.53 29.30 -31.83
N ALA G 563 -32.44 28.97 -33.12
CA ALA G 563 -33.60 28.41 -33.79
C ALA G 563 -33.96 27.03 -33.23
N ILE G 564 -32.95 26.21 -32.96
CA ILE G 564 -33.21 24.90 -32.36
C ILE G 564 -33.87 25.06 -30.99
N GLN G 565 -33.36 25.99 -30.17
CA GLN G 565 -33.98 26.21 -28.87
C GLN G 565 -35.41 26.69 -29.00
N GLY G 566 -35.68 27.59 -29.94
CA GLY G 566 -37.04 28.05 -30.13
C GLY G 566 -37.98 26.92 -30.53
N ILE G 567 -37.53 26.08 -31.47
CA ILE G 567 -38.38 24.97 -31.89
C ILE G 567 -38.62 24.00 -30.73
N ILE G 568 -37.59 23.74 -29.93
CA ILE G 568 -37.75 22.84 -28.80
C ILE G 568 -38.75 23.40 -27.80
N LEU G 569 -38.62 24.68 -27.46
CA LEU G 569 -39.53 25.27 -26.48
C LEU G 569 -40.94 25.43 -27.02
N ASP G 570 -41.12 25.48 -28.34
CA ASP G 570 -42.46 25.50 -28.90
C ASP G 570 -43.22 24.22 -28.62
N ASN G 571 -42.55 23.08 -28.64
CA ASN G 571 -43.12 21.81 -28.23
C ASN G 571 -43.10 21.74 -26.71
N ILE G 572 -43.25 20.54 -26.16
CA ILE G 572 -43.13 20.20 -24.74
C ILE G 572 -44.08 21.10 -23.94
N ASP G 573 -43.91 21.12 -22.61
CA ASP G 573 -44.50 22.05 -21.66
C ASP G 573 -45.85 21.57 -21.13
N GLY G 574 -46.22 22.04 -19.95
CA GLY G 574 -47.41 21.59 -19.24
C GLY G 574 -48.27 22.70 -18.69
N GLU G 575 -48.52 22.68 -17.38
CA GLU G 575 -49.49 23.56 -16.74
C GLU G 575 -48.93 24.94 -16.47
N GLY G 576 -49.68 25.97 -16.83
CA GLY G 576 -49.33 27.33 -16.50
C GLY G 576 -48.27 27.97 -17.37
N LEU G 577 -48.13 27.53 -18.62
CA LEU G 577 -47.13 28.09 -19.53
C LEU G 577 -47.76 28.74 -20.76
N ASP G 578 -48.96 29.33 -20.62
CA ASP G 578 -49.62 29.92 -21.77
C ASP G 578 -48.91 31.19 -22.23
N ASP G 579 -48.64 32.10 -21.30
CA ASP G 579 -48.03 33.37 -21.68
C ASP G 579 -46.61 33.18 -22.20
N PHE G 580 -45.84 32.32 -21.54
CA PHE G 580 -44.48 32.09 -22.00
C PHE G 580 -44.45 31.48 -23.39
N LYS G 581 -45.32 30.51 -23.65
CA LYS G 581 -45.34 29.89 -24.97
C LYS G 581 -45.81 30.85 -26.05
N GLU G 582 -46.80 31.68 -25.74
CA GLU G 582 -47.21 32.68 -26.72
C GLU G 582 -46.10 33.68 -27.02
N TYR G 583 -45.39 34.14 -25.98
CA TYR G 583 -44.28 35.05 -26.18
C TYR G 583 -43.19 34.40 -27.03
N ASN G 584 -42.92 33.12 -26.78
CA ASN G 584 -41.95 32.41 -27.61
C ASN G 584 -42.39 32.32 -29.05
N ARG G 585 -43.64 31.97 -29.30
CA ARG G 585 -44.08 31.79 -30.67
C ARG G 585 -44.07 33.11 -31.43
N ASN G 586 -44.34 34.22 -30.74
CA ASN G 586 -44.27 35.51 -31.42
C ASN G 586 -42.88 35.76 -31.99
N GLN G 587 -41.85 35.63 -31.16
CA GLN G 587 -40.49 35.82 -31.66
C GLN G 587 -40.11 34.75 -32.68
N LEU G 588 -40.68 33.55 -32.55
CA LEU G 588 -40.36 32.50 -33.50
C LEU G 588 -40.92 32.80 -34.89
N LEU G 589 -42.08 33.44 -34.97
CA LEU G 589 -42.66 33.74 -36.27
C LEU G 589 -42.29 35.10 -36.83
N ILE G 590 -41.85 36.06 -35.99
CA ILE G 590 -41.34 37.29 -36.55
C ILE G 590 -39.99 37.10 -37.22
N SER G 591 -39.33 35.98 -36.99
CA SER G 591 -38.03 35.68 -37.56
C SER G 591 -38.13 34.74 -38.76
N GLY G 592 -39.32 34.50 -39.28
CA GLY G 592 -39.49 33.68 -40.46
C GLY G 592 -39.15 32.22 -40.26
N ILE G 593 -39.49 31.65 -39.10
CA ILE G 593 -39.24 30.24 -38.84
C ILE G 593 -40.53 29.46 -38.60
N ALA G 594 -41.65 30.13 -38.32
CA ALA G 594 -42.85 29.42 -37.91
C ALA G 594 -43.88 29.20 -39.02
N LYS G 595 -43.86 30.03 -40.07
CA LYS G 595 -44.83 29.89 -41.15
C LYS G 595 -46.25 30.03 -40.62
N PRO G 596 -46.71 31.27 -40.35
CA PRO G 596 -48.06 31.50 -39.82
C PRO G 596 -49.11 30.59 -40.42
N ARG G 597 -49.96 30.00 -39.58
CA ARG G 597 -50.95 29.05 -40.07
C ARG G 597 -52.27 29.74 -40.44
N ASN G 598 -52.14 30.82 -41.19
CA ASN G 598 -53.22 31.42 -41.98
C ASN G 598 -54.48 31.68 -41.17
N GLU G 599 -54.34 32.06 -39.90
CA GLU G 599 -55.54 32.42 -39.13
C GLU G 599 -55.54 33.87 -38.67
N LYS G 600 -54.57 34.32 -37.88
CA LYS G 600 -54.60 35.69 -37.41
C LYS G 600 -53.24 36.37 -37.51
N GLU G 601 -52.16 35.62 -37.31
CA GLU G 601 -50.85 36.24 -37.20
C GLU G 601 -50.30 36.68 -38.55
N GLN G 602 -50.67 36.01 -39.63
CA GLN G 602 -50.22 36.40 -40.96
C GLN G 602 -50.69 37.80 -41.34
N GLN G 603 -51.76 38.28 -40.72
CA GLN G 603 -52.35 39.56 -41.07
C GLN G 603 -52.26 40.58 -39.95
N ILE G 604 -51.84 40.18 -38.75
CA ILE G 604 -51.83 41.11 -37.63
C ILE G 604 -50.40 41.40 -37.21
N VAL G 605 -49.68 40.38 -36.77
CA VAL G 605 -48.32 40.59 -36.28
C VAL G 605 -47.30 40.46 -37.41
N GLN G 606 -47.58 39.63 -38.41
CA GLN G 606 -46.64 39.50 -39.52
C GLN G 606 -46.63 40.76 -40.38
N GLN G 607 -47.81 41.33 -40.63
CA GLN G 607 -47.86 42.58 -41.38
C GLN G 607 -47.19 43.71 -40.60
N ALA G 608 -47.42 43.75 -39.29
CA ALA G 608 -46.75 44.74 -38.45
C ALA G 608 -45.24 44.54 -38.49
N GLN G 609 -44.79 43.30 -38.62
CA GLN G 609 -43.34 43.06 -38.71
C GLN G 609 -42.80 43.47 -40.07
N MET G 610 -43.59 43.32 -41.12
CA MET G 610 -43.17 43.86 -42.41
C MET G 610 -43.04 45.39 -42.34
N ALA G 611 -44.01 46.04 -41.70
CA ALA G 611 -43.91 47.49 -41.51
C ALA G 611 -42.68 47.85 -40.69
N ALA G 612 -42.43 47.12 -39.61
CA ALA G 612 -41.25 47.33 -38.78
C ALA G 612 -39.98 46.88 -39.47
N GLN G 613 -40.09 46.22 -40.62
CA GLN G 613 -38.93 46.04 -41.49
C GLN G 613 -38.71 47.27 -42.35
N SER G 614 -39.80 47.89 -42.82
CA SER G 614 -39.72 49.16 -43.52
C SER G 614 -39.66 50.35 -42.56
N GLN G 615 -40.01 50.15 -41.28
CA GLN G 615 -39.95 51.24 -40.31
C GLN G 615 -38.55 51.75 -40.03
N PRO G 616 -37.56 50.91 -39.72
CA PRO G 616 -36.27 51.45 -39.27
C PRO G 616 -35.28 51.71 -40.40
N ASN G 617 -35.70 51.61 -41.65
CA ASN G 617 -34.84 52.06 -42.74
C ASN G 617 -34.50 53.54 -42.64
N PRO G 618 -35.47 54.45 -42.42
CA PRO G 618 -35.08 55.84 -42.13
C PRO G 618 -34.23 55.99 -40.88
N GLU G 619 -34.48 55.17 -39.85
CA GLU G 619 -33.69 55.25 -38.64
C GLU G 619 -32.24 54.88 -38.89
N MET G 620 -31.99 53.83 -39.67
CA MET G 620 -30.62 53.37 -39.89
C MET G 620 -29.91 54.21 -40.93
N VAL G 621 -30.62 54.70 -41.96
CA VAL G 621 -29.97 55.61 -42.89
C VAL G 621 -29.74 56.97 -42.23
N LEU G 622 -30.49 57.28 -41.16
CA LEU G 622 -30.17 58.44 -40.35
C LEU G 622 -28.81 58.27 -39.68
N ALA G 623 -28.52 57.06 -39.19
CA ALA G 623 -27.18 56.75 -38.72
C ALA G 623 -26.17 56.68 -39.85
N GLN G 624 -26.63 56.65 -41.10
CA GLN G 624 -25.77 56.73 -42.27
C GLN G 624 -26.06 57.97 -43.12
N ALA G 625 -26.71 58.98 -42.57
CA ALA G 625 -26.97 60.21 -43.31
C ALA G 625 -25.83 61.21 -43.21
N GLN G 626 -24.81 60.94 -42.38
CA GLN G 626 -23.66 61.83 -42.31
C GLN G 626 -22.93 61.91 -43.63
N MET G 627 -22.90 60.81 -44.39
CA MET G 627 -22.40 60.86 -45.76
C MET G 627 -23.53 60.86 -46.79
N VAL G 628 -24.75 61.21 -46.37
CA VAL G 628 -25.85 61.49 -47.28
C VAL G 628 -26.06 62.99 -47.45
N ALA G 629 -25.83 63.77 -46.40
CA ALA G 629 -25.72 65.21 -46.56
C ALA G 629 -24.61 65.56 -47.54
N ALA G 630 -23.48 64.85 -47.46
CA ALA G 630 -22.42 65.00 -48.45
C ALA G 630 -22.87 64.57 -49.84
N GLN G 631 -23.64 63.48 -49.93
CA GLN G 631 -24.21 63.08 -51.22
C GLN G 631 -24.99 64.23 -51.84
N ALA G 632 -25.90 64.83 -51.08
CA ALA G 632 -26.73 65.91 -51.60
C ALA G 632 -25.90 67.13 -51.96
N GLU G 633 -24.94 67.50 -51.11
CA GLU G 633 -24.13 68.69 -51.37
C GLU G 633 -23.31 68.50 -52.64
N ALA G 634 -22.65 67.34 -52.78
CA ALA G 634 -21.90 67.08 -54.00
C ALA G 634 -22.81 67.00 -55.22
N GLN G 635 -23.99 66.40 -55.08
CA GLN G 635 -24.91 66.29 -56.20
C GLN G 635 -25.34 67.66 -56.70
N LYS G 636 -25.63 68.58 -55.78
CA LYS G 636 -26.00 69.92 -56.22
C LYS G 636 -24.82 70.72 -56.74
N ALA G 637 -23.66 70.64 -56.08
CA ALA G 637 -22.48 71.31 -56.61
C ALA G 637 -22.09 70.76 -57.97
N THR G 638 -22.54 69.55 -58.31
CA THR G 638 -22.33 68.97 -59.62
C THR G 638 -23.02 69.76 -60.73
N ASN G 639 -24.01 70.59 -60.40
CA ASN G 639 -24.67 71.42 -61.38
C ASN G 639 -24.58 72.91 -61.08
N GLU G 640 -24.22 73.29 -59.86
CA GLU G 640 -24.17 74.71 -59.49
C GLU G 640 -22.90 75.39 -59.99
N THR G 641 -21.74 74.77 -59.77
CA THR G 641 -20.48 75.39 -60.15
C THR G 641 -20.38 75.59 -61.66
N ALA G 642 -21.14 74.84 -62.46
CA ALA G 642 -21.14 75.06 -63.90
C ALA G 642 -21.65 76.45 -64.27
N GLN G 643 -22.33 77.13 -63.35
CA GLN G 643 -22.65 78.53 -63.58
C GLN G 643 -21.40 79.36 -63.79
N THR G 644 -20.26 78.92 -63.24
CA THR G 644 -19.01 79.64 -63.46
C THR G 644 -18.54 79.48 -64.91
N GLN G 645 -18.68 78.28 -65.47
CA GLN G 645 -18.39 78.09 -66.89
C GLN G 645 -19.33 78.93 -67.75
N ILE G 646 -20.62 78.95 -67.40
CA ILE G 646 -21.57 79.76 -68.15
C ILE G 646 -21.22 81.24 -68.02
N LYS G 647 -20.76 81.66 -66.84
CA LYS G 647 -20.37 83.05 -66.64
C LYS G 647 -19.13 83.39 -67.45
N ALA G 648 -18.20 82.44 -67.56
CA ALA G 648 -17.03 82.65 -68.42
C ALA G 648 -17.44 82.79 -69.87
N PHE G 649 -18.39 81.97 -70.32
CA PHE G 649 -18.89 82.10 -71.69
C PHE G 649 -19.55 83.46 -71.91
N THR G 650 -20.35 83.90 -70.94
CA THR G 650 -20.98 85.22 -71.03
C THR G 650 -19.94 86.33 -71.04
N ALA G 651 -18.89 86.18 -70.23
CA ALA G 651 -17.82 87.17 -70.21
C ALA G 651 -17.06 87.20 -71.53
N GLN G 652 -16.87 86.04 -72.17
CA GLN G 652 -16.25 86.02 -73.49
C GLN G 652 -17.12 86.73 -74.52
N GLN G 653 -18.43 86.51 -74.47
CA GLN G 653 -19.34 87.24 -75.36
C GLN G 653 -19.27 88.73 -75.12
N ASP G 654 -19.27 89.15 -73.85
CA ASP G 654 -19.16 90.57 -73.52
C ASP G 654 -17.81 91.12 -73.95
N ALA G 655 -16.76 90.30 -73.89
CA ALA G 655 -15.44 90.74 -74.29
C ALA G 655 -15.35 90.96 -75.80
N MET G 656 -15.94 90.07 -76.59
CA MET G 656 -15.94 90.30 -78.04
C MET G 656 -16.82 91.49 -78.40
N GLU G 657 -17.95 91.66 -77.71
CA GLU G 657 -18.73 92.87 -77.90
C GLU G 657 -17.91 94.12 -77.61
N SER G 658 -17.26 94.17 -76.45
CA SER G 658 -16.43 95.31 -76.10
C SER G 658 -15.27 95.47 -77.06
N GLN G 659 -14.81 94.39 -77.68
CA GLN G 659 -13.82 94.51 -78.74
C GLN G 659 -14.36 95.33 -79.90
N ALA G 660 -15.55 94.96 -80.38
CA ALA G 660 -16.18 95.74 -81.44
C ALA G 660 -16.45 97.19 -81.00
N ASN G 661 -16.91 97.37 -79.76
CA ASN G 661 -17.25 98.70 -79.25
C ASN G 661 -16.01 99.59 -79.20
N THR G 662 -14.89 99.04 -78.72
CA THR G 662 -13.68 99.86 -78.61
C THR G 662 -13.05 100.08 -79.98
N VAL G 663 -13.21 99.14 -80.92
CA VAL G 663 -12.81 99.42 -82.29
C VAL G 663 -13.61 100.60 -82.85
N TYR G 664 -14.91 100.63 -82.57
CA TYR G 664 -15.71 101.79 -82.95
C TYR G 664 -15.24 103.05 -82.25
N LYS G 665 -14.86 102.94 -80.98
CA LYS G 665 -14.33 104.08 -80.23
C LYS G 665 -13.08 104.63 -80.89
N LEU G 666 -12.17 103.75 -81.31
CA LEU G 666 -10.99 104.18 -82.06
C LEU G 666 -11.35 104.76 -83.41
N ALA G 667 -12.43 104.29 -84.04
CA ALA G 667 -12.91 104.87 -85.29
C ALA G 667 -13.47 106.28 -85.12
N GLN G 668 -14.18 106.53 -84.01
CA GLN G 668 -14.82 107.82 -83.81
C GLN G 668 -13.83 108.89 -83.38
N ALA G 669 -12.86 108.52 -82.55
CA ALA G 669 -11.97 109.52 -81.94
C ALA G 669 -11.10 110.24 -82.97
N ARG G 670 -10.94 109.68 -84.17
CA ARG G 670 -10.20 110.38 -85.22
C ARG G 670 -10.93 111.64 -85.66
N ASN G 671 -12.26 111.59 -85.67
CA ASN G 671 -13.10 112.72 -86.08
C ASN G 671 -12.79 113.14 -87.51
N MET H 1 -87.37 -13.23 -10.67
CA MET H 1 -86.28 -14.13 -10.32
C MET H 1 -85.17 -13.35 -9.64
N ALA H 2 -85.32 -12.03 -9.62
CA ALA H 2 -84.29 -11.10 -9.19
C ALA H 2 -84.75 -10.38 -7.93
N GLU H 3 -83.98 -9.35 -7.55
CA GLU H 3 -84.21 -8.54 -6.35
C GLU H 3 -84.67 -9.40 -5.18
N THR H 4 -85.93 -9.23 -4.76
CA THR H 4 -86.46 -10.03 -3.66
C THR H 4 -86.40 -11.52 -3.99
N LEU H 5 -86.75 -11.89 -5.21
CA LEU H 5 -86.63 -13.28 -5.64
C LEU H 5 -85.14 -13.62 -5.71
N GLU H 6 -84.73 -14.56 -4.87
CA GLU H 6 -83.32 -14.79 -4.61
C GLU H 6 -82.64 -15.67 -5.65
N LYS H 7 -83.31 -15.99 -6.76
CA LYS H 7 -82.65 -16.81 -7.77
C LYS H 7 -81.39 -16.16 -8.31
N LYS H 8 -81.25 -14.84 -8.15
CA LYS H 8 -79.97 -14.21 -8.43
C LYS H 8 -78.93 -14.51 -7.36
N HIS H 9 -79.37 -14.74 -6.13
CA HIS H 9 -78.43 -14.93 -5.03
C HIS H 9 -77.67 -16.24 -5.15
N GLU H 10 -78.32 -17.32 -5.60
CA GLU H 10 -77.57 -18.56 -5.80
C GLU H 10 -76.51 -18.39 -6.87
N ARG H 11 -76.83 -17.67 -7.94
CA ARG H 11 -75.82 -17.43 -8.97
C ARG H 11 -74.65 -16.65 -8.41
N ILE H 12 -74.93 -15.63 -7.61
CA ILE H 12 -73.85 -14.85 -7.02
C ILE H 12 -72.98 -15.72 -6.12
N MET H 13 -73.61 -16.54 -5.29
CA MET H 13 -72.84 -17.40 -4.39
C MET H 13 -72.02 -18.43 -5.16
N LEU H 14 -72.57 -18.99 -6.23
CA LEU H 14 -71.80 -19.92 -7.04
C LEU H 14 -70.60 -19.23 -7.68
N ARG H 15 -70.80 -18.01 -8.17
CA ARG H 15 -69.68 -17.27 -8.75
C ARG H 15 -68.61 -16.99 -7.72
N PHE H 16 -68.99 -16.72 -6.47
CA PHE H 16 -67.98 -16.52 -5.44
C PHE H 16 -67.11 -17.77 -5.27
N ASP H 17 -67.73 -18.94 -5.21
CA ASP H 17 -66.94 -20.16 -5.03
C ASP H 17 -66.07 -20.43 -6.24
N ARG H 18 -66.57 -20.13 -7.43
CA ARG H 18 -65.75 -20.33 -8.62
C ARG H 18 -64.56 -19.39 -8.65
N ALA H 19 -64.72 -18.15 -8.17
CA ALA H 19 -63.61 -17.22 -8.14
C ALA H 19 -62.62 -17.50 -7.02
N TYR H 20 -63.09 -18.09 -5.92
CA TYR H 20 -62.23 -18.29 -4.77
C TYR H 20 -61.30 -19.49 -4.96
N SER H 21 -61.77 -20.54 -5.62
CA SER H 21 -61.05 -21.81 -5.63
C SER H 21 -59.68 -21.74 -6.30
N PRO H 22 -59.53 -21.21 -7.53
CA PRO H 22 -58.21 -21.22 -8.16
C PRO H 22 -57.16 -20.42 -7.41
N GLN H 23 -57.52 -19.22 -6.98
CA GLN H 23 -56.59 -18.32 -6.31
C GLN H 23 -56.60 -18.51 -4.81
N LYS H 24 -56.47 -19.75 -4.37
CA LYS H 24 -56.57 -20.09 -2.96
C LYS H 24 -55.20 -20.32 -2.34
N GLU H 25 -54.32 -21.05 -3.02
CA GLU H 25 -52.98 -21.28 -2.52
C GLU H 25 -52.04 -20.13 -2.82
N VAL H 26 -52.36 -19.29 -3.81
CA VAL H 26 -51.50 -18.15 -4.11
C VAL H 26 -51.60 -17.10 -3.00
N ARG H 27 -52.82 -16.80 -2.56
CA ARG H 27 -53.01 -15.74 -1.58
C ARG H 27 -52.56 -16.14 -0.19
N GLU H 28 -52.54 -17.44 0.12
CA GLU H 28 -52.01 -17.88 1.40
C GLU H 28 -50.55 -17.50 1.55
N LYS H 29 -49.78 -17.60 0.46
CA LYS H 29 -48.38 -17.19 0.50
C LYS H 29 -48.24 -15.70 0.74
N CYS H 30 -49.08 -14.89 0.10
CA CYS H 30 -49.01 -13.45 0.32
C CYS H 30 -49.29 -13.10 1.78
N ILE H 31 -50.33 -13.70 2.35
CA ILE H 31 -50.67 -13.42 3.74
C ILE H 31 -49.55 -13.88 4.66
N GLU H 32 -49.01 -15.07 4.41
CA GLU H 32 -47.93 -15.59 5.22
C GLU H 32 -46.71 -14.69 5.15
N ALA H 33 -46.41 -14.16 3.96
CA ALA H 33 -45.25 -13.28 3.83
C ALA H 33 -45.43 -11.98 4.60
N THR H 34 -46.58 -11.32 4.43
CA THR H 34 -46.80 -10.07 5.16
C THR H 34 -46.70 -10.30 6.66
N ARG H 35 -47.34 -11.37 7.14
CA ARG H 35 -47.29 -11.69 8.57
C ARG H 35 -45.89 -12.06 9.02
N PHE H 36 -45.12 -12.72 8.15
CA PHE H 36 -43.75 -13.10 8.46
C PHE H 36 -42.86 -11.89 8.63
N ALA H 37 -43.08 -10.85 7.84
CA ALA H 37 -42.25 -9.66 7.91
C ALA H 37 -42.67 -8.66 8.97
N ARG H 38 -43.96 -8.59 9.34
CA ARG H 38 -44.44 -7.47 10.13
C ARG H 38 -44.86 -7.83 11.55
N VAL H 39 -45.61 -8.91 11.74
CA VAL H 39 -46.13 -9.24 13.07
C VAL H 39 -44.96 -9.64 13.98
N PRO H 40 -44.93 -9.16 15.23
CA PRO H 40 -43.73 -9.37 16.06
C PRO H 40 -43.35 -10.82 16.29
N GLY H 41 -44.30 -11.73 16.40
CA GLY H 41 -43.94 -13.12 16.63
C GLY H 41 -44.14 -14.01 15.42
N GLY H 42 -44.29 -13.40 14.25
CA GLY H 42 -44.75 -14.14 13.08
C GLY H 42 -43.72 -15.00 12.39
N GLN H 43 -42.44 -14.90 12.77
CA GLN H 43 -41.44 -15.70 12.11
C GLN H 43 -41.40 -17.13 12.60
N TRP H 44 -42.06 -17.42 13.72
CA TRP H 44 -42.08 -18.76 14.30
C TRP H 44 -43.45 -19.40 14.23
N GLU H 45 -44.40 -18.80 13.53
CA GLU H 45 -45.76 -19.31 13.54
C GLU H 45 -45.81 -20.67 12.87
N GLY H 46 -46.56 -21.59 13.47
CA GLY H 46 -46.54 -22.97 13.05
C GLY H 46 -46.03 -23.85 14.16
N ALA H 47 -44.99 -23.40 14.87
CA ALA H 47 -44.50 -24.09 16.05
C ALA H 47 -45.06 -23.48 17.33
N THR H 48 -44.73 -22.21 17.61
CA THR H 48 -45.17 -21.51 18.81
C THR H 48 -45.06 -22.36 20.06
N ALA H 49 -46.09 -23.15 20.33
CA ALA H 49 -46.13 -23.98 21.54
C ALA H 49 -45.59 -25.36 21.21
N ALA H 50 -44.28 -25.53 21.34
CA ALA H 50 -43.64 -26.80 21.08
C ALA H 50 -42.59 -27.06 22.15
N GLY H 51 -42.59 -28.27 22.70
CA GLY H 51 -41.65 -28.60 23.75
C GLY H 51 -41.77 -30.05 24.13
N THR H 52 -41.05 -30.44 25.17
CA THR H 52 -41.05 -31.81 25.66
C THR H 52 -41.45 -31.87 27.13
N LYS H 53 -41.68 -33.09 27.59
CA LYS H 53 -42.16 -33.30 28.96
C LYS H 53 -41.11 -32.88 29.98
N LEU H 54 -39.89 -33.40 29.84
CA LEU H 54 -38.75 -32.94 30.63
C LEU H 54 -39.02 -33.04 32.13
N ASP H 55 -39.19 -34.29 32.59
CA ASP H 55 -39.52 -34.63 33.98
C ASP H 55 -40.87 -34.05 34.41
N GLU H 56 -41.91 -34.47 33.71
CA GLU H 56 -43.30 -34.18 34.08
C GLU H 56 -43.55 -32.68 34.19
N GLN H 57 -43.15 -31.96 33.14
CA GLN H 57 -43.51 -30.56 32.97
C GLN H 57 -43.73 -30.33 31.49
N PHE H 58 -43.84 -29.08 31.06
CA PHE H 58 -43.88 -28.82 29.64
C PHE H 58 -43.06 -27.60 29.28
N GLU H 59 -41.80 -27.57 29.70
CA GLU H 59 -40.93 -26.49 29.27
C GLU H 59 -40.88 -26.44 27.76
N LYS H 60 -41.00 -25.24 27.21
CA LYS H 60 -41.02 -25.02 25.77
C LYS H 60 -39.65 -24.58 25.27
N TYR H 61 -39.39 -24.87 24.00
CA TYR H 61 -38.13 -24.50 23.40
C TYR H 61 -38.01 -22.98 23.30
N PRO H 62 -36.82 -22.42 23.52
CA PRO H 62 -36.63 -20.99 23.28
C PRO H 62 -36.66 -20.70 21.79
N LYS H 63 -37.36 -19.63 21.43
CA LYS H 63 -37.54 -19.25 20.03
C LYS H 63 -37.19 -17.78 19.88
N PHE H 64 -35.91 -17.50 19.66
CA PHE H 64 -35.47 -16.13 19.47
C PHE H 64 -35.73 -15.71 18.03
N GLU H 65 -35.98 -14.41 17.84
CA GLU H 65 -36.35 -13.87 16.55
C GLU H 65 -35.49 -12.65 16.26
N ILE H 66 -34.70 -12.72 15.19
CA ILE H 66 -33.79 -11.65 14.81
C ILE H 66 -34.13 -11.28 13.37
N ASN H 67 -34.95 -10.24 13.20
CA ASN H 67 -35.54 -9.92 11.90
C ASN H 67 -34.52 -9.18 11.05
N LYS H 68 -33.99 -9.84 10.03
CA LYS H 68 -33.03 -9.23 9.12
C LYS H 68 -33.54 -9.11 7.69
N VAL H 69 -34.79 -9.46 7.42
CA VAL H 69 -35.29 -9.42 6.05
C VAL H 69 -36.06 -8.15 5.73
N ALA H 70 -36.32 -7.29 6.72
CA ALA H 70 -37.16 -6.12 6.51
C ALA H 70 -36.37 -4.87 6.10
N THR H 71 -35.05 -4.89 6.19
CA THR H 71 -34.28 -3.69 5.89
C THR H 71 -34.39 -3.30 4.42
N GLU H 72 -34.23 -4.26 3.52
CA GLU H 72 -34.32 -3.96 2.10
C GLU H 72 -35.74 -3.56 1.72
N LEU H 73 -36.74 -4.17 2.33
CA LEU H 73 -38.13 -3.78 2.09
C LEU H 73 -38.37 -2.34 2.51
N ASN H 74 -37.85 -1.95 3.67
CA ASN H 74 -37.98 -0.56 4.10
C ASN H 74 -37.27 0.38 3.15
N ARG H 75 -36.11 -0.01 2.65
CA ARG H 75 -35.41 0.81 1.66
C ARG H 75 -36.25 1.01 0.41
N ILE H 76 -36.87 -0.07 -0.09
CA ILE H 76 -37.70 0.04 -1.28
C ILE H 76 -38.89 0.96 -1.03
N ILE H 77 -39.53 0.83 0.12
CA ILE H 77 -40.70 1.68 0.41
C ILE H 77 -40.30 3.14 0.51
N ALA H 78 -39.16 3.42 1.16
CA ALA H 78 -38.69 4.80 1.23
C ALA H 78 -38.38 5.35 -0.15
N GLU H 79 -37.85 4.51 -1.05
CA GLU H 79 -37.61 4.95 -2.41
C GLU H 79 -38.87 5.49 -3.08
N TYR H 80 -40.00 4.81 -2.93
CA TYR H 80 -41.24 5.31 -3.50
C TYR H 80 -41.77 6.51 -2.76
N ARG H 81 -41.76 6.50 -1.43
CA ARG H 81 -42.32 7.62 -0.70
C ARG H 81 -41.52 8.89 -0.92
N ASN H 82 -40.29 8.77 -1.41
CA ASN H 82 -39.53 9.96 -1.77
C ASN H 82 -39.97 10.55 -3.10
N ASN H 83 -40.45 9.71 -4.02
CA ASN H 83 -40.86 10.12 -5.35
C ASN H 83 -42.17 9.43 -5.69
N ARG H 84 -43.28 10.18 -5.65
CA ARG H 84 -44.58 9.52 -5.51
C ARG H 84 -45.29 9.22 -6.82
N ILE H 85 -45.13 10.05 -7.87
CA ILE H 85 -45.67 9.92 -9.23
C ILE H 85 -47.19 9.79 -9.27
N THR H 86 -47.80 10.36 -10.32
CA THR H 86 -49.25 10.38 -10.47
C THR H 86 -49.60 10.44 -11.96
N VAL H 87 -50.88 10.70 -12.27
CA VAL H 87 -51.36 10.73 -13.65
C VAL H 87 -51.03 12.08 -14.30
N LYS H 88 -50.88 12.09 -15.62
CA LYS H 88 -50.33 13.24 -16.33
C LYS H 88 -51.26 13.88 -17.33
N PHE H 89 -51.88 13.12 -18.22
CA PHE H 89 -52.79 13.63 -19.26
C PHE H 89 -52.04 14.55 -20.24
N ARG H 90 -51.18 13.92 -21.03
CA ARG H 90 -50.45 14.64 -22.07
C ARG H 90 -51.40 15.16 -23.15
N PRO H 91 -51.09 16.28 -23.78
CA PRO H 91 -51.95 16.81 -24.85
C PRO H 91 -51.74 16.11 -26.17
N GLY H 92 -52.40 16.59 -27.21
CA GLY H 92 -52.23 16.06 -28.55
C GLY H 92 -51.90 17.12 -29.56
N ASP H 93 -52.08 16.82 -30.84
CA ASP H 93 -51.81 17.77 -31.93
C ASP H 93 -53.15 18.29 -32.43
N ARG H 94 -53.61 19.38 -31.83
CA ARG H 94 -54.89 19.97 -32.17
C ARG H 94 -54.89 21.41 -31.70
N GLU H 95 -55.87 22.16 -32.17
CA GLU H 95 -55.93 23.58 -31.84
C GLU H 95 -56.24 23.81 -30.37
N ALA H 96 -57.05 22.94 -29.75
CA ALA H 96 -57.54 23.18 -28.41
C ALA H 96 -57.14 22.13 -27.40
N SER H 97 -56.26 21.19 -27.75
CA SER H 97 -55.93 20.11 -26.83
C SER H 97 -55.14 20.60 -25.61
N GLU H 98 -54.44 21.72 -25.73
CA GLU H 98 -53.64 22.23 -24.61
C GLU H 98 -54.54 22.58 -23.43
N GLU H 99 -55.56 23.41 -23.66
CA GLU H 99 -56.46 23.80 -22.59
C GLU H 99 -57.23 22.61 -22.05
N LEU H 100 -57.61 21.69 -22.93
CA LEU H 100 -58.30 20.49 -22.48
C LEU H 100 -57.45 19.69 -21.51
N ALA H 101 -56.18 19.48 -21.85
CA ALA H 101 -55.29 18.73 -20.96
C ALA H 101 -55.08 19.46 -19.65
N ASN H 102 -54.92 20.79 -19.70
CA ASN H 102 -54.75 21.54 -18.47
C ASN H 102 -55.97 21.41 -17.56
N LYS H 103 -57.17 21.56 -18.13
CA LYS H 103 -58.38 21.43 -17.33
C LYS H 103 -58.51 20.03 -16.74
N LEU H 104 -58.22 19.01 -17.53
CA LEU H 104 -58.39 17.64 -17.07
C LEU H 104 -57.46 17.33 -15.92
N ASN H 105 -56.18 17.65 -16.06
CA ASN H 105 -55.29 17.29 -14.97
C ASN H 105 -55.27 18.33 -13.85
N GLY H 106 -56.05 19.41 -13.97
CA GLY H 106 -56.40 20.17 -12.78
C GLY H 106 -57.54 19.55 -12.01
N LEU H 107 -58.58 19.09 -12.72
CA LEU H 107 -59.68 18.41 -12.05
C LEU H 107 -59.21 17.13 -11.35
N PHE H 108 -58.32 16.37 -11.99
CA PHE H 108 -57.83 15.16 -11.36
C PHE H 108 -57.06 15.47 -10.08
N ARG H 109 -56.23 16.51 -10.11
CA ARG H 109 -55.50 16.88 -8.89
C ARG H 109 -56.47 17.28 -7.80
N ALA H 110 -57.52 18.03 -8.16
CA ALA H 110 -58.52 18.40 -7.15
C ALA H 110 -59.16 17.19 -6.52
N ASP H 111 -59.51 16.18 -7.33
CA ASP H 111 -60.12 14.98 -6.78
C ASP H 111 -59.14 14.18 -5.93
N TYR H 112 -57.88 14.13 -6.33
CA TYR H 112 -56.89 13.35 -5.61
C TYR H 112 -56.53 13.98 -4.27
N GLU H 113 -56.44 15.31 -4.22
CA GLU H 113 -56.01 15.98 -2.99
C GLU H 113 -57.12 16.00 -1.94
N GLU H 114 -58.36 16.30 -2.33
CA GLU H 114 -59.44 16.50 -1.37
C GLU H 114 -60.10 15.20 -0.95
N THR H 115 -59.49 14.06 -1.26
CA THR H 115 -59.98 12.75 -0.84
C THR H 115 -58.77 11.92 -0.44
N ASP H 116 -58.91 10.61 -0.35
CA ASP H 116 -57.91 9.75 0.26
C ASP H 116 -56.95 9.19 -0.79
N GLY H 117 -56.59 9.99 -1.79
CA GLY H 117 -55.72 9.49 -2.84
C GLY H 117 -54.35 9.08 -2.34
N GLY H 118 -53.71 9.93 -1.54
CA GLY H 118 -52.36 9.62 -1.08
C GLY H 118 -52.32 8.39 -0.20
N GLU H 119 -53.27 8.29 0.73
CA GLU H 119 -53.36 7.11 1.58
C GLU H 119 -53.59 5.86 0.77
N ALA H 120 -54.48 5.92 -0.22
CA ALA H 120 -54.75 4.75 -1.05
C ALA H 120 -53.51 4.30 -1.80
N CYS H 121 -52.80 5.24 -2.42
CA CYS H 121 -51.61 4.86 -3.18
C CYS H 121 -50.52 4.31 -2.28
N ASP H 122 -50.29 4.94 -1.13
CA ASP H 122 -49.25 4.44 -0.23
C ASP H 122 -49.57 3.05 0.27
N ASN H 123 -50.82 2.82 0.66
CA ASN H 123 -51.22 1.50 1.15
C ASN H 123 -51.07 0.46 0.06
N ALA H 124 -51.49 0.79 -1.17
CA ALA H 124 -51.38 -0.16 -2.26
C ALA H 124 -49.94 -0.54 -2.53
N PHE H 125 -49.05 0.45 -2.59
CA PHE H 125 -47.65 0.14 -2.85
C PHE H 125 -47.03 -0.66 -1.72
N ASP H 126 -47.37 -0.32 -0.47
CA ASP H 126 -46.84 -1.08 0.66
C ASP H 126 -47.24 -2.55 0.58
N ASP H 127 -48.52 -2.81 0.32
CA ASP H 127 -48.98 -4.18 0.24
C ASP H 127 -48.41 -4.91 -0.96
N ALA H 128 -48.23 -4.20 -2.08
CA ALA H 128 -47.63 -4.83 -3.25
C ALA H 128 -46.18 -5.20 -3.01
N ALA H 129 -45.42 -4.32 -2.39
CA ALA H 129 -44.02 -4.62 -2.13
C ALA H 129 -43.82 -5.70 -1.07
N THR H 130 -44.70 -5.78 -0.08
CA THR H 130 -44.53 -6.79 0.96
C THR H 130 -45.01 -8.17 0.51
N GLY H 131 -46.29 -8.30 0.20
CA GLY H 131 -46.85 -9.59 -0.11
C GLY H 131 -46.87 -9.92 -1.58
N GLY H 132 -47.20 -8.95 -2.41
CA GLY H 132 -47.23 -9.16 -3.84
C GLY H 132 -48.51 -8.72 -4.51
N PHE H 133 -49.49 -8.30 -3.73
CA PHE H 133 -50.77 -7.89 -4.27
C PHE H 133 -51.33 -6.71 -3.49
N GLY H 134 -51.68 -5.64 -4.21
CA GLY H 134 -52.33 -4.50 -3.61
C GLY H 134 -53.44 -4.00 -4.52
N CYS H 135 -54.29 -3.16 -3.97
CA CYS H 135 -55.44 -2.68 -4.74
C CYS H 135 -55.95 -1.40 -4.12
N PHE H 136 -56.65 -0.60 -4.93
CA PHE H 136 -57.39 0.54 -4.41
C PHE H 136 -58.59 0.80 -5.30
N ARG H 137 -59.55 1.54 -4.77
CA ARG H 137 -60.87 1.69 -5.37
C ARG H 137 -61.06 3.10 -5.89
N LEU H 138 -62.08 3.28 -6.72
CA LEU H 138 -62.37 4.57 -7.36
C LEU H 138 -63.88 4.70 -7.43
N THR H 139 -64.48 5.41 -6.48
CA THR H 139 -65.93 5.51 -6.35
C THR H 139 -66.41 6.91 -6.72
N SER H 140 -67.71 7.13 -6.55
CA SER H 140 -68.33 8.43 -6.80
C SER H 140 -69.24 8.77 -5.62
N MET H 141 -68.86 9.75 -4.84
CA MET H 141 -69.57 10.15 -3.63
C MET H 141 -70.35 11.44 -3.88
N LEU H 142 -71.36 11.66 -3.04
CA LEU H 142 -72.29 12.76 -3.21
C LEU H 142 -71.91 13.91 -2.27
N VAL H 143 -71.41 14.99 -2.86
CA VAL H 143 -71.15 16.23 -2.13
C VAL H 143 -71.51 17.41 -3.02
N ARG H 152 -72.64 18.86 -7.40
CA ARG H 152 -73.19 18.10 -6.28
C ARG H 152 -72.88 16.63 -6.40
N GLN H 153 -71.96 16.29 -7.30
CA GLN H 153 -71.44 14.94 -7.45
C GLN H 153 -69.94 15.02 -7.58
N ARG H 154 -69.26 13.95 -7.19
CA ARG H 154 -67.81 13.97 -7.12
C ARG H 154 -67.26 12.58 -7.34
N ILE H 155 -66.03 12.50 -7.82
CA ILE H 155 -65.29 11.25 -7.93
C ILE H 155 -64.27 11.21 -6.81
N ALA H 156 -64.23 10.12 -6.07
CA ALA H 156 -63.35 9.98 -4.93
C ALA H 156 -62.47 8.74 -5.08
N ILE H 157 -61.29 8.80 -4.49
CA ILE H 157 -60.34 7.70 -4.51
C ILE H 157 -60.20 7.18 -3.08
N GLU H 158 -60.46 5.89 -2.90
CA GLU H 158 -60.52 5.30 -1.58
C GLU H 158 -59.58 4.11 -1.47
N PRO H 159 -59.04 3.85 -0.29
CA PRO H 159 -58.16 2.69 -0.12
C PRO H 159 -58.92 1.42 0.19
N ILE H 160 -58.26 0.30 -0.08
CA ILE H 160 -58.77 -1.02 0.22
C ILE H 160 -57.79 -1.70 1.16
N TYR H 161 -58.30 -2.22 2.27
CA TYR H 161 -57.46 -2.84 3.29
C TYR H 161 -57.60 -4.35 3.22
N ASP H 162 -56.47 -5.04 3.37
CA ASP H 162 -56.34 -6.48 3.23
C ASP H 162 -56.73 -6.96 1.84
N PRO H 163 -56.06 -6.49 0.78
CA PRO H 163 -56.46 -6.90 -0.56
C PRO H 163 -56.33 -8.38 -0.82
N SER H 164 -55.40 -9.06 -0.17
CA SER H 164 -55.16 -10.47 -0.47
C SER H 164 -56.39 -11.32 -0.18
N ARG H 165 -57.09 -11.03 0.91
CA ARG H 165 -58.27 -11.79 1.31
C ARG H 165 -59.56 -11.03 1.08
N SER H 166 -59.56 -9.99 0.24
CA SER H 166 -60.74 -9.16 0.05
C SER H 166 -61.21 -9.07 -1.39
N VAL H 167 -60.31 -9.05 -2.36
CA VAL H 167 -60.66 -8.79 -3.75
C VAL H 167 -60.54 -10.09 -4.55
N TRP H 168 -61.62 -10.46 -5.23
CA TRP H 168 -61.65 -11.66 -6.05
C TRP H 168 -62.27 -11.32 -7.40
N PHE H 169 -61.59 -11.70 -8.48
CA PHE H 169 -61.98 -11.34 -9.83
C PHE H 169 -62.54 -12.53 -10.58
N ASP H 170 -63.09 -12.24 -11.75
CA ASP H 170 -63.53 -13.28 -12.67
C ASP H 170 -62.35 -14.18 -13.03
N PRO H 171 -62.46 -15.50 -12.88
CA PRO H 171 -61.33 -16.37 -13.21
C PRO H 171 -60.99 -16.41 -14.69
N ASP H 172 -61.77 -15.72 -15.52
CA ASP H 172 -61.53 -15.68 -16.95
C ASP H 172 -60.75 -14.45 -17.39
N ALA H 173 -60.43 -13.54 -16.49
CA ALA H 173 -59.63 -12.38 -16.84
C ALA H 173 -58.16 -12.71 -16.70
N LYS H 174 -57.38 -12.40 -17.74
CA LYS H 174 -55.98 -12.78 -17.77
C LYS H 174 -55.03 -11.60 -17.86
N LYS H 175 -55.52 -10.41 -18.18
CA LYS H 175 -54.61 -9.30 -18.38
C LYS H 175 -54.16 -8.71 -17.05
N TYR H 176 -53.13 -7.87 -17.12
CA TYR H 176 -52.58 -7.27 -15.91
C TYR H 176 -53.62 -6.43 -15.18
N ASP H 177 -54.35 -5.61 -15.93
CA ASP H 177 -55.30 -4.67 -15.35
C ASP H 177 -56.70 -5.24 -15.22
N LYS H 178 -56.91 -6.51 -15.58
CA LYS H 178 -58.21 -7.16 -15.48
C LYS H 178 -59.25 -6.40 -16.28
N SER H 179 -58.86 -5.91 -17.45
CA SER H 179 -59.80 -5.21 -18.32
C SER H 179 -60.90 -6.14 -18.80
N ASP H 180 -60.56 -7.39 -19.11
CA ASP H 180 -61.50 -8.34 -19.67
C ASP H 180 -62.21 -9.17 -18.60
N ALA H 181 -62.73 -8.50 -17.59
CA ALA H 181 -63.44 -9.15 -16.50
C ALA H 181 -64.89 -8.69 -16.51
N LEU H 182 -65.78 -9.58 -16.06
CA LEU H 182 -67.20 -9.31 -16.09
C LEU H 182 -67.84 -9.23 -14.72
N TRP H 183 -67.13 -9.60 -13.66
CA TRP H 183 -67.64 -9.41 -12.31
C TRP H 183 -66.48 -9.47 -11.33
N ALA H 184 -66.71 -8.95 -10.13
CA ALA H 184 -65.69 -8.95 -9.09
C ALA H 184 -66.36 -8.80 -7.74
N PHE H 185 -65.59 -9.11 -6.68
CA PHE H 185 -66.05 -9.02 -5.31
C PHE H 185 -65.09 -8.17 -4.51
N CYS H 186 -65.61 -7.49 -3.49
CA CYS H 186 -64.79 -6.69 -2.58
C CYS H 186 -65.37 -6.85 -1.19
N MET H 187 -64.68 -7.61 -0.34
CA MET H 187 -65.16 -7.91 1.00
C MET H 187 -64.59 -6.92 2.01
N TYR H 188 -65.36 -6.67 3.06
CA TYR H 188 -64.87 -5.87 4.18
C TYR H 188 -65.59 -6.28 5.45
N SER H 189 -64.88 -6.20 6.56
CA SER H 189 -65.39 -6.60 7.86
C SER H 189 -66.17 -5.47 8.50
N LEU H 190 -67.03 -5.82 9.44
CA LEU H 190 -67.99 -4.89 10.01
C LEU H 190 -68.32 -5.34 11.42
N SER H 191 -68.80 -4.41 12.23
CA SER H 191 -69.18 -4.72 13.60
C SER H 191 -70.69 -4.84 13.73
N PRO H 192 -71.18 -5.66 14.67
CA PRO H 192 -72.62 -5.86 14.80
C PRO H 192 -73.40 -4.58 15.04
N GLU H 193 -72.81 -3.65 15.78
CA GLU H 193 -73.45 -2.37 16.02
C GLU H 193 -73.56 -1.51 14.76
N LYS H 194 -72.52 -1.49 13.94
CA LYS H 194 -72.61 -0.78 12.67
C LYS H 194 -73.49 -1.50 11.66
N TYR H 195 -73.62 -2.82 11.77
CA TYR H 195 -74.63 -3.52 11.00
C TYR H 195 -76.03 -3.18 11.47
N GLU H 196 -76.18 -2.84 12.76
CA GLU H 196 -77.48 -2.41 13.25
C GLU H 196 -77.79 -0.97 12.84
N ALA H 197 -76.77 -0.14 12.66
CA ALA H 197 -76.98 1.25 12.30
C ALA H 197 -77.77 1.37 11.01
N GLU H 198 -77.19 0.93 9.90
CA GLU H 198 -77.92 0.80 8.65
C GLU H 198 -78.31 -0.64 8.45
N TYR H 199 -79.01 -0.93 7.36
CA TYR H 199 -79.50 -2.28 7.08
C TYR H 199 -80.51 -2.74 8.13
N GLY H 200 -80.91 -1.84 9.01
CA GLY H 200 -82.04 -2.08 9.90
C GLY H 200 -81.72 -3.10 10.97
N LYS H 201 -82.77 -3.46 11.71
CA LYS H 201 -82.68 -4.46 12.77
C LYS H 201 -82.18 -5.78 12.21
N LYS H 202 -82.93 -6.35 11.27
CA LYS H 202 -82.52 -7.50 10.47
C LYS H 202 -82.36 -8.74 11.34
N PRO H 203 -82.33 -9.94 10.76
CA PRO H 203 -81.88 -11.11 11.50
C PRO H 203 -80.45 -10.93 11.99
N PRO H 204 -79.95 -11.85 12.82
CA PRO H 204 -78.67 -11.63 13.50
C PRO H 204 -77.45 -11.74 12.59
N THR H 205 -77.66 -11.65 11.27
CA THR H 205 -76.64 -11.53 10.23
C THR H 205 -76.13 -12.90 9.80
N SER H 206 -75.83 -13.05 8.51
CA SER H 206 -75.19 -14.25 7.98
C SER H 206 -73.97 -13.82 7.18
N LEU H 207 -72.80 -13.93 7.80
CA LEU H 207 -71.58 -13.45 7.16
C LEU H 207 -71.05 -14.46 6.14
N ASP H 208 -70.22 -13.98 5.23
CA ASP H 208 -69.59 -14.82 4.24
C ASP H 208 -68.50 -15.68 4.88
N VAL H 209 -68.02 -16.68 4.12
CA VAL H 209 -67.04 -17.64 4.62
C VAL H 209 -65.96 -17.85 3.56
N THR H 210 -64.70 -17.93 4.00
CA THR H 210 -63.57 -18.26 3.15
C THR H 210 -62.70 -19.38 3.70
N SER H 211 -62.72 -19.61 5.01
CA SER H 211 -61.83 -20.57 5.67
C SER H 211 -60.37 -20.25 5.35
N MET H 212 -60.02 -18.97 5.49
CA MET H 212 -58.70 -18.45 5.14
C MET H 212 -57.87 -18.03 6.35
N THR H 213 -58.45 -17.28 7.27
CA THR H 213 -57.72 -16.62 8.34
C THR H 213 -57.66 -17.53 9.57
N SER H 214 -56.95 -17.08 10.61
CA SER H 214 -56.68 -17.82 11.83
C SER H 214 -55.76 -19.00 11.54
N TRP H 215 -55.30 -19.08 10.30
CA TRP H 215 -54.31 -20.09 9.94
C TRP H 215 -52.99 -19.66 10.56
N GLU H 216 -52.63 -20.28 11.69
CA GLU H 216 -51.53 -19.83 12.55
C GLU H 216 -51.80 -18.42 13.07
N TYR H 217 -52.80 -18.31 13.95
CA TYR H 217 -53.27 -17.03 14.49
C TYR H 217 -54.27 -17.21 15.62
N ASN H 218 -54.31 -16.28 16.55
CA ASN H 218 -55.22 -16.31 17.69
C ASN H 218 -56.43 -15.42 17.45
N TRP H 219 -57.60 -15.94 17.81
CA TRP H 219 -58.84 -15.22 17.58
C TRP H 219 -59.45 -14.88 18.93
N PHE H 220 -59.99 -13.67 19.02
CA PHE H 220 -60.65 -13.20 20.23
C PHE H 220 -61.91 -12.41 19.88
N GLY H 221 -62.01 -11.97 18.63
CA GLY H 221 -63.07 -11.08 18.23
C GLY H 221 -64.23 -11.77 17.53
N ALA H 222 -65.43 -11.65 18.10
CA ALA H 222 -66.63 -12.17 17.47
C ALA H 222 -67.27 -11.09 16.61
N ASP H 223 -66.60 -9.95 16.50
CA ASP H 223 -67.10 -8.84 15.68
C ASP H 223 -66.64 -9.07 14.24
N VAL H 224 -67.23 -10.10 13.65
CA VAL H 224 -66.77 -10.58 12.35
C VAL H 224 -67.56 -9.96 11.20
N ILE H 225 -68.86 -10.26 11.13
CA ILE H 225 -69.78 -9.90 10.04
C ILE H 225 -69.06 -9.45 8.77
N TYR H 226 -68.82 -10.37 7.85
CA TYR H 226 -68.15 -10.08 6.59
C TYR H 226 -69.19 -9.77 5.52
N ILE H 227 -69.10 -8.57 4.94
CA ILE H 227 -69.99 -8.13 3.89
C ILE H 227 -69.17 -7.96 2.62
N ALA H 228 -69.84 -8.07 1.47
CA ALA H 228 -69.13 -7.96 0.21
C ALA H 228 -69.89 -7.04 -0.74
N LYS H 229 -69.15 -6.41 -1.65
CA LYS H 229 -69.72 -5.65 -2.74
C LYS H 229 -69.54 -6.43 -4.03
N TYR H 230 -70.55 -6.37 -4.89
CA TYR H 230 -70.60 -7.17 -6.10
C TYR H 230 -70.77 -6.26 -7.31
N TYR H 231 -69.92 -6.45 -8.32
CA TYR H 231 -69.93 -5.62 -9.52
C TYR H 231 -70.31 -6.47 -10.71
N GLU H 232 -71.26 -5.99 -11.50
CA GLU H 232 -71.73 -6.65 -12.71
C GLU H 232 -71.49 -5.73 -13.89
N VAL H 233 -71.30 -6.30 -15.08
CA VAL H 233 -71.30 -5.55 -16.31
C VAL H 233 -72.30 -6.18 -17.25
N ARG H 234 -73.22 -5.37 -17.78
CA ARG H 234 -74.29 -5.83 -18.63
C ARG H 234 -74.33 -5.00 -19.89
N LYS H 235 -74.90 -5.59 -20.95
CA LYS H 235 -75.04 -4.84 -22.20
C LYS H 235 -76.28 -3.95 -22.17
N GLU H 236 -77.46 -4.54 -22.09
CA GLU H 236 -78.72 -3.81 -22.05
C GLU H 236 -78.95 -2.95 -23.28
N SER H 237 -80.16 -2.44 -23.44
CA SER H 237 -80.52 -1.58 -24.56
C SER H 237 -81.01 -0.25 -24.01
N VAL H 238 -80.46 0.84 -24.53
CA VAL H 238 -80.80 2.19 -24.08
C VAL H 238 -81.17 3.01 -25.30
N ASP H 239 -82.16 3.87 -25.14
CA ASP H 239 -82.69 4.68 -26.23
C ASP H 239 -82.04 6.06 -26.20
N VAL H 240 -81.35 6.42 -27.27
CA VAL H 240 -80.85 7.79 -27.43
C VAL H 240 -81.94 8.60 -28.10
N ILE H 241 -82.35 9.68 -27.45
CA ILE H 241 -83.58 10.39 -27.80
C ILE H 241 -83.26 11.84 -28.13
N SER H 242 -82.17 12.06 -28.85
CA SER H 242 -81.53 13.34 -29.14
C SER H 242 -82.42 14.57 -29.24
N TYR H 243 -82.10 15.59 -28.44
CA TYR H 243 -82.61 16.95 -28.65
C TYR H 243 -81.60 17.75 -29.49
N ARG H 244 -81.41 17.31 -30.73
CA ARG H 244 -80.49 18.04 -31.61
C ARG H 244 -81.13 19.37 -31.95
N HIS H 245 -80.84 20.39 -31.15
CA HIS H 245 -81.46 21.69 -31.32
C HIS H 245 -80.71 22.45 -32.41
N PRO H 246 -81.37 22.84 -33.51
CA PRO H 246 -80.65 23.48 -34.61
C PRO H 246 -79.92 24.75 -34.22
N ILE H 247 -80.50 25.56 -33.32
CA ILE H 247 -79.89 26.82 -32.94
C ILE H 247 -78.67 26.55 -32.05
N THR H 248 -77.85 27.58 -31.88
CA THR H 248 -76.55 27.52 -31.20
C THR H 248 -75.82 26.22 -31.51
N GLY H 249 -75.74 25.92 -32.80
CA GLY H 249 -75.10 24.70 -33.28
C GLY H 249 -75.85 23.46 -32.82
N GLU H 250 -75.23 22.72 -31.90
CA GLU H 250 -75.86 21.55 -31.27
C GLU H 250 -76.29 20.51 -32.32
N ILE H 251 -75.29 19.98 -33.01
CA ILE H 251 -75.46 18.92 -34.00
C ILE H 251 -75.14 17.60 -33.33
N ALA H 252 -75.93 16.57 -33.63
CA ALA H 252 -75.67 15.21 -33.15
C ALA H 252 -75.62 15.17 -31.62
N THR H 253 -76.78 15.46 -31.04
CA THR H 253 -76.94 15.61 -29.60
C THR H 253 -77.10 14.23 -28.94
N TYR H 254 -77.08 14.23 -27.61
CA TYR H 254 -76.94 13.04 -26.79
C TYR H 254 -78.24 12.41 -26.35
N ASP H 255 -78.94 13.10 -25.46
CA ASP H 255 -80.19 12.70 -24.84
C ASP H 255 -80.28 11.20 -24.61
N SER H 256 -79.39 10.65 -23.78
CA SER H 256 -79.62 9.30 -23.32
C SER H 256 -80.90 9.23 -22.50
N ASP H 257 -81.36 8.00 -22.26
CA ASP H 257 -82.63 7.81 -21.58
C ASP H 257 -82.62 8.40 -20.18
N GLN H 258 -81.52 8.23 -19.45
CA GLN H 258 -81.38 8.70 -18.09
C GLN H 258 -81.23 10.22 -17.98
N VAL H 259 -81.32 10.95 -19.09
CA VAL H 259 -81.17 12.40 -19.03
C VAL H 259 -82.52 13.09 -18.88
N GLU H 260 -83.49 12.72 -19.71
CA GLU H 260 -84.76 13.45 -19.75
C GLU H 260 -85.49 13.36 -18.41
N ASP H 261 -85.49 12.19 -17.78
CA ASP H 261 -86.21 12.02 -16.53
C ASP H 261 -85.69 12.95 -15.44
N ILE H 262 -84.37 13.06 -15.32
CA ILE H 262 -83.79 13.99 -14.35
C ILE H 262 -83.83 15.43 -14.88
N GLU H 263 -83.44 15.62 -16.13
CA GLU H 263 -83.40 16.96 -16.73
C GLU H 263 -84.80 17.30 -17.22
N ASP H 264 -85.56 17.98 -16.37
CA ASP H 264 -86.91 18.44 -16.71
C ASP H 264 -86.89 19.96 -16.76
N GLU H 265 -86.44 20.49 -17.90
CA GLU H 265 -86.52 21.91 -18.19
C GLU H 265 -87.79 22.27 -18.94
N LEU H 266 -88.66 21.28 -19.17
CA LEU H 266 -89.85 21.45 -19.99
C LEU H 266 -89.49 21.81 -21.43
N ALA H 267 -88.34 21.34 -21.90
CA ALA H 267 -87.92 21.46 -23.30
C ALA H 267 -87.98 22.91 -23.77
N ILE H 268 -87.16 23.74 -23.13
CA ILE H 268 -87.18 25.17 -23.45
C ILE H 268 -86.73 25.42 -24.88
N ALA H 269 -85.50 25.03 -25.20
CA ALA H 269 -84.89 25.36 -26.49
C ALA H 269 -84.19 24.14 -27.06
N GLY H 270 -84.88 23.01 -27.13
CA GLY H 270 -84.24 21.83 -27.69
C GLY H 270 -84.84 21.20 -28.93
N PHE H 271 -86.17 21.20 -29.05
CA PHE H 271 -86.89 20.44 -30.08
C PHE H 271 -86.59 18.94 -29.94
N HIS H 272 -87.35 18.10 -30.64
CA HIS H 272 -87.24 16.66 -30.39
C HIS H 272 -86.71 15.88 -31.58
N GLU H 273 -87.17 16.22 -32.79
CA GLU H 273 -86.70 15.63 -34.04
C GLU H 273 -86.46 14.12 -33.93
N VAL H 274 -85.39 13.61 -34.52
CA VAL H 274 -85.13 12.17 -34.50
C VAL H 274 -84.74 11.77 -33.08
N ALA H 275 -85.52 10.87 -32.50
CA ALA H 275 -85.29 10.43 -31.13
C ALA H 275 -85.56 8.94 -30.97
N ARG H 276 -85.55 8.20 -32.06
CA ARG H 276 -86.01 6.83 -32.01
C ARG H 276 -84.93 5.85 -32.44
N ARG H 277 -83.71 6.05 -31.94
CA ARG H 277 -82.62 5.11 -32.18
C ARG H 277 -82.29 4.41 -30.87
N SER H 278 -82.40 3.09 -30.86
CA SER H 278 -82.08 2.28 -29.69
C SER H 278 -80.73 1.62 -29.92
N VAL H 279 -79.82 1.81 -28.97
CA VAL H 279 -78.44 1.37 -29.10
C VAL H 279 -78.09 0.50 -27.91
N LYS H 280 -77.28 -0.52 -28.15
CA LYS H 280 -76.75 -1.35 -27.09
C LYS H 280 -75.50 -0.70 -26.53
N ARG H 281 -75.48 -0.43 -25.23
CA ARG H 281 -74.36 0.20 -24.56
C ARG H 281 -73.83 -0.77 -23.52
N ARG H 282 -72.97 -0.28 -22.64
CA ARG H 282 -72.33 -1.09 -21.61
C ARG H 282 -72.39 -0.34 -20.29
N ARG H 283 -73.06 -0.92 -19.30
CA ARG H 283 -73.13 -0.30 -17.98
C ARG H 283 -72.70 -1.29 -16.90
N VAL H 284 -72.38 -0.73 -15.74
CA VAL H 284 -71.87 -1.46 -14.60
C VAL H 284 -72.83 -1.25 -13.43
N TYR H 285 -73.17 -2.34 -12.75
CA TYR H 285 -74.06 -2.32 -11.60
C TYR H 285 -73.31 -2.76 -10.35
N VAL H 286 -73.71 -2.21 -9.20
CA VAL H 286 -73.11 -2.56 -7.93
C VAL H 286 -74.19 -3.01 -6.97
N SER H 287 -73.83 -3.91 -6.06
CA SER H 287 -74.77 -4.50 -5.13
C SER H 287 -74.03 -4.85 -3.84
N VAL H 288 -74.78 -5.01 -2.76
CA VAL H 288 -74.24 -5.41 -1.47
C VAL H 288 -74.97 -6.68 -1.05
N VAL H 289 -74.21 -7.74 -0.77
CA VAL H 289 -74.76 -9.04 -0.44
C VAL H 289 -74.07 -9.59 0.79
N ASP H 290 -74.71 -10.58 1.39
CA ASP H 290 -74.12 -11.34 2.49
C ASP H 290 -74.49 -12.80 2.29
N GLY H 291 -74.33 -13.61 3.34
CA GLY H 291 -74.61 -15.02 3.21
C GLY H 291 -76.09 -15.36 3.14
N ASP H 292 -76.97 -14.39 3.37
CA ASP H 292 -78.41 -14.63 3.36
C ASP H 292 -79.10 -14.05 2.14
N GLY H 293 -78.94 -12.75 1.88
CA GLY H 293 -79.61 -12.13 0.76
C GLY H 293 -79.03 -10.80 0.35
N PHE H 294 -79.87 -9.88 -0.10
CA PHE H 294 -79.44 -8.58 -0.57
C PHE H 294 -79.61 -7.55 0.53
N LEU H 295 -78.50 -6.96 0.97
CA LEU H 295 -78.59 -5.81 1.86
C LEU H 295 -78.94 -4.55 1.10
N GLU H 296 -78.48 -4.42 -0.14
CA GLU H 296 -78.81 -3.29 -0.99
C GLU H 296 -79.05 -3.79 -2.41
N LYS H 297 -80.19 -3.44 -2.99
CA LYS H 297 -80.54 -3.91 -4.31
C LYS H 297 -79.62 -3.27 -5.35
N PRO H 298 -79.43 -3.92 -6.50
CA PRO H 298 -78.49 -3.39 -7.49
C PRO H 298 -78.87 -2.02 -8.02
N ARG H 299 -77.86 -1.21 -8.29
CA ARG H 299 -78.02 0.09 -8.91
C ARG H 299 -76.82 0.34 -9.81
N ARG H 300 -77.02 1.14 -10.84
CA ARG H 300 -75.96 1.38 -11.82
C ARG H 300 -75.08 2.53 -11.40
N ILE H 301 -73.77 2.37 -11.61
CA ILE H 301 -72.78 3.37 -11.22
C ILE H 301 -72.32 4.11 -12.47
N PRO H 302 -71.88 5.36 -12.34
CA PRO H 302 -71.57 6.18 -13.53
C PRO H 302 -70.23 5.84 -14.18
N GLY H 303 -70.23 4.86 -15.08
CA GLY H 303 -69.00 4.55 -15.77
C GLY H 303 -69.21 3.46 -16.79
N GLU H 304 -68.09 2.90 -17.26
CA GLU H 304 -68.08 1.79 -18.18
C GLU H 304 -67.19 0.65 -17.75
N HIS H 305 -66.22 0.90 -16.87
CA HIS H 305 -65.26 -0.09 -16.41
C HIS H 305 -65.54 -0.47 -14.96
N ILE H 306 -65.03 -1.63 -14.56
CA ILE H 306 -65.05 -2.00 -13.15
C ILE H 306 -64.08 -1.11 -12.39
N PRO H 307 -64.49 -0.45 -11.32
CA PRO H 307 -63.64 0.57 -10.70
C PRO H 307 -62.58 0.06 -9.75
N LEU H 308 -62.17 -1.21 -9.84
CA LEU H 308 -61.12 -1.75 -9.00
C LEU H 308 -59.79 -1.74 -9.76
N ILE H 309 -58.74 -1.26 -9.12
CA ILE H 309 -57.44 -1.08 -9.74
C ILE H 309 -56.42 -1.94 -9.01
N PRO H 310 -55.99 -3.06 -9.60
CA PRO H 310 -55.01 -3.92 -8.92
C PRO H 310 -53.59 -3.41 -9.09
N VAL H 311 -52.77 -3.70 -8.10
CA VAL H 311 -51.34 -3.38 -8.11
C VAL H 311 -50.56 -4.62 -7.72
N TYR H 312 -49.56 -4.99 -8.51
CA TYR H 312 -48.77 -6.18 -8.29
C TYR H 312 -47.31 -5.84 -8.13
N GLY H 313 -46.60 -6.63 -7.33
CA GLY H 313 -45.17 -6.49 -7.23
C GLY H 313 -44.48 -7.10 -8.43
N LYS H 314 -44.67 -8.41 -8.62
CA LYS H 314 -44.21 -9.11 -9.81
C LYS H 314 -45.28 -10.13 -10.16
N ARG H 315 -45.77 -10.10 -11.40
CA ARG H 315 -46.89 -10.94 -11.79
C ARG H 315 -46.55 -11.73 -13.05
N TRP H 316 -46.91 -13.01 -13.04
CA TRP H 316 -46.72 -13.89 -14.19
C TRP H 316 -47.94 -14.80 -14.31
N PHE H 317 -48.10 -15.40 -15.49
CA PHE H 317 -49.20 -16.30 -15.81
C PHE H 317 -48.59 -17.61 -16.28
N ILE H 318 -48.66 -18.64 -15.43
CA ILE H 318 -47.85 -19.85 -15.62
C ILE H 318 -48.67 -21.02 -16.14
N ASP H 319 -49.61 -21.52 -15.34
CA ASP H 319 -50.45 -22.65 -15.77
C ASP H 319 -51.90 -22.33 -15.46
N ASP H 320 -52.55 -21.59 -16.35
CA ASP H 320 -53.94 -21.17 -16.18
C ASP H 320 -54.19 -20.47 -14.86
N ILE H 321 -53.14 -20.07 -14.17
CA ILE H 321 -53.23 -19.48 -12.84
C ILE H 321 -52.27 -18.30 -12.78
N GLU H 322 -52.75 -17.17 -12.28
CA GLU H 322 -51.91 -16.00 -12.11
C GLU H 322 -51.10 -16.11 -10.83
N ARG H 323 -49.81 -15.80 -10.91
CA ARG H 323 -48.91 -15.97 -9.78
C ARG H 323 -48.18 -14.67 -9.50
N VAL H 324 -48.11 -14.29 -8.22
CA VAL H 324 -47.52 -13.04 -7.80
C VAL H 324 -46.36 -13.33 -6.85
N GLU H 325 -45.55 -12.31 -6.58
CA GLU H 325 -44.45 -12.44 -5.65
C GLU H 325 -44.04 -11.06 -5.15
N GLY H 326 -43.72 -10.99 -3.85
CA GLY H 326 -43.32 -9.74 -3.25
C GLY H 326 -41.81 -9.59 -3.21
N HIS H 327 -41.26 -9.26 -2.05
CA HIS H 327 -39.82 -9.09 -1.90
C HIS H 327 -39.25 -9.87 -0.74
N ILE H 328 -40.04 -10.69 -0.05
CA ILE H 328 -39.57 -11.43 1.11
C ILE H 328 -39.88 -12.91 1.03
N ALA H 329 -40.65 -13.36 0.04
CA ALA H 329 -40.97 -14.78 -0.03
C ALA H 329 -39.72 -15.61 -0.22
N LYS H 330 -38.77 -15.13 -1.02
CA LYS H 330 -37.59 -15.92 -1.33
C LYS H 330 -36.65 -16.08 -0.16
N ALA H 331 -36.78 -15.24 0.88
CA ALA H 331 -35.82 -15.24 1.98
C ALA H 331 -36.36 -15.90 3.24
N MET H 332 -37.48 -16.61 3.16
CA MET H 332 -38.03 -17.21 4.37
C MET H 332 -37.13 -18.31 4.91
N ASP H 333 -36.68 -19.21 4.04
CA ASP H 333 -35.95 -20.38 4.53
C ASP H 333 -34.63 -20.02 5.20
N PRO H 334 -33.74 -19.21 4.59
CA PRO H 334 -32.54 -18.82 5.33
C PRO H 334 -32.83 -18.08 6.62
N GLN H 335 -33.86 -17.24 6.65
CA GLN H 335 -34.15 -16.49 7.87
C GLN H 335 -34.58 -17.41 9.01
N ARG H 336 -35.53 -18.30 8.74
CA ARG H 336 -36.03 -19.18 9.78
C ARG H 336 -35.09 -20.34 10.06
N LEU H 337 -34.02 -20.47 9.29
CA LEU H 337 -32.96 -21.41 9.67
C LEU H 337 -31.90 -20.72 10.53
N TYR H 338 -31.62 -19.45 10.24
CA TYR H 338 -30.73 -18.64 11.08
C TYR H 338 -31.29 -18.50 12.49
N ASN H 339 -32.60 -18.27 12.60
CA ASN H 339 -33.21 -18.18 13.93
C ASN H 339 -33.00 -19.47 14.72
N LEU H 340 -33.19 -20.62 14.07
CA LEU H 340 -32.99 -21.89 14.76
C LEU H 340 -31.55 -22.05 15.19
N GLN H 341 -30.60 -21.66 14.35
CA GLN H 341 -29.20 -21.78 14.72
C GLN H 341 -28.90 -20.98 15.99
N VAL H 342 -29.37 -19.73 16.03
CA VAL H 342 -29.07 -18.91 17.21
C VAL H 342 -29.73 -19.48 18.45
N SER H 343 -30.99 -19.89 18.33
CA SER H 343 -31.69 -20.43 19.49
C SER H 343 -31.03 -21.68 20.01
N MET H 344 -30.55 -22.55 19.12
CA MET H 344 -29.89 -23.77 19.56
C MET H 344 -28.52 -23.50 20.16
N LEU H 345 -27.81 -22.47 19.69
CA LEU H 345 -26.53 -22.16 20.31
C LEU H 345 -26.68 -21.57 21.71
N ALA H 346 -27.72 -20.76 21.93
CA ALA H 346 -27.83 -20.03 23.19
C ALA H 346 -27.90 -20.98 24.40
N ASP H 347 -28.82 -21.94 24.38
CA ASP H 347 -28.99 -22.79 25.54
C ASP H 347 -27.87 -23.80 25.70
N THR H 348 -27.28 -24.26 24.61
CA THR H 348 -26.08 -25.09 24.72
C THR H 348 -24.97 -24.34 25.43
N ALA H 349 -24.79 -23.06 25.09
CA ALA H 349 -23.81 -22.26 25.83
C ALA H 349 -24.20 -22.12 27.29
N ALA H 350 -25.49 -21.91 27.56
CA ALA H 350 -25.92 -21.67 28.94
C ALA H 350 -25.94 -22.93 29.79
N GLN H 351 -25.79 -24.12 29.21
CA GLN H 351 -25.86 -25.33 30.01
C GLN H 351 -24.62 -25.57 30.88
N ASP H 352 -23.42 -25.39 30.35
CA ASP H 352 -22.18 -25.71 31.05
C ASP H 352 -21.23 -24.52 31.00
N PRO H 353 -21.33 -23.60 31.97
CA PRO H 353 -20.54 -22.37 31.88
C PRO H 353 -19.06 -22.55 32.17
N GLY H 354 -18.70 -23.34 33.19
CA GLY H 354 -17.31 -23.40 33.60
C GLY H 354 -16.77 -24.77 33.92
N GLN H 355 -15.78 -24.85 34.81
CA GLN H 355 -15.13 -26.09 35.18
C GLN H 355 -15.25 -26.32 36.68
N ILE H 356 -15.48 -27.58 37.06
CA ILE H 356 -15.57 -27.95 38.47
C ILE H 356 -14.68 -29.17 38.70
N PRO H 357 -13.84 -29.17 39.73
CA PRO H 357 -13.04 -30.36 40.01
C PRO H 357 -13.91 -31.52 40.48
N ILE H 358 -13.43 -32.74 40.20
CA ILE H 358 -14.12 -33.96 40.57
C ILE H 358 -13.23 -34.75 41.52
N VAL H 359 -13.78 -35.15 42.66
CA VAL H 359 -13.05 -35.89 43.69
C VAL H 359 -13.93 -37.02 44.21
N GLY H 360 -13.31 -37.95 44.93
CA GLY H 360 -14.04 -38.97 45.64
C GLY H 360 -14.45 -38.53 47.03
N MET H 361 -15.50 -39.16 47.57
CA MET H 361 -16.03 -38.72 48.85
C MET H 361 -15.01 -38.88 49.97
N GLU H 362 -14.27 -39.97 49.96
CA GLU H 362 -13.31 -40.25 51.02
C GLU H 362 -12.04 -39.43 50.87
N GLN H 363 -11.85 -38.78 49.73
CA GLN H 363 -10.62 -38.04 49.47
C GLN H 363 -10.66 -36.62 50.02
N ILE H 364 -11.83 -36.11 50.38
CA ILE H 364 -11.99 -34.72 50.79
C ILE H 364 -12.75 -34.56 52.09
N ARG H 365 -13.27 -35.64 52.67
CA ARG H 365 -14.08 -35.53 53.88
C ARG H 365 -13.27 -34.91 55.01
N GLY H 366 -13.86 -33.92 55.67
CA GLY H 366 -13.19 -33.21 56.74
C GLY H 366 -12.37 -32.02 56.30
N LEU H 367 -12.25 -31.76 54.99
CA LEU H 367 -11.46 -30.65 54.48
C LEU H 367 -12.28 -29.74 53.58
N GLU H 368 -13.61 -29.80 53.66
CA GLU H 368 -14.43 -29.06 52.72
C GLU H 368 -14.35 -27.57 52.94
N LYS H 369 -14.19 -27.12 54.18
CA LYS H 369 -14.19 -25.68 54.44
C LYS H 369 -12.98 -24.98 53.84
N HIS H 370 -11.88 -25.68 53.63
CA HIS H 370 -10.71 -25.06 53.01
C HIS H 370 -10.93 -24.87 51.52
N TRP H 371 -11.55 -25.84 50.86
CA TRP H 371 -11.84 -25.73 49.44
C TRP H 371 -13.01 -24.80 49.16
N GLU H 372 -13.92 -24.64 50.11
CA GLU H 372 -15.08 -23.78 49.89
C GLU H 372 -14.69 -22.32 49.81
N ALA H 373 -13.68 -21.91 50.57
CA ALA H 373 -13.31 -20.51 50.68
C ALA H 373 -11.96 -20.21 50.04
N ARG H 374 -11.60 -20.90 48.96
CA ARG H 374 -10.30 -20.69 48.36
C ARG H 374 -10.20 -19.38 47.60
N ASN H 375 -11.32 -18.74 47.27
CA ASN H 375 -11.28 -17.50 46.53
C ASN H 375 -11.43 -16.26 47.39
N LYS H 376 -11.87 -16.41 48.64
CA LYS H 376 -11.92 -15.28 49.56
C LYS H 376 -10.63 -15.17 50.38
N LYS H 377 -10.33 -16.21 51.13
CA LYS H 377 -9.07 -16.24 51.87
C LYS H 377 -7.92 -16.54 50.92
N ARG H 378 -6.72 -16.45 51.44
CA ARG H 378 -5.58 -16.59 50.54
C ARG H 378 -4.69 -17.71 51.04
N PRO H 379 -5.08 -18.95 50.85
CA PRO H 379 -4.32 -20.06 51.43
C PRO H 379 -2.97 -20.23 50.77
N ALA H 380 -2.00 -20.65 51.59
CA ALA H 380 -0.68 -20.95 51.06
C ALA H 380 -0.67 -22.27 50.31
N PHE H 381 -1.62 -23.16 50.60
CA PHE H 381 -1.74 -24.44 49.93
C PHE H 381 -3.13 -24.98 50.19
N LEU H 382 -3.46 -26.08 49.53
CA LEU H 382 -4.71 -26.76 49.74
C LEU H 382 -4.46 -28.23 50.05
N PRO H 383 -5.08 -28.79 51.08
CA PRO H 383 -4.84 -30.18 51.44
C PRO H 383 -5.79 -31.15 50.74
N LEU H 384 -5.28 -32.35 50.50
CA LEU H 384 -6.09 -33.44 49.95
C LEU H 384 -5.40 -34.75 50.28
N ARG H 385 -6.18 -35.82 50.25
CA ARG H 385 -5.68 -37.16 50.51
C ARG H 385 -5.48 -37.93 49.21
N GLU H 386 -4.87 -39.10 49.32
CA GLU H 386 -4.63 -39.97 48.18
C GLU H 386 -5.72 -41.01 48.06
N VAL H 387 -5.75 -41.69 46.92
CA VAL H 387 -6.73 -42.73 46.66
C VAL H 387 -6.14 -44.05 47.14
N ARG H 388 -6.90 -44.76 47.97
CA ARG H 388 -6.46 -46.02 48.54
C ARG H 388 -7.46 -47.12 48.20
N ASP H 389 -6.94 -48.31 47.93
CA ASP H 389 -7.77 -49.45 47.60
C ASP H 389 -8.26 -50.10 48.89
N LYS H 390 -8.89 -51.27 48.80
CA LYS H 390 -9.47 -51.90 49.97
C LYS H 390 -8.43 -52.44 50.93
N SER H 391 -7.20 -52.66 50.49
CA SER H 391 -6.15 -53.14 51.36
C SER H 391 -5.35 -52.03 52.02
N GLY H 392 -5.58 -50.78 51.63
CA GLY H 392 -4.82 -49.67 52.17
C GLY H 392 -3.64 -49.22 51.35
N ASN H 393 -3.49 -49.70 50.13
CA ASN H 393 -2.39 -49.32 49.26
C ASN H 393 -2.74 -48.07 48.45
N ILE H 394 -1.74 -47.25 48.19
CA ILE H 394 -1.93 -46.00 47.44
C ILE H 394 -1.85 -46.31 45.96
N ILE H 395 -2.85 -45.89 45.20
CA ILE H 395 -2.89 -46.18 43.77
C ILE H 395 -2.88 -44.91 42.94
N ALA H 396 -3.18 -43.77 43.56
CA ALA H 396 -3.22 -42.50 42.83
C ALA H 396 -2.84 -41.38 43.77
N GLY H 397 -2.44 -40.25 43.18
CA GLY H 397 -1.95 -39.12 43.93
C GLY H 397 -3.06 -38.28 44.53
N ALA H 398 -2.66 -37.16 45.11
CA ALA H 398 -3.57 -36.27 45.83
C ALA H 398 -4.27 -35.27 44.93
N THR H 399 -3.98 -35.24 43.64
CA THR H 399 -4.64 -34.31 42.75
C THR H 399 -6.07 -34.74 42.49
N PRO H 400 -6.96 -33.82 42.12
CA PRO H 400 -8.31 -34.22 41.70
C PRO H 400 -8.26 -35.11 40.48
N ALA H 401 -9.26 -35.99 40.38
CA ALA H 401 -9.30 -36.95 39.29
C ALA H 401 -9.41 -36.25 37.93
N GLY H 402 -10.21 -35.19 37.85
CA GLY H 402 -10.36 -34.50 36.59
C GLY H 402 -11.25 -33.29 36.75
N TYR H 403 -11.64 -32.72 35.61
CA TYR H 403 -12.49 -31.55 35.57
C TYR H 403 -13.59 -31.76 34.54
N THR H 404 -14.68 -31.02 34.71
CA THR H 404 -15.75 -31.06 33.72
C THR H 404 -15.37 -30.21 32.51
N GLN H 405 -16.10 -30.41 31.42
CA GLN H 405 -15.80 -29.71 30.20
C GLN H 405 -16.75 -28.54 30.01
N PRO H 406 -16.29 -27.42 29.47
CA PRO H 406 -17.20 -26.35 29.08
C PRO H 406 -17.78 -26.54 27.69
N ALA H 407 -18.66 -25.65 27.24
CA ALA H 407 -19.35 -25.82 25.97
C ALA H 407 -18.38 -25.63 24.79
N VAL H 408 -18.78 -26.10 23.61
CA VAL H 408 -17.85 -26.24 22.50
C VAL H 408 -18.23 -25.48 21.23
N MET H 409 -19.51 -25.32 20.94
CA MET H 409 -19.98 -24.63 19.73
C MET H 409 -19.44 -25.33 18.48
N ASN H 410 -20.04 -26.48 18.20
CA ASN H 410 -19.64 -27.33 17.07
C ASN H 410 -19.52 -26.55 15.77
N GLN H 411 -18.77 -27.14 14.83
CA GLN H 411 -18.37 -26.45 13.60
C GLN H 411 -19.52 -26.26 12.62
N ALA H 412 -20.42 -27.24 12.51
CA ALA H 412 -21.50 -27.15 11.55
C ALA H 412 -22.41 -25.97 11.84
N LEU H 413 -22.67 -25.72 13.12
CA LEU H 413 -23.50 -24.57 13.48
C LEU H 413 -22.85 -23.25 13.09
N ALA H 414 -21.53 -23.12 13.28
CA ALA H 414 -20.86 -21.89 12.88
C ALA H 414 -20.93 -21.70 11.37
N ALA H 415 -20.71 -22.78 10.62
CA ALA H 415 -20.80 -22.68 9.18
C ALA H 415 -22.20 -22.29 8.73
N LEU H 416 -23.23 -22.86 9.35
CA LEU H 416 -24.60 -22.50 8.99
C LEU H 416 -24.89 -21.04 9.32
N LEU H 417 -24.42 -20.56 10.46
CA LEU H 417 -24.62 -19.14 10.79
C LEU H 417 -24.05 -18.26 9.69
N GLN H 418 -22.79 -18.48 9.32
CA GLN H 418 -22.19 -17.65 8.28
C GLN H 418 -22.93 -17.77 6.96
N GLN H 419 -23.25 -19.01 6.55
CA GLN H 419 -23.86 -19.21 5.23
C GLN H 419 -25.22 -18.56 5.13
N THR H 420 -26.07 -18.77 6.15
CA THR H 420 -27.41 -18.20 6.10
C THR H 420 -27.38 -16.67 6.20
N SER H 421 -26.51 -16.13 7.05
CA SER H 421 -26.41 -14.68 7.13
C SER H 421 -25.97 -14.08 5.81
N ALA H 422 -25.03 -14.74 5.12
CA ALA H 422 -24.62 -14.26 3.80
C ALA H 422 -25.71 -14.44 2.75
N ASP H 423 -26.51 -15.50 2.82
CA ASP H 423 -27.51 -15.76 1.80
C ASP H 423 -28.69 -14.81 1.90
N ILE H 424 -29.05 -14.38 3.10
CA ILE H 424 -30.15 -13.45 3.24
C ILE H 424 -29.89 -12.18 2.45
N GLN H 425 -28.65 -11.67 2.49
CA GLN H 425 -28.33 -10.47 1.72
C GLN H 425 -28.25 -10.75 0.22
N GLU H 426 -27.77 -11.92 -0.17
CA GLU H 426 -27.65 -12.25 -1.58
C GLU H 426 -29.01 -12.35 -2.25
N VAL H 427 -29.97 -12.98 -1.59
CA VAL H 427 -31.28 -13.18 -2.21
C VAL H 427 -32.01 -11.86 -2.38
N THR H 428 -31.95 -10.98 -1.37
CA THR H 428 -32.66 -9.72 -1.40
C THR H 428 -31.72 -8.61 -1.83
N GLY H 429 -31.79 -8.24 -3.10
CA GLY H 429 -30.94 -7.19 -3.64
C GLY H 429 -29.46 -7.42 -3.45
N MET H 450 -28.93 3.28 -16.89
CA MET H 450 -28.40 2.09 -16.25
C MET H 450 -28.38 2.27 -14.74
N ASN H 451 -28.34 3.51 -14.29
CA ASN H 451 -28.35 3.79 -12.86
C ASN H 451 -29.63 3.27 -12.23
N ARG H 452 -30.77 3.56 -12.84
CA ARG H 452 -32.05 3.13 -12.28
C ARG H 452 -32.20 1.63 -12.36
N ALA H 453 -31.86 1.03 -13.50
CA ALA H 453 -32.11 -0.39 -13.70
C ALA H 453 -31.26 -1.26 -12.80
N ASP H 454 -30.15 -0.73 -12.30
CA ASP H 454 -29.31 -1.48 -11.38
C ASP H 454 -29.92 -1.63 -10.00
N MET H 455 -30.85 -0.77 -9.63
CA MET H 455 -31.43 -0.80 -8.30
C MET H 455 -32.47 -1.92 -8.21
N ALA H 456 -32.68 -2.39 -6.98
CA ALA H 456 -33.59 -3.51 -6.75
C ALA H 456 -35.05 -3.08 -6.69
N SER H 457 -35.33 -1.79 -6.68
CA SER H 457 -36.69 -1.29 -6.56
C SER H 457 -37.29 -0.88 -7.89
N PHE H 458 -36.64 -1.20 -9.01
CA PHE H 458 -37.10 -0.67 -10.29
C PHE H 458 -38.38 -1.35 -10.75
N ILE H 459 -38.47 -2.66 -10.60
CA ILE H 459 -39.62 -3.38 -11.16
C ILE H 459 -40.91 -3.00 -10.43
N TYR H 460 -40.85 -2.80 -9.13
CA TYR H 460 -42.04 -2.38 -8.40
C TYR H 460 -42.50 -0.99 -8.83
N LEU H 461 -41.57 -0.05 -8.94
CA LEU H 461 -41.90 1.29 -9.37
C LEU H 461 -42.35 1.34 -10.82
N ASP H 462 -41.98 0.34 -11.62
CA ASP H 462 -42.46 0.27 -12.99
C ASP H 462 -43.84 -0.35 -13.08
N ASN H 463 -44.14 -1.36 -12.26
CA ASN H 463 -45.48 -1.92 -12.22
C ASN H 463 -46.49 -0.98 -11.57
N MET H 464 -46.05 -0.05 -10.74
CA MET H 464 -46.97 0.96 -10.21
C MET H 464 -47.44 1.94 -11.29
N ALA H 465 -46.56 2.29 -12.22
CA ALA H 465 -46.93 3.24 -13.27
C ALA H 465 -48.00 2.69 -14.17
N LYS H 466 -47.91 1.41 -14.55
CA LYS H 466 -48.91 0.84 -15.43
C LYS H 466 -50.20 0.52 -14.70
N SER H 467 -50.22 0.60 -13.38
CA SER H 467 -51.48 0.61 -12.65
C SER H 467 -52.11 2.00 -12.64
N LEU H 468 -51.28 3.02 -12.41
CA LEU H 468 -51.78 4.39 -12.48
C LEU H 468 -52.32 4.75 -13.86
N LYS H 469 -51.74 4.20 -14.92
CA LYS H 469 -52.29 4.43 -16.24
C LYS H 469 -53.70 3.87 -16.40
N ARG H 470 -53.98 2.70 -15.85
CA ARG H 470 -55.33 2.15 -15.89
C ARG H 470 -56.28 2.98 -15.02
N ALA H 471 -55.79 3.46 -13.88
CA ALA H 471 -56.62 4.32 -13.04
C ALA H 471 -57.01 5.59 -13.79
N GLY H 472 -56.09 6.16 -14.56
CA GLY H 472 -56.43 7.32 -15.37
C GLY H 472 -57.49 7.05 -16.42
N GLU H 473 -57.41 5.89 -17.08
CA GLU H 473 -58.41 5.52 -18.06
C GLU H 473 -59.79 5.37 -17.42
N VAL H 474 -59.85 4.70 -16.27
CA VAL H 474 -61.12 4.57 -15.58
C VAL H 474 -61.66 5.91 -15.14
N TRP H 475 -60.82 6.79 -14.62
CA TRP H 475 -61.25 8.13 -14.25
C TRP H 475 -61.79 8.92 -15.44
N LEU H 476 -61.12 8.86 -16.59
CA LEU H 476 -61.63 9.53 -17.77
C LEU H 476 -62.98 9.00 -18.20
N SER H 477 -63.16 7.68 -18.20
CA SER H 477 -64.47 7.12 -18.55
C SER H 477 -65.55 7.51 -17.55
N MET H 478 -65.18 7.67 -16.28
CA MET H 478 -66.13 8.02 -15.23
C MET H 478 -66.43 9.51 -15.18
N ALA H 479 -65.49 10.36 -15.60
CA ALA H 479 -65.66 11.80 -15.44
C ALA H 479 -66.65 12.39 -16.43
N ARG H 480 -66.83 11.76 -17.59
CA ARG H 480 -67.74 12.32 -18.58
C ARG H 480 -69.18 12.32 -18.08
N GLU H 481 -69.59 11.28 -17.38
CA GLU H 481 -70.95 11.17 -16.91
C GLU H 481 -71.19 11.96 -15.62
N VAL H 482 -70.13 12.42 -14.95
CA VAL H 482 -70.28 13.20 -13.74
C VAL H 482 -70.06 14.69 -13.98
N TYR H 483 -69.07 15.08 -14.78
CA TYR H 483 -68.79 16.47 -15.06
C TYR H 483 -69.26 16.93 -16.44
N GLY H 484 -69.69 16.02 -17.30
CA GLY H 484 -70.15 16.38 -18.62
C GLY H 484 -69.02 16.44 -19.64
N SER H 485 -69.39 16.35 -20.91
CA SER H 485 -68.41 16.44 -21.99
C SER H 485 -67.92 17.87 -22.12
N GLU H 486 -66.78 18.02 -22.81
CA GLU H 486 -66.13 19.32 -22.85
C GLU H 486 -66.57 20.18 -24.03
N ARG H 487 -66.33 19.69 -25.26
CA ARG H 487 -66.70 20.32 -26.55
C ARG H 487 -66.11 21.71 -26.71
N GLU H 488 -66.05 22.20 -27.95
CA GLU H 488 -65.44 23.51 -28.19
C GLU H 488 -66.11 24.19 -29.36
N VAL H 489 -65.95 25.51 -29.41
CA VAL H 489 -66.47 26.32 -30.51
C VAL H 489 -65.72 27.64 -30.60
N ARG H 510 -61.29 28.65 -24.66
CA ARG H 510 -62.05 28.35 -23.45
C ARG H 510 -62.45 26.89 -23.37
N GLN H 511 -63.09 26.49 -22.28
CA GLN H 511 -63.52 25.12 -22.02
C GLN H 511 -64.82 25.18 -21.21
N THR H 512 -65.96 24.98 -21.86
CA THR H 512 -67.24 25.10 -21.21
C THR H 512 -67.94 23.75 -21.15
N GLY H 513 -68.47 23.41 -19.98
CA GLY H 513 -69.14 22.13 -19.80
C GLY H 513 -70.65 22.20 -19.92
N ALA H 514 -71.34 21.56 -18.98
CA ALA H 514 -72.79 21.42 -19.03
C ALA H 514 -73.48 22.67 -18.51
N VAL H 515 -74.78 22.56 -18.24
CA VAL H 515 -75.56 23.61 -17.60
C VAL H 515 -76.06 23.19 -16.23
N VAL H 516 -76.79 22.09 -16.15
CA VAL H 516 -77.32 21.62 -14.87
C VAL H 516 -76.83 20.21 -14.58
N ALA H 517 -77.08 19.26 -15.47
CA ALA H 517 -76.43 17.95 -15.44
C ALA H 517 -76.67 17.31 -16.79
N LEU H 518 -75.62 17.13 -17.59
CA LEU H 518 -75.78 16.49 -18.88
C LEU H 518 -74.42 15.98 -19.33
N ASN H 519 -74.45 15.02 -20.25
CA ASN H 519 -73.27 14.28 -20.67
C ASN H 519 -72.79 14.70 -22.05
N ASP H 520 -73.70 14.79 -23.02
CA ASP H 520 -73.37 14.88 -24.44
C ASP H 520 -72.78 13.56 -24.89
N LEU H 521 -73.07 13.19 -26.14
CA LEU H 521 -72.67 11.89 -26.65
C LEU H 521 -72.43 12.08 -28.14
N SER H 522 -71.71 11.14 -28.73
CA SER H 522 -71.25 11.28 -30.11
C SER H 522 -70.38 12.52 -30.26
N VAL H 523 -69.61 12.83 -29.22
CA VAL H 523 -68.57 13.83 -29.31
C VAL H 523 -67.20 13.20 -29.53
N GLY H 524 -67.04 11.92 -29.22
CA GLY H 524 -65.84 11.19 -29.59
C GLY H 524 -64.79 11.17 -28.51
N ARG H 525 -63.77 10.35 -28.76
CA ARG H 525 -62.64 10.26 -27.87
C ARG H 525 -61.90 11.60 -27.79
N TYR H 526 -61.40 11.91 -26.59
CA TYR H 526 -60.63 13.12 -26.40
C TYR H 526 -59.27 12.99 -27.07
N ASP H 527 -58.59 14.12 -27.23
CA ASP H 527 -57.28 14.18 -27.87
C ASP H 527 -56.15 14.22 -26.86
N VAL H 528 -56.27 13.49 -25.75
CA VAL H 528 -55.22 13.42 -24.75
C VAL H 528 -54.73 11.99 -24.64
N THR H 529 -53.58 11.83 -24.01
CA THR H 529 -52.97 10.53 -23.77
C THR H 529 -52.64 10.40 -22.30
N VAL H 530 -52.97 9.25 -21.72
CA VAL H 530 -52.72 9.01 -20.30
C VAL H 530 -51.25 8.66 -20.11
N ASP H 531 -50.62 9.31 -19.13
CA ASP H 531 -49.21 9.07 -18.84
C ASP H 531 -49.01 9.18 -17.34
N VAL H 532 -47.76 9.14 -16.91
CA VAL H 532 -47.42 9.31 -15.50
C VAL H 532 -46.34 10.38 -15.38
N GLY H 533 -46.30 11.01 -14.21
CA GLY H 533 -45.33 12.03 -13.93
C GLY H 533 -45.28 12.30 -12.44
N PRO H 534 -44.36 13.19 -12.02
CA PRO H 534 -44.21 13.45 -10.59
C PRO H 534 -45.47 14.06 -9.99
N SER H 535 -45.68 13.78 -8.71
CA SER H 535 -46.85 14.24 -7.98
C SER H 535 -46.55 15.58 -7.32
N TYR H 536 -47.41 16.57 -7.58
CA TYR H 536 -47.24 17.92 -7.07
C TYR H 536 -48.45 18.32 -6.25
N THR H 537 -48.21 19.01 -5.14
CA THR H 537 -49.32 19.44 -4.29
C THR H 537 -50.11 20.57 -4.92
N ALA H 538 -49.42 21.52 -5.55
CA ALA H 538 -50.08 22.67 -6.16
C ALA H 538 -49.57 22.86 -7.57
N ARG H 539 -50.31 23.66 -8.35
CA ARG H 539 -49.94 23.88 -9.74
C ARG H 539 -48.63 24.66 -9.86
N ARG H 540 -48.38 25.59 -8.93
CA ARG H 540 -47.17 26.40 -9.00
C ARG H 540 -45.93 25.54 -8.95
N ASP H 541 -45.96 24.48 -8.14
CA ASP H 541 -44.83 23.56 -8.11
C ASP H 541 -44.60 22.94 -9.48
N ALA H 542 -45.69 22.54 -10.15
CA ALA H 542 -45.56 21.95 -11.48
C ALA H 542 -44.96 22.92 -12.46
N THR H 543 -45.38 24.19 -12.40
CA THR H 543 -44.83 25.19 -13.32
C THR H 543 -43.34 25.40 -13.08
N VAL H 544 -42.97 25.69 -11.83
CA VAL H 544 -41.57 26.01 -11.57
C VAL H 544 -40.66 24.81 -11.75
N SER H 545 -41.16 23.59 -11.54
CA SER H 545 -40.33 22.41 -11.69
C SER H 545 -39.91 22.20 -13.14
N VAL H 546 -40.79 22.51 -14.09
CA VAL H 546 -40.45 22.29 -15.49
C VAL H 546 -39.68 23.50 -16.02
N LEU H 547 -40.01 24.68 -15.52
CA LEU H 547 -39.29 25.86 -15.99
C LEU H 547 -37.84 25.85 -15.51
N THR H 548 -37.59 25.34 -14.31
CA THR H 548 -36.22 25.27 -13.83
C THR H 548 -35.43 24.17 -14.50
N ASN H 549 -36.10 23.16 -15.08
CA ASN H 549 -35.40 22.19 -15.92
C ASN H 549 -35.11 22.76 -17.29
N VAL H 550 -36.00 23.60 -17.83
CA VAL H 550 -35.69 24.30 -19.07
C VAL H 550 -34.48 25.17 -18.89
N LEU H 551 -34.46 25.93 -17.80
CA LEU H 551 -33.24 26.61 -17.39
C LEU H 551 -32.22 25.58 -16.93
N SER H 552 -31.01 26.05 -16.64
CA SER H 552 -29.89 25.23 -16.20
C SER H 552 -29.40 24.29 -17.29
N SER H 553 -30.06 24.24 -18.45
CA SER H 553 -29.53 23.61 -19.63
C SER H 553 -29.25 24.64 -20.72
N MET H 554 -29.13 25.90 -20.35
CA MET H 554 -28.98 27.00 -21.28
C MET H 554 -27.73 27.78 -20.92
N LEU H 555 -26.89 28.05 -21.92
CA LEU H 555 -25.76 28.92 -21.70
C LEU H 555 -26.25 30.34 -21.41
N PRO H 556 -25.52 31.11 -20.61
CA PRO H 556 -25.97 32.48 -20.35
C PRO H 556 -25.79 33.34 -21.58
N THR H 557 -26.89 33.56 -22.30
CA THR H 557 -26.93 34.23 -23.59
C THR H 557 -28.37 34.19 -24.07
N ASP H 558 -28.70 35.05 -25.04
CA ASP H 558 -29.97 35.12 -25.75
C ASP H 558 -31.04 35.67 -24.81
N PRO H 559 -32.11 36.30 -25.33
CA PRO H 559 -33.09 36.93 -24.44
C PRO H 559 -33.71 35.98 -23.42
N MET H 560 -34.40 34.93 -23.88
CA MET H 560 -34.79 33.77 -23.09
C MET H 560 -34.51 33.84 -21.59
N ARG H 561 -33.26 33.66 -21.18
CA ARG H 561 -32.92 33.38 -19.78
C ARG H 561 -33.49 34.40 -18.79
N PRO H 562 -33.33 35.72 -19.01
CA PRO H 562 -34.09 36.66 -18.17
C PRO H 562 -35.59 36.46 -18.18
N ALA H 563 -36.17 36.13 -19.34
CA ALA H 563 -37.61 35.87 -19.36
C ALA H 563 -37.98 34.65 -18.55
N ILE H 564 -37.18 33.58 -18.63
CA ILE H 564 -37.42 32.39 -17.84
C ILE H 564 -37.35 32.71 -16.35
N GLN H 565 -36.34 33.48 -15.95
CA GLN H 565 -36.25 33.84 -14.54
C GLN H 565 -37.43 34.69 -14.09
N GLY H 566 -37.88 35.63 -14.93
CA GLY H 566 -39.03 36.42 -14.57
C GLY H 566 -40.28 35.58 -14.39
N ILE H 567 -40.51 34.65 -15.31
CA ILE H 567 -41.68 33.79 -15.20
C ILE H 567 -41.59 32.92 -13.95
N ILE H 568 -40.40 32.39 -13.65
CA ILE H 568 -40.26 31.57 -12.45
C ILE H 568 -40.56 32.37 -11.21
N LEU H 569 -40.00 33.58 -11.12
CA LEU H 569 -40.21 34.39 -9.92
C LEU H 569 -41.63 34.90 -9.82
N ASP H 570 -42.36 35.00 -10.93
CA ASP H 570 -43.77 35.37 -10.84
C ASP H 570 -44.61 34.34 -10.10
N ASN H 571 -44.30 33.06 -10.29
CA ASN H 571 -44.91 31.98 -9.50
C ASN H 571 -44.20 31.91 -8.16
N ILE H 572 -44.35 30.78 -7.47
CA ILE H 572 -43.68 30.44 -6.21
C ILE H 572 -43.95 31.56 -5.20
N ASP H 573 -43.21 31.56 -4.09
CA ASP H 573 -43.13 32.62 -3.08
C ASP H 573 -44.17 32.46 -1.98
N GLY H 574 -43.87 32.99 -0.81
CA GLY H 574 -44.69 32.83 0.37
C GLY H 574 -45.02 34.13 1.09
N GLU H 575 -44.64 34.24 2.35
CA GLU H 575 -45.03 35.35 3.21
C GLU H 575 -44.11 36.55 3.01
N GLY H 576 -44.70 37.74 2.99
CA GLY H 576 -43.92 38.97 2.96
C GLY H 576 -43.25 39.28 1.64
N LEU H 577 -43.78 38.79 0.53
CA LEU H 577 -43.17 39.00 -0.77
C LEU H 577 -44.08 39.76 -1.73
N ASP H 578 -45.04 40.53 -1.21
CA ASP H 578 -45.98 41.22 -2.09
C ASP H 578 -45.32 42.35 -2.87
N ASP H 579 -44.51 43.17 -2.20
CA ASP H 579 -43.87 44.29 -2.89
C ASP H 579 -42.88 43.80 -3.94
N PHE H 580 -42.07 42.80 -3.59
CA PHE H 580 -41.10 42.28 -4.55
C PHE H 580 -41.81 41.67 -5.75
N LYS H 581 -42.87 40.92 -5.53
CA LYS H 581 -43.59 40.31 -6.65
C LYS H 581 -44.26 41.35 -7.52
N GLU H 582 -44.81 42.42 -6.94
CA GLU H 582 -45.37 43.49 -7.76
C GLU H 582 -44.30 44.17 -8.59
N TYR H 583 -43.14 44.44 -7.99
CA TYR H 583 -42.05 45.05 -8.74
C TYR H 583 -41.61 44.15 -9.90
N ASN H 584 -41.57 42.83 -9.65
CA ASN H 584 -41.25 41.90 -10.72
C ASN H 584 -42.27 41.92 -11.84
N ARG H 585 -43.57 41.91 -11.49
CA ARG H 585 -44.59 41.83 -12.51
C ARG H 585 -44.62 43.09 -13.36
N ASN H 586 -44.32 44.24 -12.76
CA ASN H 586 -44.27 45.47 -13.56
C ASN H 586 -43.25 45.37 -14.68
N GLN H 587 -42.03 44.96 -14.36
CA GLN H 587 -41.02 44.79 -15.39
C GLN H 587 -41.37 43.66 -16.34
N LEU H 588 -42.07 42.64 -15.85
CA LEU H 588 -42.44 41.53 -16.72
C LEU H 588 -43.47 41.94 -17.75
N LEU H 589 -44.36 42.88 -17.42
CA LEU H 589 -45.39 43.29 -18.36
C LEU H 589 -45.02 44.51 -19.19
N ILE H 590 -44.10 45.35 -18.74
CA ILE H 590 -43.64 46.42 -19.62
C ILE H 590 -42.73 45.90 -20.73
N SER H 591 -42.31 44.65 -20.65
CA SER H 591 -41.48 44.03 -21.65
C SER H 591 -42.26 43.15 -22.61
N GLY H 592 -43.59 43.21 -22.56
CA GLY H 592 -44.41 42.44 -23.48
C GLY H 592 -44.36 40.95 -23.27
N ILE H 593 -44.33 40.49 -22.02
CA ILE H 593 -44.33 39.07 -21.72
C ILE H 593 -45.52 38.64 -20.89
N ALA H 594 -46.20 39.55 -20.19
CA ALA H 594 -47.20 39.16 -19.23
C ALA H 594 -48.63 39.22 -19.75
N LYS H 595 -48.90 39.99 -20.81
CA LYS H 595 -50.26 40.10 -21.34
C LYS H 595 -51.24 40.61 -20.29
N PRO H 596 -51.23 41.92 -20.01
CA PRO H 596 -52.12 42.51 -19.00
C PRO H 596 -53.51 41.89 -18.97
N ARG H 597 -54.00 41.54 -17.78
CA ARG H 597 -55.30 40.88 -17.69
C ARG H 597 -56.45 41.89 -17.54
N ASN H 598 -56.41 42.91 -18.39
CA ASN H 598 -57.56 43.75 -18.72
C ASN H 598 -58.26 44.33 -17.48
N GLU H 599 -57.49 44.68 -16.44
CA GLU H 599 -58.12 45.33 -15.31
C GLU H 599 -57.59 46.74 -15.06
N LYS H 600 -56.29 46.91 -14.79
CA LYS H 600 -55.78 48.25 -14.51
C LYS H 600 -54.48 48.55 -15.24
N GLU H 601 -53.63 47.54 -15.42
CA GLU H 601 -52.31 47.78 -15.96
C GLU H 601 -52.33 48.06 -17.46
N GLN H 602 -53.30 47.51 -18.18
CA GLN H 602 -53.39 47.75 -19.62
C GLN H 602 -53.60 49.22 -19.95
N GLN H 603 -54.10 50.00 -19.00
CA GLN H 603 -54.42 51.40 -19.24
C GLN H 603 -53.60 52.36 -18.40
N ILE H 604 -52.83 51.86 -17.43
CA ILE H 604 -52.11 52.75 -16.53
C ILE H 604 -50.62 52.64 -16.77
N VAL H 605 -50.05 51.46 -16.54
CA VAL H 605 -48.61 51.28 -16.68
C VAL H 605 -48.25 50.88 -18.10
N GLN H 606 -49.13 50.18 -18.79
CA GLN H 606 -48.83 49.81 -20.17
C GLN H 606 -48.94 51.02 -21.10
N GLN H 607 -49.94 51.87 -20.87
CA GLN H 607 -50.05 53.09 -21.65
C GLN H 607 -48.87 54.01 -21.38
N ALA H 608 -48.46 54.11 -20.11
CA ALA H 608 -47.26 54.86 -19.78
C ALA H 608 -46.02 54.27 -20.44
N GLN H 609 -45.99 52.94 -20.59
CA GLN H 609 -44.89 52.32 -21.31
C GLN H 609 -44.91 52.68 -22.79
N MET H 610 -46.10 52.75 -23.40
CA MET H 610 -46.17 53.21 -24.78
C MET H 610 -45.68 54.66 -24.91
N ALA H 611 -46.09 55.52 -23.98
CA ALA H 611 -45.63 56.90 -24.00
C ALA H 611 -44.11 56.97 -23.85
N ALA H 612 -43.56 56.20 -22.91
CA ALA H 612 -42.12 56.12 -22.71
C ALA H 612 -41.42 55.35 -23.82
N GLN H 613 -42.16 54.73 -24.72
CA GLN H 613 -41.59 54.22 -25.97
C GLN H 613 -41.51 55.33 -27.00
N SER H 614 -42.51 56.21 -27.03
CA SER H 614 -42.48 57.40 -27.86
C SER H 614 -41.72 58.55 -27.20
N GLN H 615 -41.58 58.53 -25.88
CA GLN H 615 -40.84 59.58 -25.16
C GLN H 615 -39.37 59.69 -25.58
N PRO H 616 -38.59 58.62 -25.61
CA PRO H 616 -37.15 58.78 -25.84
C PRO H 616 -36.73 58.77 -27.30
N ASN H 617 -37.68 58.77 -28.24
CA ASN H 617 -37.29 58.95 -29.64
C ASN H 617 -36.63 60.29 -29.88
N PRO H 618 -37.16 61.43 -29.41
CA PRO H 618 -36.39 62.68 -29.49
C PRO H 618 -35.07 62.60 -28.74
N GLU H 619 -35.01 61.89 -27.62
CA GLU H 619 -33.77 61.78 -26.87
C GLU H 619 -32.70 61.04 -27.66
N MET H 620 -33.08 59.95 -28.33
CA MET H 620 -32.11 59.16 -29.08
C MET H 620 -31.73 59.81 -30.40
N VAL H 621 -32.68 60.49 -31.06
CA VAL H 621 -32.32 61.20 -32.27
C VAL H 621 -31.52 62.46 -31.92
N LEU H 622 -31.63 62.93 -30.67
CA LEU H 622 -30.73 63.98 -30.21
C LEU H 622 -29.29 63.48 -30.18
N ALA H 623 -29.08 62.24 -29.73
CA ALA H 623 -27.77 61.61 -29.84
C ALA H 623 -27.42 61.29 -31.30
N GLN H 624 -28.39 61.36 -32.21
CA GLN H 624 -28.14 61.21 -33.63
C GLN H 624 -28.49 62.47 -34.41
N ALA H 625 -28.59 63.62 -33.76
CA ALA H 625 -28.88 64.88 -34.45
C ALA H 625 -27.62 65.56 -34.98
N GLN H 626 -26.44 65.05 -34.65
CA GLN H 626 -25.21 65.62 -35.19
C GLN H 626 -25.15 65.47 -36.70
N MET H 627 -25.68 64.39 -37.24
CA MET H 627 -25.87 64.27 -38.68
C MET H 627 -27.29 64.55 -39.12
N VAL H 628 -28.09 65.22 -38.28
CA VAL H 628 -29.38 65.77 -38.67
C VAL H 628 -29.29 67.28 -38.91
N ALA H 629 -28.45 67.97 -38.15
CA ALA H 629 -28.11 69.34 -38.51
C ALA H 629 -27.50 69.39 -39.90
N ALA H 630 -26.63 68.43 -40.22
CA ALA H 630 -26.11 68.30 -41.58
C ALA H 630 -27.21 67.98 -42.59
N GLN H 631 -28.16 67.13 -42.22
CA GLN H 631 -29.31 66.88 -43.10
C GLN H 631 -30.00 68.19 -43.46
N ALA H 632 -30.33 68.99 -42.45
CA ALA H 632 -31.04 70.24 -42.69
C ALA H 632 -30.21 71.22 -43.50
N GLU H 633 -28.91 71.34 -43.19
CA GLU H 633 -28.05 72.27 -43.91
C GLU H 633 -27.94 71.87 -45.38
N ALA H 634 -27.71 70.59 -45.65
CA ALA H 634 -27.65 70.13 -47.03
C ALA H 634 -29.00 70.29 -47.73
N GLN H 635 -30.10 70.01 -47.04
CA GLN H 635 -31.42 70.13 -47.64
C GLN H 635 -31.70 71.57 -48.05
N LYS H 636 -31.34 72.53 -47.22
CA LYS H 636 -31.56 73.92 -47.61
C LYS H 636 -30.58 74.40 -48.66
N ALA H 637 -29.30 74.04 -48.55
CA ALA H 637 -28.34 74.39 -49.60
C ALA H 637 -28.72 73.75 -50.93
N THR H 638 -29.53 72.68 -50.89
CA THR H 638 -30.05 72.05 -52.10
C THR H 638 -30.96 72.98 -52.90
N ASN H 639 -31.49 74.04 -52.29
CA ASN H 639 -32.31 75.01 -52.99
C ASN H 639 -31.77 76.42 -52.93
N GLU H 640 -30.85 76.72 -52.01
CA GLU H 640 -30.34 78.08 -51.87
C GLU H 640 -29.29 78.42 -52.93
N THR H 641 -28.34 77.52 -53.15
CA THR H 641 -27.27 77.80 -54.11
C THR H 641 -27.79 77.96 -55.53
N ALA H 642 -28.99 77.43 -55.83
CA ALA H 642 -29.59 77.63 -57.14
C ALA H 642 -29.86 79.09 -57.44
N GLN H 643 -29.88 79.93 -56.41
CA GLN H 643 -29.93 81.37 -56.64
C GLN H 643 -28.74 81.83 -57.48
N THR H 644 -27.62 81.11 -57.41
CA THR H 644 -26.47 81.48 -58.23
C THR H 644 -26.73 81.19 -59.70
N GLN H 645 -27.38 80.06 -60.00
CA GLN H 645 -27.79 79.79 -61.38
C GLN H 645 -28.79 80.83 -61.86
N ILE H 646 -29.75 81.18 -61.01
CA ILE H 646 -30.73 82.20 -61.37
C ILE H 646 -30.04 83.55 -61.60
N LYS H 647 -29.03 83.84 -60.79
CA LYS H 647 -28.28 85.09 -60.93
C LYS H 647 -27.47 85.09 -62.21
N ALA H 648 -26.93 83.94 -62.60
CA ALA H 648 -26.24 83.84 -63.87
C ALA H 648 -27.19 84.06 -65.04
N PHE H 649 -28.41 83.51 -64.93
CA PHE H 649 -29.41 83.73 -65.97
C PHE H 649 -29.78 85.21 -66.05
N THR H 650 -29.96 85.86 -64.90
CA THR H 650 -30.23 87.29 -64.87
C THR H 650 -29.08 88.10 -65.46
N ALA H 651 -27.84 87.68 -65.17
CA ALA H 651 -26.69 88.37 -65.72
C ALA H 651 -26.59 88.19 -67.23
N GLN H 652 -26.96 87.03 -67.74
CA GLN H 652 -27.01 86.83 -69.19
C GLN H 652 -28.07 87.72 -69.83
N GLN H 653 -29.24 87.83 -69.19
CA GLN H 653 -30.27 88.75 -69.70
C GLN H 653 -29.75 90.18 -69.70
N ASP H 654 -29.10 90.60 -68.61
CA ASP H 654 -28.55 91.94 -68.55
C ASP H 654 -27.44 92.14 -69.58
N ALA H 655 -26.71 91.06 -69.89
CA ALA H 655 -25.68 91.14 -70.93
C ALA H 655 -26.30 91.36 -72.31
N MET H 656 -27.41 90.68 -72.60
CA MET H 656 -28.12 90.95 -73.84
C MET H 656 -28.63 92.39 -73.88
N GLU H 657 -29.17 92.87 -72.77
CA GLU H 657 -29.57 94.27 -72.69
C GLU H 657 -28.39 95.20 -72.99
N SER H 658 -27.27 95.01 -72.30
CA SER H 658 -26.11 95.86 -72.50
C SER H 658 -25.56 95.74 -73.91
N GLN H 659 -25.74 94.57 -74.55
CA GLN H 659 -25.38 94.44 -75.95
C GLN H 659 -26.20 95.38 -76.81
N ALA H 660 -27.52 95.36 -76.63
CA ALA H 660 -28.37 96.30 -77.37
C ALA H 660 -28.02 97.75 -77.05
N ASN H 661 -27.79 98.05 -75.77
CA ASN H 661 -27.54 99.43 -75.35
C ASN H 661 -26.25 99.95 -75.95
N THR H 662 -25.20 99.13 -75.95
CA THR H 662 -23.92 99.59 -76.46
C THR H 662 -23.92 99.64 -77.98
N VAL H 663 -24.70 98.77 -78.63
CA VAL H 663 -24.89 98.92 -80.07
C VAL H 663 -25.55 100.27 -80.36
N TYR H 664 -26.56 100.64 -79.56
CA TYR H 664 -27.16 101.96 -79.71
C TYR H 664 -26.13 103.07 -79.43
N LYS H 665 -25.27 102.85 -78.44
CA LYS H 665 -24.23 103.83 -78.13
C LYS H 665 -23.30 104.04 -79.32
N LEU H 666 -22.91 102.95 -79.98
CA LEU H 666 -22.11 103.06 -81.20
C LEU H 666 -22.90 103.70 -82.34
N ALA H 667 -24.21 103.53 -82.38
CA ALA H 667 -25.04 104.21 -83.36
C ALA H 667 -25.12 105.72 -83.14
N GLN H 668 -25.20 106.15 -81.88
CA GLN H 668 -25.38 107.56 -81.57
C GLN H 668 -24.08 108.35 -81.74
N ALA H 669 -22.95 107.76 -81.37
CA ALA H 669 -21.69 108.50 -81.31
C ALA H 669 -21.21 108.97 -82.68
N ARG H 670 -21.73 108.38 -83.76
CA ARG H 670 -21.39 108.87 -85.10
C ARG H 670 -21.95 110.26 -85.33
N ASN H 671 -23.12 110.55 -84.77
CA ASN H 671 -23.79 111.84 -84.91
C ASN H 671 -24.06 112.16 -86.38
N MET I 1 -83.62 9.50 29.03
CA MET I 1 -82.73 8.36 29.02
C MET I 1 -81.28 8.81 29.10
N ALA I 2 -81.09 10.12 29.05
CA ALA I 2 -79.78 10.74 28.92
C ALA I 2 -79.47 11.56 30.18
N GLU I 3 -78.39 12.33 30.10
CA GLU I 3 -77.88 13.16 31.19
C GLU I 3 -78.00 12.46 32.54
N THR I 4 -78.88 12.96 33.41
CA THR I 4 -79.09 12.33 34.70
C THR I 4 -79.51 10.87 34.54
N LEU I 5 -80.43 10.60 33.62
CA LEU I 5 -80.80 9.22 33.31
C LEU I 5 -79.60 8.53 32.67
N GLU I 6 -79.06 7.56 33.40
CA GLU I 6 -77.76 6.99 33.08
C GLU I 6 -77.80 5.98 31.94
N LYS I 7 -78.93 5.80 31.26
CA LYS I 7 -78.98 4.84 30.16
C LYS I 7 -77.96 5.15 29.09
N LYS I 8 -77.52 6.41 28.97
CA LYS I 8 -76.39 6.72 28.12
C LYS I 8 -75.10 6.15 28.67
N HIS I 9 -74.97 6.06 29.99
CA HIS I 9 -73.71 5.65 30.59
C HIS I 9 -73.39 4.19 30.32
N GLU I 10 -74.40 3.30 30.34
CA GLU I 10 -74.11 1.91 30.01
C GLU I 10 -73.64 1.77 28.58
N ARG I 11 -74.25 2.52 27.65
CA ARG I 11 -73.79 2.45 26.28
C ARG I 11 -72.36 2.94 26.15
N ILE I 12 -72.03 4.03 26.85
CA ILE I 12 -70.66 4.54 26.82
C ILE I 12 -69.68 3.49 27.36
N MET I 13 -70.03 2.86 28.48
CA MET I 13 -69.12 1.91 29.08
C MET I 13 -68.98 0.66 28.23
N LEU I 14 -70.05 0.22 27.59
CA LEU I 14 -69.95 -0.90 26.66
C LEU I 14 -69.05 -0.56 25.48
N ARG I 15 -69.19 0.65 24.95
CA ARG I 15 -68.31 1.08 23.86
C ARG I 15 -66.85 1.07 24.28
N PHE I 16 -66.58 1.44 25.53
CA PHE I 16 -65.19 1.39 25.99
C PHE I 16 -64.61 -0.01 25.90
N ASP I 17 -65.34 -1.02 26.40
CA ASP I 17 -64.82 -2.37 26.34
C ASP I 17 -64.72 -2.87 24.90
N ARG I 18 -65.65 -2.45 24.04
CA ARG I 18 -65.53 -2.86 22.65
C ARG I 18 -64.29 -2.27 21.99
N ALA I 19 -63.93 -1.04 22.34
CA ALA I 19 -62.73 -0.44 21.78
C ALA I 19 -61.45 -0.97 22.40
N TYR I 20 -61.50 -1.38 23.67
CA TYR I 20 -60.29 -1.79 24.36
C TYR I 20 -59.84 -3.19 23.95
N SER I 21 -60.79 -4.09 23.70
CA SER I 21 -60.44 -5.50 23.52
C SER I 21 -59.55 -5.78 22.33
N PRO I 22 -59.82 -5.30 21.11
CA PRO I 22 -58.96 -5.67 19.98
C PRO I 22 -57.54 -5.15 20.11
N GLN I 23 -57.38 -3.89 20.47
CA GLN I 23 -56.08 -3.25 20.56
C GLN I 23 -55.45 -3.44 21.93
N LYS I 24 -55.44 -4.69 22.42
CA LYS I 24 -54.97 -4.98 23.76
C LYS I 24 -53.57 -5.54 23.78
N GLU I 25 -53.28 -6.51 22.92
CA GLU I 25 -51.94 -7.05 22.84
C GLU I 25 -51.00 -6.18 22.03
N VAL I 26 -51.53 -5.30 21.18
CA VAL I 26 -50.68 -4.43 20.39
C VAL I 26 -50.02 -3.37 21.28
N ARG I 27 -50.81 -2.76 22.17
CA ARG I 27 -50.29 -1.68 23.00
C ARG I 27 -49.35 -2.19 24.08
N GLU I 28 -49.49 -3.45 24.49
CA GLU I 28 -48.56 -4.01 25.45
C GLU I 28 -47.14 -4.00 24.92
N LYS I 29 -46.97 -4.31 23.63
CA LYS I 29 -45.65 -4.24 23.03
C LYS I 29 -45.09 -2.82 23.01
N CYS I 30 -45.94 -1.83 22.73
CA CYS I 30 -45.47 -0.45 22.73
C CYS I 30 -44.98 -0.04 24.11
N ILE I 31 -45.78 -0.35 25.14
CA ILE I 31 -45.38 0.00 26.50
C ILE I 31 -44.10 -0.73 26.89
N GLU I 32 -44.02 -2.02 26.56
CA GLU I 32 -42.84 -2.79 26.90
C GLU I 32 -41.60 -2.23 26.21
N ALA I 33 -41.73 -1.79 24.96
CA ALA I 33 -40.59 -1.24 24.26
C ALA I 33 -40.13 0.07 24.88
N THR I 34 -41.05 0.99 25.14
CA THR I 34 -40.62 2.26 25.74
C THR I 34 -39.94 2.03 27.08
N ARG I 35 -40.52 1.17 27.91
CA ARG I 35 -39.93 0.86 29.20
C ARG I 35 -38.60 0.14 29.06
N PHE I 36 -38.45 -0.71 28.04
CA PHE I 36 -37.21 -1.42 27.78
C PHE I 36 -36.09 -0.48 27.39
N ALA I 37 -36.43 0.60 26.70
CA ALA I 37 -35.40 1.53 26.22
C ALA I 37 -35.07 2.63 27.23
N ARG I 38 -35.98 3.02 28.11
CA ARG I 38 -35.78 4.22 28.91
C ARG I 38 -35.59 3.95 30.39
N VAL I 39 -36.39 3.10 31.00
CA VAL I 39 -36.33 2.91 32.46
C VAL I 39 -35.01 2.24 32.83
N PRO I 40 -34.30 2.72 33.86
CA PRO I 40 -32.93 2.23 34.10
C PRO I 40 -32.81 0.74 34.35
N GLY I 41 -33.78 0.11 35.00
CA GLY I 41 -33.67 -1.32 35.23
C GLY I 41 -34.60 -2.13 34.36
N GLY I 42 -35.14 -1.53 33.30
CA GLY I 42 -36.22 -2.11 32.56
C GLY I 42 -35.86 -3.20 31.60
N GLN I 43 -34.58 -3.43 31.35
CA GLN I 43 -34.21 -4.48 30.41
C GLN I 43 -34.31 -5.87 31.00
N TRP I 44 -34.35 -5.99 32.33
CA TRP I 44 -34.43 -7.28 32.99
C TRP I 44 -35.79 -7.52 33.61
N GLU I 45 -36.78 -6.70 33.32
CA GLU I 45 -38.08 -6.85 33.94
C GLU I 45 -38.72 -8.16 33.51
N GLY I 46 -39.32 -8.85 34.47
CA GLY I 46 -39.80 -10.19 34.24
C GLY I 46 -39.08 -11.19 35.11
N ALA I 47 -37.77 -11.03 35.26
CA ALA I 47 -37.00 -11.82 36.22
C ALA I 47 -36.78 -11.08 37.53
N THR I 48 -36.05 -9.96 37.50
CA THR I 48 -35.76 -9.15 38.68
C THR I 48 -35.36 -10.01 39.87
N ALA I 49 -36.35 -10.49 40.63
CA ALA I 49 -36.09 -11.30 41.82
C ALA I 49 -36.05 -12.77 41.43
N ALA I 50 -34.87 -13.23 41.02
CA ALA I 50 -34.67 -14.63 40.65
C ALA I 50 -33.36 -15.12 41.25
N GLY I 51 -33.38 -16.31 41.82
CA GLY I 51 -32.20 -16.84 42.46
C GLY I 51 -32.42 -18.24 42.96
N THR I 52 -31.44 -18.75 43.70
CA THR I 52 -31.51 -20.09 44.28
C THR I 52 -31.20 -20.05 45.77
N LYS I 53 -31.47 -21.17 46.43
CA LYS I 53 -31.33 -21.24 47.88
C LYS I 53 -29.87 -21.07 48.31
N LEU I 54 -28.97 -21.87 47.74
CA LEU I 54 -27.53 -21.72 47.96
C LEU I 54 -27.18 -21.77 49.45
N ASP I 55 -27.43 -22.93 50.06
CA ASP I 55 -27.19 -23.19 51.49
C ASP I 55 -28.06 -22.31 52.38
N GLU I 56 -29.37 -22.44 52.20
CA GLU I 56 -30.35 -21.76 53.05
C GLU I 56 -30.15 -20.25 53.07
N GLN I 57 -30.05 -19.68 51.87
CA GLN I 57 -30.05 -18.24 51.69
C GLN I 57 -30.88 -17.95 50.44
N PHE I 58 -30.85 -16.72 49.96
CA PHE I 58 -31.47 -16.46 48.67
C PHE I 58 -30.64 -15.51 47.83
N GLU I 59 -29.37 -15.82 47.66
CA GLU I 59 -28.56 -15.01 46.76
C GLU I 59 -29.20 -15.00 45.36
N LYS I 60 -29.30 -13.82 44.78
CA LYS I 60 -29.91 -13.63 43.48
C LYS I 60 -28.85 -13.53 42.40
N TYR I 61 -29.23 -13.90 41.18
CA TYR I 61 -28.30 -13.85 40.08
C TYR I 61 -27.91 -12.41 39.77
N PRO I 62 -26.65 -12.16 39.41
CA PRO I 62 -26.27 -10.83 38.96
C PRO I 62 -26.90 -10.51 37.63
N LYS I 63 -27.42 -9.30 37.51
CA LYS I 63 -28.16 -8.88 36.32
C LYS I 63 -27.60 -7.55 35.83
N PHE I 64 -26.53 -7.62 35.03
CA PHE I 64 -25.92 -6.43 34.49
C PHE I 64 -26.68 -5.95 33.26
N GLU I 65 -26.55 -4.67 32.95
CA GLU I 65 -27.30 -4.05 31.88
C GLU I 65 -26.41 -3.10 31.11
N ILE I 66 -26.24 -3.37 29.82
CA ILE I 66 -25.37 -2.57 28.95
C ILE I 66 -26.25 -2.12 27.78
N ASN I 67 -26.84 -0.94 27.90
CA ASN I 67 -27.84 -0.48 26.96
C ASN I 67 -27.18 0.00 25.68
N LYS I 68 -27.37 -0.74 24.59
CA LYS I 68 -26.81 -0.36 23.30
C LYS I 68 -27.87 -0.19 22.23
N VAL I 69 -29.16 -0.25 22.56
CA VAL I 69 -30.20 -0.09 21.56
C VAL I 69 -30.71 1.34 21.46
N ALA I 70 -30.20 2.24 22.30
CA ALA I 70 -30.73 3.60 22.35
C ALA I 70 -29.96 4.60 21.49
N THR I 71 -28.77 4.24 21.01
CA THR I 71 -27.96 5.22 20.28
C THR I 71 -28.64 5.62 18.97
N GLU I 72 -29.11 4.64 18.20
CA GLU I 72 -29.77 4.95 16.94
C GLU I 72 -31.08 5.70 17.17
N LEU I 73 -31.80 5.36 18.23
CA LEU I 73 -33.01 6.08 18.56
C LEU I 73 -32.72 7.55 18.86
N ASN I 74 -31.67 7.82 19.63
CA ASN I 74 -31.29 9.19 19.91
C ASN I 74 -30.87 9.92 18.64
N ARG I 75 -30.17 9.23 17.74
CA ARG I 75 -29.80 9.84 16.47
C ARG I 75 -31.04 10.24 15.68
N ILE I 76 -32.04 9.36 15.62
CA ILE I 76 -33.26 9.66 14.89
C ILE I 76 -33.98 10.86 15.51
N ILE I 77 -34.06 10.89 16.84
CA ILE I 77 -34.77 12.00 17.49
C ILE I 77 -34.05 13.32 17.24
N ALA I 78 -32.72 13.31 17.30
CA ALA I 78 -31.97 14.52 16.98
C ALA I 78 -32.20 14.97 15.55
N GLU I 79 -32.30 14.02 14.62
CA GLU I 79 -32.60 14.38 13.24
C GLU I 79 -33.87 15.21 13.13
N TYR I 80 -34.93 14.83 13.85
CA TYR I 80 -36.14 15.64 13.80
C TYR I 80 -35.99 16.95 14.54
N ARG I 81 -35.41 16.94 15.74
CA ARG I 81 -35.32 18.17 16.51
C ARG I 81 -34.45 19.21 15.80
N ASN I 82 -33.62 18.79 14.85
CA ASN I 82 -32.88 19.74 14.04
C ASN I 82 -33.79 20.44 13.02
N ASN I 83 -34.69 19.70 12.40
CA ASN I 83 -35.56 20.22 11.35
C ASN I 83 -37.01 19.87 11.72
N ARG I 84 -37.77 20.86 12.17
CA ARG I 84 -38.97 20.55 12.92
C ARG I 84 -40.25 20.45 12.09
N ILE I 85 -40.36 21.19 10.99
CA ILE I 85 -41.47 21.19 10.00
C ILE I 85 -42.83 21.47 10.62
N THR I 86 -43.67 22.20 9.87
CA THR I 86 -44.99 22.60 10.36
C THR I 86 -45.92 22.74 9.15
N VAL I 87 -47.11 23.33 9.39
CA VAL I 87 -48.14 23.47 8.37
C VAL I 87 -47.83 24.66 7.46
N LYS I 88 -48.30 24.61 6.22
CA LYS I 88 -47.89 25.57 5.21
C LYS I 88 -49.01 26.44 4.65
N PHE I 89 -50.12 25.84 4.21
CA PHE I 89 -51.24 26.57 3.59
C PHE I 89 -50.81 27.26 2.29
N ARG I 90 -50.54 26.42 1.28
CA ARG I 90 -50.21 26.93 -0.04
C ARG I 90 -51.39 27.68 -0.66
N PRO I 91 -51.13 28.69 -1.49
CA PRO I 91 -52.23 29.41 -2.14
C PRO I 91 -52.80 28.65 -3.34
N GLY I 92 -53.72 29.28 -4.04
CA GLY I 92 -54.29 28.71 -5.24
C GLY I 92 -54.20 29.65 -6.43
N ASP I 93 -54.98 29.40 -7.47
CA ASP I 93 -54.99 30.25 -8.66
C ASP I 93 -56.26 31.09 -8.61
N ARG I 94 -56.15 32.27 -8.01
CA ARG I 94 -57.29 33.15 -7.84
C ARG I 94 -56.77 34.55 -7.61
N GLU I 95 -57.68 35.52 -7.70
CA GLU I 95 -57.28 36.92 -7.54
C GLU I 95 -56.82 37.22 -6.13
N ALA I 96 -57.44 36.62 -5.12
CA ALA I 96 -57.18 37.00 -3.74
C ALA I 96 -56.65 35.86 -2.87
N SER I 97 -56.31 34.71 -3.44
CA SER I 97 -55.87 33.59 -2.63
C SER I 97 -54.54 33.85 -1.93
N GLU I 98 -53.71 34.74 -2.46
CA GLU I 98 -52.42 35.02 -1.84
C GLU I 98 -52.60 35.63 -0.45
N GLU I 99 -53.41 36.68 -0.34
CA GLU I 99 -53.63 37.30 0.94
C GLU I 99 -54.33 36.36 1.90
N LEU I 100 -55.25 35.55 1.40
CA LEU I 100 -55.92 34.58 2.24
C LEU I 100 -54.93 33.58 2.84
N ALA I 101 -54.02 33.06 2.01
CA ALA I 101 -53.02 32.13 2.52
C ALA I 101 -52.11 32.80 3.54
N ASN I 102 -51.70 34.04 3.27
CA ASN I 102 -50.84 34.74 4.22
C ASN I 102 -51.53 34.92 5.57
N LYS I 103 -52.78 35.37 5.55
CA LYS I 103 -53.52 35.55 6.80
C LYS I 103 -53.68 34.24 7.54
N LEU I 104 -54.00 33.16 6.81
CA LEU I 104 -54.26 31.89 7.47
C LEU I 104 -53.00 31.36 8.14
N ASN I 105 -51.88 31.35 7.44
CA ASN I 105 -50.70 30.78 8.09
C ASN I 105 -49.96 31.78 8.96
N GLY I 106 -50.44 33.02 9.05
CA GLY I 106 -50.05 33.86 10.18
C GLY I 106 -50.85 33.55 11.43
N LEU I 107 -52.17 33.37 11.29
CA LEU I 107 -52.99 32.98 12.43
C LEU I 107 -52.54 31.64 13.01
N PHE I 108 -52.23 30.67 12.14
CA PHE I 108 -51.80 29.37 12.64
C PHE I 108 -50.50 29.48 13.42
N ARG I 109 -49.56 30.28 12.94
CA ARG I 109 -48.31 30.47 13.66
C ARG I 109 -48.57 31.11 15.02
N ALA I 110 -49.47 32.10 15.07
CA ALA I 110 -49.79 32.71 16.35
C ALA I 110 -50.36 31.69 17.32
N ASP I 111 -51.25 30.81 16.84
CA ASP I 111 -51.81 29.79 17.72
C ASP I 111 -50.76 28.78 18.18
N TYR I 112 -49.84 28.42 17.29
CA TYR I 112 -48.84 27.42 17.62
C TYR I 112 -47.79 27.95 18.59
N GLU I 113 -47.37 29.21 18.44
CA GLU I 113 -46.31 29.75 19.28
C GLU I 113 -46.79 30.07 20.69
N GLU I 114 -47.96 30.68 20.82
CA GLU I 114 -48.43 31.15 22.12
C GLU I 114 -49.11 30.06 22.93
N THR I 115 -48.96 28.81 22.54
CA THR I 115 -49.51 27.67 23.28
C THR I 115 -48.47 26.56 23.25
N ASP I 116 -48.88 25.34 23.56
CA ASP I 116 -47.94 24.25 23.76
C ASP I 116 -47.72 23.44 22.49
N GLY I 117 -47.65 24.12 21.35
CA GLY I 117 -47.47 23.41 20.09
C GLY I 117 -46.15 22.67 19.98
N GLY I 118 -45.05 23.33 20.32
CA GLY I 118 -43.74 22.70 20.17
C GLY I 118 -43.57 21.51 21.09
N GLU I 119 -44.00 21.66 22.34
CA GLU I 119 -43.95 20.55 23.28
C GLU I 119 -44.81 19.39 22.82
N ALA I 120 -46.00 19.67 22.31
CA ALA I 120 -46.87 18.61 21.83
C ALA I 120 -46.25 17.85 20.69
N CYS I 121 -45.69 18.56 19.70
CA CYS I 121 -45.09 17.88 18.56
C CYS I 121 -43.87 17.07 18.97
N ASP I 122 -43.02 17.64 19.83
CA ASP I 122 -41.84 16.90 20.28
C ASP I 122 -42.22 15.63 21.02
N ASN I 123 -43.18 15.73 21.94
CA ASN I 123 -43.61 14.56 22.68
C ASN I 123 -44.20 13.50 21.76
N ALA I 124 -45.04 13.93 20.81
CA ALA I 124 -45.65 12.97 19.90
C ALA I 124 -44.60 12.25 19.07
N PHE I 125 -43.63 12.98 18.52
CA PHE I 125 -42.63 12.32 17.71
C PHE I 125 -41.77 11.39 18.55
N ASP I 126 -41.42 11.80 19.77
CA ASP I 126 -40.61 10.94 20.62
C ASP I 126 -41.32 9.63 20.90
N ASP I 127 -42.61 9.69 21.24
CA ASP I 127 -43.36 8.48 21.51
C ASP I 127 -43.54 7.62 20.27
N ALA I 128 -43.75 8.27 19.12
CA ALA I 128 -43.89 7.51 17.88
C ALA I 128 -42.61 6.77 17.52
N ALA I 129 -41.46 7.41 17.68
CA ALA I 129 -40.21 6.76 17.34
C ALA I 129 -39.79 5.72 18.35
N THR I 130 -40.14 5.88 19.63
CA THR I 130 -39.73 4.90 20.64
C THR I 130 -40.60 3.66 20.64
N GLY I 131 -41.89 3.82 20.91
CA GLY I 131 -42.77 2.68 21.00
C GLY I 131 -43.50 2.38 19.71
N GLY I 132 -44.05 3.41 19.09
CA GLY I 132 -44.73 3.22 17.83
C GLY I 132 -46.03 3.98 17.68
N PHE I 133 -46.49 4.61 18.76
CA PHE I 133 -47.75 5.34 18.73
C PHE I 133 -47.60 6.64 19.50
N GLY I 134 -48.16 7.72 18.95
CA GLY I 134 -48.15 9.01 19.61
C GLY I 134 -49.36 9.81 19.16
N CYS I 135 -49.67 10.85 19.93
CA CYS I 135 -50.87 11.62 19.66
C CYS I 135 -50.73 13.00 20.29
N PHE I 136 -51.53 13.94 19.78
CA PHE I 136 -51.68 15.24 20.43
C PHE I 136 -53.07 15.77 20.13
N ARG I 137 -53.51 16.70 20.96
CA ARG I 137 -54.88 17.19 20.96
C ARG I 137 -54.94 18.58 20.37
N LEU I 138 -56.16 19.01 20.03
CA LEU I 138 -56.40 20.32 19.44
C LEU I 138 -57.71 20.85 20.01
N THR I 139 -57.63 21.68 21.03
CA THR I 139 -58.79 22.16 21.76
C THR I 139 -59.03 23.64 21.49
N SER I 140 -60.04 24.19 22.14
CA SER I 140 -60.37 25.61 22.02
C SER I 140 -60.59 26.17 23.41
N MET I 141 -59.67 27.01 23.88
CA MET I 141 -59.71 27.58 25.22
C MET I 141 -60.16 29.02 25.17
N LEU I 142 -60.56 29.54 26.33
CA LEU I 142 -61.14 30.87 26.46
C LEU I 142 -60.09 31.85 26.97
N VAL I 143 -59.78 32.84 26.16
CA VAL I 143 -58.91 33.94 26.58
C VAL I 143 -59.02 35.11 25.59
N ARG I 152 -62.06 36.73 22.08
CA ARG I 152 -62.24 36.14 23.40
C ARG I 152 -62.36 34.62 23.32
N GLN I 153 -62.06 34.07 22.15
CA GLN I 153 -61.97 32.63 21.95
C GLN I 153 -60.72 32.33 21.16
N ARG I 154 -60.16 31.14 21.37
CA ARG I 154 -58.87 30.80 20.80
C ARG I 154 -58.81 29.31 20.55
N ILE I 155 -57.98 28.91 19.60
CA ILE I 155 -57.67 27.52 19.34
C ILE I 155 -56.29 27.22 19.89
N ALA I 156 -56.17 26.18 20.70
CA ALA I 156 -54.91 25.84 21.34
C ALA I 156 -54.53 24.41 21.02
N ILE I 157 -53.22 24.15 20.99
CA ILE I 157 -52.67 22.83 20.73
C ILE I 157 -52.06 22.32 22.02
N GLU I 158 -52.42 21.10 22.40
CA GLU I 158 -52.02 20.56 23.69
C GLU I 158 -51.39 19.18 23.53
N PRO I 159 -50.46 18.82 24.38
CA PRO I 159 -49.86 17.48 24.33
C PRO I 159 -50.71 16.46 25.06
N ILE I 160 -50.48 15.20 24.70
CA ILE I 160 -51.10 14.05 25.35
C ILE I 160 -49.99 13.15 25.85
N TYR I 161 -50.05 12.80 27.13
CA TYR I 161 -49.02 12.00 27.77
C TYR I 161 -49.52 10.58 27.98
N ASP I 162 -48.65 9.62 27.67
CA ASP I 162 -48.95 8.19 27.66
C ASP I 162 -50.04 7.85 26.65
N PRO I 163 -49.81 8.08 25.36
CA PRO I 163 -50.85 7.80 24.38
C PRO I 163 -51.17 6.33 24.25
N SER I 164 -50.22 5.44 24.56
CA SER I 164 -50.44 4.02 24.34
C SER I 164 -51.58 3.49 25.20
N ARG I 165 -51.71 3.98 26.43
CA ARG I 165 -52.72 3.52 27.36
C ARG I 165 -53.79 4.55 27.63
N SER I 166 -53.95 5.54 26.77
CA SER I 166 -54.90 6.62 27.01
C SER I 166 -55.87 6.86 25.87
N VAL I 167 -55.47 6.63 24.62
CA VAL I 167 -56.31 6.97 23.48
C VAL I 167 -56.86 5.70 22.86
N TRP I 168 -58.18 5.62 22.74
CA TRP I 168 -58.86 4.47 22.17
C TRP I 168 -59.91 4.96 21.19
N PHE I 169 -59.94 4.36 20.01
CA PHE I 169 -60.79 4.79 18.91
C PHE I 169 -61.89 3.78 18.64
N ASP I 170 -62.81 4.18 17.77
CA ASP I 170 -63.80 3.28 17.23
C ASP I 170 -63.10 2.14 16.48
N PRO I 171 -63.40 0.87 16.79
CA PRO I 171 -62.70 -0.22 16.10
C PRO I 171 -63.08 -0.34 14.63
N ASP I 172 -64.01 0.49 14.18
CA ASP I 172 -64.43 0.48 12.78
C ASP I 172 -63.67 1.48 11.92
N ALA I 173 -62.79 2.29 12.50
CA ALA I 173 -61.99 3.21 11.73
C ALA I 173 -60.72 2.51 11.28
N LYS I 174 -60.41 2.62 9.98
CA LYS I 174 -59.29 1.90 9.41
C LYS I 174 -58.23 2.80 8.81
N LYS I 175 -58.55 4.04 8.50
CA LYS I 175 -57.61 4.90 7.80
C LYS I 175 -56.51 5.36 8.75
N TYR I 176 -55.46 5.93 8.17
CA TYR I 176 -54.31 6.37 8.96
C TYR I 176 -54.71 7.43 9.98
N ASP I 177 -55.51 8.40 9.54
CA ASP I 177 -55.87 9.54 10.37
C ASP I 177 -57.17 9.35 11.13
N LYS I 178 -57.79 8.17 11.02
CA LYS I 178 -59.03 7.88 11.74
C LYS I 178 -60.13 8.88 11.40
N SER I 179 -60.19 9.25 10.12
CA SER I 179 -61.23 10.18 9.68
C SER I 179 -62.62 9.57 9.81
N ASP I 180 -62.75 8.28 9.53
CA ASP I 180 -64.04 7.60 9.53
C ASP I 180 -64.36 6.98 10.89
N ALA I 181 -64.22 7.75 11.95
CA ALA I 181 -64.50 7.29 13.30
C ALA I 181 -65.68 8.06 13.85
N LEU I 182 -66.45 7.41 14.71
CA LEU I 182 -67.65 8.02 15.27
C LEU I 182 -67.56 8.30 16.76
N TRP I 183 -66.55 7.79 17.45
CA TRP I 183 -66.33 8.14 18.84
C TRP I 183 -64.91 7.78 19.22
N ALA I 184 -64.44 8.35 20.33
CA ALA I 184 -63.09 8.10 20.80
C ALA I 184 -63.03 8.41 22.29
N PHE I 185 -61.95 7.95 22.93
CA PHE I 185 -61.72 8.13 24.35
C PHE I 185 -60.35 8.72 24.58
N CYS I 186 -60.20 9.45 25.69
CA CYS I 186 -58.92 10.05 26.07
C CYS I 186 -58.82 10.05 27.59
N MET I 187 -58.07 9.12 28.15
CA MET I 187 -57.92 8.98 29.58
C MET I 187 -56.79 9.86 30.10
N TYR I 188 -56.90 10.27 31.35
CA TYR I 188 -55.80 10.93 32.04
C TYR I 188 -55.94 10.72 33.54
N SER I 189 -54.79 10.66 34.21
CA SER I 189 -54.74 10.40 35.64
C SER I 189 -54.91 11.70 36.42
N LEU I 190 -55.30 11.55 37.68
CA LEU I 190 -55.68 12.68 38.51
C LEU I 190 -55.39 12.33 39.96
N SER I 191 -55.33 13.35 40.80
CA SER I 191 -55.11 13.17 42.23
C SER I 191 -56.40 13.43 43.00
N PRO I 192 -56.58 12.79 44.16
CA PRO I 192 -57.83 12.96 44.91
C PRO I 192 -58.11 14.41 45.30
N GLU I 193 -57.07 15.16 45.63
CA GLU I 193 -57.25 16.56 45.99
C GLU I 193 -57.66 17.41 44.80
N LYS I 194 -57.04 17.22 43.65
CA LYS I 194 -57.47 17.93 42.46
C LYS I 194 -58.83 17.47 41.98
N TYR I 195 -59.18 16.20 42.17
CA TYR I 195 -60.54 15.76 41.93
C TYR I 195 -61.53 16.48 42.82
N GLU I 196 -61.19 16.68 44.09
CA GLU I 196 -62.11 17.31 45.01
C GLU I 196 -62.18 18.81 44.79
N ALA I 197 -61.15 19.41 44.19
CA ALA I 197 -61.15 20.84 43.90
C ALA I 197 -62.39 21.22 43.09
N GLU I 198 -62.50 20.69 41.88
CA GLU I 198 -63.73 20.78 41.13
C GLU I 198 -64.54 19.50 41.34
N TYR I 199 -65.61 19.33 40.56
CA TYR I 199 -66.46 18.15 40.67
C TYR I 199 -67.04 17.95 42.06
N GLY I 200 -66.82 18.93 42.95
CA GLY I 200 -67.44 18.92 44.25
C GLY I 200 -66.87 17.85 45.17
N LYS I 201 -67.48 17.76 46.36
CA LYS I 201 -67.09 16.75 47.33
C LYS I 201 -67.26 15.37 46.73
N LYS I 202 -68.45 15.09 46.19
CA LYS I 202 -68.75 13.90 45.40
C LYS I 202 -68.61 12.65 46.25
N PRO I 203 -69.13 11.51 45.80
CA PRO I 203 -68.73 10.24 46.37
C PRO I 203 -67.22 10.06 46.28
N PRO I 204 -66.68 9.03 46.93
CA PRO I 204 -65.21 8.91 47.05
C PRO I 204 -64.51 8.52 45.76
N THR I 205 -65.19 8.68 44.62
CA THR I 205 -64.67 8.55 43.25
C THR I 205 -64.70 7.10 42.79
N SER I 206 -65.00 6.88 41.52
CA SER I 206 -64.96 5.56 40.91
C SER I 206 -64.15 5.65 39.63
N LEU I 207 -62.87 5.28 39.69
CA LEU I 207 -62.01 5.42 38.54
C LEU I 207 -62.27 4.32 37.52
N ASP I 208 -61.83 4.57 36.28
CA ASP I 208 -61.93 3.58 35.22
C ASP I 208 -60.92 2.45 35.44
N VAL I 209 -61.13 1.35 34.74
CA VAL I 209 -60.28 0.17 34.88
C VAL I 209 -59.84 -0.30 33.49
N THR I 210 -58.56 -0.61 33.34
CA THR I 210 -58.02 -1.21 32.13
C THR I 210 -57.33 -2.55 32.39
N SER I 211 -56.82 -2.77 33.61
CA SER I 211 -55.99 -3.93 33.91
C SER I 211 -54.83 -4.03 32.93
N MET I 212 -54.21 -2.87 32.66
CA MET I 212 -53.27 -2.71 31.57
C MET I 212 -51.82 -2.68 32.02
N THR I 213 -51.45 -1.73 32.87
CA THR I 213 -50.08 -1.54 33.29
C THR I 213 -49.83 -2.19 34.65
N SER I 214 -48.69 -1.85 35.26
CA SER I 214 -48.12 -2.54 36.42
C SER I 214 -47.65 -3.92 36.01
N TRP I 215 -47.79 -4.24 34.73
CA TRP I 215 -47.31 -5.50 34.19
C TRP I 215 -45.79 -5.44 34.21
N GLU I 216 -45.18 -6.12 35.18
CA GLU I 216 -43.75 -6.01 35.48
C GLU I 216 -43.39 -4.60 35.91
N TYR I 217 -43.92 -4.18 37.07
CA TYR I 217 -43.68 -2.86 37.64
C TYR I 217 -44.24 -2.76 39.06
N ASN I 218 -43.69 -1.84 39.85
CA ASN I 218 -44.08 -1.65 41.24
C ASN I 218 -44.96 -0.43 41.41
N TRP I 219 -46.06 -0.60 42.14
CA TRP I 219 -46.96 0.50 42.43
C TRP I 219 -46.87 0.84 43.91
N PHE I 220 -46.90 2.14 44.19
CA PHE I 220 -46.83 2.67 45.55
C PHE I 220 -47.84 3.80 45.72
N GLY I 221 -48.33 4.33 44.61
CA GLY I 221 -49.20 5.49 44.65
C GLY I 221 -50.67 5.14 44.53
N ALA I 222 -51.46 5.53 45.52
CA ALA I 222 -52.90 5.32 45.48
C ALA I 222 -53.59 6.54 44.88
N ASP I 223 -52.80 7.48 44.39
CA ASP I 223 -53.34 8.69 43.76
C ASP I 223 -53.61 8.38 42.28
N VAL I 224 -54.59 7.52 42.08
CA VAL I 224 -54.86 6.97 40.76
C VAL I 224 -55.93 7.77 40.02
N ILE I 225 -57.16 7.77 40.52
CA ILE I 225 -58.36 8.31 39.90
C ILE I 225 -58.21 8.57 38.40
N TYR I 226 -58.60 7.60 37.57
CA TYR I 226 -58.51 7.72 36.13
C TYR I 226 -59.82 8.27 35.58
N ILE I 227 -59.74 9.41 34.90
CA ILE I 227 -60.88 10.06 34.28
C ILE I 227 -60.66 10.05 32.77
N ALA I 228 -61.76 10.06 32.01
CA ALA I 228 -61.65 10.02 30.57
C ALA I 228 -62.59 11.03 29.93
N LYS I 229 -62.21 11.48 28.74
CA LYS I 229 -63.05 12.33 27.92
C LYS I 229 -63.66 11.51 26.78
N TYR I 230 -64.89 11.81 26.43
CA TYR I 230 -65.65 11.05 25.45
C TYR I 230 -66.11 11.98 24.34
N TYR I 231 -65.87 11.58 23.10
CA TYR I 231 -66.20 12.39 21.92
C TYR I 231 -67.27 11.68 21.11
N GLU I 232 -68.34 12.39 20.80
CA GLU I 232 -69.43 11.88 19.98
C GLU I 232 -69.52 12.72 18.71
N VAL I 233 -69.97 12.10 17.63
CA VAL I 233 -70.32 12.83 16.42
C VAL I 233 -71.75 12.45 16.04
N ARG I 234 -72.60 13.46 15.89
CA ARG I 234 -74.01 13.26 15.61
C ARG I 234 -74.41 14.06 14.39
N LYS I 235 -75.50 13.65 13.77
CA LYS I 235 -76.02 14.39 12.61
C LYS I 235 -76.87 15.58 13.06
N GLU I 236 -77.99 15.31 13.71
CA GLU I 236 -78.90 16.34 14.19
C GLU I 236 -79.46 17.21 13.07
N SER I 237 -80.46 18.01 13.38
CA SER I 237 -81.08 18.93 12.44
C SER I 237 -80.99 20.34 12.99
N VAL I 238 -80.47 21.25 12.18
CA VAL I 238 -80.29 22.64 12.58
C VAL I 238 -80.96 23.52 11.55
N ASP I 239 -81.61 24.59 12.00
CA ASP I 239 -82.36 25.48 11.14
C ASP I 239 -81.48 26.66 10.75
N VAL I 240 -81.24 26.82 9.45
CA VAL I 240 -80.57 28.01 8.95
C VAL I 240 -81.64 29.07 8.68
N ILE I 241 -81.51 30.21 9.33
CA ILE I 241 -82.53 31.24 9.35
C ILE I 241 -81.98 32.52 8.73
N SER I 242 -81.24 32.34 7.63
CA SER I 242 -80.47 33.36 6.92
C SER I 242 -81.02 34.79 6.93
N TYR I 243 -80.15 35.73 7.30
CA TYR I 243 -80.46 37.16 7.25
C TYR I 243 -79.81 37.77 6.01
N ARG I 244 -80.21 37.29 4.85
CA ARG I 244 -79.66 37.81 3.59
C ARG I 244 -80.14 39.24 3.43
N HIS I 245 -79.38 40.19 3.95
CA HIS I 245 -79.78 41.59 3.91
C HIS I 245 -79.34 42.19 2.58
N PRO I 246 -80.28 42.73 1.78
CA PRO I 246 -79.91 43.13 0.40
C PRO I 246 -78.80 44.15 0.32
N ILE I 247 -78.75 45.11 1.25
CA ILE I 247 -77.75 46.17 1.17
C ILE I 247 -76.38 45.61 1.55
N THR I 248 -75.33 46.39 1.25
CA THR I 248 -73.93 46.00 1.36
C THR I 248 -73.73 44.54 0.94
N GLY I 249 -74.29 44.21 -0.23
CA GLY I 249 -74.21 42.87 -0.75
C GLY I 249 -74.98 41.87 0.10
N GLU I 250 -74.24 41.00 0.79
CA GLU I 250 -74.82 40.07 1.76
C GLU I 250 -75.86 39.16 1.09
N ILE I 251 -75.37 38.35 0.16
CA ILE I 251 -76.17 37.37 -0.57
C ILE I 251 -75.90 36.01 0.04
N ALA I 252 -76.95 35.19 0.17
CA ALA I 252 -76.83 33.81 0.64
C ALA I 252 -76.16 33.76 2.01
N THR I 253 -76.82 34.37 2.97
CA THR I 253 -76.31 34.59 4.31
C THR I 253 -76.50 33.34 5.17
N TYR I 254 -75.89 33.35 6.34
CA TYR I 254 -75.73 32.19 7.23
C TYR I 254 -76.81 32.08 8.29
N ASP I 255 -76.75 33.02 9.23
CA ASP I 255 -77.59 33.19 10.39
C ASP I 255 -78.07 31.84 10.92
N SER I 256 -77.15 30.95 11.26
CA SER I 256 -77.54 29.66 11.80
C SER I 256 -78.23 29.83 13.16
N ASP I 257 -78.73 28.71 13.68
CA ASP I 257 -79.53 28.75 14.90
C ASP I 257 -78.73 29.27 16.08
N GLN I 258 -77.49 28.82 16.21
CA GLN I 258 -76.64 29.20 17.34
C GLN I 258 -76.11 30.62 17.25
N VAL I 259 -76.49 31.37 16.22
CA VAL I 259 -76.03 32.74 16.07
C VAL I 259 -76.99 33.73 16.70
N GLU I 260 -78.29 33.60 16.39
CA GLU I 260 -79.27 34.59 16.83
C GLU I 260 -79.33 34.69 18.35
N ASP I 261 -79.31 33.55 19.04
CA ASP I 261 -79.42 33.57 20.49
C ASP I 261 -78.27 34.33 21.13
N ILE I 262 -77.05 34.13 20.67
CA ILE I 262 -75.91 34.88 21.18
C ILE I 262 -75.87 36.28 20.58
N GLU I 263 -76.04 36.39 19.26
CA GLU I 263 -75.96 37.66 18.56
C GLU I 263 -77.32 38.34 18.64
N ASP I 264 -77.47 39.20 19.64
CA ASP I 264 -78.69 39.98 19.83
C ASP I 264 -78.35 41.45 19.58
N GLU I 265 -78.32 41.84 18.32
CA GLU I 265 -78.14 43.22 17.91
C GLU I 265 -79.47 43.91 17.69
N LEU I 266 -80.58 43.21 17.94
CA LEU I 266 -81.92 43.68 17.64
C LEU I 266 -82.12 43.93 16.16
N ALA I 267 -81.39 43.20 15.33
CA ALA I 267 -81.56 43.17 13.88
C ALA I 267 -81.52 44.58 13.30
N ILE I 268 -80.39 45.25 13.51
CA ILE I 268 -80.25 46.64 13.07
C ILE I 268 -80.30 46.72 11.54
N ALA I 269 -79.49 45.92 10.87
CA ALA I 269 -79.38 45.96 9.42
C ALA I 269 -79.35 44.55 8.84
N GLY I 270 -80.24 43.68 9.30
CA GLY I 270 -80.19 42.31 8.84
C GLY I 270 -81.38 41.77 8.08
N PHE I 271 -82.59 42.19 8.42
CA PHE I 271 -83.82 41.64 7.85
C PHE I 271 -83.94 40.14 8.13
N HIS I 272 -85.06 39.53 7.72
CA HIS I 272 -85.29 38.13 8.02
C HIS I 272 -85.53 37.28 6.78
N GLU I 273 -86.38 37.76 5.87
CA GLU I 273 -86.73 37.10 4.60
C GLU I 273 -86.85 35.58 4.77
N VAL I 274 -86.33 34.82 3.81
CA VAL I 274 -86.43 33.37 3.87
C VAL I 274 -85.56 32.86 5.00
N ALA I 275 -86.18 32.23 5.99
CA ALA I 275 -85.48 31.74 7.16
C ALA I 275 -86.02 30.38 7.60
N ARG I 276 -86.68 29.67 6.70
CA ARG I 276 -87.38 28.48 7.12
C ARG I 276 -86.85 27.25 6.39
N ARG I 277 -85.54 27.16 6.26
CA ARG I 277 -84.89 26.00 5.68
C ARG I 277 -84.12 25.27 6.78
N SER I 278 -84.46 24.00 6.99
CA SER I 278 -83.83 23.17 8.00
C SER I 278 -82.92 22.15 7.31
N VAL I 279 -81.68 22.08 7.74
CA VAL I 279 -80.66 21.26 7.09
C VAL I 279 -80.02 20.35 8.13
N LYS I 280 -79.67 19.14 7.71
CA LYS I 280 -78.90 18.23 8.54
C LYS I 280 -77.43 18.59 8.42
N ARG I 281 -76.78 18.79 9.56
CA ARG I 281 -75.37 19.11 9.62
C ARG I 281 -74.65 18.01 10.39
N ARG I 282 -73.39 18.25 10.72
CA ARG I 282 -72.57 17.30 11.45
C ARG I 282 -71.88 18.03 12.59
N ARG I 283 -72.13 17.58 13.82
CA ARG I 283 -71.56 18.23 14.99
C ARG I 283 -70.90 17.21 15.90
N VAL I 284 -70.00 17.71 16.74
CA VAL I 284 -69.20 16.88 17.65
C VAL I 284 -69.46 17.33 19.07
N TYR I 285 -69.66 16.36 19.96
CA TYR I 285 -69.96 16.61 21.37
C TYR I 285 -68.86 16.00 22.24
N VAL I 286 -68.61 16.64 23.38
CA VAL I 286 -67.59 16.16 24.31
C VAL I 286 -68.19 16.02 25.69
N SER I 287 -67.66 15.05 26.44
CA SER I 287 -68.18 14.75 27.77
C SER I 287 -67.04 14.21 28.63
N VAL I 288 -67.20 14.31 29.93
CA VAL I 288 -66.23 13.78 30.89
C VAL I 288 -66.95 12.76 31.76
N VAL I 289 -66.41 11.54 31.81
CA VAL I 289 -67.05 10.43 32.51
C VAL I 289 -66.05 9.75 33.41
N ASP I 290 -66.58 8.97 34.35
CA ASP I 290 -65.77 8.07 35.17
C ASP I 290 -66.51 6.75 35.27
N GLY I 291 -66.09 5.89 36.19
CA GLY I 291 -66.71 4.60 36.32
C GLY I 291 -68.10 4.63 36.92
N ASP I 292 -68.54 5.78 37.44
CA ASP I 292 -69.84 5.91 38.11
C ASP I 292 -70.86 6.66 37.25
N GLY I 293 -70.54 7.87 36.82
CA GLY I 293 -71.51 8.66 36.08
C GLY I 293 -70.88 9.77 35.26
N PHE I 294 -71.60 10.88 35.09
CA PHE I 294 -71.13 12.00 34.30
C PHE I 294 -70.55 13.06 35.24
N LEU I 295 -69.25 13.34 35.08
CA LEU I 295 -68.67 14.48 35.76
C LEU I 295 -69.03 15.79 35.07
N GLU I 296 -69.16 15.78 33.75
CA GLU I 296 -69.59 16.94 32.98
C GLU I 296 -70.54 16.50 31.89
N LYS I 297 -71.70 17.13 31.82
CA LYS I 297 -72.71 16.76 30.84
C LYS I 297 -72.24 17.14 29.43
N PRO I 298 -72.72 16.44 28.41
CA PRO I 298 -72.24 16.69 27.05
C PRO I 298 -72.51 18.11 26.58
N ARG I 299 -71.57 18.64 25.80
CA ARG I 299 -71.71 19.94 25.15
C ARG I 299 -70.98 19.89 23.83
N ARG I 300 -71.38 20.74 22.89
CA ARG I 300 -70.82 20.70 21.55
C ARG I 300 -69.60 21.59 21.45
N ILE I 301 -68.56 21.08 20.79
CA ILE I 301 -67.32 21.81 20.60
C ILE I 301 -67.31 22.43 19.22
N PRO I 302 -66.60 23.53 19.00
CA PRO I 302 -66.65 24.25 17.71
C PRO I 302 -65.83 23.57 16.61
N GLY I 303 -66.46 22.64 15.90
CA GLY I 303 -65.77 22.00 14.80
C GLY I 303 -66.67 21.02 14.09
N GLU I 304 -66.06 20.20 13.24
CA GLU I 304 -66.75 19.14 12.53
C GLU I 304 -66.05 17.79 12.66
N HIS I 305 -64.77 17.77 12.99
CA HIS I 305 -63.97 16.56 13.11
C HIS I 305 -63.69 16.25 14.58
N ILE I 306 -63.27 15.01 14.83
CA ILE I 306 -62.74 14.65 16.16
C ILE I 306 -61.36 15.28 16.31
N PRO I 307 -61.11 16.02 17.37
CA PRO I 307 -59.86 16.80 17.45
C PRO I 307 -58.63 16.02 17.90
N LEU I 308 -58.61 14.70 17.78
CA LEU I 308 -57.45 13.90 18.13
C LEU I 308 -56.64 13.58 16.89
N ILE I 309 -55.33 13.75 16.97
CA ILE I 309 -54.43 13.61 15.83
C ILE I 309 -53.40 12.54 16.15
N PRO I 310 -53.55 11.34 15.59
CA PRO I 310 -52.60 10.27 15.88
C PRO I 310 -51.32 10.39 15.07
N VAL I 311 -50.23 9.90 15.64
CA VAL I 311 -48.93 9.82 15.00
C VAL I 311 -48.39 8.42 15.15
N TYR I 312 -47.93 7.82 14.05
CA TYR I 312 -47.43 6.46 14.05
C TYR I 312 -46.01 6.42 13.52
N GLY I 313 -45.23 5.49 14.04
CA GLY I 313 -43.89 5.26 13.52
C GLY I 313 -43.94 4.47 12.23
N LYS I 314 -44.46 3.26 12.29
CA LYS I 314 -44.73 2.44 11.12
C LYS I 314 -46.05 1.72 11.36
N ARG I 315 -47.01 1.87 10.46
CA ARG I 315 -48.35 1.35 10.68
C ARG I 315 -48.80 0.50 9.50
N TRP I 316 -49.38 -0.66 9.81
CA TRP I 316 -49.93 -1.55 8.80
C TRP I 316 -51.24 -2.12 9.30
N PHE I 317 -52.03 -2.66 8.38
CA PHE I 317 -53.32 -3.26 8.66
C PHE I 317 -53.29 -4.69 8.16
N ILE I 318 -53.21 -5.67 9.06
CA ILE I 318 -52.89 -7.05 8.69
C ILE I 318 -54.10 -7.96 8.73
N ASP I 319 -54.68 -8.19 9.91
CA ASP I 319 -55.84 -9.07 10.03
C ASP I 319 -56.89 -8.39 10.89
N ASP I 320 -57.67 -7.49 10.28
CA ASP I 320 -58.70 -6.73 10.96
C ASP I 320 -58.16 -5.95 12.16
N ILE I 321 -56.85 -5.91 12.31
CA ILE I 321 -56.19 -5.27 13.45
C ILE I 321 -55.11 -4.35 12.93
N GLU I 322 -55.09 -3.11 13.42
CA GLU I 322 -54.03 -2.18 13.11
C GLU I 322 -52.79 -2.50 13.93
N ARG I 323 -51.64 -2.55 13.29
CA ARG I 323 -50.39 -2.93 13.95
C ARG I 323 -49.34 -1.86 13.75
N VAL I 324 -48.62 -1.52 14.82
CA VAL I 324 -47.64 -0.45 14.81
C VAL I 324 -46.29 -1.02 15.23
N GLU I 325 -45.23 -0.27 14.94
CA GLU I 325 -43.90 -0.67 15.32
C GLU I 325 -43.02 0.55 15.47
N GLY I 326 -42.12 0.52 16.46
CA GLY I 326 -41.21 1.61 16.71
C GLY I 326 -39.85 1.38 16.09
N HIS I 327 -38.78 1.60 16.86
CA HIS I 327 -37.43 1.40 16.36
C HIS I 327 -36.59 0.51 17.26
N ILE I 328 -37.18 -0.13 18.27
CA ILE I 328 -36.44 -1.00 19.17
C ILE I 328 -37.09 -2.35 19.37
N ALA I 329 -38.29 -2.58 18.86
CA ALA I 329 -38.95 -3.86 19.09
C ALA I 329 -38.15 -4.98 18.45
N LYS I 330 -37.48 -4.73 17.34
CA LYS I 330 -36.78 -5.78 16.62
C LYS I 330 -35.47 -6.18 17.30
N ALA I 331 -34.92 -5.33 18.15
CA ALA I 331 -33.61 -5.57 18.74
C ALA I 331 -33.68 -6.06 20.17
N MET I 332 -34.86 -6.46 20.65
CA MET I 332 -34.97 -6.83 22.05
C MET I 332 -34.29 -8.15 22.34
N ASP I 333 -34.45 -9.15 21.47
CA ASP I 333 -33.87 -10.47 21.75
C ASP I 333 -32.35 -10.44 21.75
N PRO I 334 -31.65 -9.91 20.74
CA PRO I 334 -30.19 -9.84 20.84
C PRO I 334 -29.68 -9.05 22.03
N GLN I 335 -30.36 -7.97 22.41
CA GLN I 335 -29.89 -7.16 23.53
C GLN I 335 -29.97 -7.95 24.84
N ARG I 336 -31.12 -8.57 25.10
CA ARG I 336 -31.28 -9.27 26.36
C ARG I 336 -30.60 -10.62 26.35
N LEU I 337 -30.08 -11.06 25.21
CA LEU I 337 -29.20 -12.22 25.22
C LEU I 337 -27.75 -11.82 25.46
N TYR I 338 -27.36 -10.65 24.95
CA TYR I 338 -26.04 -10.09 25.22
C TYR I 338 -25.85 -9.80 26.71
N ASN I 339 -26.87 -9.23 27.35
CA ASN I 339 -26.79 -8.98 28.79
C ASN I 339 -26.55 -10.28 29.55
N LEU I 340 -27.27 -11.34 29.20
CA LEU I 340 -27.10 -12.62 29.87
C LEU I 340 -25.69 -13.16 29.68
N GLN I 341 -25.15 -13.03 28.46
CA GLN I 341 -23.79 -13.51 28.22
C GLN I 341 -22.79 -12.80 29.11
N VAL I 342 -22.87 -11.48 29.20
CA VAL I 342 -21.91 -10.74 30.02
C VAL I 342 -22.05 -11.11 31.49
N SER I 343 -23.30 -11.18 31.97
CA SER I 343 -23.52 -11.50 33.38
C SER I 343 -22.98 -12.89 33.71
N MET I 344 -23.20 -13.86 32.84
CA MET I 344 -22.71 -15.20 33.09
C MET I 344 -21.19 -15.27 33.03
N LEU I 345 -20.55 -14.48 32.18
CA LEU I 345 -19.09 -14.49 32.15
C LEU I 345 -18.48 -13.88 33.40
N ALA I 346 -19.10 -12.84 33.95
CA ALA I 346 -18.48 -12.10 35.05
C ALA I 346 -18.23 -13.01 36.26
N ASP I 347 -19.25 -13.72 36.73
CA ASP I 347 -19.06 -14.51 37.94
C ASP I 347 -18.22 -15.75 37.73
N THR I 348 -18.27 -16.35 36.53
CA THR I 348 -17.35 -17.44 36.22
C THR I 348 -15.92 -16.96 36.32
N ALA I 349 -15.62 -15.77 35.79
CA ALA I 349 -14.29 -15.22 35.96
C ALA I 349 -13.97 -14.98 37.42
N ALA I 350 -14.94 -14.50 38.19
CA ALA I 350 -14.69 -14.17 39.59
C ALA I 350 -14.56 -15.39 40.48
N GLN I 351 -14.94 -16.58 40.02
CA GLN I 351 -14.91 -17.76 40.89
C GLN I 351 -13.50 -18.29 41.16
N ASP I 352 -12.65 -18.40 40.14
CA ASP I 352 -11.34 -19.03 40.27
C ASP I 352 -10.26 -18.13 39.70
N PRO I 353 -9.73 -17.20 40.48
CA PRO I 353 -8.80 -16.22 39.92
C PRO I 353 -7.42 -16.76 39.60
N GLY I 354 -6.83 -17.58 40.47
CA GLY I 354 -5.46 -18.00 40.27
C GLY I 354 -5.19 -19.47 40.49
N GLN I 355 -3.96 -19.80 40.88
CA GLN I 355 -3.52 -21.17 41.06
C GLN I 355 -3.00 -21.37 42.49
N ILE I 356 -3.34 -22.50 43.08
CA ILE I 356 -2.87 -22.84 44.43
C ILE I 356 -2.27 -24.24 44.39
N PRO I 357 -1.09 -24.46 44.96
CA PRO I 357 -0.55 -25.82 45.01
C PRO I 357 -1.35 -26.72 45.93
N ILE I 358 -1.32 -28.02 45.63
CA ILE I 358 -2.05 -29.03 46.39
C ILE I 358 -1.04 -30.01 46.95
N VAL I 359 -1.09 -30.23 48.26
CA VAL I 359 -0.14 -31.09 48.96
C VAL I 359 -0.90 -31.98 49.94
N GLY I 360 -0.23 -33.04 50.39
CA GLY I 360 -0.76 -33.86 51.46
C GLY I 360 -0.44 -33.30 52.82
N MET I 361 -1.25 -33.68 53.82
CA MET I 361 -1.10 -33.09 55.14
C MET I 361 0.23 -33.43 55.76
N GLU I 362 0.66 -34.68 55.65
CA GLU I 362 1.90 -35.13 56.26
C GLU I 362 3.12 -34.68 55.47
N GLN I 363 2.93 -34.23 54.24
CA GLN I 363 4.02 -33.79 53.38
C GLN I 363 4.52 -32.40 53.73
N ILE I 364 3.76 -31.62 54.51
CA ILE I 364 4.10 -30.23 54.77
C ILE I 364 4.04 -29.88 56.24
N ARG I 365 3.63 -30.80 57.11
CA ARG I 365 3.49 -30.48 58.52
C ARG I 365 4.83 -30.06 59.11
N GLY I 366 4.82 -28.94 59.84
CA GLY I 366 6.03 -28.40 60.42
C GLY I 366 6.82 -27.48 59.54
N LEU I 367 6.41 -27.29 58.28
CA LEU I 367 7.13 -26.41 57.36
C LEU I 367 6.23 -25.32 56.79
N GLU I 368 5.11 -25.03 57.45
CA GLU I 368 4.15 -24.09 56.88
C GLU I 368 4.69 -22.67 56.87
N LYS I 369 5.49 -22.29 57.86
CA LYS I 369 5.93 -20.90 57.94
C LYS I 369 6.86 -20.53 56.81
N HIS I 370 7.56 -21.49 56.20
CA HIS I 370 8.40 -21.16 55.07
C HIS I 370 7.57 -20.94 53.81
N TRP I 371 6.52 -21.73 53.61
CA TRP I 371 5.67 -21.55 52.45
C TRP I 371 4.73 -20.38 52.60
N GLU I 372 4.46 -19.95 53.82
CA GLU I 372 3.55 -18.82 54.03
C GLU I 372 4.20 -17.51 53.59
N ALA I 373 5.51 -17.38 53.77
CA ALA I 373 6.20 -16.12 53.51
C ALA I 373 7.14 -16.21 52.32
N ARG I 374 6.78 -16.98 51.29
CA ARG I 374 7.68 -17.13 50.15
C ARG I 374 7.71 -15.91 49.26
N ASN I 375 6.79 -14.96 49.44
CA ASN I 375 6.76 -13.78 48.60
C ASN I 375 7.30 -12.54 49.28
N LYS I 376 7.45 -12.54 50.61
CA LYS I 376 8.08 -11.45 51.31
C LYS I 376 9.58 -11.69 51.48
N LYS I 377 9.94 -12.75 52.18
CA LYS I 377 11.34 -13.11 52.30
C LYS I 377 11.82 -13.70 50.99
N ARG I 378 13.14 -13.82 50.85
CA ARG I 378 13.76 -14.24 49.61
C ARG I 378 14.47 -15.56 49.86
N PRO I 379 13.75 -16.66 49.97
CA PRO I 379 14.38 -17.92 50.35
C PRO I 379 15.24 -18.47 49.23
N ALA I 380 16.33 -19.12 49.63
CA ALA I 380 17.19 -19.76 48.65
C ALA I 380 16.56 -21.02 48.09
N PHE I 381 15.66 -21.64 48.83
CA PHE I 381 14.94 -22.83 48.38
C PHE I 381 13.74 -23.02 49.30
N LEU I 382 12.92 -24.01 48.96
CA LEU I 382 11.78 -24.36 49.78
C LEU I 382 11.83 -25.85 50.11
N PRO I 383 11.60 -26.24 51.36
CA PRO I 383 11.68 -27.64 51.73
C PRO I 383 10.33 -28.35 51.66
N LEU I 384 10.39 -29.64 51.35
CA LEU I 384 9.20 -30.48 51.34
C LEU I 384 9.62 -31.92 51.50
N ARG I 385 8.69 -32.75 51.96
CA ARG I 385 8.95 -34.17 52.16
C ARG I 385 8.40 -34.98 51.00
N GLU I 386 8.78 -36.25 50.97
CA GLU I 386 8.30 -37.17 49.95
C GLU I 386 7.05 -37.89 50.43
N VAL I 387 6.38 -38.55 49.50
CA VAL I 387 5.16 -39.28 49.79
C VAL I 387 5.53 -40.71 50.13
N ARG I 388 5.12 -41.17 51.30
CA ARG I 388 5.44 -42.51 51.78
C ARG I 388 4.15 -43.29 52.04
N ASP I 389 4.18 -44.58 51.72
CA ASP I 389 3.03 -45.43 51.93
C ASP I 389 3.05 -45.97 53.36
N LYS I 390 2.22 -46.96 53.65
CA LYS I 390 2.09 -47.44 55.02
C LYS I 390 3.30 -48.22 55.50
N SER I 391 4.15 -48.71 54.59
CA SER I 391 5.34 -49.45 54.98
C SER I 391 6.58 -48.57 55.10
N GLY I 392 6.49 -47.31 54.71
CA GLY I 392 7.64 -46.43 54.74
C GLY I 392 8.41 -46.31 53.45
N ASN I 393 7.90 -46.86 52.34
CA ASN I 393 8.55 -46.76 51.05
C ASN I 393 8.15 -45.48 50.35
N ILE I 394 9.05 -44.98 49.50
CA ILE I 394 8.81 -43.74 48.77
C ILE I 394 8.12 -44.05 47.45
N ILE I 395 7.00 -43.37 47.19
CA ILE I 395 6.24 -43.64 45.98
C ILE I 395 6.22 -42.42 45.07
N ALA I 396 6.41 -41.22 45.64
CA ALA I 396 6.38 -40.00 44.85
C ALA I 396 7.46 -39.05 45.35
N GLY I 397 7.77 -38.05 44.54
CA GLY I 397 8.81 -37.10 44.85
C GLY I 397 8.33 -35.99 45.78
N ALA I 398 9.21 -35.02 45.99
CA ALA I 398 8.98 -33.93 46.91
C ALA I 398 8.21 -32.77 46.30
N THR I 399 7.87 -32.84 45.01
CA THR I 399 7.13 -31.77 44.39
C THR I 399 5.65 -31.83 44.78
N PRO I 400 4.93 -30.71 44.72
CA PRO I 400 3.49 -30.75 44.96
C PRO I 400 2.78 -31.62 43.94
N ALA I 401 1.66 -32.21 44.37
CA ALA I 401 0.93 -33.12 43.50
C ALA I 401 0.40 -32.41 42.26
N GLY I 402 -0.13 -31.21 42.43
CA GLY I 402 -0.69 -30.50 41.29
C GLY I 402 -1.10 -29.10 41.68
N TYR I 403 -1.80 -28.45 40.77
CA TYR I 403 -2.29 -27.09 40.97
C TYR I 403 -3.74 -27.01 40.54
N THR I 404 -4.44 -26.02 41.06
CA THR I 404 -5.81 -25.78 40.63
C THR I 404 -5.83 -25.10 39.27
N GLN I 405 -6.99 -25.11 38.64
CA GLN I 405 -7.09 -24.50 37.32
C GLN I 405 -7.74 -23.13 37.42
N PRO I 406 -7.32 -22.17 36.63
CA PRO I 406 -8.03 -20.89 36.59
C PRO I 406 -9.19 -20.91 35.61
N ALA I 407 -9.96 -19.82 35.52
CA ALA I 407 -11.16 -19.79 34.70
C ALA I 407 -10.81 -19.87 33.22
N VAL I 408 -11.79 -20.26 32.40
CA VAL I 408 -11.47 -20.72 31.05
C VAL I 408 -12.18 -19.96 29.93
N MET I 409 -13.39 -19.45 30.17
CA MET I 409 -14.14 -18.65 29.20
C MET I 409 -14.37 -19.45 27.91
N ASN I 410 -15.33 -20.38 28.00
CA ASN I 410 -15.61 -21.30 26.91
C ASN I 410 -15.91 -20.57 25.60
N GLN I 411 -15.90 -21.35 24.51
CA GLN I 411 -15.93 -20.80 23.16
C GLN I 411 -17.32 -20.34 22.74
N ALA I 412 -18.37 -21.07 23.13
CA ALA I 412 -19.72 -20.73 22.69
C ALA I 412 -20.13 -19.37 23.21
N LEU I 413 -19.74 -19.03 24.43
CA LEU I 413 -20.07 -17.73 24.98
C LEU I 413 -19.40 -16.61 24.21
N ALA I 414 -18.14 -16.80 23.81
CA ALA I 414 -17.46 -15.78 23.02
C ALA I 414 -18.12 -15.60 21.66
N ALA I 415 -18.49 -16.71 21.02
CA ALA I 415 -19.18 -16.61 19.74
C ALA I 415 -20.50 -15.87 19.89
N LEU I 416 -21.27 -16.16 20.94
CA LEU I 416 -22.52 -15.45 21.16
C LEU I 416 -22.30 -13.97 21.42
N LEU I 417 -21.29 -13.62 22.21
CA LEU I 417 -21.01 -12.21 22.44
C LEU I 417 -20.79 -11.48 21.12
N GLN I 418 -19.89 -12.00 20.29
CA GLN I 418 -19.63 -11.33 19.01
C GLN I 418 -20.87 -11.27 18.14
N GLN I 419 -21.61 -12.38 18.05
CA GLN I 419 -22.76 -12.43 17.14
C GLN I 419 -23.85 -11.45 17.56
N THR I 420 -24.20 -11.43 18.85
CA THR I 420 -25.25 -10.52 19.31
C THR I 420 -24.83 -9.07 19.20
N SER I 421 -23.58 -8.77 19.54
CA SER I 421 -23.12 -7.39 19.40
C SER I 421 -23.17 -6.94 17.95
N ALA I 422 -22.80 -7.80 17.00
CA ALA I 422 -22.89 -7.45 15.60
C ALA I 422 -24.32 -7.35 15.11
N ASP I 423 -25.23 -8.18 15.63
CA ASP I 423 -26.60 -8.18 15.15
C ASP I 423 -27.39 -6.97 15.63
N ILE I 424 -27.07 -6.43 16.81
CA ILE I 424 -27.79 -5.25 17.26
C ILE I 424 -27.59 -4.09 16.28
N GLN I 425 -26.37 -3.91 15.78
CA GLN I 425 -26.14 -2.84 14.81
C GLN I 425 -26.76 -3.13 13.47
N GLU I 426 -26.87 -4.39 13.08
CA GLU I 426 -27.45 -4.75 11.79
C GLU I 426 -28.95 -4.52 11.77
N VAL I 427 -29.64 -4.93 12.84
CA VAL I 427 -31.09 -4.79 12.86
C VAL I 427 -31.50 -3.31 12.86
N THR I 428 -30.84 -2.49 13.67
CA THR I 428 -31.20 -1.09 13.83
C THR I 428 -30.31 -0.24 12.93
N GLY I 429 -30.84 0.15 11.77
CA GLY I 429 -30.11 0.98 10.85
C GLY I 429 -28.79 0.39 10.40
N MET I 450 -31.89 10.55 -3.29
CA MET I 450 -31.43 9.24 -2.84
C MET I 450 -30.70 9.37 -1.52
N ASN I 451 -30.17 10.57 -1.25
CA ASN I 451 -29.47 10.80 0.01
C ASN I 451 -30.40 10.62 1.18
N ARG I 452 -31.60 11.20 1.10
CA ARG I 452 -32.54 11.15 2.22
C ARG I 452 -33.04 9.73 2.46
N ALA I 453 -33.34 9.01 1.38
CA ALA I 453 -33.97 7.71 1.52
C ALA I 453 -33.01 6.67 2.11
N ASP I 454 -31.71 6.89 1.99
CA ASP I 454 -30.74 5.98 2.57
C ASP I 454 -30.73 6.01 4.08
N MET I 455 -31.14 7.10 4.70
CA MET I 455 -31.10 7.20 6.15
C MET I 455 -32.24 6.40 6.77
N ALA I 456 -32.01 5.95 8.00
CA ALA I 456 -32.98 5.14 8.71
C ALA I 456 -34.12 5.95 9.30
N SER I 457 -34.03 7.28 9.28
CA SER I 457 -35.03 8.13 9.88
C SER I 457 -36.04 8.66 8.88
N PHE I 458 -36.01 8.20 7.63
CA PHE I 458 -36.87 8.80 6.61
C PHE I 458 -38.33 8.47 6.84
N ILE I 459 -38.63 7.23 7.22
CA ILE I 459 -40.03 6.81 7.30
C ILE I 459 -40.75 7.52 8.43
N TYR I 460 -40.09 7.71 9.56
CA TYR I 460 -40.72 8.44 10.67
C TYR I 460 -40.99 9.88 10.30
N LEU I 461 -40.02 10.54 9.67
CA LEU I 461 -40.19 11.92 9.26
C LEU I 461 -41.23 12.07 8.17
N ASP I 462 -41.44 11.04 7.35
CA ASP I 462 -42.50 11.07 6.37
C ASP I 462 -43.87 10.83 6.97
N ASN I 463 -43.98 9.94 7.96
CA ASN I 463 -45.25 9.72 8.63
C ASN I 463 -45.65 10.88 9.53
N MET I 464 -44.70 11.70 9.98
CA MET I 464 -45.06 12.91 10.72
C MET I 464 -45.71 13.96 9.83
N ALA I 465 -45.27 14.07 8.57
CA ALA I 465 -45.84 15.06 7.67
C ALA I 465 -47.31 14.80 7.39
N LYS I 466 -47.68 13.54 7.20
CA LYS I 466 -49.06 13.23 6.89
C LYS I 466 -49.97 13.25 8.12
N SER I 467 -49.38 13.35 9.31
CA SER I 467 -50.17 13.69 10.50
C SER I 467 -50.37 15.19 10.60
N LEU I 468 -49.32 15.97 10.32
CA LEU I 468 -49.48 17.41 10.32
C LEU I 468 -50.46 17.89 9.27
N LYS I 469 -50.54 17.23 8.13
CA LYS I 469 -51.57 17.57 7.15
C LYS I 469 -52.98 17.42 7.70
N ARG I 470 -53.24 16.34 8.45
CA ARG I 470 -54.55 16.16 9.05
C ARG I 470 -54.81 17.20 10.14
N ALA I 471 -53.78 17.55 10.90
CA ALA I 471 -53.93 18.60 11.90
C ALA I 471 -54.32 19.92 11.26
N GLY I 472 -53.70 20.25 10.13
CA GLY I 472 -54.10 21.45 9.41
C GLY I 472 -55.54 21.43 8.94
N GLU I 473 -56.01 20.28 8.48
CA GLU I 473 -57.41 20.16 8.04
C GLU I 473 -58.36 20.39 9.20
N VAL I 474 -58.10 19.76 10.35
CA VAL I 474 -58.96 19.98 11.51
C VAL I 474 -58.92 21.42 11.98
N TRP I 475 -57.74 22.04 12.01
CA TRP I 475 -57.65 23.44 12.37
C TRP I 475 -58.44 24.34 11.43
N LEU I 476 -58.35 24.12 10.12
CA LEU I 476 -59.16 24.88 9.19
C LEU I 476 -60.64 24.69 9.44
N SER I 477 -61.07 23.47 9.70
CA SER I 477 -62.48 23.22 9.97
C SER I 477 -62.98 23.94 11.21
N MET I 478 -62.21 23.96 12.29
CA MET I 478 -62.69 24.59 13.51
C MET I 478 -62.34 26.07 13.61
N ALA I 479 -61.53 26.60 12.69
CA ALA I 479 -61.17 28.01 12.75
C ALA I 479 -62.27 28.90 12.21
N ARG I 480 -63.13 28.36 11.36
CA ARG I 480 -64.21 29.17 10.79
C ARG I 480 -65.24 29.53 11.83
N GLU I 481 -65.50 28.64 12.78
CA GLU I 481 -66.51 28.89 13.80
C GLU I 481 -65.97 29.71 14.95
N VAL I 482 -64.66 29.87 15.06
CA VAL I 482 -64.06 30.70 16.09
C VAL I 482 -63.68 32.09 15.58
N TYR I 483 -63.12 32.20 14.38
CA TYR I 483 -62.71 33.48 13.84
C TYR I 483 -63.64 34.02 12.77
N GLY I 484 -64.52 33.20 12.20
CA GLY I 484 -65.43 33.63 11.16
C GLY I 484 -64.87 33.43 9.77
N SER I 485 -65.78 33.42 8.79
CA SER I 485 -65.36 33.27 7.40
C SER I 485 -64.67 34.53 6.93
N GLU I 486 -63.80 34.37 5.92
CA GLU I 486 -62.94 35.48 5.53
C GLU I 486 -63.62 36.42 4.53
N ARG I 487 -63.95 35.91 3.34
CA ARG I 487 -64.65 36.68 2.30
C ARG I 487 -63.77 37.82 1.79
N GLU I 488 -64.02 38.28 0.57
CA GLU I 488 -63.25 39.38 0.00
C GLU I 488 -64.09 40.07 -1.07
N VAL I 489 -64.12 41.40 -1.00
CA VAL I 489 -64.84 42.20 -1.98
C VAL I 489 -63.99 43.38 -2.45
N ARG I 510 -57.71 42.73 0.75
CA ARG I 510 -57.86 42.60 2.20
C ARG I 510 -58.67 41.37 2.57
N GLN I 511 -58.71 41.05 3.87
CA GLN I 511 -59.47 39.90 4.37
C GLN I 511 -60.09 40.31 5.69
N THR I 512 -61.37 40.69 5.65
CA THR I 512 -62.08 41.19 6.83
C THR I 512 -63.09 40.16 7.28
N GLY I 513 -63.07 39.84 8.58
CA GLY I 513 -63.94 38.81 9.13
C GLY I 513 -65.23 39.33 9.72
N ALA I 514 -65.55 38.87 10.93
CA ALA I 514 -66.82 39.12 11.58
C ALA I 514 -66.90 40.54 12.13
N VAL I 515 -67.95 40.80 12.91
CA VAL I 515 -68.09 42.04 13.65
C VAL I 515 -68.02 41.81 15.15
N VAL I 516 -68.85 40.89 15.67
CA VAL I 516 -68.86 40.59 17.10
C VAL I 516 -68.58 39.11 17.34
N ALA I 517 -69.40 38.23 16.77
CA ALA I 517 -69.09 36.81 16.68
C ALA I 517 -70.02 36.21 15.64
N LEU I 518 -69.47 35.83 14.49
CA LEU I 518 -70.30 35.23 13.45
C LEU I 518 -69.42 34.42 12.51
N ASN I 519 -70.06 33.49 11.80
CA ASN I 519 -69.38 32.49 10.99
C ASN I 519 -69.52 32.76 9.51
N ASP I 520 -70.75 33.00 9.03
CA ASP I 520 -71.10 33.05 7.62
C ASP I 520 -71.02 31.64 7.06
N LEU I 521 -71.96 31.32 6.16
CA LEU I 521 -72.10 29.97 5.67
C LEU I 521 -72.50 30.08 4.21
N SER I 522 -72.32 28.99 3.48
CA SER I 522 -72.51 28.99 2.03
C SER I 522 -71.55 29.98 1.37
N VAL I 523 -70.35 30.10 1.94
CA VAL I 523 -69.26 30.80 1.29
C VAL I 523 -68.31 29.83 0.59
N GLY I 524 -68.33 28.55 0.95
CA GLY I 524 -67.64 27.54 0.19
C GLY I 524 -66.26 27.23 0.70
N ARG I 525 -65.69 26.18 0.11
CA ARG I 525 -64.33 25.78 0.44
C ARG I 525 -63.34 26.87 0.05
N TYR I 526 -62.34 27.06 0.90
CA TYR I 526 -61.28 28.03 0.62
C TYR I 526 -60.42 27.55 -0.54
N ASP I 527 -59.67 28.49 -1.11
CA ASP I 527 -58.81 28.20 -2.26
C ASP I 527 -57.36 27.97 -1.85
N VAL I 528 -57.13 27.30 -0.73
CA VAL I 528 -55.79 26.98 -0.28
C VAL I 528 -55.65 25.46 -0.19
N THR I 529 -54.40 25.01 -0.10
CA THR I 529 -54.09 23.60 0.02
C THR I 529 -53.16 23.41 1.21
N VAL I 530 -53.40 22.35 1.98
CA VAL I 530 -52.60 22.07 3.17
C VAL I 530 -51.33 21.35 2.74
N ASP I 531 -50.19 21.83 3.24
CA ASP I 531 -48.90 21.23 2.95
C ASP I 531 -48.06 21.31 4.22
N VAL I 532 -46.78 20.96 4.09
CA VAL I 532 -45.84 21.08 5.19
C VAL I 532 -44.59 21.80 4.71
N GLY I 533 -43.90 22.43 5.65
CA GLY I 533 -42.67 23.13 5.35
C GLY I 533 -41.91 23.40 6.63
N PRO I 534 -40.74 24.01 6.52
CA PRO I 534 -39.92 24.25 7.71
C PRO I 534 -40.63 25.16 8.70
N SER I 535 -40.33 24.94 9.98
CA SER I 535 -40.95 25.68 11.06
C SER I 535 -40.10 26.89 11.41
N TYR I 536 -40.72 28.07 11.39
CA TYR I 536 -40.04 29.33 11.64
C TYR I 536 -40.65 30.04 12.83
N THR I 537 -39.80 30.67 13.64
CA THR I 537 -40.29 31.36 14.82
C THR I 537 -40.98 32.67 14.47
N ALA I 538 -40.44 33.41 13.50
CA ALA I 538 -40.99 34.69 13.11
C ALA I 538 -41.16 34.74 11.60
N ARG I 539 -41.97 35.69 11.14
CA ARG I 539 -42.22 35.80 9.70
C ARG I 539 -40.97 36.23 8.95
N ARG I 540 -40.14 37.07 9.56
CA ARG I 540 -38.93 37.53 8.90
C ARG I 540 -38.03 36.38 8.51
N ASP I 541 -37.95 35.35 9.36
CA ASP I 541 -37.15 34.18 9.02
C ASP I 541 -37.71 33.50 7.78
N ALA I 542 -39.03 33.40 7.69
CA ALA I 542 -39.65 32.78 6.52
C ALA I 542 -39.35 33.58 5.26
N THR I 543 -39.39 34.91 5.35
CA THR I 543 -39.09 35.72 4.17
C THR I 543 -37.65 35.55 3.73
N VAL I 544 -36.70 35.73 4.65
CA VAL I 544 -35.30 35.69 4.25
C VAL I 544 -34.87 34.29 3.83
N SER I 545 -35.50 33.24 4.38
CA SER I 545 -35.12 31.88 4.02
C SER I 545 -35.42 31.58 2.56
N VAL I 546 -36.54 32.08 2.04
CA VAL I 546 -36.90 31.79 0.66
C VAL I 546 -36.20 32.77 -0.26
N LEU I 547 -36.00 34.01 0.20
CA LEU I 547 -35.31 34.97 -0.64
C LEU I 547 -33.85 34.59 -0.85
N THR I 548 -33.20 34.04 0.17
CA THR I 548 -31.82 33.62 0.00
C THR I 548 -31.69 32.33 -0.80
N ASN I 549 -32.75 31.54 -0.90
CA ASN I 549 -32.73 30.40 -1.81
C ASN I 549 -32.94 30.85 -3.25
N VAL I 550 -33.77 31.87 -3.46
CA VAL I 550 -33.89 32.46 -4.79
C VAL I 550 -32.55 33.01 -5.22
N LEU I 551 -31.88 33.74 -4.34
CA LEU I 551 -30.51 34.13 -4.56
C LEU I 551 -29.63 32.88 -4.52
N SER I 552 -28.36 33.04 -4.86
CA SER I 552 -27.37 31.97 -4.88
C SER I 552 -27.66 30.93 -5.95
N SER I 553 -28.77 31.03 -6.66
CA SER I 553 -29.00 30.27 -7.89
C SER I 553 -29.01 31.18 -9.11
N MET I 554 -28.49 32.39 -8.96
CA MET I 554 -28.50 33.40 -10.02
C MET I 554 -27.07 33.86 -10.25
N LEU I 555 -26.67 33.91 -11.51
CA LEU I 555 -25.37 34.45 -11.85
C LEU I 555 -25.33 35.94 -11.56
N PRO I 556 -24.16 36.50 -11.27
CA PRO I 556 -24.10 37.95 -11.06
C PRO I 556 -24.33 38.68 -12.36
N THR I 557 -25.55 39.15 -12.57
CA THR I 557 -26.02 39.75 -13.82
C THR I 557 -27.49 40.10 -13.61
N ASP I 558 -28.02 40.98 -14.46
CA ASP I 558 -29.40 41.42 -14.52
C ASP I 558 -29.73 42.27 -13.30
N PRO I 559 -30.75 43.14 -13.36
CA PRO I 559 -31.03 44.00 -12.20
C PRO I 559 -31.30 43.22 -10.93
N MET I 560 -32.37 42.43 -10.89
CA MET I 560 -32.63 41.40 -9.88
C MET I 560 -31.76 41.43 -8.63
N ARG I 561 -30.50 40.98 -8.75
CA ARG I 561 -29.68 40.64 -7.60
C ARG I 561 -29.53 41.77 -6.58
N PRO I 562 -29.19 43.01 -6.99
CA PRO I 562 -29.29 44.11 -6.01
C PRO I 562 -30.67 44.29 -5.40
N ALA I 563 -31.74 44.09 -6.16
CA ALA I 563 -33.07 44.21 -5.56
C ALA I 563 -33.31 43.13 -4.52
N ILE I 564 -32.88 41.90 -4.81
CA ILE I 564 -33.02 40.81 -3.84
C ILE I 564 -32.24 41.12 -2.58
N GLN I 565 -31.00 41.62 -2.73
CA GLN I 565 -30.23 41.95 -1.55
C GLN I 565 -30.86 43.06 -0.74
N GLY I 566 -31.38 44.09 -1.40
CA GLY I 566 -32.05 45.15 -0.67
C GLY I 566 -33.25 44.65 0.09
N ILE I 567 -34.05 43.80 -0.55
CA ILE I 567 -35.24 43.28 0.13
C ILE I 567 -34.83 42.42 1.32
N ILE I 568 -33.79 41.61 1.17
CA ILE I 568 -33.33 40.78 2.29
C ILE I 568 -32.87 41.65 3.43
N LEU I 569 -32.04 42.65 3.15
CA LEU I 569 -31.51 43.48 4.22
C LEU I 569 -32.58 44.36 4.85
N ASP I 570 -33.68 44.63 4.15
CA ASP I 570 -34.78 45.33 4.77
C ASP I 570 -35.41 44.55 5.90
N ASN I 571 -35.54 43.24 5.75
CA ASN I 571 -35.95 42.35 6.84
C ASN I 571 -34.77 42.11 7.76
N ILE I 572 -34.84 41.07 8.57
CA ILE I 572 -33.78 40.58 9.46
C ILE I 572 -33.33 41.74 10.35
N ASP I 573 -32.19 41.57 11.03
CA ASP I 573 -31.44 42.58 11.77
C ASP I 573 -31.89 42.68 13.22
N GLY I 574 -30.98 43.17 14.07
CA GLY I 574 -31.19 43.23 15.50
C GLY I 574 -30.83 44.56 16.12
N GLU I 575 -29.94 44.55 17.11
CA GLU I 575 -29.63 45.72 17.91
C GLU I 575 -28.67 46.65 17.19
N GLY I 576 -28.94 47.96 17.29
CA GLY I 576 -28.00 48.95 16.81
C GLY I 576 -27.89 49.09 15.30
N LEU I 577 -28.95 48.79 14.56
CA LEU I 577 -28.93 48.88 13.11
C LEU I 577 -29.97 49.86 12.58
N ASP I 578 -30.29 50.91 13.34
CA ASP I 578 -31.31 51.85 12.89
C ASP I 578 -30.83 52.67 11.70
N ASP I 579 -29.64 53.25 11.80
CA ASP I 579 -29.14 54.11 10.74
C ASP I 579 -28.89 53.32 9.45
N PHE I 580 -28.29 52.14 9.57
CA PHE I 580 -28.03 51.33 8.39
C PHE I 580 -29.33 50.93 7.71
N LYS I 581 -30.33 50.51 8.47
CA LYS I 581 -31.59 50.10 7.88
C LYS I 581 -32.32 51.28 7.23
N GLU I 582 -32.27 52.45 7.86
CA GLU I 582 -32.89 53.62 7.23
C GLU I 582 -32.18 53.99 5.94
N TYR I 583 -30.84 53.96 5.93
CA TYR I 583 -30.10 54.25 4.72
C TYR I 583 -30.44 53.26 3.62
N ASN I 584 -30.57 51.98 3.97
CA ASN I 584 -30.95 50.98 2.98
C ASN I 584 -32.35 51.25 2.44
N ARG I 585 -33.31 51.54 3.31
CA ARG I 585 -34.67 51.74 2.85
C ARG I 585 -34.76 52.95 1.94
N ASN I 586 -33.97 54.00 2.20
CA ASN I 586 -34.00 55.17 1.34
C ASN I 586 -33.64 54.81 -0.09
N GLN I 587 -32.50 54.15 -0.29
CA GLN I 587 -32.14 53.72 -1.62
C GLN I 587 -33.10 52.69 -2.17
N LEU I 588 -33.79 51.96 -1.30
CA LEU I 588 -34.76 50.98 -1.77
C LEU I 588 -35.99 51.65 -2.37
N LEU I 589 -36.44 52.77 -1.82
CA LEU I 589 -37.64 53.37 -2.38
C LEU I 589 -37.36 54.48 -3.39
N ILE I 590 -36.16 55.05 -3.41
CA ILE I 590 -35.85 55.97 -4.50
C ILE I 590 -35.69 55.24 -5.82
N SER I 591 -35.57 53.92 -5.78
CA SER I 591 -35.47 53.10 -6.99
C SER I 591 -36.80 52.45 -7.37
N GLY I 592 -37.89 52.86 -6.74
CA GLY I 592 -39.20 52.35 -7.10
C GLY I 592 -39.42 50.88 -6.79
N ILE I 593 -38.94 50.41 -5.65
CA ILE I 593 -39.17 49.02 -5.25
C ILE I 593 -39.93 48.90 -3.93
N ALA I 594 -40.03 49.97 -3.14
CA ALA I 594 -40.56 49.82 -1.79
C ALA I 594 -42.01 50.27 -1.63
N LYS I 595 -42.53 51.09 -2.55
CA LYS I 595 -43.92 51.53 -2.46
C LYS I 595 -44.18 52.28 -1.15
N PRO I 596 -43.75 53.55 -1.05
CA PRO I 596 -43.96 54.35 0.17
C PRO I 596 -45.30 54.09 0.85
N ARG I 597 -45.28 53.90 2.17
CA ARG I 597 -46.51 53.59 2.89
C ARG I 597 -47.22 54.85 3.39
N ASN I 598 -47.34 55.81 2.48
CA ASN I 598 -48.31 56.92 2.58
C ASN I 598 -48.24 57.66 3.92
N GLU I 599 -47.04 57.82 4.48
CA GLU I 599 -46.94 58.63 5.69
C GLU I 599 -46.05 59.86 5.52
N LYS I 600 -44.77 59.71 5.18
CA LYS I 600 -43.92 60.88 5.04
C LYS I 600 -43.06 60.84 3.78
N GLU I 601 -42.64 59.64 3.37
CA GLU I 601 -41.67 59.54 2.30
C GLU I 601 -42.28 59.80 0.93
N GLN I 602 -43.57 59.49 0.75
CA GLN I 602 -44.22 59.74 -0.53
C GLN I 602 -44.23 61.22 -0.90
N GLN I 603 -44.08 62.09 0.08
CA GLN I 603 -44.16 63.53 -0.15
C GLN I 603 -42.86 64.27 0.16
N ILE I 604 -41.87 63.60 0.75
CA ILE I 604 -40.66 64.30 1.16
C ILE I 604 -39.49 63.81 0.30
N VAL I 605 -39.15 62.53 0.40
CA VAL I 605 -38.01 62.01 -0.33
C VAL I 605 -38.40 61.57 -1.73
N GLN I 606 -39.62 61.06 -1.90
CA GLN I 606 -40.04 60.62 -3.22
C GLN I 606 -40.27 61.80 -4.15
N GLN I 607 -40.86 62.88 -3.64
CA GLN I 607 -41.03 64.08 -4.44
C GLN I 607 -39.68 64.69 -4.80
N ALA I 608 -38.76 64.68 -3.83
CA ALA I 608 -37.40 65.16 -4.12
C ALA I 608 -36.74 64.29 -5.18
N GLN I 609 -37.06 63.00 -5.21
CA GLN I 609 -36.48 62.14 -6.23
C GLN I 609 -37.12 62.39 -7.60
N MET I 610 -38.41 62.74 -7.62
CA MET I 610 -38.99 63.19 -8.89
C MET I 610 -38.31 64.46 -9.39
N ALA I 611 -38.05 65.41 -8.50
CA ALA I 611 -37.33 66.61 -8.88
C ALA I 611 -35.94 66.27 -9.39
N ALA I 612 -35.22 65.40 -8.68
CA ALA I 612 -33.91 64.93 -9.11
C ALA I 612 -33.97 64.01 -10.31
N GLN I 613 -35.16 63.60 -10.73
CA GLN I 613 -35.33 62.98 -12.04
C GLN I 613 -35.46 64.03 -13.12
N SER I 614 -36.13 65.14 -12.82
CA SER I 614 -36.17 66.29 -13.71
C SER I 614 -34.93 67.18 -13.58
N GLN I 615 -34.23 67.12 -12.44
CA GLN I 615 -33.03 67.94 -12.25
C GLN I 615 -31.92 67.65 -13.25
N PRO I 616 -31.51 66.41 -13.49
CA PRO I 616 -30.31 66.17 -14.31
C PRO I 616 -30.58 66.05 -15.80
N ASN I 617 -31.81 66.28 -16.25
CA ASN I 617 -32.06 66.33 -17.69
C ASN I 617 -31.28 67.48 -18.34
N PRO I 618 -31.28 68.70 -17.81
CA PRO I 618 -30.36 69.72 -18.35
C PRO I 618 -28.90 69.32 -18.23
N GLU I 619 -28.53 68.63 -17.17
CA GLU I 619 -27.14 68.20 -17.00
C GLU I 619 -26.72 67.21 -18.09
N MET I 620 -27.58 66.26 -18.41
CA MET I 620 -27.24 65.24 -19.40
C MET I 620 -27.34 65.78 -20.82
N VAL I 621 -28.32 66.65 -21.09
CA VAL I 621 -28.38 67.25 -22.42
C VAL I 621 -27.27 68.27 -22.59
N LEU I 622 -26.70 68.77 -21.48
CA LEU I 622 -25.48 69.56 -21.57
C LEU I 622 -24.33 68.71 -22.08
N ALA I 623 -24.24 67.46 -21.61
CA ALA I 623 -23.30 66.51 -22.20
C ALA I 623 -23.71 66.09 -23.60
N GLN I 624 -24.93 66.41 -24.02
CA GLN I 624 -25.38 66.19 -25.39
C GLN I 624 -25.74 67.48 -26.11
N ALA I 625 -25.26 68.63 -25.62
CA ALA I 625 -25.52 69.91 -26.28
C ALA I 625 -24.51 70.23 -27.37
N GLN I 626 -23.44 69.43 -27.50
CA GLN I 626 -22.48 69.65 -28.58
C GLN I 626 -23.13 69.50 -29.95
N MET I 627 -24.11 68.61 -30.07
CA MET I 627 -24.91 68.55 -31.28
C MET I 627 -26.29 69.20 -31.11
N VAL I 628 -26.46 70.02 -30.08
CA VAL I 628 -27.63 70.89 -29.95
C VAL I 628 -27.33 72.31 -30.37
N ALA I 629 -26.10 72.78 -30.13
CA ALA I 629 -25.65 74.01 -30.76
C ALA I 629 -25.73 73.90 -32.27
N ALA I 630 -25.34 72.74 -32.82
CA ALA I 630 -25.52 72.47 -34.24
C ALA I 630 -26.98 72.44 -34.63
N GLN I 631 -27.85 71.86 -33.79
CA GLN I 631 -29.29 71.92 -34.05
C GLN I 631 -29.75 73.35 -34.24
N ALA I 632 -29.41 74.23 -33.30
CA ALA I 632 -29.84 75.62 -33.36
C ALA I 632 -29.24 76.33 -34.57
N GLU I 633 -27.96 76.12 -34.85
CA GLU I 633 -27.33 76.79 -35.98
C GLU I 633 -27.97 76.37 -37.29
N ALA I 634 -28.19 75.07 -37.48
CA ALA I 634 -28.86 74.60 -38.68
C ALA I 634 -30.29 75.10 -38.76
N GLN I 635 -31.00 75.12 -37.63
CA GLN I 635 -32.39 75.57 -37.63
C GLN I 635 -32.48 77.04 -38.05
N LYS I 636 -31.58 77.88 -37.58
CA LYS I 636 -31.63 79.27 -37.99
C LYS I 636 -31.13 79.47 -39.42
N ALA I 637 -30.05 78.78 -39.83
CA ALA I 637 -29.62 78.87 -41.21
C ALA I 637 -30.69 78.34 -42.16
N THR I 638 -31.62 77.53 -41.66
CA THR I 638 -32.75 77.05 -42.44
C THR I 638 -33.68 78.17 -42.87
N ASN I 639 -33.61 79.34 -42.23
CA ASN I 639 -34.42 80.48 -42.62
C ASN I 639 -33.59 81.71 -42.97
N GLU I 640 -32.31 81.75 -42.60
CA GLU I 640 -31.48 82.92 -42.86
C GLU I 640 -30.97 82.98 -44.30
N THR I 641 -30.45 81.86 -44.80
CA THR I 641 -29.88 81.85 -46.14
C THR I 641 -30.93 82.15 -47.22
N ALA I 642 -32.22 81.93 -46.92
CA ALA I 642 -33.27 82.27 -47.87
C ALA I 642 -33.30 83.76 -48.18
N GLN I 643 -32.67 84.59 -47.35
CA GLN I 643 -32.51 85.99 -47.71
C GLN I 643 -31.73 86.13 -49.00
N THR I 644 -30.88 85.16 -49.34
CA THR I 644 -30.17 85.22 -50.61
C THR I 644 -31.12 84.99 -51.78
N GLN I 645 -32.07 84.07 -51.64
CA GLN I 645 -33.09 83.92 -52.67
C GLN I 645 -33.93 85.18 -52.80
N ILE I 646 -34.31 85.76 -51.66
CA ILE I 646 -35.09 87.00 -51.70
C ILE I 646 -34.27 88.12 -52.35
N LYS I 647 -32.97 88.15 -52.08
CA LYS I 647 -32.11 89.17 -52.66
C LYS I 647 -31.96 88.97 -54.16
N ALA I 648 -31.92 87.71 -54.60
CA ALA I 648 -31.90 87.43 -56.03
C ALA I 648 -33.20 87.88 -56.69
N PHE I 649 -34.33 87.67 -56.02
CA PHE I 649 -35.61 88.14 -56.56
C PHE I 649 -35.62 89.67 -56.65
N THR I 650 -35.12 90.34 -55.62
CA THR I 650 -35.02 91.79 -55.63
C THR I 650 -34.09 92.27 -56.74
N ALA I 651 -32.99 91.57 -56.96
CA ALA I 651 -32.06 91.93 -58.03
C ALA I 651 -32.68 91.72 -59.40
N GLN I 652 -33.51 90.68 -59.56
CA GLN I 652 -34.22 90.51 -60.82
C GLN I 652 -35.22 91.64 -61.06
N GLN I 653 -35.93 92.06 -60.00
CA GLN I 653 -36.83 93.21 -60.14
C GLN I 653 -36.06 94.47 -60.52
N ASP I 654 -34.92 94.70 -59.86
CA ASP I 654 -34.10 95.85 -60.19
C ASP I 654 -33.55 95.74 -61.61
N ALA I 655 -33.27 94.52 -62.07
CA ALA I 655 -32.75 94.33 -63.42
C ALA I 655 -33.80 94.65 -64.47
N MET I 656 -35.05 94.23 -64.25
CA MET I 656 -36.10 94.57 -65.21
C MET I 656 -36.41 96.07 -65.18
N GLU I 657 -36.37 96.67 -63.98
CA GLU I 657 -36.48 98.13 -63.91
C GLU I 657 -35.38 98.80 -64.72
N SER I 658 -34.14 98.40 -64.51
CA SER I 658 -33.02 98.97 -65.27
C SER I 658 -33.15 98.69 -66.76
N GLN I 659 -33.79 97.58 -67.12
CA GLN I 659 -34.09 97.34 -68.53
C GLN I 659 -34.98 98.44 -69.09
N ALA I 660 -36.08 98.73 -68.40
CA ALA I 660 -36.93 99.83 -68.84
C ALA I 660 -36.20 101.16 -68.82
N ASN I 661 -35.40 101.40 -67.78
CA ASN I 661 -34.70 102.68 -67.64
C ASN I 661 -33.69 102.89 -68.77
N THR I 662 -32.93 101.84 -69.11
CA THR I 662 -31.92 101.99 -70.14
C THR I 662 -32.54 102.01 -71.53
N VAL I 663 -33.69 101.36 -71.70
CA VAL I 663 -34.44 101.54 -72.94
C VAL I 663 -34.87 103.01 -73.07
N TYR I 664 -35.32 103.61 -71.98
CA TYR I 664 -35.62 105.04 -72.01
C TYR I 664 -34.37 105.87 -72.29
N LYS I 665 -33.23 105.46 -71.74
CA LYS I 665 -31.98 106.15 -72.02
C LYS I 665 -31.63 106.12 -73.50
N LEU I 666 -31.82 104.96 -74.14
CA LEU I 666 -31.64 104.86 -75.58
C LEU I 666 -32.67 105.69 -76.34
N ALA I 667 -33.89 105.83 -75.83
CA ALA I 667 -34.89 106.68 -76.45
C ALA I 667 -34.54 108.16 -76.38
N GLN I 668 -33.97 108.61 -75.26
CA GLN I 668 -33.68 110.02 -75.08
C GLN I 668 -32.44 110.46 -75.86
N ALA I 669 -31.42 109.60 -75.91
CA ALA I 669 -30.13 110.01 -76.48
C ALA I 669 -30.22 110.33 -77.96
N ARG I 670 -31.27 109.89 -78.65
CA ARG I 670 -31.44 110.26 -80.06
C ARG I 670 -31.70 111.75 -80.21
N ASN I 671 -32.40 112.34 -79.24
CA ASN I 671 -32.75 113.76 -79.25
C ASN I 671 -33.56 114.12 -80.48
N MET J 1 -57.52 30.71 60.53
CA MET J 1 -57.00 29.37 60.29
C MET J 1 -55.63 29.45 59.66
N ALA J 2 -55.19 30.67 59.40
CA ALA J 2 -53.97 30.95 58.63
C ALA J 2 -52.96 31.66 59.52
N GLU J 3 -51.89 32.15 58.89
CA GLU J 3 -50.78 32.84 59.54
C GLU J 3 -50.44 32.21 60.88
N THR J 4 -50.72 32.92 61.98
CA THR J 4 -50.45 32.37 63.30
C THR J 4 -51.20 31.07 63.52
N LEU J 5 -52.47 31.02 63.11
CA LEU J 5 -53.23 29.78 63.19
C LEU J 5 -52.64 28.79 62.20
N GLU J 6 -52.06 27.71 62.73
CA GLU J 6 -51.23 26.82 61.94
C GLU J 6 -52.02 25.85 61.08
N LYS J 7 -53.35 25.98 61.00
CA LYS J 7 -54.12 25.07 60.17
C LYS J 7 -53.67 25.09 58.71
N LYS J 8 -53.02 26.16 58.28
CA LYS J 8 -52.38 26.15 56.98
C LYS J 8 -51.13 25.28 56.97
N HIS J 9 -50.45 25.15 58.11
CA HIS J 9 -49.18 24.45 58.14
C HIS J 9 -49.36 22.95 57.97
N GLU J 10 -50.41 22.35 58.53
CA GLU J 10 -50.62 20.92 58.29
C GLU J 10 -50.90 20.67 56.82
N ARG J 11 -51.65 21.55 56.17
CA ARG J 11 -51.88 21.38 54.74
C ARG J 11 -50.57 21.48 53.96
N ILE J 12 -49.71 22.42 54.35
CA ILE J 12 -48.42 22.55 53.67
C ILE J 12 -47.58 21.29 53.87
N MET J 13 -47.54 20.76 55.09
CA MET J 13 -46.76 19.55 55.35
C MET J 13 -47.31 18.35 54.61
N LEU J 14 -48.64 18.24 54.52
CA LEU J 14 -49.22 17.15 53.75
C LEU J 14 -48.86 17.26 52.29
N ARG J 15 -48.89 18.47 51.74
CA ARG J 15 -48.52 18.66 50.35
C ARG J 15 -47.07 18.29 50.11
N PHE J 16 -46.18 18.59 51.06
CA PHE J 16 -44.79 18.20 50.88
C PHE J 16 -44.65 16.69 50.76
N ASP J 17 -45.32 15.93 51.63
CA ASP J 17 -45.22 14.48 51.56
C ASP J 17 -45.83 13.95 50.28
N ARG J 18 -46.92 14.56 49.81
CA ARG J 18 -47.53 14.09 48.57
C ARG J 18 -46.62 14.34 47.37
N ALA J 19 -45.89 15.45 47.37
CA ALA J 19 -44.95 15.72 46.29
C ALA J 19 -43.68 14.91 46.38
N TYR J 20 -43.28 14.53 47.59
CA TYR J 20 -42.01 13.83 47.76
C TYR J 20 -42.10 12.36 47.35
N SER J 21 -43.23 11.73 47.62
CA SER J 21 -43.32 10.27 47.48
C SER J 21 -43.12 9.76 46.07
N PRO J 22 -43.79 10.29 45.03
CA PRO J 22 -43.63 9.70 43.69
C PRO J 22 -42.22 9.82 43.13
N GLN J 23 -41.65 11.02 43.20
CA GLN J 23 -40.33 11.29 42.65
C GLN J 23 -39.23 10.99 43.65
N LYS J 24 -39.29 9.82 44.27
CA LYS J 24 -38.36 9.44 45.32
C LYS J 24 -37.26 8.53 44.80
N GLU J 25 -37.62 7.53 44.00
CA GLU J 25 -36.62 6.64 43.42
C GLU J 25 -35.96 7.23 42.19
N VAL J 26 -36.59 8.23 41.56
CA VAL J 26 -35.98 8.84 40.39
C VAL J 26 -34.78 9.69 40.79
N ARG J 27 -34.93 10.49 41.84
CA ARG J 27 -33.85 11.38 42.24
C ARG J 27 -32.68 10.64 42.87
N GLU J 28 -32.91 9.45 43.40
CA GLU J 28 -31.82 8.66 43.94
C GLU J 28 -30.80 8.32 42.87
N LYS J 29 -31.28 7.97 41.67
CA LYS J 29 -30.37 7.69 40.56
C LYS J 29 -29.57 8.92 40.16
N CYS J 30 -30.20 10.09 40.14
CA CYS J 30 -29.49 11.31 39.78
C CYS J 30 -28.37 11.60 40.77
N ILE J 31 -28.68 11.50 42.07
CA ILE J 31 -27.67 11.76 43.09
C ILE J 31 -26.55 10.74 42.99
N GLU J 32 -26.91 9.46 42.82
CA GLU J 32 -25.90 8.42 42.72
C GLU J 32 -25.01 8.64 41.50
N ALA J 33 -25.57 9.10 40.39
CA ALA J 33 -24.76 9.32 39.19
C ALA J 33 -23.79 10.48 39.39
N THR J 34 -24.27 11.61 39.90
CA THR J 34 -23.35 12.73 40.11
C THR J 34 -22.23 12.34 41.05
N ARG J 35 -22.57 11.65 42.14
CA ARG J 35 -21.57 11.21 43.10
C ARG J 35 -20.62 10.17 42.49
N PHE J 36 -21.13 9.31 41.61
CA PHE J 36 -20.32 8.30 40.94
C PHE J 36 -19.29 8.94 40.02
N ALA J 37 -19.65 10.04 39.38
CA ALA J 37 -18.74 10.67 38.43
C ALA J 37 -17.78 11.67 39.05
N ARG J 38 -18.13 12.29 40.19
CA ARG J 38 -17.34 13.42 40.67
C ARG J 38 -16.61 13.17 41.97
N VAL J 39 -17.23 12.51 42.95
CA VAL J 39 -16.59 12.32 44.25
C VAL J 39 -15.42 11.35 44.09
N PRO J 40 -14.25 11.65 44.68
CA PRO J 40 -13.05 10.84 44.39
C PRO J 40 -13.17 9.36 44.71
N GLY J 41 -13.87 8.98 45.76
CA GLY J 41 -13.99 7.57 46.06
C GLY J 41 -15.35 7.00 45.80
N GLY J 42 -16.16 7.71 45.00
CA GLY J 42 -17.57 7.40 44.90
C GLY J 42 -17.93 6.25 44.00
N GLN J 43 -16.98 5.67 43.29
CA GLN J 43 -17.30 4.57 42.39
C GLN J 43 -17.44 3.24 43.12
N TRP J 44 -16.97 3.16 44.36
CA TRP J 44 -17.05 1.93 45.14
C TRP J 44 -18.03 2.04 46.29
N GLU J 45 -18.82 3.10 46.35
CA GLU J 45 -19.67 3.32 47.50
C GLU J 45 -20.73 2.24 47.58
N GLY J 46 -20.96 1.73 48.78
CA GLY J 46 -21.79 0.57 48.97
C GLY J 46 -21.00 -0.58 49.54
N ALA J 47 -19.78 -0.76 49.06
CA ALA J 47 -18.86 -1.72 49.65
C ALA J 47 -17.90 -1.06 50.64
N THR J 48 -17.06 -0.14 50.16
CA THR J 48 -16.09 0.57 50.98
C THR J 48 -15.36 -0.37 51.92
N ALA J 49 -15.92 -0.62 53.10
CA ALA J 49 -15.28 -1.45 54.12
C ALA J 49 -15.78 -2.88 53.97
N ALA J 50 -15.10 -3.67 53.16
CA ALA J 50 -15.44 -5.07 52.97
C ALA J 50 -14.17 -5.91 52.93
N GLY J 51 -14.15 -6.99 53.69
CA GLY J 51 -12.98 -7.85 53.73
C GLY J 51 -13.28 -9.10 54.53
N THR J 52 -12.24 -9.90 54.73
CA THR J 52 -12.35 -11.15 55.48
C THR J 52 -11.45 -11.15 56.69
N LYS J 53 -11.63 -12.18 57.53
CA LYS J 53 -10.90 -12.26 58.79
C LYS J 53 -9.41 -12.48 58.56
N LEU J 54 -9.04 -13.48 57.75
CA LEU J 54 -7.66 -13.68 57.33
C LEU J 54 -6.72 -13.82 58.54
N ASP J 55 -6.93 -14.89 59.30
CA ASP J 55 -6.16 -15.19 60.52
C ASP J 55 -6.30 -14.11 61.58
N GLU J 56 -7.55 -13.89 62.00
CA GLU J 56 -7.87 -12.97 63.09
C GLU J 56 -7.34 -11.57 62.81
N GLN J 57 -7.65 -11.06 61.64
CA GLN J 57 -7.39 -9.67 61.27
C GLN J 57 -8.60 -9.17 60.50
N PHE J 58 -8.51 -8.00 59.90
CA PHE J 58 -9.56 -7.59 58.99
C PHE J 58 -8.99 -6.89 57.76
N GLU J 59 -8.05 -7.53 57.09
CA GLU J 59 -7.57 -6.97 55.83
C GLU J 59 -8.73 -6.83 54.85
N LYS J 60 -8.80 -5.67 54.20
CA LYS J 60 -9.86 -5.33 53.27
C LYS J 60 -9.40 -5.52 51.84
N TYR J 61 -10.34 -5.79 50.95
CA TYR J 61 -10.01 -5.99 49.56
C TYR J 61 -9.50 -4.69 48.95
N PRO J 62 -8.47 -4.75 48.12
CA PRO J 62 -8.05 -3.55 47.40
C PRO J 62 -9.13 -3.11 46.43
N LYS J 63 -9.35 -1.80 46.37
CA LYS J 63 -10.42 -1.22 45.55
C LYS J 63 -9.83 -0.09 44.73
N PHE J 64 -9.25 -0.41 43.58
CA PHE J 64 -8.69 0.60 42.72
C PHE J 64 -9.77 1.25 41.88
N GLU J 65 -9.54 2.51 41.50
CA GLU J 65 -10.53 3.29 40.79
C GLU J 65 -9.87 3.97 39.60
N ILE J 66 -10.34 3.65 38.40
CA ILE J 66 -9.79 4.19 37.16
C ILE J 66 -10.96 4.84 36.43
N ASN J 67 -11.12 6.14 36.59
CA ASN J 67 -12.31 6.85 36.12
C ASN J 67 -12.20 7.09 34.62
N LYS J 68 -13.06 6.42 33.85
CA LYS J 68 -13.03 6.53 32.40
C LYS J 68 -14.35 7.02 31.82
N VAL J 69 -15.34 7.33 32.66
CA VAL J 69 -16.64 7.77 32.16
C VAL J 69 -16.80 9.28 32.15
N ALA J 70 -15.81 10.03 32.60
CA ALA J 70 -15.94 11.47 32.73
C ALA J 70 -15.44 12.24 31.51
N THR J 71 -14.69 11.60 30.61
CA THR J 71 -14.10 12.34 29.50
C THR J 71 -15.17 12.87 28.54
N GLU J 72 -16.14 12.04 28.17
CA GLU J 72 -17.18 12.49 27.27
C GLU J 72 -18.07 13.55 27.92
N LEU J 73 -18.31 13.41 29.23
CA LEU J 73 -19.06 14.43 29.95
C LEU J 73 -18.34 15.76 29.92
N ASN J 74 -17.03 15.75 30.13
CA ASN J 74 -16.26 16.99 30.04
C ASN J 74 -16.31 17.57 28.63
N ARG J 75 -16.28 16.72 27.61
CA ARG J 75 -16.41 17.21 26.24
C ARG J 75 -17.74 17.90 26.03
N ILE J 76 -18.82 17.31 26.53
CA ILE J 76 -20.14 17.93 26.38
C ILE J 76 -20.19 19.28 27.09
N ILE J 77 -19.67 19.34 28.32
CA ILE J 77 -19.73 20.59 29.07
C ILE J 77 -18.90 21.68 28.38
N ALA J 78 -17.72 21.33 27.87
CA ALA J 78 -16.93 22.30 27.13
C ALA J 78 -17.65 22.78 25.88
N GLU J 79 -18.40 21.89 25.22
CA GLU J 79 -19.19 22.31 24.07
C GLU J 79 -20.16 23.43 24.40
N TYR J 80 -20.83 23.36 25.55
CA TYR J 80 -21.74 24.44 25.91
C TYR J 80 -20.99 25.67 26.38
N ARG J 81 -19.94 25.51 27.17
CA ARG J 81 -19.24 26.69 27.67
C ARG J 81 -18.55 27.45 26.55
N ASN J 82 -18.35 26.82 25.40
CA ASN J 82 -17.83 27.55 24.25
C ASN J 82 -18.90 28.45 23.62
N ASN J 83 -20.14 27.97 23.56
CA ASN J 83 -21.24 28.69 22.91
C ASN J 83 -22.42 28.72 23.88
N ARG J 84 -22.66 29.88 24.49
CA ARG J 84 -23.45 29.89 25.73
C ARG J 84 -24.95 30.11 25.53
N ILE J 85 -25.37 30.84 24.50
CA ILE J 85 -26.76 31.13 24.10
C ILE J 85 -27.61 31.76 25.21
N THR J 86 -28.49 32.68 24.81
CA THR J 86 -29.35 33.40 25.76
C THR J 86 -30.65 33.78 25.04
N VAL J 87 -31.44 34.64 25.68
CA VAL J 87 -32.76 35.04 25.18
C VAL J 87 -32.62 36.12 24.13
N LYS J 88 -33.59 36.21 23.20
CA LYS J 88 -33.45 37.04 22.02
C LYS J 88 -34.49 38.14 21.89
N PHE J 89 -35.78 37.83 22.06
CA PHE J 89 -36.88 38.81 21.90
C PHE J 89 -36.94 39.37 20.48
N ARG J 90 -37.33 38.49 19.55
CA ARG J 90 -37.51 38.88 18.17
C ARG J 90 -38.66 39.87 18.02
N PRO J 91 -38.59 40.76 17.02
CA PRO J 91 -39.68 41.73 16.82
C PRO J 91 -40.86 41.15 16.06
N GLY J 92 -41.83 42.00 15.75
CA GLY J 92 -42.99 41.59 14.98
C GLY J 92 -43.22 42.48 13.78
N ASP J 93 -44.43 42.48 13.23
CA ASP J 93 -44.78 43.29 12.07
C ASP J 93 -45.65 44.44 12.56
N ARG J 94 -45.02 45.53 12.94
CA ARG J 94 -45.71 46.69 13.48
C ARG J 94 -44.81 47.90 13.34
N GLU J 95 -45.40 49.07 13.51
CA GLU J 95 -44.66 50.30 13.32
C GLU J 95 -43.55 50.48 14.35
N ALA J 96 -43.78 50.08 15.59
CA ALA J 96 -42.87 50.39 16.68
C ALA J 96 -42.27 49.17 17.36
N SER J 97 -42.51 47.97 16.84
CA SER J 97 -42.02 46.77 17.53
C SER J 97 -40.50 46.67 17.52
N GLU J 98 -39.82 47.32 16.58
CA GLU J 98 -38.37 47.24 16.53
C GLU J 98 -37.74 47.87 17.77
N GLU J 99 -38.14 49.10 18.07
CA GLU J 99 -37.62 49.77 19.26
C GLU J 99 -38.02 49.04 20.53
N LEU J 100 -39.23 48.48 20.55
CA LEU J 100 -39.68 47.72 21.70
C LEU J 100 -38.77 46.52 21.95
N ALA J 101 -38.46 45.78 20.90
CA ALA J 101 -37.56 44.63 21.05
C ALA J 101 -36.18 45.06 21.50
N ASN J 102 -35.67 46.16 20.92
CA ASN J 102 -34.35 46.64 21.32
C ASN J 102 -34.31 46.98 22.79
N LYS J 103 -35.31 47.73 23.27
CA LYS J 103 -35.35 48.09 24.68
C LYS J 103 -35.46 46.86 25.57
N LEU J 104 -36.32 45.91 25.19
CA LEU J 104 -36.53 44.75 26.05
C LEU J 104 -35.28 43.91 26.17
N ASN J 105 -34.62 43.62 25.06
CA ASN J 105 -33.45 42.75 25.19
C ASN J 105 -32.18 43.53 25.52
N GLY J 106 -32.26 44.86 25.68
CA GLY J 106 -31.22 45.56 26.42
C GLY J 106 -31.44 45.47 27.93
N LEU J 107 -32.68 45.61 28.37
CA LEU J 107 -32.98 45.46 29.79
C LEU J 107 -32.65 44.05 30.28
N PHE J 108 -32.98 43.03 29.49
CA PHE J 108 -32.66 41.67 29.91
C PHE J 108 -31.16 41.46 30.04
N ARG J 109 -30.38 42.01 29.10
CA ARG J 109 -28.93 41.89 29.20
C ARG J 109 -28.42 42.57 30.46
N ALA J 110 -28.96 43.75 30.78
CA ALA J 110 -28.55 44.43 32.00
C ALA J 110 -28.83 43.57 33.22
N ASP J 111 -30.01 42.95 33.28
CA ASP J 111 -30.33 42.10 34.42
C ASP J 111 -29.46 40.85 34.49
N TYR J 112 -29.12 40.27 33.35
CA TYR J 112 -28.34 39.04 33.32
C TYR J 112 -26.88 39.29 33.67
N GLU J 113 -26.34 40.44 33.27
CA GLU J 113 -24.92 40.72 33.51
C GLU J 113 -24.65 41.16 34.95
N GLU J 114 -25.47 42.04 35.49
CA GLU J 114 -25.21 42.63 36.80
C GLU J 114 -25.70 41.76 37.94
N THR J 115 -26.04 40.52 37.68
CA THR J 115 -26.42 39.55 38.71
C THR J 115 -25.80 38.21 38.34
N ASP J 116 -26.28 37.13 38.93
CA ASP J 116 -25.59 35.84 38.84
C ASP J 116 -26.14 35.00 37.71
N GLY J 117 -26.45 35.61 36.57
CA GLY J 117 -27.01 34.86 35.46
C GLY J 117 -26.07 33.80 34.90
N GLY J 118 -24.80 34.17 34.68
CA GLY J 118 -23.88 33.22 34.07
C GLY J 118 -23.60 32.03 34.96
N GLU J 119 -23.37 32.28 36.25
CA GLU J 119 -23.19 31.20 37.19
C GLU J 119 -24.42 30.30 37.26
N ALA J 120 -25.61 30.89 37.28
CA ALA J 120 -26.82 30.08 37.35
C ALA J 120 -26.96 29.18 36.14
N CYS J 121 -26.73 29.71 34.94
CA CYS J 121 -26.87 28.89 33.75
C CYS J 121 -25.82 27.80 33.69
N ASP J 122 -24.57 28.12 34.03
CA ASP J 122 -23.53 27.11 34.02
C ASP J 122 -23.82 25.99 35.01
N ASN J 123 -24.22 26.35 36.22
CA ASN J 123 -24.52 25.33 37.23
C ASN J 123 -25.68 24.46 36.79
N ALA J 124 -26.73 25.07 36.25
CA ALA J 124 -27.88 24.30 35.79
C ALA J 124 -27.48 23.33 34.70
N PHE J 125 -26.69 23.78 33.73
CA PHE J 125 -26.32 22.87 32.65
C PHE J 125 -25.41 21.76 33.14
N ASP J 126 -24.49 22.06 34.06
CA ASP J 126 -23.65 20.99 34.60
C ASP J 126 -24.47 19.92 35.29
N ASP J 127 -25.42 20.33 36.14
CA ASP J 127 -26.24 19.34 36.81
C ASP J 127 -27.11 18.58 35.83
N ALA J 128 -27.66 19.25 34.83
CA ALA J 128 -28.53 18.58 33.86
C ALA J 128 -27.75 17.55 33.07
N ALA J 129 -26.53 17.87 32.65
CA ALA J 129 -25.74 16.92 31.88
C ALA J 129 -25.18 15.80 32.72
N THR J 130 -24.90 16.02 34.00
CA THR J 130 -24.31 14.96 34.83
C THR J 130 -25.37 14.00 35.36
N GLY J 131 -26.31 14.51 36.14
CA GLY J 131 -27.30 13.67 36.76
C GLY J 131 -28.57 13.54 35.94
N GLY J 132 -29.07 14.65 35.43
CA GLY J 132 -30.25 14.63 34.60
C GLY J 132 -31.26 15.69 34.95
N PHE J 133 -31.05 16.41 36.05
CA PHE J 133 -31.99 17.43 36.47
C PHE J 133 -31.23 18.65 36.98
N GLY J 134 -31.58 19.83 36.45
CA GLY J 134 -31.03 21.07 36.93
C GLY J 134 -32.12 22.12 36.99
N CYS J 135 -31.81 23.23 37.68
CA CYS J 135 -32.82 24.25 37.89
C CYS J 135 -32.13 25.56 38.22
N PHE J 136 -32.85 26.67 38.02
CA PHE J 136 -32.39 27.96 38.51
C PHE J 136 -33.60 28.85 38.75
N ARG J 137 -33.37 29.93 39.50
CA ARG J 137 -34.44 30.75 40.05
C ARG J 137 -34.42 32.13 39.45
N LEU J 138 -35.55 32.81 39.51
CA LEU J 138 -35.72 34.16 38.97
C LEU J 138 -36.48 34.99 40.00
N THR J 139 -35.77 35.78 40.78
CA THR J 139 -36.34 36.54 41.89
C THR J 139 -36.35 38.03 41.56
N SER J 140 -36.83 38.82 42.53
CA SER J 140 -36.87 40.28 42.40
C SER J 140 -36.29 40.89 43.67
N MET J 141 -35.12 41.50 43.54
CA MET J 141 -34.39 42.06 44.67
C MET J 141 -34.52 43.57 44.70
N LEU J 142 -34.34 44.13 45.89
CA LEU J 142 -34.57 45.56 46.13
C LEU J 142 -33.24 46.30 46.09
N VAL J 143 -33.00 47.02 45.00
CA VAL J 143 -31.87 47.93 44.89
C VAL J 143 -32.29 49.17 44.11
N ARG J 152 -35.66 51.50 41.92
CA ARG J 152 -35.41 50.97 43.25
C ARG J 152 -35.93 49.55 43.40
N GLN J 153 -36.28 48.94 42.27
CA GLN J 153 -36.64 47.52 42.20
C GLN J 153 -35.92 46.90 41.02
N ARG J 154 -35.72 45.59 41.09
CA ARG J 154 -34.91 44.92 40.09
C ARG J 154 -35.31 43.47 40.00
N ILE J 155 -35.13 42.87 38.83
CA ILE J 155 -35.26 41.44 38.62
C ILE J 155 -33.87 40.83 38.61
N ALA J 156 -33.68 39.76 39.36
CA ALA J 156 -32.38 39.12 39.48
C ALA J 156 -32.49 37.63 39.16
N ILE J 157 -31.42 37.07 38.64
CA ILE J 157 -31.35 35.66 38.29
C ILE J 157 -30.36 34.99 39.23
N GLU J 158 -30.79 33.92 39.88
CA GLU J 158 -30.02 33.29 40.94
C GLU J 158 -29.87 31.81 40.68
N PRO J 159 -28.77 31.20 41.13
CA PRO J 159 -28.60 29.76 40.98
C PRO J 159 -29.24 28.99 42.14
N ILE J 160 -29.50 27.72 41.87
CA ILE J 160 -30.02 26.78 42.85
C ILE J 160 -29.05 25.62 42.95
N TYR J 161 -28.61 25.31 44.16
CA TYR J 161 -27.61 24.27 44.39
C TYR J 161 -28.28 23.02 44.92
N ASP J 162 -27.83 21.87 44.41
CA ASP J 162 -28.42 20.57 44.67
C ASP J 162 -29.87 20.51 44.23
N PRO J 163 -30.17 20.68 42.95
CA PRO J 163 -31.57 20.66 42.52
C PRO J 163 -32.26 19.35 42.77
N SER J 164 -31.53 18.22 42.71
CA SER J 164 -32.18 16.92 42.79
C SER J 164 -32.89 16.74 44.12
N ARG J 165 -32.30 17.20 45.21
CA ARG J 165 -32.85 17.02 46.53
C ARG J 165 -33.41 18.31 47.13
N SER J 166 -33.68 19.31 46.31
CA SER J 166 -34.14 20.60 46.80
C SER J 166 -35.45 21.07 46.19
N VAL J 167 -35.74 20.75 44.94
CA VAL J 167 -36.89 21.28 44.23
C VAL J 167 -37.94 20.19 44.06
N TRP J 168 -39.15 20.45 44.53
CA TRP J 168 -40.25 19.50 44.43
C TRP J 168 -41.49 20.22 43.93
N PHE J 169 -42.13 19.67 42.92
CA PHE J 169 -43.27 20.30 42.26
C PHE J 169 -44.57 19.58 42.57
N ASP J 170 -45.66 20.21 42.18
CA ASP J 170 -46.98 19.60 42.24
C ASP J 170 -46.99 18.32 41.40
N PRO J 171 -47.40 17.18 41.97
CA PRO J 171 -47.37 15.93 41.19
C PRO J 171 -48.41 15.88 40.10
N ASP J 172 -49.17 16.95 39.92
CA ASP J 172 -50.18 17.02 38.88
C ASP J 172 -49.70 17.78 37.64
N ALA J 173 -48.49 18.32 37.67
CA ALA J 173 -47.93 18.99 36.51
C ALA J 173 -47.20 17.99 35.64
N LYS J 174 -47.44 18.04 34.34
CA LYS J 174 -46.89 17.05 33.43
C LYS J 174 -46.04 17.64 32.32
N LYS J 175 -46.11 18.94 32.09
CA LYS J 175 -45.41 19.52 30.97
C LYS J 175 -43.93 19.67 31.28
N TYR J 176 -43.14 19.96 30.24
CA TYR J 176 -41.70 20.09 30.40
C TYR J 176 -41.36 21.23 31.34
N ASP J 177 -42.03 22.37 31.19
CA ASP J 177 -41.73 23.57 31.96
C ASP J 177 -42.56 23.71 33.21
N LYS J 178 -43.41 22.73 33.51
CA LYS J 178 -44.26 22.75 34.71
C LYS J 178 -45.14 24.00 34.74
N SER J 179 -45.67 24.37 33.58
CA SER J 179 -46.56 25.52 33.51
C SER J 179 -47.83 25.28 34.32
N ASP J 180 -48.36 24.06 34.27
CA ASP J 180 -49.63 23.72 34.91
C ASP J 180 -49.44 23.22 36.34
N ALA J 181 -48.65 23.96 37.12
CA ALA J 181 -48.40 23.60 38.51
C ALA J 181 -48.94 24.68 39.42
N LEU J 182 -49.40 24.28 40.60
CA LEU J 182 -50.04 25.21 41.52
C LEU J 182 -49.25 25.43 42.80
N TRP J 183 -48.21 24.65 43.07
CA TRP J 183 -47.34 24.94 44.19
C TRP J 183 -46.02 24.22 43.98
N ALA J 184 -45.00 24.67 44.72
CA ALA J 184 -43.68 24.06 44.63
C ALA J 184 -42.91 24.39 45.89
N PHE J 185 -41.81 23.65 46.10
CA PHE J 185 -40.94 23.81 47.25
C PHE J 185 -39.52 24.03 46.79
N CYS J 186 -38.73 24.74 47.59
CA CYS J 186 -37.32 24.98 47.31
C CYS J 186 -36.56 24.94 48.64
N MET J 187 -35.94 23.80 48.92
CA MET J 187 -35.20 23.63 50.17
C MET J 187 -33.78 24.15 50.04
N TYR J 188 -33.24 24.64 51.15
CA TYR J 188 -31.84 25.00 51.22
C TYR J 188 -31.36 24.86 52.66
N SER J 189 -30.09 24.50 52.81
CA SER J 189 -29.49 24.26 54.11
C SER J 189 -28.99 25.57 54.71
N LEU J 190 -28.78 25.55 56.02
CA LEU J 190 -28.48 26.76 56.78
C LEU J 190 -27.67 26.37 58.00
N SER J 191 -26.99 27.37 58.58
CA SER J 191 -26.21 27.15 59.77
C SER J 191 -26.92 27.72 60.99
N PRO J 192 -26.71 27.13 62.17
CA PRO J 192 -27.41 27.60 63.38
C PRO J 192 -27.16 29.06 63.69
N GLU J 193 -25.94 29.53 63.46
CA GLU J 193 -25.62 30.93 63.69
C GLU J 193 -26.33 31.86 62.73
N LYS J 194 -26.39 31.51 61.46
CA LYS J 194 -27.16 32.32 60.51
C LYS J 194 -28.65 32.24 60.79
N TYR J 195 -29.13 31.12 61.32
CA TYR J 195 -30.50 31.05 61.80
C TYR J 195 -30.72 31.95 63.01
N GLU J 196 -29.68 32.18 63.80
CA GLU J 196 -29.80 33.15 64.89
C GLU J 196 -29.78 34.58 64.39
N ALA J 197 -29.08 34.84 63.28
CA ALA J 197 -28.94 36.20 62.78
C ALA J 197 -30.31 36.81 62.48
N GLU J 198 -31.03 36.24 61.50
CA GLU J 198 -32.42 36.60 61.27
C GLU J 198 -33.30 35.49 61.81
N TYR J 199 -34.61 35.71 61.80
CA TYR J 199 -35.58 34.78 62.39
C TYR J 199 -35.44 34.75 63.91
N GLY J 200 -34.63 35.64 64.45
CA GLY J 200 -34.60 35.85 65.88
C GLY J 200 -34.00 34.69 66.65
N LYS J 201 -34.07 34.82 67.97
CA LYS J 201 -33.56 33.79 68.87
C LYS J 201 -34.26 32.47 68.60
N LYS J 202 -35.59 32.47 68.69
CA LYS J 202 -36.45 31.37 68.26
C LYS J 202 -36.20 30.13 69.12
N PRO J 203 -37.09 29.15 69.11
CA PRO J 203 -36.77 27.83 69.64
C PRO J 203 -35.57 27.24 68.93
N PRO J 204 -35.04 26.13 69.43
CA PRO J 204 -33.77 25.62 68.91
C PRO J 204 -33.84 25.02 67.51
N THR J 205 -34.90 25.35 66.75
CA THR J 205 -35.09 25.08 65.33
C THR J 205 -35.67 23.68 65.11
N SER J 206 -36.52 23.53 64.11
CA SER J 206 -37.06 22.24 63.70
C SER J 206 -36.91 22.12 62.19
N LEU J 207 -35.87 21.42 61.75
CA LEU J 207 -35.60 21.32 60.32
C LEU J 207 -36.53 20.33 59.65
N ASP J 208 -36.62 20.43 58.32
CA ASP J 208 -37.38 19.49 57.52
C ASP J 208 -36.67 18.15 57.45
N VAL J 209 -37.39 17.13 56.98
CA VAL J 209 -36.87 15.77 56.89
C VAL J 209 -37.20 15.21 55.51
N THR J 210 -36.24 14.54 54.88
CA THR J 210 -36.45 13.82 53.64
C THR J 210 -36.06 12.35 53.72
N SER J 211 -35.14 11.99 54.63
CA SER J 211 -34.56 10.64 54.67
C SER J 211 -34.00 10.26 53.30
N MET J 212 -33.30 11.21 52.69
CA MET J 212 -32.90 11.14 51.29
C MET J 212 -31.43 10.80 51.11
N THR J 213 -30.53 11.62 51.60
CA THR J 213 -29.10 11.47 51.38
C THR J 213 -28.44 10.78 52.58
N SER J 214 -27.10 10.82 52.60
CA SER J 214 -26.25 10.00 53.46
C SER J 214 -26.34 8.54 53.04
N TRP J 215 -27.09 8.29 51.97
CA TRP J 215 -27.20 6.95 51.41
C TRP J 215 -25.86 6.62 50.77
N GLU J 216 -25.05 5.81 51.46
CA GLU J 216 -23.67 5.54 51.10
C GLU J 216 -22.82 6.81 51.18
N TYR J 217 -22.67 7.35 52.39
CA TYR J 217 -21.90 8.55 52.66
C TYR J 217 -21.72 8.78 54.15
N ASN J 218 -20.68 9.51 54.53
CA ASN J 218 -20.37 9.79 55.93
C ASN J 218 -20.74 11.21 56.30
N TRP J 219 -21.47 11.35 57.41
CA TRP J 219 -21.88 12.65 57.91
C TRP J 219 -21.07 12.98 59.16
N PHE J 220 -20.73 14.26 59.28
CA PHE J 220 -19.95 14.77 60.40
C PHE J 220 -20.53 16.10 60.89
N GLY J 221 -21.33 16.74 60.04
CA GLY J 221 -21.80 18.08 60.33
C GLY J 221 -23.21 18.15 60.88
N ALA J 222 -23.36 18.77 62.04
CA ALA J 222 -24.67 18.95 62.64
C ALA J 222 -25.25 20.29 62.24
N ASP J 223 -24.56 21.00 61.36
CA ASP J 223 -25.03 22.30 60.87
C ASP J 223 -25.99 22.07 59.70
N VAL J 224 -27.15 21.53 60.06
CA VAL J 224 -28.08 21.02 59.07
C VAL J 224 -29.16 22.04 58.74
N ILE J 225 -29.95 22.47 59.72
CA ILE J 225 -31.13 23.32 59.59
C ILE J 225 -31.62 23.46 58.15
N TYR J 226 -32.55 22.60 57.74
CA TYR J 226 -33.09 22.62 56.40
C TYR J 226 -34.36 23.48 56.37
N ILE J 227 -34.33 24.54 55.58
CA ILE J 227 -35.45 25.46 55.45
C ILE J 227 -35.96 25.36 54.01
N ALA J 228 -37.24 25.67 53.82
CA ALA J 228 -37.83 25.59 52.50
C ALA J 228 -38.64 26.84 52.19
N LYS J 229 -38.73 27.17 50.92
CA LYS J 229 -39.62 28.22 50.43
C LYS J 229 -40.81 27.59 49.74
N TYR J 230 -41.98 28.19 49.95
CA TYR J 230 -43.24 27.63 49.48
C TYR J 230 -43.93 28.62 48.56
N TYR J 231 -44.34 28.16 47.39
CA TYR J 231 -44.96 29.01 46.38
C TYR J 231 -46.41 28.60 46.19
N GLU J 232 -47.31 29.56 46.26
CA GLU J 232 -48.74 29.35 46.07
C GLU J 232 -49.21 30.17 44.89
N VAL J 233 -50.19 29.66 44.14
CA VAL J 233 -50.88 30.45 43.13
C VAL J 233 -52.36 30.46 43.49
N ARG J 234 -52.93 31.65 43.58
CA ARG J 234 -54.31 31.83 43.97
C ARG J 234 -55.01 32.71 42.95
N LYS J 235 -56.34 32.58 42.90
CA LYS J 235 -57.12 33.42 41.99
C LYS J 235 -57.39 34.79 42.61
N GLU J 236 -58.12 34.82 43.72
CA GLU J 236 -58.45 36.06 44.42
C GLU J 236 -59.25 37.02 43.56
N SER J 237 -59.80 38.06 44.19
CA SER J 237 -60.55 39.10 43.49
C SER J 237 -59.87 40.44 43.74
N VAL J 238 -59.58 41.15 42.67
CA VAL J 238 -58.94 42.46 42.74
C VAL J 238 -59.83 43.46 42.02
N ASP J 239 -59.90 44.68 42.56
CA ASP J 239 -60.75 45.71 42.01
C ASP J 239 -59.93 46.64 41.14
N VAL J 240 -60.22 46.67 39.84
CA VAL J 240 -59.58 47.62 38.94
C VAL J 240 -60.35 48.93 39.02
N ILE J 241 -59.67 49.98 39.43
CA ILE J 241 -60.30 51.24 39.84
C ILE J 241 -59.81 52.38 38.96
N SER J 242 -59.71 52.11 37.64
CA SER J 242 -59.16 52.96 36.60
C SER J 242 -59.29 54.47 36.77
N TYR J 243 -58.16 55.16 36.66
CA TYR J 243 -58.12 56.61 36.46
C TYR J 243 -57.97 56.92 34.97
N ARG J 244 -59.01 56.64 34.20
CA ARG J 244 -58.97 56.97 32.78
C ARG J 244 -59.09 58.49 32.64
N HIS J 245 -57.96 59.17 32.67
CA HIS J 245 -57.97 60.62 32.63
C HIS J 245 -58.09 61.09 31.19
N PRO J 246 -59.13 61.87 30.85
CA PRO J 246 -59.38 62.18 29.43
C PRO J 246 -58.25 62.88 28.71
N ILE J 247 -57.53 63.76 29.39
CA ILE J 247 -56.48 64.53 28.74
C ILE J 247 -55.25 63.65 28.54
N THR J 248 -54.31 64.15 27.73
CA THR J 248 -53.15 63.40 27.23
C THR J 248 -53.50 61.94 26.94
N GLY J 249 -54.58 61.77 26.18
CA GLY J 249 -55.07 60.45 25.84
C GLY J 249 -55.57 59.69 27.04
N GLU J 250 -54.84 58.64 27.42
CA GLU J 250 -55.13 57.85 28.62
C GLU J 250 -56.55 57.28 28.58
N ILE J 251 -56.76 56.38 27.62
CA ILE J 251 -58.03 55.69 27.43
C ILE J 251 -57.90 54.30 28.02
N ALA J 252 -58.94 53.86 28.75
CA ALA J 252 -59.01 52.51 29.30
C ALA J 252 -57.80 52.22 30.19
N THR J 253 -57.76 52.95 31.30
CA THR J 253 -56.61 52.97 32.19
C THR J 253 -56.68 51.83 33.20
N TYR J 254 -55.62 51.69 33.99
CA TYR J 254 -55.30 50.52 34.79
C TYR J 254 -55.77 50.53 36.24
N ASP J 255 -55.14 51.38 37.04
CA ASP J 255 -55.34 51.59 38.46
C ASP J 255 -55.81 50.33 39.20
N SER J 256 -54.99 49.28 39.22
CA SER J 256 -55.32 48.17 40.09
C SER J 256 -55.28 48.61 41.55
N ASP J 257 -55.76 47.75 42.43
CA ASP J 257 -55.94 48.12 43.83
C ASP J 257 -54.61 48.49 44.49
N GLN J 258 -53.57 47.71 44.24
CA GLN J 258 -52.27 47.92 44.84
C GLN J 258 -51.56 49.16 44.32
N VAL J 259 -52.17 49.94 43.44
CA VAL J 259 -51.53 51.12 42.90
C VAL J 259 -51.83 52.36 43.74
N GLU J 260 -53.11 52.58 44.06
CA GLU J 260 -53.52 53.82 44.71
C GLU J 260 -52.86 53.98 46.08
N ASP J 261 -52.81 52.90 46.86
CA ASP J 261 -52.25 53.00 48.21
C ASP J 261 -50.79 53.44 48.19
N ILE J 262 -49.98 52.85 47.32
CA ILE J 262 -48.60 53.28 47.18
C ILE J 262 -48.51 54.62 46.45
N GLU J 263 -49.23 54.75 45.34
CA GLU J 263 -49.18 55.96 44.51
C GLU J 263 -50.17 56.97 45.08
N ASP J 264 -49.66 57.83 45.96
CA ASP J 264 -50.45 58.91 46.55
C ASP J 264 -49.92 60.24 46.00
N GLU J 265 -50.39 60.58 44.80
CA GLU J 265 -50.11 61.88 44.21
C GLU J 265 -51.22 62.87 44.50
N LEU J 266 -52.23 62.46 45.28
CA LEU J 266 -53.41 63.27 45.56
C LEU J 266 -54.20 63.55 44.29
N ALA J 267 -54.08 62.67 43.29
CA ALA J 267 -54.86 62.72 42.07
C ALA J 267 -54.77 64.09 41.39
N ILE J 268 -53.54 64.48 41.07
CA ILE J 268 -53.30 65.76 40.43
C ILE J 268 -53.94 65.79 39.06
N ALA J 269 -53.74 64.73 38.27
CA ALA J 269 -54.22 64.68 36.91
C ALA J 269 -54.87 63.33 36.62
N GLY J 270 -55.79 62.91 37.49
CA GLY J 270 -56.41 61.61 37.28
C GLY J 270 -57.91 61.55 37.05
N PHE J 271 -58.70 62.39 37.74
CA PHE J 271 -60.16 62.23 37.80
C PHE J 271 -60.49 60.86 38.38
N HIS J 272 -61.76 60.48 38.48
CA HIS J 272 -62.04 59.14 38.99
C HIS J 272 -62.85 58.27 38.04
N GLU J 273 -63.87 58.85 37.40
CA GLU J 273 -64.76 58.16 36.45
C GLU J 273 -65.09 56.73 36.89
N VAL J 274 -65.11 55.79 35.96
CA VAL J 274 -65.51 54.43 36.30
C VAL J 274 -64.39 53.75 37.08
N ALA J 275 -64.72 53.27 38.28
CA ALA J 275 -63.74 52.60 39.13
C ALA J 275 -64.38 51.44 39.87
N ARG J 276 -65.52 50.95 39.41
CA ARG J 276 -66.26 49.98 40.21
C ARG J 276 -66.42 48.67 39.45
N ARG J 277 -65.33 48.23 38.82
CA ARG J 277 -65.29 46.94 38.16
C ARG J 277 -64.31 46.03 38.89
N SER J 278 -64.79 44.88 39.35
CA SER J 278 -63.99 43.92 40.09
C SER J 278 -63.74 42.70 39.21
N VAL J 279 -62.48 42.30 39.11
CA VAL J 279 -62.06 41.24 38.19
C VAL J 279 -61.29 40.19 38.98
N LYS J 280 -61.41 38.94 38.56
CA LYS J 280 -60.59 37.86 39.10
C LYS J 280 -59.29 37.79 38.31
N ARG J 281 -58.18 37.83 39.03
CA ARG J 281 -56.86 37.77 38.42
C ARG J 281 -56.13 36.53 38.96
N ARG J 282 -54.83 36.45 38.69
CA ARG J 282 -54.02 35.33 39.12
C ARG J 282 -52.75 35.87 39.76
N ARG J 283 -52.53 35.54 41.03
CA ARG J 283 -51.37 36.02 41.76
C ARG J 283 -50.62 34.86 42.40
N VAL J 284 -49.38 35.14 42.78
CA VAL J 284 -48.47 34.14 43.34
C VAL J 284 -47.94 34.66 44.68
N TYR J 285 -47.93 33.78 45.67
CA TYR J 285 -47.47 34.10 47.01
C TYR J 285 -46.27 33.25 47.38
N VAL J 286 -45.39 33.78 48.20
CA VAL J 286 -44.21 33.07 48.64
C VAL J 286 -44.16 33.08 50.16
N SER J 287 -43.62 32.00 50.72
CA SER J 287 -43.58 31.82 52.16
C SER J 287 -42.33 31.02 52.53
N VAL J 288 -41.89 31.17 53.77
CA VAL J 288 -40.75 30.43 54.29
C VAL J 288 -41.22 29.64 55.49
N VAL J 289 -41.02 28.32 55.45
CA VAL J 289 -41.51 27.43 56.49
C VAL J 289 -40.40 26.48 56.91
N ASP J 290 -40.61 25.83 58.05
CA ASP J 290 -39.76 24.75 58.50
C ASP J 290 -40.65 23.67 59.12
N GLY J 291 -40.04 22.74 59.84
CA GLY J 291 -40.81 21.65 60.40
C GLY J 291 -41.73 22.04 61.54
N ASP J 292 -41.62 23.27 62.05
CA ASP J 292 -42.43 23.74 63.16
C ASP J 292 -43.52 24.71 62.73
N GLY J 293 -43.17 25.81 62.07
CA GLY J 293 -44.15 26.80 61.69
C GLY J 293 -43.69 27.74 60.60
N PHE J 294 -44.17 28.99 60.63
CA PHE J 294 -43.85 29.98 59.62
C PHE J 294 -42.69 30.84 60.09
N LEU J 295 -41.57 30.79 59.39
CA LEU J 295 -40.51 31.75 59.62
C LEU J 295 -40.84 33.10 59.01
N GLU J 296 -41.51 33.12 57.87
CA GLU J 296 -41.95 34.35 57.23
C GLU J 296 -43.36 34.17 56.70
N LYS J 297 -44.25 35.09 57.05
CA LYS J 297 -45.63 34.99 56.64
C LYS J 297 -45.76 35.23 55.14
N PRO J 298 -46.79 34.68 54.50
CA PRO J 298 -46.91 34.78 53.05
C PRO J 298 -47.05 36.22 52.57
N ARG J 299 -46.50 36.47 51.38
CA ARG J 299 -46.62 37.76 50.73
C ARG J 299 -46.59 37.53 49.23
N ARG J 300 -47.17 38.46 48.47
CA ARG J 300 -47.29 38.29 47.04
C ARG J 300 -46.08 38.84 46.31
N ILE J 301 -45.65 38.12 45.27
CA ILE J 301 -44.47 38.48 44.49
C ILE J 301 -44.91 39.03 43.14
N PRO J 302 -44.11 39.86 42.49
CA PRO J 302 -44.53 40.53 41.24
C PRO J 302 -44.49 39.63 40.02
N GLY J 303 -45.57 38.91 39.76
CA GLY J 303 -45.63 38.09 38.57
C GLY J 303 -46.94 37.35 38.46
N GLU J 304 -46.96 36.40 37.54
CA GLU J 304 -48.09 35.52 37.32
C GLU J 304 -47.70 34.05 37.30
N HIS J 305 -46.43 33.74 37.12
CA HIS J 305 -45.93 32.38 37.04
C HIS J 305 -45.09 32.03 38.26
N ILE J 306 -44.94 30.74 38.51
CA ILE J 306 -43.97 30.28 39.51
C ILE J 306 -42.57 30.52 38.97
N PRO J 307 -41.70 31.19 39.71
CA PRO J 307 -40.42 31.62 39.14
C PRO J 307 -39.32 30.56 39.11
N LEU J 308 -39.65 29.28 39.17
CA LEU J 308 -38.66 28.21 39.08
C LEU J 308 -38.58 27.69 37.66
N ILE J 309 -37.36 27.54 37.14
CA ILE J 309 -37.12 27.15 35.77
C ILE J 309 -36.35 25.84 35.76
N PRO J 310 -37.00 24.72 35.45
CA PRO J 310 -36.29 23.44 35.43
C PRO J 310 -35.52 23.22 34.14
N VAL J 311 -34.42 22.47 34.26
CA VAL J 311 -33.58 22.10 33.12
C VAL J 311 -33.33 20.60 33.18
N TYR J 312 -33.63 19.90 32.10
CA TYR J 312 -33.49 18.45 32.04
C TYR J 312 -32.50 18.05 30.96
N GLY J 313 -31.80 16.96 31.20
CA GLY J 313 -30.94 16.39 30.18
C GLY J 313 -31.75 15.65 29.13
N LYS J 314 -32.42 14.58 29.56
CA LYS J 314 -33.37 13.86 28.71
C LYS J 314 -34.56 13.51 29.59
N ARG J 315 -35.76 13.86 29.16
CA ARG J 315 -36.95 13.70 29.98
C ARG J 315 -38.05 13.00 29.23
N TRP J 316 -38.71 12.04 29.88
CA TRP J 316 -39.83 11.32 29.33
C TRP J 316 -40.88 11.11 30.42
N PHE J 317 -42.10 10.81 30.00
CA PHE J 317 -43.22 10.57 30.89
C PHE J 317 -43.75 9.17 30.59
N ILE J 318 -43.49 8.21 31.47
CA ILE J 318 -43.68 6.79 31.16
C ILE J 318 -44.92 6.21 31.82
N ASP J 319 -44.95 6.15 33.14
CA ASP J 319 -46.12 5.59 33.84
C ASP J 319 -46.49 6.51 34.99
N ASP J 320 -47.25 7.56 34.66
CA ASP J 320 -47.67 8.57 35.63
C ASP J 320 -46.50 9.16 36.41
N ILE J 321 -45.28 8.94 35.94
CA ILE J 321 -44.07 9.36 36.63
C ILE J 321 -43.12 9.94 35.60
N GLU J 322 -42.57 11.11 35.89
CA GLU J 322 -41.58 11.73 35.02
C GLU J 322 -40.21 11.12 35.27
N ARG J 323 -39.51 10.77 34.19
CA ARG J 323 -38.23 10.08 34.29
C ARG J 323 -37.17 10.86 33.53
N VAL J 324 -35.99 11.00 34.14
CA VAL J 324 -34.90 11.80 33.60
C VAL J 324 -33.66 10.94 33.51
N GLU J 325 -32.71 11.38 32.69
CA GLU J 325 -31.46 10.67 32.51
C GLU J 325 -30.36 11.62 32.07
N GLY J 326 -29.18 11.46 32.64
CA GLY J 326 -28.04 12.27 32.29
C GLY J 326 -27.20 11.63 31.20
N HIS J 327 -25.88 11.58 31.40
CA HIS J 327 -24.98 11.01 30.41
C HIS J 327 -24.06 9.95 30.98
N ILE J 328 -24.25 9.55 32.25
CA ILE J 328 -23.38 8.56 32.88
C ILE J 328 -24.15 7.43 33.52
N ALA J 329 -25.47 7.48 33.57
CA ALA J 329 -26.22 6.40 34.19
C ALA J 329 -26.03 5.09 33.43
N LYS J 330 -26.01 5.15 32.11
CA LYS J 330 -25.94 3.94 31.30
C LYS J 330 -24.61 3.22 31.41
N ALA J 331 -23.56 3.90 31.88
CA ALA J 331 -22.22 3.34 31.87
C ALA J 331 -21.73 2.91 33.23
N MET J 332 -22.60 2.79 34.22
CA MET J 332 -22.14 2.42 35.55
C MET J 332 -21.70 0.97 35.62
N ASP J 333 -22.48 0.05 35.04
CA ASP J 333 -22.14 -1.37 35.18
C ASP J 333 -20.81 -1.73 34.52
N PRO J 334 -20.54 -1.39 33.25
CA PRO J 334 -19.23 -1.70 32.69
C PRO J 334 -18.08 -1.06 33.46
N GLN J 335 -18.26 0.17 33.94
CA GLN J 335 -17.18 0.84 34.64
C GLN J 335 -16.84 0.13 35.95
N ARG J 336 -17.85 -0.16 36.77
CA ARG J 336 -17.58 -0.78 38.05
C ARG J 336 -17.30 -2.26 37.93
N LEU J 337 -17.47 -2.85 36.75
CA LEU J 337 -16.97 -4.19 36.53
C LEU J 337 -15.52 -4.19 36.07
N TYR J 338 -15.15 -3.17 35.28
CA TYR J 338 -13.75 -2.96 34.91
C TYR J 338 -12.87 -2.71 36.13
N ASN J 339 -13.35 -1.90 37.06
CA ASN J 339 -12.58 -1.65 38.29
C ASN J 339 -12.30 -2.96 39.03
N LEU J 340 -13.32 -3.81 39.17
CA LEU J 340 -13.14 -5.08 39.84
C LEU J 340 -12.16 -5.97 39.11
N GLN J 341 -12.21 -5.98 37.78
CA GLN J 341 -11.25 -6.80 37.03
C GLN J 341 -9.81 -6.37 37.33
N VAL J 342 -9.54 -5.07 37.27
CA VAL J 342 -8.18 -4.60 37.52
C VAL J 342 -7.76 -4.92 38.95
N SER J 343 -8.66 -4.68 39.91
CA SER J 343 -8.32 -4.91 41.31
C SER J 343 -8.01 -6.37 41.57
N MET J 344 -8.78 -7.28 40.96
CA MET J 344 -8.53 -8.70 41.15
C MET J 344 -7.26 -9.17 40.46
N LEU J 345 -6.91 -8.58 39.32
CA LEU J 345 -5.66 -8.97 38.67
C LEU J 345 -4.44 -8.51 39.46
N ALA J 346 -4.51 -7.34 40.09
CA ALA J 346 -3.31 -6.78 40.71
C ALA J 346 -2.74 -7.69 41.80
N ASP J 347 -3.58 -8.11 42.76
CA ASP J 347 -3.05 -8.91 43.86
C ASP J 347 -2.72 -10.34 43.46
N THR J 348 -3.45 -10.91 42.50
CA THR J 348 -3.06 -12.21 41.98
C THR J 348 -1.67 -12.15 41.35
N ALA J 349 -1.39 -11.08 40.61
CA ALA J 349 -0.04 -10.91 40.09
C ALA J 349 0.98 -10.74 41.20
N ALA J 350 0.61 -10.00 42.25
CA ALA J 350 1.55 -9.74 43.33
C ALA J 350 1.77 -10.94 44.25
N GLN J 351 0.96 -11.98 44.16
CA GLN J 351 1.09 -13.10 45.08
C GLN J 351 2.31 -13.98 44.82
N ASP J 352 2.60 -14.33 43.57
CA ASP J 352 3.67 -15.26 43.22
C ASP J 352 4.55 -14.65 42.13
N PRO J 353 5.56 -13.88 42.51
CA PRO J 353 6.34 -13.17 41.48
C PRO J 353 7.28 -14.06 40.68
N GLY J 354 7.97 -15.01 41.31
CA GLY J 354 8.99 -15.75 40.59
C GLY J 354 8.97 -17.25 40.82
N GLN J 355 10.13 -17.88 40.67
CA GLN J 355 10.28 -19.32 40.82
C GLN J 355 11.31 -19.64 41.89
N ILE J 356 11.03 -20.66 42.70
CA ILE J 356 11.94 -21.08 43.75
C ILE J 356 12.15 -22.58 43.63
N PRO J 357 13.38 -23.09 43.72
CA PRO J 357 13.60 -24.53 43.72
C PRO J 357 13.04 -25.19 44.96
N ILE J 358 12.67 -26.46 44.83
CA ILE J 358 12.14 -27.26 45.93
C ILE J 358 13.04 -28.46 46.13
N VAL J 359 13.50 -28.68 47.36
CA VAL J 359 14.40 -29.77 47.69
C VAL J 359 13.96 -30.42 48.99
N GLY J 360 14.47 -31.61 49.25
CA GLY J 360 14.30 -32.23 50.55
C GLY J 360 15.32 -31.75 51.55
N MET J 361 14.98 -31.87 52.84
CA MET J 361 15.82 -31.27 53.87
C MET J 361 17.21 -31.90 53.90
N GLU J 362 17.28 -33.22 53.79
CA GLU J 362 18.55 -33.92 53.89
C GLU J 362 19.29 -33.99 52.57
N GLN J 363 18.71 -33.45 51.50
CA GLN J 363 19.38 -33.38 50.22
C GLN J 363 20.30 -32.17 50.10
N ILE J 364 20.17 -31.19 51.00
CA ILE J 364 20.92 -29.95 50.91
C ILE J 364 21.62 -29.59 52.21
N ARG J 365 21.41 -30.35 53.28
CA ARG J 365 21.99 -30.00 54.57
C ARG J 365 23.50 -29.97 54.51
N GLY J 366 24.09 -28.89 55.02
CA GLY J 366 25.51 -28.70 54.98
C GLY J 366 26.03 -27.97 53.76
N LEU J 367 25.17 -27.70 52.78
CA LEU J 367 25.59 -27.04 51.54
C LEU J 367 24.78 -25.78 51.28
N GLU J 368 24.18 -25.19 52.32
CA GLU J 368 23.28 -24.06 52.10
C GLU J 368 24.04 -22.82 51.67
N LYS J 369 25.25 -22.61 52.20
CA LYS J 369 25.96 -21.37 51.90
C LYS J 369 26.36 -21.26 50.44
N HIS J 370 26.51 -22.38 49.74
CA HIS J 370 26.83 -22.31 48.32
C HIS J 370 25.62 -21.89 47.50
N TRP J 371 24.44 -22.38 47.86
CA TRP J 371 23.23 -21.97 47.16
C TRP J 371 22.76 -20.58 47.56
N GLU J 372 23.14 -20.12 48.76
CA GLU J 372 22.71 -18.80 49.20
C GLU J 372 23.35 -17.69 48.38
N ALA J 373 24.60 -17.87 47.98
CA ALA J 373 25.36 -16.83 47.30
C ALA J 373 25.63 -17.18 45.84
N ARG J 374 24.69 -17.84 45.16
CA ARG J 374 24.94 -18.21 43.78
C ARG J 374 24.86 -17.04 42.82
N ASN J 375 24.31 -15.91 43.24
CA ASN J 375 24.21 -14.76 42.36
C ASN J 375 25.28 -13.70 42.59
N LYS J 376 25.96 -13.73 43.74
CA LYS J 376 27.06 -12.81 43.99
C LYS J 376 28.38 -13.40 43.52
N LYS J 377 28.74 -14.57 44.05
CA LYS J 377 29.93 -15.26 43.59
C LYS J 377 29.65 -15.91 42.26
N ARG J 378 30.70 -16.49 41.66
CA ARG J 378 30.61 -17.03 40.31
C ARG J 378 31.05 -18.49 40.38
N PRO J 379 30.25 -19.36 40.96
CA PRO J 379 30.69 -20.74 41.17
C PRO J 379 30.77 -21.51 39.85
N ALA J 380 31.73 -22.42 39.80
CA ALA J 380 31.87 -23.27 38.62
C ALA J 380 30.78 -24.32 38.57
N PHE J 381 30.22 -24.68 39.72
CA PHE J 381 29.14 -25.66 39.80
C PHE J 381 28.47 -25.52 41.16
N LEU J 382 27.34 -26.19 41.31
CA LEU J 382 26.63 -26.23 42.57
C LEU J 382 26.48 -27.68 43.02
N PRO J 383 26.82 -28.01 44.26
CA PRO J 383 26.71 -29.40 44.72
C PRO J 383 25.35 -29.72 45.33
N LEU J 384 24.97 -30.99 45.19
CA LEU J 384 23.73 -31.50 45.77
C LEU J 384 23.85 -33.01 45.89
N ARG J 385 23.03 -33.59 46.76
CA ARG J 385 23.02 -35.02 46.98
C ARG J 385 21.83 -35.67 46.28
N GLU J 386 21.82 -36.99 46.28
CA GLU J 386 20.74 -37.77 45.68
C GLU J 386 19.71 -38.14 46.73
N VAL J 387 18.58 -38.61 46.26
CA VAL J 387 17.47 -39.02 47.13
C VAL J 387 17.64 -40.51 47.43
N ARG J 388 17.72 -40.85 48.70
CA ARG J 388 17.90 -42.22 49.12
C ARG J 388 16.74 -42.67 49.99
N ASP J 389 16.33 -43.92 49.81
CA ASP J 389 15.22 -44.48 50.56
C ASP J 389 15.72 -44.92 51.94
N LYS J 390 14.89 -45.65 52.69
CA LYS J 390 15.24 -45.99 54.05
C LYS J 390 16.32 -47.05 54.15
N SER J 391 16.59 -47.80 53.08
CA SER J 391 17.62 -48.82 53.11
C SER J 391 18.91 -48.40 52.41
N GLY J 392 18.99 -47.17 51.91
CA GLY J 392 20.21 -46.66 51.34
C GLY J 392 20.33 -46.70 49.83
N ASN J 393 19.27 -47.08 49.12
CA ASN J 393 19.30 -47.15 47.67
C ASN J 393 18.96 -45.79 47.06
N ILE J 394 19.50 -45.54 45.87
CA ILE J 394 19.27 -44.28 45.16
C ILE J 394 18.03 -44.43 44.30
N ILE J 395 17.09 -43.50 44.43
CA ILE J 395 15.85 -43.58 43.67
C ILE J 395 15.68 -42.37 42.76
N ALA J 396 16.42 -41.30 43.02
CA ALA J 396 16.30 -40.08 42.24
C ALA J 396 17.65 -39.41 42.13
N GLY J 397 17.79 -38.53 41.14
CA GLY J 397 19.03 -37.86 40.87
C GLY J 397 19.26 -36.67 41.77
N ALA J 398 20.34 -35.94 41.48
CA ALA J 398 20.77 -34.81 42.28
C ALA J 398 20.10 -33.50 41.90
N THR J 399 19.27 -33.50 40.87
CA THR J 399 18.58 -32.28 40.48
C THR J 399 17.48 -31.94 41.50
N PRO J 400 17.12 -30.67 41.62
CA PRO J 400 15.96 -30.32 42.46
C PRO J 400 14.70 -30.98 41.97
N ALA J 401 13.80 -31.26 42.91
CA ALA J 401 12.56 -31.98 42.57
C ALA J 401 11.69 -31.16 41.61
N GLY J 402 11.60 -29.86 41.83
CA GLY J 402 10.77 -29.04 40.97
C GLY J 402 10.88 -27.59 41.33
N TYR J 403 10.03 -26.78 40.70
CA TYR J 403 9.99 -25.35 40.91
C TYR J 403 8.56 -24.90 41.13
N THR J 404 8.40 -23.77 41.81
CA THR J 404 7.06 -23.21 41.98
C THR J 404 6.63 -22.51 40.70
N GLN J 405 5.33 -22.21 40.63
CA GLN J 405 4.75 -21.61 39.43
C GLN J 405 4.55 -20.12 39.62
N PRO J 406 4.72 -19.33 38.58
CA PRO J 406 4.34 -17.91 38.67
C PRO J 406 2.90 -17.66 38.27
N ALA J 407 2.44 -16.42 38.36
CA ALA J 407 1.05 -16.08 38.11
C ALA J 407 0.69 -16.26 36.63
N VAL J 408 -0.62 -16.33 36.34
CA VAL J 408 -1.05 -16.80 35.02
C VAL J 408 -1.97 -15.86 34.24
N MET J 409 -2.83 -15.08 34.92
CA MET J 409 -3.84 -14.24 34.26
C MET J 409 -4.78 -15.07 33.38
N ASN J 410 -5.70 -15.77 34.06
CA ASN J 410 -6.74 -16.54 33.38
C ASN J 410 -7.40 -15.75 32.25
N GLN J 411 -7.92 -16.49 31.27
CA GLN J 411 -8.40 -15.92 30.02
C GLN J 411 -9.69 -15.12 30.18
N ALA J 412 -10.58 -15.54 31.08
CA ALA J 412 -11.84 -14.84 31.25
C ALA J 412 -11.64 -13.41 31.71
N LEU J 413 -10.68 -13.19 32.60
CA LEU J 413 -10.39 -11.83 33.06
C LEU J 413 -9.90 -10.95 31.92
N ALA J 414 -9.05 -11.48 31.04
CA ALA J 414 -8.59 -10.69 29.89
C ALA J 414 -9.73 -10.35 28.97
N ALA J 415 -10.60 -11.32 28.68
CA ALA J 415 -11.74 -11.04 27.83
C ALA J 415 -12.65 -9.97 28.45
N LEU J 416 -12.89 -10.05 29.75
CA LEU J 416 -13.71 -9.03 30.40
C LEU J 416 -13.06 -7.66 30.36
N LEU J 417 -11.75 -7.58 30.58
CA LEU J 417 -11.07 -6.29 30.48
C LEU J 417 -11.31 -5.65 29.12
N GLN J 418 -11.04 -6.40 28.06
CA GLN J 418 -11.22 -5.84 26.71
C GLN J 418 -12.68 -5.46 26.45
N GLN J 419 -13.61 -6.35 26.82
CA GLN J 419 -15.01 -6.11 26.51
C GLN J 419 -15.55 -4.89 27.23
N THR J 420 -15.26 -4.76 28.53
CA THR J 420 -15.78 -3.63 29.28
C THR J 420 -15.14 -2.32 28.84
N SER J 421 -13.83 -2.33 28.58
CA SER J 421 -13.19 -1.12 28.09
C SER J 421 -13.79 -0.69 26.76
N ALA J 422 -14.08 -1.63 25.86
CA ALA J 422 -14.73 -1.28 24.61
C ALA J 422 -16.16 -0.81 24.80
N ASP J 423 -16.89 -1.38 25.75
CA ASP J 423 -18.29 -1.01 25.94
C ASP J 423 -18.47 0.37 26.53
N ILE J 424 -17.53 0.80 27.37
CA ILE J 424 -17.64 2.15 27.93
C ILE J 424 -17.64 3.19 26.82
N GLN J 425 -16.77 3.04 25.82
CA GLN J 425 -16.75 3.99 24.71
C GLN J 425 -17.96 3.85 23.80
N GLU J 426 -18.57 2.68 23.73
CA GLU J 426 -19.73 2.49 22.87
C GLU J 426 -20.97 3.15 23.47
N VAL J 427 -21.19 2.96 24.77
CA VAL J 427 -22.40 3.48 25.39
C VAL J 427 -22.38 5.00 25.43
N THR J 428 -21.24 5.60 25.73
CA THR J 428 -21.12 7.05 25.86
C THR J 428 -20.59 7.62 24.56
N GLY J 429 -21.50 8.12 23.73
CA GLY J 429 -21.13 8.71 22.46
C GLY J 429 -20.37 7.77 21.55
N MET J 450 -26.40 18.41 9.06
CA MET J 450 -26.31 17.09 9.67
C MET J 450 -25.11 17.01 10.59
N ASN J 451 -24.24 18.02 10.54
CA ASN J 451 -23.06 18.02 11.38
C ASN J 451 -23.45 18.07 12.86
N ARG J 452 -24.39 18.95 13.20
CA ARG J 452 -24.78 19.12 14.59
C ARG J 452 -25.47 17.87 15.12
N ALA J 453 -26.35 17.28 14.32
CA ALA J 453 -27.16 16.16 14.80
C ALA J 453 -26.30 14.92 15.06
N ASP J 454 -25.15 14.83 14.42
CA ASP J 454 -24.26 13.68 14.64
C ASP J 454 -23.54 13.73 15.97
N MET J 455 -23.45 14.88 16.61
CA MET J 455 -22.71 15.00 17.85
C MET J 455 -23.56 14.53 19.02
N ALA J 456 -22.88 14.07 20.07
CA ALA J 456 -23.56 13.51 21.23
C ALA J 456 -24.11 14.57 22.16
N SER J 457 -23.77 15.84 21.95
CA SER J 457 -24.21 16.90 22.84
C SER J 457 -25.42 17.66 22.30
N PHE J 458 -26.04 17.19 21.23
CA PHE J 458 -27.10 17.97 20.60
C PHE J 458 -28.36 18.02 21.46
N ILE J 459 -28.74 16.89 22.05
CA ILE J 459 -30.01 16.84 22.77
C ILE J 459 -29.97 17.72 24.02
N TYR J 460 -28.84 17.74 24.72
CA TYR J 460 -28.73 18.60 25.90
C TYR J 460 -28.79 20.06 25.52
N LEU J 461 -28.09 20.45 24.47
CA LEU J 461 -28.09 21.82 24.02
C LEU J 461 -29.44 22.24 23.46
N ASP J 462 -30.22 21.30 22.95
CA ASP J 462 -31.58 21.59 22.51
C ASP J 462 -32.56 21.71 23.66
N ASN J 463 -32.42 20.90 24.70
CA ASN J 463 -33.26 21.03 25.88
C ASN J 463 -32.95 22.27 26.68
N MET J 464 -31.72 22.79 26.62
CA MET J 464 -31.41 24.05 27.27
C MET J 464 -32.13 25.24 26.64
N ALA J 465 -32.28 25.24 25.33
CA ALA J 465 -32.93 26.34 24.64
C ALA J 465 -34.39 26.47 25.05
N LYS J 466 -35.10 25.36 25.18
CA LYS J 466 -36.51 25.44 25.53
C LYS J 466 -36.73 25.73 27.00
N SER J 467 -35.71 25.55 27.84
CA SER J 467 -35.78 26.10 29.19
C SER J 467 -35.57 27.61 29.19
N LEU J 468 -34.60 28.08 28.39
CA LEU J 468 -34.41 29.52 28.29
C LEU J 468 -35.62 30.24 27.71
N LYS J 469 -36.35 29.61 26.81
CA LYS J 469 -37.58 30.20 26.31
C LYS J 469 -38.61 30.40 27.41
N ARG J 470 -38.76 29.43 28.32
CA ARG J 470 -39.67 29.60 29.44
C ARG J 470 -39.17 30.68 30.40
N ALA J 471 -37.87 30.75 30.59
CA ALA J 471 -37.31 31.81 31.43
C ALA J 471 -37.63 33.18 30.86
N GLY J 472 -37.54 33.33 29.53
CA GLY J 472 -37.92 34.59 28.91
C GLY J 472 -39.37 34.95 29.12
N GLU J 473 -40.27 33.97 29.02
CA GLU J 473 -41.69 34.22 29.25
C GLU J 473 -41.94 34.67 30.69
N VAL J 474 -41.33 34.00 31.66
CA VAL J 474 -41.50 34.40 33.05
C VAL J 474 -40.95 35.79 33.30
N TRP J 475 -39.75 36.09 32.80
CA TRP J 475 -39.18 37.42 32.93
C TRP J 475 -40.06 38.49 32.32
N LEU J 476 -40.59 38.24 31.13
CA LEU J 476 -41.42 39.23 30.47
C LEU J 476 -42.74 39.45 31.19
N SER J 477 -43.33 38.40 31.75
CA SER J 477 -44.53 38.56 32.55
C SER J 477 -44.27 39.31 33.85
N MET J 478 -43.12 39.09 34.47
CA MET J 478 -42.78 39.72 35.72
C MET J 478 -42.24 41.14 35.56
N ALA J 479 -41.69 41.46 34.39
CA ALA J 479 -41.09 42.77 34.17
C ALA J 479 -42.12 43.88 34.05
N ARG J 480 -43.35 43.55 33.69
CA ARG J 480 -44.37 44.58 33.56
C ARG J 480 -44.73 45.19 34.89
N GLU J 481 -44.73 44.39 35.95
CA GLU J 481 -45.09 44.87 37.27
C GLU J 481 -43.95 45.60 37.97
N VAL J 482 -42.73 45.52 37.43
CA VAL J 482 -41.58 46.17 38.02
C VAL J 482 -41.12 47.39 37.23
N TYR J 483 -41.07 47.30 35.91
CA TYR J 483 -40.65 48.42 35.08
C TYR J 483 -41.81 49.17 34.44
N GLY J 484 -43.03 48.64 34.51
CA GLY J 484 -44.17 49.28 33.93
C GLY J 484 -44.38 48.93 32.47
N SER J 485 -45.59 49.20 31.99
CA SER J 485 -45.89 48.97 30.59
C SER J 485 -45.17 49.98 29.71
N GLU J 486 -45.12 49.69 28.41
CA GLU J 486 -44.29 50.50 27.52
C GLU J 486 -45.07 51.59 26.82
N ARG J 487 -46.03 51.22 25.97
CA ARG J 487 -46.84 52.16 25.22
C ARG J 487 -46.01 52.99 24.23
N GLU J 488 -46.66 53.54 23.21
CA GLU J 488 -46.00 54.38 22.22
C GLU J 488 -47.03 55.28 21.55
N VAL J 489 -46.69 56.56 21.45
CA VAL J 489 -47.55 57.54 20.80
C VAL J 489 -46.76 58.40 19.82
N ARG J 510 -40.04 55.98 20.23
CA ARG J 510 -39.55 55.94 21.60
C ARG J 510 -40.40 54.99 22.45
N GLN J 511 -39.92 54.69 23.66
CA GLN J 511 -40.62 53.79 24.57
C GLN J 511 -40.50 54.36 25.99
N THR J 512 -41.54 55.05 26.43
CA THR J 512 -41.53 55.72 27.72
C THR J 512 -42.44 54.98 28.69
N GLY J 513 -41.91 54.68 29.88
CA GLY J 513 -42.66 53.92 30.86
C GLY J 513 -43.40 54.75 31.88
N ALA J 514 -43.24 54.39 33.16
CA ALA J 514 -44.00 54.97 34.25
C ALA J 514 -43.50 56.36 34.60
N VAL J 515 -44.00 56.90 35.70
CA VAL J 515 -43.51 58.16 36.27
C VAL J 515 -42.84 57.92 37.63
N VAL J 516 -43.55 57.26 38.54
CA VAL J 516 -43.00 56.98 39.87
C VAL J 516 -42.98 55.48 40.13
N ALA J 517 -44.14 54.84 40.04
CA ALA J 517 -44.23 53.37 39.99
C ALA J 517 -45.63 53.03 39.52
N LEU J 518 -45.77 52.46 38.32
CA LEU J 518 -47.09 52.08 37.84
C LEU J 518 -46.93 51.04 36.74
N ASN J 519 -48.01 50.30 36.51
CA ASN J 519 -48.02 49.15 35.62
C ASN J 519 -48.72 49.44 34.30
N ASP J 520 -49.92 50.01 34.36
CA ASP J 520 -50.83 50.13 33.24
C ASP J 520 -51.35 48.75 32.87
N LEU J 521 -52.60 48.70 32.43
CA LEU J 521 -53.28 47.43 32.22
C LEU J 521 -54.25 47.65 31.09
N SER J 522 -54.72 46.56 30.50
CA SER J 522 -55.52 46.62 29.29
C SER J 522 -54.76 47.29 28.16
N VAL J 523 -53.44 47.09 28.15
CA VAL J 523 -52.62 47.48 27.02
C VAL J 523 -52.32 46.30 26.11
N GLY J 524 -52.49 45.08 26.59
CA GLY J 524 -52.44 43.91 25.73
C GLY J 524 -51.07 43.29 25.64
N ARG J 525 -51.05 42.12 25.01
CA ARG J 525 -49.81 41.40 24.78
C ARG J 525 -48.88 42.20 23.87
N TYR J 526 -47.59 42.11 24.16
CA TYR J 526 -46.60 42.79 23.34
C TYR J 526 -46.49 42.10 21.98
N ASP J 527 -45.85 42.78 21.04
CA ASP J 527 -45.67 42.29 19.67
C ASP J 527 -44.30 41.68 19.47
N VAL J 528 -43.76 40.98 20.46
CA VAL J 528 -42.46 40.34 20.34
C VAL J 528 -42.64 38.84 20.51
N THR J 529 -41.61 38.10 20.11
CA THR J 529 -41.57 36.65 20.25
C THR J 529 -40.28 36.24 20.95
N VAL J 530 -40.40 35.31 21.88
CA VAL J 530 -39.25 34.84 22.63
C VAL J 530 -38.49 33.80 21.80
N ASP J 531 -37.17 33.97 21.71
CA ASP J 531 -36.33 33.07 20.95
C ASP J 531 -35.03 32.90 21.72
N VAL J 532 -34.06 32.22 21.11
CA VAL J 532 -32.73 32.08 21.68
C VAL J 532 -31.70 32.44 20.62
N GLY J 533 -30.55 32.90 21.09
CA GLY J 533 -29.46 33.28 20.22
C GLY J 533 -28.18 33.34 21.01
N PRO J 534 -27.06 33.63 20.33
CA PRO J 534 -25.78 33.68 21.02
C PRO J 534 -25.76 34.75 22.11
N SER J 535 -24.98 34.48 23.15
CA SER J 535 -24.89 35.37 24.30
C SER J 535 -23.72 36.31 24.12
N TYR J 536 -23.96 37.60 24.27
CA TYR J 536 -22.96 38.64 24.07
C TYR J 536 -22.81 39.47 25.33
N THR J 537 -21.58 39.89 25.61
CA THR J 537 -21.32 40.70 26.80
C THR J 537 -21.81 42.13 26.61
N ALA J 538 -21.60 42.70 25.42
CA ALA J 538 -21.95 44.08 25.16
C ALA J 538 -22.73 44.17 23.85
N ARG J 539 -23.40 45.30 23.65
CA ARG J 539 -24.21 45.47 22.45
C ARG J 539 -23.35 45.55 21.19
N ARG J 540 -22.16 46.15 21.30
CA ARG J 540 -21.29 46.28 20.14
C ARG J 540 -20.94 44.94 19.54
N ASP J 541 -20.73 43.93 20.39
CA ASP J 541 -20.46 42.60 19.89
C ASP J 541 -21.64 42.08 19.08
N ALA J 542 -22.85 42.31 19.56
CA ALA J 542 -24.03 41.87 18.83
C ALA J 542 -24.15 42.56 17.49
N THR J 543 -23.85 43.86 17.44
CA THR J 543 -23.92 44.56 16.17
C THR J 543 -22.90 44.04 15.17
N VAL J 544 -21.63 43.98 15.58
CA VAL J 544 -20.59 43.57 14.64
C VAL J 544 -20.75 42.11 14.23
N SER J 545 -21.26 41.25 15.11
CA SER J 545 -21.40 39.84 14.77
C SER J 545 -22.40 39.61 13.65
N VAL J 546 -23.48 40.38 13.62
CA VAL J 546 -24.49 40.18 12.59
C VAL J 546 -24.08 40.94 11.34
N LEU J 547 -23.42 42.09 11.51
CA LEU J 547 -22.99 42.83 10.33
C LEU J 547 -21.92 42.08 9.56
N THR J 548 -21.03 41.38 10.27
CA THR J 548 -20.00 40.62 9.57
C THR J 548 -20.54 39.33 8.95
N ASN J 549 -21.68 38.84 9.41
CA ASN J 549 -22.34 37.73 8.73
C ASN J 549 -23.06 38.22 7.47
N VAL J 550 -23.65 39.42 7.52
CA VAL J 550 -24.21 40.01 6.32
C VAL J 550 -23.13 40.21 5.27
N LEU J 551 -21.99 40.74 5.70
CA LEU J 551 -20.80 40.74 4.86
C LEU J 551 -20.30 39.31 4.71
N SER J 552 -19.28 39.13 3.88
CA SER J 552 -18.66 37.84 3.60
C SER J 552 -19.59 36.90 2.85
N SER J 553 -20.84 37.29 2.62
CA SER J 553 -21.71 36.62 1.68
C SER J 553 -22.02 37.51 0.48
N MET J 554 -21.19 38.51 0.24
CA MET J 554 -21.43 39.51 -0.79
C MET J 554 -20.22 39.56 -1.71
N LEU J 555 -20.47 39.50 -3.01
CA LEU J 555 -19.39 39.70 -3.97
C LEU J 555 -18.91 41.15 -3.87
N PRO J 556 -17.64 41.41 -4.17
CA PRO J 556 -17.17 42.79 -4.12
C PRO J 556 -17.76 43.59 -5.28
N THR J 557 -18.79 44.36 -4.97
CA THR J 557 -19.60 45.09 -5.95
C THR J 557 -20.69 45.80 -5.17
N ASP J 558 -21.33 46.78 -5.81
CA ASP J 558 -22.49 47.54 -5.33
C ASP J 558 -22.06 48.45 -4.19
N PRO J 559 -22.78 49.55 -3.92
CA PRO J 559 -22.35 50.47 -2.88
C PRO J 559 -22.19 49.82 -1.52
N MET J 560 -23.29 49.29 -0.97
CA MET J 560 -23.30 48.36 0.16
C MET J 560 -21.98 48.13 0.89
N ARG J 561 -21.07 47.38 0.29
CA ARG J 561 -19.91 46.82 1.01
C ARG J 561 -19.08 47.88 1.73
N PRO J 562 -18.68 48.99 1.07
CA PRO J 562 -18.08 50.09 1.86
C PRO J 562 -18.96 50.61 2.99
N ALA J 563 -20.27 50.69 2.79
CA ALA J 563 -21.13 51.15 3.88
C ALA J 563 -21.13 50.16 5.04
N ILE J 564 -21.17 48.87 4.73
CA ILE J 564 -21.11 47.86 5.79
C ILE J 564 -19.79 47.97 6.55
N GLN J 565 -18.68 48.13 5.83
CA GLN J 565 -17.40 48.26 6.52
C GLN J 565 -17.35 49.52 7.39
N GLY J 566 -17.90 50.63 6.90
CA GLY J 566 -17.91 51.83 7.70
C GLY J 566 -18.73 51.66 8.97
N ILE J 567 -19.90 51.03 8.86
CA ILE J 567 -20.73 50.82 10.04
C ILE J 567 -20.02 49.89 11.03
N ILE J 568 -19.36 48.85 10.52
CA ILE J 568 -18.65 47.94 11.42
C ILE J 568 -17.53 48.66 12.15
N LEU J 569 -16.73 49.44 11.43
CA LEU J 569 -15.62 50.13 12.07
C LEU J 569 -16.08 51.23 13.01
N ASP J 570 -17.28 51.78 12.80
CA ASP J 570 -17.82 52.74 13.74
C ASP J 570 -18.05 52.15 15.12
N ASN J 571 -18.50 50.90 15.19
CA ASN J 571 -18.59 50.16 16.43
C ASN J 571 -17.21 49.65 16.81
N ILE J 572 -17.15 48.67 17.71
CA ILE J 572 -15.96 47.93 18.13
C ILE J 572 -14.89 48.93 18.59
N ASP J 573 -13.66 48.45 18.76
CA ASP J 573 -12.43 49.22 18.95
C ASP J 573 -12.15 49.49 20.42
N GLY J 574 -10.88 49.72 20.75
CA GLY J 574 -10.41 49.88 22.11
C GLY J 574 -9.49 51.05 22.34
N GLU J 575 -8.29 50.80 22.85
CA GLU J 575 -7.39 51.84 23.31
C GLU J 575 -6.61 52.47 22.17
N GLY J 576 -6.58 53.80 22.13
CA GLY J 576 -5.75 54.51 21.19
C GLY J 576 -6.30 54.62 19.78
N LEU J 577 -7.62 54.59 19.62
CA LEU J 577 -8.24 54.69 18.29
C LEU J 577 -9.14 55.91 18.17
N ASP J 578 -8.80 57.00 18.84
CA ASP J 578 -9.66 58.19 18.78
C ASP J 578 -9.60 58.85 17.42
N ASP J 579 -8.40 59.11 16.91
CA ASP J 579 -8.26 59.83 15.65
C ASP J 579 -8.80 58.99 14.49
N PHE J 580 -8.49 57.70 14.48
CA PHE J 580 -8.98 56.85 13.40
C PHE J 580 -10.50 56.79 13.39
N LYS J 581 -11.12 56.65 14.56
CA LYS J 581 -12.58 56.58 14.61
C LYS J 581 -13.22 57.90 14.20
N GLU J 582 -12.64 59.03 14.62
CA GLU J 582 -13.18 60.30 14.18
C GLU J 582 -13.06 60.48 12.67
N TYR J 583 -11.91 60.11 12.10
CA TYR J 583 -11.74 60.20 10.66
C TYR J 583 -12.74 59.31 9.94
N ASN J 584 -13.00 58.11 10.47
CA ASN J 584 -14.02 57.25 9.89
C ASN J 584 -15.39 57.88 9.94
N ARG J 585 -15.77 58.44 11.09
CA ARG J 585 -17.12 58.98 11.22
C ARG J 585 -17.33 60.18 10.32
N ASN J 586 -16.28 60.98 10.09
CA ASN J 586 -16.43 62.11 9.18
C ASN J 586 -16.84 61.66 7.79
N GLN J 587 -16.12 60.68 7.23
CA GLN J 587 -16.49 60.15 5.93
C GLN J 587 -17.82 59.43 5.96
N LEU J 588 -18.17 58.82 7.10
CA LEU J 588 -19.44 58.12 7.20
C LEU J 588 -20.62 59.08 7.18
N LEU J 589 -20.46 60.28 7.72
CA LEU J 589 -21.57 61.23 7.75
C LEU J 589 -21.59 62.20 6.58
N ILE J 590 -20.45 62.47 5.93
CA ILE J 590 -20.53 63.27 4.72
C ILE J 590 -21.12 62.51 3.56
N SER J 591 -21.28 61.20 3.69
CA SER J 591 -21.88 60.37 2.66
C SER J 591 -23.35 60.06 2.92
N GLY J 592 -23.94 60.71 3.91
CA GLY J 592 -25.37 60.53 4.16
C GLY J 592 -25.75 59.20 4.76
N ILE J 593 -24.90 58.62 5.60
CA ILE J 593 -25.20 57.36 6.25
C ILE J 593 -25.30 57.46 7.76
N ALA J 594 -24.81 58.53 8.38
CA ALA J 594 -24.71 58.58 9.83
C ALA J 594 -25.82 59.35 10.50
N LYS J 595 -26.49 60.27 9.80
CA LYS J 595 -27.55 61.06 10.41
C LYS J 595 -27.04 61.85 11.61
N PRO J 596 -26.32 62.96 11.37
CA PRO J 596 -25.78 63.78 12.46
C PRO J 596 -26.68 63.89 13.67
N ARG J 597 -26.14 63.70 14.87
CA ARG J 597 -26.97 63.71 16.07
C ARG J 597 -27.07 65.10 16.68
N ASN J 598 -27.36 66.07 15.80
CA ASN J 598 -27.88 67.39 16.18
C ASN J 598 -27.05 68.09 17.25
N GLU J 599 -25.73 67.93 17.22
CA GLU J 599 -24.90 68.68 18.18
C GLU J 599 -23.93 69.63 17.50
N LYS J 600 -23.01 69.15 16.66
CA LYS J 600 -22.07 70.06 16.05
C LYS J 600 -21.87 69.80 14.56
N GLU J 601 -21.96 68.54 14.15
CA GLU J 601 -21.61 68.20 12.78
C GLU J 601 -22.68 68.60 11.79
N GLN J 602 -23.94 68.63 12.20
CA GLN J 602 -25.02 69.04 11.30
C GLN J 602 -24.85 70.48 10.83
N GLN J 603 -24.09 71.29 11.56
CA GLN J 603 -23.94 72.71 11.25
C GLN J 603 -22.52 73.07 10.85
N ILE J 604 -21.55 72.17 11.02
CA ILE J 604 -20.16 72.51 10.76
C ILE J 604 -19.64 71.75 9.56
N VAL J 605 -19.62 70.42 9.66
CA VAL J 605 -19.05 69.62 8.59
C VAL J 605 -20.11 69.22 7.57
N GLN J 606 -21.37 69.09 8.01
CA GLN J 606 -22.43 68.77 7.05
C GLN J 606 -22.74 69.96 6.17
N GLN J 607 -22.77 71.16 6.75
CA GLN J 607 -22.99 72.36 5.94
C GLN J 607 -21.83 72.57 4.97
N ALA J 608 -20.60 72.33 5.44
CA ALA J 608 -19.46 72.41 4.55
C ALA J 608 -19.55 71.36 3.44
N GLN J 609 -20.11 70.20 3.75
CA GLN J 609 -20.33 69.19 2.71
C GLN J 609 -21.36 69.65 1.69
N MET J 610 -22.42 70.31 2.14
CA MET J 610 -23.38 70.88 1.18
C MET J 610 -22.72 71.92 0.29
N ALA J 611 -21.89 72.79 0.88
CA ALA J 611 -21.17 73.78 0.09
C ALA J 611 -20.25 73.10 -0.93
N ALA J 612 -19.51 72.09 -0.49
CA ALA J 612 -18.65 71.32 -1.38
C ALA J 612 -19.43 70.43 -2.33
N GLN J 613 -20.75 70.32 -2.14
CA GLN J 613 -21.60 69.73 -3.16
C GLN J 613 -21.96 70.77 -4.21
N SER J 614 -22.17 72.02 -3.79
CA SER J 614 -22.36 73.13 -4.71
C SER J 614 -21.05 73.71 -5.19
N GLN J 615 -19.95 73.49 -4.46
CA GLN J 615 -18.64 74.01 -4.88
C GLN J 615 -18.17 73.48 -6.22
N PRO J 616 -18.18 72.17 -6.50
CA PRO J 616 -17.55 71.68 -7.72
C PRO J 616 -18.48 71.63 -8.92
N ASN J 617 -19.69 72.17 -8.82
CA ASN J 617 -20.53 72.27 -10.01
C ASN J 617 -19.90 73.18 -11.06
N PRO J 618 -19.37 74.37 -10.73
CA PRO J 618 -18.58 75.10 -11.73
C PRO J 618 -17.37 74.32 -12.22
N GLU J 619 -16.73 73.55 -11.36
CA GLU J 619 -15.57 72.77 -11.77
C GLU J 619 -15.95 71.71 -12.80
N MET J 620 -17.07 71.02 -12.58
CA MET J 620 -17.47 69.95 -13.48
C MET J 620 -18.06 70.48 -14.78
N VAL J 621 -18.80 71.59 -14.71
CA VAL J 621 -19.29 72.19 -15.95
C VAL J 621 -18.15 72.86 -16.69
N LEU J 622 -17.06 73.19 -16.00
CA LEU J 622 -15.84 73.63 -16.68
C LEU J 622 -15.28 72.50 -17.53
N ALA J 623 -15.28 71.28 -17.01
CA ALA J 623 -14.95 70.11 -17.81
C ALA J 623 -16.01 69.80 -18.85
N GLN J 624 -17.18 70.44 -18.76
CA GLN J 624 -18.22 70.34 -19.77
C GLN J 624 -18.56 71.67 -20.42
N ALA J 625 -17.67 72.66 -20.31
CA ALA J 625 -17.91 73.96 -20.95
C ALA J 625 -17.42 74.00 -22.39
N GLN J 626 -16.74 72.96 -22.86
CA GLN J 626 -16.29 72.92 -24.25
C GLN J 626 -17.48 72.93 -25.20
N MET J 627 -18.59 72.32 -24.81
CA MET J 627 -19.83 72.46 -25.58
C MET J 627 -20.80 73.44 -24.93
N VAL J 628 -20.34 74.28 -24.02
CA VAL J 628 -21.11 75.41 -23.50
C VAL J 628 -20.69 76.71 -24.17
N ALA J 629 -19.42 76.84 -24.52
CA ALA J 629 -19.02 77.93 -25.41
C ALA J 629 -19.79 77.83 -26.73
N ALA J 630 -19.96 76.61 -27.25
CA ALA J 630 -20.82 76.40 -28.40
C ALA J 630 -22.27 76.74 -28.12
N GLN J 631 -22.78 76.40 -26.94
CA GLN J 631 -24.12 76.82 -26.54
C GLN J 631 -24.28 78.33 -26.70
N ALA J 632 -23.35 79.09 -26.11
CA ALA J 632 -23.44 80.55 -26.14
C ALA J 632 -23.30 81.08 -27.56
N GLU J 633 -22.36 80.54 -28.33
CA GLU J 633 -22.16 81.03 -29.70
C GLU J 633 -23.38 80.78 -30.56
N ALA J 634 -23.95 79.58 -30.49
CA ALA J 634 -25.16 79.29 -31.23
C ALA J 634 -26.33 80.13 -30.75
N GLN J 635 -26.44 80.33 -29.43
CA GLN J 635 -27.55 81.13 -28.90
C GLN J 635 -27.48 82.55 -29.40
N LYS J 636 -26.29 83.14 -29.45
CA LYS J 636 -26.21 84.50 -29.98
C LYS J 636 -26.37 84.56 -31.49
N ALA J 637 -25.77 83.62 -32.23
CA ALA J 637 -25.99 83.58 -33.66
C ALA J 637 -27.45 83.35 -34.01
N THR J 638 -28.22 82.79 -33.06
CA THR J 638 -29.66 82.62 -33.22
C THR J 638 -30.40 83.95 -33.36
N ASN J 639 -29.80 85.06 -32.92
CA ASN J 639 -30.40 86.37 -33.07
C ASN J 639 -29.56 87.35 -33.88
N GLU J 640 -28.28 87.06 -34.09
CA GLU J 640 -27.41 87.98 -34.81
C GLU J 640 -27.59 87.89 -36.33
N THR J 641 -27.61 86.68 -36.87
CA THR J 641 -27.71 86.52 -38.32
C THR J 641 -29.02 87.05 -38.86
N ALA J 642 -30.06 87.17 -38.03
CA ALA J 642 -31.32 87.76 -38.47
C ALA J 642 -31.15 89.20 -38.91
N GLN J 643 -30.05 89.86 -38.52
CA GLN J 643 -29.75 91.17 -39.06
C GLN J 643 -29.60 91.11 -40.58
N THR J 644 -29.24 89.95 -41.13
CA THR J 644 -29.16 89.82 -42.57
C THR J 644 -30.56 89.84 -43.20
N GLN J 645 -31.52 89.19 -42.57
CA GLN J 645 -32.91 89.29 -43.04
C GLN J 645 -33.41 90.73 -42.94
N ILE J 646 -33.10 91.40 -41.83
CA ILE J 646 -33.50 92.80 -41.67
C ILE J 646 -32.83 93.67 -42.73
N LYS J 647 -31.57 93.37 -43.05
CA LYS J 647 -30.85 94.12 -44.08
C LYS J 647 -31.45 93.87 -45.45
N ALA J 648 -31.90 92.64 -45.71
CA ALA J 648 -32.60 92.37 -46.97
C ALA J 648 -33.90 93.14 -47.05
N PHE J 649 -34.64 93.22 -45.94
CA PHE J 649 -35.87 94.01 -45.93
C PHE J 649 -35.57 95.49 -46.19
N THR J 650 -34.52 96.01 -45.55
CA THR J 650 -34.11 97.39 -45.77
C THR J 650 -33.70 97.62 -47.22
N ALA J 651 -32.98 96.65 -47.81
CA ALA J 651 -32.57 96.76 -49.19
C ALA J 651 -33.77 96.72 -50.14
N GLN J 652 -34.80 95.93 -49.80
CA GLN J 652 -36.02 95.93 -50.61
C GLN J 652 -36.72 97.28 -50.53
N GLN J 653 -36.77 97.88 -49.33
CA GLN J 653 -37.34 99.22 -49.21
C GLN J 653 -36.55 100.24 -50.03
N ASP J 654 -35.23 100.17 -49.94
CA ASP J 654 -34.39 101.08 -50.72
C ASP J 654 -34.56 100.83 -52.21
N ALA J 655 -34.80 99.57 -52.60
CA ALA J 655 -34.98 99.24 -54.00
C ALA J 655 -36.29 99.80 -54.54
N MET J 656 -37.36 99.71 -53.77
CA MET J 656 -38.62 100.31 -54.24
C MET J 656 -38.52 101.84 -54.25
N GLU J 657 -37.83 102.42 -53.27
CA GLU J 657 -37.57 103.85 -53.34
C GLU J 657 -36.82 104.22 -54.61
N SER J 658 -35.71 103.53 -54.89
CA SER J 658 -34.95 103.80 -56.10
C SER J 658 -35.77 103.52 -57.35
N GLN J 659 -36.74 102.61 -57.28
CA GLN J 659 -37.66 102.44 -58.39
C GLN J 659 -38.44 103.71 -58.67
N ALA J 660 -39.04 104.27 -57.62
CA ALA J 660 -39.73 105.55 -57.78
C ALA J 660 -38.78 106.66 -58.24
N ASN J 661 -37.58 106.70 -57.68
CA ASN J 661 -36.62 107.75 -58.01
C ASN J 661 -36.21 107.68 -59.48
N THR J 662 -35.97 106.48 -59.98
CA THR J 662 -35.53 106.34 -61.37
C THR J 662 -36.70 106.53 -62.32
N VAL J 663 -37.92 106.20 -61.90
CA VAL J 663 -39.08 106.58 -62.69
C VAL J 663 -39.16 108.10 -62.82
N TYR J 664 -38.91 108.81 -61.72
CA TYR J 664 -38.85 110.26 -61.79
C TYR J 664 -37.72 110.72 -62.69
N LYS J 665 -36.58 110.04 -62.64
CA LYS J 665 -35.45 110.37 -63.51
C LYS J 665 -35.83 110.24 -64.98
N LEU J 666 -36.54 109.17 -65.33
CA LEU J 666 -37.05 109.02 -66.69
C LEU J 666 -38.09 110.07 -67.03
N ALA J 667 -38.87 110.54 -66.05
CA ALA J 667 -39.81 111.61 -66.28
C ALA J 667 -39.13 112.96 -66.54
N GLN J 668 -38.03 113.24 -65.85
CA GLN J 668 -37.37 114.54 -65.98
C GLN J 668 -36.55 114.63 -67.26
N ALA J 669 -35.90 113.54 -67.66
CA ALA J 669 -34.95 113.58 -68.77
C ALA J 669 -35.62 113.91 -70.10
N ARG J 670 -36.94 113.75 -70.19
CA ARG J 670 -37.64 114.14 -71.41
C ARG J 670 -37.60 115.65 -71.61
N ASN J 671 -37.64 116.40 -70.52
CA ASN J 671 -37.62 117.87 -70.54
C ASN J 671 -38.78 118.42 -71.36
N MET K 1 -16.17 44.73 75.25
CA MET K 1 -16.16 43.31 74.94
C MET K 1 -15.22 43.04 73.77
N ALA K 2 -14.71 44.11 73.19
CA ALA K 2 -13.94 44.06 71.95
C ALA K 2 -12.51 44.52 72.22
N GLU K 3 -11.76 44.72 71.13
CA GLU K 3 -10.34 45.11 71.16
C GLU K 3 -9.59 44.40 72.27
N THR K 4 -9.16 45.14 73.29
CA THR K 4 -8.44 44.53 74.41
C THR K 4 -9.30 43.47 75.09
N LEU K 5 -10.59 43.76 75.29
CA LEU K 5 -11.50 42.77 75.84
C LEU K 5 -11.67 41.66 74.82
N GLU K 6 -11.24 40.46 75.19
CA GLU K 6 -11.06 39.38 74.23
C GLU K 6 -12.34 38.63 73.92
N LYS K 7 -13.50 39.11 74.37
CA LYS K 7 -14.74 38.40 74.05
C LYS K 7 -14.98 38.30 72.56
N LYS K 8 -14.34 39.16 71.76
CA LYS K 8 -14.34 38.97 70.32
C LYS K 8 -13.44 37.81 69.90
N HIS K 9 -12.39 37.53 70.66
CA HIS K 9 -11.44 36.51 70.26
C HIS K 9 -12.03 35.11 70.33
N GLU K 10 -12.86 34.82 71.33
CA GLU K 10 -13.49 33.50 71.35
C GLU K 10 -14.42 33.32 70.16
N ARG K 11 -15.14 34.37 69.78
CA ARG K 11 -15.99 34.26 68.60
C ARG K 11 -15.16 33.99 67.35
N ILE K 12 -14.03 34.69 67.22
CA ILE K 12 -13.18 34.46 66.05
C ILE K 12 -12.65 33.03 66.03
N MET K 13 -12.20 32.53 67.18
CA MET K 13 -11.68 31.18 67.25
C MET K 13 -12.77 30.14 66.95
N LEU K 14 -13.98 30.37 67.45
CA LEU K 14 -15.07 29.45 67.15
C LEU K 14 -15.38 29.45 65.66
N ARG K 15 -15.38 30.63 65.04
CA ARG K 15 -15.62 30.70 63.61
C ARG K 15 -14.55 29.97 62.82
N PHE K 16 -13.30 30.03 63.28
CA PHE K 16 -12.25 29.27 62.58
C PHE K 16 -12.55 27.78 62.60
N ASP K 17 -12.95 27.24 63.75
CA ASP K 17 -13.22 25.82 63.83
C ASP K 17 -14.44 25.45 62.98
N ARG K 18 -15.44 26.32 62.94
CA ARG K 18 -16.60 26.04 62.11
C ARG K 18 -16.26 26.05 60.63
N ALA K 19 -15.35 26.93 60.21
CA ALA K 19 -14.94 26.98 58.81
C ALA K 19 -14.01 25.85 58.43
N TYR K 20 -13.21 25.36 59.38
CA TYR K 20 -12.20 24.36 59.06
C TYR K 20 -12.82 22.96 58.91
N SER K 21 -13.83 22.66 59.72
CA SER K 21 -14.31 21.28 59.81
C SER K 21 -14.89 20.72 58.52
N PRO K 22 -15.83 21.40 57.82
CA PRO K 22 -16.40 20.78 56.61
C PRO K 22 -15.38 20.56 55.51
N GLN K 23 -14.55 21.55 55.24
CA GLN K 23 -13.57 21.49 54.16
C GLN K 23 -12.25 20.90 54.62
N LYS K 24 -12.31 19.77 55.30
CA LYS K 24 -11.13 19.14 55.88
C LYS K 24 -10.61 17.99 55.04
N GLU K 25 -11.50 17.13 54.56
CA GLU K 25 -11.08 16.01 53.71
C GLU K 25 -10.92 16.41 52.26
N VAL K 26 -11.53 17.51 51.84
CA VAL K 26 -11.39 17.95 50.46
C VAL K 26 -9.98 18.48 50.21
N ARG K 27 -9.47 19.29 51.13
CA ARG K 27 -8.17 19.93 50.94
C ARG K 27 -7.02 18.95 51.09
N GLU K 28 -7.20 17.88 51.84
CA GLU K 28 -6.16 16.87 51.96
C GLU K 28 -5.88 16.22 50.61
N LYS K 29 -6.92 15.98 49.82
CA LYS K 29 -6.70 15.46 48.47
C LYS K 29 -5.92 16.43 47.61
N CYS K 30 -6.21 17.72 47.70
CA CYS K 30 -5.47 18.71 46.93
C CYS K 30 -3.99 18.70 47.30
N ILE K 31 -3.71 18.70 48.59
CA ILE K 31 -2.32 18.70 49.04
C ILE K 31 -1.62 17.42 48.60
N GLU K 32 -2.29 16.28 48.75
CA GLU K 32 -1.70 15.01 48.35
C GLU K 32 -1.42 14.98 46.86
N ALA K 33 -2.31 15.55 46.05
CA ALA K 33 -2.09 15.56 44.61
C ALA K 33 -0.90 16.43 44.23
N THR K 34 -0.83 17.65 44.76
CA THR K 34 0.31 18.50 44.43
C THR K 34 1.62 17.84 44.83
N ARG K 35 1.66 17.27 46.04
CA ARG K 35 2.86 16.61 46.51
C ARG K 35 3.17 15.35 45.71
N PHE K 36 2.14 14.65 45.24
CA PHE K 36 2.30 13.47 44.41
C PHE K 36 2.93 13.81 43.07
N ALA K 37 2.57 14.96 42.50
CA ALA K 37 3.09 15.33 41.20
C ALA K 37 4.44 16.02 41.24
N ARG K 38 4.78 16.72 42.33
CA ARG K 38 5.94 17.61 42.30
C ARG K 38 7.11 17.17 43.16
N VAL K 39 6.86 16.75 44.40
CA VAL K 39 7.96 16.40 45.30
C VAL K 39 8.68 15.16 44.79
N PRO K 40 10.02 15.11 44.80
CA PRO K 40 10.73 14.00 44.13
C PRO K 40 10.40 12.62 44.67
N GLY K 41 10.15 12.47 45.96
CA GLY K 41 9.84 11.15 46.48
C GLY K 41 8.38 10.96 46.84
N GLY K 42 7.52 11.85 46.36
CA GLY K 42 6.15 11.91 46.85
C GLY K 42 5.21 10.86 46.33
N GLN K 43 5.61 10.07 45.34
CA GLN K 43 4.71 9.07 44.80
C GLN K 43 4.64 7.82 45.67
N TRP K 44 5.56 7.66 46.61
CA TRP K 44 5.58 6.50 47.48
C TRP K 44 5.26 6.84 48.93
N GLU K 45 4.84 8.07 49.20
CA GLU K 45 4.62 8.49 50.58
C GLU K 45 3.49 7.68 51.20
N GLY K 46 3.69 7.26 52.44
CA GLY K 46 2.79 6.33 53.07
C GLY K 46 3.49 5.03 53.40
N ALA K 47 4.33 4.56 52.48
CA ALA K 47 5.18 3.41 52.74
C ALA K 47 6.59 3.82 53.17
N THR K 48 7.33 4.49 52.27
CA THR K 48 8.69 4.93 52.52
C THR K 48 9.53 3.84 53.18
N ALA K 49 9.48 3.77 54.51
CA ALA K 49 10.28 2.82 55.27
C ALA K 49 9.47 1.55 55.51
N ALA K 50 9.55 0.62 54.57
CA ALA K 50 8.84 -0.65 54.69
C ALA K 50 9.75 -1.77 54.23
N GLY K 51 9.83 -2.83 55.01
CA GLY K 51 10.68 -3.96 54.66
C GLY K 51 10.49 -5.10 55.65
N THR K 52 11.33 -6.11 55.51
CA THR K 52 11.27 -7.29 56.36
C THR K 52 12.59 -7.54 57.04
N LYS K 53 12.57 -8.48 57.99
CA LYS K 53 13.75 -8.75 58.81
C LYS K 53 14.88 -9.33 57.97
N LEU K 54 14.62 -10.40 57.23
CA LEU K 54 15.57 -10.94 56.27
C LEU K 54 16.90 -11.31 56.95
N ASP K 55 16.83 -12.27 57.87
CA ASP K 55 17.98 -12.75 58.66
C ASP K 55 18.54 -11.65 59.55
N GLU K 56 17.70 -11.15 60.44
CA GLU K 56 18.10 -10.19 61.47
C GLU K 56 18.77 -8.95 60.88
N GLN K 57 18.10 -8.35 59.90
CA GLN K 57 18.46 -7.05 59.37
C GLN K 57 17.16 -6.31 59.10
N PHE K 58 17.25 -5.19 58.40
CA PHE K 58 16.02 -4.53 57.96
C PHE K 58 16.15 -4.00 56.55
N GLU K 59 16.56 -4.85 55.61
CA GLU K 59 16.56 -4.44 54.22
C GLU K 59 15.18 -3.97 53.81
N LYS K 60 15.11 -2.85 53.12
CA LYS K 60 13.87 -2.24 52.69
C LYS K 60 13.59 -2.56 51.23
N TYR K 61 12.31 -2.55 50.88
CA TYR K 61 11.92 -2.84 49.51
C TYR K 61 12.41 -1.75 48.57
N PRO K 62 12.84 -2.09 47.37
CA PRO K 62 13.16 -1.06 46.38
C PRO K 62 11.89 -0.38 45.89
N LYS K 63 11.95 0.94 45.79
CA LYS K 63 10.79 1.75 45.43
C LYS K 63 11.21 2.69 44.30
N PHE K 64 11.14 2.21 43.07
CA PHE K 64 11.46 3.05 41.92
C PHE K 64 10.29 3.94 41.56
N GLU K 65 10.60 5.13 41.04
CA GLU K 65 9.60 6.13 40.74
C GLU K 65 9.81 6.63 39.32
N ILE K 66 8.80 6.43 38.47
CA ILE K 66 8.86 6.80 37.06
C ILE K 66 7.66 7.71 36.81
N ASN K 67 7.88 9.02 36.86
CA ASN K 67 6.80 9.99 36.85
C ASN K 67 6.29 10.20 35.42
N LYS K 68 5.11 9.69 35.13
CA LYS K 68 4.51 9.85 33.81
C LYS K 68 3.23 10.67 33.82
N VAL K 69 2.82 11.22 34.96
CA VAL K 69 1.57 11.95 35.02
C VAL K 69 1.73 13.46 34.88
N ALA K 70 2.96 13.96 34.86
CA ALA K 70 3.19 15.40 34.85
C ALA K 70 3.30 15.99 33.44
N THR K 71 3.40 15.17 32.40
CA THR K 71 3.59 15.71 31.06
C THR K 71 2.36 16.50 30.59
N GLU K 72 1.16 15.95 30.78
CA GLU K 72 -0.04 16.65 30.36
C GLU K 72 -0.27 17.90 31.20
N LEU K 73 0.07 17.85 32.49
CA LEU K 73 -0.03 19.03 33.33
C LEU K 73 0.89 20.14 32.85
N ASN K 74 2.12 19.78 32.48
CA ASN K 74 3.04 20.77 31.94
C ASN K 74 2.53 21.34 30.64
N ARG K 75 1.92 20.51 29.79
CA ARG K 75 1.34 21.01 28.55
C ARG K 75 0.23 22.02 28.83
N ILE K 76 -0.64 21.72 29.80
CA ILE K 76 -1.71 22.64 30.13
C ILE K 76 -1.15 23.96 30.65
N ILE K 77 -0.14 23.91 31.51
CA ILE K 77 0.41 25.14 32.06
C ILE K 77 1.07 25.98 30.97
N ALA K 78 1.78 25.33 30.05
CA ALA K 78 2.37 26.06 28.94
C ALA K 78 1.32 26.71 28.06
N GLU K 79 0.18 26.03 27.88
CA GLU K 79 -0.92 26.62 27.14
C GLU K 79 -1.35 27.96 27.71
N TYR K 80 -1.48 28.08 29.02
CA TYR K 80 -1.85 29.35 29.62
C TYR K 80 -0.72 30.35 29.57
N ARG K 81 0.51 29.94 29.88
CA ARG K 81 1.59 30.90 29.89
C ARG K 81 1.89 31.45 28.50
N ASN K 82 1.41 30.78 27.46
CA ASN K 82 1.54 31.33 26.12
C ASN K 82 0.51 32.42 25.85
N ASN K 83 -0.66 32.35 26.48
CA ASN K 83 -1.76 33.29 26.27
C ASN K 83 -2.34 33.65 27.63
N ARG K 84 -2.04 34.84 28.13
CA ARG K 84 -2.19 35.08 29.57
C ARG K 84 -3.52 35.66 30.00
N ILE K 85 -4.17 36.49 29.17
CA ILE K 85 -5.49 37.12 29.37
C ILE K 85 -5.61 37.93 30.65
N THR K 86 -6.37 39.03 30.59
CA THR K 86 -6.53 39.94 31.72
C THR K 86 -7.88 40.64 31.61
N VAL K 87 -8.11 41.67 32.44
CA VAL K 87 -9.38 42.39 32.49
C VAL K 87 -9.46 43.40 31.34
N LYS K 88 -10.68 43.71 30.91
CA LYS K 88 -10.89 44.45 29.67
C LYS K 88 -11.60 45.79 29.84
N PHE K 89 -12.73 45.83 30.56
CA PHE K 89 -13.51 47.07 30.76
C PHE K 89 -14.05 47.61 29.44
N ARG K 90 -15.02 46.86 28.89
CA ARG K 90 -15.69 47.27 27.68
C ARG K 90 -16.51 48.55 27.91
N PRO K 91 -16.66 49.40 26.90
CA PRO K 91 -17.47 50.61 27.06
C PRO K 91 -18.96 50.35 26.97
N GLY K 92 -19.75 51.42 26.99
CA GLY K 92 -21.19 51.31 26.84
C GLY K 92 -21.72 52.21 25.76
N ASP K 93 -23.02 52.47 25.77
CA ASP K 93 -23.67 53.34 24.78
C ASP K 93 -23.96 54.67 25.46
N ARG K 94 -23.00 55.58 25.38
CA ARG K 94 -23.12 56.88 26.01
C ARG K 94 -22.14 57.83 25.34
N GLU K 95 -22.31 59.11 25.62
CA GLU K 95 -21.47 60.12 24.98
C GLU K 95 -20.02 60.03 25.45
N ALA K 96 -19.79 59.67 26.72
CA ALA K 96 -18.47 59.75 27.30
C ALA K 96 -17.92 58.42 27.78
N SER K 97 -18.59 57.30 27.49
CA SER K 97 -18.13 56.02 28.02
C SER K 97 -16.81 55.57 27.41
N GLU K 98 -16.48 56.03 26.20
CA GLU K 98 -15.24 55.61 25.55
C GLU K 98 -14.02 56.05 26.36
N GLU K 99 -13.96 57.35 26.68
CA GLU K 99 -12.83 57.86 27.45
C GLU K 99 -12.79 57.25 28.84
N LEU K 100 -13.95 57.04 29.44
CA LEU K 100 -14.00 56.41 30.75
C LEU K 100 -13.38 55.02 30.72
N ALA K 101 -13.76 54.22 29.73
CA ALA K 101 -13.21 52.87 29.62
C ALA K 101 -11.71 52.91 29.37
N ASN K 102 -11.25 53.83 28.50
CA ASN K 102 -9.83 53.95 28.24
C ASN K 102 -9.06 54.28 29.52
N LYS K 103 -9.54 55.28 30.26
CA LYS K 103 -8.86 55.65 31.50
C LYS K 103 -8.85 54.51 32.49
N LEU K 104 -9.97 53.80 32.63
CA LEU K 104 -10.06 52.74 33.63
C LEU K 104 -9.09 51.60 33.30
N ASN K 105 -9.08 51.13 32.06
CA ASN K 105 -8.18 50.02 31.79
C ASN K 105 -6.76 50.47 31.48
N GLY K 106 -6.48 51.77 31.50
CA GLY K 106 -5.10 52.20 31.64
C GLY K 106 -4.63 52.18 33.08
N LEU K 107 -5.48 52.65 34.00
CA LEU K 107 -5.13 52.58 35.42
C LEU K 107 -4.95 51.15 35.89
N PHE K 108 -5.82 50.24 35.44
CA PHE K 108 -5.68 48.84 35.85
C PHE K 108 -4.38 48.25 35.35
N ARG K 109 -4.00 48.55 34.12
CA ARG K 109 -2.72 48.05 33.61
C ARG K 109 -1.56 48.60 34.43
N ALA K 110 -1.63 49.88 34.79
CA ALA K 110 -0.59 50.45 35.62
C ALA K 110 -0.47 49.73 36.95
N ASP K 111 -1.59 49.43 37.59
CA ASP K 111 -1.53 48.72 38.86
C ASP K 111 -1.04 47.29 38.71
N TYR K 112 -1.41 46.63 37.62
CA TYR K 112 -1.02 45.23 37.42
C TYR K 112 0.47 45.11 37.08
N GLU K 113 1.01 46.04 36.30
CA GLU K 113 2.41 45.93 35.89
C GLU K 113 3.38 46.29 37.01
N GLU K 114 3.10 47.36 37.76
CA GLU K 114 4.05 47.86 38.75
C GLU K 114 3.95 47.16 40.08
N THR K 115 3.24 46.03 40.14
CA THR K 115 3.13 45.21 41.34
C THR K 115 3.21 43.75 40.90
N ASP K 116 2.79 42.83 41.75
CA ASP K 116 3.04 41.41 41.55
C ASP K 116 1.89 40.74 40.83
N GLY K 117 1.27 41.41 39.87
CA GLY K 117 0.12 40.83 39.20
C GLY K 117 0.44 39.57 38.43
N GLY K 118 1.51 39.60 37.64
CA GLY K 118 1.85 38.44 36.82
C GLY K 118 2.21 37.23 37.66
N GLU K 119 3.01 37.44 38.71
CA GLU K 119 3.35 36.35 39.61
C GLU K 119 2.12 35.78 40.29
N ALA K 120 1.21 36.65 40.75
CA ALA K 120 0.00 36.17 41.41
C ALA K 120 -0.85 35.32 40.47
N CYS K 121 -1.05 35.80 39.24
CA CYS K 121 -1.88 35.04 38.30
C CYS K 121 -1.24 33.71 37.94
N ASP K 122 0.08 33.70 37.68
CA ASP K 122 0.73 32.45 37.32
C ASP K 122 0.68 31.45 38.45
N ASN K 123 0.93 31.90 39.67
CA ASN K 123 0.88 31.00 40.82
C ASN K 123 -0.53 30.45 41.01
N ALA K 124 -1.54 31.30 40.89
CA ALA K 124 -2.91 30.85 41.06
C ALA K 124 -3.28 29.80 40.04
N PHE K 125 -2.94 30.04 38.76
CA PHE K 125 -3.28 29.05 37.74
C PHE K 125 -2.52 27.75 37.95
N ASP K 126 -1.25 27.83 38.33
CA ASP K 126 -0.48 26.62 38.57
C ASP K 126 -1.12 25.78 39.67
N ASP K 127 -1.48 26.41 40.79
CA ASP K 127 -2.06 25.67 41.89
C ASP K 127 -3.44 25.14 41.54
N ALA K 128 -4.22 25.90 40.75
CA ALA K 128 -5.53 25.42 40.33
C ALA K 128 -5.43 24.22 39.42
N ALA K 129 -4.50 24.24 38.47
CA ALA K 129 -4.35 23.12 37.57
C ALA K 129 -3.77 21.89 38.23
N THR K 130 -2.89 22.04 39.22
CA THR K 130 -2.31 20.87 39.87
C THR K 130 -3.25 20.25 40.90
N GLY K 131 -3.60 21.01 41.93
CA GLY K 131 -4.39 20.46 43.01
C GLY K 131 -5.89 20.65 42.85
N GLY K 132 -6.29 21.83 42.41
CA GLY K 132 -7.70 22.10 42.21
C GLY K 132 -8.16 23.38 42.86
N PHE K 133 -7.29 24.05 43.60
CA PHE K 133 -7.66 25.28 44.28
C PHE K 133 -6.51 26.26 44.28
N GLY K 134 -6.78 27.48 43.81
CA GLY K 134 -5.80 28.55 43.87
C GLY K 134 -6.47 29.84 44.26
N CYS K 135 -5.66 30.82 44.63
CA CYS K 135 -6.21 32.08 45.13
C CYS K 135 -5.16 33.16 44.99
N PHE K 136 -5.63 34.42 44.93
CA PHE K 136 -4.73 35.56 45.03
C PHE K 136 -5.49 36.72 45.65
N ARG K 137 -4.72 37.69 46.15
CA ARG K 137 -5.23 38.76 46.99
C ARG K 137 -5.19 40.08 46.25
N LEU K 138 -5.90 41.06 46.79
CA LEU K 138 -6.02 42.39 46.18
C LEU K 138 -6.06 43.41 47.32
N THR K 139 -4.93 44.01 47.63
CA THR K 139 -4.79 44.90 48.78
C THR K 139 -4.62 46.34 48.33
N SER K 140 -4.39 47.23 49.30
CA SER K 140 -4.15 48.64 49.04
C SER K 140 -2.95 49.09 49.86
N MET K 141 -1.84 49.37 49.20
CA MET K 141 -0.59 49.73 49.84
C MET K 141 -0.35 51.24 49.73
N LEU K 142 0.50 51.75 50.61
CA LEU K 142 0.74 53.18 50.74
C LEU K 142 2.05 53.53 50.05
N VAL K 143 1.94 54.21 48.91
CA VAL K 143 3.10 54.79 48.22
C VAL K 143 2.71 56.14 47.64
N ARG K 152 -0.83 59.19 46.72
CA ARG K 152 -0.09 58.63 47.83
C ARG K 152 -0.76 57.36 48.36
N GLN K 153 -1.71 56.84 47.59
CA GLN K 153 -2.34 55.56 47.87
C GLN K 153 -2.43 54.77 46.58
N ARG K 154 -2.45 53.46 46.71
CA ARG K 154 -2.34 52.60 45.54
C ARG K 154 -3.08 51.29 45.80
N ILE K 155 -3.53 50.65 44.73
CA ILE K 155 -4.09 49.30 44.79
C ILE K 155 -3.05 48.34 44.24
N ALA K 156 -2.78 47.28 44.98
CA ALA K 156 -1.75 46.32 44.61
C ALA K 156 -2.34 44.92 44.54
N ILE K 157 -1.76 44.09 43.69
CA ILE K 157 -2.18 42.71 43.51
C ILE K 157 -1.06 41.82 44.03
N GLU K 158 -1.38 40.93 44.97
CA GLU K 158 -0.36 40.15 45.64
C GLU K 158 -0.71 38.67 45.55
N PRO K 159 0.30 37.81 45.53
CA PRO K 159 0.05 36.36 45.49
C PRO K 159 -0.15 35.76 46.87
N ILE K 160 -0.82 34.61 46.87
CA ILE K 160 -1.06 33.83 48.07
C ILE K 160 -0.42 32.47 47.86
N TYR K 161 0.41 32.04 48.82
CA TYR K 161 1.14 30.79 48.72
C TYR K 161 0.50 29.75 49.63
N ASP K 162 0.40 28.52 49.12
CA ASP K 162 -0.27 27.40 49.78
C ASP K 162 -1.74 27.69 50.02
N PRO K 163 -2.54 27.95 48.98
CA PRO K 163 -3.94 28.28 49.21
C PRO K 163 -4.74 27.17 49.85
N SER K 164 -4.36 25.91 49.61
CA SER K 164 -5.18 24.81 50.12
C SER K 164 -5.25 24.81 51.63
N ARG K 165 -4.14 25.11 52.30
CA ARG K 165 -4.08 25.11 53.76
C ARG K 165 -4.02 26.51 54.34
N SER K 166 -4.41 27.53 53.58
CA SER K 166 -4.29 28.91 54.05
C SER K 166 -5.60 29.69 54.04
N VAL K 167 -6.48 29.45 53.07
CA VAL K 167 -7.68 30.27 52.90
C VAL K 167 -8.90 29.47 53.31
N TRP K 168 -9.69 30.03 54.22
CA TRP K 168 -10.90 29.38 54.71
C TRP K 168 -12.03 30.39 54.71
N PHE K 169 -13.15 30.03 54.10
CA PHE K 169 -14.28 30.94 53.91
C PHE K 169 -15.43 30.58 54.83
N ASP K 170 -16.41 31.47 54.86
CA ASP K 170 -17.67 31.22 55.56
C ASP K 170 -18.33 29.95 55.00
N PRO K 171 -18.68 28.99 55.84
CA PRO K 171 -19.30 27.76 55.33
C PRO K 171 -20.68 27.97 54.73
N ASP K 172 -21.20 29.19 54.80
CA ASP K 172 -22.51 29.51 54.25
C ASP K 172 -22.45 30.10 52.85
N ALA K 173 -21.26 30.33 52.30
CA ALA K 173 -21.14 30.83 50.95
C ALA K 173 -21.12 29.67 49.97
N LYS K 174 -21.94 29.74 48.94
CA LYS K 174 -22.10 28.63 48.01
C LYS K 174 -21.72 28.97 46.58
N LYS K 175 -21.56 30.24 46.26
CA LYS K 175 -21.31 30.61 44.87
C LYS K 175 -19.86 30.37 44.51
N TYR K 176 -19.60 30.38 43.20
CA TYR K 176 -18.24 30.16 42.70
C TYR K 176 -17.29 31.21 43.25
N ASP K 177 -17.68 32.46 43.20
CA ASP K 177 -16.82 33.58 43.56
C ASP K 177 -16.96 34.00 45.02
N LYS K 178 -17.77 33.30 45.80
CA LYS K 178 -17.92 33.57 47.23
C LYS K 178 -18.39 35.00 47.48
N SER K 179 -19.32 35.46 46.65
CA SER K 179 -19.88 36.80 46.86
C SER K 179 -20.67 36.84 48.17
N ASP K 180 -21.40 35.79 48.48
CA ASP K 180 -22.29 35.76 49.63
C ASP K 180 -21.59 35.24 50.89
N ALA K 181 -20.42 35.79 51.18
CA ALA K 181 -19.65 35.40 52.36
C ALA K 181 -19.52 36.60 53.28
N LEU K 182 -19.45 36.33 54.57
CA LEU K 182 -19.40 37.39 55.57
C LEU K 182 -18.11 37.41 56.36
N TRP K 183 -17.25 36.40 56.25
CA TRP K 183 -15.93 36.45 56.86
C TRP K 183 -15.04 35.43 56.18
N ALA K 184 -13.73 35.61 56.37
CA ALA K 184 -12.76 34.69 55.79
C ALA K 184 -11.45 34.79 56.57
N PHE K 185 -10.59 33.81 56.36
CA PHE K 185 -9.28 33.74 57.00
C PHE K 185 -8.21 33.58 55.94
N CYS K 186 -7.01 34.09 56.24
CA CYS K 186 -5.86 33.95 55.36
C CYS K 186 -4.63 33.75 56.24
N MET K 187 -4.14 32.51 56.30
CA MET K 187 -3.01 32.18 57.16
C MET K 187 -1.71 32.29 56.40
N TYR K 188 -0.64 32.62 57.12
CA TYR K 188 0.70 32.60 56.55
C TYR K 188 1.71 32.36 57.66
N SER K 189 2.79 31.66 57.29
CA SER K 189 3.83 31.28 58.23
C SER K 189 4.85 32.40 58.38
N LEU K 190 5.57 32.37 59.48
CA LEU K 190 6.43 33.47 59.89
C LEU K 190 7.57 32.91 60.73
N SER K 191 8.66 33.65 60.80
CA SER K 191 9.80 33.24 61.60
C SER K 191 9.85 34.00 62.92
N PRO K 192 10.41 33.41 63.96
CA PRO K 192 10.43 34.06 65.27
C PRO K 192 11.13 35.41 65.27
N GLU K 193 12.18 35.54 64.46
CA GLU K 193 12.87 36.81 64.34
C GLU K 193 12.01 37.89 63.67
N LYS K 194 11.28 37.53 62.62
CA LYS K 194 10.37 38.50 62.01
C LYS K 194 9.16 38.77 62.88
N TYR K 195 8.75 37.82 63.73
CA TYR K 195 7.76 38.12 64.74
C TYR K 195 8.31 39.06 65.79
N GLU K 196 9.62 39.03 66.04
CA GLU K 196 10.21 39.97 66.97
C GLU K 196 10.38 41.36 66.35
N ALA K 197 10.54 41.43 65.03
CA ALA K 197 10.73 42.71 64.36
C ALA K 197 9.57 43.65 64.63
N GLU K 198 8.38 43.30 64.14
CA GLU K 198 7.16 44.01 64.51
C GLU K 198 6.42 43.21 65.56
N TYR K 199 5.30 43.73 66.03
CA TYR K 199 4.52 43.09 67.09
C TYR K 199 5.31 43.02 68.40
N GLY K 200 6.45 43.68 68.44
CA GLY K 200 7.16 43.89 69.69
C GLY K 200 7.78 42.63 70.24
N LYS K 201 8.31 42.76 71.46
CA LYS K 201 8.93 41.65 72.16
C LYS K 201 7.92 40.52 72.34
N LYS K 202 6.83 40.81 73.05
CA LYS K 202 5.66 39.95 73.16
C LYS K 202 6.01 38.66 73.90
N PRO K 203 5.03 37.91 74.39
CA PRO K 203 5.28 36.54 74.82
C PRO K 203 5.82 35.69 73.70
N PRO K 204 6.25 34.46 73.99
CA PRO K 204 6.98 33.68 72.99
C PRO K 204 6.12 33.14 71.86
N THR K 205 4.93 33.72 71.67
CA THR K 205 4.02 33.51 70.53
C THR K 205 3.11 32.32 70.77
N SER K 206 1.87 32.40 70.31
CA SER K 206 0.94 31.28 70.33
C SER K 206 0.38 31.12 68.93
N LEU K 207 0.95 30.19 68.16
CA LEU K 207 0.54 30.02 66.77
C LEU K 207 -0.78 29.27 66.67
N ASP K 208 -1.43 29.41 65.52
CA ASP K 208 -2.67 28.70 65.25
C ASP K 208 -2.39 27.22 65.01
N VAL K 209 -3.44 26.41 65.07
CA VAL K 209 -3.33 24.96 64.94
C VAL K 209 -4.38 24.47 63.95
N THR K 210 -3.98 23.54 63.08
CA THR K 210 -4.89 22.88 62.14
C THR K 210 -4.81 21.36 62.19
N SER K 211 -3.69 20.80 62.66
CA SER K 211 -3.45 19.36 62.60
C SER K 211 -3.60 18.87 61.16
N MET K 212 -2.99 19.62 60.24
CA MET K 212 -3.25 19.50 58.81
C MET K 212 -2.09 18.89 58.04
N THR K 213 -0.87 19.36 58.29
CA THR K 213 0.29 19.00 57.49
C THR K 213 1.14 17.99 58.27
N SER K 214 2.33 17.67 57.76
CA SER K 214 3.22 16.61 58.24
C SER K 214 2.59 15.25 57.96
N TRP K 215 1.44 15.26 57.29
CA TRP K 215 0.79 14.02 56.87
C TRP K 215 1.66 13.40 55.78
N GLU K 216 2.45 12.38 56.16
CA GLU K 216 3.46 11.78 55.30
C GLU K 216 4.50 12.81 54.87
N TYR K 217 5.28 13.31 55.85
CA TYR K 217 6.32 14.30 55.62
C TYR K 217 7.17 14.51 56.86
N ASN K 218 8.41 14.96 56.68
CA ASN K 218 9.35 15.17 57.76
C ASN K 218 9.44 16.64 58.14
N TRP K 219 9.36 16.91 59.45
CA TRP K 219 9.49 18.27 59.94
C TRP K 219 10.80 18.40 60.71
N PHE K 220 11.48 19.51 60.46
CA PHE K 220 12.77 19.81 61.05
C PHE K 220 12.82 21.25 61.51
N GLY K 221 11.90 22.07 61.00
CA GLY K 221 11.91 23.50 61.27
C GLY K 221 10.94 23.90 62.35
N ALA K 222 11.45 24.53 63.41
CA ALA K 222 10.62 25.03 64.49
C ALA K 222 10.22 26.47 64.21
N ASP K 223 10.57 26.97 63.03
CA ASP K 223 10.23 28.33 62.61
C ASP K 223 8.81 28.31 62.04
N VAL K 224 7.86 28.04 62.94
CA VAL K 224 6.48 27.79 62.53
C VAL K 224 5.64 29.06 62.57
N ILE K 225 5.44 29.62 63.76
CA ILE K 225 4.55 30.74 64.05
C ILE K 225 3.56 31.04 62.94
N TYR K 226 2.35 30.47 63.03
CA TYR K 226 1.31 30.67 62.04
C TYR K 226 0.42 31.84 62.45
N ILE K 227 0.33 32.85 61.60
CA ILE K 227 -0.49 34.02 61.84
C ILE K 227 -1.60 34.04 60.79
N ALA K 228 -2.71 34.69 61.12
CA ALA K 228 -3.83 34.73 60.20
C ALA K 228 -4.36 36.15 60.09
N LYS K 229 -4.96 36.45 58.94
CA LYS K 229 -5.70 37.68 58.73
C LYS K 229 -7.19 37.37 58.71
N TYR K 230 -7.98 38.26 59.29
CA TYR K 230 -9.40 38.05 59.48
C TYR K 230 -10.18 39.18 58.85
N TYR K 231 -11.17 38.84 58.03
CA TYR K 231 -11.97 39.82 57.30
C TYR K 231 -13.41 39.76 57.79
N GLU K 232 -13.96 40.92 58.14
CA GLU K 232 -15.34 41.06 58.58
C GLU K 232 -16.08 41.96 57.62
N VAL K 233 -17.39 41.76 57.50
CA VAL K 233 -18.25 42.69 56.79
C VAL K 233 -19.38 43.09 57.73
N ARG K 234 -19.57 44.39 57.90
CA ARG K 234 -20.56 44.93 58.83
C ARG K 234 -21.42 45.95 58.11
N LYS K 235 -22.62 46.16 58.64
CA LYS K 235 -23.50 47.17 58.06
C LYS K 235 -23.16 48.56 58.58
N GLU K 236 -23.33 48.79 59.88
CA GLU K 236 -23.03 50.07 60.51
C GLU K 236 -23.86 51.21 59.94
N SER K 237 -23.82 52.36 60.61
CA SER K 237 -24.54 53.55 60.17
C SER K 237 -23.55 54.67 59.97
N VAL K 238 -23.61 55.32 58.81
CA VAL K 238 -22.69 56.39 58.46
C VAL K 238 -23.51 57.60 58.02
N ASP K 239 -23.07 58.78 58.40
CA ASP K 239 -23.78 60.01 58.12
C ASP K 239 -23.22 60.66 56.87
N VAL K 240 -24.07 60.84 55.85
CA VAL K 240 -23.69 61.62 54.69
C VAL K 240 -24.02 63.08 54.96
N ILE K 241 -23.02 63.94 54.87
CA ILE K 241 -23.10 65.30 55.38
C ILE K 241 -22.85 66.31 54.28
N SER K 242 -23.44 66.03 53.10
CA SER K 242 -23.20 66.71 51.83
C SER K 242 -22.85 68.19 51.86
N TYR K 243 -21.72 68.54 51.24
CA TYR K 243 -21.41 69.92 50.86
C TYR K 243 -21.88 70.17 49.43
N ARG K 244 -23.19 70.10 49.22
CA ARG K 244 -23.72 70.36 47.87
C ARG K 244 -23.54 71.85 47.58
N HIS K 245 -22.41 72.20 46.98
CA HIS K 245 -22.09 73.59 46.74
C HIS K 245 -22.80 74.04 45.47
N PRO K 246 -23.68 75.04 45.54
CA PRO K 246 -24.46 75.43 44.34
C PRO K 246 -23.59 75.84 43.16
N ILE K 247 -22.48 76.51 43.40
CA ILE K 247 -21.64 76.99 42.30
C ILE K 247 -20.89 75.82 41.69
N THR K 248 -20.33 76.06 40.50
CA THR K 248 -19.70 75.04 39.64
C THR K 248 -20.47 73.72 39.68
N GLY K 249 -21.78 73.83 39.49
CA GLY K 249 -22.67 72.68 39.52
C GLY K 249 -22.72 72.05 40.89
N GLU K 250 -22.15 70.86 41.03
CA GLU K 250 -22.01 70.16 42.31
C GLU K 250 -23.37 69.95 42.97
N ILE K 251 -24.19 69.16 42.30
CA ILE K 251 -25.51 68.77 42.77
C ILE K 251 -25.38 67.38 43.39
N ALA K 252 -26.06 67.17 44.51
CA ALA K 252 -26.12 65.84 45.16
C ALA K 252 -24.72 65.34 45.50
N THR K 253 -24.08 66.07 46.41
CA THR K 253 -22.70 65.86 46.79
C THR K 253 -22.60 64.72 47.81
N TYR K 254 -21.37 64.31 48.11
CA TYR K 254 -21.05 63.08 48.83
C TYR K 254 -20.92 63.25 50.33
N ASP K 255 -19.84 63.92 50.73
CA ASP K 255 -19.43 64.18 52.09
C ASP K 255 -19.79 63.03 53.03
N SER K 256 -19.21 61.85 52.81
CA SER K 256 -19.31 60.82 53.83
C SER K 256 -18.60 61.29 55.10
N ASP K 257 -18.83 60.57 56.19
CA ASP K 257 -18.29 60.97 57.48
C ASP K 257 -16.77 61.00 57.48
N GLN K 258 -16.15 60.00 56.85
CA GLN K 258 -14.71 59.88 56.80
C GLN K 258 -14.03 60.89 55.88
N VAL K 259 -14.78 61.82 55.30
CA VAL K 259 -14.18 62.81 54.41
C VAL K 259 -13.80 64.08 55.15
N GLU K 260 -14.73 64.62 55.94
CA GLU K 260 -14.51 65.92 56.57
C GLU K 260 -13.31 65.90 57.52
N ASP K 261 -13.17 64.83 58.30
CA ASP K 261 -12.08 64.76 59.26
C ASP K 261 -10.71 64.82 58.59
N ILE K 262 -10.54 64.10 57.49
CA ILE K 262 -9.29 64.17 56.74
C ILE K 262 -9.23 65.42 55.88
N GLU K 263 -10.32 65.72 55.17
CA GLU K 263 -10.37 66.87 54.27
C GLU K 263 -10.72 68.09 55.10
N ASP K 264 -9.69 68.80 55.55
CA ASP K 264 -9.85 70.04 56.31
C ASP K 264 -9.32 71.19 55.45
N GLU K 265 -10.17 71.66 54.54
CA GLU K 265 -9.91 72.86 53.76
C GLU K 265 -10.49 74.10 54.42
N LEU K 266 -11.09 73.94 55.61
CA LEU K 266 -11.81 75.01 56.29
C LEU K 266 -12.99 75.50 55.48
N ALA K 267 -13.59 74.60 54.68
CA ALA K 267 -14.83 74.85 53.95
C ALA K 267 -14.73 76.12 53.11
N ILE K 268 -13.81 76.08 52.14
CA ILE K 268 -13.56 77.25 51.31
C ILE K 268 -14.80 77.59 50.49
N ALA K 269 -15.22 76.68 49.61
CA ALA K 269 -16.28 76.95 48.66
C ALA K 269 -17.27 75.79 48.60
N GLY K 270 -17.76 75.36 49.76
CA GLY K 270 -18.71 74.26 49.75
C GLY K 270 -20.11 74.52 50.29
N PHE K 271 -20.23 75.34 51.34
CA PHE K 271 -21.48 75.48 52.11
C PHE K 271 -21.91 74.14 52.70
N HIS K 272 -22.88 74.16 53.61
CA HIS K 272 -23.19 72.94 54.35
C HIS K 272 -24.58 72.39 54.07
N GLU K 273 -25.58 73.28 53.98
CA GLU K 273 -26.96 72.93 53.64
C GLU K 273 -27.41 71.62 54.29
N VAL K 274 -28.14 70.78 53.55
CA VAL K 274 -28.65 69.54 54.12
C VAL K 274 -27.48 68.58 54.36
N ALA K 275 -27.27 68.22 55.63
CA ALA K 275 -26.18 67.35 56.00
C ALA K 275 -26.59 66.38 57.10
N ARG K 276 -27.89 66.17 57.26
CA ARG K 276 -28.37 65.40 58.40
C ARG K 276 -29.13 64.16 57.95
N ARG K 277 -28.60 63.47 56.95
CA ARG K 277 -29.17 62.22 56.48
C ARG K 277 -28.22 61.09 56.83
N SER K 278 -28.72 60.12 57.60
CA SER K 278 -27.92 58.98 58.04
C SER K 278 -28.35 57.75 57.25
N VAL K 279 -27.38 57.04 56.69
CA VAL K 279 -27.63 55.92 55.80
C VAL K 279 -26.86 54.72 56.29
N LYS K 280 -27.44 53.53 56.14
CA LYS K 280 -26.75 52.28 56.41
C LYS K 280 -25.97 51.89 55.16
N ARG K 281 -24.67 51.67 55.32
CA ARG K 281 -23.79 51.28 54.24
C ARG K 281 -23.19 49.91 54.57
N ARG K 282 -22.17 49.52 53.82
CA ARG K 282 -21.52 48.23 53.99
C ARG K 282 -20.02 48.44 53.93
N ARG K 283 -19.33 48.09 55.02
CA ARG K 283 -17.87 48.21 55.04
C ARG K 283 -17.23 46.89 55.48
N VAL K 284 -15.94 46.79 55.19
CA VAL K 284 -15.14 45.60 55.44
C VAL K 284 -14.01 45.97 56.37
N TYR K 285 -13.79 45.15 57.39
CA TYR K 285 -12.72 45.36 58.37
C TYR K 285 -11.71 44.21 58.29
N VAL K 286 -10.46 44.53 58.59
CA VAL K 286 -9.39 43.53 58.58
C VAL K 286 -8.70 43.55 59.93
N SER K 287 -8.18 42.39 60.32
CA SER K 287 -7.55 42.22 61.63
C SER K 287 -6.49 41.14 61.52
N VAL K 288 -5.56 41.16 62.46
CA VAL K 288 -4.51 40.15 62.55
C VAL K 288 -4.59 39.50 63.92
N VAL K 289 -4.72 38.17 63.95
CA VAL K 289 -4.91 37.43 65.17
C VAL K 289 -3.97 36.24 65.20
N ASP K 290 -3.79 35.69 66.39
CA ASP K 290 -3.05 34.45 66.59
C ASP K 290 -3.80 33.63 67.63
N GLY K 291 -3.12 32.62 68.18
CA GLY K 291 -3.77 31.76 69.15
C GLY K 291 -4.00 32.40 70.51
N ASP K 292 -3.43 33.57 70.75
CA ASP K 292 -3.54 34.25 72.04
C ASP K 292 -4.47 35.46 71.99
N GLY K 293 -4.22 36.42 71.10
CA GLY K 293 -5.04 37.61 71.05
C GLY K 293 -4.90 38.38 69.76
N PHE K 294 -5.00 39.71 69.83
CA PHE K 294 -4.94 40.57 68.67
C PHE K 294 -3.52 41.11 68.51
N LEU K 295 -2.88 40.78 67.40
CA LEU K 295 -1.62 41.43 67.06
C LEU K 295 -1.86 42.81 66.48
N GLU K 296 -2.95 43.00 65.74
CA GLU K 296 -3.33 44.30 65.21
C GLU K 296 -4.84 44.48 65.33
N LYS K 297 -5.25 45.58 65.93
CA LYS K 297 -6.67 45.83 66.16
C LYS K 297 -7.37 46.08 64.83
N PRO K 298 -8.67 45.82 64.76
CA PRO K 298 -9.39 45.95 63.49
C PRO K 298 -9.36 47.36 62.93
N ARG K 299 -9.30 47.45 61.61
CA ARG K 299 -9.38 48.71 60.89
C ARG K 299 -10.12 48.46 59.58
N ARG K 300 -10.77 49.48 59.06
CA ARG K 300 -11.57 49.33 57.85
C ARG K 300 -10.72 49.54 56.61
N ILE K 301 -10.97 48.71 55.60
CA ILE K 301 -10.22 48.77 54.34
C ILE K 301 -11.08 49.43 53.28
N PRO K 302 -10.49 50.06 52.28
CA PRO K 302 -11.27 50.84 51.31
C PRO K 302 -11.98 49.99 50.26
N GLY K 303 -13.18 49.52 50.57
CA GLY K 303 -13.93 48.77 49.59
C GLY K 303 -15.29 48.37 50.11
N GLU K 304 -15.90 47.43 49.40
CA GLU K 304 -17.19 46.87 49.78
C GLU K 304 -17.19 45.35 49.78
N HIS K 305 -16.27 44.71 49.06
CA HIS K 305 -16.20 43.27 48.93
C HIS K 305 -15.01 42.71 49.70
N ILE K 306 -15.07 41.43 50.01
CA ILE K 306 -13.89 40.74 50.56
C ILE K 306 -12.84 40.62 49.47
N PRO K 307 -11.62 41.04 49.70
CA PRO K 307 -10.65 41.12 48.60
C PRO K 307 -9.93 39.83 48.24
N LEU K 308 -10.49 38.66 48.58
CA LEU K 308 -9.90 37.39 48.21
C LEU K 308 -10.58 36.84 46.97
N ILE K 309 -9.78 36.39 46.01
CA ILE K 309 -10.28 35.94 44.71
C ILE K 309 -9.91 34.48 44.52
N PRO K 310 -10.86 33.56 44.65
CA PRO K 310 -10.56 32.13 44.48
C PRO K 310 -10.50 31.73 43.02
N VAL K 311 -9.67 30.73 42.74
CA VAL K 311 -9.54 30.13 41.41
C VAL K 311 -9.62 28.62 41.55
N TYR K 312 -10.48 27.99 40.75
CA TYR K 312 -10.72 26.57 40.81
C TYR K 312 -10.41 25.92 39.48
N GLY K 313 -9.97 24.66 39.53
CA GLY K 313 -9.81 23.90 38.31
C GLY K 313 -11.14 23.38 37.81
N LYS K 314 -11.80 22.57 38.63
CA LYS K 314 -13.16 22.11 38.37
C LYS K 314 -13.89 22.09 39.70
N ARG K 315 -15.02 22.76 39.79
CA ARG K 315 -15.72 22.91 41.05
C ARG K 315 -17.17 22.49 40.92
N TRP K 316 -17.66 21.73 41.90
CA TRP K 316 -19.05 21.30 41.96
C TRP K 316 -19.53 21.37 43.41
N PHE K 317 -20.84 21.36 43.58
CA PHE K 317 -21.48 21.43 44.89
C PHE K 317 -22.41 20.22 45.00
N ILE K 318 -22.01 19.24 45.81
CA ILE K 318 -22.63 17.91 45.77
C ILE K 318 -23.56 17.66 46.95
N ASP K 319 -23.02 17.61 48.16
CA ASP K 319 -23.86 17.38 49.35
C ASP K 319 -23.47 18.38 50.42
N ASP K 320 -24.03 19.59 50.33
CA ASP K 320 -23.75 20.67 51.27
C ASP K 320 -22.25 20.96 51.40
N ILE K 321 -21.45 20.43 50.49
CA ILE K 321 -19.99 20.54 50.55
C ILE K 321 -19.49 20.84 49.16
N GLU K 322 -18.60 21.83 49.05
CA GLU K 322 -17.98 22.17 47.78
C GLU K 322 -16.83 21.22 47.49
N ARG K 323 -16.77 20.72 46.26
CA ARG K 323 -15.78 19.73 45.88
C ARG K 323 -15.01 20.19 44.64
N VAL K 324 -13.69 20.07 44.69
CA VAL K 324 -12.81 20.53 43.63
C VAL K 324 -12.04 19.35 43.08
N GLU K 325 -11.39 19.56 41.94
CA GLU K 325 -10.56 18.55 41.33
C GLU K 325 -9.56 19.19 40.38
N GLY K 326 -8.34 18.67 40.38
CA GLY K 326 -7.30 19.19 39.51
C GLY K 326 -7.18 18.40 38.22
N HIS K 327 -5.98 17.97 37.87
CA HIS K 327 -5.76 17.21 36.66
C HIS K 327 -4.98 15.93 36.88
N ILE K 328 -4.67 15.58 38.14
CA ILE K 328 -3.89 14.38 38.42
C ILE K 328 -4.54 13.49 39.46
N ALA K 329 -5.62 13.92 40.10
CA ALA K 329 -6.25 13.08 41.10
C ALA K 329 -6.77 11.78 40.50
N LYS K 330 -7.21 11.81 39.25
CA LYS K 330 -7.77 10.61 38.64
C LYS K 330 -6.71 9.60 38.25
N ALA K 331 -5.45 9.99 38.19
CA ALA K 331 -4.39 9.10 37.70
C ALA K 331 -3.50 8.55 38.80
N MET K 332 -3.89 8.70 40.07
CA MET K 332 -3.04 8.22 41.15
C MET K 332 -2.91 6.70 41.12
N ASP K 333 -4.04 5.99 41.00
CA ASP K 333 -3.98 4.53 41.16
C ASP K 333 -3.20 3.86 40.05
N PRO K 334 -3.45 4.11 38.76
CA PRO K 334 -2.60 3.48 37.73
C PRO K 334 -1.13 3.83 37.86
N GLN K 335 -0.79 5.06 38.26
CA GLN K 335 0.61 5.43 38.35
C GLN K 335 1.31 4.65 39.46
N ARG K 336 0.72 4.63 40.66
CA ARG K 336 1.34 3.95 41.78
C ARG K 336 1.18 2.45 41.71
N LEU K 337 0.43 1.94 40.73
CA LEU K 337 0.45 0.51 40.48
C LEU K 337 1.51 0.14 39.44
N TYR K 338 1.73 1.01 38.46
CA TYR K 338 2.82 0.84 37.51
C TYR K 338 4.18 0.87 38.20
N ASN K 339 4.35 1.78 39.17
CA ASN K 339 5.59 1.82 39.92
C ASN K 339 5.86 0.50 40.63
N LEU K 340 4.82 -0.08 41.25
CA LEU K 340 4.98 -1.34 41.95
C LEU K 340 5.34 -2.45 40.97
N GLN K 341 4.71 -2.47 39.80
CA GLN K 341 5.05 -3.50 38.82
C GLN K 341 6.51 -3.44 38.42
N VAL K 342 7.03 -2.24 38.14
CA VAL K 342 8.43 -2.14 37.73
C VAL K 342 9.35 -2.55 38.86
N SER K 343 9.08 -2.08 40.08
CA SER K 343 9.94 -2.41 41.21
C SER K 343 9.95 -3.90 41.48
N MET K 344 8.80 -4.57 41.35
CA MET K 344 8.77 -6.01 41.58
C MET K 344 9.45 -6.79 40.46
N LEU K 345 9.41 -6.30 39.22
CA LEU K 345 10.12 -6.99 38.16
C LEU K 345 11.63 -6.89 38.30
N ALA K 346 12.12 -5.72 38.75
CA ALA K 346 13.57 -5.49 38.73
C ALA K 346 14.33 -6.50 39.59
N ASP K 347 13.93 -6.68 40.84
CA ASP K 347 14.69 -7.57 41.71
C ASP K 347 14.48 -9.04 41.38
N THR K 348 13.29 -9.42 40.91
CA THR K 348 13.11 -10.77 40.42
C THR K 348 14.07 -11.07 39.27
N ALA K 349 14.24 -10.12 38.36
CA ALA K 349 15.24 -10.29 37.31
C ALA K 349 16.64 -10.40 37.88
N ALA K 350 16.95 -9.57 38.88
CA ALA K 350 18.31 -9.54 39.43
C ALA K 350 18.62 -10.74 40.31
N GLN K 351 17.64 -11.55 40.69
CA GLN K 351 17.90 -12.66 41.60
C GLN K 351 18.63 -13.83 40.94
N ASP K 352 18.25 -14.22 39.73
CA ASP K 352 18.80 -15.41 39.07
C ASP K 352 19.23 -15.07 37.66
N PRO K 353 20.46 -14.59 37.47
CA PRO K 353 20.85 -14.10 36.13
C PRO K 353 21.08 -15.20 35.12
N GLY K 354 21.73 -16.31 35.49
CA GLY K 354 22.12 -17.29 34.49
C GLY K 354 21.90 -18.73 34.88
N GLN K 355 22.72 -19.63 34.34
CA GLN K 355 22.60 -21.06 34.56
C GLN K 355 23.89 -21.62 35.14
N ILE K 356 23.78 -22.54 36.08
CA ILE K 356 24.94 -23.18 36.69
C ILE K 356 24.71 -24.69 36.68
N PRO K 357 25.68 -25.49 36.24
CA PRO K 357 25.50 -26.94 36.32
C PRO K 357 25.48 -27.43 37.75
N ILE K 358 24.78 -28.55 37.96
CA ILE K 358 24.65 -29.18 39.27
C ILE K 358 25.24 -30.57 39.20
N VAL K 359 26.15 -30.89 40.12
CA VAL K 359 26.82 -32.18 40.17
C VAL K 359 26.87 -32.65 41.61
N GLY K 360 27.21 -33.94 41.79
CA GLY K 360 27.46 -34.47 43.11
C GLY K 360 28.92 -34.32 43.51
N MET K 361 29.16 -34.32 44.82
CA MET K 361 30.51 -34.06 45.31
C MET K 361 31.49 -35.12 44.84
N GLU K 362 31.09 -36.38 44.84
CA GLU K 362 31.97 -37.47 44.46
C GLU K 362 32.16 -37.57 42.95
N GLN K 363 31.38 -36.84 42.18
CA GLN K 363 31.42 -36.92 40.73
C GLN K 363 32.47 -36.00 40.12
N ILE K 364 32.98 -35.03 40.87
CA ILE K 364 33.87 -34.01 40.34
C ILE K 364 35.12 -33.82 41.17
N ARG K 365 35.25 -34.51 42.31
CA ARG K 365 36.39 -34.30 43.18
C ARG K 365 37.69 -34.64 42.46
N GLY K 366 38.67 -33.75 42.55
CA GLY K 366 39.94 -33.91 41.88
C GLY K 366 39.98 -33.38 40.45
N LEU K 367 38.86 -32.88 39.92
CA LEU K 367 38.82 -32.36 38.56
C LEU K 367 38.32 -30.92 38.52
N GLU K 368 38.35 -30.21 39.65
CA GLU K 368 37.73 -28.89 39.69
C GLU K 368 38.51 -27.87 38.87
N LYS K 369 39.83 -28.00 38.78
CA LYS K 369 40.60 -27.00 38.06
C LYS K 369 40.34 -27.00 36.57
N HIS K 370 39.90 -28.12 36.01
CA HIS K 370 39.58 -28.15 34.59
C HIS K 370 38.26 -27.45 34.31
N TRP K 371 37.28 -27.62 35.19
CA TRP K 371 36.00 -26.95 35.02
C TRP K 371 36.07 -25.47 35.39
N GLU K 372 36.99 -25.09 36.28
CA GLU K 372 37.09 -23.70 36.69
C GLU K 372 37.58 -22.81 35.57
N ALA K 373 38.46 -23.32 34.71
CA ALA K 373 39.08 -22.52 33.67
C ALA K 373 38.63 -22.90 32.28
N ARG K 374 37.37 -23.31 32.11
CA ARG K 374 36.91 -23.75 30.80
C ARG K 374 36.70 -22.59 29.84
N ASN K 375 36.63 -21.36 30.32
CA ASN K 375 36.40 -20.23 29.44
C ASN K 375 37.66 -19.46 29.09
N LYS K 376 38.75 -19.66 29.83
CA LYS K 376 40.04 -19.05 29.48
C LYS K 376 40.85 -19.97 28.58
N LYS K 377 41.17 -21.16 29.06
CA LYS K 377 41.83 -22.15 28.22
C LYS K 377 40.82 -22.75 27.25
N ARG K 378 41.32 -23.55 26.32
CA ARG K 378 40.51 -24.08 25.23
C ARG K 378 40.60 -25.59 25.26
N PRO K 379 39.94 -26.23 26.21
CA PRO K 379 40.08 -27.68 26.34
C PRO K 379 39.44 -28.42 25.19
N ALA K 380 40.05 -29.55 24.85
CA ALA K 380 39.48 -30.41 23.82
C ALA K 380 38.27 -31.17 24.34
N PHE K 381 38.21 -31.38 25.65
CA PHE K 381 37.09 -32.06 26.28
C PHE K 381 37.11 -31.73 27.76
N LEU K 382 36.08 -32.18 28.46
CA LEU K 382 35.99 -32.01 29.90
C LEU K 382 35.74 -33.36 30.56
N PRO K 383 36.47 -33.72 31.61
CA PRO K 383 36.28 -35.01 32.26
C PRO K 383 35.26 -34.97 33.38
N LEU K 384 34.58 -36.10 33.57
CA LEU K 384 33.66 -36.28 34.68
C LEU K 384 33.47 -37.77 34.91
N ARG K 385 33.03 -38.11 36.12
CA ARG K 385 32.78 -39.49 36.50
C ARG K 385 31.30 -39.79 36.45
N GLU K 386 30.97 -41.07 36.62
CA GLU K 386 29.60 -41.53 36.63
C GLU K 386 29.07 -41.63 38.05
N VAL K 387 27.76 -41.79 38.17
CA VAL K 387 27.10 -41.92 39.47
C VAL K 387 27.07 -43.40 39.82
N ARG K 388 27.55 -43.73 41.01
CA ARG K 388 27.61 -45.10 41.47
C ARG K 388 26.88 -45.24 42.79
N ASP K 389 26.19 -46.36 42.95
CA ASP K 389 25.44 -46.63 44.17
C ASP K 389 26.39 -47.22 45.22
N LYS K 390 25.84 -47.70 46.34
CA LYS K 390 26.68 -48.17 47.42
C LYS K 390 27.40 -49.47 47.10
N SER K 391 26.92 -50.24 46.12
CA SER K 391 27.57 -51.48 45.73
C SER K 391 28.60 -51.30 44.64
N GLY K 392 28.70 -50.12 44.06
CA GLY K 392 29.63 -49.88 42.97
C GLY K 392 29.07 -50.00 41.58
N ASN K 393 27.75 -50.10 41.44
CA ASN K 393 27.12 -50.20 40.13
C ASN K 393 26.82 -48.82 39.56
N ILE K 394 26.91 -48.71 38.24
CA ILE K 394 26.67 -47.44 37.55
C ILE K 394 25.18 -47.28 37.30
N ILE K 395 24.63 -46.15 37.70
CA ILE K 395 23.19 -45.92 37.57
C ILE K 395 22.91 -44.73 36.67
N ALA K 396 23.89 -43.88 36.44
CA ALA K 396 23.70 -42.69 35.63
C ALA K 396 25.00 -42.35 34.92
N GLY K 397 24.88 -41.56 33.85
CA GLY K 397 26.01 -41.21 33.02
C GLY K 397 26.86 -40.10 33.59
N ALA K 398 27.83 -39.67 32.80
CA ALA K 398 28.82 -38.69 33.21
C ALA K 398 28.35 -37.25 33.04
N THR K 399 27.17 -37.03 32.49
CA THR K 399 26.69 -35.67 32.30
C THR K 399 26.25 -35.08 33.64
N PRO K 400 26.25 -33.75 33.77
CA PRO K 400 25.69 -33.12 34.97
C PRO K 400 24.23 -33.47 35.14
N ALA K 401 23.79 -33.50 36.40
CA ALA K 401 22.40 -33.87 36.69
C ALA K 401 21.42 -32.90 36.08
N GLY K 402 21.72 -31.60 36.14
CA GLY K 402 20.81 -30.62 35.59
C GLY K 402 21.40 -29.23 35.69
N TYR K 403 20.56 -28.23 35.43
CA TYR K 403 20.95 -26.84 35.48
C TYR K 403 19.91 -26.04 36.24
N THR K 404 20.32 -24.90 36.76
CA THR K 404 19.37 -24.00 37.41
C THR K 404 18.58 -23.23 36.37
N GLN K 405 17.47 -22.64 36.82
CA GLN K 405 16.61 -21.92 35.90
C GLN K 405 16.86 -20.42 35.99
N PRO K 406 16.78 -19.71 34.89
CA PRO K 406 16.81 -18.25 34.96
C PRO K 406 15.44 -17.64 35.20
N ALA K 407 15.35 -16.32 35.32
CA ALA K 407 14.09 -15.66 35.66
C ALA K 407 13.09 -15.73 34.51
N VAL K 408 11.81 -15.51 34.82
CA VAL K 408 10.75 -15.84 33.87
C VAL K 408 9.85 -14.67 33.47
N MET K 409 9.63 -13.70 34.36
CA MET K 409 8.76 -12.55 34.08
C MET K 409 7.34 -13.02 33.74
N ASN K 410 6.64 -13.45 34.78
CA ASN K 410 5.29 -13.99 34.66
C ASN K 410 4.37 -13.09 33.84
N GLN K 411 3.29 -13.70 33.33
CA GLN K 411 2.43 -13.07 32.35
C GLN K 411 1.57 -11.95 32.93
N ALA K 412 1.08 -12.13 34.16
CA ALA K 412 0.21 -11.14 34.77
C ALA K 412 0.91 -9.80 34.93
N LEU K 413 2.18 -9.83 35.31
CA LEU K 413 2.94 -8.59 35.44
C LEU K 413 3.07 -7.86 34.11
N ALA K 414 3.32 -8.60 33.02
CA ALA K 414 3.41 -7.95 31.72
C ALA K 414 2.10 -7.32 31.31
N ALA K 415 1.00 -8.04 31.55
CA ALA K 415 -0.31 -7.49 31.24
C ALA K 415 -0.59 -6.23 32.05
N LEU K 416 -0.25 -6.24 33.34
CA LEU K 416 -0.47 -5.06 34.15
C LEU K 416 0.38 -3.88 33.69
N LEU K 417 1.64 -4.13 33.30
CA LEU K 417 2.46 -3.05 32.77
C LEU K 417 1.79 -2.39 31.58
N GLN K 418 1.38 -3.20 30.60
CA GLN K 418 0.73 -2.62 29.42
C GLN K 418 -0.56 -1.89 29.78
N GLN K 419 -1.40 -2.50 30.61
CA GLN K 419 -2.70 -1.91 30.90
C GLN K 419 -2.57 -0.59 31.63
N THR K 420 -1.72 -0.54 32.66
CA THR K 420 -1.57 0.69 33.43
C THR K 420 -0.91 1.79 32.60
N SER K 421 0.11 1.43 31.80
CA SER K 421 0.73 2.44 30.95
C SER K 421 -0.27 3.02 29.96
N ALA K 422 -1.14 2.18 29.40
CA ALA K 422 -2.17 2.69 28.51
C ALA K 422 -3.24 3.50 29.22
N ASP K 423 -3.57 3.15 30.47
CA ASP K 423 -4.64 3.85 31.18
C ASP K 423 -4.21 5.23 31.65
N ILE K 424 -2.93 5.41 31.98
CA ILE K 424 -2.48 6.73 32.39
C ILE K 424 -2.74 7.76 31.30
N GLN K 425 -2.48 7.41 30.04
CA GLN K 425 -2.74 8.34 28.96
C GLN K 425 -4.23 8.51 28.68
N GLU K 426 -5.03 7.47 28.85
CA GLU K 426 -6.46 7.56 28.60
C GLU K 426 -7.14 8.49 29.59
N VAL K 427 -6.78 8.39 30.87
CA VAL K 427 -7.44 9.19 31.88
C VAL K 427 -7.12 10.67 31.72
N THR K 428 -5.86 10.99 31.44
CA THR K 428 -5.41 12.37 31.32
C THR K 428 -5.38 12.78 29.86
N GLY K 429 -6.45 13.44 29.41
CA GLY K 429 -6.54 13.89 28.04
C GLY K 429 -6.38 12.80 27.01
N MET K 450 -14.83 24.52 17.65
CA MET K 450 -14.68 23.12 18.02
C MET K 450 -13.22 22.79 18.27
N ASN K 451 -12.33 23.57 17.66
CA ASN K 451 -10.90 23.37 17.85
C ASN K 451 -10.52 23.54 19.31
N ARG K 452 -11.01 24.62 19.94
CA ARG K 452 -10.66 24.89 21.33
C ARG K 452 -11.30 23.86 22.25
N ALA K 453 -12.58 23.55 22.03
CA ALA K 453 -13.30 22.69 22.96
C ALA K 453 -12.78 21.27 22.96
N ASP K 454 -12.10 20.86 21.88
CA ASP K 454 -11.52 19.53 21.83
C ASP K 454 -10.31 19.37 22.72
N MET K 455 -9.66 20.46 23.09
CA MET K 455 -8.45 20.39 23.89
C MET K 455 -8.79 20.13 25.36
N ALA K 456 -7.84 19.54 26.07
CA ALA K 456 -8.05 19.17 27.46
C ALA K 456 -7.86 20.33 28.42
N SER K 457 -7.37 21.47 27.95
CA SER K 457 -7.10 22.60 28.81
C SER K 457 -8.19 23.66 28.76
N PHE K 458 -9.33 23.37 28.15
CA PHE K 458 -10.33 24.41 27.94
C PHE K 458 -11.03 24.80 29.23
N ILE K 459 -11.39 23.82 30.05
CA ILE K 459 -12.19 24.12 31.24
C ILE K 459 -11.40 24.95 32.23
N TYR K 460 -10.10 24.67 32.38
CA TYR K 460 -9.28 25.48 33.29
C TYR K 460 -9.18 26.91 32.81
N LEU K 461 -8.90 27.10 31.52
CA LEU K 461 -8.81 28.43 30.96
C LEU K 461 -10.14 29.16 30.96
N ASP K 462 -11.25 28.43 31.02
CA ASP K 462 -12.55 29.07 31.14
C ASP K 462 -12.89 29.46 32.56
N ASN K 463 -12.52 28.64 33.54
CA ASN K 463 -12.70 29.00 34.93
C ASN K 463 -11.76 30.10 35.39
N MET K 464 -10.63 30.28 34.71
CA MET K 464 -9.75 31.41 35.01
C MET K 464 -10.38 32.74 34.65
N ALA K 465 -11.11 32.79 33.53
CA ALA K 465 -11.72 34.03 33.07
C ALA K 465 -12.80 34.51 34.03
N LYS K 466 -13.62 33.61 34.54
CA LYS K 466 -14.68 34.03 35.45
C LYS K 466 -14.15 34.34 36.84
N SER K 467 -12.89 34.01 37.13
CA SER K 467 -12.24 34.55 38.32
C SER K 467 -11.71 35.95 38.07
N LEU K 468 -11.11 36.17 36.90
CA LEU K 468 -10.66 37.51 36.55
C LEU K 468 -11.81 38.50 36.47
N LYS K 469 -12.99 38.06 36.05
CA LYS K 469 -14.14 38.96 36.06
C LYS K 469 -14.51 39.42 37.46
N ARG K 470 -14.46 38.53 38.45
CA ARG K 470 -14.72 38.94 39.83
C ARG K 470 -13.63 39.86 40.35
N ALA K 471 -12.38 39.59 39.96
CA ALA K 471 -11.29 40.49 40.35
C ALA K 471 -11.52 41.89 39.81
N GLY K 472 -12.00 42.01 38.57
CA GLY K 472 -12.31 43.31 38.03
C GLY K 472 -13.41 44.04 38.79
N GLU K 473 -14.45 43.32 39.19
CA GLU K 473 -15.52 43.93 39.98
C GLU K 473 -15.01 44.44 41.32
N VAL K 474 -14.20 43.63 42.00
CA VAL K 474 -13.62 44.08 43.26
C VAL K 474 -12.72 45.28 43.07
N TRP K 475 -11.89 45.29 42.03
CA TRP K 475 -11.05 46.45 41.75
C TRP K 475 -11.87 47.70 41.47
N LEU K 476 -12.96 47.59 40.70
CA LEU K 476 -13.80 48.76 40.47
C LEU K 476 -14.41 49.27 41.76
N SER K 477 -14.91 48.39 42.62
CA SER K 477 -15.46 48.84 43.88
C SER K 477 -14.41 49.48 44.77
N MET K 478 -13.17 49.01 44.70
CA MET K 478 -12.09 49.53 45.51
C MET K 478 -11.48 50.81 44.96
N ALA K 479 -11.53 51.02 43.64
CA ALA K 479 -10.85 52.16 43.04
C ALA K 479 -11.56 53.48 43.29
N ARG K 480 -12.87 53.45 43.50
CA ARG K 480 -13.60 54.69 43.72
C ARG K 480 -13.16 55.40 44.98
N GLU K 481 -12.90 54.65 46.05
CA GLU K 481 -12.52 55.23 47.31
C GLU K 481 -11.04 55.59 47.38
N VAL K 482 -10.23 55.11 46.44
CA VAL K 482 -8.82 55.43 46.41
C VAL K 482 -8.48 56.49 45.38
N TYR K 483 -9.06 56.44 44.18
CA TYR K 483 -8.79 57.41 43.14
C TYR K 483 -9.90 58.43 42.95
N GLY K 484 -11.06 58.24 43.56
CA GLY K 484 -12.16 59.17 43.44
C GLY K 484 -13.06 58.85 42.25
N SER K 485 -14.28 59.38 42.30
CA SER K 485 -15.20 59.18 41.20
C SER K 485 -14.77 60.02 39.99
N GLU K 486 -15.22 59.61 38.81
CA GLU K 486 -14.73 60.22 37.59
C GLU K 486 -15.50 61.48 37.21
N ARG K 487 -16.80 61.35 36.91
CA ARG K 487 -17.64 62.46 36.48
C ARG K 487 -17.18 63.04 35.14
N GLU K 488 -18.08 63.72 34.45
CA GLU K 488 -17.77 64.36 33.17
C GLU K 488 -18.76 65.49 32.92
N VAL K 489 -18.21 66.64 32.53
CA VAL K 489 -19.02 67.81 32.22
C VAL K 489 -18.53 68.49 30.94
N ARG K 510 -13.14 64.50 28.58
CA ARG K 510 -12.12 64.31 29.61
C ARG K 510 -12.69 63.63 30.84
N GLN K 511 -11.83 63.26 31.78
CA GLN K 511 -12.24 62.56 33.00
C GLN K 511 -11.37 63.09 34.15
N THR K 512 -11.92 64.02 34.92
CA THR K 512 -11.19 64.68 35.99
C THR K 512 -11.70 64.20 37.33
N GLY K 513 -10.79 63.77 38.20
CA GLY K 513 -11.15 63.24 39.49
C GLY K 513 -11.15 64.23 40.64
N ALA K 514 -10.52 63.87 41.74
CA ALA K 514 -10.58 64.63 42.98
C ALA K 514 -9.63 65.82 42.94
N VAL K 515 -9.48 66.48 44.07
CA VAL K 515 -8.52 67.55 44.25
C VAL K 515 -7.41 67.17 45.22
N VAL K 516 -7.77 66.71 46.42
CA VAL K 516 -6.78 66.29 47.40
C VAL K 516 -7.03 64.84 47.82
N ALA K 517 -8.24 64.54 48.30
CA ALA K 517 -8.69 63.16 48.46
C ALA K 517 -10.20 63.22 48.68
N LEU K 518 -10.97 62.71 47.72
CA LEU K 518 -12.42 62.69 47.87
C LEU K 518 -13.00 61.63 46.93
N ASN K 519 -14.22 61.22 47.24
CA ASN K 519 -14.87 60.09 46.60
C ASN K 519 -15.98 60.52 45.66
N ASP K 520 -16.87 61.40 46.12
CA ASP K 520 -18.14 61.69 45.48
C ASP K 520 -19.05 60.48 45.62
N LEU K 521 -20.35 60.73 45.77
CA LEU K 521 -21.30 59.68 46.03
C LEU K 521 -22.60 60.11 45.39
N SER K 522 -23.50 59.14 45.19
CA SER K 522 -24.71 59.38 44.42
C SER K 522 -24.39 59.84 43.01
N VAL K 523 -23.28 59.32 42.47
CA VAL K 523 -22.98 59.49 41.06
C VAL K 523 -23.40 58.27 40.24
N GLY K 524 -23.59 57.12 40.88
CA GLY K 524 -24.19 55.98 40.22
C GLY K 524 -23.18 55.01 39.64
N ARG K 525 -23.70 53.88 39.19
CA ARG K 525 -22.89 52.87 38.54
C ARG K 525 -22.30 53.42 37.24
N TYR K 526 -21.07 53.02 36.94
CA TYR K 526 -20.42 53.41 35.70
C TYR K 526 -21.09 52.71 34.53
N ASP K 527 -20.79 53.21 33.32
CA ASP K 527 -21.34 52.67 32.09
C ASP K 527 -20.38 51.73 31.39
N VAL K 528 -19.63 50.93 32.14
CA VAL K 528 -18.70 49.97 31.57
C VAL K 528 -19.13 48.56 31.97
N THR K 529 -18.59 47.58 31.27
CA THR K 529 -18.85 46.18 31.54
C THR K 529 -17.53 45.44 31.69
N VAL K 530 -17.42 44.61 32.71
CA VAL K 530 -16.19 43.86 32.97
C VAL K 530 -16.13 42.67 32.02
N ASP K 531 -14.98 42.50 31.38
CA ASP K 531 -14.77 41.40 30.44
C ASP K 531 -13.34 40.93 30.57
N VAL K 532 -12.93 40.03 29.68
CA VAL K 532 -11.57 39.55 29.64
C VAL K 532 -11.03 39.67 28.22
N GLY K 533 -9.72 39.78 28.13
CA GLY K 533 -9.04 39.90 26.85
C GLY K 533 -7.56 39.63 27.01
N PRO K 534 -6.83 39.63 25.88
CA PRO K 534 -5.40 39.31 25.95
C PRO K 534 -4.64 40.34 26.78
N SER K 535 -3.56 39.87 27.40
CA SER K 535 -2.73 40.70 28.27
C SER K 535 -1.62 41.33 27.45
N TYR K 536 -1.50 42.66 27.54
CA TYR K 536 -0.50 43.42 26.80
C TYR K 536 0.38 44.20 27.75
N THR K 537 1.67 44.24 27.44
CA THR K 537 2.61 44.97 28.30
C THR K 537 2.44 46.47 28.18
N ALA K 538 2.22 46.98 26.97
CA ALA K 538 2.08 48.40 26.73
C ALA K 538 0.85 48.66 25.89
N ARG K 539 0.41 49.92 25.87
CA ARG K 539 -0.79 50.28 25.12
C ARG K 539 -0.58 50.13 23.62
N ARG K 540 0.63 50.41 23.13
CA ARG K 540 0.89 50.33 21.70
C ARG K 540 0.63 48.93 21.17
N ASP K 541 0.97 47.92 21.96
CA ASP K 541 0.67 46.54 21.56
C ASP K 541 -0.82 46.35 21.39
N ALA K 542 -1.61 46.89 22.32
CA ALA K 542 -3.05 46.76 22.23
C ALA K 542 -3.59 47.43 20.99
N THR K 543 -3.07 48.61 20.65
CA THR K 543 -3.54 49.31 19.46
C THR K 543 -3.21 48.53 18.20
N VAL K 544 -1.94 48.15 18.03
CA VAL K 544 -1.55 47.49 16.78
C VAL K 544 -2.17 46.11 16.67
N SER K 545 -2.42 45.42 17.78
CA SER K 545 -3.00 44.09 17.71
C SER K 545 -4.42 44.10 17.15
N VAL K 546 -5.19 45.14 17.47
CA VAL K 546 -6.57 45.18 16.99
C VAL K 546 -6.59 45.80 15.59
N LEU K 547 -5.69 46.74 15.33
CA LEU K 547 -5.67 47.34 14.00
C LEU K 547 -5.21 46.33 12.95
N THR K 548 -4.28 45.45 13.29
CA THR K 548 -3.84 44.45 12.34
C THR K 548 -4.88 43.35 12.14
N ASN K 549 -5.79 43.16 13.08
CA ASN K 549 -6.92 42.26 12.86
C ASN K 549 -7.99 42.92 12.00
N VAL K 550 -8.18 44.23 12.14
CA VAL K 550 -9.06 44.94 11.23
C VAL K 550 -8.54 44.84 9.81
N LEU K 551 -7.25 45.08 9.63
CA LEU K 551 -6.59 44.75 8.38
C LEU K 551 -6.54 43.24 8.22
N SER K 552 -6.08 42.79 7.06
CA SER K 552 -5.96 41.38 6.70
C SER K 552 -7.32 40.71 6.56
N SER K 553 -8.41 41.39 6.86
CA SER K 553 -9.75 40.96 6.49
C SER K 553 -10.37 41.89 5.46
N MET K 554 -9.54 42.66 4.77
CA MET K 554 -9.99 43.68 3.82
C MET K 554 -9.34 43.41 2.48
N LEU K 555 -10.15 43.43 1.43
CA LEU K 555 -9.61 43.35 0.09
C LEU K 555 -8.81 44.61 -0.21
N PRO K 556 -7.78 44.53 -1.04
CA PRO K 556 -7.01 45.74 -1.36
C PRO K 556 -7.83 46.66 -2.25
N THR K 557 -8.42 47.69 -1.64
CA THR K 557 -9.39 48.58 -2.27
C THR K 557 -9.85 49.55 -1.18
N ASP K 558 -10.45 50.66 -1.60
CA ASP K 558 -11.07 51.69 -0.77
C ASP K 558 -9.99 52.47 -0.02
N PRO K 559 -10.26 53.72 0.39
CA PRO K 559 -9.22 54.52 1.04
C PRO K 559 -8.65 53.87 2.29
N MET K 560 -9.48 53.61 3.28
CA MET K 560 -9.21 52.71 4.41
C MET K 560 -7.79 52.16 4.52
N ARG K 561 -7.46 51.17 3.69
CA ARG K 561 -6.26 50.35 3.90
C ARG K 561 -4.97 51.16 4.03
N PRO K 562 -4.68 52.13 3.14
CA PRO K 562 -3.55 53.03 3.44
C PRO K 562 -3.66 53.76 4.76
N ALA K 563 -4.86 54.20 5.14
CA ALA K 563 -5.01 54.87 6.43
C ALA K 563 -4.73 53.91 7.59
N ILE K 564 -5.19 52.66 7.49
CA ILE K 564 -4.90 51.69 8.52
C ILE K 564 -3.40 51.45 8.64
N GLN K 565 -2.72 51.30 7.50
CA GLN K 565 -1.28 51.11 7.55
C GLN K 565 -0.57 52.31 8.15
N GLY K 566 -1.00 53.52 7.81
CA GLY K 566 -0.38 54.69 8.39
C GLY K 566 -0.55 54.75 9.89
N ILE K 567 -1.76 54.46 10.37
CA ILE K 567 -1.99 54.48 11.81
C ILE K 567 -1.16 53.41 12.50
N ILE K 568 -1.06 52.22 11.91
CA ILE K 568 -0.26 51.16 12.52
C ILE K 568 1.20 51.57 12.61
N LEU K 569 1.74 52.11 11.52
CA LEU K 569 3.14 52.49 11.54
C LEU K 569 3.41 53.69 12.44
N ASP K 570 2.42 54.53 12.70
CA ASP K 570 2.60 55.62 13.66
C ASP K 570 2.89 55.11 15.06
N ASN K 571 2.24 54.02 15.47
CA ASN K 571 2.55 53.35 16.72
C ASN K 571 3.78 52.48 16.51
N ILE K 572 4.01 51.51 17.41
CA ILE K 572 5.05 50.49 17.36
C ILE K 572 6.41 51.20 17.20
N ASP K 573 7.45 50.42 16.86
CA ASP K 573 8.78 50.86 16.45
C ASP K 573 9.72 51.03 17.63
N GLY K 574 11.02 50.92 17.37
CA GLY K 574 12.04 50.92 18.39
C GLY K 574 13.18 51.89 18.12
N GLU K 575 14.40 51.38 18.05
CA GLU K 575 15.60 52.20 17.96
C GLU K 575 15.89 52.61 16.52
N GLY K 576 16.30 53.86 16.35
CA GLY K 576 16.74 54.34 15.06
C GLY K 576 15.65 54.56 14.03
N LEU K 577 14.43 54.83 14.47
CA LEU K 577 13.31 55.02 13.55
C LEU K 577 12.69 56.41 13.66
N ASP K 578 13.45 57.40 14.13
CA ASP K 578 12.88 58.72 14.31
C ASP K 578 12.59 59.42 12.99
N ASP K 579 13.53 59.36 12.04
CA ASP K 579 13.32 60.03 10.76
C ASP K 579 12.18 59.38 9.98
N PHE K 580 12.13 58.06 9.95
CA PHE K 580 11.07 57.38 9.23
C PHE K 580 9.71 57.69 9.85
N LYS K 581 9.62 57.68 11.17
CA LYS K 581 8.34 57.98 11.81
C LYS K 581 7.91 59.42 11.59
N GLU K 582 8.86 60.37 11.60
CA GLU K 582 8.49 61.74 11.28
C GLU K 582 7.99 61.87 9.85
N TYR K 583 8.66 61.21 8.90
CA TYR K 583 8.20 61.25 7.52
C TYR K 583 6.81 60.66 7.38
N ASN K 584 6.55 59.57 8.12
CA ASN K 584 5.21 59.00 8.11
C ASN K 584 4.17 59.95 8.68
N ARG K 585 4.47 60.60 9.80
CA ARG K 585 3.46 61.44 10.44
C ARG K 585 3.16 62.66 9.58
N ASN K 586 4.15 63.17 8.85
CA ASN K 586 3.87 64.30 7.96
C ASN K 586 2.80 63.96 6.94
N GLN K 587 2.98 62.83 6.24
CA GLN K 587 1.96 62.41 5.27
C GLN K 587 0.65 62.05 5.96
N LEU K 588 0.72 61.55 7.18
CA LEU K 588 -0.51 61.19 7.88
C LEU K 588 -1.33 62.41 8.25
N LEU K 589 -0.68 63.54 8.53
CA LEU K 589 -1.41 64.74 8.93
C LEU K 589 -1.73 65.68 7.77
N ILE K 590 -0.97 65.64 6.68
CA ILE K 590 -1.39 66.44 5.53
C ILE K 590 -2.58 65.83 4.81
N SER K 591 -2.97 64.62 5.17
CA SER K 591 -4.13 63.96 4.60
C SER K 591 -5.35 64.04 5.49
N GLY K 592 -5.32 64.86 6.54
CA GLY K 592 -6.45 65.03 7.41
C GLY K 592 -6.83 63.82 8.22
N ILE K 593 -5.85 63.09 8.73
CA ILE K 593 -6.10 61.93 9.58
C ILE K 593 -5.51 62.06 10.97
N ALA K 594 -4.54 62.94 11.19
CA ALA K 594 -3.80 62.96 12.43
C ALA K 594 -4.28 64.00 13.43
N LYS K 595 -4.98 65.05 12.98
CA LYS K 595 -5.45 66.09 13.90
C LYS K 595 -4.29 66.74 14.65
N PRO K 596 -3.54 67.64 14.00
CA PRO K 596 -2.40 68.31 14.63
C PRO K 596 -2.63 68.65 16.10
N ARG K 597 -1.66 68.33 16.96
CA ARG K 597 -1.84 68.57 18.39
C ARG K 597 -1.34 69.96 18.81
N ASN K 598 -1.76 70.95 18.03
CA ASN K 598 -1.76 72.37 18.43
C ASN K 598 -0.40 72.85 18.96
N GLU K 599 0.69 72.35 18.39
CA GLU K 599 1.99 72.88 18.81
C GLU K 599 2.76 73.55 17.68
N LYS K 600 3.09 72.83 16.60
CA LYS K 600 3.86 73.45 15.53
C LYS K 600 3.32 73.13 14.15
N GLU K 601 2.77 71.92 13.97
CA GLU K 601 2.39 71.49 12.64
C GLU K 601 1.11 72.15 12.16
N GLN K 602 0.21 72.52 13.07
CA GLN K 602 -1.03 73.18 12.68
C GLN K 602 -0.79 74.51 11.98
N GLN K 603 0.38 75.11 12.18
CA GLN K 603 0.67 76.42 11.62
C GLN K 603 1.83 76.40 10.63
N ILE K 604 2.55 75.29 10.51
CA ILE K 604 3.73 75.28 9.65
C ILE K 604 3.48 74.38 8.45
N VAL K 605 3.27 73.09 8.69
CA VAL K 605 3.10 72.15 7.59
C VAL K 605 1.64 72.05 7.18
N GLN K 606 0.71 72.25 8.11
CA GLN K 606 -0.70 72.20 7.75
C GLN K 606 -1.10 73.45 6.97
N GLN K 607 -0.58 74.61 7.37
CA GLN K 607 -0.85 75.82 6.61
C GLN K 607 -0.23 75.74 5.22
N ALA K 608 0.98 75.19 5.13
CA ALA K 608 1.59 74.96 3.83
C ALA K 608 0.77 73.98 3.01
N GLN K 609 0.14 73.01 3.66
CA GLN K 609 -0.76 72.10 2.94
C GLN K 609 -1.98 72.82 2.42
N MET K 610 -2.53 73.75 3.20
CA MET K 610 -3.65 74.55 2.68
C MET K 610 -3.22 75.39 1.48
N ALA K 611 -2.04 76.00 1.56
CA ALA K 611 -1.53 76.77 0.43
C ALA K 611 -1.35 75.89 -0.80
N ALA K 612 -0.75 74.70 -0.61
CA ALA K 612 -0.57 73.74 -1.68
C ALA K 612 -1.88 73.07 -2.09
N GLN K 613 -2.97 73.31 -1.36
CA GLN K 613 -4.29 72.96 -1.84
C GLN K 613 -4.84 74.05 -2.74
N SER K 614 -4.55 75.31 -2.42
CA SER K 614 -4.87 76.43 -3.28
C SER K 614 -3.81 76.65 -4.36
N GLN K 615 -2.59 76.17 -4.16
CA GLN K 615 -1.54 76.31 -5.16
C GLN K 615 -1.85 75.65 -6.50
N PRO K 616 -2.28 74.39 -6.56
CA PRO K 616 -2.39 73.73 -7.86
C PRO K 616 -3.75 73.91 -8.54
N ASN K 617 -4.63 74.74 -8.00
CA ASN K 617 -5.86 75.05 -8.72
C ASN K 617 -5.57 75.75 -10.04
N PRO K 618 -4.71 76.78 -10.11
CA PRO K 618 -4.30 77.28 -11.44
C PRO K 618 -3.63 76.23 -12.29
N GLU K 619 -2.85 75.33 -11.68
CA GLU K 619 -2.17 74.29 -12.46
C GLU K 619 -3.18 73.34 -13.10
N MET K 620 -4.22 72.95 -12.36
CA MET K 620 -5.18 72.00 -12.89
C MET K 620 -6.16 72.66 -13.86
N VAL K 621 -6.53 73.91 -13.61
CA VAL K 621 -7.37 74.60 -14.58
C VAL K 621 -6.57 74.96 -15.81
N LEU K 622 -5.24 75.02 -15.70
CA LEU K 622 -4.40 75.15 -16.88
C LEU K 622 -4.53 73.91 -17.76
N ALA K 623 -4.58 72.73 -17.16
CA ALA K 623 -4.90 71.51 -17.90
C ALA K 623 -6.36 71.49 -18.34
N GLN K 624 -7.19 72.38 -17.82
CA GLN K 624 -8.57 72.55 -18.27
C GLN K 624 -8.84 73.93 -18.84
N ALA K 625 -7.80 74.67 -19.24
CA ALA K 625 -7.98 75.97 -19.85
C ALA K 625 -8.20 75.91 -21.35
N GLN K 626 -8.05 74.73 -21.95
CA GLN K 626 -8.31 74.58 -23.38
C GLN K 626 -9.77 74.89 -23.70
N MET K 627 -10.69 74.55 -22.82
CA MET K 627 -12.07 74.98 -22.95
C MET K 627 -12.39 76.16 -22.05
N VAL K 628 -11.38 76.89 -21.57
CA VAL K 628 -11.57 78.19 -20.92
C VAL K 628 -11.22 79.33 -21.86
N ALA K 629 -10.23 79.13 -22.74
CA ALA K 629 -10.05 80.06 -23.84
C ALA K 629 -11.31 80.16 -24.69
N ALA K 630 -11.96 79.02 -24.94
CA ALA K 630 -13.26 79.02 -25.60
C ALA K 630 -14.32 79.74 -24.77
N GLN K 631 -14.31 79.54 -23.45
CA GLN K 631 -15.22 80.31 -22.58
C GLN K 631 -15.08 81.80 -22.82
N ALA K 632 -13.84 82.29 -22.77
CA ALA K 632 -13.60 83.73 -22.94
C ALA K 632 -13.99 84.20 -24.34
N GLU K 633 -13.63 83.43 -25.37
CA GLU K 633 -13.95 83.84 -26.73
C GLU K 633 -15.44 83.90 -26.96
N ALA K 634 -16.18 82.89 -26.51
CA ALA K 634 -17.63 82.92 -26.62
C ALA K 634 -18.24 84.03 -25.79
N GLN K 635 -17.71 84.27 -24.58
CA GLN K 635 -18.25 85.31 -23.73
C GLN K 635 -18.09 86.69 -24.37
N LYS K 636 -16.95 86.95 -25.00
CA LYS K 636 -16.81 88.24 -25.66
C LYS K 636 -17.58 88.33 -26.96
N ALA K 637 -17.60 87.26 -27.77
CA ALA K 637 -18.42 87.28 -28.96
C ALA K 637 -19.90 87.42 -28.63
N THR K 638 -20.29 87.08 -27.39
CA THR K 638 -21.65 87.27 -26.92
C THR K 638 -22.04 88.74 -26.86
N ASN K 639 -21.09 89.66 -26.88
CA ASN K 639 -21.38 91.09 -26.88
C ASN K 639 -20.78 91.82 -28.08
N GLU K 640 -19.82 91.22 -28.78
CA GLU K 640 -19.17 91.90 -29.90
C GLU K 640 -20.01 91.85 -31.17
N THR K 641 -20.54 90.68 -31.52
CA THR K 641 -21.31 90.54 -32.74
C THR K 641 -22.57 91.39 -32.74
N ALA K 642 -23.07 91.77 -31.55
CA ALA K 642 -24.22 92.66 -31.48
C ALA K 642 -23.95 94.02 -32.13
N GLN K 643 -22.66 94.36 -32.33
CA GLN K 643 -22.35 95.54 -33.11
C GLN K 643 -22.94 95.43 -34.52
N THR K 644 -23.12 94.22 -35.02
CA THR K 644 -23.73 94.06 -36.33
C THR K 644 -25.21 94.42 -36.31
N GLN K 645 -25.92 94.05 -35.25
CA GLN K 645 -27.30 94.49 -35.09
C GLN K 645 -27.37 96.01 -34.96
N ILE K 646 -26.46 96.59 -34.17
CA ILE K 646 -26.44 98.04 -34.02
C ILE K 646 -26.13 98.71 -35.36
N LYS K 647 -25.24 98.10 -36.15
CA LYS K 647 -24.90 98.64 -37.46
C LYS K 647 -26.08 98.54 -38.41
N ALA K 648 -26.86 97.47 -38.31
CA ALA K 648 -28.07 97.36 -39.11
C ALA K 648 -29.08 98.44 -38.72
N PHE K 649 -29.21 98.70 -37.42
CA PHE K 649 -30.10 99.77 -36.98
C PHE K 649 -29.62 101.13 -37.50
N THR K 650 -28.31 101.38 -37.45
CA THR K 650 -27.75 102.60 -38.00
C THR K 650 -27.98 102.70 -39.50
N ALA K 651 -27.84 101.58 -40.21
CA ALA K 651 -28.08 101.58 -41.64
C ALA K 651 -29.55 101.83 -41.97
N GLN K 652 -30.46 101.33 -41.15
CA GLN K 652 -31.88 101.64 -41.35
C GLN K 652 -32.15 103.12 -41.13
N GLN K 653 -31.54 103.70 -40.09
CA GLN K 653 -31.68 105.15 -39.88
C GLN K 653 -31.13 105.92 -41.07
N ASP K 654 -29.97 105.52 -41.57
CA ASP K 654 -29.39 106.20 -42.73
C ASP K 654 -30.25 105.98 -43.96
N ALA K 655 -30.94 104.85 -44.05
CA ALA K 655 -31.86 104.60 -45.17
C ALA K 655 -33.05 105.54 -45.11
N MET K 656 -33.60 105.77 -43.91
CA MET K 656 -34.66 106.76 -43.77
C MET K 656 -34.17 108.15 -44.15
N GLU K 657 -32.96 108.51 -43.71
CA GLU K 657 -32.36 109.77 -44.13
C GLU K 657 -32.28 109.87 -45.65
N SER K 658 -31.69 108.85 -46.30
CA SER K 658 -31.55 108.86 -47.74
C SER K 658 -32.89 108.86 -48.44
N GLN K 659 -33.91 108.29 -47.82
CA GLN K 659 -35.26 108.39 -48.38
C GLN K 659 -35.71 109.83 -48.42
N ALA K 660 -35.58 110.54 -47.30
CA ALA K 660 -35.91 111.97 -47.29
C ALA K 660 -35.07 112.76 -48.29
N ASN K 661 -33.77 112.48 -48.33
CA ASN K 661 -32.85 113.23 -49.19
C ASN K 661 -33.19 113.04 -50.66
N THR K 662 -33.49 111.80 -51.05
CA THR K 662 -33.78 111.54 -52.45
C THR K 662 -35.18 112.04 -52.82
N VAL K 663 -36.12 112.03 -51.88
CA VAL K 663 -37.40 112.68 -52.15
C VAL K 663 -37.17 114.17 -52.41
N TYR K 664 -36.30 114.81 -51.62
CA TYR K 664 -35.95 116.19 -51.89
C TYR K 664 -35.26 116.35 -53.24
N LYS K 665 -34.40 115.38 -53.60
CA LYS K 665 -33.73 115.41 -54.89
C LYS K 665 -34.75 115.37 -56.04
N LEU K 666 -35.77 114.52 -55.91
CA LEU K 666 -36.85 114.49 -56.89
C LEU K 666 -37.67 115.77 -56.88
N ALA K 667 -37.79 116.43 -55.73
CA ALA K 667 -38.46 117.72 -55.67
C ALA K 667 -37.69 118.83 -56.36
N GLN K 668 -36.36 118.83 -56.24
CA GLN K 668 -35.55 119.91 -56.79
C GLN K 668 -35.39 119.78 -58.31
N ALA K 669 -35.25 118.55 -58.81
CA ALA K 669 -34.89 118.35 -60.22
C ALA K 669 -35.99 118.83 -61.16
N ARG K 670 -37.22 119.02 -60.68
CA ARG K 670 -38.27 119.57 -61.53
C ARG K 670 -37.96 121.02 -61.89
N ASN K 671 -37.35 121.76 -60.97
CA ASN K 671 -37.01 123.16 -61.16
C ASN K 671 -38.25 124.00 -61.46
N MET L 1 29.22 47.90 69.14
CA MET L 1 28.81 46.51 69.05
C MET L 1 29.07 45.98 67.65
N ALA L 2 29.52 46.86 66.77
CA ALA L 2 29.65 46.59 65.35
C ALA L 2 31.13 46.65 64.95
N GLU L 3 31.37 46.62 63.63
CA GLU L 3 32.69 46.62 63.03
C GLU L 3 33.68 45.76 63.82
N THR L 4 34.66 46.41 64.47
CA THR L 4 35.62 45.67 65.28
C THR L 4 34.91 44.87 66.37
N LEU L 5 33.93 45.48 67.04
CA LEU L 5 33.13 44.75 68.01
C LEU L 5 32.30 43.71 67.28
N GLU L 6 32.60 42.44 67.53
CA GLU L 6 32.11 41.34 66.72
C GLU L 6 30.69 40.95 67.03
N LYS L 7 29.98 41.67 67.88
CA LYS L 7 28.60 41.31 68.19
C LYS L 7 27.72 41.25 66.94
N LYS L 8 28.09 41.99 65.89
CA LYS L 8 27.45 41.80 64.60
C LYS L 8 27.77 40.45 63.99
N HIS L 9 28.96 39.92 64.25
CA HIS L 9 29.37 38.69 63.58
C HIS L 9 28.58 37.48 64.07
N GLU L 10 28.25 37.39 65.36
CA GLU L 10 27.43 36.28 65.81
C GLU L 10 26.06 36.32 65.18
N ARG L 11 25.47 37.51 65.05
CA ARG L 11 24.17 37.60 64.40
C ARG L 11 24.26 37.16 62.94
N ILE L 12 25.33 37.56 62.25
CA ILE L 12 25.50 37.15 60.86
C ILE L 12 25.63 35.63 60.76
N MET L 13 26.43 35.04 61.64
CA MET L 13 26.64 33.59 61.58
C MET L 13 25.38 32.82 61.94
N LEU L 14 24.59 33.35 62.88
CA LEU L 14 23.31 32.72 63.19
C LEU L 14 22.36 32.79 62.00
N ARG L 15 22.34 33.94 61.32
CA ARG L 15 21.50 34.06 60.13
C ARG L 15 21.90 33.07 59.06
N PHE L 16 23.21 32.83 58.91
CA PHE L 16 23.63 31.83 57.92
C PHE L 16 23.05 30.46 58.24
N ASP L 17 23.10 30.04 59.50
CA ASP L 17 22.57 28.73 59.85
C ASP L 17 21.06 28.68 59.68
N ARG L 18 20.38 29.78 59.96
CA ARG L 18 18.93 29.80 59.77
C ARG L 18 18.58 29.70 58.28
N ALA L 19 19.36 30.32 57.40
CA ALA L 19 19.08 30.24 55.97
C ALA L 19 19.49 28.90 55.38
N TYR L 20 20.50 28.25 55.93
CA TYR L 20 21.01 27.03 55.35
C TYR L 20 20.12 25.83 55.65
N SER L 21 19.52 25.79 56.83
CA SER L 21 18.84 24.58 57.28
C SER L 21 17.65 24.17 56.44
N PRO L 22 16.69 25.06 56.10
CA PRO L 22 15.51 24.60 55.35
C PRO L 22 15.86 24.11 53.95
N GLN L 23 16.64 24.89 53.22
CA GLN L 23 16.99 24.57 51.83
C GLN L 23 18.20 23.65 51.76
N LYS L 24 18.19 22.58 52.53
CA LYS L 24 19.34 21.69 52.63
C LYS L 24 19.16 20.43 51.80
N GLU L 25 18.00 19.79 51.89
CA GLU L 25 17.74 18.61 51.08
C GLU L 25 17.33 18.95 49.66
N VAL L 26 16.88 20.16 49.42
CA VAL L 26 16.49 20.55 48.06
C VAL L 26 17.71 20.70 47.18
N ARG L 27 18.75 21.36 47.68
CA ARG L 27 19.94 21.61 46.87
C ARG L 27 20.78 20.36 46.64
N GLU L 28 20.67 19.38 47.53
CA GLU L 28 21.38 18.13 47.32
C GLU L 28 20.91 17.44 46.05
N LYS L 29 19.60 17.48 45.79
CA LYS L 29 19.08 16.92 44.54
C LYS L 29 19.60 17.67 43.32
N CYS L 30 19.70 19.00 43.39
CA CYS L 30 20.22 19.76 42.27
C CYS L 30 21.66 19.37 41.97
N ILE L 31 22.49 19.31 43.00
CA ILE L 31 23.88 18.94 42.79
C ILE L 31 23.99 17.52 42.27
N GLU L 32 23.21 16.59 42.83
CA GLU L 32 23.24 15.21 42.38
C GLU L 32 22.84 15.12 40.92
N ALA L 33 21.84 15.89 40.49
CA ALA L 33 21.42 15.84 39.10
C ALA L 33 22.49 16.37 38.16
N THR L 34 23.07 17.53 38.47
CA THR L 34 24.10 18.07 37.59
C THR L 34 25.26 17.09 37.46
N ARG L 35 25.71 16.54 38.59
CA ARG L 35 26.79 15.58 38.58
C ARG L 35 26.41 14.29 37.85
N PHE L 36 25.15 13.86 37.99
CA PHE L 36 24.66 12.67 37.30
C PHE L 36 24.68 12.85 35.79
N ALA L 37 24.43 14.06 35.32
CA ALA L 37 24.37 14.29 33.88
C ALA L 37 25.71 14.62 33.24
N ARG L 38 26.65 15.19 33.99
CA ARG L 38 27.85 15.74 33.35
C ARG L 38 29.14 15.00 33.68
N VAL L 39 29.37 14.65 34.93
CA VAL L 39 30.64 14.04 35.33
C VAL L 39 30.75 12.64 34.72
N PRO L 40 31.90 12.29 34.12
CA PRO L 40 31.96 11.03 33.34
C PRO L 40 31.62 9.77 34.12
N GLY L 41 32.00 9.68 35.39
CA GLY L 41 31.68 8.48 36.14
C GLY L 41 30.53 8.66 37.12
N GLY L 42 29.79 9.75 36.96
CA GLY L 42 28.87 10.19 37.98
C GLY L 42 27.56 9.43 38.06
N GLN L 43 27.27 8.57 37.10
CA GLN L 43 26.01 7.85 37.15
C GLN L 43 26.03 6.68 38.12
N TRP L 44 27.21 6.22 38.52
CA TRP L 44 27.33 5.10 39.45
C TRP L 44 27.81 5.54 40.81
N GLU L 45 27.83 6.83 41.10
CA GLU L 45 28.33 7.30 42.38
C GLU L 45 27.44 6.82 43.51
N GLY L 46 28.05 6.37 44.60
CA GLY L 46 27.32 5.73 45.65
C GLY L 46 27.77 4.28 45.81
N ALA L 47 28.00 3.60 44.70
CA ALA L 47 28.59 2.26 44.72
C ALA L 47 30.08 2.30 44.46
N THR L 48 30.49 2.72 43.26
CA THR L 48 31.89 2.81 42.86
C THR L 48 32.68 1.57 43.28
N ALA L 49 33.19 1.57 44.51
CA ALA L 49 33.99 0.46 45.03
C ALA L 49 33.07 -0.56 45.69
N ALA L 50 32.53 -1.47 44.90
CA ALA L 50 31.66 -2.54 45.40
C ALA L 50 32.06 -3.85 44.75
N GLY L 51 32.15 -4.90 45.54
CA GLY L 51 32.57 -6.19 45.02
C GLY L 51 32.50 -7.26 46.08
N THR L 52 33.01 -8.43 45.74
CA THR L 52 33.04 -9.57 46.65
C THR L 52 34.44 -10.16 46.72
N LYS L 53 34.63 -11.04 47.70
CA LYS L 53 35.94 -11.61 47.96
C LYS L 53 36.42 -12.48 46.80
N LEU L 54 35.61 -13.44 46.38
CA LEU L 54 35.90 -14.24 45.18
C LEU L 54 37.26 -14.93 45.27
N ASP L 55 37.37 -15.84 46.24
CA ASP L 55 38.61 -16.59 46.52
C ASP L 55 39.75 -15.68 46.95
N GLU L 56 39.53 -14.95 48.04
CA GLU L 56 40.55 -14.11 48.66
C GLU L 56 41.14 -13.10 47.68
N GLN L 57 40.25 -12.38 47.01
CA GLN L 57 40.62 -11.23 46.20
C GLN L 57 39.57 -10.16 46.42
N PHE L 58 39.57 -9.11 45.62
CA PHE L 58 38.46 -8.17 45.68
C PHE L 58 38.06 -7.70 44.30
N GLU L 59 37.80 -8.63 43.39
CA GLU L 59 37.27 -8.23 42.10
C GLU L 59 35.99 -7.45 42.28
N LYS L 60 35.88 -6.33 41.57
CA LYS L 60 34.74 -5.43 41.67
C LYS L 60 33.78 -5.67 40.51
N TYR L 61 32.52 -5.35 40.75
CA TYR L 61 31.51 -5.54 39.72
C TYR L 61 31.77 -4.60 38.55
N PRO L 62 31.58 -5.05 37.32
CA PRO L 62 31.67 -4.14 36.18
C PRO L 62 30.54 -3.14 36.19
N LYS L 63 30.87 -1.88 35.93
CA LYS L 63 29.93 -0.79 36.02
C LYS L 63 29.98 0.03 34.74
N PHE L 64 29.23 -0.42 33.73
CA PHE L 64 29.18 0.28 32.46
C PHE L 64 28.21 1.44 32.52
N GLU L 65 28.41 2.41 31.65
CA GLU L 65 27.64 3.66 31.68
C GLU L 65 27.29 4.06 30.26
N ILE L 66 25.99 4.15 29.97
CA ILE L 66 25.50 4.50 28.64
C ILE L 66 24.58 5.70 28.83
N ASN L 67 25.12 6.89 28.69
CA ASN L 67 24.41 8.12 29.03
C ASN L 67 23.41 8.46 27.94
N LYS L 68 22.12 8.34 28.24
CA LYS L 68 21.08 8.67 27.28
C LYS L 68 20.13 9.75 27.79
N VAL L 69 20.39 10.34 28.95
CA VAL L 69 19.51 11.38 29.47
C VAL L 69 19.96 12.79 29.08
N ALA L 70 21.07 12.92 28.38
CA ALA L 70 21.63 14.24 28.09
C ALA L 70 21.21 14.79 26.72
N THR L 71 20.66 13.96 25.84
CA THR L 71 20.36 14.44 24.49
C THR L 71 19.28 15.52 24.51
N GLU L 72 18.19 15.29 25.24
CA GLU L 72 17.13 16.29 25.31
C GLU L 72 17.61 17.55 26.02
N LEU L 73 18.45 17.41 27.03
CA LEU L 73 19.01 18.57 27.69
C LEU L 73 19.83 19.41 26.73
N ASN L 74 20.67 18.77 25.92
CA ASN L 74 21.45 19.49 24.94
C ASN L 74 20.55 20.16 23.91
N ARG L 75 19.48 19.50 23.51
CA ARG L 75 18.54 20.12 22.58
C ARG L 75 17.93 21.38 23.18
N ILE L 76 17.52 21.33 24.45
CA ILE L 76 16.95 22.49 25.09
C ILE L 76 17.96 23.62 25.17
N ILE L 77 19.20 23.32 25.53
CA ILE L 77 20.21 24.37 25.66
C ILE L 77 20.49 25.01 24.31
N ALA L 78 20.55 24.20 23.24
CA ALA L 78 20.73 24.76 21.91
C ALA L 78 19.57 25.66 21.52
N GLU L 79 18.34 25.28 21.89
CA GLU L 79 17.20 26.13 21.62
C GLU L 79 17.37 27.53 22.17
N TYR L 80 17.89 27.68 23.39
CA TYR L 80 18.14 29.00 23.93
C TYR L 80 19.32 29.68 23.27
N ARG L 81 20.44 28.97 23.08
CA ARG L 81 21.60 29.64 22.52
C ARG L 81 21.37 30.10 21.09
N ASN L 82 20.34 29.57 20.43
CA ASN L 82 19.96 30.10 19.12
C ASN L 82 19.26 31.46 19.25
N ASN L 83 18.39 31.62 20.23
CA ASN L 83 17.60 32.83 20.41
C ASN L 83 17.79 33.31 21.86
N ARG L 84 18.57 34.38 22.04
CA ARG L 84 19.13 34.63 23.36
C ARG L 84 18.30 35.55 24.25
N ILE L 85 17.55 36.50 23.68
CA ILE L 85 16.63 37.43 24.33
C ILE L 85 17.27 38.27 25.43
N THR L 86 16.85 39.53 25.54
CA THR L 86 17.43 40.47 26.50
C THR L 86 16.36 41.49 26.90
N VAL L 87 16.78 42.55 27.59
CA VAL L 87 15.86 43.57 28.12
C VAL L 87 15.48 44.55 27.01
N LYS L 88 14.30 45.16 27.13
CA LYS L 88 13.73 45.94 26.04
C LYS L 88 13.51 47.41 26.34
N PHE L 89 12.88 47.75 27.46
CA PHE L 89 12.56 49.14 27.82
C PHE L 89 11.62 49.78 26.80
N ARG L 90 10.38 49.30 26.80
CA ARG L 90 9.35 49.88 25.95
C ARG L 90 9.04 51.31 26.35
N PRO L 91 8.64 52.16 25.40
CA PRO L 91 8.29 53.55 25.75
C PRO L 91 6.90 53.67 26.34
N GLY L 92 6.47 54.89 26.58
CA GLY L 92 5.13 55.15 27.07
C GLY L 92 4.39 56.15 26.21
N ASP L 93 3.32 56.73 26.74
CA ASP L 93 2.52 57.73 26.01
C ASP L 93 2.86 59.10 26.59
N ARG L 94 3.87 59.74 26.00
CA ARG L 94 4.34 61.03 26.48
C ARG L 94 5.09 61.71 25.35
N GLU L 95 5.37 63.00 25.55
CA GLU L 95 6.03 63.77 24.50
C GLU L 95 7.47 63.31 24.29
N ALA L 96 8.17 62.92 25.35
CA ALA L 96 9.59 62.64 25.26
C ALA L 96 9.98 61.22 25.65
N SER L 97 9.02 60.32 25.87
CA SER L 97 9.36 58.98 26.31
C SER L 97 10.13 58.19 25.26
N GLU L 98 9.97 58.53 23.99
CA GLU L 98 10.68 57.79 22.94
C GLU L 98 12.19 57.94 23.07
N GLU L 99 12.67 59.18 23.18
CA GLU L 99 14.10 59.41 23.33
C GLU L 99 14.63 58.81 24.62
N LEU L 100 13.83 58.89 25.69
CA LEU L 100 14.25 58.31 26.96
C LEU L 100 14.43 56.81 26.83
N ALA L 101 13.48 56.12 26.19
CA ALA L 101 13.63 54.69 26.00
C ALA L 101 14.84 54.35 25.14
N ASN L 102 15.06 55.12 24.07
CA ASN L 102 16.21 54.86 23.22
C ASN L 102 17.51 55.00 23.99
N LYS L 103 17.65 56.08 24.76
CA LYS L 103 18.86 56.29 25.54
C LYS L 103 19.05 55.17 26.56
N LEU L 104 17.98 54.77 27.23
CA LEU L 104 18.10 53.77 28.29
C LEU L 104 18.54 52.43 27.71
N ASN L 105 17.91 51.97 26.65
CA ASN L 105 18.31 50.66 26.16
C ASN L 105 19.50 50.72 25.22
N GLY L 106 20.06 51.91 24.96
CA GLY L 106 21.42 51.97 24.45
C GLY L 106 22.45 51.85 25.55
N LEU L 107 22.22 52.52 26.68
CA LEU L 107 23.12 52.38 27.82
C LEU L 107 23.16 50.94 28.32
N PHE L 108 22.01 50.28 28.39
CA PHE L 108 21.99 48.90 28.86
C PHE L 108 22.77 47.99 27.93
N ARG L 109 22.63 48.18 26.63
CA ARG L 109 23.41 47.37 25.69
C ARG L 109 24.89 47.60 25.87
N ALA L 110 25.29 48.86 26.07
CA ALA L 110 26.71 49.14 26.30
C ALA L 110 27.21 48.41 27.54
N ASP L 111 26.43 48.42 28.62
CA ASP L 111 26.86 47.73 29.83
C ASP L 111 26.91 46.22 29.63
N TYR L 112 25.97 45.66 28.88
CA TYR L 112 25.90 44.22 28.69
C TYR L 112 27.02 43.72 27.79
N GLU L 113 27.36 44.46 26.73
CA GLU L 113 28.36 43.99 25.78
C GLU L 113 29.78 44.10 26.32
N GLU L 114 30.11 45.21 26.97
CA GLU L 114 31.48 45.46 27.39
C GLU L 114 31.83 44.80 28.72
N THR L 115 31.00 43.89 29.19
CA THR L 115 31.24 43.14 30.41
C THR L 115 30.81 41.70 30.18
N ASP L 116 30.62 40.92 31.24
CA ASP L 116 30.42 39.49 31.12
C ASP L 116 28.95 39.13 31.08
N GLY L 117 28.14 39.94 30.39
CA GLY L 117 26.71 39.67 30.34
C GLY L 117 26.36 38.37 29.65
N GLY L 118 26.94 38.11 28.48
CA GLY L 118 26.59 36.92 27.73
C GLY L 118 26.99 35.65 28.45
N GLU L 119 28.20 35.65 29.00
CA GLU L 119 28.66 34.50 29.79
C GLU L 119 27.77 34.27 31.00
N ALA L 120 27.39 35.34 31.69
CA ALA L 120 26.54 35.19 32.86
C ALA L 120 25.19 34.59 32.50
N CYS L 121 24.57 35.09 31.44
CA CYS L 121 23.26 34.56 31.05
C CYS L 121 23.36 33.11 30.60
N ASP L 122 24.38 32.78 29.81
CA ASP L 122 24.52 31.40 29.36
C ASP L 122 24.74 30.45 30.53
N ASN L 123 25.60 30.83 31.46
CA ASN L 123 25.85 29.98 32.62
C ASN L 123 24.59 29.80 33.45
N ALA L 124 23.86 30.89 33.68
CA ALA L 124 22.65 30.81 34.48
C ALA L 124 21.63 29.89 33.83
N PHE L 125 21.41 30.03 32.53
CA PHE L 125 20.42 29.17 31.88
C PHE L 125 20.86 27.73 31.89
N ASP L 126 22.15 27.47 31.67
CA ASP L 126 22.63 26.10 31.67
C ASP L 126 22.39 25.45 33.03
N ASP L 127 22.70 26.16 34.11
CA ASP L 127 22.49 25.60 35.43
C ASP L 127 21.02 25.43 35.76
N ALA L 128 20.18 26.38 35.31
CA ALA L 128 18.75 26.26 35.55
C ALA L 128 18.16 25.05 34.83
N ALA L 129 18.57 24.81 33.59
CA ALA L 129 18.02 23.68 32.86
C ALA L 129 18.58 22.34 33.32
N THR L 130 19.82 22.30 33.80
CA THR L 130 20.39 21.02 34.23
C THR L 130 19.91 20.61 35.61
N GLY L 131 20.20 21.41 36.63
CA GLY L 131 19.85 21.05 37.98
C GLY L 131 18.53 21.63 38.43
N GLY L 132 18.32 22.92 38.18
CA GLY L 132 17.07 23.54 38.53
C GLY L 132 17.21 24.93 39.14
N PHE L 133 18.43 25.35 39.42
CA PHE L 133 18.66 26.65 40.04
C PHE L 133 19.87 27.31 39.39
N GLY L 134 19.74 28.61 39.13
CA GLY L 134 20.84 29.39 38.58
C GLY L 134 20.73 30.84 39.01
N CYS L 135 21.81 31.57 38.88
CA CYS L 135 21.84 32.93 39.37
C CYS L 135 22.93 33.71 38.66
N PHE L 136 22.81 35.03 38.67
CA PHE L 136 23.90 35.91 38.25
C PHE L 136 23.80 37.22 39.01
N ARG L 137 24.91 37.93 39.05
CA ARG L 137 25.08 39.10 39.90
C ARG L 137 25.04 40.36 39.05
N LEU L 138 24.89 41.50 39.72
CA LEU L 138 24.82 42.80 39.07
C LEU L 138 25.52 43.80 39.97
N THR L 139 26.79 44.08 39.69
CA THR L 139 27.62 44.92 40.55
C THR L 139 27.91 46.25 39.88
N SER L 140 28.72 47.07 40.55
CA SER L 140 29.14 48.37 40.02
C SER L 140 30.64 48.51 40.22
N MET L 141 31.40 48.44 39.12
CA MET L 141 32.84 48.50 39.16
C MET L 141 33.33 49.87 38.73
N LEU L 142 34.60 50.15 39.05
CA LEU L 142 35.21 51.46 38.83
C LEU L 142 36.07 51.42 37.58
N VAL L 143 35.70 52.23 36.59
CA VAL L 143 36.50 52.42 35.39
C VAL L 143 36.04 53.65 34.62
N ARG L 152 33.35 57.70 35.39
CA ARG L 152 34.35 56.97 36.15
C ARG L 152 33.71 55.91 37.04
N GLN L 153 32.41 55.69 36.85
CA GLN L 153 31.70 54.62 37.51
C GLN L 153 30.87 53.87 36.47
N ARG L 154 30.65 52.59 36.71
CA ARG L 154 30.03 51.75 35.69
C ARG L 154 29.23 50.66 36.39
N ILE L 155 28.23 50.16 35.68
CA ILE L 155 27.46 49.00 36.11
C ILE L 155 27.91 47.80 35.30
N ALA L 156 28.23 46.71 35.98
CA ALA L 156 28.72 45.51 35.31
C ALA L 156 27.85 44.31 35.70
N ILE L 157 27.78 43.35 34.79
CA ILE L 157 27.02 42.11 35.00
C ILE L 157 28.03 40.98 35.08
N GLU L 158 27.93 40.17 36.13
CA GLU L 158 28.92 39.15 36.39
C GLU L 158 28.25 37.79 36.59
N PRO L 159 28.93 36.72 36.23
CA PRO L 159 28.39 35.38 36.47
C PRO L 159 28.67 34.88 37.88
N ILE L 160 27.85 33.91 38.29
CA ILE L 160 28.01 33.22 39.57
C ILE L 160 28.16 31.74 39.28
N TYR L 161 29.21 31.14 39.81
CA TYR L 161 29.53 29.74 39.56
C TYR L 161 29.18 28.90 40.78
N ASP L 162 28.53 27.75 40.53
CA ASP L 162 27.99 26.87 41.55
C ASP L 162 26.91 27.55 42.37
N PRO L 163 25.81 27.97 41.76
CA PRO L 163 24.77 28.66 42.52
C PRO L 163 24.09 27.78 43.55
N SER L 164 24.06 26.46 43.33
CA SER L 164 23.32 25.59 44.24
C SER L 164 23.89 25.61 45.64
N ARG L 165 25.22 25.70 45.75
CA ARG L 165 25.89 25.67 47.03
C ARG L 165 26.52 26.99 47.41
N SER L 166 26.09 28.09 46.81
CA SER L 166 26.70 29.39 47.04
C SER L 166 25.73 30.49 47.43
N VAL L 167 24.49 30.45 46.94
CA VAL L 167 23.53 31.53 47.17
C VAL L 167 22.48 31.08 48.16
N TRP L 168 22.33 31.83 49.24
CA TRP L 168 21.35 31.53 50.28
C TRP L 168 20.62 32.81 50.63
N PHE L 169 19.29 32.72 50.71
CA PHE L 169 18.43 33.88 50.91
C PHE L 169 17.77 33.85 52.28
N ASP L 170 17.12 34.95 52.61
CA ASP L 170 16.26 35.00 53.77
C ASP L 170 15.14 33.96 53.64
N PRO L 171 14.95 33.09 54.64
CA PRO L 171 13.91 32.07 54.51
C PRO L 171 12.50 32.63 54.54
N ASP L 172 12.37 33.94 54.73
CA ASP L 172 11.07 34.59 54.75
C ASP L 172 10.66 35.15 53.40
N ALA L 173 11.51 35.07 52.39
CA ALA L 173 11.16 35.51 51.06
C ALA L 173 10.50 34.37 50.31
N LYS L 174 9.34 34.65 49.70
CA LYS L 174 8.56 33.62 49.05
C LYS L 174 8.35 33.85 47.56
N LYS L 175 8.54 35.07 47.08
CA LYS L 175 8.22 35.36 45.69
C LYS L 175 9.30 34.78 44.77
N TYR L 176 8.99 34.75 43.48
CA TYR L 176 9.90 34.18 42.50
C TYR L 176 11.23 34.91 42.49
N ASP L 177 11.18 36.24 42.50
CA ASP L 177 12.38 37.06 42.37
C ASP L 177 12.98 37.46 43.70
N LYS L 178 12.44 36.98 44.82
CA LYS L 178 12.97 37.28 46.14
C LYS L 178 13.00 38.78 46.41
N SER L 179 11.97 39.47 45.96
CA SER L 179 11.89 40.91 46.19
C SER L 179 11.77 41.23 47.67
N ASP L 180 11.02 40.42 48.41
CA ASP L 180 10.75 40.67 49.82
C ASP L 180 11.75 39.99 50.73
N ALA L 181 13.04 40.16 50.44
CA ALA L 181 14.10 39.60 51.25
C ALA L 181 14.90 40.71 51.90
N LEU L 182 15.43 40.42 53.09
CA LEU L 182 16.15 41.42 53.85
C LEU L 182 17.64 41.15 53.96
N TRP L 183 18.10 39.96 53.59
CA TRP L 183 19.54 39.68 53.55
C TRP L 183 19.78 38.46 52.69
N ALA L 184 21.02 38.29 52.26
CA ALA L 184 21.39 37.16 51.41
C ALA L 184 22.89 36.92 51.54
N PHE L 185 23.31 35.74 51.07
CA PHE L 185 24.70 35.33 51.13
C PHE L 185 25.17 34.89 49.74
N CYS L 186 26.47 35.03 49.48
CA CYS L 186 27.06 34.62 48.21
C CYS L 186 28.48 34.11 48.49
N MET L 187 28.65 32.80 48.52
CA MET L 187 29.94 32.19 48.81
C MET L 187 30.76 32.03 47.54
N TYR L 188 32.07 32.04 47.70
CA TYR L 188 32.97 31.68 46.60
C TYR L 188 34.28 31.16 47.18
N SER L 189 34.89 30.23 46.45
CA SER L 189 36.12 29.59 46.88
C SER L 189 37.33 30.43 46.50
N LEU L 190 38.44 30.18 47.18
CA LEU L 190 39.63 31.01 47.07
C LEU L 190 40.85 30.15 47.37
N SER L 191 42.01 30.63 46.97
CA SER L 191 43.26 29.94 47.23
C SER L 191 44.06 30.68 48.30
N PRO L 192 44.89 29.96 49.06
CA PRO L 192 45.64 30.60 50.15
C PRO L 192 46.54 31.74 49.68
N GLU L 193 47.14 31.59 48.51
CA GLU L 193 48.00 32.65 47.97
C GLU L 193 47.21 33.87 47.56
N LYS L 194 46.07 33.70 46.91
CA LYS L 194 45.23 34.85 46.58
C LYS L 194 44.60 35.45 47.83
N TYR L 195 44.29 34.64 48.84
CA TYR L 195 43.88 35.18 50.11
C TYR L 195 44.95 36.05 50.74
N GLU L 196 46.21 35.61 50.65
CA GLU L 196 47.29 36.37 51.27
C GLU L 196 47.65 37.61 50.45
N ALA L 197 47.34 37.61 49.15
CA ALA L 197 47.60 38.78 48.32
C ALA L 197 46.97 40.04 48.91
N GLU L 198 45.65 40.05 49.03
CA GLU L 198 44.97 41.08 49.81
C GLU L 198 44.67 40.52 51.19
N TYR L 199 43.88 41.26 51.97
CA TYR L 199 43.51 40.84 53.31
C TYR L 199 44.73 40.63 54.21
N GLY L 200 45.92 40.97 53.72
CA GLY L 200 47.12 40.93 54.53
C GLY L 200 47.58 39.53 54.86
N LYS L 201 48.63 39.47 55.67
CA LYS L 201 49.15 38.19 56.14
C LYS L 201 48.08 37.43 56.89
N LYS L 202 47.46 38.09 57.87
CA LYS L 202 46.27 37.61 58.57
C LYS L 202 46.59 36.32 59.33
N PRO L 203 45.74 35.91 60.27
CA PRO L 203 45.80 34.55 60.76
C PRO L 203 45.68 33.54 59.62
N PRO L 204 45.89 32.26 59.90
CA PRO L 204 45.97 31.28 58.80
C PRO L 204 44.64 30.95 58.15
N THR L 205 43.64 31.81 58.34
CA THR L 205 42.33 31.80 57.67
C THR L 205 41.36 30.87 58.38
N SER L 206 40.09 31.25 58.43
CA SER L 206 39.04 30.42 58.98
C SER L 206 37.89 30.38 57.97
N LEU L 207 37.83 29.34 57.17
CA LEU L 207 36.82 29.27 56.12
C LEU L 207 35.45 28.90 56.69
N ASP L 208 34.41 29.19 55.92
CA ASP L 208 33.06 28.81 56.28
C ASP L 208 32.86 27.31 56.12
N VAL L 209 31.77 26.81 56.70
CA VAL L 209 31.46 25.39 56.69
C VAL L 209 30.01 25.18 56.26
N THR L 210 29.79 24.25 55.33
CA THR L 210 28.46 23.82 54.93
C THR L 210 28.22 22.34 55.15
N SER L 211 29.27 21.52 55.07
CA SER L 211 29.14 20.06 55.13
C SER L 211 28.16 19.56 54.07
N MET L 212 28.32 20.09 52.86
CA MET L 212 27.36 19.85 51.78
C MET L 212 27.90 18.94 50.69
N THR L 213 29.00 19.32 50.04
CA THR L 213 29.54 18.58 48.92
C THR L 213 30.60 17.59 49.39
N SER L 214 31.36 17.05 48.43
CA SER L 214 32.24 15.90 48.60
C SER L 214 31.41 14.67 48.94
N TRP L 215 30.09 14.83 48.93
CA TRP L 215 29.15 13.74 49.14
C TRP L 215 29.17 12.89 47.87
N GLU L 216 29.78 11.70 47.96
CA GLU L 216 30.07 10.87 46.80
C GLU L 216 31.01 11.61 45.83
N TYR L 217 32.25 11.84 46.28
CA TYR L 217 33.25 12.61 45.55
C TYR L 217 34.64 12.46 46.14
N ASN L 218 35.66 12.60 45.31
CA ASN L 218 37.05 12.50 45.73
C ASN L 218 37.65 13.87 45.99
N TRP L 219 38.35 13.98 47.12
CA TRP L 219 38.93 15.26 47.52
C TRP L 219 40.44 15.15 47.46
N PHE L 220 41.07 16.19 46.91
CA PHE L 220 42.52 16.28 46.86
C PHE L 220 42.99 17.70 47.16
N GLY L 221 42.07 18.65 47.07
CA GLY L 221 42.44 20.06 47.16
C GLY L 221 42.30 20.64 48.56
N ALA L 222 43.42 21.07 49.13
CA ALA L 222 43.40 21.76 50.41
C ALA L 222 43.29 23.26 50.19
N ASP L 223 43.16 23.67 48.93
CA ASP L 223 43.02 25.08 48.57
C ASP L 223 41.54 25.44 48.64
N VAL L 224 41.02 25.41 49.86
CA VAL L 224 39.58 25.56 50.07
C VAL L 224 39.18 27.00 50.30
N ILE L 225 39.63 27.59 51.41
CA ILE L 225 39.23 28.90 51.93
C ILE L 225 37.95 29.44 51.31
N TYR L 226 36.81 29.19 51.96
CA TYR L 226 35.52 29.65 51.50
C TYR L 226 35.19 31.00 52.12
N ILE L 227 34.99 32.01 51.28
CA ILE L 227 34.65 33.35 51.70
C ILE L 227 33.25 33.66 51.19
N ALA L 228 32.53 34.54 51.89
CA ALA L 228 31.17 34.87 51.48
C ALA L 228 30.96 36.37 51.55
N LYS L 229 30.03 36.84 50.72
CA LYS L 229 29.57 38.22 50.74
C LYS L 229 28.21 38.29 51.42
N TYR L 230 27.98 39.35 52.17
CA TYR L 230 26.77 39.52 52.96
C TYR L 230 26.08 40.82 52.57
N TYR L 231 24.78 40.74 52.31
CA TYR L 231 23.99 41.89 51.86
C TYR L 231 22.96 42.23 52.92
N GLU L 232 22.91 43.48 53.32
CA GLU L 232 21.95 43.99 54.29
C GLU L 232 21.09 45.04 53.61
N VAL L 233 19.85 45.16 54.05
CA VAL L 233 18.99 46.28 53.67
C VAL L 233 18.48 46.94 54.93
N ARG L 234 18.70 48.25 55.04
CA ARG L 234 18.34 49.01 56.23
C ARG L 234 17.51 50.21 55.83
N LYS L 235 16.76 50.73 56.79
CA LYS L 235 15.97 51.93 56.53
C LYS L 235 16.81 53.19 56.68
N GLU L 236 17.30 53.46 57.89
CA GLU L 236 18.12 54.63 58.17
C GLU L 236 17.39 55.94 57.89
N SER L 237 17.97 57.04 58.35
CA SER L 237 17.43 58.37 58.12
C SER L 237 18.48 59.21 57.42
N VAL L 238 18.08 59.83 56.31
CA VAL L 238 18.97 60.65 55.51
C VAL L 238 18.32 62.01 55.32
N ASP L 239 19.13 63.06 55.38
CA ASP L 239 18.65 64.44 55.31
C ASP L 239 18.74 64.92 53.86
N VAL L 240 17.61 65.27 53.28
CA VAL L 240 17.60 65.92 51.98
C VAL L 240 17.73 67.42 52.22
N ILE L 241 18.76 68.02 51.64
CA ILE L 241 19.15 69.40 51.92
C ILE L 241 19.05 70.21 50.64
N SER L 242 17.98 69.97 49.88
CA SER L 242 17.72 70.50 48.54
C SER L 242 18.26 71.87 48.21
N TYR L 243 18.99 71.97 47.09
CA TYR L 243 19.46 73.24 46.55
C TYR L 243 18.55 73.66 45.39
N ARG L 244 17.31 73.94 45.71
CA ARG L 244 16.37 74.37 44.67
C ARG L 244 16.82 75.75 44.18
N HIS L 245 17.67 75.76 43.17
CA HIS L 245 18.20 77.00 42.65
C HIS L 245 17.13 77.67 41.80
N PRO L 246 16.70 78.90 42.14
CA PRO L 246 15.58 79.51 41.41
C PRO L 246 15.84 79.68 39.92
N ILE L 247 17.09 79.98 39.53
CA ILE L 247 17.39 80.22 38.13
C ILE L 247 17.44 78.89 37.38
N THR L 248 17.45 78.98 36.05
CA THR L 248 17.37 77.84 35.13
C THR L 248 16.43 76.76 35.66
N GLY L 249 15.23 77.20 36.04
CA GLY L 249 14.23 76.29 36.58
C GLY L 249 14.66 75.69 37.90
N GLU L 250 14.91 74.39 37.90
CA GLU L 250 15.45 73.67 39.06
C GLU L 250 14.54 73.84 40.27
N ILE L 251 13.35 73.27 40.14
CA ILE L 251 12.34 73.23 41.20
C ILE L 251 12.39 71.85 41.86
N ALA L 252 12.21 71.81 43.17
CA ALA L 252 12.12 70.55 43.91
C ALA L 252 13.39 69.70 43.69
N THR L 253 14.50 70.28 44.12
CA THR L 253 15.83 69.74 43.88
C THR L 253 16.15 68.66 44.92
N TYR L 254 17.27 67.96 44.69
CA TYR L 254 17.65 66.75 45.40
C TYR L 254 18.56 66.99 46.58
N ASP L 255 19.78 67.39 46.26
CA ASP L 255 20.91 67.68 47.12
C ASP L 255 20.86 66.81 48.37
N SER L 256 20.90 65.49 48.18
CA SER L 256 20.89 64.57 49.32
C SER L 256 22.16 64.75 50.16
N ASP L 257 22.22 64.01 51.25
CA ASP L 257 23.35 64.14 52.17
C ASP L 257 24.66 63.74 51.50
N GLN L 258 24.64 62.67 50.73
CA GLN L 258 25.87 62.06 50.22
C GLN L 258 26.41 62.72 48.97
N VAL L 259 25.75 63.75 48.43
CA VAL L 259 26.28 64.44 47.26
C VAL L 259 27.07 65.67 47.66
N GLU L 260 26.67 66.34 48.75
CA GLU L 260 27.32 67.60 49.12
C GLU L 260 28.79 67.39 49.45
N ASP L 261 29.11 66.33 50.21
CA ASP L 261 30.50 66.10 50.58
C ASP L 261 31.38 65.83 49.37
N ILE L 262 30.92 65.00 48.45
CA ILE L 262 31.66 64.74 47.22
C ILE L 262 31.64 65.95 46.31
N GLU L 263 30.46 66.55 46.12
CA GLU L 263 30.29 67.68 45.20
C GLU L 263 30.58 68.96 45.97
N ASP L 264 31.83 69.39 45.90
CA ASP L 264 32.28 70.65 46.50
C ASP L 264 32.59 71.62 45.38
N GLU L 265 31.54 72.25 44.84
CA GLU L 265 31.66 73.32 43.87
C GLU L 265 31.71 74.68 44.53
N LEU L 266 31.68 74.72 45.86
CA LEU L 266 31.60 75.95 46.63
C LEU L 266 30.30 76.71 46.34
N ALA L 267 29.26 75.97 45.96
CA ALA L 267 27.90 76.50 45.79
C ALA L 267 27.91 77.71 44.86
N ILE L 268 28.33 77.48 43.62
CA ILE L 268 28.45 78.57 42.66
C ILE L 268 27.07 79.14 42.34
N ALA L 269 26.15 78.30 41.90
CA ALA L 269 24.82 78.73 41.48
C ALA L 269 23.75 77.80 42.05
N GLY L 270 23.82 77.52 43.35
CA GLY L 270 22.87 76.59 43.92
C GLY L 270 21.92 77.11 44.98
N PHE L 271 22.38 78.03 45.83
CA PHE L 271 21.63 78.48 47.00
C PHE L 271 21.31 77.33 47.95
N HIS L 272 20.70 77.64 49.09
CA HIS L 272 20.45 76.61 50.11
C HIS L 272 18.98 76.47 50.45
N GLU L 273 18.29 77.61 50.67
CA GLU L 273 16.87 77.67 51.02
C GLU L 273 16.45 76.54 51.96
N VAL L 274 15.29 75.95 51.73
CA VAL L 274 14.80 74.90 52.62
C VAL L 274 15.69 73.67 52.45
N ALA L 275 16.35 73.27 53.53
CA ALA L 275 17.27 72.16 53.51
C ALA L 275 17.17 71.33 54.78
N ARG L 276 16.06 71.44 55.49
CA ARG L 276 15.99 70.84 56.80
C ARG L 276 14.87 69.81 56.87
N ARG L 277 14.72 69.02 55.82
CA ARG L 277 13.76 67.93 55.79
C ARG L 277 14.51 66.62 55.82
N SER L 278 14.23 65.80 56.83
CA SER L 278 14.86 64.50 57.01
C SER L 278 13.86 63.40 56.68
N VAL L 279 14.26 62.49 55.80
CA VAL L 279 13.36 61.46 55.27
C VAL L 279 13.99 60.11 55.49
N LYS L 280 13.15 59.11 55.76
CA LYS L 280 13.58 57.72 55.83
C LYS L 280 13.64 57.16 54.42
N ARG L 281 14.77 56.59 54.05
CA ARG L 281 14.96 55.98 52.75
C ARG L 281 15.28 54.50 52.94
N ARG L 282 15.70 53.84 51.88
CA ARG L 282 16.03 52.43 51.90
C ARG L 282 17.38 52.24 51.22
N ARG L 283 18.34 51.69 51.95
CA ARG L 283 19.68 51.49 51.40
C ARG L 283 20.14 50.06 51.64
N VAL L 284 21.13 49.66 50.84
CA VAL L 284 21.67 48.30 50.85
C VAL L 284 23.16 48.36 51.15
N TYR L 285 23.61 47.50 52.06
CA TYR L 285 25.00 47.44 52.48
C TYR L 285 25.60 46.08 52.12
N VAL L 286 26.90 46.08 51.84
CA VAL L 286 27.59 44.84 51.50
C VAL L 286 28.81 44.68 52.37
N SER L 287 29.16 43.42 52.65
CA SER L 287 30.26 43.10 53.54
C SER L 287 30.87 41.77 53.11
N VAL L 288 32.12 41.55 53.49
CA VAL L 288 32.82 40.30 53.22
C VAL L 288 33.23 39.71 54.56
N VAL L 289 32.84 38.46 54.79
CA VAL L 289 33.04 37.80 56.07
C VAL L 289 33.65 36.43 55.84
N ASP L 290 34.21 35.87 56.92
CA ASP L 290 34.65 34.49 56.93
C ASP L 290 34.23 33.89 58.27
N GLY L 291 34.77 32.73 58.61
CA GLY L 291 34.40 32.09 59.85
C GLY L 291 34.95 32.75 61.09
N ASP L 292 35.86 33.72 60.94
CA ASP L 292 36.49 34.38 62.08
C ASP L 292 35.97 35.81 62.30
N GLY L 293 36.03 36.66 61.28
CA GLY L 293 35.62 38.04 61.46
C GLY L 293 35.30 38.74 60.16
N PHE L 294 35.53 40.05 60.11
CA PHE L 294 35.25 40.85 58.94
C PHE L 294 36.51 41.02 58.11
N LEU L 295 36.48 40.52 56.88
CA LEU L 295 37.56 40.83 55.95
C LEU L 295 37.41 42.23 55.37
N GLU L 296 36.17 42.70 55.17
CA GLU L 296 35.90 44.05 54.70
C GLU L 296 34.70 44.60 55.46
N LYS L 297 34.86 45.77 56.04
CA LYS L 297 33.80 46.38 56.82
C LYS L 297 32.65 46.81 55.92
N PRO L 298 31.43 46.87 56.44
CA PRO L 298 30.27 47.18 55.59
C PRO L 298 30.36 48.54 54.93
N ARG L 299 29.84 48.60 53.71
CA ARG L 299 29.74 49.85 52.97
C ARG L 299 28.50 49.77 52.08
N ARG L 300 27.95 50.92 51.72
CA ARG L 300 26.69 50.94 50.98
C ARG L 300 26.95 50.93 49.48
N ILE L 301 26.16 50.13 48.78
CA ILE L 301 26.25 50.00 47.33
C ILE L 301 25.17 50.87 46.69
N PRO L 302 25.37 51.35 45.47
CA PRO L 302 24.46 52.36 44.90
C PRO L 302 23.16 51.78 44.34
N GLY L 303 22.18 51.55 45.21
CA GLY L 303 20.92 51.01 44.74
C GLY L 303 19.90 50.96 45.84
N GLU L 304 18.80 50.26 45.55
CA GLU L 304 17.73 50.04 46.51
C GLU L 304 17.38 48.57 46.68
N HIS L 305 17.74 47.72 45.74
CA HIS L 305 17.42 46.30 45.75
C HIS L 305 18.67 45.47 46.02
N ILE L 306 18.45 44.22 46.43
CA ILE L 306 19.54 43.25 46.50
C ILE L 306 19.95 42.87 45.08
N PRO L 307 21.21 42.96 44.72
CA PRO L 307 21.60 42.77 43.31
C PRO L 307 21.74 41.34 42.84
N LEU L 308 21.13 40.38 43.52
CA LEU L 308 21.17 38.97 43.10
C LEU L 308 19.91 38.63 42.32
N ILE L 309 20.08 37.96 41.19
CA ILE L 309 18.99 37.67 40.27
C ILE L 309 18.88 36.16 40.10
N PRO L 310 17.92 35.51 40.74
CA PRO L 310 17.80 34.05 40.61
C PRO L 310 17.11 33.64 39.33
N VAL L 311 17.48 32.45 38.85
CA VAL L 311 16.86 31.83 37.68
C VAL L 311 16.48 30.40 38.05
N TYR L 312 15.25 30.01 37.75
CA TYR L 312 14.74 28.68 38.09
C TYR L 312 14.27 27.98 36.84
N GLY L 313 14.41 26.66 36.83
CA GLY L 313 13.87 25.85 35.75
C GLY L 313 12.37 25.67 35.91
N LYS L 314 11.96 25.05 37.02
CA LYS L 314 10.56 24.94 37.40
C LYS L 314 10.51 25.10 38.91
N ARG L 315 9.71 26.05 39.39
CA ARG L 315 9.69 26.38 40.81
C ARG L 315 8.28 26.36 41.36
N TRP L 316 8.11 25.74 42.53
CA TRP L 316 6.83 25.69 43.22
C TRP L 316 7.07 25.89 44.70
N PHE L 317 6.00 26.21 45.42
CA PHE L 317 6.02 26.44 46.85
C PHE L 317 5.01 25.49 47.48
N ILE L 318 5.48 24.45 48.16
CA ILE L 318 4.63 23.33 48.56
C ILE L 318 4.31 23.35 50.05
N ASP L 319 5.31 23.16 50.91
CA ASP L 319 5.07 23.16 52.35
C ASP L 319 6.11 24.03 53.03
N ASP L 320 5.86 25.35 53.03
CA ASP L 320 6.77 26.34 53.61
C ASP L 320 8.17 26.25 53.03
N ILE L 321 8.36 25.45 51.98
CA ILE L 321 9.66 25.20 51.38
C ILE L 321 9.54 25.41 49.89
N GLU L 322 10.46 26.18 49.32
CA GLU L 322 10.54 26.36 47.88
C GLU L 322 11.20 25.15 47.25
N ARG L 323 10.60 24.62 46.19
CA ARG L 323 11.09 23.40 45.54
C ARG L 323 11.32 23.65 44.06
N VAL L 324 12.45 23.16 43.55
CA VAL L 324 12.85 23.39 42.17
C VAL L 324 13.05 22.05 41.49
N GLU L 325 13.08 22.07 40.16
CA GLU L 325 13.30 20.87 39.39
C GLU L 325 13.92 21.22 38.04
N GLY L 326 14.84 20.38 37.59
CA GLY L 326 15.50 20.60 36.32
C GLY L 326 14.86 19.80 35.20
N HIS L 327 15.67 19.10 34.40
CA HIS L 327 15.14 18.31 33.30
C HIS L 327 15.65 16.88 33.31
N ILE L 328 16.34 16.45 34.37
CA ILE L 328 16.87 15.09 34.44
C ILE L 328 16.53 14.39 35.74
N ALA L 329 15.96 15.09 36.72
CA ALA L 329 15.67 14.44 37.99
C ALA L 329 14.67 13.30 37.82
N LYS L 330 13.73 13.44 36.89
CA LYS L 330 12.69 12.44 36.72
C LYS L 330 13.18 11.18 36.03
N ALA L 331 14.31 11.24 35.33
CA ALA L 331 14.78 10.11 34.53
C ALA L 331 15.93 9.37 35.18
N MET L 332 16.20 9.62 36.47
CA MET L 332 17.36 8.99 37.09
C MET L 332 17.14 7.51 37.32
N ASP L 333 15.95 7.11 37.79
CA ASP L 333 15.74 5.70 38.09
C ASP L 333 15.78 4.81 36.86
N PRO L 334 15.05 5.10 35.78
CA PRO L 334 15.18 4.26 34.58
C PRO L 334 16.59 4.21 34.02
N GLN L 335 17.34 5.31 34.06
CA GLN L 335 18.69 5.30 33.51
C GLN L 335 19.60 4.38 34.31
N ARG L 336 19.60 4.51 35.62
CA ARG L 336 20.49 3.71 36.43
C ARG L 336 19.99 2.28 36.62
N LEU L 337 18.78 1.99 36.17
CA LEU L 337 18.35 0.60 36.08
C LEU L 337 18.76 -0.03 34.75
N TYR L 338 18.73 0.77 33.68
CA TYR L 338 19.22 0.33 32.38
C TYR L 338 20.70 0.00 32.42
N ASN L 339 21.49 0.84 33.08
CA ASN L 339 22.92 0.55 33.22
C ASN L 339 23.15 -0.78 33.90
N LEU L 340 22.41 -1.04 34.98
CA LEU L 340 22.56 -2.31 35.68
C LEU L 340 22.19 -3.48 34.79
N GLN L 341 21.12 -3.35 34.01
CA GLN L 341 20.74 -4.44 33.12
C GLN L 341 21.85 -4.77 32.14
N VAL L 342 22.43 -3.75 31.50
CA VAL L 342 23.48 -4.01 30.51
C VAL L 342 24.70 -4.63 31.17
N SER L 343 25.10 -4.09 32.34
CA SER L 343 26.28 -4.62 33.01
C SER L 343 26.08 -6.07 33.41
N MET L 344 24.89 -6.41 33.90
CA MET L 344 24.64 -7.79 34.29
C MET L 344 24.58 -8.73 33.09
N LEU L 345 24.10 -8.26 31.94
CA LEU L 345 24.09 -9.12 30.77
C LEU L 345 25.49 -9.39 30.23
N ALA L 346 26.38 -8.40 30.30
CA ALA L 346 27.69 -8.53 29.66
C ALA L 346 28.47 -9.72 30.23
N ASP L 347 28.62 -9.79 31.55
CA ASP L 347 29.45 -10.85 32.10
C ASP L 347 28.78 -12.23 32.04
N THR L 348 27.47 -12.29 32.13
CA THR L 348 26.78 -13.56 31.91
C THR L 348 27.06 -14.08 30.51
N ALA L 349 27.04 -13.20 29.51
CA ALA L 349 27.42 -13.62 28.17
C ALA L 349 28.87 -14.07 28.12
N ALA L 350 29.75 -13.35 28.82
CA ALA L 350 31.17 -13.67 28.77
C ALA L 350 31.54 -14.93 29.54
N GLN L 351 30.66 -15.46 30.37
CA GLN L 351 31.02 -16.62 31.19
C GLN L 351 31.09 -17.93 30.41
N ASP L 352 30.12 -18.21 29.55
CA ASP L 352 30.03 -19.50 28.86
C ASP L 352 29.84 -19.28 27.36
N PRO L 353 30.94 -19.13 26.62
CA PRO L 353 30.79 -18.76 25.20
C PRO L 353 30.31 -19.90 24.31
N GLY L 354 30.82 -21.12 24.48
CA GLY L 354 30.50 -22.19 23.55
C GLY L 354 30.16 -23.51 24.18
N GLN L 355 30.40 -24.60 23.45
CA GLN L 355 30.08 -25.95 23.89
C GLN L 355 31.32 -26.82 23.91
N ILE L 356 31.45 -27.65 24.94
CA ILE L 356 32.57 -28.58 25.05
C ILE L 356 32.02 -29.98 25.32
N PRO L 357 32.49 -31.00 24.61
CA PRO L 357 32.03 -32.36 24.93
C PRO L 357 32.54 -32.84 26.28
N ILE L 358 31.77 -33.74 26.89
CA ILE L 358 32.07 -34.29 28.19
C ILE L 358 32.25 -35.79 28.04
N VAL L 359 33.38 -36.32 28.51
CA VAL L 359 33.72 -37.73 28.37
C VAL L 359 34.28 -38.24 29.69
N GLY L 360 34.30 -39.56 29.84
CA GLY L 360 34.97 -40.19 30.95
C GLY L 360 36.46 -40.35 30.71
N MET L 361 37.22 -40.45 31.80
CA MET L 361 38.67 -40.48 31.67
C MET L 361 39.15 -41.71 30.92
N GLU L 362 38.58 -42.87 31.22
CA GLU L 362 38.99 -44.12 30.61
C GLU L 362 38.45 -44.27 29.21
N GLN L 363 37.46 -43.46 28.83
CA GLN L 363 36.85 -43.52 27.51
C GLN L 363 37.70 -42.88 26.43
N ILE L 364 38.69 -42.05 26.79
CA ILE L 364 39.47 -41.29 25.83
C ILE L 364 40.96 -41.42 26.04
N ARG L 365 41.41 -42.12 27.07
CA ARG L 365 42.84 -42.22 27.35
C ARG L 365 43.57 -42.87 26.19
N GLY L 366 44.66 -42.25 25.75
CA GLY L 366 45.42 -42.74 24.63
C GLY L 366 44.96 -42.25 23.26
N LEU L 367 43.88 -41.48 23.20
CA LEU L 367 43.36 -40.98 21.93
C LEU L 367 43.24 -39.46 21.93
N GLU L 368 43.93 -38.77 22.84
CA GLU L 368 43.74 -37.33 22.96
C GLU L 368 44.28 -36.58 21.75
N LYS L 369 45.36 -37.06 21.14
CA LYS L 369 45.96 -36.31 20.05
C LYS L 369 45.05 -36.23 18.82
N HIS L 370 44.15 -37.19 18.64
CA HIS L 370 43.23 -37.10 17.52
C HIS L 370 42.14 -36.08 17.77
N TRP L 371 41.64 -35.99 19.00
CA TRP L 371 40.61 -35.02 19.33
C TRP L 371 41.19 -33.62 19.49
N GLU L 372 42.48 -33.50 19.75
CA GLU L 372 43.08 -32.18 19.92
C GLU L 372 43.16 -31.44 18.59
N ALA L 373 43.40 -32.17 17.50
CA ALA L 373 43.65 -31.56 16.19
C ALA L 373 42.53 -31.82 15.21
N ARG L 374 41.29 -31.90 15.68
CA ARG L 374 40.19 -32.20 14.78
C ARG L 374 39.82 -31.03 13.88
N ASN L 375 40.32 -29.83 14.15
CA ASN L 375 39.99 -28.67 13.33
C ASN L 375 41.10 -28.27 12.38
N LYS L 376 42.32 -28.77 12.56
CA LYS L 376 43.39 -28.52 11.62
C LYS L 376 43.49 -29.62 10.58
N LYS L 377 43.74 -30.84 11.02
CA LYS L 377 43.74 -31.98 10.12
C LYS L 377 42.31 -32.32 9.75
N ARG L 378 42.17 -33.12 8.70
CA ARG L 378 40.86 -33.45 8.15
C ARG L 378 40.62 -34.94 8.36
N PRO L 379 40.26 -35.35 9.57
CA PRO L 379 40.15 -36.78 9.85
C PRO L 379 38.92 -37.39 9.19
N ALA L 380 39.08 -38.63 8.75
CA ALA L 380 37.95 -39.34 8.17
C ALA L 380 36.95 -39.75 9.23
N PHE L 381 37.39 -39.89 10.47
CA PHE L 381 36.51 -40.24 11.58
C PHE L 381 37.27 -39.95 12.87
N LEU L 382 36.57 -40.11 13.99
CA LEU L 382 37.17 -39.94 15.29
C LEU L 382 36.93 -41.19 16.13
N PRO L 383 37.94 -41.71 16.82
CA PRO L 383 37.76 -42.93 17.61
C PRO L 383 37.41 -42.64 19.06
N LEU L 384 36.64 -43.56 19.65
CA LEU L 384 36.30 -43.48 21.05
C LEU L 384 35.90 -44.86 21.53
N ARG L 385 36.01 -45.07 22.84
CA ARG L 385 35.67 -46.35 23.45
C ARG L 385 34.28 -46.29 24.05
N GLU L 386 33.77 -47.46 24.44
CA GLU L 386 32.48 -47.57 25.08
C GLU L 386 32.64 -47.51 26.59
N VAL L 387 31.51 -47.34 27.28
CA VAL L 387 31.49 -47.26 28.73
C VAL L 387 31.27 -48.66 29.28
N ARG L 388 32.17 -49.10 30.14
CA ARG L 388 32.11 -50.44 30.72
C ARG L 388 32.05 -50.34 32.23
N ASP L 389 31.28 -51.23 32.84
CA ASP L 389 31.12 -51.26 34.28
C ASP L 389 32.25 -52.10 34.88
N LYS L 390 32.14 -52.44 36.17
CA LYS L 390 33.22 -53.13 36.85
C LYS L 390 33.39 -54.57 36.40
N SER L 391 32.38 -55.17 35.78
CA SER L 391 32.47 -56.54 35.30
C SER L 391 32.94 -56.65 33.85
N GLY L 392 33.05 -55.53 33.15
CA GLY L 392 33.42 -55.56 31.75
C GLY L 392 32.28 -55.54 30.76
N ASN L 393 31.05 -55.32 31.22
CA ASN L 393 29.90 -55.25 30.34
C ASN L 393 29.72 -53.85 29.80
N ILE L 394 29.14 -53.75 28.61
CA ILE L 394 28.93 -52.46 27.96
C ILE L 394 27.58 -51.90 28.38
N ILE L 395 27.58 -50.66 28.85
CA ILE L 395 26.34 -50.05 29.33
C ILE L 395 25.96 -48.85 28.47
N ALA L 396 26.92 -48.23 27.80
CA ALA L 396 26.66 -47.06 26.98
C ALA L 396 27.50 -47.13 25.71
N GLY L 397 27.12 -46.32 24.73
CA GLY L 397 27.78 -46.31 23.45
C GLY L 397 29.05 -45.47 23.45
N ALA L 398 29.63 -45.33 22.26
CA ALA L 398 30.89 -44.64 22.07
C ALA L 398 30.75 -43.13 21.92
N THR L 399 29.53 -42.60 21.93
CA THR L 399 29.33 -41.18 21.81
C THR L 399 29.66 -40.47 23.13
N PRO L 400 30.01 -39.18 23.08
CA PRO L 400 30.19 -38.43 24.33
C PRO L 400 28.91 -38.37 25.14
N ALA L 401 29.06 -38.28 26.46
CA ALA L 401 27.91 -38.28 27.34
C ALA L 401 27.02 -37.07 27.10
N GLY L 402 27.61 -35.90 26.91
CA GLY L 402 26.83 -34.70 26.71
C GLY L 402 27.71 -33.52 26.37
N TYR L 403 27.10 -32.34 26.37
CA TYR L 403 27.78 -31.10 26.08
C TYR L 403 27.39 -30.05 27.10
N THR L 404 28.24 -29.05 27.26
CA THR L 404 27.92 -27.94 28.14
C THR L 404 26.90 -27.01 27.47
N GLN L 405 26.30 -26.15 28.27
CA GLN L 405 25.31 -25.24 27.72
C GLN L 405 25.89 -23.85 27.54
N PRO L 406 25.53 -23.14 26.49
CA PRO L 406 25.96 -21.74 26.37
C PRO L 406 25.01 -20.78 27.07
N ALA L 407 25.33 -19.49 27.08
CA ALA L 407 24.56 -18.50 27.82
C ALA L 407 23.16 -18.35 27.24
N VAL L 408 22.24 -17.82 28.05
CA VAL L 408 20.82 -17.97 27.72
C VAL L 408 20.04 -16.66 27.61
N MET L 409 20.42 -15.62 28.36
CA MET L 409 19.72 -14.32 28.35
C MET L 409 18.24 -14.48 28.75
N ASN L 410 18.03 -14.64 30.05
CA ASN L 410 16.69 -14.77 30.59
C ASN L 410 15.76 -13.66 30.12
N GLN L 411 14.45 -13.93 30.19
CA GLN L 411 13.44 -13.08 29.57
C GLN L 411 13.20 -11.78 30.34
N ALA L 412 13.25 -11.84 31.67
CA ALA L 412 12.95 -10.64 32.46
C ALA L 412 13.94 -9.53 32.18
N LEU L 413 15.20 -9.87 31.96
CA LEU L 413 16.21 -8.87 31.65
C LEU L 413 15.91 -8.19 30.30
N ALA L 414 15.48 -8.96 29.30
CA ALA L 414 15.15 -8.36 28.01
C ALA L 414 13.95 -7.43 28.14
N ALA L 415 12.94 -7.85 28.89
CA ALA L 415 11.78 -6.99 29.10
C ALA L 415 12.17 -5.70 29.81
N LEU L 416 13.03 -5.78 30.82
CA LEU L 416 13.49 -4.58 31.50
C LEU L 416 14.29 -3.66 30.59
N LEU L 417 15.17 -4.23 29.76
CA LEU L 417 15.92 -3.40 28.81
C LEU L 417 14.98 -2.60 27.94
N GLN L 418 14.02 -3.28 27.31
CA GLN L 418 13.10 -2.55 26.43
C GLN L 418 12.28 -1.51 27.20
N GLN L 419 11.77 -1.88 28.37
CA GLN L 419 10.90 -0.97 29.12
C GLN L 419 11.64 0.27 29.57
N THR L 420 12.84 0.12 30.13
CA THR L 420 13.58 1.28 30.61
C THR L 420 14.03 2.16 29.45
N SER L 421 14.48 1.56 28.35
CA SER L 421 14.88 2.36 27.20
C SER L 421 13.70 3.16 26.66
N ALA L 422 12.51 2.57 26.61
CA ALA L 422 11.33 3.29 26.16
C ALA L 422 10.89 4.37 27.15
N ASP L 423 11.05 4.12 28.45
CA ASP L 423 10.59 5.08 29.45
C ASP L 423 11.48 6.31 29.55
N ILE L 424 12.77 6.17 29.26
CA ILE L 424 13.63 7.35 29.30
C ILE L 424 13.15 8.39 28.30
N GLN L 425 12.78 7.96 27.09
CA GLN L 425 12.29 8.91 26.10
C GLN L 425 10.92 9.46 26.44
N GLU L 426 10.10 8.68 27.14
CA GLU L 426 8.76 9.14 27.50
C GLU L 426 8.80 10.21 28.58
N VAL L 427 9.63 10.00 29.60
CA VAL L 427 9.68 10.95 30.70
C VAL L 427 10.22 12.30 30.23
N THR L 428 11.29 12.29 29.44
CA THR L 428 11.96 13.51 29.02
C THR L 428 11.46 13.88 27.63
N GLY L 429 10.53 14.83 27.57
CA GLY L 429 9.98 15.30 26.31
C GLY L 429 9.37 14.21 25.47
N MET L 450 0.45 27.70 19.28
CA MET L 450 0.39 26.32 19.72
C MET L 450 1.68 25.60 19.37
N ASN L 451 2.37 26.11 18.36
CA ASN L 451 3.64 25.51 17.96
C ASN L 451 4.65 25.57 19.08
N ARG L 452 4.78 26.74 19.71
CA ARG L 452 5.78 26.92 20.76
C ARG L 452 5.45 26.08 21.99
N ALA L 453 4.18 26.03 22.37
CA ALA L 453 3.81 25.38 23.62
C ALA L 453 4.00 23.87 23.54
N ASP L 454 3.97 23.30 22.35
CA ASP L 454 4.19 21.87 22.19
C ASP L 454 5.61 21.43 22.52
N MET L 455 6.58 22.32 22.40
CA MET L 455 7.96 21.94 22.66
C MET L 455 8.22 21.83 24.15
N ALA L 456 9.19 21.00 24.49
CA ALA L 456 9.53 20.75 25.89
C ALA L 456 10.36 21.86 26.51
N SER L 457 10.84 22.80 25.70
CA SER L 457 11.70 23.86 26.19
C SER L 457 10.96 25.15 26.49
N PHE L 458 9.63 25.16 26.42
CA PHE L 458 8.90 26.42 26.55
C PHE L 458 8.97 26.96 27.97
N ILE L 459 8.84 26.09 28.97
CA ILE L 459 8.73 26.58 30.34
C ILE L 459 10.04 27.20 30.81
N TYR L 460 11.18 26.63 30.43
CA TYR L 460 12.46 27.21 30.81
C TYR L 460 12.66 28.57 30.15
N LEU L 461 12.35 28.68 28.87
CA LEU L 461 12.47 29.94 28.16
C LEU L 461 11.50 30.98 28.67
N ASP L 462 10.36 30.57 29.20
CA ASP L 462 9.44 31.51 29.81
C ASP L 462 9.90 31.96 31.19
N ASN L 463 10.46 31.07 31.99
CA ASN L 463 10.99 31.45 33.29
C ASN L 463 12.26 32.30 33.19
N MET L 464 13.00 32.21 32.09
CA MET L 464 14.12 33.12 31.90
C MET L 464 13.69 34.55 31.64
N ALA L 465 12.57 34.75 30.94
CA ALA L 465 12.10 36.09 30.65
C ALA L 465 11.72 36.84 31.91
N LYS L 466 11.06 36.18 32.85
CA LYS L 466 10.64 36.85 34.06
C LYS L 466 11.77 37.03 35.06
N SER L 467 12.92 36.41 34.82
CA SER L 467 14.13 36.79 35.55
C SER L 467 14.80 38.01 34.92
N LEU L 468 14.84 38.05 33.59
CA LEU L 468 15.37 39.22 32.93
C LEU L 468 14.57 40.48 33.21
N LYS L 469 13.26 40.36 33.38
CA LYS L 469 12.46 41.51 33.79
C LYS L 469 12.90 42.05 35.14
N ARG L 470 13.18 41.19 36.11
CA ARG L 470 13.65 41.64 37.41
C ARG L 470 15.03 42.26 37.31
N ALA L 471 15.89 41.69 36.47
CA ALA L 471 17.20 42.28 36.25
C ALA L 471 17.10 43.69 35.70
N GLY L 472 16.18 43.92 34.77
CA GLY L 472 15.97 45.27 34.27
C GLY L 472 15.50 46.24 35.33
N GLU L 473 14.62 45.79 36.23
CA GLU L 473 14.16 46.65 37.32
C GLU L 473 15.30 47.03 38.25
N VAL L 474 16.14 46.06 38.63
CA VAL L 474 17.28 46.36 39.48
C VAL L 474 18.26 47.30 38.78
N TRP L 475 18.53 47.08 37.51
CA TRP L 475 19.40 47.98 36.76
C TRP L 475 18.84 49.40 36.71
N LEU L 476 17.55 49.57 36.45
CA LEU L 476 16.97 50.91 36.46
C LEU L 476 17.09 51.58 37.82
N SER L 477 16.80 50.85 38.89
CA SER L 477 16.94 51.44 40.22
C SER L 477 18.37 51.79 40.55
N MET L 478 19.33 51.06 39.99
CA MET L 478 20.73 51.24 40.33
C MET L 478 21.46 52.17 39.36
N ALA L 479 20.89 52.42 38.18
CA ALA L 479 21.54 53.29 37.21
C ALA L 479 21.29 54.77 37.47
N ARG L 480 20.29 55.10 38.27
CA ARG L 480 20.01 56.49 38.55
C ARG L 480 21.08 57.11 39.43
N GLU L 481 21.63 56.35 40.35
CA GLU L 481 22.65 56.86 41.26
C GLU L 481 24.04 56.83 40.65
N VAL L 482 24.23 56.13 39.54
CA VAL L 482 25.51 56.11 38.85
C VAL L 482 25.56 57.09 37.67
N TYR L 483 24.50 57.19 36.88
CA TYR L 483 24.47 58.07 35.73
C TYR L 483 23.66 59.35 35.95
N GLY L 484 22.83 59.40 36.96
CA GLY L 484 22.02 60.58 37.23
C GLY L 484 20.65 60.51 36.55
N SER L 485 19.73 61.32 37.07
CA SER L 485 18.40 61.37 36.49
C SER L 485 18.44 62.05 35.13
N GLU L 486 17.46 61.72 34.29
CA GLU L 486 17.51 62.17 32.91
C GLU L 486 16.94 63.57 32.72
N ARG L 487 15.64 63.74 32.98
CA ARG L 487 14.96 65.03 32.89
C ARG L 487 14.92 65.51 31.43
N GLU L 488 13.97 66.37 31.09
CA GLU L 488 13.86 66.91 29.75
C GLU L 488 13.12 68.24 29.80
N VAL L 489 13.68 69.24 29.12
CA VAL L 489 13.07 70.56 29.04
C VAL L 489 13.10 71.07 27.60
N ARG L 510 15.89 65.94 23.64
CA ARG L 510 17.18 65.51 24.15
C ARG L 510 17.06 64.94 25.56
N GLN L 511 18.13 64.35 26.08
CA GLN L 511 18.17 63.78 27.42
C GLN L 511 19.53 64.07 28.03
N THR L 512 19.61 65.12 28.83
CA THR L 512 20.87 65.57 29.40
C THR L 512 20.92 65.25 30.90
N GLY L 513 22.01 64.63 31.34
CA GLY L 513 22.12 64.20 32.72
C GLY L 513 22.84 65.18 33.64
N ALA L 514 23.79 64.66 34.42
CA ALA L 514 24.45 65.41 35.47
C ALA L 514 25.49 66.36 34.90
N VAL L 515 26.28 66.96 35.79
CA VAL L 515 27.44 67.76 35.41
C VAL L 515 28.74 67.09 35.83
N VAL L 516 28.86 66.73 37.11
CA VAL L 516 30.08 66.10 37.60
C VAL L 516 29.76 64.74 38.24
N ALA L 517 28.88 64.74 39.25
CA ALA L 517 28.27 63.50 39.75
C ALA L 517 27.07 63.90 40.58
N LEU L 518 25.86 63.64 40.07
CA LEU L 518 24.66 63.97 40.83
C LEU L 518 23.51 63.12 40.34
N ASN L 519 22.48 63.02 41.18
CA ASN L 519 21.36 62.10 40.99
C ASN L 519 20.08 62.83 40.62
N ASP L 520 19.73 63.87 41.37
CA ASP L 520 18.44 64.54 41.30
C ASP L 520 17.39 63.61 41.87
N LEU L 521 16.41 64.17 42.58
CA LEU L 521 15.45 63.39 43.30
C LEU L 521 14.13 64.14 43.24
N SER L 522 13.04 63.42 43.52
CA SER L 522 11.70 63.96 43.33
C SER L 522 11.47 64.32 41.87
N VAL L 523 12.06 63.55 40.96
CA VAL L 523 11.74 63.62 39.56
C VAL L 523 10.73 62.55 39.16
N GLY L 524 10.59 61.49 39.95
CA GLY L 524 9.51 60.54 39.76
C GLY L 524 9.89 59.34 38.92
N ARG L 525 8.97 58.39 38.89
CA ARG L 525 9.14 57.19 38.09
C ARG L 525 9.21 57.54 36.60
N TYR L 526 10.08 56.84 35.89
CA TYR L 526 10.19 57.04 34.45
C TYR L 526 8.96 56.51 33.74
N ASP L 527 8.78 56.94 32.50
CA ASP L 527 7.63 56.55 31.69
C ASP L 527 7.94 55.40 30.74
N VAL L 528 8.74 54.43 31.18
CA VAL L 528 9.05 53.27 30.38
C VAL L 528 8.56 52.02 31.10
N THR L 529 8.49 50.92 30.36
CA THR L 529 8.09 49.64 30.90
C THR L 529 9.13 48.59 30.53
N VAL L 530 9.45 47.71 31.48
CA VAL L 530 10.45 46.68 31.26
C VAL L 530 9.81 45.52 30.52
N ASP L 531 10.46 45.06 29.46
CA ASP L 531 10.00 43.94 28.68
C ASP L 531 11.20 43.12 28.25
N VAL L 532 10.98 42.14 27.38
CA VAL L 532 12.07 41.36 26.81
C VAL L 532 11.89 41.30 25.30
N GLY L 533 13.01 41.09 24.62
CA GLY L 533 13.03 40.98 23.18
C GLY L 533 14.33 40.36 22.72
N PRO L 534 14.47 40.16 21.42
CA PRO L 534 15.67 39.50 20.90
C PRO L 534 16.93 40.31 21.21
N SER L 535 18.03 39.60 21.38
CA SER L 535 19.31 40.20 21.74
C SER L 535 20.10 40.51 20.48
N TYR L 536 20.51 41.77 20.33
CA TYR L 536 21.22 42.24 19.15
C TYR L 536 22.58 42.78 19.55
N THR L 537 23.59 42.51 18.71
CA THR L 537 24.93 42.97 19.00
C THR L 537 25.09 44.46 18.77
N ALA L 538 24.48 44.99 17.71
CA ALA L 538 24.59 46.39 17.36
C ALA L 538 23.20 46.97 17.12
N ARG L 539 23.11 48.30 17.16
CA ARG L 539 21.83 48.96 16.96
C ARG L 539 21.31 48.76 15.54
N ARG L 540 22.21 48.72 14.56
CA ARG L 540 21.78 48.55 13.18
C ARG L 540 20.99 47.27 12.99
N ASP L 541 21.41 46.20 13.67
CA ASP L 541 20.66 44.95 13.59
C ASP L 541 19.25 45.14 14.11
N ALA L 542 19.10 45.87 15.22
CA ALA L 542 17.78 46.11 15.78
C ALA L 542 16.91 46.90 14.82
N THR L 543 17.49 47.90 14.14
CA THR L 543 16.72 48.68 13.19
C THR L 543 16.26 47.83 12.02
N VAL L 544 17.20 47.14 11.36
CA VAL L 544 16.83 46.40 10.17
C VAL L 544 15.93 45.22 10.48
N SER L 545 16.04 44.64 11.68
CA SER L 545 15.20 43.50 12.02
C SER L 545 13.73 43.88 12.09
N VAL L 546 13.41 45.07 12.61
CA VAL L 546 12.02 45.47 12.74
C VAL L 546 11.54 46.06 11.42
N LEU L 547 12.45 46.74 10.70
CA LEU L 547 12.04 47.31 9.43
C LEU L 547 11.72 46.23 8.40
N THR L 548 12.47 45.13 8.41
CA THR L 548 12.17 44.05 7.48
C THR L 548 10.95 43.24 7.89
N ASN L 549 10.55 43.29 9.16
CA ASN L 549 9.28 42.69 9.54
C ASN L 549 8.11 43.58 9.14
N VAL L 550 8.28 44.90 9.21
CA VAL L 550 7.26 45.80 8.66
C VAL L 550 7.09 45.56 7.18
N LEU L 551 8.20 45.45 6.46
CA LEU L 551 8.16 44.99 5.09
C LEU L 551 7.75 43.53 5.07
N SER L 552 7.50 43.00 3.88
CA SER L 552 7.10 41.61 3.66
C SER L 552 5.71 41.31 4.21
N SER L 553 5.08 42.26 4.89
CA SER L 553 3.65 42.20 5.20
C SER L 553 2.88 43.25 4.42
N MET L 554 3.47 43.80 3.38
CA MET L 554 2.87 44.87 2.60
C MET L 554 2.84 44.45 1.13
N LEU L 555 1.69 44.63 0.50
CA LEU L 555 1.59 44.37 -0.92
C LEU L 555 2.43 45.39 -1.68
N PRO L 556 2.93 45.04 -2.87
CA PRO L 556 3.68 46.04 -3.65
C PRO L 556 2.74 47.12 -4.17
N THR L 557 2.72 48.26 -3.49
CA THR L 557 1.78 49.35 -3.72
C THR L 557 2.09 50.41 -2.66
N ASP L 558 1.62 51.64 -2.91
CA ASP L 558 1.70 52.80 -2.03
C ASP L 558 3.15 53.27 -1.94
N PRO L 559 3.40 54.54 -1.59
CA PRO L 559 4.78 55.02 -1.54
C PRO L 559 5.68 54.22 -0.62
N MET L 560 5.38 54.21 0.68
CA MET L 560 5.92 53.28 1.67
C MET L 560 7.10 52.41 1.22
N ARG L 561 6.84 51.39 0.42
CA ARG L 561 7.78 50.30 0.19
C ARG L 561 9.15 50.77 -0.30
N PRO L 562 9.24 51.62 -1.34
CA PRO L 562 10.55 52.22 -1.64
C PRO L 562 11.18 52.97 -0.48
N ALA L 563 10.39 53.68 0.32
CA ALA L 563 10.97 54.38 1.47
C ALA L 563 11.52 53.39 2.50
N ILE L 564 10.79 52.30 2.75
CA ILE L 564 11.29 51.28 3.67
C ILE L 564 12.58 50.68 3.15
N GLN L 565 12.65 50.37 1.86
CA GLN L 565 13.89 49.81 1.32
C GLN L 565 15.04 50.79 1.41
N GLY L 566 14.81 52.06 1.13
CA GLY L 566 15.86 53.04 1.25
C GLY L 566 16.37 53.16 2.68
N ILE L 567 15.45 53.18 3.65
CA ILE L 567 15.86 53.28 5.04
C ILE L 567 16.65 52.04 5.45
N ILE L 568 16.22 50.86 5.01
CA ILE L 568 16.95 49.64 5.35
C ILE L 568 18.36 49.67 4.78
N LEU L 569 18.48 50.03 3.50
CA LEU L 569 19.79 50.02 2.87
C LEU L 569 20.69 51.13 3.40
N ASP L 570 20.12 52.19 3.98
CA ASP L 570 20.94 53.20 4.64
C ASP L 570 21.70 52.64 5.84
N ASN L 571 21.06 51.77 6.61
CA ASN L 571 21.72 51.04 7.68
C ASN L 571 22.50 49.88 7.07
N ILE L 572 22.87 48.90 7.89
CA ILE L 572 23.53 47.65 7.50
C ILE L 572 24.79 47.99 6.72
N ASP L 573 25.37 46.98 6.05
CA ASP L 573 26.45 47.09 5.06
C ASP L 573 27.82 47.01 5.71
N GLY L 574 28.81 46.58 4.92
CA GLY L 574 30.16 46.33 5.38
C GLY L 574 31.24 46.93 4.51
N GLU L 575 32.15 46.11 4.03
CA GLU L 575 33.34 46.57 3.33
C GLU L 575 33.05 46.92 1.87
N GLY L 576 33.62 48.03 1.42
CA GLY L 576 33.57 48.36 0.01
C GLY L 576 32.23 48.84 -0.51
N LEU L 577 31.41 49.46 0.34
CA LEU L 577 30.09 49.95 -0.07
C LEU L 577 29.95 51.45 0.12
N ASP L 578 31.05 52.21 -0.01
CA ASP L 578 30.97 53.64 0.20
C ASP L 578 30.20 54.33 -0.91
N ASP L 579 30.52 54.02 -2.16
CA ASP L 579 29.87 54.69 -3.28
C ASP L 579 28.39 54.34 -3.35
N PHE L 580 28.06 53.06 -3.17
CA PHE L 580 26.66 52.66 -3.22
C PHE L 580 25.86 53.32 -2.11
N LYS L 581 26.40 53.36 -0.89
CA LYS L 581 25.67 53.98 0.20
C LYS L 581 25.50 55.48 0.01
N GLU L 582 26.53 56.16 -0.52
CA GLU L 582 26.38 57.58 -0.80
C GLU L 582 25.33 57.82 -1.88
N TYR L 583 25.33 57.00 -2.94
CA TYR L 583 24.32 57.15 -3.98
C TYR L 583 22.93 56.93 -3.43
N ASN L 584 22.77 55.93 -2.55
CA ASN L 584 21.47 55.71 -1.93
C ASN L 584 21.05 56.89 -1.07
N ARG L 585 21.95 57.42 -0.25
CA ARG L 585 21.57 58.51 0.63
C ARG L 585 21.19 59.75 -0.17
N ASN L 586 21.84 59.98 -1.30
CA ASN L 586 21.48 61.14 -2.11
C ASN L 586 20.02 61.08 -2.55
N GLN L 587 19.61 59.97 -3.15
CA GLN L 587 18.22 59.83 -3.53
C GLN L 587 17.30 59.78 -2.32
N LEU L 588 17.83 59.38 -1.17
CA LEU L 588 17.01 59.36 0.04
C LEU L 588 16.69 60.76 0.53
N LEU L 589 17.62 61.71 0.42
CA LEU L 589 17.30 63.03 0.93
C LEU L 589 16.78 63.99 -0.12
N ILE L 590 17.00 63.71 -1.41
CA ILE L 590 16.33 64.55 -2.42
C ILE L 590 14.84 64.30 -2.46
N SER L 591 14.38 63.22 -1.83
CA SER L 591 12.97 62.91 -1.75
C SER L 591 12.35 63.32 -0.42
N GLY L 592 13.07 64.08 0.39
CA GLY L 592 12.52 64.57 1.64
C GLY L 592 12.25 63.51 2.69
N ILE L 593 13.13 62.54 2.83
CA ILE L 593 12.99 61.51 3.85
C ILE L 593 14.15 61.49 4.84
N ALA L 594 15.29 62.10 4.52
CA ALA L 594 16.47 61.91 5.34
C ALA L 594 16.76 63.05 6.31
N LYS L 595 16.20 64.26 6.08
CA LYS L 595 16.45 65.38 6.98
C LYS L 595 17.94 65.71 7.09
N PRO L 596 18.51 66.38 6.07
CA PRO L 596 19.93 66.74 6.10
C PRO L 596 20.45 67.14 7.48
N ARG L 597 21.60 66.60 7.87
CA ARG L 597 22.13 66.87 9.20
C ARG L 597 23.06 68.09 9.21
N ASN L 598 22.58 69.16 8.58
CA ASN L 598 23.07 70.52 8.77
C ASN L 598 24.59 70.65 8.63
N GLU L 599 25.19 69.90 7.71
CA GLU L 599 26.62 70.09 7.48
C GLU L 599 26.93 70.54 6.05
N LYS L 600 26.57 69.77 5.02
CA LYS L 600 26.91 70.18 3.66
C LYS L 600 25.74 70.03 2.70
N GLU L 601 24.92 69.00 2.91
CA GLU L 601 23.89 68.67 1.93
C GLU L 601 22.71 69.62 1.96
N GLN L 602 22.41 70.21 3.13
CA GLN L 602 21.31 71.15 3.22
C GLN L 602 21.52 72.38 2.35
N GLN L 603 22.76 72.66 1.98
CA GLN L 603 23.09 73.86 1.21
C GLN L 603 23.67 73.55 -0.16
N ILE L 604 23.98 72.30 -0.46
CA ILE L 604 24.64 71.98 -1.73
C ILE L 604 23.69 71.19 -2.61
N VAL L 605 23.30 70.00 -2.16
CA VAL L 605 22.45 69.14 -2.97
C VAL L 605 20.97 69.46 -2.75
N GLN L 606 20.61 69.85 -1.53
CA GLN L 606 19.21 70.15 -1.26
C GLN L 606 18.79 71.45 -1.94
N GLN L 607 19.66 72.45 -1.92
CA GLN L 607 19.36 73.70 -2.62
C GLN L 607 19.28 73.46 -4.12
N ALA L 608 20.19 72.63 -4.65
CA ALA L 608 20.11 72.27 -6.06
C ALA L 608 18.83 71.54 -6.37
N GLN L 609 18.31 70.76 -5.41
CA GLN L 609 17.05 70.07 -5.64
C GLN L 609 15.87 71.04 -5.59
N MET L 610 15.95 72.07 -4.75
CA MET L 610 14.94 73.13 -4.82
C MET L 610 14.95 73.83 -6.17
N ALA L 611 16.15 74.13 -6.69
CA ALA L 611 16.26 74.72 -8.01
C ALA L 611 15.67 73.80 -9.07
N ALA L 612 16.01 72.51 -9.01
CA ALA L 612 15.47 71.52 -9.92
C ALA L 612 14.00 71.21 -9.64
N GLN L 613 13.44 71.74 -8.56
CA GLN L 613 12.00 71.75 -8.39
C GLN L 613 11.38 72.94 -9.11
N SER L 614 12.08 74.08 -9.10
CA SER L 614 11.68 75.23 -9.91
C SER L 614 12.14 75.12 -11.35
N GLN L 615 13.18 74.33 -11.62
CA GLN L 615 13.68 74.17 -12.98
C GLN L 615 12.65 73.59 -13.95
N PRO L 616 11.97 72.49 -13.66
CA PRO L 616 11.13 71.85 -14.68
C PRO L 616 9.71 72.37 -14.74
N ASN L 617 9.38 73.43 -13.99
CA ASN L 617 8.08 74.07 -14.16
C ASN L 617 7.93 74.63 -15.57
N PRO L 618 8.88 75.39 -16.13
CA PRO L 618 8.77 75.76 -17.55
C PRO L 618 8.76 74.57 -18.49
N GLU L 619 9.51 73.51 -18.16
CA GLU L 619 9.54 72.33 -19.00
C GLU L 619 8.17 71.65 -19.06
N MET L 620 7.49 71.54 -17.91
CA MET L 620 6.22 70.84 -17.88
C MET L 620 5.07 71.72 -18.38
N VAL L 621 5.13 73.03 -18.13
CA VAL L 621 4.11 73.89 -18.70
C VAL L 621 4.34 74.06 -20.20
N LEU L 622 5.56 73.78 -20.68
CA LEU L 622 5.77 73.69 -22.11
C LEU L 622 4.99 72.52 -22.70
N ALA L 623 4.97 71.39 -21.99
CA ALA L 623 4.09 70.29 -22.36
C ALA L 623 2.62 70.63 -22.13
N GLN L 624 2.33 71.72 -21.43
CA GLN L 624 0.98 72.23 -21.27
C GLN L 624 0.80 73.63 -21.84
N ALA L 625 1.70 74.07 -22.72
CA ALA L 625 1.57 75.38 -23.36
C ALA L 625 0.70 75.36 -24.61
N GLN L 626 0.29 74.17 -25.06
CA GLN L 626 -0.60 74.08 -26.21
C GLN L 626 -1.93 74.76 -25.93
N MET L 627 -2.42 74.68 -24.70
CA MET L 627 -3.58 75.46 -24.29
C MET L 627 -3.20 76.71 -23.50
N VAL L 628 -1.94 77.14 -23.57
CA VAL L 628 -1.51 78.43 -23.06
C VAL L 628 -1.38 79.45 -24.18
N ALA L 629 -0.95 79.00 -25.37
CA ALA L 629 -1.06 79.85 -26.55
C ALA L 629 -2.51 80.26 -26.77
N ALA L 630 -3.44 79.32 -26.59
CA ALA L 630 -4.86 79.64 -26.63
C ALA L 630 -5.27 80.60 -25.52
N GLN L 631 -4.72 80.43 -24.31
CA GLN L 631 -4.96 81.40 -23.24
C GLN L 631 -4.61 82.80 -23.69
N ALA L 632 -3.40 82.97 -24.22
CA ALA L 632 -2.94 84.30 -24.64
C ALA L 632 -3.77 84.85 -25.78
N GLU L 633 -4.09 84.00 -26.78
CA GLU L 633 -4.87 84.47 -27.91
C GLU L 633 -6.26 84.92 -27.48
N ALA L 634 -6.93 84.13 -26.64
CA ALA L 634 -8.24 84.53 -26.13
C ALA L 634 -8.14 85.77 -25.26
N GLN L 635 -7.10 85.87 -24.43
CA GLN L 635 -6.94 87.03 -23.56
C GLN L 635 -6.78 88.31 -24.37
N LYS L 636 -6.02 88.27 -25.45
CA LYS L 636 -5.89 89.46 -26.25
C LYS L 636 -7.13 89.75 -27.10
N ALA L 637 -7.74 88.71 -27.69
CA ALA L 637 -8.99 88.93 -28.41
C ALA L 637 -10.07 89.44 -27.48
N THR L 638 -9.93 89.23 -26.18
CA THR L 638 -10.86 89.77 -25.18
C THR L 638 -10.84 91.29 -25.14
N ASN L 639 -9.81 91.94 -25.68
CA ASN L 639 -9.75 93.39 -25.73
C ASN L 639 -9.60 93.92 -27.15
N GLU L 640 -9.23 93.09 -28.12
CA GLU L 640 -9.01 93.56 -29.49
C GLU L 640 -10.32 93.73 -30.26
N THR L 641 -11.20 92.73 -30.20
CA THR L 641 -12.43 92.78 -30.96
C THR L 641 -13.33 93.94 -30.53
N ALA L 642 -13.16 94.45 -29.30
CA ALA L 642 -13.93 95.60 -28.85
C ALA L 642 -13.67 96.84 -29.71
N GLN L 643 -12.56 96.84 -30.48
CA GLN L 643 -12.36 97.90 -31.45
C GLN L 643 -13.50 97.93 -32.46
N THR L 644 -14.17 96.80 -32.68
CA THR L 644 -15.31 96.80 -33.60
C THR L 644 -16.50 97.55 -32.99
N GLN L 645 -16.73 97.36 -31.69
CA GLN L 645 -17.76 98.16 -31.02
C GLN L 645 -17.41 99.64 -31.05
N ILE L 646 -16.15 99.97 -30.80
CA ILE L 646 -15.72 101.37 -30.84
C ILE L 646 -15.89 101.92 -32.26
N LYS L 647 -15.61 101.10 -33.27
CA LYS L 647 -15.76 101.53 -34.65
C LYS L 647 -17.22 101.73 -35.01
N ALA L 648 -18.10 100.89 -34.46
CA ALA L 648 -19.53 101.10 -34.66
C ALA L 648 -20.00 102.39 -34.01
N PHE L 649 -19.47 102.70 -32.82
CA PHE L 649 -19.80 103.97 -32.17
C PHE L 649 -19.31 105.15 -33.01
N THR L 650 -18.09 105.05 -33.54
CA THR L 650 -17.56 106.10 -34.41
C THR L 650 -18.40 106.23 -35.67
N ALA L 651 -18.85 105.11 -36.24
CA ALA L 651 -19.69 105.15 -37.42
C ALA L 651 -21.04 105.77 -37.13
N GLN L 652 -21.61 105.53 -35.95
CA GLN L 652 -22.85 106.19 -35.56
C GLN L 652 -22.66 107.69 -35.44
N GLN L 653 -21.53 108.12 -34.84
CA GLN L 653 -21.24 109.55 -34.77
C GLN L 653 -21.11 110.16 -36.16
N ASP L 654 -20.40 109.46 -37.05
CA ASP L 654 -20.26 109.94 -38.42
C ASP L 654 -21.60 109.95 -39.14
N ALA L 655 -22.49 109.01 -38.80
CA ALA L 655 -23.80 108.96 -39.42
C ALA L 655 -24.67 110.12 -39.00
N MET L 656 -24.64 110.48 -37.71
CA MET L 656 -25.42 111.64 -37.28
C MET L 656 -24.83 112.94 -37.83
N GLU L 657 -23.49 113.02 -37.91
CA GLU L 657 -22.89 114.16 -38.60
C GLU L 657 -23.36 114.26 -40.03
N SER L 658 -23.30 113.15 -40.78
CA SER L 658 -23.77 113.15 -42.16
C SER L 658 -25.26 113.45 -42.25
N GLN L 659 -26.02 113.11 -41.22
CA GLN L 659 -27.42 113.52 -41.17
C GLN L 659 -27.55 115.03 -41.18
N ALA L 660 -26.82 115.69 -40.29
CA ALA L 660 -26.82 117.15 -40.30
C ALA L 660 -26.29 117.72 -41.61
N ASN L 661 -25.23 117.12 -42.14
CA ASN L 661 -24.61 117.63 -43.37
C ASN L 661 -25.56 117.51 -44.55
N THR L 662 -26.25 116.38 -44.68
CA THR L 662 -27.14 116.21 -45.82
C THR L 662 -28.42 117.00 -45.65
N VAL L 663 -28.84 117.24 -44.41
CA VAL L 663 -29.93 118.18 -44.19
C VAL L 663 -29.52 119.58 -44.68
N TYR L 664 -28.28 119.97 -44.39
CA TYR L 664 -27.77 121.24 -44.92
C TYR L 664 -27.71 121.20 -46.45
N LYS L 665 -27.33 120.06 -47.02
CA LYS L 665 -27.31 119.92 -48.48
C LYS L 665 -28.69 120.13 -49.08
N LEU L 666 -29.73 119.56 -48.45
CA LEU L 666 -31.10 119.81 -48.87
C LEU L 666 -31.50 121.26 -48.66
N ALA L 667 -30.99 121.93 -47.64
CA ALA L 667 -31.26 123.35 -47.43
C ALA L 667 -30.64 124.23 -48.50
N GLN L 668 -29.42 123.89 -48.95
CA GLN L 668 -28.72 124.74 -49.91
C GLN L 668 -29.26 124.57 -51.32
N ALA L 669 -29.62 123.34 -51.70
CA ALA L 669 -29.97 123.05 -53.08
C ALA L 669 -31.22 123.78 -53.54
N ARG L 670 -32.05 124.27 -52.61
CA ARG L 670 -33.21 125.06 -53.00
C ARG L 670 -32.79 126.38 -53.63
N ASN L 671 -31.68 126.95 -53.15
CA ASN L 671 -31.16 128.23 -53.64
C ASN L 671 -32.18 129.35 -53.47
N MET M 1 -38.42 -49.14 62.76
CA MET M 1 -37.30 -48.95 63.67
C MET M 1 -37.01 -50.26 64.39
N ALA M 2 -38.05 -51.08 64.53
CA ALA M 2 -37.96 -52.34 65.24
C ALA M 2 -37.35 -52.15 66.62
N THR M 3 -36.33 -52.92 66.94
CA THR M 3 -35.66 -52.83 68.22
C THR M 3 -34.50 -51.84 68.14
N VAL M 4 -34.12 -51.31 69.29
CA VAL M 4 -32.94 -50.46 69.39
C VAL M 4 -31.71 -51.33 69.19
N LEU M 5 -30.60 -50.75 68.75
CA LEU M 5 -29.44 -51.57 68.42
C LEU M 5 -28.80 -52.22 69.63
N THR M 6 -28.49 -51.44 70.68
CA THR M 6 -27.75 -51.94 71.83
C THR M 6 -26.31 -52.25 71.46
N LYS M 7 -25.36 -51.81 72.28
CA LYS M 7 -23.94 -51.97 71.95
C LYS M 7 -23.53 -53.44 71.88
N GLY M 8 -24.06 -54.28 72.78
CA GLY M 8 -23.71 -55.68 72.77
C GLY M 8 -24.05 -56.38 71.47
N GLU M 9 -25.17 -56.01 70.86
CA GLU M 9 -25.53 -56.60 69.57
C GLU M 9 -24.52 -56.24 68.49
N ILE M 10 -24.06 -54.99 68.47
CA ILE M 10 -23.03 -54.62 67.51
C ILE M 10 -21.75 -55.40 67.75
N VAL M 11 -21.35 -55.57 69.00
CA VAL M 11 -20.14 -56.35 69.24
C VAL M 11 -20.30 -57.81 68.83
N LEU M 12 -21.45 -58.42 69.15
CA LEU M 12 -21.66 -59.81 68.79
C LEU M 12 -21.75 -60.03 67.30
N PHE M 13 -22.30 -59.07 66.55
CA PHE M 13 -22.31 -59.21 65.09
C PHE M 13 -20.89 -59.31 64.55
N ALA M 14 -19.98 -58.45 65.03
CA ALA M 14 -18.60 -58.52 64.60
C ALA M 14 -17.94 -59.82 65.01
N LEU M 15 -18.19 -60.28 66.24
CA LEU M 15 -17.60 -61.55 66.64
C LEU M 15 -18.11 -62.72 65.81
N ARG M 16 -19.37 -62.68 65.40
CA ARG M 16 -19.94 -63.78 64.63
C ARG M 16 -19.49 -63.76 63.17
N LYS M 17 -19.30 -62.59 62.58
CA LYS M 17 -19.01 -62.54 61.16
C LYS M 17 -17.66 -63.15 60.79
N PHE M 18 -16.76 -63.35 61.74
CA PHE M 18 -15.50 -64.00 61.45
C PHE M 18 -15.32 -65.32 62.19
N ALA M 19 -16.40 -65.96 62.60
CA ALA M 19 -16.38 -67.29 63.19
C ALA M 19 -15.54 -67.37 64.46
N ILE M 20 -15.67 -66.39 65.36
CA ILE M 20 -15.04 -66.46 66.66
C ILE M 20 -16.00 -66.83 67.77
N ALA M 21 -17.28 -66.49 67.65
CA ALA M 21 -18.26 -66.88 68.65
C ALA M 21 -19.66 -66.91 68.06
N SER M 22 -20.16 -68.11 67.78
CA SER M 22 -21.48 -68.29 67.20
C SER M 22 -21.91 -69.74 67.27
N ASN M 23 -23.15 -70.03 66.88
CA ASN M 23 -23.66 -71.38 66.90
C ASN M 23 -23.47 -72.12 65.59
N ALA M 24 -22.87 -71.48 64.59
CA ALA M 24 -22.63 -72.10 63.29
C ALA M 24 -21.24 -72.72 63.23
N SER M 25 -20.63 -72.91 64.39
CA SER M 25 -19.26 -73.39 64.48
C SER M 25 -18.97 -73.99 65.84
N LEU M 26 -17.69 -74.11 66.19
CA LEU M 26 -17.26 -74.62 67.49
C LEU M 26 -16.77 -73.43 68.30
N THR M 27 -17.70 -72.74 68.98
CA THR M 27 -17.36 -71.48 69.63
C THR M 27 -18.30 -71.20 70.80
N ASP M 28 -17.78 -70.47 71.78
CA ASP M 28 -18.57 -69.80 72.82
C ASP M 28 -17.86 -68.53 73.26
N VAL M 29 -18.62 -67.62 73.85
CA VAL M 29 -18.13 -66.28 74.15
C VAL M 29 -17.39 -66.26 75.50
N GLU M 30 -16.61 -65.20 75.73
CA GLU M 30 -15.94 -64.98 77.01
C GLU M 30 -16.20 -63.52 77.42
N PRO M 31 -16.57 -63.28 78.68
CA PRO M 31 -16.98 -61.92 79.06
C PRO M 31 -15.88 -60.88 78.88
N GLN M 32 -14.62 -61.25 79.10
CA GLN M 32 -13.55 -60.27 78.99
C GLN M 32 -13.42 -59.78 77.55
N SER M 33 -13.59 -60.68 76.59
CA SER M 33 -13.59 -60.27 75.19
C SER M 33 -14.72 -59.30 74.90
N ILE M 34 -15.88 -59.49 75.53
CA ILE M 34 -17.00 -58.57 75.35
C ILE M 34 -16.66 -57.20 75.90
N GLU M 35 -16.05 -57.13 77.09
CA GLU M 35 -15.67 -55.83 77.64
C GLU M 35 -14.66 -55.14 76.74
N ASP M 36 -13.68 -55.89 76.23
CA ASP M 36 -12.69 -55.31 75.33
C ASP M 36 -13.35 -54.79 74.07
N GLY M 37 -14.29 -55.56 73.49
CA GLY M 37 -14.95 -55.11 72.29
C GLY M 37 -15.78 -53.86 72.51
N VAL M 38 -16.49 -53.79 73.63
CA VAL M 38 -17.30 -52.60 73.89
C VAL M 38 -16.43 -51.38 74.09
N ASN M 39 -15.30 -51.52 74.80
CA ASN M 39 -14.40 -50.39 74.96
C ASN M 39 -13.81 -49.95 73.64
N ASP M 40 -13.46 -50.91 72.77
CA ASP M 40 -12.96 -50.56 71.45
C ASP M 40 -14.01 -49.82 70.64
N LEU M 41 -15.27 -50.26 70.73
CA LEU M 41 -16.34 -49.56 70.03
C LEU M 41 -16.48 -48.14 70.54
N GLU M 42 -16.41 -47.94 71.85
CA GLU M 42 -16.54 -46.59 72.39
C GLU M 42 -15.42 -45.68 71.90
N ASP M 43 -14.18 -46.15 71.96
CA ASP M 43 -13.07 -45.32 71.53
C ASP M 43 -13.13 -45.02 70.04
N MET M 44 -13.50 -46.01 69.22
CA MET M 44 -13.59 -45.77 67.79
C MET M 44 -14.72 -44.82 67.45
N MET M 45 -15.86 -44.92 68.15
CA MET M 45 -16.93 -43.95 67.95
C MET M 45 -16.49 -42.54 68.32
N SER M 46 -15.75 -42.41 69.42
CA SER M 46 -15.25 -41.09 69.80
C SER M 46 -14.30 -40.54 68.74
N GLU M 47 -13.49 -41.41 68.14
CA GLU M 47 -12.60 -40.97 67.07
C GLU M 47 -13.38 -40.55 65.83
N TRP M 48 -14.50 -41.22 65.56
CA TRP M 48 -15.25 -40.93 64.33
C TRP M 48 -15.87 -39.54 64.34
N MET M 49 -15.75 -38.80 65.43
CA MET M 49 -16.32 -37.46 65.50
C MET M 49 -15.52 -36.49 64.65
N ILE M 50 -14.46 -36.97 64.02
CA ILE M 50 -13.57 -36.12 63.24
C ILE M 50 -13.71 -36.41 61.75
N ASN M 51 -13.34 -37.61 61.33
CA ASN M 51 -13.28 -37.81 59.88
C ASN M 51 -14.66 -38.06 59.29
N PRO M 52 -15.38 -39.14 59.64
CA PRO M 52 -16.71 -39.30 59.04
C PRO M 52 -17.73 -38.33 59.58
N GLY M 53 -17.49 -37.76 60.75
CA GLY M 53 -18.43 -36.84 61.37
C GLY M 53 -19.37 -37.57 62.32
N ASP M 54 -20.21 -36.78 62.98
CA ASP M 54 -21.15 -37.33 63.93
C ASP M 54 -22.27 -38.07 63.21
N ILE M 55 -22.69 -39.20 63.79
CA ILE M 55 -23.78 -40.00 63.24
C ILE M 55 -24.85 -40.33 64.27
N GLY M 56 -24.80 -39.74 65.45
CA GLY M 56 -25.84 -39.93 66.44
C GLY M 56 -25.54 -40.91 67.55
N TYR M 57 -24.29 -41.35 67.68
CA TYR M 57 -23.92 -42.28 68.74
C TYR M 57 -24.13 -41.64 70.11
N ALA M 58 -24.54 -42.46 71.07
CA ALA M 58 -24.84 -42.02 72.42
C ALA M 58 -23.73 -42.46 73.35
N PHE M 59 -22.92 -41.51 73.81
CA PHE M 59 -21.80 -41.81 74.69
C PHE M 59 -22.28 -41.98 76.12
N ALA M 60 -21.41 -42.57 76.95
CA ALA M 60 -21.74 -42.79 78.34
C ALA M 60 -21.51 -41.52 79.14
N THR M 61 -22.25 -41.39 80.24
CA THR M 61 -22.08 -40.26 81.14
C THR M 61 -20.69 -40.29 81.75
N GLY M 62 -20.13 -39.11 81.97
CA GLY M 62 -18.70 -39.00 82.20
C GLY M 62 -18.21 -39.39 83.57
N ASP M 63 -18.78 -40.45 84.14
CA ASP M 63 -18.23 -40.98 85.37
C ASP M 63 -18.22 -42.51 85.36
N GLU M 64 -19.08 -43.13 84.56
CA GLU M 64 -19.13 -44.58 84.55
C GLU M 64 -18.69 -45.12 83.19
N GLN M 65 -18.59 -46.41 83.11
CA GLN M 65 -18.07 -47.17 81.99
C GLN M 65 -19.20 -47.72 81.14
N PRO M 66 -18.95 -47.93 79.85
CA PRO M 66 -20.01 -48.44 78.96
C PRO M 66 -20.43 -49.85 79.34
N LEU M 67 -21.67 -50.19 79.00
CA LEU M 67 -22.21 -51.51 79.27
C LEU M 67 -22.76 -52.11 78.00
N PRO M 68 -22.69 -53.43 77.84
CA PRO M 68 -23.19 -54.07 76.62
C PRO M 68 -24.70 -53.97 76.44
N ASP M 69 -25.46 -53.62 77.47
CA ASP M 69 -26.91 -53.51 77.36
C ASP M 69 -27.38 -52.09 77.10
N ASP M 70 -26.47 -51.14 76.95
CA ASP M 70 -26.85 -49.76 76.70
C ASP M 70 -27.30 -49.58 75.26
N GLU M 71 -28.27 -48.70 75.05
CA GLU M 71 -28.70 -48.38 73.70
C GLU M 71 -27.66 -47.52 73.00
N SER M 72 -27.29 -47.92 71.79
CA SER M 72 -26.27 -47.18 71.06
C SER M 72 -26.80 -45.89 70.46
N GLY M 73 -28.09 -45.83 70.14
CA GLY M 73 -28.63 -44.66 69.50
C GLY M 73 -28.38 -44.55 68.02
N LEU M 74 -27.92 -45.60 67.40
CA LEU M 74 -27.68 -45.57 65.96
C LEU M 74 -28.89 -46.09 65.21
N PRO M 75 -29.15 -45.56 64.01
CA PRO M 75 -30.18 -46.16 63.16
C PRO M 75 -29.75 -47.52 62.68
N ARG M 76 -30.73 -48.37 62.40
CA ARG M 76 -30.41 -49.72 61.96
C ARG M 76 -29.76 -49.75 60.59
N LYS M 77 -29.78 -48.65 59.84
CA LYS M 77 -29.14 -48.61 58.54
C LYS M 77 -27.62 -48.57 58.60
N TYR M 78 -27.05 -48.41 59.80
CA TYR M 78 -25.61 -48.27 59.95
C TYR M 78 -24.94 -49.48 60.59
N LYS M 79 -25.70 -50.51 60.94
CA LYS M 79 -25.13 -51.59 61.73
C LYS M 79 -24.05 -52.33 60.97
N HIS M 80 -24.27 -52.61 59.69
CA HIS M 80 -23.28 -53.36 58.92
C HIS M 80 -21.99 -52.57 58.78
N ALA M 81 -22.08 -51.28 58.48
CA ALA M 81 -20.88 -50.47 58.32
C ALA M 81 -20.09 -50.39 59.62
N VAL M 82 -20.78 -50.11 60.72
CA VAL M 82 -20.10 -50.00 62.01
C VAL M 82 -19.49 -51.33 62.40
N GLY M 83 -20.23 -52.42 62.18
CA GLY M 83 -19.74 -53.73 62.57
C GLY M 83 -18.52 -54.16 61.79
N TYR M 84 -18.51 -53.91 60.48
CA TYR M 84 -17.34 -54.27 59.70
C TYR M 84 -16.13 -53.42 60.08
N GLN M 85 -16.34 -52.13 60.31
CA GLN M 85 -15.22 -51.28 60.69
C GLN M 85 -14.67 -51.69 62.05
N LEU M 86 -15.53 -52.14 62.95
CA LEU M 86 -15.09 -52.65 64.25
C LEU M 86 -14.37 -53.99 64.15
N LEU M 87 -14.85 -54.90 63.30
CA LEU M 87 -14.18 -56.18 63.12
C LEU M 87 -12.77 -55.99 62.58
N LEU M 88 -12.60 -55.04 61.66
CA LEU M 88 -11.27 -54.81 61.11
C LEU M 88 -10.28 -54.41 62.20
N ARG M 89 -10.72 -53.61 63.17
CA ARG M 89 -9.85 -53.22 64.27
C ARG M 89 -9.66 -54.32 65.29
N MET M 90 -10.68 -55.15 65.52
CA MET M 90 -10.58 -56.18 66.54
C MET M 90 -9.87 -57.44 66.10
N LEU M 91 -9.64 -57.62 64.80
CA LEU M 91 -9.11 -58.90 64.32
C LEU M 91 -7.74 -59.22 64.93
N SER M 92 -6.86 -58.23 65.02
CA SER M 92 -5.48 -58.52 65.42
C SER M 92 -5.34 -58.95 66.87
N ASP M 93 -6.39 -58.82 67.68
CA ASP M 93 -6.34 -59.34 69.04
C ASP M 93 -6.14 -60.84 69.04
N TYR M 94 -6.81 -61.54 68.13
CA TYR M 94 -6.75 -62.99 68.03
C TYR M 94 -5.73 -63.47 67.03
N SER M 95 -4.90 -62.57 66.51
CA SER M 95 -3.88 -62.89 65.53
C SER M 95 -4.48 -63.55 64.29
N LEU M 96 -5.33 -62.79 63.61
CA LEU M 96 -5.97 -63.25 62.39
C LEU M 96 -5.81 -62.17 61.32
N GLU M 97 -6.02 -62.58 60.09
CA GLU M 97 -5.91 -61.69 58.94
C GLU M 97 -7.20 -61.75 58.14
N PRO M 98 -7.64 -60.62 57.60
CA PRO M 98 -8.90 -60.60 56.86
C PRO M 98 -8.73 -61.12 55.45
N THR M 99 -9.75 -61.83 54.99
CA THR M 99 -9.79 -62.33 53.63
C THR M 99 -10.32 -61.24 52.69
N PRO M 100 -10.03 -61.34 51.39
CA PRO M 100 -10.44 -60.27 50.47
C PRO M 100 -11.93 -59.99 50.43
N GLN M 101 -12.78 -61.01 50.57
CA GLN M 101 -14.21 -60.75 50.51
C GLN M 101 -14.68 -59.91 51.70
N VAL M 102 -14.10 -60.15 52.87
CA VAL M 102 -14.44 -59.33 54.03
C VAL M 102 -14.06 -57.88 53.78
N LEU M 103 -12.88 -57.65 53.19
CA LEU M 103 -12.47 -56.29 52.89
C LEU M 103 -13.42 -55.64 51.89
N SER M 104 -13.86 -56.39 50.88
CA SER M 104 -14.79 -55.82 49.92
C SER M 104 -16.12 -55.46 50.56
N ASN M 105 -16.64 -56.33 51.43
CA ASN M 105 -17.87 -56.01 52.13
C ASN M 105 -17.72 -54.78 53.00
N ALA M 106 -16.61 -54.68 53.72
CA ALA M 106 -16.38 -53.52 54.58
C ALA M 106 -16.35 -52.24 53.77
N GLN M 107 -15.66 -52.25 52.63
CA GLN M 107 -15.60 -51.05 51.80
C GLN M 107 -16.95 -50.68 51.23
N ARG M 108 -17.73 -51.68 50.79
CA ARG M 108 -19.08 -51.42 50.31
C ARG M 108 -19.93 -50.73 51.37
N SER M 109 -19.91 -51.27 52.59
CA SER M 109 -20.73 -50.70 53.66
C SER M 109 -20.26 -49.30 54.02
N TYR M 110 -18.95 -49.08 54.07
CA TYR M 110 -18.44 -47.76 54.38
C TYR M 110 -18.85 -46.74 53.34
N ASP M 111 -18.80 -47.13 52.06
CA ASP M 111 -19.24 -46.21 51.01
C ASP M 111 -20.72 -45.89 51.15
N ALA M 112 -21.54 -46.89 51.48
CA ALA M 112 -22.95 -46.61 51.69
C ALA M 112 -23.16 -45.64 52.85
N LEU M 113 -22.39 -45.79 53.92
CA LEU M 113 -22.50 -44.87 55.05
C LEU M 113 -22.12 -43.45 54.65
N MET M 114 -21.01 -43.29 53.92
CA MET M 114 -20.57 -41.95 53.59
C MET M 114 -21.40 -41.30 52.49
N THR M 115 -22.13 -42.07 51.69
CA THR M 115 -23.03 -41.46 50.73
C THR M 115 -24.14 -40.69 51.43
N ASP M 116 -24.57 -41.15 52.59
CA ASP M 116 -25.67 -40.56 53.33
C ASP M 116 -25.25 -39.38 54.19
N THR M 117 -24.08 -38.79 53.91
CA THR M 117 -23.57 -37.74 54.78
C THR M 117 -22.99 -36.53 54.01
N LEU M 118 -22.87 -36.59 52.69
CA LEU M 118 -22.27 -35.49 51.95
C LEU M 118 -22.99 -34.18 52.15
N VAL M 119 -22.26 -33.08 51.96
CA VAL M 119 -22.82 -31.75 52.03
C VAL M 119 -22.55 -30.95 50.75
N VAL M 120 -21.33 -31.02 50.20
CA VAL M 120 -20.95 -30.24 49.02
C VAL M 120 -21.22 -28.76 49.28
N PRO M 121 -20.35 -28.07 50.00
CA PRO M 121 -20.72 -26.81 50.66
C PRO M 121 -21.25 -25.71 49.77
N SER M 122 -20.79 -25.59 48.52
CA SER M 122 -21.27 -24.54 47.60
C SER M 122 -20.78 -23.15 47.96
N MET M 123 -20.12 -22.49 47.02
CA MET M 123 -19.48 -21.20 47.25
C MET M 123 -20.49 -20.06 47.13
N ARG M 124 -20.16 -18.92 47.74
CA ARG M 124 -20.99 -17.74 47.71
C ARG M 124 -20.22 -16.58 47.12
N ARG M 125 -20.94 -15.52 46.75
CA ARG M 125 -20.31 -14.39 46.09
C ARG M 125 -19.40 -13.64 47.05
N ARG M 126 -18.43 -12.94 46.47
CA ARG M 126 -17.25 -12.49 47.21
C ARG M 126 -17.60 -11.46 48.27
N GLY M 127 -18.31 -10.40 47.89
CA GLY M 127 -18.57 -9.34 48.86
C GLY M 127 -18.24 -7.96 48.33
N ASP M 128 -17.27 -7.88 47.42
CA ASP M 128 -17.06 -6.69 46.61
C ASP M 128 -17.56 -6.89 45.19
N PHE M 129 -18.26 -7.98 44.93
CA PHE M 129 -18.84 -8.24 43.62
C PHE M 129 -20.09 -7.39 43.45
N PRO M 130 -20.19 -6.59 42.39
CA PRO M 130 -21.38 -5.77 42.19
C PRO M 130 -22.58 -6.64 41.88
N VAL M 131 -23.75 -6.12 42.23
CA VAL M 131 -25.02 -6.68 41.78
C VAL M 131 -25.58 -5.73 40.74
N GLY M 132 -26.05 -6.27 39.63
CA GLY M 132 -26.32 -5.46 38.47
C GLY M 132 -27.50 -4.51 38.66
N GLN M 133 -27.62 -3.57 37.73
CA GLN M 133 -28.74 -2.64 37.75
C GLN M 133 -30.07 -3.33 37.49
N GLY M 134 -30.05 -4.53 36.91
CA GLY M 134 -31.28 -5.24 36.66
C GLY M 134 -31.98 -5.70 37.92
N ASN M 135 -31.26 -5.80 39.03
CA ASN M 135 -31.85 -6.19 40.30
C ASN M 135 -32.54 -5.04 41.01
N LYS M 136 -32.40 -3.82 40.53
CA LYS M 136 -33.06 -2.65 41.10
C LYS M 136 -32.71 -2.48 42.58
N TYR M 137 -31.41 -2.26 42.81
CA TYR M 137 -30.88 -2.31 44.16
C TYR M 137 -31.29 -1.13 45.03
N ASP M 138 -31.92 -0.11 44.45
CA ASP M 138 -32.31 1.05 45.25
C ASP M 138 -33.75 0.99 45.74
N VAL M 139 -34.67 0.42 44.95
CA VAL M 139 -36.08 0.43 45.27
C VAL M 139 -36.57 -0.92 45.79
N PHE M 140 -36.23 -2.02 45.11
CA PHE M 140 -36.74 -3.32 45.54
C PHE M 140 -35.96 -3.85 46.73
N THR M 141 -34.67 -4.10 46.53
CA THR M 141 -33.80 -4.52 47.61
C THR M 141 -32.97 -3.34 48.08
N SER M 142 -32.00 -3.61 48.93
CA SER M 142 -31.03 -2.62 49.35
C SER M 142 -29.64 -3.23 49.19
N ASP M 143 -28.63 -2.42 49.45
CA ASP M 143 -27.25 -2.90 49.50
C ASP M 143 -26.85 -3.56 48.19
N ARG M 144 -26.70 -2.71 47.17
CA ARG M 144 -25.86 -3.05 46.02
C ARG M 144 -24.54 -3.61 46.50
N TYR M 145 -23.95 -4.52 45.71
CA TYR M 145 -22.84 -5.38 46.11
C TYR M 145 -23.33 -6.47 47.05
N TYR M 146 -22.87 -7.70 46.84
CA TYR M 146 -23.35 -8.83 47.63
C TYR M 146 -22.80 -8.75 49.05
N PRO M 147 -23.59 -9.19 50.04
CA PRO M 147 -23.08 -9.26 51.41
C PRO M 147 -21.99 -10.29 51.61
N GLY M 148 -22.21 -11.52 51.16
CA GLY M 148 -21.26 -12.61 51.22
C GLY M 148 -20.48 -12.73 52.52
N ASP M 149 -21.16 -12.58 53.65
CA ASP M 149 -20.45 -12.64 54.93
C ASP M 149 -20.94 -13.78 55.81
N LEU M 150 -22.21 -13.73 56.21
CA LEU M 150 -22.78 -14.64 57.21
C LEU M 150 -21.84 -14.89 58.38
N MET N 1 -49.47 -61.32 40.15
CA MET N 1 -49.91 -62.70 39.96
C MET N 1 -48.71 -63.57 40.35
N ALA N 2 -48.89 -64.89 40.38
CA ALA N 2 -47.90 -65.87 40.81
C ALA N 2 -47.74 -65.83 42.34
N THR N 3 -47.00 -66.78 42.87
CA THR N 3 -46.88 -66.97 44.31
C THR N 3 -46.03 -65.88 44.94
N VAL N 4 -46.26 -65.62 46.21
CA VAL N 4 -45.56 -64.56 46.92
C VAL N 4 -44.21 -65.08 47.40
N LEU N 5 -43.23 -64.18 47.45
CA LEU N 5 -41.89 -64.53 47.88
C LEU N 5 -41.71 -64.16 49.34
N THR N 6 -41.66 -65.16 50.20
CA THR N 6 -41.50 -64.91 51.62
C THR N 6 -40.02 -64.83 51.98
N LYS N 7 -39.75 -64.28 53.16
CA LYS N 7 -38.41 -64.37 53.70
C LYS N 7 -38.10 -65.84 53.99
N GLY N 8 -36.87 -66.11 54.38
CA GLY N 8 -36.56 -67.53 54.60
C GLY N 8 -36.40 -68.30 53.32
N GLU N 9 -37.34 -68.15 52.38
CA GLU N 9 -37.13 -68.70 51.05
C GLU N 9 -35.94 -68.05 50.36
N ILE N 10 -35.75 -66.74 50.55
CA ILE N 10 -34.53 -66.12 50.07
C ILE N 10 -33.32 -66.65 50.81
N VAL N 11 -33.43 -66.79 52.13
CA VAL N 11 -32.32 -67.34 52.90
C VAL N 11 -32.02 -68.77 52.47
N LEU N 12 -33.06 -69.59 52.28
CA LEU N 12 -32.85 -70.96 51.82
C LEU N 12 -32.22 -70.99 50.43
N PHE N 13 -32.61 -70.07 49.55
CA PHE N 13 -31.96 -69.97 48.25
C PHE N 13 -30.48 -69.64 48.41
N ALA N 14 -30.16 -68.73 49.31
CA ALA N 14 -28.76 -68.36 49.51
C ALA N 14 -27.95 -69.54 50.04
N LEU N 15 -28.53 -70.31 50.96
CA LEU N 15 -27.79 -71.44 51.51
C LEU N 15 -27.68 -72.59 50.54
N ARG N 16 -28.55 -72.64 49.53
CA ARG N 16 -28.63 -73.79 48.65
C ARG N 16 -27.62 -73.70 47.51
N LYS N 17 -27.13 -72.48 47.28
CA LYS N 17 -26.30 -72.26 46.10
C LYS N 17 -24.83 -72.14 46.46
N PHE N 18 -24.47 -72.61 47.64
CA PHE N 18 -23.06 -72.81 47.93
C PHE N 18 -22.86 -74.12 48.68
N ALA N 19 -23.83 -75.03 48.61
CA ALA N 19 -23.71 -76.38 49.16
C ALA N 19 -23.49 -76.35 50.68
N ILE N 20 -24.38 -75.64 51.37
CA ILE N 20 -24.34 -75.61 52.82
C ILE N 20 -25.53 -76.38 53.38
N ALA N 21 -26.68 -76.25 52.72
CA ALA N 21 -27.88 -76.96 53.17
C ALA N 21 -28.81 -77.13 51.98
N SER N 22 -28.97 -78.37 51.54
CA SER N 22 -29.79 -78.67 50.36
C SER N 22 -30.10 -80.15 50.32
N ASN N 23 -30.67 -80.62 49.22
CA ASN N 23 -30.90 -82.05 49.02
C ASN N 23 -30.07 -82.60 47.86
N ALA N 24 -29.06 -81.86 47.41
CA ALA N 24 -28.22 -82.27 46.29
C ALA N 24 -27.08 -83.17 46.72
N SER N 25 -26.37 -82.84 47.80
CA SER N 25 -25.39 -83.78 48.34
C SER N 25 -25.38 -83.71 49.87
N LEU N 26 -26.53 -83.42 50.46
CA LEU N 26 -26.61 -83.16 51.90
C LEU N 26 -27.63 -84.09 52.56
N THR N 27 -27.15 -84.84 53.55
CA THR N 27 -28.01 -85.52 54.50
C THR N 27 -27.92 -84.90 55.89
N ASP N 28 -27.27 -83.74 56.00
CA ASP N 28 -27.07 -83.04 57.28
C ASP N 28 -27.80 -81.71 57.19
N VAL N 29 -29.12 -81.74 57.45
CA VAL N 29 -30.02 -80.62 57.23
C VAL N 29 -29.57 -79.40 58.02
N GLU N 30 -30.03 -78.22 57.60
CA GLU N 30 -29.59 -76.97 58.21
C GLU N 30 -30.04 -76.87 59.67
N PRO N 31 -29.24 -76.26 60.54
CA PRO N 31 -29.67 -76.00 61.91
C PRO N 31 -30.74 -74.92 61.95
N GLN N 32 -31.11 -74.55 63.17
CA GLN N 32 -32.10 -73.49 63.34
C GLN N 32 -31.40 -72.14 63.42
N SER N 33 -30.23 -72.03 62.78
CA SER N 33 -29.51 -70.76 62.70
C SER N 33 -29.99 -69.93 61.51
N ILE N 34 -31.23 -70.17 61.07
CA ILE N 34 -31.82 -69.32 60.04
C ILE N 34 -32.07 -67.91 60.56
N GLU N 35 -32.18 -67.73 61.88
CA GLU N 35 -32.44 -66.41 62.43
C GLU N 35 -31.31 -65.44 62.08
N ASP N 36 -30.07 -65.91 62.09
CA ASP N 36 -28.95 -65.06 61.70
C ASP N 36 -29.09 -64.60 60.27
N GLY N 37 -29.46 -65.51 59.37
CA GLY N 37 -29.65 -65.12 57.98
C GLY N 37 -30.77 -64.13 57.79
N VAL N 38 -31.89 -64.33 58.50
CA VAL N 38 -33.03 -63.43 58.33
C VAL N 38 -32.69 -62.04 58.87
N ASN N 39 -32.00 -61.98 60.00
CA ASN N 39 -31.59 -60.68 60.53
C ASN N 39 -30.59 -59.99 59.60
N ASP N 40 -29.69 -60.77 59.00
CA ASP N 40 -28.78 -60.18 58.02
C ASP N 40 -29.55 -59.61 56.83
N LEU N 41 -30.57 -60.33 56.37
CA LEU N 41 -31.38 -59.83 55.27
C LEU N 41 -32.07 -58.53 55.65
N GLU N 42 -32.61 -58.46 56.87
CA GLU N 42 -33.28 -57.25 57.31
C GLU N 42 -32.33 -56.06 57.34
N ASP N 43 -31.16 -56.24 57.94
CA ASP N 43 -30.19 -55.15 58.05
C ASP N 43 -29.69 -54.73 56.68
N MET N 44 -29.48 -55.69 55.78
CA MET N 44 -28.95 -55.34 54.47
C MET N 44 -29.99 -54.59 53.65
N MET N 45 -31.28 -54.93 53.80
CA MET N 45 -32.32 -54.11 53.20
C MET N 45 -32.33 -52.70 53.78
N SER N 46 -32.19 -52.58 55.10
CA SER N 46 -32.14 -51.26 55.72
C SER N 46 -31.01 -50.43 55.11
N GLU N 47 -29.85 -51.05 54.91
CA GLU N 47 -28.74 -50.35 54.26
C GLU N 47 -29.08 -50.00 52.82
N TRP N 48 -29.74 -50.91 52.10
CA TRP N 48 -30.08 -50.66 50.70
C TRP N 48 -31.06 -49.52 50.55
N MET N 49 -31.71 -49.10 51.62
CA MET N 49 -32.55 -47.91 51.52
C MET N 49 -31.76 -46.65 51.15
N ILE N 50 -30.45 -46.76 50.98
CA ILE N 50 -29.63 -45.60 50.66
C ILE N 50 -29.08 -45.68 49.24
N ASN N 51 -28.20 -46.65 48.98
CA ASN N 51 -27.50 -46.59 47.70
C ASN N 51 -28.36 -47.10 46.55
N PRO N 52 -28.79 -48.38 46.51
CA PRO N 52 -29.62 -48.79 45.38
C PRO N 52 -30.99 -48.15 45.41
N GLY N 53 -31.42 -47.66 46.57
CA GLY N 53 -32.73 -47.07 46.72
C GLY N 53 -33.77 -48.10 47.14
N ASP N 54 -34.95 -47.59 47.43
CA ASP N 54 -36.06 -48.44 47.83
C ASP N 54 -36.51 -49.33 46.68
N ILE N 55 -36.84 -50.58 46.99
CA ILE N 55 -37.33 -51.52 46.00
C ILE N 55 -38.62 -52.22 46.43
N GLY N 56 -39.22 -51.81 47.54
CA GLY N 56 -40.48 -52.37 47.95
C GLY N 56 -40.43 -53.37 49.09
N TYR N 57 -39.29 -53.49 49.77
CA TYR N 57 -39.17 -54.42 50.89
C TYR N 57 -40.10 -54.02 52.01
N ALA N 58 -40.64 -55.01 52.70
CA ALA N 58 -41.60 -54.81 53.78
C ALA N 58 -40.90 -55.08 55.11
N PHE N 59 -40.73 -54.04 55.91
CA PHE N 59 -40.03 -54.16 57.19
C PHE N 59 -40.98 -54.60 58.30
N ALA N 60 -40.39 -55.06 59.39
CA ALA N 60 -41.17 -55.45 60.55
C ALA N 60 -41.80 -54.22 61.21
N THR N 61 -43.04 -54.37 61.64
CA THR N 61 -43.81 -53.28 62.23
C THR N 61 -43.71 -53.36 63.75
N GLY N 62 -43.49 -52.21 64.38
CA GLY N 62 -43.33 -52.25 65.82
C GLY N 62 -42.02 -52.91 66.18
N ASP N 63 -41.87 -53.27 67.45
CA ASP N 63 -40.67 -53.99 67.85
C ASP N 63 -40.59 -55.34 67.15
N GLU N 64 -41.45 -56.26 67.55
CA GLU N 64 -41.58 -57.59 66.95
C GLU N 64 -40.23 -58.22 66.62
N GLN N 65 -40.19 -58.96 65.53
CA GLN N 65 -39.02 -59.72 65.11
C GLN N 65 -39.36 -60.31 63.74
N PRO N 66 -38.41 -60.37 62.81
CA PRO N 66 -38.72 -60.74 61.44
C PRO N 66 -39.50 -62.04 61.23
N LEU N 67 -38.92 -63.18 61.61
CA LEU N 67 -39.45 -64.53 61.33
C LEU N 67 -39.37 -64.87 59.85
N PRO N 68 -39.06 -66.11 59.52
CA PRO N 68 -38.92 -66.51 58.11
C PRO N 68 -40.23 -66.71 57.37
N ASP N 69 -41.38 -66.68 58.04
CA ASP N 69 -42.64 -66.92 57.35
C ASP N 69 -43.32 -65.64 56.90
N ASP N 70 -42.71 -64.49 57.13
CA ASP N 70 -43.31 -63.22 56.74
C ASP N 70 -43.10 -62.97 55.26
N GLU N 71 -44.08 -62.31 54.64
CA GLU N 71 -43.95 -61.95 53.24
C GLU N 71 -42.94 -60.83 53.07
N SER N 72 -42.05 -60.99 52.11
CA SER N 72 -41.01 -59.98 51.88
C SER N 72 -41.55 -58.75 51.18
N GLY N 73 -42.53 -58.92 50.29
CA GLY N 73 -43.02 -57.80 49.52
C GLY N 73 -42.22 -57.49 48.28
N LEU N 74 -41.25 -58.32 47.92
CA LEU N 74 -40.43 -58.09 46.75
C LEU N 74 -41.03 -58.79 45.53
N PRO N 75 -40.89 -58.21 44.35
CA PRO N 75 -41.29 -58.93 43.13
C PRO N 75 -40.34 -60.08 42.88
N ARG N 76 -40.84 -61.08 42.17
CA ARG N 76 -40.02 -62.25 41.86
C ARG N 76 -38.88 -61.93 40.90
N LYS N 77 -38.88 -60.76 40.27
CA LYS N 77 -37.80 -60.38 39.37
C LYS N 77 -36.52 -60.01 40.09
N TYR N 78 -36.55 -59.86 41.42
CA TYR N 78 -35.39 -59.39 42.18
C TYR N 78 -34.77 -60.47 43.04
N LYS N 79 -35.30 -61.69 43.04
CA LYS N 79 -34.86 -62.65 44.04
C LYS N 79 -33.45 -63.13 43.79
N HIS N 80 -33.04 -63.30 42.53
CA HIS N 80 -31.67 -63.72 42.26
C HIS N 80 -30.68 -62.67 42.73
N ALA N 81 -30.94 -61.39 42.42
CA ALA N 81 -30.03 -60.33 42.83
C ALA N 81 -29.93 -60.25 44.34
N VAL N 82 -31.09 -60.25 45.02
CA VAL N 82 -31.09 -60.15 46.48
C VAL N 82 -30.39 -61.35 47.10
N GLY N 83 -30.67 -62.55 46.57
CA GLY N 83 -30.08 -63.75 47.13
C GLY N 83 -28.57 -63.80 46.96
N TYR N 84 -28.06 -63.41 45.79
CA TYR N 84 -26.62 -63.41 45.61
C TYR N 84 -25.95 -62.38 46.51
N GLN N 85 -26.54 -61.19 46.62
CA GLN N 85 -25.94 -60.18 47.49
C GLN N 85 -25.96 -60.64 48.94
N LEU N 86 -27.03 -61.31 49.37
CA LEU N 86 -27.06 -61.85 50.72
C LEU N 86 -26.01 -62.94 50.90
N LEU N 87 -25.84 -63.80 49.91
CA LEU N 87 -24.85 -64.86 50.01
C LEU N 87 -23.46 -64.30 50.18
N LEU N 88 -23.16 -63.18 49.50
CA LEU N 88 -21.81 -62.63 49.60
C LEU N 88 -21.50 -62.14 51.02
N ARG N 89 -22.52 -61.87 51.82
CA ARG N 89 -22.32 -61.36 53.18
C ARG N 89 -22.51 -62.47 54.23
N MET N 90 -22.49 -63.71 53.79
CA MET N 90 -22.78 -64.80 54.72
C MET N 90 -21.69 -65.85 54.71
N LEU N 91 -20.83 -65.83 53.70
CA LEU N 91 -19.83 -66.88 53.57
C LEU N 91 -18.80 -66.85 54.69
N SER N 92 -18.41 -65.67 55.16
CA SER N 92 -17.39 -65.59 56.19
C SER N 92 -17.86 -66.15 57.53
N ASP N 93 -19.17 -66.34 57.71
CA ASP N 93 -19.66 -67.03 58.90
C ASP N 93 -19.14 -68.45 58.94
N TYR N 94 -19.09 -69.11 57.81
CA TYR N 94 -18.66 -70.50 57.70
C TYR N 94 -17.22 -70.61 57.24
N SER N 95 -16.50 -69.49 57.19
CA SER N 95 -15.09 -69.46 56.78
C SER N 95 -14.92 -70.04 55.38
N LEU N 96 -15.63 -69.44 54.43
CA LEU N 96 -15.59 -69.85 53.03
C LEU N 96 -15.31 -68.64 52.17
N GLU N 97 -14.74 -68.89 51.00
CA GLU N 97 -14.44 -67.84 50.06
C GLU N 97 -15.13 -68.09 48.73
N PRO N 98 -15.68 -67.06 48.10
CA PRO N 98 -16.42 -67.26 46.86
C PRO N 98 -15.50 -67.59 45.70
N THR N 99 -16.05 -68.27 44.73
CA THR N 99 -15.36 -68.64 43.51
C THR N 99 -15.70 -67.67 42.39
N PRO N 100 -14.87 -67.57 41.37
CA PRO N 100 -15.09 -66.53 40.34
C PRO N 100 -16.44 -66.61 39.65
N GLN N 101 -16.98 -67.81 39.43
CA GLN N 101 -18.26 -67.90 38.75
C GLN N 101 -19.39 -67.32 39.59
N VAL N 102 -19.36 -67.56 40.91
CA VAL N 102 -20.37 -66.98 41.78
C VAL N 102 -20.29 -65.46 41.74
N LEU N 103 -19.08 -64.92 41.74
CA LEU N 103 -18.93 -63.47 41.66
C LEU N 103 -19.49 -62.93 40.36
N SER N 104 -19.25 -63.63 39.25
CA SER N 104 -19.77 -63.18 37.96
C SER N 104 -21.29 -63.19 37.95
N ASN N 105 -21.89 -64.26 38.48
CA ASN N 105 -23.34 -64.34 38.53
C ASN N 105 -23.92 -63.23 39.39
N ALA N 106 -23.29 -62.97 40.54
CA ALA N 106 -23.78 -61.91 41.42
C ALA N 106 -23.72 -60.56 40.72
N GLN N 107 -22.61 -60.30 40.02
CA GLN N 107 -22.49 -59.03 39.32
C GLN N 107 -23.55 -58.88 38.23
N ARG N 108 -23.81 -59.94 37.46
CA ARG N 108 -24.81 -59.86 36.42
C ARG N 108 -26.21 -59.58 36.99
N SER N 109 -26.57 -60.29 38.06
CA SER N 109 -27.89 -60.07 38.66
C SER N 109 -28.00 -58.66 39.22
N TYR N 110 -26.96 -58.18 39.88
CA TYR N 110 -26.98 -56.83 40.42
C TYR N 110 -27.11 -55.81 39.32
N ASP N 111 -26.43 -56.02 38.20
CA ASP N 111 -26.57 -55.10 37.07
C ASP N 111 -28.00 -55.08 36.54
N ALA N 112 -28.64 -56.26 36.48
CA ALA N 112 -30.03 -56.28 36.06
C ALA N 112 -30.91 -55.49 37.02
N LEU N 113 -30.65 -55.60 38.33
CA LEU N 113 -31.39 -54.79 39.29
C LEU N 113 -31.14 -53.30 39.09
N MET N 114 -29.89 -52.92 38.85
CA MET N 114 -29.56 -51.51 38.65
C MET N 114 -30.22 -50.94 37.42
N THR N 115 -30.36 -51.74 36.37
CA THR N 115 -30.95 -51.25 35.13
C THR N 115 -32.42 -50.88 35.31
N ASP N 116 -33.12 -51.53 36.23
CA ASP N 116 -34.55 -51.32 36.41
C ASP N 116 -34.86 -50.21 37.41
N THR N 117 -33.92 -49.30 37.66
CA THR N 117 -34.13 -48.24 38.62
C THR N 117 -33.63 -46.88 38.13
N LEU N 118 -32.92 -46.82 37.01
CA LEU N 118 -32.34 -45.57 36.52
C LEU N 118 -33.39 -44.47 36.40
N VAL N 119 -32.95 -43.22 36.57
CA VAL N 119 -33.81 -42.05 36.45
C VAL N 119 -33.28 -41.04 35.43
N VAL N 120 -31.98 -40.76 35.45
CA VAL N 120 -31.37 -39.78 34.55
C VAL N 120 -32.07 -38.43 34.68
N PRO N 121 -31.75 -37.64 35.70
CA PRO N 121 -32.63 -36.55 36.15
C PRO N 121 -32.96 -35.42 35.16
N SER N 122 -32.30 -35.31 34.02
CA SER N 122 -32.77 -34.42 32.95
C SER N 122 -32.86 -32.96 33.39
N MET N 123 -31.69 -32.36 33.57
CA MET N 123 -31.48 -30.99 34.03
C MET N 123 -32.31 -29.92 33.30
N ARG N 124 -32.66 -28.85 34.03
CA ARG N 124 -33.67 -27.85 33.69
C ARG N 124 -33.08 -26.65 32.95
N ARG N 125 -33.89 -25.60 32.82
CA ARG N 125 -33.42 -24.31 32.34
C ARG N 125 -32.83 -23.49 33.49
N ARG N 126 -32.24 -22.36 33.11
CA ARG N 126 -31.41 -21.60 34.04
C ARG N 126 -32.24 -20.90 35.12
N GLY N 127 -33.33 -20.25 34.73
CA GLY N 127 -34.10 -19.48 35.68
C GLY N 127 -34.21 -18.01 35.34
N ASP N 128 -33.11 -17.41 34.87
CA ASP N 128 -33.14 -16.09 34.27
C ASP N 128 -32.85 -16.15 32.78
N PHE N 129 -32.97 -17.33 32.19
CA PHE N 129 -32.80 -17.50 30.76
C PHE N 129 -34.01 -16.96 30.02
N PRO N 130 -33.84 -16.05 29.07
CA PRO N 130 -34.99 -15.50 28.37
C PRO N 130 -35.69 -16.54 27.52
N VAL N 131 -36.99 -16.33 27.32
CA VAL N 131 -37.75 -17.07 26.33
C VAL N 131 -38.03 -16.11 25.19
N GLY N 132 -37.89 -16.57 23.96
CA GLY N 132 -37.88 -15.66 22.84
C GLY N 132 -39.24 -15.09 22.52
N GLN N 133 -39.24 -14.16 21.55
CA GLN N 133 -40.49 -13.59 21.07
C GLN N 133 -41.32 -14.57 20.25
N GLY N 134 -40.70 -15.65 19.78
CA GLY N 134 -41.46 -16.63 19.03
C GLY N 134 -42.48 -17.37 19.86
N ASN N 135 -42.34 -17.36 21.18
CA ASN N 135 -43.28 -17.98 22.08
C ASN N 135 -44.45 -17.09 22.44
N LYS N 136 -44.43 -15.82 22.04
CA LYS N 136 -45.54 -14.89 22.23
C LYS N 136 -45.95 -14.82 23.70
N TYR N 137 -45.03 -14.34 24.52
CA TYR N 137 -45.25 -14.34 25.97
C TYR N 137 -46.29 -13.32 26.40
N ASP N 138 -46.72 -12.43 25.50
CA ASP N 138 -47.74 -11.47 25.89
C ASP N 138 -49.08 -12.14 26.15
N VAL N 139 -49.55 -12.95 25.20
CA VAL N 139 -50.94 -13.35 25.11
C VAL N 139 -51.13 -14.86 25.32
N PHE N 140 -50.34 -15.69 24.64
CA PHE N 140 -50.52 -17.12 24.77
C PHE N 140 -50.11 -17.60 26.16
N THR N 141 -48.85 -17.41 26.51
CA THR N 141 -48.38 -17.72 27.84
C THR N 141 -48.22 -16.43 28.63
N SER N 142 -47.66 -16.57 29.82
CA SER N 142 -47.27 -15.43 30.64
C SER N 142 -45.86 -15.66 31.10
N ASP N 143 -45.28 -14.66 31.74
CA ASP N 143 -43.97 -14.79 32.37
C ASP N 143 -42.90 -15.21 31.35
N ARG N 144 -42.59 -14.27 30.48
CA ARG N 144 -41.29 -14.23 29.83
C ARG N 144 -40.20 -14.51 30.86
N TYR N 145 -39.13 -15.16 30.43
CA TYR N 145 -38.11 -15.78 31.29
C TYR N 145 -38.67 -17.06 31.90
N TYR N 146 -37.87 -18.12 31.92
CA TYR N 146 -38.31 -19.40 32.41
C TYR N 146 -38.48 -19.39 33.92
N PRO N 147 -39.43 -20.17 34.45
CA PRO N 147 -39.54 -20.26 35.91
C PRO N 147 -38.37 -20.98 36.55
N GLY N 148 -37.97 -22.12 36.01
CA GLY N 148 -36.76 -22.81 36.43
C GLY N 148 -36.72 -23.16 37.89
N ASP N 149 -37.87 -23.54 38.46
CA ASP N 149 -37.94 -23.79 39.90
C ASP N 149 -39.02 -24.80 40.22
N LEU N 150 -40.18 -24.31 40.65
CA LEU N 150 -41.34 -25.15 40.96
C LEU N 150 -41.02 -26.23 41.98
N MET O 1 -39.70 -83.27 14.77
CA MET O 1 -39.27 -82.26 15.73
C MET O 1 -40.32 -81.14 15.66
N ALA O 2 -39.91 -79.88 15.78
CA ALA O 2 -40.82 -78.74 15.80
C ALA O 2 -41.86 -78.87 16.90
N THR O 3 -41.68 -79.88 17.76
CA THR O 3 -42.62 -80.14 18.83
C THR O 3 -42.43 -79.12 19.96
N VAL O 4 -43.36 -79.13 20.90
CA VAL O 4 -43.29 -78.18 22.01
C VAL O 4 -42.10 -78.52 22.89
N LEU O 5 -41.51 -77.48 23.46
CA LEU O 5 -40.35 -77.63 24.32
C LEU O 5 -40.77 -77.41 25.77
N THR O 6 -40.81 -78.49 26.54
CA THR O 6 -41.30 -78.43 27.91
C THR O 6 -40.23 -77.91 28.85
N LYS O 7 -40.66 -77.47 30.03
CA LYS O 7 -39.74 -76.92 31.01
C LYS O 7 -38.78 -77.98 31.56
N GLY O 8 -39.18 -79.25 31.56
CA GLY O 8 -38.31 -80.28 32.09
C GLY O 8 -37.20 -80.64 31.13
N GLU O 9 -37.47 -80.55 29.84
CA GLU O 9 -36.45 -80.82 28.85
C GLU O 9 -35.29 -79.85 28.91
N ILE O 10 -35.56 -78.57 29.19
CA ILE O 10 -34.48 -77.61 29.32
C ILE O 10 -33.58 -77.93 30.50
N VAL O 11 -34.13 -78.29 31.65
CA VAL O 11 -33.26 -78.60 32.78
C VAL O 11 -32.54 -79.91 32.56
N LEU O 12 -33.16 -80.87 31.88
CA LEU O 12 -32.45 -82.11 31.56
C LEU O 12 -31.27 -81.84 30.62
N PHE O 13 -31.43 -80.93 29.67
CA PHE O 13 -30.33 -80.56 28.80
C PHE O 13 -29.16 -79.99 29.59
N ALA O 14 -29.45 -79.09 30.53
CA ALA O 14 -28.40 -78.48 31.33
C ALA O 14 -27.70 -79.51 32.21
N LEU O 15 -28.47 -80.42 32.81
CA LEU O 15 -27.84 -81.46 33.61
C LEU O 15 -26.97 -82.37 32.78
N ARG O 16 -27.40 -82.70 31.56
CA ARG O 16 -26.61 -83.59 30.72
C ARG O 16 -25.34 -82.93 30.21
N LYS O 17 -25.39 -81.64 29.89
CA LYS O 17 -24.25 -81.03 29.22
C LYS O 17 -23.01 -80.91 30.09
N PHE O 18 -23.11 -81.15 31.40
CA PHE O 18 -21.94 -81.15 32.26
C PHE O 18 -21.75 -82.49 32.97
N ALA O 19 -22.36 -83.56 32.47
CA ALA O 19 -22.12 -84.92 32.95
C ALA O 19 -22.50 -85.06 34.41
N ILE O 20 -23.66 -84.54 34.78
CA ILE O 20 -24.22 -84.76 36.11
C ILE O 20 -25.25 -85.88 36.10
N ALA O 21 -26.14 -85.88 35.12
CA ALA O 21 -27.12 -86.94 34.98
C ALA O 21 -27.52 -87.04 33.51
N SER O 22 -27.71 -88.26 33.05
CA SER O 22 -28.06 -88.50 31.65
C SER O 22 -28.81 -89.81 31.55
N ASN O 23 -29.13 -90.21 30.32
CA ASN O 23 -29.64 -91.54 30.07
C ASN O 23 -28.52 -92.57 29.97
N ALA O 24 -27.27 -92.13 29.90
CA ALA O 24 -26.12 -93.01 29.97
C ALA O 24 -25.59 -93.18 31.38
N SER O 25 -26.00 -92.33 32.31
CA SER O 25 -25.52 -92.38 33.68
C SER O 25 -26.06 -93.62 34.39
N LEU O 26 -25.64 -93.77 35.65
CA LEU O 26 -26.16 -94.80 36.52
C LEU O 26 -26.69 -94.22 37.84
N THR O 27 -26.92 -92.90 37.86
CA THR O 27 -27.31 -92.25 39.11
C THR O 27 -28.63 -91.48 39.02
N ASP O 28 -28.78 -90.61 38.03
CA ASP O 28 -29.97 -89.80 37.77
C ASP O 28 -30.34 -88.84 38.91
N VAL O 29 -29.48 -88.68 39.91
CA VAL O 29 -29.59 -87.65 40.95
C VAL O 29 -30.86 -87.88 41.77
N GLU O 30 -31.88 -87.03 41.61
CA GLU O 30 -33.02 -87.00 42.51
C GLU O 30 -34.07 -86.07 41.95
N PRO O 31 -35.35 -86.32 42.19
CA PRO O 31 -36.37 -85.35 41.78
C PRO O 31 -36.21 -83.99 42.42
N GLN O 32 -35.58 -83.91 43.59
CA GLN O 32 -35.41 -82.62 44.26
C GLN O 32 -34.54 -81.70 43.43
N SER O 33 -33.51 -82.24 42.79
CA SER O 33 -32.70 -81.43 41.89
C SER O 33 -33.53 -80.93 40.71
N ILE O 34 -34.47 -81.73 40.23
CA ILE O 34 -35.33 -81.28 39.14
C ILE O 34 -36.22 -80.14 39.59
N GLU O 35 -36.80 -80.23 40.77
CA GLU O 35 -37.62 -79.12 41.27
C GLU O 35 -36.78 -77.86 41.43
N ASP O 36 -35.57 -78.01 41.96
CA ASP O 36 -34.70 -76.85 42.11
C ASP O 36 -34.35 -76.24 40.76
N GLY O 37 -34.07 -77.07 39.78
CA GLY O 37 -33.76 -76.56 38.45
C GLY O 37 -34.92 -75.83 37.82
N VAL O 38 -36.13 -76.35 37.97
CA VAL O 38 -37.29 -75.71 37.37
C VAL O 38 -37.56 -74.36 38.04
N ASN O 39 -37.45 -74.30 39.37
CA ASN O 39 -37.64 -73.02 40.04
C ASN O 39 -36.56 -72.01 39.64
N ASP O 40 -35.32 -72.49 39.49
CA ASP O 40 -34.26 -71.59 39.02
C ASP O 40 -34.56 -71.07 37.62
N LEU O 41 -35.10 -71.93 36.76
CA LEU O 41 -35.47 -71.48 35.42
C LEU O 41 -36.54 -70.42 35.47
N GLU O 42 -37.54 -70.61 36.32
CA GLU O 42 -38.62 -69.63 36.43
C GLU O 42 -38.07 -68.28 36.89
N ASP O 43 -37.20 -68.28 37.90
CA ASP O 43 -36.65 -67.02 38.39
C ASP O 43 -35.73 -66.38 37.37
N MET O 44 -34.95 -67.18 36.63
CA MET O 44 -34.15 -66.65 35.55
C MET O 44 -35.01 -65.93 34.53
N MET O 45 -36.11 -66.55 34.11
CA MET O 45 -36.96 -65.90 33.11
C MET O 45 -37.56 -64.61 33.65
N SER O 46 -37.99 -64.63 34.91
CA SER O 46 -38.51 -63.41 35.52
C SER O 46 -37.47 -62.29 35.45
N GLU O 47 -36.22 -62.61 35.79
CA GLU O 47 -35.16 -61.60 35.73
C GLU O 47 -34.90 -61.17 34.29
N TRP O 48 -34.86 -62.11 33.35
CA TRP O 48 -34.63 -61.81 31.95
C TRP O 48 -35.70 -60.93 31.36
N MET O 49 -36.86 -60.85 32.01
CA MET O 49 -37.88 -59.93 31.53
C MET O 49 -37.42 -58.48 31.54
N ILE O 50 -36.23 -58.19 32.07
CA ILE O 50 -35.71 -56.83 32.12
C ILE O 50 -34.62 -56.61 31.08
N ASN O 51 -33.49 -57.30 31.22
CA ASN O 51 -32.34 -56.92 30.42
C ASN O 51 -32.45 -57.42 28.98
N PRO O 52 -32.48 -58.74 28.72
CA PRO O 52 -32.64 -59.16 27.32
C PRO O 52 -34.01 -58.89 26.77
N GLY O 53 -35.00 -58.63 27.62
CA GLY O 53 -36.36 -58.40 27.19
C GLY O 53 -37.15 -59.68 27.12
N ASP O 54 -38.43 -59.53 26.81
CA ASP O 54 -39.32 -60.67 26.69
C ASP O 54 -38.97 -61.49 25.46
N ILE O 55 -39.04 -62.81 25.60
CA ILE O 55 -38.76 -63.72 24.50
C ILE O 55 -39.90 -64.72 24.32
N GLY O 56 -40.99 -64.51 25.03
CA GLY O 56 -42.17 -65.35 24.87
C GLY O 56 -42.33 -66.46 25.88
N TYR O 57 -41.61 -66.43 26.99
CA TYR O 57 -41.76 -67.45 28.01
C TYR O 57 -43.17 -67.42 28.59
N ALA O 58 -43.68 -68.61 28.93
CA ALA O 58 -45.03 -68.76 29.47
C ALA O 58 -44.93 -69.06 30.96
N PHE O 59 -45.32 -68.10 31.78
CA PHE O 59 -45.19 -68.23 33.23
C PHE O 59 -46.33 -69.03 33.80
N ALA O 60 -46.12 -69.52 35.02
CA ALA O 60 -47.19 -70.20 35.74
C ALA O 60 -48.25 -69.19 36.15
N THR O 61 -49.52 -69.62 36.03
CA THR O 61 -50.68 -68.80 36.32
C THR O 61 -51.23 -69.16 37.69
N GLY O 62 -51.62 -68.16 38.46
CA GLY O 62 -52.18 -68.46 39.76
C GLY O 62 -51.11 -68.77 40.79
N ASP O 63 -51.49 -69.56 41.79
CA ASP O 63 -50.58 -69.85 42.88
C ASP O 63 -49.80 -71.15 42.72
N GLU O 64 -50.08 -71.99 41.71
CA GLU O 64 -49.48 -73.32 41.68
C GLU O 64 -48.08 -73.28 41.08
N GLN O 65 -47.33 -74.27 41.37
CA GLN O 65 -45.94 -74.55 41.08
C GLN O 65 -45.72 -74.79 39.60
N PRO O 66 -44.53 -74.50 39.09
CA PRO O 66 -44.29 -74.61 37.64
C PRO O 66 -44.47 -76.00 37.05
N LEU O 67 -43.96 -77.04 37.70
CA LEU O 67 -43.99 -78.43 37.22
C LEU O 67 -43.12 -78.63 35.98
N PRO O 68 -42.46 -79.79 35.84
CA PRO O 68 -41.57 -79.98 34.70
C PRO O 68 -42.26 -80.39 33.41
N ASP O 69 -43.53 -80.76 33.44
CA ASP O 69 -44.23 -81.18 32.23
C ASP O 69 -44.98 -80.05 31.55
N ASP O 70 -44.88 -78.83 32.06
CA ASP O 70 -45.56 -77.71 31.45
C ASP O 70 -44.83 -77.26 30.20
N GLU O 71 -45.58 -76.74 29.25
CA GLU O 71 -45.00 -76.23 28.02
C GLU O 71 -44.39 -74.86 28.26
N SER O 72 -43.14 -74.68 27.83
CA SER O 72 -42.43 -73.44 28.08
C SER O 72 -42.89 -72.31 27.16
N GLY O 73 -43.27 -72.62 25.92
CA GLY O 73 -43.64 -71.60 24.98
C GLY O 73 -42.49 -70.98 24.22
N LEU O 74 -41.29 -71.40 24.45
CA LEU O 74 -40.15 -70.85 23.74
C LEU O 74 -40.00 -71.49 22.37
N PRO O 75 -39.53 -70.74 21.38
CA PRO O 75 -39.13 -71.37 20.12
C PRO O 75 -37.92 -72.25 20.31
N ARG O 76 -37.77 -73.25 19.46
CA ARG O 76 -36.65 -74.15 19.57
C ARG O 76 -35.32 -73.49 19.25
N LYS O 77 -35.33 -72.29 18.67
CA LYS O 77 -34.08 -71.61 18.34
C LYS O 77 -33.36 -71.07 19.57
N TYR O 78 -34.00 -71.08 20.73
CA TYR O 78 -33.46 -70.45 21.93
C TYR O 78 -32.99 -71.43 22.99
N LYS O 79 -33.21 -72.73 22.80
CA LYS O 79 -33.01 -73.65 23.92
C LYS O 79 -31.53 -73.78 24.26
N HIS O 80 -30.64 -73.68 23.28
CA HIS O 80 -29.22 -73.77 23.58
C HIS O 80 -28.78 -72.61 24.46
N ALA O 81 -29.18 -71.38 24.11
CA ALA O 81 -28.80 -70.23 24.91
C ALA O 81 -29.39 -70.31 26.31
N VAL O 82 -30.68 -70.65 26.41
CA VAL O 82 -31.32 -70.73 27.72
C VAL O 82 -30.68 -71.82 28.56
N GLY O 83 -30.40 -72.97 27.97
CA GLY O 83 -29.81 -74.06 28.72
C GLY O 83 -28.41 -73.74 29.20
N TYR O 84 -27.61 -73.09 28.36
CA TYR O 84 -26.26 -72.75 28.79
C TYR O 84 -26.27 -71.73 29.92
N GLN O 85 -27.15 -70.73 29.82
CA GLN O 85 -27.23 -69.75 30.91
C GLN O 85 -27.69 -70.42 32.21
N LEU O 86 -28.67 -71.32 32.12
CA LEU O 86 -29.13 -72.02 33.31
C LEU O 86 -28.05 -72.89 33.91
N LEU O 87 -27.28 -73.58 33.07
CA LEU O 87 -26.16 -74.38 33.58
C LEU O 87 -25.16 -73.51 34.30
N LEU O 88 -24.83 -72.35 33.73
CA LEU O 88 -23.89 -71.45 34.40
C LEU O 88 -24.42 -71.03 35.76
N ARG O 89 -25.72 -70.78 35.86
CA ARG O 89 -26.25 -70.34 37.14
C ARG O 89 -26.31 -71.46 38.17
N MET O 90 -26.61 -72.69 37.78
CA MET O 90 -26.78 -73.77 38.75
C MET O 90 -25.58 -74.68 38.90
N LEU O 91 -24.43 -74.34 38.30
CA LEU O 91 -23.25 -75.17 38.51
C LEU O 91 -22.80 -75.19 39.97
N SER O 92 -22.90 -74.05 40.66
CA SER O 92 -22.35 -73.95 42.01
C SER O 92 -23.13 -74.76 43.04
N ASP O 93 -24.30 -75.29 42.68
CA ASP O 93 -25.02 -76.16 43.60
C ASP O 93 -24.20 -77.39 43.94
N TYR O 94 -23.50 -77.93 42.95
CA TYR O 94 -22.72 -79.15 43.10
C TYR O 94 -21.24 -78.87 43.32
N SER O 95 -20.88 -77.60 43.55
CA SER O 95 -19.51 -77.20 43.80
C SER O 95 -18.60 -77.58 42.63
N LEU O 96 -18.90 -77.03 41.47
CA LEU O 96 -18.14 -77.25 40.26
C LEU O 96 -17.86 -75.92 39.58
N GLU O 97 -16.83 -75.91 38.74
CA GLU O 97 -16.48 -74.72 37.99
C GLU O 97 -16.45 -75.03 36.50
N PRO O 98 -16.95 -74.12 35.67
CA PRO O 98 -16.99 -74.38 34.24
C PRO O 98 -15.61 -74.34 33.61
N THR O 99 -15.45 -75.11 32.57
CA THR O 99 -14.26 -75.14 31.74
C THR O 99 -14.35 -74.05 30.69
N PRO O 100 -13.21 -73.63 30.13
CA PRO O 100 -13.26 -72.53 29.14
C PRO O 100 -14.12 -72.81 27.92
N GLN O 101 -14.17 -74.06 27.46
CA GLN O 101 -14.99 -74.35 26.28
C GLN O 101 -16.46 -74.15 26.56
N VAL O 102 -16.91 -74.51 27.76
CA VAL O 102 -18.31 -74.30 28.12
C VAL O 102 -18.63 -72.81 28.13
N LEU O 103 -17.73 -72.00 28.68
CA LEU O 103 -17.94 -70.56 28.67
C LEU O 103 -18.00 -70.01 27.26
N SER O 104 -17.15 -70.51 26.37
CA SER O 104 -17.17 -70.04 24.99
C SER O 104 -18.49 -70.40 24.31
N ASN O 105 -18.96 -71.63 24.51
CA ASN O 105 -20.24 -72.03 23.94
C ASN O 105 -21.38 -71.17 24.46
N ALA O 106 -21.37 -70.91 25.78
CA ALA O 106 -22.42 -70.09 26.36
C ALA O 106 -22.42 -68.69 25.77
N GLN O 107 -21.23 -68.11 25.60
CA GLN O 107 -21.17 -66.77 25.03
C GLN O 107 -21.65 -66.75 23.58
N ARG O 108 -21.27 -67.75 22.79
CA ARG O 108 -21.73 -67.79 21.40
C ARG O 108 -23.25 -67.90 21.30
N SER O 109 -23.84 -68.79 22.11
CA SER O 109 -25.29 -68.94 22.07
C SER O 109 -25.99 -67.67 22.52
N TYR O 110 -25.47 -67.03 23.58
CA TYR O 110 -26.06 -65.79 24.04
C TYR O 110 -25.98 -64.71 22.97
N ASP O 111 -24.86 -64.63 22.25
CA ASP O 111 -24.75 -63.65 21.19
C ASP O 111 -25.75 -63.91 20.08
N ALA O 112 -25.96 -65.18 19.74
CA ALA O 112 -26.98 -65.49 18.74
C ALA O 112 -28.36 -65.05 19.21
N LEU O 113 -28.67 -65.24 20.49
CA LEU O 113 -29.95 -64.77 21.01
C LEU O 113 -30.05 -63.25 20.96
N MET O 114 -28.97 -62.56 21.33
CA MET O 114 -28.97 -61.10 21.32
C MET O 114 -29.18 -60.53 19.92
N THR O 115 -28.60 -61.19 18.90
CA THR O 115 -28.73 -60.70 17.54
C THR O 115 -30.18 -60.69 17.06
N ASP O 116 -30.99 -61.60 17.58
CA ASP O 116 -32.35 -61.77 17.07
C ASP O 116 -33.36 -60.82 17.70
N THR O 117 -32.95 -59.97 18.64
CA THR O 117 -33.88 -59.08 19.32
C THR O 117 -33.43 -57.63 19.29
N LEU O 118 -32.62 -57.24 18.32
CA LEU O 118 -32.10 -55.88 18.22
C LEU O 118 -33.18 -54.92 17.74
N VAL O 119 -33.01 -53.64 18.06
CA VAL O 119 -34.00 -52.60 17.75
C VAL O 119 -33.39 -51.42 16.98
N VAL O 120 -32.34 -50.81 17.52
CA VAL O 120 -31.72 -49.62 16.93
C VAL O 120 -32.76 -48.52 16.73
N PRO O 121 -33.08 -47.76 17.78
CA PRO O 121 -34.33 -46.98 17.82
C PRO O 121 -34.52 -45.92 16.74
N SER O 122 -33.47 -45.40 16.10
CA SER O 122 -33.65 -44.51 14.94
C SER O 122 -34.39 -43.22 15.28
N MET O 123 -33.70 -42.36 16.02
CA MET O 123 -34.25 -41.09 16.51
C MET O 123 -34.80 -40.20 15.39
N ARG O 124 -35.73 -39.32 15.78
CA ARG O 124 -36.57 -38.53 14.89
C ARG O 124 -36.06 -37.09 14.75
N ARG O 125 -36.82 -36.28 14.03
CA ARG O 125 -36.63 -34.83 14.02
C ARG O 125 -37.23 -34.25 15.29
N ARG O 126 -37.04 -32.94 15.49
CA ARG O 126 -37.23 -32.40 16.83
C ARG O 126 -38.62 -31.84 17.07
N GLY O 127 -39.03 -30.84 16.30
CA GLY O 127 -40.31 -30.23 16.58
C GLY O 127 -40.32 -28.73 16.40
N ASP O 128 -39.17 -28.10 16.58
CA ASP O 128 -38.95 -26.74 16.15
C ASP O 128 -38.15 -26.67 14.86
N PHE O 129 -37.90 -27.80 14.23
CA PHE O 129 -37.13 -27.84 13.00
C PHE O 129 -38.05 -27.54 11.82
N PRO O 130 -37.74 -26.54 10.99
CA PRO O 130 -38.61 -26.23 9.86
C PRO O 130 -38.58 -27.34 8.82
N VAL O 131 -39.66 -27.43 8.07
CA VAL O 131 -39.70 -28.21 6.85
C VAL O 131 -39.72 -27.22 5.69
N GLY O 132 -38.87 -27.47 4.70
CA GLY O 132 -38.60 -26.45 3.71
C GLY O 132 -39.78 -26.16 2.81
N GLN O 133 -39.65 -25.08 2.05
CA GLN O 133 -40.65 -24.75 1.05
C GLN O 133 -40.70 -25.76 -0.08
N GLY O 134 -39.69 -26.64 -0.18
CA GLY O 134 -39.61 -27.54 -1.30
C GLY O 134 -40.69 -28.59 -1.33
N ASN O 135 -41.29 -28.91 -0.18
CA ASN O 135 -42.36 -29.89 -0.15
C ASN O 135 -43.71 -29.29 0.23
N LYS O 136 -43.88 -27.99 -0.04
CA LYS O 136 -45.19 -27.36 -0.20
C LYS O 136 -46.10 -27.63 0.99
N TYR O 137 -45.68 -27.09 2.15
CA TYR O 137 -46.45 -27.28 3.37
C TYR O 137 -47.81 -26.61 3.32
N ASP O 138 -48.03 -25.73 2.34
CA ASP O 138 -49.30 -25.01 2.28
C ASP O 138 -50.43 -25.88 1.79
N VAL O 139 -50.27 -26.54 0.63
CA VAL O 139 -51.36 -27.22 -0.05
C VAL O 139 -51.29 -28.75 0.11
N PHE O 140 -50.16 -29.35 -0.27
CA PHE O 140 -50.07 -30.82 -0.23
C PHE O 140 -50.20 -31.34 1.18
N THR O 141 -49.26 -31.01 2.04
CA THR O 141 -49.33 -31.38 3.43
C THR O 141 -49.81 -30.19 4.24
N SER O 142 -49.78 -30.32 5.56
CA SER O 142 -50.07 -29.22 6.45
C SER O 142 -48.98 -29.17 7.50
N ASP O 143 -49.04 -28.15 8.34
CA ASP O 143 -48.16 -28.05 9.49
C ASP O 143 -46.69 -28.08 9.07
N ARG O 144 -46.27 -26.98 8.45
CA ARG O 144 -44.88 -26.58 8.45
C ARG O 144 -44.30 -26.78 9.85
N TYR O 145 -43.02 -27.14 9.93
CA TYR O 145 -42.35 -27.61 11.14
C TYR O 145 -42.77 -29.04 11.46
N TYR O 146 -41.80 -29.88 11.78
CA TYR O 146 -42.07 -31.30 12.03
C TYR O 146 -42.86 -31.49 13.32
N PRO O 147 -43.70 -32.51 13.38
CA PRO O 147 -44.42 -32.78 14.63
C PRO O 147 -43.49 -33.30 15.72
N GLY O 148 -42.65 -34.26 15.37
CA GLY O 148 -41.57 -34.69 16.25
C GLY O 148 -42.04 -35.16 17.61
N ASP O 149 -43.16 -35.88 17.67
CA ASP O 149 -43.73 -36.26 18.95
C ASP O 149 -44.52 -37.56 18.83
N LEU O 150 -45.84 -37.43 18.72
CA LEU O 150 -46.74 -38.56 18.52
C LEU O 150 -46.59 -39.61 19.64
N LEU P 5 54.89 -76.20 4.12
CA LEU P 5 54.11 -74.98 4.01
C LEU P 5 52.96 -75.19 3.02
N THR P 6 53.20 -76.00 1.99
CA THR P 6 52.11 -76.43 1.13
C THR P 6 51.09 -77.19 1.96
N LYS P 7 49.81 -76.95 1.66
CA LYS P 7 48.73 -77.26 2.58
C LYS P 7 47.83 -78.33 2.00
N GLY P 8 47.96 -79.57 2.47
CA GLY P 8 47.14 -80.65 1.98
C GLY P 8 45.71 -80.51 2.41
N GLU P 9 44.83 -81.32 1.80
CA GLU P 9 43.43 -81.29 2.17
C GLU P 9 43.13 -82.09 3.42
N ILE P 10 44.13 -82.71 4.04
CA ILE P 10 43.91 -83.43 5.29
C ILE P 10 44.31 -82.62 6.51
N VAL P 11 45.18 -81.63 6.36
CA VAL P 11 45.52 -80.77 7.49
C VAL P 11 44.28 -80.06 7.99
N LEU P 12 43.44 -79.62 7.05
CA LEU P 12 42.19 -78.98 7.40
C LEU P 12 41.34 -79.90 8.26
N PHE P 13 41.32 -81.19 7.92
CA PHE P 13 40.47 -82.12 8.63
C PHE P 13 41.03 -82.44 10.00
N ALA P 14 42.34 -82.54 10.10
CA ALA P 14 42.94 -82.59 11.41
C ALA P 14 42.44 -81.42 12.25
N LEU P 15 42.41 -80.22 11.67
CA LEU P 15 42.01 -79.05 12.45
C LEU P 15 40.57 -79.20 12.96
N ARG P 16 39.63 -79.55 12.07
CA ARG P 16 38.29 -79.81 12.58
C ARG P 16 38.26 -80.90 13.63
N LYS P 17 38.84 -82.06 13.35
CA LYS P 17 38.62 -83.21 14.21
C LYS P 17 39.18 -82.97 15.61
N PHE P 18 40.34 -82.31 15.71
CA PHE P 18 40.83 -82.07 17.07
C PHE P 18 40.44 -80.71 17.61
N ALA P 19 39.72 -79.90 16.85
CA ALA P 19 39.19 -78.67 17.44
C ALA P 19 37.94 -78.92 18.28
N ILE P 20 37.31 -80.08 18.13
CA ILE P 20 36.15 -80.45 18.93
C ILE P 20 36.35 -81.81 19.61
N ALA P 21 37.60 -82.20 19.82
CA ALA P 21 37.96 -83.38 20.62
C ALA P 21 37.46 -84.68 19.98
N SER P 22 38.04 -85.01 18.83
CA SER P 22 37.88 -86.35 18.26
C SER P 22 39.17 -86.90 17.66
N ASN P 23 40.30 -86.19 17.74
CA ASN P 23 41.51 -86.58 17.02
C ASN P 23 42.79 -86.44 17.82
N ALA P 24 42.75 -85.69 18.91
CA ALA P 24 43.99 -85.26 19.55
C ALA P 24 44.79 -86.45 20.09
N SER P 25 44.15 -87.29 20.89
CA SER P 25 44.82 -88.49 21.41
C SER P 25 43.85 -89.67 21.51
N LEU P 26 42.82 -89.68 20.66
CA LEU P 26 41.91 -90.80 20.51
C LEU P 26 42.08 -91.37 19.10
N THR P 27 41.25 -92.36 18.78
CA THR P 27 41.35 -93.00 17.46
C THR P 27 40.95 -92.00 16.37
N ASP P 28 41.48 -92.23 15.17
CA ASP P 28 41.10 -91.37 14.05
C ASP P 28 39.77 -91.79 13.43
N VAL P 29 38.77 -92.00 14.28
CA VAL P 29 37.35 -92.09 13.92
C VAL P 29 37.17 -92.98 12.69
N GLU P 30 38.09 -93.92 12.48
CA GLU P 30 38.12 -94.82 11.34
C GLU P 30 38.37 -94.02 10.06
N PRO P 31 38.98 -94.63 9.04
CA PRO P 31 39.23 -93.89 7.79
C PRO P 31 37.97 -93.47 7.06
N GLN P 32 36.81 -94.04 7.40
CA GLN P 32 35.55 -93.69 6.77
C GLN P 32 35.16 -92.24 7.03
N SER P 33 35.34 -91.77 8.27
CA SER P 33 35.02 -90.39 8.60
C SER P 33 35.90 -89.40 7.86
N ILE P 34 37.06 -89.82 7.38
CA ILE P 34 37.89 -88.94 6.58
C ILE P 34 37.34 -88.78 5.17
N GLU P 35 36.95 -89.88 4.53
CA GLU P 35 36.37 -89.78 3.19
C GLU P 35 35.07 -89.00 3.19
N ASP P 36 34.21 -89.28 4.18
CA ASP P 36 32.96 -88.54 4.28
C ASP P 36 33.22 -87.06 4.42
N GLY P 37 34.17 -86.71 5.29
CA GLY P 37 34.50 -85.31 5.46
C GLY P 37 35.06 -84.67 4.21
N VAL P 38 35.94 -85.37 3.49
CA VAL P 38 36.57 -84.77 2.32
C VAL P 38 35.54 -84.49 1.24
N ASN P 39 34.58 -85.40 1.07
CA ASN P 39 33.46 -85.09 0.21
C ASN P 39 32.70 -83.86 0.69
N ASP P 40 32.51 -83.74 2.00
CA ASP P 40 31.83 -82.56 2.53
C ASP P 40 32.60 -81.28 2.19
N LEU P 41 33.92 -81.32 2.33
CA LEU P 41 34.73 -80.14 2.04
C LEU P 41 34.64 -79.77 0.55
N GLU P 42 34.68 -80.77 -0.32
CA GLU P 42 34.55 -80.50 -1.75
C GLU P 42 33.22 -79.84 -2.09
N ASP P 43 32.14 -80.38 -1.54
CA ASP P 43 30.82 -79.82 -1.83
C ASP P 43 30.67 -78.42 -1.24
N MET P 44 31.24 -78.19 -0.05
CA MET P 44 31.16 -76.88 0.56
C MET P 44 31.93 -75.84 -0.25
N MET P 45 33.09 -76.21 -0.78
CA MET P 45 33.81 -75.30 -1.68
C MET P 45 32.99 -75.01 -2.93
N SER P 46 32.39 -76.05 -3.51
CA SER P 46 31.55 -75.84 -4.69
C SER P 46 30.44 -74.83 -4.40
N GLU P 47 29.81 -74.95 -3.24
CA GLU P 47 28.79 -73.97 -2.85
C GLU P 47 29.39 -72.59 -2.63
N TRP P 48 30.55 -72.51 -2.00
CA TRP P 48 31.19 -71.23 -1.74
C TRP P 48 31.56 -70.51 -3.02
N MET P 49 31.60 -71.22 -4.13
CA MET P 49 31.85 -70.55 -5.40
C MET P 49 30.77 -69.53 -5.75
N ILE P 50 29.74 -69.36 -4.93
CA ILE P 50 28.64 -68.43 -5.20
C ILE P 50 28.65 -67.26 -4.22
N ASN P 51 28.45 -67.53 -2.93
CA ASN P 51 28.21 -66.41 -2.03
C ASN P 51 29.51 -65.70 -1.64
N PRO P 52 30.47 -66.34 -0.96
CA PRO P 52 31.71 -65.62 -0.66
C PRO P 52 32.55 -65.37 -1.88
N GLY P 53 32.34 -66.09 -2.96
CA GLY P 53 33.13 -65.96 -4.16
C GLY P 53 34.29 -66.93 -4.18
N ASP P 54 35.01 -66.90 -5.29
CA ASP P 54 36.18 -67.78 -5.45
C ASP P 54 37.32 -67.31 -4.56
N ILE P 55 38.03 -68.28 -3.98
CA ILE P 55 39.19 -68.00 -3.15
C ILE P 55 40.42 -68.80 -3.55
N GLY P 56 40.38 -69.52 -4.66
CA GLY P 56 41.54 -70.21 -5.15
C GLY P 56 41.60 -71.69 -4.88
N TYR P 57 40.49 -72.31 -4.46
CA TYR P 57 40.47 -73.74 -4.21
C TYR P 57 40.69 -74.52 -5.50
N ALA P 58 41.35 -75.66 -5.37
CA ALA P 58 41.68 -76.52 -6.49
C ALA P 58 40.80 -77.76 -6.44
N PHE P 59 40.01 -77.98 -7.50
CA PHE P 59 39.07 -79.07 -7.53
C PHE P 59 39.67 -80.31 -8.18
N ALA P 60 39.02 -81.44 -7.99
CA ALA P 60 39.42 -82.66 -8.66
C ALA P 60 39.18 -82.54 -10.16
N THR P 61 39.87 -83.38 -10.93
CA THR P 61 39.82 -83.33 -12.39
C THR P 61 39.23 -84.63 -12.92
N GLY P 62 37.93 -84.61 -13.20
CA GLY P 62 37.28 -85.73 -13.87
C GLY P 62 37.05 -86.94 -13.00
N ASP P 63 38.12 -87.48 -12.42
CA ASP P 63 38.00 -88.66 -11.58
C ASP P 63 37.44 -88.29 -10.21
N GLU P 64 36.90 -89.30 -9.53
CA GLU P 64 36.37 -89.12 -8.18
C GLU P 64 37.51 -89.10 -7.18
N GLN P 65 37.16 -89.28 -5.91
CA GLN P 65 38.14 -89.44 -4.84
C GLN P 65 39.10 -88.25 -4.80
N PRO P 66 38.68 -87.11 -4.28
CA PRO P 66 39.60 -85.99 -4.13
C PRO P 66 40.83 -86.31 -3.29
N LEU P 67 40.73 -87.27 -2.38
CA LEU P 67 41.85 -87.80 -1.59
C LEU P 67 42.37 -86.79 -0.58
N PRO P 68 42.79 -87.23 0.60
CA PRO P 68 43.28 -86.30 1.62
C PRO P 68 44.70 -85.79 1.39
N ASP P 69 45.46 -86.37 0.48
CA ASP P 69 46.83 -85.97 0.25
C ASP P 69 46.99 -84.94 -0.85
N ASP P 70 45.90 -84.50 -1.46
CA ASP P 70 45.97 -83.54 -2.54
C ASP P 70 46.15 -82.13 -1.98
N GLU P 71 46.84 -81.28 -2.73
CA GLU P 71 47.02 -79.90 -2.33
C GLU P 71 45.73 -79.13 -2.50
N SER P 72 45.34 -78.38 -1.48
CA SER P 72 44.10 -77.61 -1.55
C SER P 72 44.24 -76.37 -2.41
N GLY P 73 45.42 -75.78 -2.46
CA GLY P 73 45.59 -74.54 -3.19
C GLY P 73 45.19 -73.29 -2.44
N LEU P 74 44.90 -73.39 -1.17
CA LEU P 74 44.50 -72.23 -0.40
C LEU P 74 45.70 -71.61 0.29
N PRO P 75 45.70 -70.29 0.47
CA PRO P 75 46.72 -69.66 1.30
C PRO P 75 46.52 -70.04 2.75
N ARG P 76 47.61 -69.99 3.50
CA ARG P 76 47.54 -70.37 4.91
C ARG P 76 46.75 -69.37 5.75
N LYS P 77 46.39 -68.21 5.20
CA LYS P 77 45.63 -67.22 5.93
C LYS P 77 44.14 -67.56 6.02
N TYR P 78 43.68 -68.57 5.30
CA TYR P 78 42.26 -68.90 5.25
C TYR P 78 41.89 -70.18 5.99
N LYS P 79 42.87 -70.87 6.57
CA LYS P 79 42.59 -72.20 7.06
C LYS P 79 41.71 -72.19 8.29
N HIS P 80 41.86 -71.19 9.16
CA HIS P 80 41.00 -71.14 10.35
C HIS P 80 39.55 -70.90 9.95
N ALA P 81 39.31 -70.00 9.01
CA ALA P 81 37.95 -69.72 8.56
C ALA P 81 37.33 -70.96 7.93
N VAL P 82 38.06 -71.58 7.00
CA VAL P 82 37.52 -72.77 6.33
C VAL P 82 37.28 -73.88 7.33
N GLY P 83 38.21 -74.07 8.27
CA GLY P 83 38.07 -75.13 9.25
C GLY P 83 36.88 -74.93 10.16
N TYR P 84 36.67 -73.70 10.63
CA TYR P 84 35.54 -73.48 11.52
C TYR P 84 34.22 -73.68 10.78
N GLN P 85 34.14 -73.22 9.54
CA GLN P 85 32.91 -73.44 8.78
C GLN P 85 32.65 -74.93 8.58
N LEU P 86 33.68 -75.69 8.23
CA LEU P 86 33.43 -77.10 7.98
C LEU P 86 33.14 -77.87 9.26
N LEU P 87 33.73 -77.47 10.39
CA LEU P 87 33.36 -78.06 11.67
C LEU P 87 31.89 -77.81 11.96
N LEU P 88 31.42 -76.59 11.74
CA LEU P 88 30.01 -76.30 11.95
C LEU P 88 29.14 -77.19 11.07
N ARG P 89 29.58 -77.46 9.85
CA ARG P 89 28.76 -78.31 8.98
C ARG P 89 28.80 -79.77 9.38
N MET P 90 29.94 -80.28 9.88
CA MET P 90 30.04 -81.70 10.19
C MET P 90 29.60 -82.07 11.60
N LEU P 91 29.36 -81.10 12.49
CA LEU P 91 29.08 -81.46 13.88
C LEU P 91 27.90 -82.40 14.03
N SER P 92 26.89 -82.28 13.17
CA SER P 92 25.66 -83.05 13.37
C SER P 92 25.80 -84.52 12.98
N ASP P 93 26.90 -84.90 12.32
CA ASP P 93 27.12 -86.31 12.03
C ASP P 93 27.25 -87.11 13.31
N TYR P 94 27.92 -86.57 14.30
CA TYR P 94 28.18 -87.22 15.57
C TYR P 94 27.17 -86.84 16.63
N SER P 95 26.11 -86.12 16.25
CA SER P 95 25.06 -85.69 17.17
C SER P 95 25.64 -84.86 18.31
N LEU P 96 26.26 -83.75 17.93
CA LEU P 96 26.82 -82.81 18.88
C LEU P 96 26.31 -81.42 18.58
N GLU P 97 26.46 -80.54 19.57
CA GLU P 97 26.02 -79.16 19.43
C GLU P 97 27.17 -78.23 19.75
N PRO P 98 27.30 -77.12 19.04
CA PRO P 98 28.41 -76.22 19.29
C PRO P 98 28.18 -75.35 20.51
N THR P 99 29.26 -75.05 21.19
CA THR P 99 29.26 -74.16 22.33
C THR P 99 29.43 -72.72 21.87
N PRO P 100 29.01 -71.75 22.69
CA PRO P 100 29.07 -70.34 22.24
C PRO P 100 30.46 -69.86 21.84
N GLN P 101 31.51 -70.31 22.51
CA GLN P 101 32.85 -69.82 22.16
C GLN P 101 33.25 -70.30 20.77
N VAL P 102 32.89 -71.53 20.41
CA VAL P 102 33.18 -72.02 19.07
C VAL P 102 32.46 -71.16 18.02
N LEU P 103 31.20 -70.81 18.29
CA LEU P 103 30.48 -69.94 17.37
C LEU P 103 31.14 -68.59 17.23
N SER P 104 31.61 -68.03 18.34
CA SER P 104 32.28 -66.73 18.29
C SER P 104 33.56 -66.81 17.47
N ASN P 105 34.34 -67.87 17.66
CA ASN P 105 35.57 -68.03 16.88
C ASN P 105 35.26 -68.17 15.40
N ALA P 106 34.24 -68.96 15.07
CA ALA P 106 33.88 -69.13 13.67
C ALA P 106 33.47 -67.82 13.03
N GLN P 107 32.68 -67.01 13.75
CA GLN P 107 32.28 -65.73 13.21
C GLN P 107 33.46 -64.79 13.03
N ARG P 108 34.38 -64.77 14.00
CA ARG P 108 35.57 -63.93 13.88
C ARG P 108 36.38 -64.30 12.62
N SER P 109 36.61 -65.59 12.43
CA SER P 109 37.40 -66.03 11.28
C SER P 109 36.68 -65.72 9.97
N TYR P 110 35.37 -65.93 9.92
CA TYR P 110 34.62 -65.63 8.71
C TYR P 110 34.68 -64.15 8.37
N ASP P 111 34.57 -63.29 9.38
CA ASP P 111 34.67 -61.86 9.13
C ASP P 111 36.04 -61.49 8.61
N ALA P 112 37.09 -62.10 9.16
CA ALA P 112 38.44 -61.83 8.65
C ALA P 112 38.56 -62.26 7.19
N LEU P 113 37.97 -63.40 6.84
CA LEU P 113 38.02 -63.87 5.45
C LEU P 113 37.29 -62.89 4.52
N MET P 114 36.11 -62.44 4.91
CA MET P 114 35.35 -61.58 4.03
C MET P 114 35.88 -60.16 3.96
N THR P 115 36.66 -59.73 4.95
CA THR P 115 37.29 -58.41 4.85
C THR P 115 38.29 -58.37 3.69
N ASP P 116 38.94 -59.49 3.42
CA ASP P 116 39.97 -59.59 2.39
C ASP P 116 39.40 -59.78 0.99
N THR P 117 38.12 -59.51 0.78
CA THR P 117 37.49 -59.82 -0.50
C THR P 117 36.59 -58.70 -1.02
N LEU P 118 36.33 -57.64 -0.25
CA LEU P 118 35.42 -56.60 -0.69
C LEU P 118 35.87 -55.95 -1.98
N VAL P 119 34.89 -55.40 -2.72
CA VAL P 119 35.15 -54.66 -3.94
C VAL P 119 34.57 -53.25 -3.88
N VAL P 120 33.34 -53.08 -3.40
CA VAL P 120 32.67 -51.78 -3.38
C VAL P 120 32.66 -51.19 -4.78
N PRO P 121 31.75 -51.64 -5.65
CA PRO P 121 31.93 -51.48 -7.10
C PRO P 121 32.11 -50.05 -7.60
N SER P 122 31.47 -49.06 -6.98
CA SER P 122 31.57 -47.66 -7.42
C SER P 122 30.81 -47.39 -8.72
N MET P 123 30.03 -46.31 -8.74
CA MET P 123 29.14 -46.00 -9.84
C MET P 123 29.82 -45.11 -10.86
N ARG P 124 29.32 -45.15 -12.09
CA ARG P 124 29.86 -44.36 -13.19
C ARG P 124 28.78 -43.44 -13.75
N ARG P 125 29.22 -42.43 -14.50
CA ARG P 125 28.28 -41.46 -15.04
C ARG P 125 27.39 -42.11 -16.10
N ARG P 126 26.23 -41.51 -16.32
CA ARG P 126 25.12 -42.21 -16.96
C ARG P 126 25.38 -42.45 -18.44
N GLY P 127 25.78 -41.42 -19.18
CA GLY P 127 25.89 -41.58 -20.62
C GLY P 127 25.14 -40.52 -21.39
N ASP P 128 24.09 -39.98 -20.79
CA ASP P 128 23.45 -38.76 -21.26
C ASP P 128 23.86 -37.55 -20.42
N PHE P 129 24.78 -37.73 -19.50
CA PHE P 129 25.26 -36.63 -18.67
C PHE P 129 26.26 -35.80 -19.44
N PRO P 130 26.07 -34.49 -19.53
CA PRO P 130 27.02 -33.65 -20.26
C PRO P 130 28.35 -33.57 -19.53
N VAL P 131 29.40 -33.35 -20.28
CA VAL P 131 30.69 -32.99 -19.72
C VAL P 131 30.91 -31.52 -20.03
N GLY P 132 31.36 -30.78 -19.03
CA GLY P 132 31.32 -29.33 -19.13
C GLY P 132 32.28 -28.76 -20.16
N GLN P 133 32.08 -27.48 -20.46
CA GLN P 133 32.97 -26.79 -21.39
C GLN P 133 34.37 -26.63 -20.82
N GLY P 134 34.54 -26.76 -19.52
CA GLY P 134 35.87 -26.65 -18.93
C GLY P 134 36.79 -27.79 -19.31
N ASN P 135 36.24 -28.93 -19.72
CA ASN P 135 37.05 -30.06 -20.13
C ASN P 135 37.56 -29.94 -21.56
N LYS P 136 37.09 -28.95 -22.32
CA LYS P 136 37.58 -28.68 -23.67
C LYS P 136 37.41 -29.90 -24.57
N TYR P 137 36.15 -30.28 -24.77
CA TYR P 137 35.86 -31.49 -25.53
C TYR P 137 36.13 -31.34 -27.02
N ASP P 138 36.57 -30.16 -27.46
CA ASP P 138 36.88 -29.99 -28.87
C ASP P 138 38.24 -30.57 -29.22
N VAL P 139 39.28 -30.05 -28.60
CA VAL P 139 40.66 -30.29 -29.03
C VAL P 139 41.37 -31.30 -28.14
N PHE P 140 41.28 -31.16 -26.81
CA PHE P 140 42.01 -32.07 -25.94
C PHE P 140 41.41 -33.46 -25.99
N THR P 141 40.16 -33.60 -25.59
CA THR P 141 39.45 -34.87 -25.67
C THR P 141 38.45 -34.81 -26.81
N SER P 142 37.64 -35.86 -26.91
CA SER P 142 36.54 -35.92 -27.85
C SER P 142 35.32 -36.41 -27.10
N ASP P 143 34.20 -36.44 -27.80
CA ASP P 143 32.97 -37.03 -27.28
C ASP P 143 32.55 -36.36 -25.97
N ARG P 144 32.11 -35.11 -26.12
CA ARG P 144 31.24 -34.50 -25.13
C ARG P 144 30.14 -35.48 -24.74
N TYR P 145 29.67 -35.41 -23.50
CA TYR P 145 28.83 -36.42 -22.86
C TYR P 145 29.66 -37.65 -22.51
N TYR P 146 29.46 -38.19 -21.32
CA TYR P 146 30.26 -39.31 -20.86
C TYR P 146 29.88 -40.59 -21.63
N PRO P 147 30.84 -41.50 -21.81
CA PRO P 147 30.49 -42.77 -22.47
C PRO P 147 29.62 -43.65 -21.60
N GLY P 148 29.96 -43.81 -20.33
CA GLY P 148 29.11 -44.49 -19.36
C GLY P 148 28.73 -45.91 -19.74
N ASP P 149 29.66 -46.65 -20.33
CA ASP P 149 29.34 -47.99 -20.80
C ASP P 149 30.58 -48.88 -20.80
N LEU P 150 31.17 -49.06 -21.97
CA LEU P 150 32.41 -49.82 -22.13
C LEU P 150 32.28 -51.24 -21.58
N MET Q 1 6.40 -88.72 -18.83
CA MET Q 1 5.35 -88.18 -17.98
C MET Q 1 5.34 -88.88 -16.62
N ALA Q 2 4.81 -88.20 -15.60
CA ALA Q 2 4.80 -88.76 -14.25
C ALA Q 2 3.72 -89.81 -14.10
N THR Q 3 3.98 -90.75 -13.20
CA THR Q 3 2.98 -91.76 -12.83
C THR Q 3 1.80 -91.06 -12.18
N VAL Q 4 0.61 -91.64 -12.29
CA VAL Q 4 -0.62 -90.99 -11.85
C VAL Q 4 -0.80 -91.19 -10.36
N LEU Q 5 -1.17 -90.11 -9.66
CA LEU Q 5 -1.59 -90.23 -8.27
C LEU Q 5 -2.94 -90.94 -8.20
N THR Q 6 -3.12 -91.77 -7.18
CA THR Q 6 -4.23 -92.72 -7.19
C THR Q 6 -5.10 -92.74 -5.94
N LYS Q 7 -5.13 -91.67 -5.14
CA LYS Q 7 -5.97 -91.58 -3.95
C LYS Q 7 -5.54 -92.53 -2.86
N GLY Q 8 -4.62 -93.45 -3.18
CA GLY Q 8 -4.05 -94.31 -2.16
C GLY Q 8 -2.67 -93.92 -1.77
N GLU Q 9 -1.88 -93.42 -2.72
CA GLU Q 9 -0.58 -92.86 -2.36
C GLU Q 9 -0.73 -91.67 -1.44
N ILE Q 10 -1.76 -90.85 -1.62
CA ILE Q 10 -1.92 -89.68 -0.78
C ILE Q 10 -2.19 -90.08 0.67
N VAL Q 11 -3.13 -91.01 0.86
CA VAL Q 11 -3.45 -91.45 2.22
C VAL Q 11 -2.27 -92.19 2.83
N LEU Q 12 -1.60 -93.05 2.07
CA LEU Q 12 -0.45 -93.76 2.58
C LEU Q 12 0.69 -92.80 2.94
N PHE Q 13 0.90 -91.77 2.13
CA PHE Q 13 1.90 -90.76 2.43
C PHE Q 13 1.57 -90.04 3.72
N ALA Q 14 0.31 -89.66 3.91
CA ALA Q 14 -0.09 -88.99 5.13
C ALA Q 14 0.13 -89.89 6.35
N LEU Q 15 -0.21 -91.18 6.23
CA LEU Q 15 0.00 -92.08 7.35
C LEU Q 15 1.48 -92.31 7.63
N ARG Q 16 2.31 -92.33 6.59
CA ARG Q 16 3.73 -92.57 6.79
C ARG Q 16 4.45 -91.37 7.39
N LYS Q 17 4.06 -90.16 7.02
CA LYS Q 17 4.84 -89.00 7.43
C LYS Q 17 4.80 -88.78 8.93
N PHE Q 18 3.84 -89.35 9.64
CA PHE Q 18 3.81 -89.22 11.08
C PHE Q 18 4.02 -90.55 11.79
N ALA Q 19 4.55 -91.55 11.08
CA ALA Q 19 4.95 -92.82 11.68
C ALA Q 19 3.78 -93.55 12.33
N ILE Q 20 2.65 -93.60 11.62
CA ILE Q 20 1.52 -94.41 12.05
C ILE Q 20 1.52 -95.78 11.39
N ALA Q 21 1.76 -95.87 10.09
CA ALA Q 21 1.85 -97.15 9.41
C ALA Q 21 2.78 -96.99 8.23
N SER Q 22 4.02 -97.37 8.41
CA SER Q 22 5.00 -97.28 7.35
C SER Q 22 4.96 -98.56 6.53
N ASN Q 23 5.75 -98.60 5.46
CA ASN Q 23 6.02 -99.85 4.77
C ASN Q 23 7.17 -100.59 5.46
N ALA Q 24 7.75 -99.99 6.50
CA ALA Q 24 8.78 -100.61 7.31
C ALA Q 24 8.29 -101.08 8.67
N SER Q 25 7.13 -100.62 9.13
CA SER Q 25 6.65 -101.00 10.45
C SER Q 25 6.29 -102.48 10.47
N LEU Q 26 6.31 -103.06 11.67
CA LEU Q 26 5.94 -104.45 11.85
C LEU Q 26 4.46 -104.63 12.07
N THR Q 27 3.69 -103.54 12.17
CA THR Q 27 2.23 -103.63 12.32
C THR Q 27 1.62 -102.53 11.44
N ASP Q 28 0.97 -102.94 10.35
CA ASP Q 28 0.20 -102.00 9.56
C ASP Q 28 -1.13 -101.70 10.27
N VAL Q 29 -1.96 -100.88 9.62
CA VAL Q 29 -3.23 -100.44 10.19
C VAL Q 29 -4.36 -101.08 9.39
N GLU Q 30 -5.49 -101.29 10.05
CA GLU Q 30 -6.62 -102.01 9.50
C GLU Q 30 -7.19 -101.26 8.30
N PRO Q 31 -7.78 -101.96 7.33
CA PRO Q 31 -8.26 -101.28 6.11
C PRO Q 31 -9.35 -100.26 6.37
N GLN Q 32 -10.03 -100.40 7.50
CA GLN Q 32 -11.04 -99.43 7.88
C GLN Q 32 -10.43 -98.04 8.08
N SER Q 33 -9.18 -97.99 8.55
CA SER Q 33 -8.47 -96.72 8.60
C SER Q 33 -8.29 -96.15 7.20
N ILE Q 34 -7.99 -97.00 6.22
CA ILE Q 34 -7.84 -96.52 4.85
C ILE Q 34 -9.14 -95.95 4.33
N GLU Q 35 -10.26 -96.64 4.58
CA GLU Q 35 -11.55 -96.11 4.14
C GLU Q 35 -11.86 -94.78 4.80
N ASP Q 36 -11.58 -94.65 6.10
CA ASP Q 36 -11.80 -93.38 6.77
C ASP Q 36 -10.94 -92.27 6.16
N GLY Q 37 -9.68 -92.58 5.87
CA GLY Q 37 -8.82 -91.58 5.26
C GLY Q 37 -9.29 -91.16 3.89
N VAL Q 38 -9.74 -92.11 3.07
CA VAL Q 38 -10.19 -91.77 1.72
C VAL Q 38 -11.44 -90.91 1.77
N ASN Q 39 -12.37 -91.24 2.66
CA ASN Q 39 -13.55 -90.40 2.79
C ASN Q 39 -13.20 -89.00 3.30
N ASP Q 40 -12.24 -88.90 4.21
CA ASP Q 40 -11.78 -87.58 4.64
C ASP Q 40 -11.19 -86.80 3.48
N LEU Q 41 -10.40 -87.46 2.63
CA LEU Q 41 -9.86 -86.81 1.44
C LEU Q 41 -10.97 -86.31 0.54
N GLU Q 42 -12.00 -87.14 0.33
CA GLU Q 42 -13.09 -86.73 -0.55
C GLU Q 42 -13.81 -85.50 -0.02
N ASP Q 43 -14.13 -85.49 1.28
CA ASP Q 43 -14.83 -84.34 1.85
C ASP Q 43 -13.96 -83.09 1.86
N MET Q 44 -12.67 -83.23 2.17
CA MET Q 44 -11.78 -82.07 2.14
C MET Q 44 -11.67 -81.48 0.74
N MET Q 45 -11.56 -82.34 -0.28
CA MET Q 45 -11.53 -81.84 -1.65
C MET Q 45 -12.84 -81.18 -2.04
N SER Q 46 -13.98 -81.70 -1.57
CA SER Q 46 -15.24 -81.02 -1.81
C SER Q 46 -15.24 -79.63 -1.21
N GLU Q 47 -14.71 -79.50 0.01
CA GLU Q 47 -14.63 -78.20 0.65
C GLU Q 47 -13.71 -77.24 -0.09
N TRP Q 48 -12.59 -77.74 -0.61
CA TRP Q 48 -11.59 -76.88 -1.22
C TRP Q 48 -12.06 -76.18 -2.48
N MET Q 49 -13.27 -76.45 -2.94
CA MET Q 49 -13.79 -75.72 -4.09
C MET Q 49 -14.24 -74.32 -3.74
N ILE Q 50 -14.06 -73.89 -2.50
CA ILE Q 50 -14.45 -72.56 -2.09
C ILE Q 50 -13.23 -71.69 -1.84
N ASN Q 51 -12.43 -72.03 -0.83
CA ASN Q 51 -11.37 -71.09 -0.47
C ASN Q 51 -10.18 -71.21 -1.42
N PRO Q 52 -9.49 -72.34 -1.52
CA PRO Q 52 -8.36 -72.37 -2.46
C PRO Q 52 -8.82 -72.36 -3.91
N GLY Q 53 -9.94 -73.02 -4.20
CA GLY Q 53 -10.47 -73.11 -5.53
C GLY Q 53 -10.19 -74.47 -6.14
N ASP Q 54 -10.76 -74.67 -7.33
CA ASP Q 54 -10.57 -75.91 -8.05
C ASP Q 54 -9.11 -76.10 -8.44
N ILE Q 55 -8.65 -77.36 -8.37
CA ILE Q 55 -7.28 -77.67 -8.74
C ILE Q 55 -7.26 -78.88 -9.67
N GLY Q 56 -8.42 -79.49 -9.89
CA GLY Q 56 -8.49 -80.57 -10.85
C GLY Q 56 -8.79 -81.93 -10.28
N TYR Q 57 -9.32 -81.97 -9.06
CA TYR Q 57 -9.66 -83.22 -8.43
C TYR Q 57 -10.79 -83.91 -9.18
N ALA Q 58 -10.79 -85.23 -9.16
CA ALA Q 58 -11.78 -86.04 -9.86
C ALA Q 58 -12.68 -86.72 -8.85
N PHE Q 59 -13.92 -86.25 -8.75
CA PHE Q 59 -14.85 -86.79 -7.77
C PHE Q 59 -15.50 -88.07 -8.27
N ALA Q 60 -16.09 -88.81 -7.34
CA ALA Q 60 -16.84 -90.00 -7.68
C ALA Q 60 -18.19 -89.62 -8.29
N THR Q 61 -18.75 -90.54 -9.08
CA THR Q 61 -19.94 -90.28 -9.88
C THR Q 61 -21.06 -91.22 -9.47
N GLY Q 62 -21.80 -90.85 -8.43
CA GLY Q 62 -22.95 -91.61 -7.98
C GLY Q 62 -22.61 -92.94 -7.32
N ASP Q 63 -21.40 -93.45 -7.60
CA ASP Q 63 -20.87 -94.74 -7.18
C ASP Q 63 -20.49 -94.77 -5.73
N GLU Q 64 -20.77 -93.68 -5.02
CA GLU Q 64 -20.52 -93.57 -3.60
C GLU Q 64 -19.06 -93.87 -3.31
N GLN Q 65 -18.76 -95.12 -2.96
CA GLN Q 65 -17.43 -95.56 -2.56
C GLN Q 65 -16.36 -95.00 -3.49
N PRO Q 66 -15.48 -94.13 -2.98
CA PRO Q 66 -14.39 -93.61 -3.82
C PRO Q 66 -13.33 -94.65 -4.17
N LEU Q 67 -13.01 -95.56 -3.26
CA LEU Q 67 -12.00 -96.61 -3.44
C LEU Q 67 -10.60 -96.05 -3.48
N PRO Q 68 -9.63 -96.70 -2.83
CA PRO Q 68 -8.27 -96.17 -2.85
C PRO Q 68 -7.53 -96.42 -4.15
N ASP Q 69 -8.11 -97.11 -5.11
CA ASP Q 69 -7.44 -97.38 -6.38
C ASP Q 69 -7.87 -96.45 -7.50
N ASP Q 70 -8.77 -95.52 -7.23
CA ASP Q 70 -9.24 -94.61 -8.26
C ASP Q 70 -8.25 -93.50 -8.48
N GLU Q 71 -7.99 -93.22 -9.76
CA GLU Q 71 -7.08 -92.13 -10.11
C GLU Q 71 -7.64 -90.80 -9.64
N SER Q 72 -6.77 -89.97 -9.08
CA SER Q 72 -7.19 -88.73 -8.45
C SER Q 72 -7.24 -87.54 -9.39
N GLY Q 73 -6.48 -87.57 -10.49
CA GLY Q 73 -6.48 -86.46 -11.41
C GLY Q 73 -5.70 -85.25 -10.94
N LEU Q 74 -4.77 -85.43 -10.01
CA LEU Q 74 -3.97 -84.32 -9.51
C LEU Q 74 -2.57 -84.39 -10.08
N PRO Q 75 -1.97 -83.25 -10.40
CA PRO Q 75 -0.55 -83.25 -10.79
C PRO Q 75 0.32 -83.57 -9.59
N ARG Q 76 1.51 -84.09 -9.86
CA ARG Q 76 2.42 -84.43 -8.77
C ARG Q 76 2.97 -83.20 -8.05
N LYS Q 77 2.79 -82.00 -8.61
CA LYS Q 77 3.22 -80.79 -7.95
C LYS Q 77 2.40 -80.46 -6.71
N TYR Q 78 1.26 -81.12 -6.50
CA TYR Q 78 0.38 -80.81 -5.38
C TYR Q 78 0.36 -81.90 -4.32
N LYS Q 79 1.15 -82.96 -4.50
CA LYS Q 79 1.05 -84.11 -3.62
C LYS Q 79 1.41 -83.75 -2.19
N HIS Q 80 2.52 -83.05 -1.99
CA HIS Q 80 2.96 -82.74 -0.63
C HIS Q 80 1.97 -81.82 0.06
N ALA Q 81 1.46 -80.81 -0.64
CA ALA Q 81 0.51 -79.90 -0.02
C ALA Q 81 -0.76 -80.63 0.40
N VAL Q 82 -1.33 -81.41 -0.51
CA VAL Q 82 -2.55 -82.13 -0.19
C VAL Q 82 -2.32 -83.11 0.95
N GLY Q 83 -1.18 -83.82 0.92
CA GLY Q 83 -0.91 -84.80 1.96
C GLY Q 83 -0.72 -84.18 3.32
N TYR Q 84 -0.04 -83.04 3.39
CA TYR Q 84 0.16 -82.40 4.69
C TYR Q 84 -1.15 -81.87 5.25
N GLN Q 85 -2.00 -81.29 4.40
CA GLN Q 85 -3.30 -80.85 4.91
C GLN Q 85 -4.13 -82.03 5.40
N LEU Q 86 -4.12 -83.13 4.66
CA LEU Q 86 -4.86 -84.31 5.09
C LEU Q 86 -4.33 -84.86 6.41
N LEU Q 87 -3.01 -84.89 6.58
CA LEU Q 87 -2.44 -85.33 7.84
C LEU Q 87 -2.87 -84.45 8.99
N LEU Q 88 -2.86 -83.13 8.78
CA LEU Q 88 -3.30 -82.23 9.83
C LEU Q 88 -4.74 -82.51 10.22
N ARG Q 89 -5.59 -82.81 9.24
CA ARG Q 89 -6.98 -83.09 9.58
C ARG Q 89 -7.16 -84.46 10.24
N MET Q 90 -6.35 -85.46 9.89
CA MET Q 90 -6.58 -86.79 10.46
C MET Q 90 -5.86 -87.05 11.76
N LEU Q 91 -4.93 -86.18 12.18
CA LEU Q 91 -4.12 -86.51 13.36
C LEU Q 91 -4.97 -86.80 14.59
N SER Q 92 -6.06 -86.04 14.80
CA SER Q 92 -6.81 -86.17 16.03
C SER Q 92 -7.56 -87.48 16.16
N ASP Q 93 -7.66 -88.27 15.08
CA ASP Q 93 -8.27 -89.59 15.19
C ASP Q 93 -7.50 -90.48 16.14
N TYR Q 94 -6.18 -90.40 16.10
CA TYR Q 94 -5.30 -91.24 16.89
C TYR Q 94 -4.85 -90.56 18.17
N SER Q 95 -5.46 -89.42 18.51
CA SER Q 95 -5.11 -88.66 19.71
C SER Q 95 -3.62 -88.29 19.71
N LEU Q 96 -3.23 -87.57 18.66
CA LEU Q 96 -1.86 -87.12 18.50
C LEU Q 96 -1.87 -85.64 18.18
N GLU Q 97 -0.77 -84.97 18.55
CA GLU Q 97 -0.63 -83.55 18.28
C GLU Q 97 0.58 -83.29 17.41
N PRO Q 98 0.45 -82.39 16.44
CA PRO Q 98 1.57 -82.15 15.52
C PRO Q 98 2.71 -81.42 16.20
N THR Q 99 3.89 -81.62 15.68
CA THR Q 99 5.10 -80.99 16.14
C THR Q 99 5.43 -79.79 15.27
N PRO Q 100 6.21 -78.83 15.77
CA PRO Q 100 6.42 -77.58 15.02
C PRO Q 100 7.00 -77.78 13.63
N GLN Q 101 7.89 -78.75 13.43
CA GLN Q 101 8.47 -78.92 12.10
C GLN Q 101 7.43 -79.37 11.09
N VAL Q 102 6.52 -80.24 11.50
CA VAL Q 102 5.45 -80.67 10.59
C VAL Q 102 4.59 -79.48 10.21
N LEU Q 103 4.28 -78.61 11.18
CA LEU Q 103 3.51 -77.42 10.87
C LEU Q 103 4.23 -76.52 9.88
N SER Q 104 5.54 -76.36 10.06
CA SER Q 104 6.30 -75.52 9.15
C SER Q 104 6.31 -76.09 7.74
N ASN Q 105 6.50 -77.40 7.61
CA ASN Q 105 6.47 -78.03 6.30
C ASN Q 105 5.11 -77.89 5.65
N ALA Q 106 4.04 -78.07 6.41
CA ALA Q 106 2.71 -77.94 5.86
C ALA Q 106 2.48 -76.52 5.36
N GLN Q 107 2.91 -75.53 6.13
CA GLN Q 107 2.72 -74.15 5.71
C GLN Q 107 3.50 -73.84 4.44
N ARG Q 108 4.74 -74.32 4.33
CA ARG Q 108 5.52 -74.07 3.13
C ARG Q 108 4.88 -74.69 1.90
N SER Q 109 4.42 -75.94 2.01
CA SER Q 109 3.80 -76.59 0.86
C SER Q 109 2.51 -75.88 0.46
N TYR Q 110 1.70 -75.49 1.46
CA TYR Q 110 0.47 -74.78 1.15
C TYR Q 110 0.75 -73.45 0.48
N ASP Q 111 1.80 -72.75 0.91
CA ASP Q 111 2.16 -71.49 0.26
C ASP Q 111 2.56 -71.73 -1.19
N ALA Q 112 3.30 -72.80 -1.45
CA ALA Q 112 3.65 -73.13 -2.83
C ALA Q 112 2.41 -73.38 -3.67
N LEU Q 113 1.43 -74.08 -3.11
CA LEU Q 113 0.17 -74.30 -3.84
C LEU Q 113 -0.57 -72.99 -4.08
N MET Q 114 -0.60 -72.11 -3.08
CA MET Q 114 -1.28 -70.82 -3.24
C MET Q 114 -0.62 -69.97 -4.31
N THR Q 115 0.70 -70.04 -4.43
CA THR Q 115 1.40 -69.21 -5.42
C THR Q 115 1.03 -69.57 -6.84
N ASP Q 116 0.62 -70.82 -7.07
CA ASP Q 116 0.32 -71.30 -8.42
C ASP Q 116 -1.13 -71.10 -8.81
N THR Q 117 -1.85 -70.20 -8.16
CA THR Q 117 -3.26 -69.99 -8.43
C THR Q 117 -3.66 -68.53 -8.51
N LEU Q 118 -2.77 -67.60 -8.10
CA LEU Q 118 -3.11 -66.18 -8.05
C LEU Q 118 -3.70 -65.68 -9.37
N VAL Q 119 -4.56 -64.66 -9.26
CA VAL Q 119 -5.18 -64.04 -10.44
C VAL Q 119 -4.95 -62.53 -10.48
N VAL Q 120 -5.09 -61.83 -9.36
CA VAL Q 120 -4.93 -60.38 -9.31
C VAL Q 120 -5.86 -59.68 -10.31
N PRO Q 121 -7.14 -59.52 -9.97
CA PRO Q 121 -8.17 -59.24 -10.98
C PRO Q 121 -8.07 -58.00 -11.85
N SER Q 122 -7.20 -57.03 -11.58
CA SER Q 122 -6.86 -56.00 -12.58
C SER Q 122 -8.07 -55.15 -12.99
N MET Q 123 -8.41 -54.20 -12.10
CA MET Q 123 -9.51 -53.25 -12.24
C MET Q 123 -9.66 -52.63 -13.63
N ARG Q 124 -10.90 -52.26 -14.00
CA ARG Q 124 -11.27 -51.73 -15.30
C ARG Q 124 -11.41 -50.21 -15.26
N ARG Q 125 -11.88 -49.64 -16.37
CA ARG Q 125 -12.33 -48.25 -16.39
C ARG Q 125 -13.80 -48.16 -15.99
N ARG Q 126 -14.22 -46.94 -15.68
CA ARG Q 126 -15.49 -46.74 -14.98
C ARG Q 126 -16.69 -47.07 -15.86
N GLY Q 127 -16.75 -46.51 -17.06
CA GLY Q 127 -17.93 -46.69 -17.88
C GLY Q 127 -18.53 -45.39 -18.37
N ASP Q 128 -18.47 -44.35 -17.54
CA ASP Q 128 -18.75 -42.99 -17.99
C ASP Q 128 -17.48 -42.15 -18.07
N PHE Q 129 -16.32 -42.79 -17.99
CA PHE Q 129 -15.05 -42.11 -18.10
C PHE Q 129 -14.77 -41.78 -19.57
N PRO Q 130 -14.54 -40.52 -19.91
CA PRO Q 130 -14.29 -40.17 -21.31
C PRO Q 130 -13.01 -40.77 -21.83
N VAL Q 131 -12.98 -40.99 -23.13
CA VAL Q 131 -11.74 -41.29 -23.84
C VAL Q 131 -11.40 -40.06 -24.66
N GLY Q 132 -10.13 -39.69 -24.66
CA GLY Q 132 -9.76 -38.40 -25.19
C GLY Q 132 -9.88 -38.29 -26.69
N GLN Q 133 -9.66 -37.07 -27.18
CA GLN Q 133 -9.63 -36.84 -28.62
C GLN Q 133 -8.40 -37.43 -29.28
N GLY Q 134 -7.36 -37.76 -28.51
CA GLY Q 134 -6.20 -38.38 -29.10
C GLY Q 134 -6.45 -39.78 -29.62
N ASN Q 135 -7.51 -40.43 -29.14
CA ASN Q 135 -7.88 -41.75 -29.61
C ASN Q 135 -8.70 -41.74 -30.89
N LYS Q 136 -9.13 -40.55 -31.34
CA LYS Q 136 -9.81 -40.38 -32.62
C LYS Q 136 -11.05 -41.29 -32.71
N TYR Q 137 -12.00 -40.99 -31.82
CA TYR Q 137 -13.19 -41.82 -31.71
C TYR Q 137 -14.15 -41.65 -32.87
N ASP Q 138 -13.89 -40.72 -33.78
CA ASP Q 138 -14.77 -40.57 -34.93
C ASP Q 138 -14.64 -41.75 -35.88
N VAL Q 139 -13.45 -41.95 -36.44
CA VAL Q 139 -13.25 -42.84 -37.57
C VAL Q 139 -12.49 -44.11 -37.18
N PHE Q 140 -11.40 -43.98 -36.41
CA PHE Q 140 -10.61 -45.14 -36.06
C PHE Q 140 -11.42 -46.12 -35.22
N THR Q 141 -11.85 -45.69 -34.05
CA THR Q 141 -12.75 -46.46 -33.22
C THR Q 141 -14.14 -45.83 -33.26
N SER Q 142 -15.02 -46.34 -32.42
CA SER Q 142 -16.35 -45.77 -32.23
C SER Q 142 -16.61 -45.68 -30.75
N ASP Q 143 -17.71 -45.02 -30.40
CA ASP Q 143 -18.20 -45.01 -29.03
C ASP Q 143 -17.15 -44.44 -28.07
N ARG Q 144 -16.96 -43.12 -28.18
CA ARG Q 144 -16.33 -42.39 -27.08
C ARG Q 144 -16.96 -42.78 -25.76
N TYR Q 145 -16.20 -42.63 -24.66
CA TYR Q 145 -16.51 -43.19 -23.36
C TYR Q 145 -16.25 -44.70 -23.37
N TYR Q 146 -15.62 -45.20 -22.32
CA TYR Q 146 -15.28 -46.61 -22.27
C TYR Q 146 -16.52 -47.46 -22.08
N PRO Q 147 -16.53 -48.68 -22.59
CA PRO Q 147 -17.66 -49.59 -22.35
C PRO Q 147 -17.73 -50.01 -20.89
N GLY Q 148 -16.60 -50.45 -20.34
CA GLY Q 148 -16.49 -50.72 -18.92
C GLY Q 148 -17.51 -51.71 -18.39
N ASP Q 149 -17.78 -52.76 -19.16
CA ASP Q 149 -18.85 -53.68 -18.80
C ASP Q 149 -18.56 -55.09 -19.32
N LEU Q 150 -19.19 -55.43 -20.44
CA LEU Q 150 -18.97 -56.70 -21.12
C LEU Q 150 -19.23 -57.90 -20.20
N MET R 1 30.17 -81.02 -11.66
CA MET R 1 31.16 -81.93 -12.24
C MET R 1 31.45 -83.10 -11.31
N ALA R 2 32.68 -83.62 -11.35
CA ALA R 2 33.04 -84.83 -10.61
C ALA R 2 32.11 -85.95 -11.02
N THR R 3 32.18 -86.34 -12.29
CA THR R 3 31.27 -87.29 -12.90
C THR R 3 29.84 -86.76 -12.74
N VAL R 4 29.01 -87.43 -11.95
CA VAL R 4 27.61 -87.06 -11.84
C VAL R 4 27.18 -87.19 -10.39
N LEU R 5 26.10 -86.48 -10.05
CA LEU R 5 25.45 -86.61 -8.76
C LEU R 5 24.19 -87.46 -8.94
N THR R 6 24.24 -88.71 -8.47
CA THR R 6 23.13 -89.62 -8.62
C THR R 6 22.05 -89.33 -7.58
N LYS R 7 20.85 -89.80 -7.87
CA LYS R 7 19.73 -89.58 -6.95
C LYS R 7 19.91 -90.28 -5.62
N GLY R 8 20.62 -91.39 -5.58
CA GLY R 8 20.81 -92.11 -4.34
C GLY R 8 21.82 -91.46 -3.43
N GLU R 9 22.80 -90.78 -4.03
CA GLU R 9 23.81 -90.09 -3.23
C GLU R 9 23.21 -88.95 -2.42
N ILE R 10 22.25 -88.22 -2.99
CA ILE R 10 21.59 -87.17 -2.23
C ILE R 10 20.82 -87.74 -1.05
N VAL R 11 20.13 -88.86 -1.25
CA VAL R 11 19.41 -89.46 -0.13
C VAL R 11 20.36 -89.96 0.94
N LEU R 12 21.48 -90.57 0.54
CA LEU R 12 22.46 -91.03 1.50
C LEU R 12 23.07 -89.88 2.30
N PHE R 13 23.29 -88.74 1.63
CA PHE R 13 23.80 -87.57 2.35
C PHE R 13 22.83 -87.14 3.44
N ALA R 14 21.53 -87.08 3.13
CA ALA R 14 20.54 -86.67 4.10
C ALA R 14 20.45 -87.66 5.25
N LEU R 15 20.50 -88.95 4.95
CA LEU R 15 20.48 -89.94 6.03
C LEU R 15 21.70 -89.82 6.92
N ARG R 16 22.87 -89.58 6.34
CA ARG R 16 24.08 -89.48 7.13
C ARG R 16 24.11 -88.24 8.01
N LYS R 17 23.63 -87.11 7.51
CA LYS R 17 23.83 -85.86 8.23
C LYS R 17 23.08 -85.78 9.55
N PHE R 18 22.16 -86.71 9.82
CA PHE R 18 21.48 -86.74 11.10
C PHE R 18 21.70 -88.06 11.83
N ALA R 19 22.72 -88.82 11.44
CA ALA R 19 23.15 -90.02 12.16
C ALA R 19 22.04 -91.07 12.21
N ILE R 20 21.48 -91.39 11.05
CA ILE R 20 20.52 -92.48 10.92
C ILE R 20 21.16 -93.72 10.30
N ALA R 21 21.89 -93.55 9.19
CA ALA R 21 22.56 -94.66 8.53
C ALA R 21 23.82 -94.10 7.88
N SER R 22 24.93 -94.22 8.59
CA SER R 22 26.20 -93.70 8.13
C SER R 22 27.24 -94.81 8.15
N ASN R 23 28.26 -94.68 7.31
CA ASN R 23 29.35 -95.64 7.34
C ASN R 23 30.11 -95.46 8.64
N ALA R 24 29.70 -96.21 9.66
CA ALA R 24 30.16 -96.09 11.04
C ALA R 24 29.14 -96.82 11.91
N SER R 25 27.87 -96.77 11.49
CA SER R 25 26.84 -97.50 12.20
C SER R 25 27.00 -98.98 11.94
N LEU R 26 26.55 -99.78 12.90
CA LEU R 26 26.56 -101.22 12.77
C LEU R 26 25.29 -101.74 12.11
N THR R 27 24.35 -100.83 11.80
CA THR R 27 23.11 -101.20 11.12
C THR R 27 22.82 -100.15 10.05
N ASP R 28 22.44 -100.58 8.86
CA ASP R 28 21.75 -99.72 7.92
C ASP R 28 20.25 -99.76 8.21
N VAL R 29 19.45 -99.10 7.38
CA VAL R 29 18.04 -98.98 7.70
C VAL R 29 17.22 -100.05 6.99
N GLU R 30 17.09 -99.92 5.68
CA GLU R 30 16.33 -100.84 4.84
C GLU R 30 16.38 -100.30 3.43
N PRO R 31 16.24 -101.13 2.40
CA PRO R 31 16.01 -100.58 1.06
C PRO R 31 14.71 -99.79 0.97
N GLN R 32 13.72 -100.10 1.81
CA GLN R 32 12.45 -99.40 1.75
C GLN R 32 12.61 -97.93 2.12
N SER R 33 13.47 -97.64 3.09
CA SER R 33 13.74 -96.25 3.42
C SER R 33 14.37 -95.51 2.25
N ILE R 34 15.22 -96.19 1.48
CA ILE R 34 15.82 -95.57 0.31
C ILE R 34 14.76 -95.28 -0.74
N GLU R 35 13.85 -96.22 -0.98
CA GLU R 35 12.78 -95.98 -1.94
C GLU R 35 11.92 -94.79 -1.50
N ASP R 36 11.60 -94.73 -0.21
CA ASP R 36 10.81 -93.62 0.29
C ASP R 36 11.53 -92.30 0.12
N GLY R 37 12.83 -92.27 0.39
CA GLY R 37 13.60 -91.06 0.20
C GLY R 37 13.65 -90.61 -1.24
N VAL R 38 13.82 -91.54 -2.17
CA VAL R 38 13.88 -91.17 -3.57
C VAL R 38 12.54 -90.63 -4.06
N ASN R 39 11.44 -91.25 -3.66
CA ASN R 39 10.14 -90.73 -4.05
C ASN R 39 9.88 -89.37 -3.43
N ASP R 40 10.31 -89.17 -2.18
CA ASP R 40 10.19 -87.84 -1.58
C ASP R 40 11.00 -86.81 -2.36
N LEU R 41 12.18 -87.20 -2.84
CA LEU R 41 12.98 -86.28 -3.63
C LEU R 41 12.28 -85.90 -4.92
N GLU R 42 11.65 -86.87 -5.59
CA GLU R 42 10.88 -86.56 -6.79
C GLU R 42 9.76 -85.58 -6.50
N ASP R 43 8.98 -85.83 -5.45
CA ASP R 43 7.87 -84.94 -5.14
C ASP R 43 8.37 -83.55 -4.77
N MET R 44 9.46 -83.46 -4.01
CA MET R 44 10.03 -82.16 -3.69
C MET R 44 10.45 -81.41 -4.93
N MET R 45 11.12 -82.07 -5.87
CA MET R 45 11.56 -81.36 -7.07
C MET R 45 10.36 -80.91 -7.89
N SER R 46 9.33 -81.75 -8.00
CA SER R 46 8.12 -81.33 -8.70
C SER R 46 7.54 -80.08 -8.06
N GLU R 47 7.49 -80.03 -6.74
CA GLU R 47 6.98 -78.84 -6.07
C GLU R 47 7.90 -77.64 -6.30
N TRP R 48 9.20 -77.84 -6.23
CA TRP R 48 10.17 -76.77 -6.43
C TRP R 48 10.11 -76.21 -7.83
N MET R 49 9.50 -76.92 -8.76
CA MET R 49 9.32 -76.37 -10.09
C MET R 49 8.47 -75.11 -10.09
N ILE R 50 7.86 -74.75 -8.95
CA ILE R 50 7.03 -73.55 -8.86
C ILE R 50 7.76 -72.42 -8.16
N ASN R 51 8.07 -72.59 -6.87
CA ASN R 51 8.51 -71.42 -6.11
C ASN R 51 9.96 -71.08 -6.40
N PRO R 52 10.95 -71.92 -6.10
CA PRO R 52 12.33 -71.54 -6.43
C PRO R 52 12.59 -71.56 -7.93
N GLY R 53 11.75 -72.21 -8.71
CA GLY R 53 11.94 -72.31 -10.14
C GLY R 53 12.74 -73.54 -10.51
N ASP R 54 12.87 -73.73 -11.82
CA ASP R 54 13.63 -74.84 -12.34
C ASP R 54 15.12 -74.68 -12.05
N ILE R 55 15.78 -75.77 -11.70
CA ILE R 55 17.21 -75.74 -11.43
C ILE R 55 17.92 -76.83 -12.22
N GLY R 56 17.21 -77.46 -13.13
CA GLY R 56 17.82 -78.44 -14.01
C GLY R 56 17.65 -79.88 -13.60
N TYR R 57 16.73 -80.20 -12.70
CA TYR R 57 16.51 -81.57 -12.29
C TYR R 57 16.03 -82.40 -13.47
N ALA R 58 16.44 -83.66 -13.51
CA ALA R 58 16.08 -84.58 -14.57
C ALA R 58 15.06 -85.57 -14.04
N PHE R 59 13.83 -85.47 -14.54
CA PHE R 59 12.74 -86.30 -14.04
C PHE R 59 12.76 -87.67 -14.70
N ALA R 60 11.80 -88.51 -14.31
CA ALA R 60 11.69 -89.86 -14.83
C ALA R 60 10.87 -89.87 -16.11
N THR R 61 10.93 -91.01 -16.80
CA THR R 61 10.26 -91.16 -18.09
C THR R 61 8.81 -91.56 -17.82
N GLY R 62 8.10 -92.02 -18.85
CA GLY R 62 6.64 -92.10 -18.76
C GLY R 62 6.11 -92.92 -17.59
N ASP R 63 6.70 -94.08 -17.34
CA ASP R 63 6.14 -94.97 -16.34
C ASP R 63 7.15 -95.54 -15.35
N GLU R 64 8.45 -95.35 -15.59
CA GLU R 64 9.46 -95.99 -14.76
C GLU R 64 9.53 -95.36 -13.38
N GLN R 65 9.81 -96.18 -12.37
CA GLN R 65 10.11 -95.66 -11.05
C GLN R 65 11.46 -94.94 -11.08
N PRO R 66 11.66 -93.96 -10.20
CA PRO R 66 12.88 -93.15 -10.27
C PRO R 66 14.19 -93.91 -10.15
N LEU R 67 14.29 -94.89 -9.24
CA LEU R 67 15.50 -95.67 -8.98
C LEU R 67 16.60 -94.82 -8.36
N PRO R 68 17.40 -95.39 -7.45
CA PRO R 68 18.41 -94.57 -6.76
C PRO R 68 19.69 -94.35 -7.54
N ASP R 69 20.01 -95.17 -8.52
CA ASP R 69 21.26 -95.05 -9.25
C ASP R 69 21.12 -94.23 -10.52
N ASP R 70 19.98 -93.56 -10.72
CA ASP R 70 19.80 -92.70 -11.88
C ASP R 70 20.55 -91.38 -11.68
N GLU R 71 20.97 -90.79 -12.78
CA GLU R 71 21.63 -89.49 -12.74
C GLU R 71 20.62 -88.39 -12.52
N SER R 72 20.94 -87.46 -11.62
CA SER R 72 20.00 -86.40 -11.26
C SER R 72 20.09 -85.20 -12.16
N GLY R 73 21.26 -84.91 -12.73
CA GLY R 73 21.43 -83.75 -13.57
C GLY R 73 21.67 -82.45 -12.84
N LEU R 74 21.76 -82.46 -11.51
CA LEU R 74 22.01 -81.23 -10.79
C LEU R 74 23.49 -80.90 -10.79
N PRO R 75 23.85 -79.61 -10.80
CA PRO R 75 25.25 -79.23 -10.56
C PRO R 75 25.63 -79.56 -9.13
N ARG R 76 26.92 -79.79 -8.92
CA ARG R 76 27.38 -80.13 -7.59
C ARG R 76 27.26 -78.99 -6.59
N LYS R 77 27.00 -77.77 -7.06
CA LYS R 77 26.89 -76.64 -6.15
C LYS R 77 25.57 -76.58 -5.41
N TYR R 78 24.59 -77.41 -5.78
CA TYR R 78 23.28 -77.42 -5.15
C TYR R 78 23.10 -78.60 -4.19
N LYS R 79 24.13 -79.43 -4.02
CA LYS R 79 23.94 -80.67 -3.28
C LYS R 79 23.58 -80.40 -1.83
N HIS R 80 24.29 -79.47 -1.19
CA HIS R 80 24.02 -79.21 0.22
C HIS R 80 22.62 -78.65 0.44
N ALA R 81 22.20 -77.71 -0.41
CA ALA R 81 20.87 -77.12 -0.24
C ALA R 81 19.78 -78.17 -0.43
N VAL R 82 19.88 -78.96 -1.50
CA VAL R 82 18.86 -79.97 -1.75
C VAL R 82 18.85 -81.01 -0.63
N GLY R 83 20.03 -81.42 -0.18
CA GLY R 83 20.10 -82.42 0.86
C GLY R 83 19.52 -81.95 2.17
N TYR R 84 19.79 -80.70 2.54
CA TYR R 84 19.25 -80.20 3.81
C TYR R 84 17.74 -80.05 3.74
N GLN R 85 17.22 -79.58 2.61
CA GLN R 85 15.76 -79.46 2.49
C GLN R 85 15.10 -80.84 2.56
N LEU R 86 15.69 -81.82 1.88
CA LEU R 86 15.17 -83.17 1.95
C LEU R 86 15.23 -83.75 3.36
N LEU R 87 16.32 -83.53 4.09
CA LEU R 87 16.40 -83.98 5.47
C LEU R 87 15.29 -83.36 6.31
N LEU R 88 15.04 -82.07 6.12
CA LEU R 88 13.98 -81.42 6.88
C LEU R 88 12.63 -82.06 6.59
N ARG R 89 12.37 -82.42 5.33
CA ARG R 89 11.07 -83.04 5.04
C ARG R 89 11.02 -84.51 5.39
N MET R 90 12.16 -85.17 5.62
CA MET R 90 12.17 -86.58 5.99
C MET R 90 12.26 -86.85 7.48
N LEU R 91 12.62 -85.85 8.29
CA LEU R 91 12.90 -86.13 9.70
C LEU R 91 11.70 -86.73 10.43
N SER R 92 10.48 -86.32 10.10
CA SER R 92 9.32 -86.74 10.88
C SER R 92 8.95 -88.20 10.66
N ASP R 93 9.52 -88.86 9.66
CA ASP R 93 9.27 -90.29 9.47
C ASP R 93 9.77 -91.08 10.67
N TYR R 94 10.92 -90.71 11.21
CA TYR R 94 11.54 -91.40 12.32
C TYR R 94 11.22 -90.76 13.66
N SER R 95 10.31 -89.81 13.67
CA SER R 95 9.88 -89.12 14.89
C SER R 95 11.05 -88.43 15.58
N LEU R 96 11.65 -87.49 14.85
CA LEU R 96 12.78 -86.72 15.35
C LEU R 96 12.55 -85.25 15.05
N GLU R 97 13.22 -84.40 15.82
CA GLU R 97 13.14 -82.97 15.61
C GLU R 97 14.52 -82.38 15.37
N PRO R 98 14.64 -81.43 14.46
CA PRO R 98 15.95 -80.87 14.15
C PRO R 98 16.46 -79.98 15.27
N THR R 99 17.76 -79.94 15.40
CA THR R 99 18.46 -79.06 16.32
C THR R 99 18.67 -77.71 15.68
N PRO R 100 18.89 -76.66 16.47
CA PRO R 100 19.04 -75.32 15.88
C PRO R 100 20.18 -75.19 14.88
N GLN R 101 21.29 -75.90 15.09
CA GLN R 101 22.40 -75.78 14.16
C GLN R 101 22.03 -76.33 12.79
N VAL R 102 21.28 -77.44 12.77
CA VAL R 102 20.84 -77.99 11.49
C VAL R 102 19.95 -77.00 10.76
N LEU R 103 19.05 -76.34 11.48
CA LEU R 103 18.19 -75.34 10.86
C LEU R 103 19.01 -74.19 10.30
N SER R 104 20.03 -73.76 11.03
CA SER R 104 20.87 -72.66 10.55
C SER R 104 21.61 -73.05 9.28
N ASN R 105 22.17 -74.27 9.25
CA ASN R 105 22.84 -74.74 8.05
C ASN R 105 21.90 -74.81 6.86
N ALA R 106 20.68 -75.32 7.10
CA ALA R 106 19.71 -75.41 6.03
C ALA R 106 19.37 -74.04 5.47
N GLN R 107 19.18 -73.07 6.36
CA GLN R 107 18.85 -71.73 5.89
C GLN R 107 20.00 -71.11 5.10
N ARG R 108 21.24 -71.29 5.56
CA ARG R 108 22.37 -70.74 4.83
C ARG R 108 22.49 -71.34 3.43
N SER R 109 22.36 -72.66 3.33
CA SER R 109 22.46 -73.31 2.02
C SER R 109 21.33 -72.86 1.10
N TYR R 110 20.11 -72.76 1.64
CA TYR R 110 18.99 -72.29 0.83
C TYR R 110 19.22 -70.87 0.35
N ASP R 111 19.77 -70.01 1.19
CA ASP R 111 20.06 -68.64 0.76
C ASP R 111 21.09 -68.62 -0.35
N ALA R 112 22.11 -69.47 -0.25
CA ALA R 112 23.08 -69.54 -1.34
C ALA R 112 22.42 -69.98 -2.64
N LEU R 113 21.51 -70.94 -2.57
CA LEU R 113 20.79 -71.35 -3.77
C LEU R 113 19.92 -70.21 -4.32
N MET R 114 19.25 -69.48 -3.44
CA MET R 114 18.38 -68.38 -3.87
C MET R 114 19.19 -67.28 -4.55
N THR R 115 20.39 -67.00 -4.07
CA THR R 115 21.20 -65.94 -4.64
C THR R 115 21.56 -66.20 -6.10
N ASP R 116 21.63 -67.47 -6.49
CA ASP R 116 22.12 -67.85 -7.80
C ASP R 116 21.05 -67.89 -8.87
N THR R 117 19.80 -67.53 -8.54
CA THR R 117 18.71 -67.61 -9.50
C THR R 117 17.88 -66.33 -9.53
N LEU R 118 18.47 -65.19 -9.18
CA LEU R 118 17.74 -63.92 -9.16
C LEU R 118 17.48 -63.41 -10.58
N VAL R 119 16.49 -62.53 -10.70
CA VAL R 119 16.11 -61.93 -11.99
C VAL R 119 16.06 -60.41 -11.91
N VAL R 120 15.31 -59.85 -10.97
CA VAL R 120 15.10 -58.40 -10.87
C VAL R 120 14.58 -57.84 -12.19
N PRO R 121 13.28 -57.98 -12.48
CA PRO R 121 12.79 -57.90 -13.86
C PRO R 121 13.04 -56.58 -14.61
N SER R 122 13.33 -55.46 -13.94
CA SER R 122 13.73 -54.23 -14.64
C SER R 122 12.64 -53.71 -15.59
N MET R 123 11.57 -53.21 -14.98
CA MET R 123 10.41 -52.63 -15.63
C MET R 123 10.73 -51.64 -16.76
N ARG R 124 9.86 -51.57 -17.77
CA ARG R 124 10.10 -50.87 -19.03
C ARG R 124 9.33 -49.55 -19.09
N ARG R 125 9.47 -48.84 -20.21
CA ARG R 125 8.66 -47.66 -20.47
C ARG R 125 7.28 -48.08 -20.95
N ARG R 126 6.35 -47.13 -20.96
CA ARG R 126 4.94 -47.50 -20.98
C ARG R 126 4.42 -47.73 -22.40
N GLY R 127 4.42 -46.70 -23.23
CA GLY R 127 3.86 -46.87 -24.56
C GLY R 127 3.11 -45.66 -25.06
N ASP R 128 2.61 -44.84 -24.15
CA ASP R 128 2.15 -43.50 -24.47
C ASP R 128 3.16 -42.45 -24.04
N PHE R 129 4.34 -42.86 -23.62
CA PHE R 129 5.37 -41.94 -23.20
C PHE R 129 6.13 -41.42 -24.41
N PRO R 130 6.21 -40.11 -24.60
CA PRO R 130 6.94 -39.58 -25.76
C PRO R 130 8.42 -39.83 -25.66
N VAL R 131 9.05 -39.91 -26.81
CA VAL R 131 10.50 -39.85 -26.89
C VAL R 131 10.87 -38.48 -27.45
N GLY R 132 11.83 -37.82 -26.84
CA GLY R 132 12.04 -36.42 -27.10
C GLY R 132 12.57 -36.15 -28.50
N GLN R 133 12.53 -34.87 -28.88
CA GLN R 133 13.13 -34.44 -30.14
C GLN R 133 14.63 -34.59 -30.15
N GLY R 134 15.25 -34.80 -28.98
CA GLY R 134 16.70 -34.84 -28.92
C GLY R 134 17.32 -36.02 -29.60
N ASN R 135 16.59 -37.11 -29.78
CA ASN R 135 17.13 -38.27 -30.45
C ASN R 135 16.45 -38.54 -31.80
N LYS R 136 15.90 -37.50 -32.42
CA LYS R 136 15.63 -37.46 -33.85
C LYS R 136 14.78 -38.63 -34.31
N TYR R 137 13.54 -38.67 -33.83
CA TYR R 137 12.64 -39.76 -34.15
C TYR R 137 12.23 -39.80 -35.61
N ASP R 138 12.50 -38.76 -36.38
CA ASP R 138 12.04 -38.74 -37.76
C ASP R 138 13.04 -39.39 -38.71
N VAL R 139 14.33 -39.07 -38.55
CA VAL R 139 15.35 -39.47 -39.49
C VAL R 139 16.17 -40.68 -39.02
N PHE R 140 16.79 -40.60 -37.84
CA PHE R 140 17.64 -41.69 -37.38
C PHE R 140 16.83 -42.94 -37.11
N THR R 141 15.90 -42.85 -36.17
CA THR R 141 15.01 -43.96 -35.87
C THR R 141 13.64 -43.66 -36.48
N SER R 142 12.67 -44.51 -36.18
CA SER R 142 11.29 -44.28 -36.52
C SER R 142 10.48 -44.42 -35.23
N ASP R 143 9.17 -44.19 -35.35
CA ASP R 143 8.25 -44.48 -34.26
C ASP R 143 8.63 -43.70 -33.00
N ARG R 144 8.42 -42.39 -33.08
CA ARG R 144 8.28 -41.57 -31.88
C ARG R 144 7.31 -42.27 -30.94
N TYR R 145 7.44 -42.02 -29.63
CA TYR R 145 6.74 -42.76 -28.58
C TYR R 145 7.31 -44.16 -28.44
N TYR R 146 7.56 -44.58 -27.20
CA TYR R 146 8.16 -45.89 -26.96
C TYR R 146 7.18 -47.00 -27.31
N PRO R 147 7.67 -48.11 -27.85
CA PRO R 147 6.79 -49.25 -28.13
C PRO R 147 6.25 -49.90 -26.87
N GLY R 148 7.17 -50.22 -25.96
CA GLY R 148 6.80 -50.66 -24.62
C GLY R 148 5.97 -51.92 -24.55
N ASP R 149 5.83 -52.64 -25.65
CA ASP R 149 5.02 -53.85 -25.63
C ASP R 149 5.83 -55.10 -25.95
N LEU R 150 6.40 -55.14 -27.15
CA LEU R 150 7.15 -56.30 -27.66
C LEU R 150 6.60 -57.66 -27.22
N MET S 1 61.65 -43.29 47.99
CA MET S 1 60.47 -42.96 48.77
C MET S 1 60.50 -43.60 50.17
N ALA S 2 59.32 -43.72 50.78
CA ALA S 2 59.24 -43.97 52.22
C ALA S 2 59.96 -45.26 52.62
N THR S 3 59.66 -46.37 51.95
CA THR S 3 60.22 -47.63 52.39
C THR S 3 60.69 -48.44 51.18
N VAL S 4 60.41 -47.91 49.98
CA VAL S 4 60.82 -48.49 48.71
C VAL S 4 60.09 -49.80 48.45
N LEU S 5 59.21 -49.79 47.44
CA LEU S 5 58.52 -50.99 47.01
C LEU S 5 59.46 -51.88 46.22
N THR S 6 59.53 -53.14 46.59
CA THR S 6 60.20 -54.14 45.77
C THR S 6 59.18 -54.88 44.92
N LYS S 7 59.67 -55.56 43.89
CA LYS S 7 58.77 -56.29 43.01
C LYS S 7 58.12 -57.47 43.70
N GLY S 8 58.73 -58.00 44.77
CA GLY S 8 58.16 -59.13 45.47
C GLY S 8 57.04 -58.73 46.41
N GLU S 9 57.14 -57.53 46.97
CA GLU S 9 56.10 -57.03 47.86
C GLU S 9 54.78 -56.86 47.15
N ILE S 10 54.80 -56.40 45.89
CA ILE S 10 53.55 -56.25 45.16
C ILE S 10 52.89 -57.60 44.91
N VAL S 11 53.64 -58.63 44.52
CA VAL S 11 53.00 -59.92 44.29
C VAL S 11 52.55 -60.56 45.59
N LEU S 12 53.29 -60.35 46.69
CA LEU S 12 52.80 -60.85 47.97
C LEU S 12 51.52 -60.17 48.40
N PHE S 13 51.37 -58.88 48.12
CA PHE S 13 50.12 -58.19 48.41
C PHE S 13 48.96 -58.82 47.65
N ALA S 14 49.15 -59.09 46.37
CA ALA S 14 48.09 -59.68 45.56
C ALA S 14 47.75 -61.08 46.03
N LEU S 15 48.76 -61.88 46.38
CA LEU S 15 48.47 -63.21 46.90
C LEU S 15 47.72 -63.15 48.22
N ARG S 16 48.07 -62.20 49.09
CA ARG S 16 47.39 -62.12 50.37
C ARG S 16 45.96 -61.63 50.25
N LYS S 17 45.68 -60.70 49.33
CA LYS S 17 44.37 -60.08 49.31
C LYS S 17 43.25 -61.02 48.91
N PHE S 18 43.56 -62.20 48.40
CA PHE S 18 42.52 -63.18 48.08
C PHE S 18 42.71 -64.49 48.83
N ALA S 19 43.46 -64.47 49.92
CA ALA S 19 43.59 -65.62 50.81
C ALA S 19 44.18 -66.83 50.10
N ILE S 20 45.30 -66.61 49.42
CA ILE S 20 46.03 -67.72 48.80
C ILE S 20 47.30 -68.07 49.59
N ALA S 21 48.05 -67.08 50.05
CA ALA S 21 49.27 -67.35 50.81
C ALA S 21 49.45 -66.19 51.79
N SER S 22 49.05 -66.41 53.04
CA SER S 22 49.15 -65.38 54.06
C SER S 22 49.16 -66.06 55.42
N ASN S 23 49.57 -65.31 56.45
CA ASN S 23 49.66 -65.84 57.79
C ASN S 23 48.36 -65.70 58.56
N ALA S 24 47.38 -65.01 57.99
CA ALA S 24 46.16 -64.66 58.69
C ALA S 24 44.94 -65.30 58.04
N SER S 25 45.15 -66.32 57.22
CA SER S 25 44.01 -67.13 56.82
C SER S 25 44.20 -68.57 57.27
N LEU S 26 45.16 -69.26 56.66
CA LEU S 26 45.55 -70.56 57.18
C LEU S 26 47.06 -70.64 57.42
N THR S 27 47.85 -70.56 56.34
CA THR S 27 49.28 -70.86 56.34
C THR S 27 49.81 -70.68 54.91
N ASP S 28 51.13 -70.84 54.71
CA ASP S 28 51.73 -71.38 53.49
C ASP S 28 52.06 -70.38 52.38
N VAL S 29 52.98 -70.77 51.50
CA VAL S 29 53.40 -70.02 50.32
C VAL S 29 54.26 -70.94 49.44
N GLU S 30 54.27 -70.71 48.03
CA GLU S 30 55.04 -71.56 47.10
C GLU S 30 56.07 -70.74 46.34
N PRO S 31 57.16 -71.36 45.87
CA PRO S 31 58.19 -70.61 45.16
C PRO S 31 57.95 -70.41 43.67
N GLN S 32 57.23 -71.30 43.01
CA GLN S 32 56.94 -71.09 41.59
C GLN S 32 55.89 -70.03 41.36
N SER S 33 54.90 -69.95 42.24
CA SER S 33 53.89 -68.91 42.16
C SER S 33 54.49 -67.51 42.28
N ILE S 34 55.70 -67.38 42.81
CA ILE S 34 56.37 -66.10 42.91
C ILE S 34 57.03 -65.70 41.59
N GLU S 35 57.76 -66.63 40.97
CA GLU S 35 58.34 -66.32 39.66
C GLU S 35 57.26 -66.05 38.64
N ASP S 36 56.19 -66.84 38.64
CA ASP S 36 55.09 -66.59 37.71
C ASP S 36 54.48 -65.22 37.95
N GLY S 37 54.26 -64.87 39.21
CA GLY S 37 53.69 -63.57 39.52
C GLY S 37 54.58 -62.41 39.10
N VAL S 38 55.88 -62.54 39.32
CA VAL S 38 56.78 -61.45 38.97
C VAL S 38 56.85 -61.28 37.46
N ASN S 39 56.89 -62.38 36.71
CA ASN S 39 56.88 -62.27 35.26
C ASN S 39 55.59 -61.67 34.76
N ASP S 40 54.46 -62.04 35.36
CA ASP S 40 53.18 -61.43 34.99
C ASP S 40 53.20 -59.94 35.25
N LEU S 41 53.77 -59.53 36.38
CA LEU S 41 53.87 -58.10 36.68
C LEU S 41 54.72 -57.38 35.65
N GLU S 42 55.83 -57.98 35.25
CA GLU S 42 56.68 -57.36 34.24
C GLU S 42 55.96 -57.19 32.93
N ASP S 43 55.23 -58.21 32.49
CA ASP S 43 54.50 -58.11 31.22
C ASP S 43 53.37 -57.08 31.31
N MET S 44 52.66 -57.05 32.44
CA MET S 44 51.65 -56.01 32.64
C MET S 44 52.26 -54.62 32.53
N MET S 45 53.38 -54.38 33.21
CA MET S 45 53.99 -53.06 33.17
C MET S 45 54.47 -52.71 31.78
N SER S 46 54.94 -53.70 31.02
CA SER S 46 55.28 -53.44 29.63
C SER S 46 54.06 -52.99 28.84
N GLU S 47 52.93 -53.66 29.06
CA GLU S 47 51.72 -53.31 28.34
C GLU S 47 51.21 -51.93 28.73
N TRP S 48 51.39 -51.53 29.99
CA TRP S 48 50.81 -50.29 30.47
C TRP S 48 51.47 -49.07 29.86
N MET S 49 52.56 -49.24 29.12
CA MET S 49 53.17 -48.11 28.44
C MET S 49 52.32 -47.58 27.30
N ILE S 50 51.17 -48.20 27.02
CA ILE S 50 50.32 -47.78 25.93
C ILE S 50 49.07 -47.08 26.46
N ASN S 51 48.21 -47.82 27.16
CA ASN S 51 46.94 -47.21 27.49
C ASN S 51 47.06 -46.28 28.69
N PRO S 52 47.44 -46.73 29.90
CA PRO S 52 47.55 -45.77 31.01
C PRO S 52 48.74 -44.87 30.90
N GLY S 53 49.74 -45.23 30.11
CA GLY S 53 50.96 -44.45 29.99
C GLY S 53 52.00 -44.84 31.02
N ASP S 54 53.17 -44.23 30.90
CA ASP S 54 54.26 -44.50 31.81
C ASP S 54 53.96 -43.96 33.20
N ILE S 55 54.35 -44.72 34.22
CA ILE S 55 54.15 -44.30 35.59
C ILE S 55 55.44 -44.41 36.39
N GLY S 56 56.55 -44.70 35.71
CA GLY S 56 57.83 -44.72 36.35
C GLY S 56 58.37 -46.08 36.73
N TYR S 57 57.82 -47.15 36.18
CA TYR S 57 58.31 -48.49 36.49
C TYR S 57 59.75 -48.66 36.02
N ALA S 58 60.51 -49.45 36.76
CA ALA S 58 61.92 -49.69 36.48
C ALA S 58 62.07 -51.09 35.89
N PHE S 59 62.36 -51.17 34.60
CA PHE S 59 62.48 -52.45 33.93
C PHE S 59 63.86 -53.05 34.14
N ALA S 60 63.98 -54.33 33.83
CA ALA S 60 65.27 -54.99 33.90
C ALA S 60 66.14 -54.57 32.71
N THR S 61 67.38 -54.20 33.02
CA THR S 61 68.31 -53.67 32.03
C THR S 61 69.14 -54.81 31.44
N GLY S 62 69.06 -54.98 30.13
CA GLY S 62 69.62 -56.19 29.60
C GLY S 62 68.69 -57.35 29.90
N ASP S 63 69.08 -58.54 29.49
CA ASP S 63 68.16 -59.66 29.68
C ASP S 63 67.93 -60.06 31.14
N GLU S 64 68.90 -60.72 31.77
CA GLU S 64 68.81 -61.37 33.09
C GLU S 64 67.36 -61.80 33.36
N GLN S 65 66.91 -61.63 34.60
CA GLN S 65 65.56 -61.93 35.02
C GLN S 65 65.14 -60.92 36.08
N PRO S 66 63.84 -60.61 36.17
CA PRO S 66 63.38 -59.60 37.12
C PRO S 66 63.84 -59.78 38.56
N LEU S 67 63.57 -60.94 39.17
CA LEU S 67 63.89 -61.25 40.57
C LEU S 67 63.03 -60.44 41.54
N PRO S 68 62.43 -61.08 42.54
CA PRO S 68 61.52 -60.38 43.45
C PRO S 68 62.18 -59.33 44.33
N ASP S 69 63.49 -59.39 44.52
CA ASP S 69 64.17 -58.45 45.42
C ASP S 69 64.54 -57.14 44.75
N ASP S 70 64.26 -56.99 43.46
CA ASP S 70 64.61 -55.76 42.77
C ASP S 70 63.67 -54.64 43.17
N GLU S 71 64.17 -53.41 43.07
CA GLU S 71 63.37 -52.24 43.40
C GLU S 71 62.48 -51.88 42.23
N SER S 72 61.19 -51.67 42.51
CA SER S 72 60.23 -51.42 41.45
C SER S 72 60.31 -49.99 40.93
N GLY S 73 60.61 -49.02 41.78
CA GLY S 73 60.64 -47.63 41.37
C GLY S 73 59.30 -46.93 41.39
N LEU S 74 58.23 -47.62 41.74
CA LEU S 74 56.91 -46.99 41.80
C LEU S 74 56.75 -46.22 43.10
N PRO S 75 56.05 -45.09 43.06
CA PRO S 75 55.67 -44.42 44.31
C PRO S 75 54.68 -45.27 45.08
N ARG S 76 54.67 -45.10 46.39
CA ARG S 76 53.78 -45.89 47.23
C ARG S 76 52.31 -45.57 47.00
N LYS S 77 52.00 -44.48 46.31
CA LYS S 77 50.61 -44.11 46.06
C LYS S 77 49.93 -45.01 45.03
N TYR S 78 50.68 -45.88 44.36
CA TYR S 78 50.15 -46.69 43.27
C TYR S 78 50.03 -48.17 43.59
N LYS S 79 50.41 -48.60 44.80
CA LYS S 79 50.58 -50.02 45.02
C LYS S 79 49.24 -50.74 45.07
N HIS S 80 48.20 -50.10 45.61
CA HIS S 80 46.89 -50.75 45.62
C HIS S 80 46.36 -50.93 44.20
N ALA S 81 46.49 -49.91 43.36
CA ALA S 81 46.01 -50.03 41.99
C ALA S 81 46.75 -51.13 41.25
N VAL S 82 48.08 -51.12 41.34
CA VAL S 82 48.87 -52.13 40.63
C VAL S 82 48.58 -53.52 41.17
N GLY S 83 48.47 -53.65 42.49
CA GLY S 83 48.22 -54.96 43.07
C GLY S 83 46.86 -55.52 42.70
N TYR S 84 45.83 -54.67 42.71
CA TYR S 84 44.51 -55.15 42.35
C TYR S 84 44.44 -55.55 40.88
N GLN S 85 45.07 -54.77 40.00
CA GLN S 85 45.08 -55.15 38.59
C GLN S 85 45.81 -56.48 38.39
N LEU S 86 46.96 -56.65 39.05
CA LEU S 86 47.68 -57.90 38.96
C LEU S 86 46.89 -59.07 39.50
N LEU S 87 46.19 -58.90 40.62
CA LEU S 87 45.35 -59.97 41.16
C LEU S 87 44.27 -60.36 40.16
N LEU S 88 43.63 -59.36 39.54
CA LEU S 88 42.62 -59.68 38.55
C LEU S 88 43.20 -60.49 37.40
N ARG S 89 44.40 -60.14 36.96
CA ARG S 89 44.98 -60.87 35.84
C ARG S 89 45.39 -62.30 36.22
N MET S 90 45.88 -62.50 37.45
CA MET S 90 46.43 -63.80 37.82
C MET S 90 45.50 -64.66 38.66
N LEU S 91 44.24 -64.26 38.83
CA LEU S 91 43.30 -65.11 39.55
C LEU S 91 43.05 -66.44 38.85
N SER S 92 42.97 -66.44 37.52
CA SER S 92 42.55 -67.65 36.80
C SER S 92 43.58 -68.76 36.82
N ASP S 93 44.81 -68.49 37.28
CA ASP S 93 45.79 -69.55 37.43
C ASP S 93 45.30 -70.61 38.40
N TYR S 94 44.63 -70.19 39.47
CA TYR S 94 44.15 -71.08 40.50
C TYR S 94 42.69 -71.44 40.32
N SER S 95 42.09 -71.07 39.19
CA SER S 95 40.69 -71.36 38.88
C SER S 95 39.76 -70.78 39.94
N LEU S 96 39.80 -69.45 40.05
CA LEU S 96 38.95 -68.72 40.97
C LEU S 96 38.31 -67.54 40.25
N GLU S 97 37.21 -67.07 40.81
CA GLU S 97 36.53 -65.91 40.26
C GLU S 97 36.38 -64.82 41.31
N PRO S 98 36.57 -63.56 40.93
CA PRO S 98 36.51 -62.49 41.93
C PRO S 98 35.09 -62.24 42.39
N THR S 99 34.98 -61.79 43.61
CA THR S 99 33.73 -61.37 44.21
C THR S 99 33.46 -59.92 43.86
N PRO S 100 32.20 -59.48 43.94
CA PRO S 100 31.88 -58.09 43.54
C PRO S 100 32.63 -57.03 44.33
N GLN S 101 32.89 -57.25 45.62
CA GLN S 101 33.60 -56.25 46.40
C GLN S 101 35.03 -56.06 45.89
N VAL S 102 35.69 -57.16 45.51
CA VAL S 102 37.04 -57.05 44.97
C VAL S 102 37.03 -56.23 43.68
N LEU S 103 36.04 -56.47 42.82
CA LEU S 103 35.94 -55.71 41.59
C LEU S 103 35.73 -54.23 41.88
N SER S 104 34.90 -53.92 42.87
CA SER S 104 34.65 -52.52 43.21
C SER S 104 35.92 -51.85 43.72
N ASN S 105 36.67 -52.54 44.58
CA ASN S 105 37.93 -51.98 45.08
C ASN S 105 38.92 -51.75 43.94
N ALA S 106 39.01 -52.72 43.03
CA ALA S 106 39.91 -52.57 41.89
C ALA S 106 39.55 -51.37 41.05
N GLN S 107 38.25 -51.19 40.78
CA GLN S 107 37.84 -50.05 39.98
C GLN S 107 38.13 -48.73 40.68
N ARG S 108 37.88 -48.64 41.99
CA ARG S 108 38.16 -47.41 42.71
C ARG S 108 39.65 -47.06 42.67
N SER S 109 40.51 -48.05 42.91
CA SER S 109 41.95 -47.79 42.89
C SER S 109 42.41 -47.38 41.49
N TYR S 110 41.88 -48.05 40.47
CA TYR S 110 42.25 -47.68 39.10
C TYR S 110 41.81 -46.27 38.78
N ASP S 111 40.63 -45.86 39.24
CA ASP S 111 40.17 -44.50 38.99
C ASP S 111 41.08 -43.49 39.68
N ALA S 112 41.52 -43.79 40.91
CA ALA S 112 42.45 -42.90 41.58
C ALA S 112 43.74 -42.77 40.79
N LEU S 113 44.24 -43.87 40.24
CA LEU S 113 45.45 -43.80 39.41
C LEU S 113 45.21 -42.97 38.15
N MET S 114 44.05 -43.16 37.51
CA MET S 114 43.74 -42.42 36.29
C MET S 114 43.65 -40.93 36.55
N THR S 115 43.11 -40.53 37.69
CA THR S 115 42.96 -39.11 37.99
C THR S 115 44.30 -38.39 38.07
N ASP S 116 45.37 -39.10 38.42
CA ASP S 116 46.65 -38.50 38.69
C ASP S 116 47.52 -38.35 37.45
N THR S 117 47.01 -38.73 36.28
CA THR S 117 47.83 -38.65 35.06
C THR S 117 47.09 -37.98 33.91
N LEU S 118 46.13 -37.11 34.18
CA LEU S 118 45.37 -36.45 33.13
C LEU S 118 46.21 -35.39 32.42
N VAL S 119 45.79 -35.03 31.21
CA VAL S 119 46.45 -34.02 30.39
C VAL S 119 45.50 -32.94 29.91
N VAL S 120 44.40 -33.33 29.26
CA VAL S 120 43.46 -32.38 28.66
C VAL S 120 44.19 -31.43 27.72
N PRO S 121 44.49 -31.86 26.48
CA PRO S 121 45.55 -31.23 25.68
C PRO S 121 45.36 -29.75 25.34
N SER S 122 44.16 -29.17 25.43
CA SER S 122 43.98 -27.72 25.29
C SER S 122 44.43 -27.21 23.91
N MET S 123 43.64 -27.58 22.91
CA MET S 123 43.80 -27.19 21.50
C MET S 123 44.12 -25.71 21.28
N ARG S 124 44.89 -25.40 20.23
CA ARG S 124 45.47 -24.09 19.98
C ARG S 124 44.81 -23.42 18.77
N ARG S 125 45.25 -22.20 18.45
CA ARG S 125 44.78 -21.49 17.28
C ARG S 125 45.39 -22.09 16.02
N ARG S 126 44.90 -21.69 14.86
CA ARG S 126 45.11 -22.48 13.66
C ARG S 126 46.36 -22.09 12.89
N GLY S 127 46.44 -20.84 12.43
CA GLY S 127 47.58 -20.48 11.61
C GLY S 127 47.24 -19.58 10.46
N ASP S 128 46.00 -19.66 9.98
CA ASP S 128 45.45 -18.65 9.09
C ASP S 128 44.49 -17.72 9.81
N PHE S 129 44.43 -17.81 11.14
CA PHE S 129 43.55 -16.96 11.91
C PHE S 129 44.23 -15.63 12.18
N PRO S 130 43.61 -14.51 11.83
CA PRO S 130 44.25 -13.21 12.08
C PRO S 130 44.35 -12.90 13.56
N VAL S 131 45.33 -12.09 13.90
CA VAL S 131 45.39 -11.45 15.21
C VAL S 131 45.05 -9.99 15.00
N GLY S 132 44.18 -9.46 15.84
CA GLY S 132 43.57 -8.18 15.55
C GLY S 132 44.54 -7.02 15.64
N GLN S 133 44.09 -5.87 15.15
CA GLN S 133 44.87 -4.65 15.29
C GLN S 133 45.00 -4.20 16.73
N GLY S 134 44.20 -4.77 17.64
CA GLY S 134 44.18 -4.31 19.00
C GLY S 134 45.44 -4.58 19.77
N ASN S 135 46.23 -5.57 19.36
CA ASN S 135 47.48 -5.86 20.04
C ASN S 135 48.70 -5.58 19.17
N LYS S 136 48.57 -4.68 18.20
CA LYS S 136 49.69 -3.95 17.60
C LYS S 136 50.76 -4.89 17.06
N TYR S 137 50.38 -5.66 16.05
CA TYR S 137 51.28 -6.63 15.47
C TYR S 137 52.46 -5.98 14.76
N ASP S 138 52.41 -4.67 14.53
CA ASP S 138 53.47 -4.03 13.78
C ASP S 138 54.69 -3.74 14.66
N VAL S 139 54.47 -3.15 15.83
CA VAL S 139 55.56 -2.62 16.66
C VAL S 139 55.87 -3.52 17.86
N PHE S 140 54.88 -3.81 18.70
CA PHE S 140 55.14 -4.57 19.91
C PHE S 140 55.57 -6.00 19.57
N THR S 141 54.69 -6.75 18.93
CA THR S 141 55.00 -8.09 18.49
C THR S 141 55.31 -8.07 17.01
N SER S 142 55.47 -9.25 16.42
CA SER S 142 55.62 -9.39 14.99
C SER S 142 54.66 -10.46 14.53
N ASP S 143 54.59 -10.64 13.22
CA ASP S 143 53.85 -11.75 12.63
C ASP S 143 52.39 -11.73 13.07
N ARG S 144 51.67 -10.75 12.50
CA ARG S 144 50.23 -10.87 12.35
C ARG S 144 49.89 -12.27 11.86
N TYR S 145 48.73 -12.79 12.27
CA TYR S 145 48.33 -14.18 12.10
C TYR S 145 49.08 -15.07 13.08
N TYR S 146 48.37 -15.99 13.73
CA TYR S 146 48.95 -16.83 14.75
C TYR S 146 49.91 -17.85 14.12
N PRO S 147 50.96 -18.23 14.84
CA PRO S 147 51.87 -19.26 14.32
C PRO S 147 51.21 -20.63 14.27
N GLY S 148 50.54 -21.00 15.36
CA GLY S 148 49.71 -22.19 15.39
C GLY S 148 50.43 -23.46 15.01
N ASP S 149 51.67 -23.62 15.44
CA ASP S 149 52.47 -24.76 15.03
C ASP S 149 53.50 -25.12 16.08
N LEU S 150 54.75 -24.68 15.85
CA LEU S 150 55.85 -24.87 16.79
C LEU S 150 56.06 -26.35 17.13
N MET T 1 40.69 -33.40 66.70
CA MET T 1 41.76 -33.66 67.65
C MET T 1 41.22 -34.28 68.94
N ALA T 2 41.98 -34.12 70.03
CA ALA T 2 41.59 -34.50 71.39
C ALA T 2 41.70 -36.01 71.59
N THR T 3 42.36 -36.41 72.68
CA THR T 3 42.39 -37.78 73.18
C THR T 3 43.25 -38.67 72.28
N VAL T 4 43.64 -38.15 71.12
CA VAL T 4 44.65 -38.76 70.24
C VAL T 4 44.22 -40.12 69.70
N LEU T 5 44.02 -40.20 68.39
CA LEU T 5 43.83 -41.48 67.72
C LEU T 5 45.18 -42.08 67.37
N THR T 6 45.39 -43.33 67.75
CA THR T 6 46.59 -44.04 67.34
C THR T 6 46.26 -44.91 66.13
N LYS T 7 47.31 -45.29 65.40
CA LYS T 7 47.11 -46.10 64.21
C LYS T 7 46.53 -47.47 64.53
N GLY T 8 46.79 -48.00 65.72
CA GLY T 8 46.28 -49.31 66.08
C GLY T 8 44.82 -49.28 66.45
N GLU T 9 44.35 -48.16 66.97
CA GLU T 9 42.95 -48.02 67.32
C GLU T 9 42.02 -48.08 66.12
N ILE T 10 42.41 -47.49 65.00
CA ILE T 10 41.60 -47.58 63.79
C ILE T 10 41.50 -49.03 63.32
N VAL T 11 42.62 -49.74 63.31
CA VAL T 11 42.61 -51.13 62.89
C VAL T 11 41.76 -51.97 63.83
N LEU T 12 41.85 -51.73 65.14
CA LEU T 12 41.01 -52.47 66.07
C LEU T 12 39.53 -52.17 65.86
N PHE T 13 39.18 -50.91 65.58
CA PHE T 13 37.79 -50.58 65.29
C PHE T 13 37.30 -51.32 64.06
N ALA T 14 38.11 -51.35 63.00
CA ALA T 14 37.71 -52.05 61.79
C ALA T 14 37.54 -53.54 62.05
N LEU T 15 38.45 -54.13 62.82
CA LEU T 15 38.35 -55.56 63.11
C LEU T 15 37.10 -55.85 63.95
N ARG T 16 36.77 -54.97 64.89
CA ARG T 16 35.62 -55.20 65.74
C ARG T 16 34.31 -55.06 64.99
N LYS T 17 34.22 -54.12 64.05
CA LYS T 17 32.92 -53.83 63.46
C LYS T 17 32.37 -54.96 62.62
N PHE T 18 33.16 -55.96 62.27
CA PHE T 18 32.65 -57.10 61.51
C PHE T 18 32.84 -58.42 62.25
N ALA T 19 32.99 -58.36 63.57
CA ALA T 19 33.01 -59.55 64.42
C ALA T 19 34.13 -60.50 64.05
N ILE T 20 35.32 -59.95 63.85
CA ILE T 20 36.50 -60.77 63.63
C ILE T 20 37.34 -60.93 64.90
N ALA T 21 37.46 -59.89 65.72
CA ALA T 21 38.24 -59.97 66.94
C ALA T 21 37.70 -58.97 67.95
N SER T 22 36.93 -59.46 68.91
CA SER T 22 36.37 -58.63 69.96
C SER T 22 35.89 -59.52 71.10
N ASN T 23 35.15 -58.94 72.04
CA ASN T 23 34.68 -59.67 73.20
C ASN T 23 33.25 -60.19 73.04
N ALA T 24 32.71 -60.11 71.81
CA ALA T 24 31.46 -60.81 71.50
C ALA T 24 31.69 -62.30 71.23
N SER T 25 32.94 -62.73 71.15
CA SER T 25 33.30 -64.14 71.23
C SER T 25 34.63 -64.22 71.99
N LEU T 26 35.23 -65.41 72.01
CA LEU T 26 36.31 -65.69 72.95
C LEU T 26 37.70 -65.51 72.34
N THR T 27 37.92 -66.09 71.17
CA THR T 27 39.24 -66.00 70.53
C THR T 27 39.54 -64.55 70.17
N ASP T 28 40.83 -64.22 70.02
CA ASP T 28 41.23 -62.82 69.97
C ASP T 28 42.19 -62.54 68.83
N VAL T 29 42.73 -61.32 68.83
CA VAL T 29 43.58 -60.82 67.75
C VAL T 29 44.81 -61.70 67.62
N GLU T 30 45.36 -61.77 66.41
CA GLU T 30 46.64 -62.40 66.18
C GLU T 30 47.62 -61.37 65.65
N PRO T 31 48.88 -61.37 66.11
CA PRO T 31 49.76 -60.23 65.85
C PRO T 31 50.02 -59.95 64.38
N GLN T 32 49.92 -60.93 63.51
CA GLN T 32 50.24 -60.68 62.10
C GLN T 32 49.13 -59.90 61.40
N SER T 33 47.87 -60.15 61.76
CA SER T 33 46.79 -59.41 61.16
C SER T 33 46.89 -57.93 61.49
N ILE T 34 47.41 -57.59 62.66
CA ILE T 34 47.56 -56.19 63.03
C ILE T 34 48.58 -55.50 62.14
N GLU T 35 49.72 -56.15 61.89
CA GLU T 35 50.71 -55.56 61.00
C GLU T 35 50.16 -55.41 59.59
N ASP T 36 49.43 -56.43 59.12
CA ASP T 36 48.83 -56.33 57.80
C ASP T 36 47.86 -55.15 57.73
N GLY T 37 47.03 -54.99 58.76
CA GLY T 37 46.08 -53.88 58.77
C GLY T 37 46.74 -52.53 58.82
N VAL T 38 47.80 -52.38 59.62
CA VAL T 38 48.48 -51.09 59.70
C VAL T 38 49.14 -50.75 58.38
N ASN T 39 49.77 -51.72 57.73
CA ASN T 39 50.35 -51.44 56.42
C ASN T 39 49.28 -51.10 55.38
N ASP T 40 48.14 -51.78 55.43
CA ASP T 40 47.04 -51.44 54.53
C ASP T 40 46.56 -50.01 54.77
N LEU T 41 46.47 -49.60 56.04
CA LEU T 41 46.06 -48.24 56.35
C LEU T 41 47.07 -47.24 55.81
N GLU T 42 48.36 -47.53 55.94
CA GLU T 42 49.39 -46.63 55.43
C GLU T 42 49.27 -46.46 53.92
N ASP T 43 49.13 -47.57 53.19
CA ASP T 43 49.02 -47.47 51.74
C ASP T 43 47.75 -46.78 51.30
N MET T 44 46.62 -47.05 51.97
CA MET T 44 45.39 -46.36 51.61
C MET T 44 45.46 -44.88 51.88
N MET T 45 46.08 -44.46 52.98
CA MET T 45 46.31 -43.04 53.22
C MET T 45 47.23 -42.43 52.18
N SER T 46 48.25 -43.16 51.72
CA SER T 46 49.08 -42.65 50.65
C SER T 46 48.26 -42.42 49.38
N GLU T 47 47.36 -43.34 49.07
CA GLU T 47 46.51 -43.18 47.90
C GLU T 47 45.54 -42.03 48.05
N TRP T 48 45.03 -41.79 49.26
CA TRP T 48 44.01 -40.77 49.45
C TRP T 48 44.51 -39.36 49.21
N MET T 49 45.82 -39.16 49.06
CA MET T 49 46.31 -37.82 48.76
C MET T 49 45.95 -37.37 47.36
N ILE T 50 45.27 -38.19 46.58
CA ILE T 50 44.87 -37.82 45.23
C ILE T 50 43.38 -37.50 45.18
N ASN T 51 42.53 -38.50 45.42
CA ASN T 51 41.12 -38.24 45.14
C ASN T 51 40.46 -37.45 46.26
N PRO T 52 40.36 -37.95 47.51
CA PRO T 52 39.72 -37.11 48.54
C PRO T 52 40.57 -35.91 48.91
N GLY T 53 41.88 -36.03 48.83
CA GLY T 53 42.80 -34.99 49.21
C GLY T 53 43.40 -35.24 50.58
N ASP T 54 44.29 -34.33 50.96
CA ASP T 54 44.94 -34.43 52.26
C ASP T 54 43.95 -34.13 53.38
N ILE T 55 44.07 -34.87 54.48
CA ILE T 55 43.19 -34.67 55.62
C ILE T 55 44.01 -34.56 56.90
N GLY T 56 45.32 -34.60 56.77
CA GLY T 56 46.20 -34.40 57.90
C GLY T 56 46.86 -35.64 58.46
N TYR T 57 46.85 -36.75 57.75
CA TYR T 57 47.46 -37.97 58.24
C TYR T 57 48.96 -37.78 58.40
N ALA T 58 49.51 -38.40 59.45
CA ALA T 58 50.93 -38.28 59.79
C ALA T 58 51.67 -39.52 59.32
N PHE T 59 52.32 -39.41 58.16
CA PHE T 59 53.05 -40.54 57.62
C PHE T 59 54.31 -40.81 58.42
N ALA T 60 54.85 -42.01 58.24
CA ALA T 60 56.10 -42.37 58.89
C ALA T 60 57.26 -41.62 58.25
N THR T 61 58.37 -41.56 58.99
CA THR T 61 59.59 -40.90 58.51
C THR T 61 60.27 -41.88 57.56
N GLY T 62 61.54 -41.65 57.21
CA GLY T 62 62.24 -42.58 56.35
C GLY T 62 62.30 -43.99 56.92
N ASP T 63 61.52 -44.88 56.30
CA ASP T 63 61.50 -46.33 56.52
C ASP T 63 61.66 -46.74 57.99
N GLU T 64 60.68 -46.35 58.81
CA GLU T 64 60.58 -46.88 60.17
C GLU T 64 59.46 -47.86 60.40
N GLN T 65 58.73 -48.31 59.37
CA GLN T 65 57.79 -49.41 59.57
C GLN T 65 56.70 -49.05 60.59
N PRO T 66 55.65 -48.36 60.16
CA PRO T 66 54.84 -47.50 61.04
C PRO T 66 54.63 -47.88 62.50
N LEU T 67 54.20 -49.12 62.81
CA LEU T 67 53.90 -49.59 64.17
C LEU T 67 52.54 -49.09 64.65
N PRO T 68 51.80 -49.89 65.41
CA PRO T 68 50.42 -49.52 65.77
C PRO T 68 50.29 -48.53 66.91
N ASP T 69 51.37 -48.15 67.59
CA ASP T 69 51.28 -47.25 68.73
C ASP T 69 51.54 -45.80 68.35
N ASP T 70 51.69 -45.50 67.07
CA ASP T 70 51.98 -44.16 66.63
C ASP T 70 50.71 -43.34 66.50
N GLU T 71 50.82 -42.05 66.80
CA GLU T 71 49.69 -41.16 66.62
C GLU T 71 49.41 -40.97 65.13
N SER T 72 48.12 -41.01 64.78
CA SER T 72 47.75 -40.88 63.38
C SER T 72 47.66 -39.44 62.93
N GLY T 73 47.41 -38.52 63.84
CA GLY T 73 47.23 -37.13 63.47
C GLY T 73 45.88 -36.79 62.89
N LEU T 74 44.93 -37.69 62.95
CA LEU T 74 43.62 -37.40 62.41
C LEU T 74 42.70 -36.84 63.48
N PRO T 75 41.80 -35.94 63.13
CA PRO T 75 40.77 -35.52 64.08
C PRO T 75 39.82 -36.68 64.36
N ARG T 76 39.21 -36.65 65.55
CA ARG T 76 38.30 -37.72 65.92
C ARG T 76 37.03 -37.74 65.08
N LYS T 77 36.76 -36.68 64.31
CA LYS T 77 35.56 -36.67 63.48
C LYS T 77 35.67 -37.56 62.25
N TYR T 78 36.87 -38.03 61.91
CA TYR T 78 37.07 -38.84 60.72
C TYR T 78 37.23 -40.33 61.03
N LYS T 79 37.07 -40.72 62.30
CA LYS T 79 37.35 -42.08 62.70
C LYS T 79 36.44 -43.07 61.98
N HIS T 80 35.13 -42.81 62.01
CA HIS T 80 34.19 -43.75 61.41
C HIS T 80 34.40 -43.87 59.91
N ALA T 81 34.62 -42.75 59.22
CA ALA T 81 34.82 -42.80 57.77
C ALA T 81 36.06 -43.60 57.42
N VAL T 82 37.18 -43.30 58.07
CA VAL T 82 38.41 -44.02 57.78
C VAL T 82 38.26 -45.49 58.12
N GLY T 83 37.64 -45.80 59.26
CA GLY T 83 37.50 -47.18 59.67
C GLY T 83 36.66 -48.01 58.72
N TYR T 84 35.55 -47.44 58.26
CA TYR T 84 34.70 -48.18 57.33
C TYR T 84 35.40 -48.37 55.98
N GLN T 85 36.08 -47.34 55.49
CA GLN T 85 36.78 -47.50 54.22
C GLN T 85 37.90 -48.52 54.33
N LEU T 86 38.53 -48.62 55.50
CA LEU T 86 39.57 -49.63 55.69
C LEU T 86 38.99 -51.03 55.80
N LEU T 87 37.86 -51.18 56.50
CA LEU T 87 37.22 -52.48 56.61
C LEU T 87 36.82 -53.01 55.25
N LEU T 88 36.31 -52.12 54.38
CA LEU T 88 35.91 -52.58 53.05
C LEU T 88 37.08 -53.18 52.28
N ARG T 89 38.27 -52.62 52.41
CA ARG T 89 39.43 -53.18 51.74
C ARG T 89 39.96 -54.42 52.44
N MET T 90 39.87 -54.49 53.77
CA MET T 90 40.42 -55.62 54.50
C MET T 90 39.54 -56.87 54.49
N LEU T 91 38.27 -56.76 54.11
CA LEU T 91 37.36 -57.88 54.26
C LEU T 91 37.82 -59.11 53.47
N SER T 92 38.28 -58.91 52.24
CA SER T 92 38.58 -60.05 51.36
C SER T 92 39.76 -60.88 51.83
N ASP T 93 40.54 -60.40 52.80
CA ASP T 93 41.60 -61.22 53.36
C ASP T 93 41.05 -62.48 54.02
N TYR T 94 39.94 -62.34 54.72
CA TYR T 94 39.31 -63.43 55.45
C TYR T 94 38.21 -64.10 54.64
N SER T 95 38.08 -63.75 53.37
CA SER T 95 37.06 -64.32 52.48
C SER T 95 35.66 -64.10 53.03
N LEU T 96 35.31 -62.83 53.18
CA LEU T 96 34.00 -62.43 53.66
C LEU T 96 33.41 -61.41 52.69
N GLU T 97 32.09 -61.23 52.79
CA GLU T 97 31.38 -60.30 51.95
C GLU T 97 30.57 -59.35 52.83
N PRO T 98 30.50 -58.07 52.47
CA PRO T 98 29.78 -57.11 53.30
C PRO T 98 28.29 -57.21 53.11
N THR T 99 27.58 -56.95 54.18
CA THR T 99 26.12 -56.87 54.19
C THR T 99 25.66 -55.49 53.79
N PRO T 100 24.42 -55.34 53.31
CA PRO T 100 23.98 -54.03 52.85
C PRO T 100 24.02 -52.93 53.90
N GLN T 101 23.76 -53.24 55.17
CA GLN T 101 23.79 -52.18 56.17
C GLN T 101 25.19 -51.63 56.37
N VAL T 102 26.20 -52.49 56.30
CA VAL T 102 27.58 -52.03 56.41
C VAL T 102 27.91 -51.09 55.25
N LEU T 103 27.47 -51.44 54.04
CA LEU T 103 27.69 -50.56 52.90
C LEU T 103 27.01 -49.22 53.08
N SER T 104 25.78 -49.23 53.61
CA SER T 104 25.08 -47.97 53.83
C SER T 104 25.81 -47.10 54.85
N ASN T 105 26.28 -47.71 55.95
CA ASN T 105 27.03 -46.94 56.94
C ASN T 105 28.30 -46.36 56.35
N ALA T 106 29.02 -47.16 55.56
CA ALA T 106 30.25 -46.68 54.95
C ALA T 106 29.98 -45.49 54.05
N GLN T 107 28.92 -45.57 53.23
CA GLN T 107 28.62 -44.46 52.33
C GLN T 107 28.20 -43.22 53.10
N ARG T 108 27.41 -43.38 54.17
CA ARG T 108 27.04 -42.24 55.01
C ARG T 108 28.27 -41.54 55.57
N SER T 109 29.20 -42.31 56.12
CA SER T 109 30.40 -41.72 56.72
C SER T 109 31.26 -41.05 55.67
N TYR T 110 31.41 -41.67 54.50
CA TYR T 110 32.20 -41.07 53.44
C TYR T 110 31.60 -39.76 52.98
N ASP T 111 30.28 -39.69 52.85
CA ASP T 111 29.64 -38.44 52.47
C ASP T 111 29.87 -37.37 53.52
N ALA T 112 29.79 -37.73 54.80
CA ALA T 112 30.08 -36.75 55.85
C ALA T 112 31.51 -36.24 55.75
N LEU T 113 32.45 -37.13 55.46
CA LEU T 113 33.85 -36.70 55.32
C LEU T 113 34.01 -35.75 54.15
N MET T 114 33.41 -36.07 53.01
CA MET T 114 33.61 -35.22 51.83
C MET T 114 32.84 -33.91 51.91
N THR T 115 31.80 -33.83 52.74
CA THR T 115 31.14 -32.54 52.93
C THR T 115 32.07 -31.52 53.58
N ASP T 116 32.96 -31.97 54.45
CA ASP T 116 33.85 -31.10 55.19
C ASP T 116 35.11 -30.74 54.41
N THR T 117 35.10 -30.90 53.10
CA THR T 117 36.29 -30.65 52.29
C THR T 117 35.99 -29.88 51.01
N LEU T 118 34.72 -29.62 50.69
CA LEU T 118 34.36 -28.95 49.45
C LEU T 118 35.02 -27.59 49.32
N VAL T 119 35.26 -27.18 48.07
CA VAL T 119 35.87 -25.90 47.76
C VAL T 119 35.02 -25.05 46.83
N VAL T 120 34.50 -25.62 45.74
CA VAL T 120 33.74 -24.87 44.74
C VAL T 120 34.54 -23.67 44.24
N PRO T 121 35.48 -23.89 43.32
CA PRO T 121 36.57 -22.92 43.09
C PRO T 121 36.14 -21.50 42.72
N SER T 122 35.03 -21.30 41.99
CA SER T 122 34.58 -19.96 41.61
C SER T 122 35.44 -19.31 40.54
N MET T 123 34.82 -18.95 39.41
CA MET T 123 35.52 -18.42 38.25
C MET T 123 35.84 -16.94 38.43
N ARG T 124 36.83 -16.48 37.68
CA ARG T 124 37.24 -15.07 37.70
C ARG T 124 37.11 -14.47 36.31
N ARG T 125 37.20 -13.14 36.24
CA ARG T 125 37.02 -12.46 34.97
C ARG T 125 38.20 -12.73 34.04
N ARG T 126 37.94 -12.58 32.74
CA ARG T 126 38.80 -13.15 31.72
C ARG T 126 40.16 -12.48 31.68
N GLY T 127 40.20 -11.15 31.59
CA GLY T 127 41.48 -10.50 31.45
C GLY T 127 41.53 -9.49 30.32
N ASP T 128 40.74 -9.74 29.28
CA ASP T 128 40.44 -8.72 28.28
C ASP T 128 39.05 -8.15 28.46
N PHE T 129 38.38 -8.48 29.56
CA PHE T 129 37.07 -7.94 29.85
C PHE T 129 37.20 -6.52 30.37
N PRO T 130 36.52 -5.55 29.76
CA PRO T 130 36.63 -4.17 30.23
C PRO T 130 36.00 -4.01 31.60
N VAL T 131 36.50 -3.04 32.34
CA VAL T 131 35.86 -2.59 33.56
C VAL T 131 35.23 -1.23 33.26
N GLY T 132 34.00 -1.04 33.67
CA GLY T 132 33.23 0.08 33.18
C GLY T 132 33.74 1.42 33.66
N GLN T 133 33.23 2.47 33.04
CA GLN T 133 33.59 3.84 33.45
C GLN T 133 33.05 4.17 34.83
N GLY T 134 32.08 3.43 35.32
CA GLY T 134 31.56 3.69 36.65
C GLY T 134 32.54 3.39 37.76
N ASN T 135 33.54 2.56 37.49
CA ASN T 135 34.56 2.24 38.47
C ASN T 135 35.65 3.29 38.57
N LYS T 136 35.66 4.28 37.68
CA LYS T 136 36.62 5.39 37.71
C LYS T 136 38.05 4.87 37.68
N TYR T 137 38.38 4.20 36.58
CA TYR T 137 39.63 3.45 36.49
C TYR T 137 40.86 4.33 36.40
N ASP T 138 40.70 5.63 36.22
CA ASP T 138 41.86 6.51 36.11
C ASP T 138 42.27 7.14 37.43
N VAL T 139 41.32 7.49 38.28
CA VAL T 139 41.60 8.26 39.50
C VAL T 139 41.59 7.36 40.74
N PHE T 140 40.54 6.55 40.94
CA PHE T 140 40.48 5.74 42.14
C PHE T 140 41.39 4.53 42.04
N THR T 141 41.13 3.66 41.08
CA THR T 141 41.97 2.51 40.83
C THR T 141 42.86 2.79 39.63
N SER T 142 43.55 1.75 39.17
CA SER T 142 44.31 1.80 37.94
C SER T 142 43.96 0.57 37.13
N ASP T 143 44.51 0.50 35.92
CA ASP T 143 44.40 -0.69 35.08
C ASP T 143 42.93 -1.04 34.82
N ARG T 144 42.31 -0.19 34.00
CA ARG T 144 41.14 -0.59 33.25
C ARG T 144 41.38 -1.96 32.62
N TYR T 145 40.33 -2.75 32.44
CA TYR T 145 40.39 -4.17 32.12
C TYR T 145 40.84 -4.97 33.33
N TYR T 146 40.20 -6.10 33.58
CA TYR T 146 40.50 -6.91 34.75
C TYR T 146 41.86 -7.60 34.60
N PRO T 147 42.57 -7.82 35.71
CA PRO T 147 43.84 -8.55 35.60
C PRO T 147 43.64 -10.01 35.26
N GLY T 148 42.71 -10.68 35.92
CA GLY T 148 42.31 -12.03 35.54
C GLY T 148 43.44 -13.04 35.54
N ASP T 149 44.37 -12.93 36.48
CA ASP T 149 45.52 -13.80 36.47
C ASP T 149 46.06 -14.00 37.88
N LEU T 150 47.13 -13.28 38.22
CA LEU T 150 47.73 -13.30 39.55
C LEU T 150 48.11 -14.71 39.98
N MET U 1 -17.49 -36.28 80.86
CA MET U 1 -17.48 -36.80 79.50
C MET U 1 -16.85 -38.17 79.44
N ALA U 2 -15.55 -38.24 79.66
CA ALA U 2 -14.80 -39.47 79.55
C ALA U 2 -14.53 -40.06 80.92
N THR U 3 -13.77 -41.15 80.95
CA THR U 3 -13.39 -41.82 82.18
C THR U 3 -11.99 -41.40 82.62
N VAL U 4 -11.41 -40.41 81.94
CA VAL U 4 -10.05 -39.93 82.17
C VAL U 4 -9.05 -41.00 81.78
N LEU U 5 -8.33 -40.76 80.68
CA LEU U 5 -7.41 -41.73 80.12
C LEU U 5 -6.04 -41.59 80.79
N THR U 6 -5.66 -42.57 81.58
CA THR U 6 -4.37 -42.56 82.25
C THR U 6 -3.33 -43.26 81.37
N LYS U 7 -2.06 -43.02 81.70
CA LYS U 7 -1.02 -43.82 81.10
C LYS U 7 -1.16 -45.26 81.55
N GLY U 8 -0.35 -46.15 81.01
CA GLY U 8 -0.57 -47.54 81.38
C GLY U 8 -1.77 -48.15 80.70
N GLU U 9 -2.91 -47.47 80.75
CA GLU U 9 -4.04 -47.88 79.93
C GLU U 9 -3.71 -47.81 78.45
N ILE U 10 -3.01 -46.76 78.03
CA ILE U 10 -2.50 -46.71 76.66
C ILE U 10 -1.47 -47.79 76.42
N VAL U 11 -0.61 -48.06 77.39
CA VAL U 11 0.36 -49.15 77.23
C VAL U 11 -0.33 -50.49 77.17
N LEU U 12 -1.32 -50.71 78.03
CA LEU U 12 -2.06 -51.97 78.01
C LEU U 12 -2.81 -52.16 76.71
N PHE U 13 -3.35 -51.09 76.14
CA PHE U 13 -4.00 -51.18 74.83
C PHE U 13 -3.03 -51.67 73.77
N ALA U 14 -1.83 -51.10 73.74
CA ALA U 14 -0.84 -51.51 72.74
C ALA U 14 -0.40 -52.94 72.96
N LEU U 15 -0.20 -53.35 74.21
CA LEU U 15 0.17 -54.74 74.46
C LEU U 15 -0.94 -55.71 74.06
N ARG U 16 -2.20 -55.33 74.29
CA ARG U 16 -3.30 -56.22 73.94
C ARG U 16 -3.54 -56.32 72.45
N LYS U 17 -3.35 -55.24 71.71
CA LYS U 17 -3.73 -55.24 70.31
C LYS U 17 -2.87 -56.15 69.45
N PHE U 18 -1.75 -56.64 69.96
CA PHE U 18 -0.93 -57.58 69.22
C PHE U 18 -0.77 -58.90 69.95
N ALA U 19 -1.66 -59.20 70.89
CA ALA U 19 -1.72 -60.50 71.56
C ALA U 19 -0.42 -60.83 72.29
N ILE U 20 0.10 -59.84 73.02
CA ILE U 20 1.24 -60.06 73.89
C ILE U 20 0.82 -60.30 75.34
N ALA U 21 -0.14 -59.55 75.87
CA ALA U 21 -0.59 -59.72 77.24
C ALA U 21 -2.05 -59.33 77.32
N SER U 22 -2.93 -60.31 77.25
CA SER U 22 -4.37 -60.09 77.29
C SER U 22 -5.02 -61.37 77.79
N ASN U 23 -6.34 -61.33 77.92
CA ASN U 23 -7.09 -62.47 78.41
C ASN U 23 -7.67 -63.33 77.29
N ALA U 24 -7.41 -62.98 76.03
CA ALA U 24 -7.85 -63.78 74.89
C ALA U 24 -6.80 -64.82 74.52
N SER U 25 -5.73 -64.89 75.30
CA SER U 25 -4.68 -65.88 75.10
C SER U 25 -4.11 -66.36 76.43
N LEU U 26 -4.73 -65.92 77.54
CA LEU U 26 -4.42 -66.40 78.89
C LEU U 26 -3.05 -65.89 79.36
N THR U 27 -2.54 -64.85 78.72
CA THR U 27 -1.19 -64.36 78.99
C THR U 27 -1.24 -63.19 79.95
N ASP U 28 -0.24 -63.11 80.84
CA ASP U 28 -0.20 -62.12 81.89
C ASP U 28 0.97 -61.16 81.71
N VAL U 29 0.80 -59.93 82.20
CA VAL U 29 1.77 -58.87 81.99
C VAL U 29 2.99 -59.09 82.89
N GLU U 30 4.05 -58.33 82.62
CA GLU U 30 5.25 -58.30 83.44
C GLU U 30 5.54 -56.89 83.93
N PRO U 31 5.93 -56.71 85.18
CA PRO U 31 6.02 -55.36 85.76
C PRO U 31 7.06 -54.48 85.09
N GLN U 32 8.02 -55.06 84.39
CA GLN U 32 9.12 -54.30 83.80
C GLN U 32 8.86 -53.94 82.34
N SER U 33 8.15 -54.80 81.62
CA SER U 33 7.71 -54.45 80.28
C SER U 33 6.74 -53.28 80.29
N ILE U 34 6.16 -52.96 81.44
CA ILE U 34 5.28 -51.81 81.56
C ILE U 34 6.07 -50.53 81.83
N GLU U 35 7.10 -50.61 82.68
CA GLU U 35 7.97 -49.45 82.86
C GLU U 35 8.63 -49.07 81.54
N ASP U 36 9.08 -50.06 80.79
CA ASP U 36 9.66 -49.77 79.48
C ASP U 36 8.64 -49.09 78.57
N GLY U 37 7.41 -49.58 78.56
CA GLY U 37 6.39 -48.97 77.73
C GLY U 37 6.08 -47.53 78.12
N VAL U 38 6.00 -47.26 79.42
CA VAL U 38 5.67 -45.91 79.86
C VAL U 38 6.80 -44.95 79.52
N ASN U 39 8.05 -45.38 79.71
CA ASN U 39 9.17 -44.50 79.34
C ASN U 39 9.19 -44.27 77.83
N ASP U 40 8.89 -45.29 77.04
CA ASP U 40 8.78 -45.10 75.60
C ASP U 40 7.69 -44.10 75.26
N LEU U 41 6.57 -44.15 75.97
CA LEU U 41 5.49 -43.21 75.71
C LEU U 41 5.93 -41.78 76.01
N GLU U 42 6.63 -41.57 77.12
CA GLU U 42 7.16 -40.24 77.42
C GLU U 42 8.08 -39.74 76.32
N ASP U 43 9.03 -40.58 75.90
CA ASP U 43 9.97 -40.13 74.88
C ASP U 43 9.27 -39.83 73.56
N MET U 44 8.30 -40.67 73.19
CA MET U 44 7.60 -40.45 71.93
C MET U 44 6.76 -39.19 71.98
N MET U 45 6.13 -38.89 73.11
CA MET U 45 5.41 -37.62 73.22
C MET U 45 6.36 -36.43 73.13
N SER U 46 7.51 -36.52 73.78
CA SER U 46 8.49 -35.44 73.67
C SER U 46 8.88 -35.21 72.22
N GLU U 47 9.09 -36.29 71.47
CA GLU U 47 9.41 -36.14 70.06
C GLU U 47 8.24 -35.57 69.27
N TRP U 48 7.02 -36.01 69.57
CA TRP U 48 5.83 -35.52 68.88
C TRP U 48 5.61 -34.04 69.13
N MET U 49 6.24 -33.49 70.16
CA MET U 49 6.13 -32.05 70.39
C MET U 49 6.69 -31.24 69.23
N ILE U 50 7.34 -31.87 68.25
CA ILE U 50 7.91 -31.17 67.11
C ILE U 50 7.05 -31.32 65.87
N ASN U 51 6.93 -32.56 65.36
CA ASN U 51 6.34 -32.70 64.03
C ASN U 51 4.82 -32.58 64.07
N PRO U 52 4.08 -33.48 64.75
CA PRO U 52 2.63 -33.30 64.78
C PRO U 52 2.20 -32.12 65.62
N GLY U 53 3.08 -31.60 66.47
CA GLY U 53 2.74 -30.50 67.33
C GLY U 53 2.18 -30.97 68.65
N ASP U 54 1.94 -30.00 69.53
CA ASP U 54 1.38 -30.29 70.84
C ASP U 54 -0.07 -30.76 70.72
N ILE U 55 -0.43 -31.76 71.53
CA ILE U 55 -1.79 -32.27 71.54
C ILE U 55 -2.34 -32.31 72.95
N GLY U 56 -1.62 -31.71 73.89
CA GLY U 56 -2.10 -31.60 75.25
C GLY U 56 -1.60 -32.63 76.23
N TYR U 57 -0.53 -33.35 75.88
CA TYR U 57 0.03 -34.35 76.80
C TYR U 57 0.53 -33.67 78.07
N ALA U 58 0.39 -34.37 79.18
CA ALA U 58 0.78 -33.85 80.50
C ALA U 58 2.07 -34.54 80.94
N PHE U 59 3.17 -33.82 80.87
CA PHE U 59 4.48 -34.40 81.18
C PHE U 59 4.69 -34.51 82.67
N ALA U 60 5.65 -35.34 83.04
CA ALA U 60 5.99 -35.52 84.45
C ALA U 60 6.71 -34.29 84.99
N THR U 61 6.42 -33.98 86.25
CA THR U 61 7.06 -32.86 86.91
C THR U 61 8.55 -33.16 87.09
N GLY U 62 9.33 -32.11 87.36
CA GLY U 62 10.77 -32.21 87.47
C GLY U 62 11.28 -33.43 88.21
N ASP U 63 12.37 -34.01 87.67
CA ASP U 63 13.15 -35.11 88.23
C ASP U 63 12.34 -36.15 89.00
N GLU U 64 11.30 -36.71 88.37
CA GLU U 64 10.57 -37.81 88.99
C GLU U 64 10.00 -38.69 87.88
N GLN U 65 9.81 -39.97 88.18
CA GLN U 65 9.45 -40.95 87.17
C GLN U 65 7.99 -40.79 86.75
N PRO U 66 7.64 -41.25 85.55
CA PRO U 66 6.26 -41.03 85.06
C PRO U 66 5.18 -41.81 85.80
N LEU U 67 5.40 -43.10 86.05
CA LEU U 67 4.44 -44.00 86.71
C LEU U 67 3.23 -44.27 85.83
N PRO U 68 2.67 -45.48 85.89
CA PRO U 68 1.54 -45.82 85.00
C PRO U 68 0.18 -45.39 85.51
N ASP U 69 0.07 -44.88 86.72
CA ASP U 69 -1.23 -44.44 87.24
C ASP U 69 -1.47 -42.96 87.07
N ASP U 70 -0.55 -42.25 86.43
CA ASP U 70 -0.70 -40.82 86.24
C ASP U 70 -1.70 -40.53 85.13
N GLU U 71 -2.36 -39.39 85.24
CA GLU U 71 -3.31 -38.96 84.22
C GLU U 71 -2.56 -38.43 83.01
N SER U 72 -2.93 -38.90 81.83
CA SER U 72 -2.23 -38.50 80.61
C SER U 72 -2.62 -37.11 80.14
N GLY U 73 -3.88 -36.72 80.35
CA GLY U 73 -4.35 -35.44 79.86
C GLY U 73 -4.83 -35.43 78.43
N LEU U 74 -4.75 -36.55 77.72
CA LEU U 74 -5.20 -36.59 76.34
C LEU U 74 -6.71 -36.75 76.27
N PRO U 75 -7.34 -36.18 75.25
CA PRO U 75 -8.75 -36.51 74.99
C PRO U 75 -8.88 -37.95 74.53
N ARG U 76 -10.06 -38.51 74.75
CA ARG U 76 -10.28 -39.90 74.38
C ARG U 76 -10.30 -40.11 72.88
N LYS U 77 -10.35 -39.03 72.09
CA LYS U 77 -10.38 -39.17 70.63
C LYS U 77 -9.02 -39.43 70.03
N TYR U 78 -7.95 -39.43 70.82
CA TYR U 78 -6.60 -39.69 70.33
C TYR U 78 -6.06 -41.04 70.77
N LYS U 79 -6.85 -41.82 71.50
CA LYS U 79 -6.33 -43.04 72.11
C LYS U 79 -5.84 -44.03 71.06
N HIS U 80 -6.65 -44.26 70.02
CA HIS U 80 -6.28 -45.24 69.01
C HIS U 80 -5.02 -44.83 68.27
N ALA U 81 -4.93 -43.55 67.88
CA ALA U 81 -3.75 -43.09 67.16
C ALA U 81 -2.49 -43.24 68.00
N VAL U 82 -2.54 -42.75 69.23
CA VAL U 82 -1.36 -42.83 70.10
C VAL U 82 -0.99 -44.29 70.37
N GLY U 83 -1.99 -45.13 70.61
CA GLY U 83 -1.69 -46.53 70.90
C GLY U 83 -1.07 -47.26 69.73
N TYR U 84 -1.58 -47.02 68.52
CA TYR U 84 -1.01 -47.69 67.37
C TYR U 84 0.41 -47.22 67.10
N GLN U 85 0.67 -45.92 67.24
CA GLN U 85 2.04 -45.45 67.05
C GLN U 85 2.97 -46.03 68.10
N LEU U 86 2.53 -46.12 69.34
CA LEU U 86 3.35 -46.72 70.39
C LEU U 86 3.64 -48.19 70.08
N LEU U 87 2.62 -48.94 69.64
CA LEU U 87 2.84 -50.34 69.29
C LEU U 87 3.87 -50.46 68.19
N LEU U 88 3.82 -49.57 67.19
CA LEU U 88 4.80 -49.62 66.13
C LEU U 88 6.21 -49.36 66.65
N ARG U 89 6.35 -48.44 67.61
CA ARG U 89 7.69 -48.17 68.13
C ARG U 89 8.25 -49.29 69.00
N MET U 90 7.44 -50.23 69.49
CA MET U 90 7.98 -51.21 70.43
C MET U 90 7.63 -52.64 70.04
N LEU U 91 7.18 -52.88 68.81
CA LEU U 91 7.07 -54.26 68.36
C LEU U 91 8.42 -54.96 68.30
N SER U 92 9.46 -54.27 67.84
CA SER U 92 10.76 -54.90 67.66
C SER U 92 11.42 -55.30 68.97
N ASP U 93 10.91 -54.83 70.10
CA ASP U 93 11.47 -55.21 71.39
C ASP U 93 11.29 -56.69 71.65
N TYR U 94 10.19 -57.26 71.18
CA TYR U 94 9.90 -58.69 71.30
C TYR U 94 10.24 -59.45 70.04
N SER U 95 10.92 -58.81 69.09
CA SER U 95 11.32 -59.43 67.83
C SER U 95 10.11 -59.92 67.05
N LEU U 96 9.25 -58.97 66.69
CA LEU U 96 8.06 -59.24 65.91
C LEU U 96 7.95 -58.21 64.80
N GLU U 97 7.21 -58.57 63.76
CA GLU U 97 6.97 -57.67 62.65
C GLU U 97 5.48 -57.47 62.43
N PRO U 98 5.05 -56.25 62.15
CA PRO U 98 3.62 -56.01 62.00
C PRO U 98 3.06 -56.59 60.71
N THR U 99 1.80 -56.93 60.77
CA THR U 99 1.04 -57.41 59.63
C THR U 99 0.44 -56.24 58.87
N PRO U 100 0.10 -56.44 57.59
CA PRO U 100 -0.41 -55.29 56.80
C PRO U 100 -1.66 -54.65 57.37
N GLN U 101 -2.56 -55.42 57.98
CA GLN U 101 -3.78 -54.82 58.52
C GLN U 101 -3.46 -53.87 59.67
N VAL U 102 -2.50 -54.24 60.52
CA VAL U 102 -2.11 -53.36 61.60
C VAL U 102 -1.55 -52.05 61.06
N LEU U 103 -0.72 -52.13 60.02
CA LEU U 103 -0.18 -50.93 59.41
C LEU U 103 -1.29 -50.06 58.84
N SER U 104 -2.28 -50.67 58.21
CA SER U 104 -3.39 -49.90 57.65
C SER U 104 -4.18 -49.19 58.75
N ASN U 105 -4.45 -49.90 59.85
CA ASN U 105 -5.16 -49.27 60.96
C ASN U 105 -4.36 -48.12 61.54
N ALA U 106 -3.05 -48.31 61.70
CA ALA U 106 -2.21 -47.25 62.23
C ALA U 106 -2.24 -46.03 61.34
N GLN U 107 -2.16 -46.23 60.02
CA GLN U 107 -2.19 -45.09 59.11
C GLN U 107 -3.52 -44.37 59.15
N ARG U 108 -4.64 -45.11 59.21
CA ARG U 108 -5.94 -44.47 59.27
C ARG U 108 -6.10 -43.63 60.53
N SER U 109 -5.70 -44.18 61.68
CA SER U 109 -5.81 -43.43 62.93
C SER U 109 -4.92 -42.19 62.91
N TYR U 110 -3.71 -42.33 62.40
CA TYR U 110 -2.81 -41.18 62.31
C TYR U 110 -3.39 -40.10 61.41
N ASP U 111 -4.00 -40.49 60.29
CA ASP U 111 -4.61 -39.50 59.40
C ASP U 111 -5.76 -38.78 60.10
N ALA U 112 -6.56 -39.51 60.87
CA ALA U 112 -7.63 -38.86 61.62
C ALA U 112 -7.06 -37.84 62.61
N LEU U 113 -5.96 -38.18 63.28
CA LEU U 113 -5.33 -37.23 64.19
C LEU U 113 -4.78 -36.01 63.43
N MET U 114 -4.18 -36.24 62.27
CA MET U 114 -3.63 -35.13 61.48
C MET U 114 -4.71 -34.19 61.02
N THR U 115 -5.88 -34.72 60.65
CA THR U 115 -6.97 -33.86 60.16
C THR U 115 -7.42 -32.86 61.21
N ASP U 116 -7.25 -33.18 62.49
CA ASP U 116 -7.82 -32.39 63.57
C ASP U 116 -6.89 -31.28 64.05
N THR U 117 -5.72 -31.11 63.42
CA THR U 117 -4.76 -30.10 63.87
C THR U 117 -4.23 -29.26 62.71
N LEU U 118 -5.00 -29.11 61.64
CA LEU U 118 -4.57 -28.33 60.49
C LEU U 118 -4.61 -26.83 60.78
N VAL U 119 -3.84 -26.06 60.00
CA VAL U 119 -3.76 -24.61 60.14
C VAL U 119 -4.03 -23.89 58.81
N VAL U 120 -3.30 -24.24 57.76
CA VAL U 120 -3.40 -23.55 56.46
C VAL U 120 -3.18 -22.05 56.65
N PRO U 121 -1.92 -21.60 56.76
CA PRO U 121 -1.64 -20.30 57.38
C PRO U 121 -2.22 -19.07 56.69
N SER U 122 -2.67 -19.13 55.44
CA SER U 122 -3.40 -18.01 54.82
C SER U 122 -2.55 -16.73 54.74
N MET U 123 -1.55 -16.80 53.86
CA MET U 123 -0.62 -15.70 53.59
C MET U 123 -1.33 -14.36 53.38
N ARG U 124 -0.66 -13.27 53.78
CA ARG U 124 -1.22 -11.93 53.86
C ARG U 124 -0.66 -11.01 52.78
N ARG U 125 -1.10 -9.75 52.77
CA ARG U 125 -0.59 -8.76 51.86
C ARG U 125 0.79 -8.30 52.31
N ARG U 126 1.47 -7.52 51.46
CA ARG U 126 2.91 -7.39 51.60
C ARG U 126 3.32 -6.19 52.46
N GLY U 127 2.96 -4.98 52.06
CA GLY U 127 3.42 -3.84 52.82
C GLY U 127 3.83 -2.65 51.96
N ASP U 128 4.23 -2.93 50.72
CA ASP U 128 4.36 -1.89 49.71
C ASP U 128 3.21 -1.94 48.72
N PHE U 129 2.19 -2.74 48.99
CA PHE U 129 1.05 -2.86 48.12
C PHE U 129 0.05 -1.74 48.42
N PRO U 130 -0.35 -0.94 47.43
CA PRO U 130 -1.29 0.14 47.70
C PRO U 130 -2.66 -0.39 48.03
N VAL U 131 -3.41 0.41 48.78
CA VAL U 131 -4.83 0.19 48.98
C VAL U 131 -5.55 1.27 48.18
N GLY U 132 -6.56 0.86 47.43
CA GLY U 132 -7.12 1.72 46.42
C GLY U 132 -7.85 2.93 46.98
N GLN U 133 -8.12 3.89 46.10
CA GLN U 133 -8.89 5.06 46.48
C GLN U 133 -10.33 4.72 46.84
N GLY U 134 -10.80 3.52 46.49
CA GLY U 134 -12.15 3.15 46.84
C GLY U 134 -12.36 2.86 48.31
N ASN U 135 -11.27 2.71 49.06
CA ASN U 135 -11.33 2.51 50.50
C ASN U 135 -11.39 3.82 51.27
N LYS U 136 -11.30 4.95 50.59
CA LYS U 136 -11.32 6.26 51.22
C LYS U 136 -10.27 6.34 52.32
N TYR U 137 -9.02 6.20 51.89
CA TYR U 137 -7.94 5.79 52.78
C TYR U 137 -7.48 6.87 53.75
N ASP U 138 -8.19 7.98 53.91
CA ASP U 138 -7.91 8.81 55.07
C ASP U 138 -9.15 9.24 55.85
N VAL U 139 -10.30 9.39 55.21
CA VAL U 139 -11.48 9.84 55.94
C VAL U 139 -12.10 8.68 56.71
N PHE U 140 -12.22 7.51 56.09
CA PHE U 140 -12.79 6.36 56.78
C PHE U 140 -11.74 5.65 57.62
N THR U 141 -10.69 5.17 56.97
CA THR U 141 -9.57 4.53 57.65
C THR U 141 -8.35 5.44 57.56
N SER U 142 -7.22 4.92 57.97
CA SER U 142 -5.94 5.62 57.83
C SER U 142 -4.96 4.69 57.15
N ASP U 143 -3.77 5.23 56.87
CA ASP U 143 -2.64 4.44 56.41
C ASP U 143 -2.97 3.70 55.10
N ARG U 144 -3.07 4.50 54.04
CA ARG U 144 -2.87 4.00 52.69
C ARG U 144 -1.63 3.11 52.67
N TYR U 145 -1.65 2.07 51.82
CA TYR U 145 -0.68 0.98 51.81
C TYR U 145 -0.92 0.04 52.98
N TYR U 146 -0.90 -1.27 52.72
CA TYR U 146 -1.22 -2.24 53.74
C TYR U 146 -0.11 -2.32 54.79
N PRO U 147 -0.46 -2.61 56.04
CA PRO U 147 0.57 -2.76 57.07
C PRO U 147 1.42 -4.00 56.83
N GLY U 148 0.77 -5.14 56.63
CA GLY U 148 1.45 -6.35 56.20
C GLY U 148 2.56 -6.79 57.14
N ASP U 149 2.34 -6.69 58.45
CA ASP U 149 3.40 -6.98 59.41
C ASP U 149 2.82 -7.49 60.72
N LEU U 150 2.72 -6.61 61.71
CA LEU U 150 2.13 -6.92 63.01
C LEU U 150 2.80 -8.11 63.68
N MET V 1 15.37 -30.38 83.13
CA MET V 1 14.20 -30.97 82.50
C MET V 1 14.27 -32.49 82.53
N ALA V 2 13.11 -33.13 82.71
CA ALA V 2 13.03 -34.58 82.85
C ALA V 2 14.08 -35.09 83.83
N THR V 3 15.02 -35.90 83.37
CA THR V 3 16.14 -36.31 84.21
C THR V 3 17.37 -36.51 83.33
N VAL V 4 18.15 -35.46 83.15
CA VAL V 4 19.54 -35.55 82.73
C VAL V 4 19.72 -36.28 81.40
N LEU V 5 19.25 -37.53 81.33
CA LEU V 5 19.48 -38.40 80.18
C LEU V 5 20.97 -38.64 80.01
N THR V 6 21.56 -39.39 80.94
CA THR V 6 22.98 -39.73 80.91
C THR V 6 23.33 -40.56 79.67
N LYS V 7 24.63 -40.67 79.42
CA LYS V 7 25.10 -41.36 78.22
C LYS V 7 24.76 -42.83 78.23
N GLY V 8 24.87 -43.50 79.38
CA GLY V 8 24.57 -44.92 79.44
C GLY V 8 23.13 -45.26 79.15
N GLU V 9 22.22 -44.34 79.43
CA GLU V 9 20.81 -44.56 79.12
C GLU V 9 20.58 -44.70 77.63
N ILE V 10 21.27 -43.90 76.81
CA ILE V 10 21.10 -44.02 75.37
C ILE V 10 21.60 -45.37 74.87
N VAL V 11 22.76 -45.83 75.35
CA VAL V 11 23.26 -47.13 74.94
C VAL V 11 22.33 -48.25 75.39
N LEU V 12 21.85 -48.22 76.62
CA LEU V 12 20.91 -49.22 77.09
C LEU V 12 19.61 -49.22 76.30
N PHE V 13 19.16 -48.05 75.86
CA PHE V 13 17.98 -47.99 75.01
C PHE V 13 18.22 -48.68 73.68
N ALA V 14 19.40 -48.47 73.08
CA ALA V 14 19.71 -49.10 71.81
C ALA V 14 19.81 -50.61 71.94
N LEU V 15 20.43 -51.09 73.01
CA LEU V 15 20.55 -52.54 73.20
C LEU V 15 19.21 -53.21 73.43
N ARG V 16 18.23 -52.46 73.92
CA ARG V 16 16.96 -53.02 74.37
C ARG V 16 15.91 -52.86 73.28
N LYS V 17 16.34 -52.51 72.07
CA LYS V 17 15.38 -52.28 71.01
C LYS V 17 15.55 -53.31 69.91
N PHE V 18 16.62 -54.09 69.97
CA PHE V 18 16.76 -55.20 69.04
C PHE V 18 16.91 -56.51 69.80
N ALA V 19 16.47 -56.55 71.06
CA ALA V 19 16.45 -57.76 71.88
C ALA V 19 17.84 -58.34 72.06
N ILE V 20 18.80 -57.51 72.46
CA ILE V 20 20.14 -58.00 72.76
C ILE V 20 20.37 -58.18 74.24
N ALA V 21 19.90 -57.25 75.08
CA ALA V 21 20.10 -57.36 76.51
C ALA V 21 19.07 -56.52 77.26
N SER V 22 18.82 -56.87 78.52
CA SER V 22 18.17 -56.01 79.50
C SER V 22 16.70 -56.32 79.66
N ASN V 23 16.21 -56.23 80.90
CA ASN V 23 14.79 -56.45 81.19
C ASN V 23 14.34 -57.87 80.84
N ALA V 24 14.82 -58.83 81.61
CA ALA V 24 14.47 -60.25 81.50
C ALA V 24 15.12 -60.91 80.29
N SER V 25 16.37 -60.57 80.02
CA SER V 25 17.12 -61.35 79.05
C SER V 25 17.52 -62.68 79.64
N LEU V 26 17.49 -62.80 80.97
CA LEU V 26 18.03 -63.88 81.78
C LEU V 26 19.55 -63.86 81.70
N THR V 27 20.12 -62.97 80.88
CA THR V 27 21.56 -62.73 80.81
C THR V 27 21.78 -61.23 80.61
N ASP V 28 23.04 -60.86 80.47
CA ASP V 28 23.42 -59.56 79.92
C ASP V 28 24.60 -59.83 78.99
N VAL V 29 25.20 -58.79 78.44
CA VAL V 29 26.23 -59.02 77.44
C VAL V 29 27.61 -59.12 78.08
N GLU V 30 28.12 -58.00 78.60
CA GLU V 30 29.37 -57.90 79.36
C GLU V 30 29.58 -56.42 79.64
N PRO V 31 30.30 -56.05 80.67
CA PRO V 31 30.59 -54.62 80.86
C PRO V 31 31.69 -54.13 79.94
N GLN V 32 31.70 -54.61 78.69
CA GLN V 32 32.61 -54.13 77.66
C GLN V 32 31.81 -53.72 76.42
N SER V 33 30.70 -54.39 76.16
CA SER V 33 29.78 -53.93 75.13
C SER V 33 29.29 -52.53 75.48
N ILE V 34 29.22 -52.21 76.77
CA ILE V 34 28.88 -50.86 77.19
C ILE V 34 29.97 -49.86 76.84
N GLU V 35 31.24 -50.21 77.09
CA GLU V 35 32.33 -49.30 76.75
C GLU V 35 32.41 -49.10 75.24
N ASP V 36 32.25 -50.19 74.48
CA ASP V 36 32.26 -50.06 73.02
C ASP V 36 31.11 -49.20 72.54
N GLY V 37 29.93 -49.38 73.13
CA GLY V 37 28.80 -48.55 72.76
C GLY V 37 29.01 -47.09 73.08
N VAL V 38 29.57 -46.79 74.24
CA VAL V 38 29.76 -45.40 74.64
C VAL V 38 30.80 -44.74 73.74
N ASN V 39 31.87 -45.45 73.41
CA ASN V 39 32.86 -44.89 72.50
C ASN V 39 32.28 -44.68 71.10
N ASP V 40 31.44 -45.61 70.65
CA ASP V 40 30.76 -45.41 69.36
C ASP V 40 29.88 -44.17 69.39
N LEU V 41 29.15 -43.98 70.49
CA LEU V 41 28.31 -42.79 70.62
C LEU V 41 29.16 -41.52 70.60
N GLU V 42 30.30 -41.53 71.27
CA GLU V 42 31.17 -40.36 71.29
C GLU V 42 31.67 -40.04 69.88
N ASP V 43 32.15 -41.04 69.15
CA ASP V 43 32.66 -40.80 67.82
C ASP V 43 31.57 -40.36 66.86
N MET V 44 30.38 -40.95 66.98
CA MET V 44 29.28 -40.55 66.11
C MET V 44 28.85 -39.11 66.38
N MET V 45 28.82 -38.70 67.66
CA MET V 45 28.54 -37.31 67.97
C MET V 45 29.63 -36.39 67.45
N SER V 46 30.88 -36.83 67.50
CA SER V 46 31.95 -36.03 66.92
C SER V 46 31.71 -35.82 65.43
N GLU V 47 31.30 -36.88 64.73
CA GLU V 47 31.02 -36.77 63.31
C GLU V 47 29.81 -35.90 63.02
N TRP V 48 28.80 -35.90 63.88
CA TRP V 48 27.54 -35.19 63.62
C TRP V 48 27.71 -33.68 63.67
N MET V 49 28.92 -33.17 63.84
CA MET V 49 29.15 -31.74 63.82
C MET V 49 29.40 -31.23 62.41
N ILE V 50 29.17 -32.07 61.41
CA ILE V 50 29.33 -31.69 60.02
C ILE V 50 27.98 -31.76 59.31
N ASN V 51 27.42 -32.96 59.20
CA ASN V 51 26.23 -33.08 58.39
C ASN V 51 24.98 -32.57 59.11
N PRO V 52 24.52 -33.17 60.21
CA PRO V 52 23.35 -32.60 60.90
C PRO V 52 23.67 -31.27 61.55
N GLY V 53 24.77 -31.18 62.26
CA GLY V 53 25.21 -29.98 62.94
C GLY V 53 25.20 -30.18 64.42
N ASP V 54 25.56 -29.13 65.15
CA ASP V 54 25.58 -29.15 66.60
C ASP V 54 24.15 -29.26 67.13
N ILE V 55 23.98 -30.12 68.13
CA ILE V 55 22.67 -30.30 68.76
C ILE V 55 22.80 -30.24 70.27
N GLY V 56 23.98 -29.90 70.77
CA GLY V 56 24.17 -29.67 72.19
C GLY V 56 24.85 -30.79 72.95
N TYR V 57 25.47 -31.74 72.28
CA TYR V 57 26.16 -32.82 72.96
C TYR V 57 27.32 -32.29 73.77
N ALA V 58 27.61 -32.95 74.89
CA ALA V 58 28.70 -32.57 75.79
C ALA V 58 29.81 -33.59 75.68
N PHE V 59 31.00 -33.13 75.31
CA PHE V 59 32.12 -34.02 75.07
C PHE V 59 32.99 -34.16 76.31
N ALA V 60 33.85 -35.19 76.29
CA ALA V 60 34.81 -35.38 77.36
C ALA V 60 35.91 -34.34 77.28
N THR V 61 36.58 -34.11 78.41
CA THR V 61 37.55 -33.03 78.54
C THR V 61 38.93 -33.60 78.81
N GLY V 62 39.71 -33.80 77.74
CA GLY V 62 41.10 -34.17 77.88
C GLY V 62 41.35 -35.60 78.29
N ASP V 63 40.67 -36.06 79.33
CA ASP V 63 40.86 -37.41 79.83
C ASP V 63 40.10 -38.42 78.98
N GLU V 64 40.48 -39.68 79.13
CA GLU V 64 39.83 -40.77 78.42
C GLU V 64 38.48 -41.05 79.08
N GLN V 65 37.89 -42.20 78.74
CA GLN V 65 36.76 -42.75 79.45
C GLN V 65 35.61 -41.77 79.56
N PRO V 66 34.83 -41.57 78.49
CA PRO V 66 33.61 -40.77 78.62
C PRO V 66 32.65 -41.27 79.69
N LEU V 67 32.65 -42.56 79.99
CA LEU V 67 31.90 -43.19 81.07
C LEU V 67 30.40 -43.18 80.80
N PRO V 68 29.68 -44.22 81.22
CA PRO V 68 28.23 -44.25 81.00
C PRO V 68 27.43 -43.40 81.97
N ASP V 69 28.03 -42.91 83.04
CA ASP V 69 27.30 -42.11 84.02
C ASP V 69 27.39 -40.61 83.77
N ASP V 70 28.12 -40.19 82.74
CA ASP V 70 28.26 -38.78 82.46
C ASP V 70 26.99 -38.23 81.81
N GLU V 71 26.65 -37.00 82.16
CA GLU V 71 25.49 -36.35 81.57
C GLU V 71 25.75 -36.03 80.11
N SER V 72 24.80 -36.39 79.25
CA SER V 72 24.97 -36.19 77.81
C SER V 72 24.76 -34.75 77.39
N GLY V 73 23.83 -34.04 78.03
CA GLY V 73 23.51 -32.70 77.63
C GLY V 73 22.50 -32.59 76.51
N LEU V 74 21.90 -33.68 76.12
CA LEU V 74 20.90 -33.64 75.06
C LEU V 74 19.50 -33.46 75.64
N PRO V 75 18.62 -32.75 74.94
CA PRO V 75 17.22 -32.72 75.37
C PRO V 75 16.56 -34.06 75.13
N ARG V 76 15.51 -34.33 75.91
CA ARG V 76 14.82 -35.60 75.78
C ARG V 76 14.07 -35.73 74.47
N LYS V 77 13.93 -34.65 73.71
CA LYS V 77 13.25 -34.73 72.42
C LYS V 77 14.08 -35.44 71.36
N TYR V 78 15.35 -35.74 71.62
CA TYR V 78 16.25 -36.29 70.61
C TYR V 78 16.67 -37.72 70.87
N LYS V 79 16.28 -38.34 71.98
CA LYS V 79 16.93 -39.60 72.33
C LYS V 79 16.50 -40.72 71.40
N HIS V 80 15.26 -40.68 70.90
CA HIS V 80 14.84 -41.72 69.98
C HIS V 80 15.65 -41.67 68.68
N ALA V 81 15.84 -40.47 68.13
CA ALA V 81 16.63 -40.35 66.91
C ALA V 81 18.07 -40.79 67.14
N VAL V 82 18.68 -40.31 68.24
CA VAL V 82 20.06 -40.66 68.51
C VAL V 82 20.20 -42.16 68.73
N GLY V 83 19.28 -42.75 69.48
CA GLY V 83 19.36 -44.17 69.77
C GLY V 83 19.18 -45.03 68.54
N TYR V 84 18.25 -44.65 67.65
CA TYR V 84 18.07 -45.44 66.44
C TYR V 84 19.30 -45.37 65.54
N GLN V 85 19.89 -44.17 65.40
CA GLN V 85 21.11 -44.08 64.61
C GLN V 85 22.24 -44.90 65.23
N LEU V 86 22.37 -44.85 66.55
CA LEU V 86 23.39 -45.65 67.22
C LEU V 86 23.16 -47.14 67.01
N LEU V 87 21.92 -47.60 67.11
CA LEU V 87 21.63 -49.01 66.87
C LEU V 87 22.00 -49.41 65.45
N LEU V 88 21.68 -48.56 64.47
CA LEU V 88 22.04 -48.88 63.10
C LEU V 88 23.54 -49.03 62.95
N ARG V 89 24.32 -48.13 63.56
CA ARG V 89 25.77 -48.24 63.45
C ARG V 89 26.32 -49.41 64.24
N MET V 90 25.61 -49.85 65.28
CA MET V 90 26.12 -50.81 66.24
C MET V 90 25.77 -52.26 65.90
N LEU V 91 24.74 -52.48 65.09
CA LEU V 91 24.22 -53.83 64.90
C LEU V 91 25.27 -54.80 64.37
N SER V 92 26.23 -54.30 63.60
CA SER V 92 27.14 -55.18 62.89
C SER V 92 28.11 -55.93 63.79
N ASP V 93 28.30 -55.47 65.03
CA ASP V 93 29.18 -56.18 65.96
C ASP V 93 28.66 -57.58 66.23
N TYR V 94 27.35 -57.73 66.34
CA TYR V 94 26.71 -58.98 66.68
C TYR V 94 26.29 -59.76 65.45
N SER V 95 26.68 -59.30 64.26
CA SER V 95 26.34 -59.94 63.00
C SER V 95 24.83 -60.12 62.86
N LEU V 96 24.13 -58.99 62.93
CA LEU V 96 22.69 -58.95 62.81
C LEU V 96 22.31 -57.96 61.72
N GLU V 97 21.13 -58.17 61.13
CA GLU V 97 20.66 -57.32 60.06
C GLU V 97 19.35 -56.67 60.47
N PRO V 98 19.18 -55.39 60.21
CA PRO V 98 17.95 -54.71 60.61
C PRO V 98 16.77 -55.16 59.78
N THR V 99 15.60 -55.02 60.37
CA THR V 99 14.34 -55.37 59.74
C THR V 99 13.65 -54.11 59.24
N PRO V 100 12.74 -54.22 58.26
CA PRO V 100 12.17 -53.02 57.65
C PRO V 100 11.49 -52.08 58.62
N GLN V 101 10.82 -52.60 59.65
CA GLN V 101 10.13 -51.70 60.58
C GLN V 101 11.12 -50.86 61.37
N VAL V 102 12.25 -51.44 61.78
CA VAL V 102 13.26 -50.67 62.48
C VAL V 102 13.81 -49.56 61.60
N LEU V 103 14.03 -49.87 60.31
CA LEU V 103 14.51 -48.85 59.39
C LEU V 103 13.48 -47.72 59.25
N SER V 104 12.20 -48.07 59.18
CA SER V 104 11.17 -47.04 59.06
C SER V 104 11.12 -46.15 60.30
N ASN V 105 11.21 -46.76 61.48
CA ASN V 105 11.21 -45.97 62.71
C ASN V 105 12.42 -45.05 62.76
N ALA V 106 13.59 -45.57 62.39
CA ALA V 106 14.78 -44.74 62.40
C ALA V 106 14.66 -43.57 61.47
N GLN V 107 14.11 -43.80 60.27
CA GLN V 107 13.96 -42.71 59.31
C GLN V 107 12.98 -41.66 59.83
N ARG V 108 11.87 -42.09 60.44
CA ARG V 108 10.90 -41.13 60.97
C ARG V 108 11.52 -40.26 62.07
N SER V 109 12.24 -40.89 63.00
CA SER V 109 12.84 -40.12 64.08
C SER V 109 13.90 -39.16 63.56
N TYR V 110 14.73 -39.62 62.61
CA TYR V 110 15.73 -38.75 62.04
C TYR V 110 15.10 -37.57 61.31
N ASP V 111 14.00 -37.80 60.61
CA ASP V 111 13.30 -36.70 59.95
C ASP V 111 12.79 -35.69 60.96
N ALA V 112 12.25 -36.18 62.08
CA ALA V 112 11.79 -35.25 63.11
C ALA V 112 12.95 -34.41 63.64
N LEU V 113 14.12 -35.02 63.83
CA LEU V 113 15.27 -34.24 64.26
C LEU V 113 15.70 -33.23 63.20
N MET V 114 15.65 -33.61 61.92
CA MET V 114 16.03 -32.70 60.85
C MET V 114 15.08 -31.51 60.77
N THR V 115 13.79 -31.71 61.06
CA THR V 115 12.84 -30.61 60.98
C THR V 115 13.12 -29.52 62.00
N ASP V 116 13.70 -29.88 63.14
CA ASP V 116 13.92 -28.94 64.23
C ASP V 116 15.26 -28.22 64.12
N THR V 117 15.85 -28.16 62.93
CA THR V 117 17.16 -27.55 62.76
C THR V 117 17.22 -26.66 61.51
N LEU V 118 16.24 -26.75 60.62
CA LEU V 118 16.26 -26.00 59.36
C LEU V 118 16.55 -24.53 59.57
N VAL V 119 17.20 -23.91 58.58
CA VAL V 119 17.52 -22.49 58.60
C VAL V 119 16.95 -21.74 57.41
N VAL V 120 17.07 -22.29 56.20
CA VAL V 120 16.60 -21.63 54.99
C VAL V 120 17.23 -20.24 54.86
N PRO V 121 18.48 -20.15 54.41
CA PRO V 121 19.31 -18.96 54.68
C PRO V 121 18.76 -17.63 54.18
N SER V 122 17.97 -17.60 53.11
CA SER V 122 17.40 -16.35 52.59
C SER V 122 18.43 -15.44 51.91
N MET V 123 18.18 -15.10 50.65
CA MET V 123 19.11 -14.38 49.80
C MET V 123 19.15 -12.90 50.17
N ARG V 124 20.09 -12.18 49.57
CA ARG V 124 20.36 -10.78 49.88
C ARG V 124 20.40 -9.95 48.60
N ARG V 125 20.20 -8.65 48.75
CA ARG V 125 20.39 -7.75 47.63
C ARG V 125 21.88 -7.59 47.35
N ARG V 126 22.20 -7.27 46.10
CA ARG V 126 23.56 -7.47 45.60
C ARG V 126 24.55 -6.52 46.26
N GLY V 127 24.41 -5.22 46.02
CA GLY V 127 25.42 -4.28 46.44
C GLY V 127 25.66 -3.21 45.41
N ASP V 128 25.44 -3.55 44.14
CA ASP V 128 25.31 -2.57 43.08
C ASP V 128 23.87 -2.36 42.66
N PHE V 129 22.92 -2.96 43.36
CA PHE V 129 21.51 -2.81 43.04
C PHE V 129 21.00 -1.50 43.60
N PRO V 130 20.44 -0.62 42.77
CA PRO V 130 19.97 0.67 43.26
C PRO V 130 18.80 0.52 44.22
N VAL V 131 18.66 1.48 45.10
CA VAL V 131 17.44 1.66 45.89
C VAL V 131 16.74 2.89 45.33
N GLY V 132 15.44 2.80 45.18
CA GLY V 132 14.73 3.82 44.42
C GLY V 132 14.63 5.15 45.13
N GLN V 133 14.09 6.12 44.40
CA GLN V 133 13.83 7.44 44.99
C GLN V 133 12.69 7.42 46.00
N GLY V 134 11.83 6.41 45.97
CA GLY V 134 10.78 6.33 46.95
C GLY V 134 11.26 6.13 48.36
N ASN V 135 12.48 5.61 48.51
CA ASN V 135 13.07 5.42 49.83
C ASN V 135 13.71 6.67 50.38
N LYS V 136 13.82 7.73 49.58
CA LYS V 136 14.31 9.04 50.04
C LYS V 136 15.70 8.92 50.67
N TYR V 137 16.66 8.50 49.85
CA TYR V 137 18.00 8.22 50.35
C TYR V 137 18.75 9.47 50.74
N ASP V 138 18.22 10.66 50.45
CA ASP V 138 18.90 11.88 50.84
C ASP V 138 18.86 12.08 52.35
N VAL V 139 17.66 12.19 52.90
CA VAL V 139 17.46 12.71 54.26
C VAL V 139 17.10 11.61 55.25
N PHE V 140 16.12 10.78 54.94
CA PHE V 140 15.71 9.74 55.89
C PHE V 140 16.84 8.76 56.15
N THR V 141 17.27 8.05 55.11
CA THR V 141 18.38 7.14 55.22
C THR V 141 19.59 7.75 54.52
N SER V 142 20.64 6.96 54.41
CA SER V 142 21.81 7.31 53.64
C SER V 142 22.16 6.14 52.75
N ASP V 143 23.17 6.33 51.91
CA ASP V 143 23.72 5.26 51.08
C ASP V 143 22.64 4.63 50.20
N ARG V 144 22.21 5.41 49.23
CA ARG V 144 21.68 4.85 47.99
C ARG V 144 22.58 3.70 47.53
N TYR V 145 21.94 2.70 46.91
CA TYR V 145 22.52 1.38 46.64
C TYR V 145 22.59 0.57 47.91
N TYR V 146 22.21 -0.70 47.84
CA TYR V 146 22.17 -1.55 49.02
C TYR V 146 23.59 -1.89 49.50
N PRO V 147 23.77 -2.06 50.80
CA PRO V 147 25.08 -2.48 51.32
C PRO V 147 25.43 -3.89 50.89
N GLY V 148 24.50 -4.82 51.09
CA GLY V 148 24.63 -6.17 50.56
C GLY V 148 25.89 -6.89 51.00
N ASP V 149 26.29 -6.72 52.25
CA ASP V 149 27.57 -7.26 52.70
C ASP V 149 27.53 -7.59 54.19
N LEU V 150 28.08 -6.70 55.00
CA LEU V 150 28.07 -6.83 56.46
C LEU V 150 28.67 -8.15 56.92
N MET W 1 -22.54 -83.84 -2.47
CA MET W 1 -22.21 -84.28 -3.83
C MET W 1 -23.11 -85.43 -4.27
N ALA W 2 -22.49 -86.46 -4.84
CA ALA W 2 -23.24 -87.60 -5.38
C ALA W 2 -24.04 -88.29 -4.28
N THR W 3 -23.36 -88.81 -3.28
CA THR W 3 -24.04 -89.51 -2.20
C THR W 3 -24.73 -88.51 -1.28
N VAL W 4 -25.95 -88.86 -0.87
CA VAL W 4 -26.67 -88.00 0.06
C VAL W 4 -26.04 -88.13 1.45
N LEU W 5 -26.11 -87.05 2.22
CA LEU W 5 -25.51 -87.00 3.54
C LEU W 5 -26.60 -87.11 4.60
N THR W 6 -26.62 -88.22 5.33
CA THR W 6 -27.66 -88.44 6.31
C THR W 6 -27.27 -87.85 7.65
N LYS W 7 -28.27 -87.68 8.52
CA LYS W 7 -28.04 -87.07 9.82
C LYS W 7 -27.15 -87.90 10.71
N GLY W 8 -27.20 -89.22 10.60
CA GLY W 8 -26.40 -90.07 11.45
C GLY W 8 -24.93 -90.06 11.08
N GLU W 9 -24.64 -89.87 9.80
CA GLU W 9 -23.27 -89.80 9.33
C GLU W 9 -22.52 -88.60 9.89
N ILE W 10 -23.18 -87.45 10.00
CA ILE W 10 -22.53 -86.29 10.60
C ILE W 10 -22.19 -86.56 12.06
N VAL W 11 -23.11 -87.18 12.81
CA VAL W 11 -22.83 -87.49 14.21
C VAL W 11 -21.69 -88.50 14.32
N LEU W 12 -21.67 -89.51 13.46
CA LEU W 12 -20.59 -90.48 13.50
C LEU W 12 -19.24 -89.83 13.18
N PHE W 13 -19.21 -88.88 12.25
CA PHE W 13 -17.98 -88.18 11.96
C PHE W 13 -17.45 -87.44 13.18
N ALA W 14 -18.34 -86.75 13.90
CA ALA W 14 -17.93 -86.03 15.08
C ALA W 14 -17.45 -86.97 16.17
N LEU W 15 -18.13 -88.09 16.36
CA LEU W 15 -17.68 -89.04 17.37
C LEU W 15 -16.32 -89.62 17.01
N ARG W 16 -16.09 -89.88 15.73
CA ARG W 16 -14.82 -90.47 15.30
C ARG W 16 -13.67 -89.50 15.45
N LYS W 17 -13.88 -88.21 15.16
CA LYS W 17 -12.77 -87.29 15.11
C LYS W 17 -12.14 -87.00 16.47
N PHE W 18 -12.69 -87.52 17.56
CA PHE W 18 -12.06 -87.33 18.86
C PHE W 18 -12.06 -88.64 19.63
N ALA W 19 -11.70 -89.72 18.94
CA ALA W 19 -11.74 -91.07 19.48
C ALA W 19 -13.16 -91.45 19.89
N ILE W 20 -13.45 -91.35 21.19
CA ILE W 20 -14.75 -91.71 21.74
C ILE W 20 -15.26 -93.02 21.15
N ALA W 21 -15.97 -92.94 20.02
CA ALA W 21 -16.60 -94.13 19.47
C ALA W 21 -15.74 -94.80 18.42
N SER W 22 -15.49 -94.12 17.31
CA SER W 22 -14.66 -94.65 16.23
C SER W 22 -15.22 -95.93 15.63
N ASN W 23 -14.63 -96.37 14.53
CA ASN W 23 -14.94 -97.66 13.95
C ASN W 23 -13.92 -98.72 14.33
N ALA W 24 -12.81 -98.31 14.94
CA ALA W 24 -11.75 -99.22 15.35
C ALA W 24 -11.82 -99.62 16.81
N SER W 25 -12.59 -98.90 17.62
CA SER W 25 -12.67 -99.21 19.05
C SER W 25 -13.28 -100.58 19.25
N LEU W 26 -12.89 -101.22 20.34
CA LEU W 26 -13.51 -102.46 20.76
C LEU W 26 -14.73 -102.23 21.65
N THR W 27 -15.08 -100.97 21.90
CA THR W 27 -16.25 -100.64 22.70
C THR W 27 -17.45 -100.30 21.80
N ASP W 28 -18.61 -100.14 22.43
CA ASP W 28 -19.88 -100.00 21.74
C ASP W 28 -20.05 -98.57 21.24
N VAL W 29 -21.17 -98.34 20.56
CA VAL W 29 -21.52 -96.99 20.11
C VAL W 29 -22.60 -96.40 21.02
N GLU W 30 -23.06 -97.18 22.01
CA GLU W 30 -24.02 -96.77 23.04
C GLU W 30 -25.19 -95.99 22.45
N PRO W 31 -26.16 -96.69 21.85
CA PRO W 31 -27.17 -96.03 21.01
C PRO W 31 -27.84 -94.81 21.64
N GLN W 32 -27.72 -94.60 22.95
CA GLN W 32 -28.30 -93.40 23.53
C GLN W 32 -27.51 -92.16 23.14
N SER W 33 -26.19 -92.27 23.05
CA SER W 33 -25.37 -91.14 22.64
C SER W 33 -25.73 -90.70 21.22
N ILE W 34 -26.16 -91.62 20.37
CA ILE W 34 -26.55 -91.26 19.02
C ILE W 34 -27.79 -90.38 19.03
N GLU W 35 -28.80 -90.76 19.83
CA GLU W 35 -30.00 -89.93 19.93
C GLU W 35 -29.66 -88.56 20.50
N ASP W 36 -28.80 -88.53 21.52
CA ASP W 36 -28.39 -87.24 22.09
C ASP W 36 -27.70 -86.37 21.04
N GLY W 37 -26.80 -86.97 20.26
CA GLY W 37 -26.10 -86.21 19.24
C GLY W 37 -27.01 -85.70 18.14
N VAL W 38 -27.99 -86.52 17.72
CA VAL W 38 -28.89 -86.10 16.66
C VAL W 38 -29.78 -84.96 17.15
N ASN W 39 -30.26 -85.04 18.39
CA ASN W 39 -31.04 -83.93 18.92
C ASN W 39 -30.21 -82.67 19.06
N ASP W 40 -28.95 -82.80 19.47
CA ASP W 40 -28.07 -81.64 19.53
C ASP W 40 -27.87 -81.03 18.15
N LEU W 41 -27.70 -81.87 17.13
CA LEU W 41 -27.57 -81.37 15.77
C LEU W 41 -28.81 -80.62 15.34
N GLU W 42 -29.99 -81.15 15.65
CA GLU W 42 -31.23 -80.49 15.27
C GLU W 42 -31.36 -79.12 15.92
N ASP W 43 -31.09 -79.04 17.22
CA ASP W 43 -31.18 -77.75 17.90
C ASP W 43 -30.14 -76.76 17.40
N MET W 44 -28.91 -77.20 17.17
CA MET W 44 -27.88 -76.30 16.67
C MET W 44 -28.21 -75.80 15.27
N MET W 45 -28.76 -76.65 14.41
CA MET W 45 -29.22 -76.19 13.11
C MET W 45 -30.35 -75.20 13.21
N SER W 46 -31.29 -75.40 14.13
CA SER W 46 -32.36 -74.42 14.28
C SER W 46 -31.83 -73.09 14.78
N GLU W 47 -30.75 -73.12 15.57
CA GLU W 47 -30.13 -71.86 15.99
C GLU W 47 -29.42 -71.16 14.85
N TRP W 48 -28.84 -71.91 13.92
CA TRP W 48 -28.03 -71.32 12.86
C TRP W 48 -28.85 -70.52 11.86
N MET W 49 -30.17 -70.55 11.95
CA MET W 49 -30.98 -69.73 11.07
C MET W 49 -30.88 -68.25 11.40
N ILE W 50 -30.13 -67.89 12.44
CA ILE W 50 -29.97 -66.49 12.81
C ILE W 50 -28.59 -65.99 12.40
N ASN W 51 -27.53 -66.52 13.02
CA ASN W 51 -26.25 -65.87 12.78
C ASN W 51 -25.64 -66.25 11.44
N PRO W 52 -25.31 -67.52 11.16
CA PRO W 52 -24.75 -67.82 9.84
C PRO W 52 -25.79 -67.71 8.74
N GLY W 53 -27.03 -68.03 9.04
CA GLY W 53 -28.11 -68.00 8.08
C GLY W 53 -28.48 -69.39 7.62
N ASP W 54 -29.50 -69.44 6.77
CA ASP W 54 -29.95 -70.72 6.24
C ASP W 54 -28.93 -71.29 5.27
N ILE W 55 -28.74 -72.60 5.33
CA ILE W 55 -27.78 -73.27 4.45
C ILE W 55 -28.45 -74.46 3.77
N GLY W 56 -29.74 -74.65 4.03
CA GLY W 56 -30.50 -75.69 3.36
C GLY W 56 -30.80 -76.93 4.17
N TYR W 57 -30.64 -76.88 5.49
CA TYR W 57 -30.92 -78.04 6.33
C TYR W 57 -32.39 -78.41 6.25
N ALA W 58 -32.68 -79.70 6.29
CA ALA W 58 -34.04 -80.21 6.16
C ALA W 58 -34.55 -80.60 7.55
N PHE W 59 -35.32 -79.73 8.16
CA PHE W 59 -35.84 -79.99 9.50
C PHE W 59 -36.88 -81.08 9.46
N ALA W 60 -37.08 -81.72 10.61
CA ALA W 60 -38.08 -82.77 10.71
C ALA W 60 -39.48 -82.19 10.57
N THR W 61 -40.28 -82.81 9.71
CA THR W 61 -41.63 -82.38 9.43
C THR W 61 -42.60 -83.11 10.34
N GLY W 62 -43.59 -82.39 10.85
CA GLY W 62 -44.51 -82.95 11.81
C GLY W 62 -43.99 -82.73 13.22
N ASP W 63 -44.15 -83.74 14.08
CA ASP W 63 -43.68 -83.59 15.45
C ASP W 63 -43.09 -84.88 16.04
N GLU W 64 -42.55 -85.76 15.19
CA GLU W 64 -42.11 -87.05 15.71
C GLU W 64 -40.69 -87.09 16.27
N GLN W 65 -39.68 -87.00 15.44
CA GLN W 65 -38.30 -87.30 15.81
C GLN W 65 -37.38 -86.83 14.69
N PRO W 66 -36.12 -86.58 14.98
CA PRO W 66 -35.13 -86.37 13.90
C PRO W 66 -34.65 -87.66 13.27
N LEU W 67 -34.62 -88.77 14.02
CA LEU W 67 -34.46 -90.11 13.44
C LEU W 67 -33.20 -90.27 12.59
N PRO W 68 -32.06 -90.60 13.22
CA PRO W 68 -30.74 -90.42 12.58
C PRO W 68 -30.60 -90.93 11.16
N ASP W 69 -31.50 -91.75 10.65
CA ASP W 69 -31.36 -92.29 9.30
C ASP W 69 -31.88 -91.32 8.24
N ASP W 70 -32.45 -90.19 8.64
CA ASP W 70 -33.03 -89.23 7.71
C ASP W 70 -31.94 -88.51 6.93
N GLU W 71 -32.31 -88.04 5.74
CA GLU W 71 -31.42 -87.19 4.96
C GLU W 71 -31.37 -85.79 5.54
N SER W 72 -30.20 -85.16 5.46
CA SER W 72 -30.02 -83.84 6.02
C SER W 72 -30.24 -82.73 5.00
N GLY W 73 -30.15 -83.03 3.71
CA GLY W 73 -30.30 -81.99 2.71
C GLY W 73 -29.15 -81.03 2.61
N LEU W 74 -27.98 -81.39 3.11
CA LEU W 74 -26.82 -80.51 3.08
C LEU W 74 -25.88 -80.91 1.97
N PRO W 75 -25.25 -79.94 1.31
CA PRO W 75 -24.19 -80.27 0.35
C PRO W 75 -23.00 -80.86 1.06
N ARG W 76 -22.27 -81.72 0.36
CA ARG W 76 -21.11 -82.35 0.97
C ARG W 76 -19.98 -81.37 1.27
N LYS W 77 -20.04 -80.16 0.73
CA LYS W 77 -19.01 -79.17 1.01
C LYS W 77 -19.09 -78.61 2.42
N TYR W 78 -20.17 -78.86 3.15
CA TYR W 78 -20.35 -78.34 4.49
C TYR W 78 -20.16 -79.37 5.58
N LYS W 79 -19.79 -80.60 5.22
CA LYS W 79 -19.72 -81.69 6.19
C LYS W 79 -18.70 -81.40 7.27
N HIS W 80 -17.50 -81.00 6.88
CA HIS W 80 -16.44 -80.78 7.86
C HIS W 80 -16.77 -79.64 8.80
N ALA W 81 -17.30 -78.54 8.26
CA ALA W 81 -17.64 -77.40 9.09
C ALA W 81 -18.72 -77.76 10.10
N VAL W 82 -19.81 -78.38 9.64
CA VAL W 82 -20.88 -78.76 10.55
C VAL W 82 -20.38 -79.76 11.59
N GLY W 83 -19.59 -80.74 11.15
CA GLY W 83 -19.12 -81.74 12.08
C GLY W 83 -18.23 -81.18 13.16
N TYR W 84 -17.32 -80.29 12.81
CA TYR W 84 -16.46 -79.70 13.82
C TYR W 84 -17.25 -78.82 14.78
N GLN W 85 -18.21 -78.05 14.27
CA GLN W 85 -18.99 -77.20 15.15
C GLN W 85 -19.82 -78.05 16.11
N LEU W 86 -20.35 -79.18 15.64
CA LEU W 86 -21.08 -80.09 16.51
C LEU W 86 -20.19 -80.76 17.55
N LEU W 87 -18.99 -81.18 17.17
CA LEU W 87 -18.07 -81.79 18.12
C LEU W 87 -17.73 -80.81 19.23
N LEU W 88 -17.51 -79.54 18.88
CA LEU W 88 -17.18 -78.55 19.91
C LEU W 88 -18.29 -78.45 20.95
N ARG W 89 -19.55 -78.52 20.52
CA ARG W 89 -20.65 -78.41 21.47
C ARG W 89 -20.84 -79.68 22.28
N MET W 90 -20.64 -80.85 21.68
CA MET W 90 -20.95 -82.08 22.39
C MET W 90 -19.75 -82.69 23.13
N LEU W 91 -18.58 -82.04 23.10
CA LEU W 91 -17.45 -82.59 23.83
C LEU W 91 -17.69 -82.67 25.34
N SER W 92 -18.31 -81.66 25.93
CA SER W 92 -18.40 -81.58 27.39
C SER W 92 -19.31 -82.62 28.00
N ASP W 93 -20.09 -83.36 27.19
CA ASP W 93 -20.87 -84.47 27.71
C ASP W 93 -19.97 -85.51 28.34
N TYR W 94 -18.84 -85.79 27.70
CA TYR W 94 -17.89 -86.80 28.15
C TYR W 94 -16.78 -86.22 29.00
N SER W 95 -16.88 -84.94 29.36
CA SER W 95 -15.88 -84.26 30.17
C SER W 95 -14.50 -84.31 29.52
N LEU W 96 -14.41 -83.71 28.34
CA LEU W 96 -13.16 -83.63 27.60
C LEU W 96 -12.93 -82.19 27.17
N GLU W 97 -11.67 -81.87 26.92
CA GLU W 97 -11.28 -80.54 26.49
C GLU W 97 -10.61 -80.61 25.14
N PRO W 98 -10.91 -79.69 24.23
CA PRO W 98 -10.32 -79.75 22.90
C PRO W 98 -8.86 -79.32 22.90
N THR W 99 -8.11 -79.91 22.00
CA THR W 99 -6.71 -79.58 21.77
C THR W 99 -6.60 -78.46 20.75
N PRO W 100 -5.47 -77.74 20.75
CA PRO W 100 -5.35 -76.58 19.83
C PRO W 100 -5.52 -76.92 18.35
N GLN W 101 -5.05 -78.08 17.91
CA GLN W 101 -5.18 -78.39 16.48
C GLN W 101 -6.63 -78.58 16.09
N VAL W 102 -7.43 -79.19 16.96
CA VAL W 102 -8.86 -79.33 16.68
C VAL W 102 -9.50 -77.96 16.55
N LEU W 103 -9.14 -77.03 17.44
CA LEU W 103 -9.69 -75.68 17.36
C LEU W 103 -9.30 -75.00 16.05
N SER W 104 -8.05 -75.18 15.63
CA SER W 104 -7.62 -74.58 14.36
C SER W 104 -8.38 -75.16 13.19
N ASN W 105 -8.58 -76.48 13.17
CA ASN W 105 -9.34 -77.09 12.08
C ASN W 105 -10.78 -76.58 12.05
N ALA W 106 -11.40 -76.48 13.22
CA ALA W 106 -12.78 -76.00 13.29
C ALA W 106 -12.87 -74.57 12.77
N GLN W 107 -11.91 -73.72 13.16
CA GLN W 107 -11.94 -72.34 12.69
C GLN W 107 -11.76 -72.25 11.18
N ARG W 108 -10.83 -73.02 10.63
CA ARG W 108 -10.62 -73.00 9.19
C ARG W 108 -11.88 -73.44 8.44
N SER W 109 -12.51 -74.52 8.90
CA SER W 109 -13.72 -74.99 8.23
C SER W 109 -14.85 -73.97 8.33
N TYR W 110 -15.00 -73.34 9.49
CA TYR W 110 -16.03 -72.33 9.65
C TYR W 110 -15.79 -71.15 8.72
N ASP W 111 -14.54 -70.72 8.58
CA ASP W 111 -14.23 -69.63 7.66
C ASP W 111 -14.55 -70.01 6.23
N ALA W 112 -14.25 -71.25 5.84
CA ALA W 112 -14.61 -71.69 4.49
C ALA W 112 -16.12 -71.65 4.29
N LEU W 113 -16.88 -72.07 5.30
CA LEU W 113 -18.33 -72.04 5.18
C LEU W 113 -18.84 -70.61 5.03
N MET W 114 -18.32 -69.69 5.83
CA MET W 114 -18.84 -68.32 5.79
C MET W 114 -18.35 -67.55 4.57
N THR W 115 -17.26 -67.97 3.92
CA THR W 115 -16.86 -67.32 2.69
C THR W 115 -17.89 -67.54 1.59
N ASP W 116 -18.58 -68.66 1.61
CA ASP W 116 -19.53 -69.03 0.58
C ASP W 116 -20.92 -68.46 0.84
N THR W 117 -21.04 -67.43 1.67
CA THR W 117 -22.35 -66.91 2.04
C THR W 117 -22.43 -65.39 2.03
N LEU W 118 -21.32 -64.66 1.85
CA LEU W 118 -21.35 -63.21 1.92
C LEU W 118 -22.31 -62.60 0.90
N VAL W 119 -22.79 -61.40 1.21
CA VAL W 119 -23.63 -60.63 0.32
C VAL W 119 -23.07 -59.24 0.04
N VAL W 120 -22.56 -58.55 1.06
CA VAL W 120 -22.06 -57.17 0.89
C VAL W 120 -23.14 -56.30 0.26
N PRO W 121 -24.13 -55.85 1.04
CA PRO W 121 -25.41 -55.39 0.47
C PRO W 121 -25.33 -54.28 -0.56
N SER W 122 -24.39 -53.34 -0.45
CA SER W 122 -24.27 -52.24 -1.41
C SER W 122 -25.38 -51.20 -1.26
N MET W 123 -24.99 -49.93 -1.12
CA MET W 123 -25.93 -48.84 -0.83
C MET W 123 -26.52 -48.28 -2.11
N ARG W 124 -27.75 -47.80 -2.00
CA ARG W 124 -28.44 -47.17 -3.13
C ARG W 124 -28.57 -45.67 -2.90
N ARG W 125 -28.93 -44.96 -3.96
CA ARG W 125 -29.03 -43.51 -3.86
C ARG W 125 -30.22 -43.10 -3.00
N ARG W 126 -30.15 -41.88 -2.47
CA ARG W 126 -30.98 -41.48 -1.34
C ARG W 126 -32.45 -41.40 -1.71
N GLY W 127 -32.79 -40.68 -2.77
CA GLY W 127 -34.19 -40.50 -3.09
C GLY W 127 -34.58 -39.06 -3.32
N ASP W 128 -33.88 -38.14 -2.67
CA ASP W 128 -33.93 -36.73 -3.01
C ASP W 128 -32.68 -36.29 -3.76
N PHE W 129 -31.83 -37.24 -4.15
CA PHE W 129 -30.64 -36.93 -4.91
C PHE W 129 -31.01 -36.67 -6.36
N PRO W 130 -30.63 -35.53 -6.93
CA PRO W 130 -30.98 -35.26 -8.32
C PRO W 130 -30.26 -36.18 -9.26
N VAL W 131 -30.87 -36.42 -10.41
CA VAL W 131 -30.20 -37.07 -11.53
C VAL W 131 -29.90 -35.98 -12.55
N GLY W 132 -28.71 -36.01 -13.12
CA GLY W 132 -28.24 -34.88 -13.88
C GLY W 132 -28.99 -34.69 -15.19
N GLN W 133 -28.77 -33.53 -15.79
CA GLN W 133 -29.35 -33.25 -17.10
C GLN W 133 -28.76 -34.12 -18.19
N GLY W 134 -27.58 -34.71 -17.96
CA GLY W 134 -26.99 -35.59 -18.95
C GLY W 134 -27.75 -36.88 -19.13
N ASN W 135 -28.55 -37.28 -18.15
CA ASN W 135 -29.35 -38.49 -18.26
C ASN W 135 -30.62 -38.29 -19.09
N LYS W 136 -30.95 -37.06 -19.44
CA LYS W 136 -32.09 -36.74 -20.30
C LYS W 136 -33.39 -37.29 -19.71
N TYR W 137 -33.75 -36.77 -18.54
CA TYR W 137 -34.91 -37.28 -17.83
C TYR W 137 -36.22 -36.89 -18.48
N ASP W 138 -36.20 -36.11 -19.56
CA ASP W 138 -37.43 -35.75 -20.23
C ASP W 138 -37.94 -36.89 -21.09
N VAL W 139 -37.15 -37.30 -22.08
CA VAL W 139 -37.62 -38.16 -23.16
C VAL W 139 -37.18 -39.61 -22.99
N PHE W 140 -35.89 -39.84 -22.70
CA PHE W 140 -35.42 -41.22 -22.58
C PHE W 140 -36.00 -41.90 -21.36
N THR W 141 -35.70 -41.38 -20.19
CA THR W 141 -36.25 -41.90 -18.95
C THR W 141 -37.31 -40.94 -18.43
N SER W 142 -37.80 -41.22 -17.23
CA SER W 142 -38.71 -40.34 -16.53
C SER W 142 -38.21 -40.21 -15.10
N ASP W 143 -38.89 -39.36 -14.33
CA ASP W 143 -38.64 -39.23 -12.90
C ASP W 143 -37.18 -38.86 -12.63
N ARG W 144 -36.85 -37.62 -12.98
CA ARG W 144 -35.73 -36.93 -12.38
C ARG W 144 -35.76 -37.13 -10.87
N TYR W 145 -34.59 -37.17 -10.24
CA TYR W 145 -34.40 -37.62 -8.85
C TYR W 145 -34.51 -39.14 -8.78
N TYR W 146 -33.62 -39.78 -8.04
CA TYR W 146 -33.61 -41.22 -7.97
C TYR W 146 -34.79 -41.74 -7.16
N PRO W 147 -35.30 -42.94 -7.49
CA PRO W 147 -36.39 -43.49 -6.67
C PRO W 147 -35.95 -43.89 -5.28
N GLY W 148 -34.82 -44.59 -5.17
CA GLY W 148 -34.22 -44.86 -3.87
C GLY W 148 -35.11 -45.60 -2.91
N ASP W 149 -35.92 -46.54 -3.40
CA ASP W 149 -36.90 -47.18 -2.54
C ASP W 149 -37.19 -48.60 -3.03
N LEU W 150 -38.33 -48.78 -3.69
CA LEU W 150 -38.71 -50.04 -4.31
C LEU W 150 -38.73 -51.19 -3.30
N MET X 1 60.84 -55.96 25.41
CA MET X 1 62.24 -56.12 25.04
C MET X 1 62.97 -57.07 26.00
N ALA X 2 64.20 -56.69 26.37
CA ALA X 2 65.03 -57.48 27.26
C ALA X 2 65.25 -58.87 26.70
N THR X 3 64.69 -59.87 27.35
CA THR X 3 64.76 -61.23 26.84
C THR X 3 63.89 -61.36 25.60
N VAL X 4 64.43 -62.03 24.58
CA VAL X 4 63.64 -62.28 23.38
C VAL X 4 62.51 -63.24 23.71
N LEU X 5 61.35 -63.01 23.10
CA LEU X 5 60.16 -63.81 23.38
C LEU X 5 60.03 -64.92 22.35
N THR X 6 60.25 -66.15 22.76
CA THR X 6 60.20 -67.29 21.86
C THR X 6 58.77 -67.79 21.69
N LYS X 7 58.57 -68.57 20.62
CA LYS X 7 57.23 -69.06 20.32
C LYS X 7 56.71 -70.00 21.40
N GLY X 8 57.57 -70.85 21.96
CA GLY X 8 57.12 -71.75 23.01
C GLY X 8 56.69 -71.07 24.28
N GLU X 9 57.28 -69.94 24.61
CA GLU X 9 56.89 -69.20 25.81
C GLU X 9 55.46 -68.71 25.73
N ILE X 10 54.99 -68.28 24.56
CA ILE X 10 53.61 -67.82 24.44
C ILE X 10 52.63 -68.96 24.66
N VAL X 11 52.87 -70.12 24.06
CA VAL X 11 51.96 -71.24 24.27
C VAL X 11 52.02 -71.75 25.69
N LEU X 12 53.20 -71.72 26.32
CA LEU X 12 53.26 -72.08 27.74
C LEU X 12 52.47 -71.12 28.60
N PHE X 13 52.54 -69.82 28.31
CA PHE X 13 51.73 -68.84 29.02
C PHE X 13 50.25 -69.13 28.86
N ALA X 14 49.82 -69.44 27.63
CA ALA X 14 48.41 -69.72 27.38
C ALA X 14 47.96 -70.95 28.14
N LEU X 15 48.78 -72.01 28.15
CA LEU X 15 48.41 -73.21 28.89
C LEU X 15 48.35 -72.93 30.38
N ARG X 16 49.28 -72.12 30.90
CA ARG X 16 49.29 -71.84 32.32
C ARG X 16 48.06 -71.05 32.76
N LYS X 17 47.63 -70.09 31.95
CA LYS X 17 46.63 -69.15 32.42
C LYS X 17 45.28 -69.81 32.68
N PHE X 18 45.04 -71.01 32.16
CA PHE X 18 43.79 -71.69 32.42
C PHE X 18 43.99 -73.00 33.17
N ALA X 19 45.10 -73.14 33.89
CA ALA X 19 45.35 -74.26 34.78
C ALA X 19 45.30 -75.60 34.06
N ILE X 20 45.97 -75.67 32.91
CA ILE X 20 46.11 -76.92 32.19
C ILE X 20 47.47 -77.56 32.41
N ALA X 21 48.55 -76.77 32.40
CA ALA X 21 49.89 -77.32 32.61
C ALA X 21 50.73 -76.26 33.29
N SER X 22 50.84 -76.33 34.61
CA SER X 22 51.59 -75.35 35.37
C SER X 22 51.95 -75.96 36.72
N ASN X 23 53.04 -75.47 37.29
CA ASN X 23 53.51 -75.97 38.56
C ASN X 23 52.62 -75.55 39.72
N ALA X 24 51.68 -74.63 39.50
CA ALA X 24 50.85 -74.07 40.56
C ALA X 24 49.60 -74.89 40.86
N SER X 25 49.22 -75.83 40.00
CA SER X 25 48.04 -76.62 40.32
C SER X 25 48.33 -78.09 40.52
N LEU X 26 48.77 -78.77 39.47
CA LEU X 26 49.07 -80.20 39.54
C LEU X 26 50.30 -80.57 38.72
N THR X 27 50.76 -79.64 37.87
CA THR X 27 51.84 -79.85 36.90
C THR X 27 51.37 -80.71 35.73
N ASP X 28 52.34 -81.37 35.05
CA ASP X 28 52.18 -82.24 33.88
C ASP X 28 52.20 -81.42 32.59
N VAL X 29 52.67 -82.02 31.49
CA VAL X 29 52.70 -81.36 30.18
C VAL X 29 53.00 -82.40 29.10
N GLU X 30 52.43 -82.22 27.90
CA GLU X 30 52.54 -83.21 26.84
C GLU X 30 53.06 -82.57 25.56
N PRO X 31 53.96 -83.23 24.83
CA PRO X 31 54.56 -82.58 23.64
C PRO X 31 53.59 -82.37 22.50
N GLN X 32 52.63 -83.27 22.31
CA GLN X 32 51.71 -83.11 21.18
C GLN X 32 50.86 -81.87 21.34
N SER X 33 50.44 -81.57 22.58
CA SER X 33 49.74 -80.32 22.83
C SER X 33 50.61 -79.12 22.47
N ILE X 34 51.91 -79.20 22.74
CA ILE X 34 52.80 -78.10 22.40
C ILE X 34 52.87 -77.90 20.88
N GLU X 35 53.02 -78.99 20.13
CA GLU X 35 53.07 -78.86 18.68
C GLU X 35 51.77 -78.29 18.13
N ASP X 36 50.63 -78.76 18.64
CA ASP X 36 49.35 -78.24 18.20
C ASP X 36 49.23 -76.76 18.51
N GLY X 37 49.64 -76.35 19.71
CA GLY X 37 49.58 -74.95 20.06
C GLY X 37 50.45 -74.07 19.18
N VAL X 38 51.67 -74.54 18.87
CA VAL X 38 52.56 -73.72 18.05
C VAL X 38 52.00 -73.58 16.64
N ASN X 39 51.47 -74.66 16.07
CA ASN X 39 50.87 -74.54 14.75
C ASN X 39 49.65 -73.62 14.77
N ASP X 40 48.85 -73.68 15.84
CA ASP X 40 47.73 -72.76 15.96
C ASP X 40 48.21 -71.31 16.01
N LEU X 41 49.29 -71.05 16.74
CA LEU X 41 49.83 -69.70 16.81
C LEU X 41 50.28 -69.23 15.43
N GLU X 42 50.94 -70.11 14.68
CA GLU X 42 51.40 -69.75 13.34
C GLU X 42 50.22 -69.36 12.46
N ASP X 43 49.19 -70.21 12.42
CA ASP X 43 48.05 -69.93 11.56
C ASP X 43 47.30 -68.68 12.01
N MET X 44 47.21 -68.45 13.31
CA MET X 44 46.50 -67.28 13.80
C MET X 44 47.23 -65.99 13.45
N MET X 45 48.57 -66.00 13.50
CA MET X 45 49.32 -64.86 12.98
C MET X 45 49.09 -64.66 11.50
N SER X 46 49.09 -65.74 10.73
CA SER X 46 48.81 -65.62 9.30
C SER X 46 47.48 -64.95 9.05
N GLU X 47 46.47 -65.31 9.83
CA GLU X 47 45.17 -64.65 9.72
C GLU X 47 45.24 -63.19 10.14
N TRP X 48 45.99 -62.90 11.22
CA TRP X 48 46.12 -61.54 11.70
C TRP X 48 46.80 -60.63 10.72
N MET X 49 47.47 -61.18 9.71
CA MET X 49 47.99 -60.30 8.67
C MET X 49 46.90 -59.53 7.92
N ILE X 50 45.62 -59.70 8.26
CA ILE X 50 44.55 -59.02 7.55
C ILE X 50 43.87 -57.98 8.44
N ASN X 51 43.20 -58.43 9.50
CA ASN X 51 42.36 -57.49 10.22
C ASN X 51 43.17 -56.60 11.16
N PRO X 52 43.85 -57.12 12.18
CA PRO X 52 44.64 -56.22 13.03
C PRO X 52 45.83 -55.63 12.30
N GLY X 53 46.31 -56.30 11.26
CA GLY X 53 47.47 -55.84 10.53
C GLY X 53 48.74 -56.46 11.05
N ASP X 54 49.82 -56.20 10.32
CA ASP X 54 51.13 -56.73 10.70
C ASP X 54 51.61 -56.10 12.00
N ILE X 55 52.24 -56.90 12.84
CA ILE X 55 52.75 -56.42 14.12
C ILE X 55 54.19 -56.88 14.31
N GLY X 56 54.77 -57.49 13.29
CA GLY X 56 56.17 -57.87 13.33
C GLY X 56 56.47 -59.33 13.60
N TYR X 57 55.48 -60.20 13.47
CA TYR X 57 55.71 -61.63 13.67
C TYR X 57 56.67 -62.16 12.62
N ALA X 58 57.47 -63.15 13.01
CA ALA X 58 58.48 -63.75 12.14
C ALA X 58 58.04 -65.16 11.77
N PHE X 59 57.73 -65.37 10.50
CA PHE X 59 57.25 -66.65 10.02
C PHE X 59 58.42 -67.57 9.68
N ALA X 60 58.11 -68.85 9.51
CA ALA X 60 59.10 -69.82 9.08
C ALA X 60 59.55 -69.52 7.65
N THR X 61 60.86 -69.59 7.41
CA THR X 61 61.45 -69.16 6.15
C THR X 61 61.01 -70.03 4.98
N GLY X 62 61.38 -71.30 5.00
CA GLY X 62 61.08 -72.18 3.88
C GLY X 62 59.93 -73.10 4.20
N ASP X 63 60.07 -74.39 3.89
CA ASP X 63 59.04 -75.33 4.31
C ASP X 63 59.13 -75.58 5.80
N GLU X 64 60.22 -76.21 6.24
CA GLU X 64 60.57 -76.42 7.65
C GLU X 64 59.38 -76.70 8.56
N GLN X 65 59.37 -76.06 9.71
CA GLN X 65 58.37 -76.25 10.76
C GLN X 65 58.61 -75.19 11.82
N PRO X 66 57.56 -74.65 12.43
CA PRO X 66 57.73 -73.55 13.38
C PRO X 66 58.72 -73.80 14.50
N LEU X 67 58.55 -74.88 15.26
CA LEU X 67 59.37 -75.23 16.43
C LEU X 67 59.13 -74.26 17.58
N PRO X 68 59.17 -74.72 18.83
CA PRO X 68 58.91 -73.83 19.96
C PRO X 68 60.11 -73.00 20.40
N ASP X 69 61.30 -73.28 19.90
CA ASP X 69 62.48 -72.53 20.32
C ASP X 69 62.82 -71.38 19.39
N ASP X 70 62.05 -71.17 18.34
CA ASP X 70 62.32 -70.09 17.42
C ASP X 70 61.87 -68.76 18.02
N GLU X 71 62.61 -67.71 17.67
CA GLU X 71 62.24 -66.37 18.13
C GLU X 71 61.01 -65.88 17.40
N SER X 72 60.05 -65.35 18.16
CA SER X 72 58.81 -64.87 17.56
C SER X 72 58.99 -63.54 16.87
N GLY X 73 59.86 -62.68 17.37
CA GLY X 73 60.02 -61.36 16.81
C GLY X 73 59.03 -60.34 17.30
N LEU X 74 58.23 -60.67 18.30
CA LEU X 74 57.24 -59.73 18.83
C LEU X 74 57.83 -58.94 19.99
N PRO X 75 57.42 -57.68 20.15
CA PRO X 75 57.81 -56.96 21.36
C PRO X 75 57.09 -57.52 22.57
N ARG X 76 57.70 -57.32 23.74
CA ARG X 76 57.10 -57.84 24.97
C ARG X 76 55.82 -57.12 25.35
N LYS X 77 55.49 -56.00 24.70
CA LYS X 77 54.26 -55.29 24.99
C LYS X 77 53.02 -56.00 24.44
N TYR X 78 53.18 -57.03 23.62
CA TYR X 78 52.07 -57.68 22.95
C TYR X 78 51.78 -59.08 23.46
N LYS X 79 52.57 -59.59 24.40
CA LYS X 79 52.50 -61.01 24.70
C LYS X 79 51.19 -61.35 25.41
N HIS X 80 50.68 -60.47 26.27
CA HIS X 80 49.42 -60.76 26.93
C HIS X 80 48.27 -60.82 25.96
N ALA X 81 48.20 -59.87 25.02
CA ALA X 81 47.13 -59.89 24.03
C ALA X 81 47.21 -61.13 23.16
N VAL X 82 48.40 -61.45 22.66
CA VAL X 82 48.56 -62.62 21.80
C VAL X 82 48.21 -63.88 22.56
N GLY X 83 48.68 -64.00 23.80
CA GLY X 83 48.41 -65.20 24.58
C GLY X 83 46.95 -65.38 24.89
N TYR X 84 46.26 -64.30 25.23
CA TYR X 84 44.84 -64.44 25.53
C TYR X 84 44.04 -64.83 24.29
N GLN X 85 44.38 -64.25 23.13
CA GLN X 85 43.68 -64.64 21.92
C GLN X 85 43.95 -66.11 21.58
N LEU X 86 45.20 -66.55 21.72
CA LEU X 86 45.51 -67.95 21.48
C LEU X 86 44.78 -68.89 22.43
N LEU X 87 44.69 -68.52 23.71
CA LEU X 87 43.96 -69.34 24.66
C LEU X 87 42.49 -69.44 24.28
N LEU X 88 41.89 -68.32 23.89
CA LEU X 88 40.49 -68.37 23.46
C LEU X 88 40.31 -69.30 22.28
N ARG X 89 41.24 -69.28 21.33
CA ARG X 89 41.09 -70.14 20.16
C ARG X 89 41.28 -71.61 20.50
N MET X 90 42.21 -71.93 21.41
CA MET X 90 42.56 -73.33 21.63
C MET X 90 41.94 -73.94 22.88
N LEU X 91 41.02 -73.24 23.54
CA LEU X 91 40.34 -73.85 24.69
C LEU X 91 39.52 -75.07 24.30
N SER X 92 38.86 -75.05 23.15
CA SER X 92 37.87 -76.08 22.83
C SER X 92 38.49 -77.44 22.53
N ASP X 93 39.81 -77.53 22.39
CA ASP X 93 40.45 -78.84 22.24
C ASP X 93 40.20 -79.70 23.47
N TYR X 94 40.21 -79.09 24.64
CA TYR X 94 40.05 -79.78 25.91
C TYR X 94 38.61 -79.76 26.39
N SER X 95 37.69 -79.28 25.56
CA SER X 95 36.26 -79.20 25.89
C SER X 95 36.06 -78.39 27.18
N LEU X 96 36.52 -77.15 27.14
CA LEU X 96 36.39 -76.23 28.26
C LEU X 96 35.77 -74.94 27.76
N GLU X 97 35.13 -74.22 28.68
CA GLU X 97 34.49 -72.97 28.33
C GLU X 97 35.07 -71.84 29.16
N PRO X 98 35.33 -70.68 28.56
CA PRO X 98 35.94 -69.59 29.31
C PRO X 98 34.97 -68.97 30.31
N THR X 99 35.53 -68.40 31.33
CA THR X 99 34.80 -67.71 32.37
C THR X 99 34.80 -66.21 32.12
N PRO X 100 33.84 -65.48 32.68
CA PRO X 100 33.73 -64.05 32.33
C PRO X 100 34.96 -63.23 32.60
N GLN X 101 35.71 -63.52 33.66
CA GLN X 101 36.90 -62.71 33.94
C GLN X 101 37.97 -62.90 32.88
N VAL X 102 38.14 -64.12 32.38
CA VAL X 102 39.11 -64.35 31.31
C VAL X 102 38.70 -63.58 30.06
N LEU X 103 37.40 -63.56 29.75
CA LEU X 103 36.94 -62.78 28.60
C LEU X 103 37.22 -61.30 28.78
N SER X 104 37.00 -60.78 29.99
CA SER X 104 37.26 -59.36 30.23
C SER X 104 38.74 -59.04 30.08
N ASN X 105 39.60 -59.89 30.62
CA ASN X 105 41.04 -59.66 30.47
C ASN X 105 41.46 -59.71 29.02
N ALA X 106 40.93 -60.66 28.26
CA ALA X 106 41.27 -60.76 26.85
C ALA X 106 40.84 -59.52 26.10
N GLN X 107 39.64 -59.03 26.39
CA GLN X 107 39.17 -57.83 25.70
C GLN X 107 40.02 -56.61 26.05
N ARG X 108 40.41 -56.46 27.31
CA ARG X 108 41.25 -55.32 27.69
C ARG X 108 42.60 -55.36 26.97
N SER X 109 43.23 -56.53 26.95
CA SER X 109 44.54 -56.65 26.29
C SER X 109 44.42 -56.39 24.79
N TYR X 110 43.37 -56.92 24.16
CA TYR X 110 43.17 -56.69 22.75
C TYR X 110 42.94 -55.21 22.45
N ASP X 111 42.20 -54.52 23.32
CA ASP X 111 42.01 -53.09 23.13
C ASP X 111 43.33 -52.34 23.23
N ALA X 112 44.19 -52.74 24.17
CA ALA X 112 45.50 -52.11 24.25
C ALA X 112 46.30 -52.33 22.96
N LEU X 113 46.22 -53.53 22.39
CA LEU X 113 46.88 -53.79 21.11
C LEU X 113 46.29 -52.90 20.01
N MET X 114 44.97 -52.77 19.96
CA MET X 114 44.32 -51.98 18.93
C MET X 114 44.69 -50.52 19.03
N THR X 115 44.88 -50.01 20.25
CA THR X 115 45.21 -48.59 20.43
C THR X 115 46.56 -48.24 19.84
N ASP X 116 47.49 -49.19 19.81
CA ASP X 116 48.86 -48.94 19.37
C ASP X 116 49.05 -49.12 17.87
N THR X 117 47.96 -49.06 17.09
CA THR X 117 48.06 -49.30 15.67
C THR X 117 47.24 -48.30 14.85
N LEU X 118 46.37 -47.51 15.47
CA LEU X 118 45.48 -46.59 14.76
C LEU X 118 46.24 -45.72 13.76
N VAL X 119 45.54 -45.33 12.69
CA VAL X 119 46.11 -44.46 11.67
C VAL X 119 45.27 -43.21 11.43
N VAL X 120 43.95 -43.33 11.33
CA VAL X 120 43.06 -42.19 11.07
C VAL X 120 43.48 -41.46 9.79
N PRO X 121 43.13 -41.98 8.62
CA PRO X 121 43.82 -41.62 7.37
C PRO X 121 43.80 -40.17 6.90
N SER X 122 43.04 -39.25 7.49
CA SER X 122 43.19 -37.82 7.21
C SER X 122 42.94 -37.49 5.73
N MET X 123 41.67 -37.60 5.34
CA MET X 123 41.22 -37.35 3.97
C MET X 123 41.70 -36.02 3.41
N ARG X 124 41.85 -35.97 2.09
CA ARG X 124 42.57 -34.94 1.34
C ARG X 124 41.65 -33.90 0.73
N ARG X 125 42.22 -33.05 -0.14
CA ARG X 125 41.46 -32.18 -1.03
C ARG X 125 41.26 -32.86 -2.37
N ARG X 126 40.31 -32.35 -3.14
CA ARG X 126 39.75 -33.12 -4.24
C ARG X 126 40.67 -33.16 -5.45
N GLY X 127 40.95 -32.01 -6.04
CA GLY X 127 41.75 -32.00 -7.24
C GLY X 127 41.28 -31.00 -8.27
N ASP X 128 39.99 -30.69 -8.26
CA ASP X 128 39.44 -29.56 -8.98
C ASP X 128 39.08 -28.41 -8.04
N PHE X 129 39.47 -28.52 -6.77
CA PHE X 129 39.19 -27.49 -5.80
C PHE X 129 40.19 -26.34 -5.96
N PRO X 130 39.74 -25.11 -6.19
CA PRO X 130 40.68 -24.02 -6.39
C PRO X 130 41.49 -23.71 -5.14
N VAL X 131 42.66 -23.18 -5.35
CA VAL X 131 43.44 -22.56 -4.29
C VAL X 131 43.37 -21.05 -4.51
N GLY X 132 43.17 -20.30 -3.45
CA GLY X 132 42.84 -18.90 -3.61
C GLY X 132 43.99 -18.05 -4.09
N GLN X 133 43.67 -16.78 -4.36
CA GLN X 133 44.70 -15.82 -4.73
C GLN X 133 45.61 -15.45 -3.58
N GLY X 134 45.19 -15.71 -2.34
CA GLY X 134 46.04 -15.42 -1.21
C GLY X 134 47.28 -16.29 -1.16
N ASN X 135 47.26 -17.44 -1.83
CA ASN X 135 48.42 -18.31 -1.89
C ASN X 135 49.42 -17.92 -2.95
N LYS X 136 49.09 -16.94 -3.80
CA LYS X 136 50.01 -16.39 -4.79
C LYS X 136 50.59 -17.47 -5.69
N TYR X 137 49.69 -18.13 -6.43
CA TYR X 137 50.10 -19.26 -7.25
C TYR X 137 50.92 -18.85 -8.45
N ASP X 138 51.04 -17.56 -8.74
CA ASP X 138 51.84 -17.12 -9.87
C ASP X 138 53.32 -17.45 -9.67
N VAL X 139 53.87 -17.02 -8.53
CA VAL X 139 55.30 -16.90 -8.35
C VAL X 139 55.82 -17.78 -7.21
N PHE X 140 55.18 -17.72 -6.04
CA PHE X 140 55.65 -18.52 -4.91
C PHE X 140 55.52 -20.00 -5.20
N THR X 141 54.30 -20.47 -5.42
CA THR X 141 54.07 -21.84 -5.80
C THR X 141 53.72 -21.89 -7.28
N SER X 142 53.35 -23.08 -7.74
CA SER X 142 52.82 -23.27 -9.07
C SER X 142 51.54 -24.07 -8.95
N ASP X 143 50.85 -24.24 -10.07
CA ASP X 143 49.69 -25.12 -10.14
C ASP X 143 48.62 -24.71 -9.12
N ARG X 144 48.01 -23.57 -9.41
CA ARG X 144 46.65 -23.29 -8.96
C ARG X 144 45.79 -24.53 -9.14
N TYR X 145 44.83 -24.73 -8.24
CA TYR X 145 44.09 -25.99 -8.06
C TYR X 145 44.98 -27.02 -7.38
N TYR X 146 44.43 -27.74 -6.41
CA TYR X 146 45.20 -28.70 -5.64
C TYR X 146 45.54 -29.93 -6.49
N PRO X 147 46.68 -30.56 -6.24
CA PRO X 147 46.99 -31.81 -6.96
C PRO X 147 46.08 -32.96 -6.55
N GLY X 148 45.88 -33.15 -5.26
CA GLY X 148 44.91 -34.12 -4.77
C GLY X 148 45.12 -35.53 -5.25
N ASP X 149 46.37 -35.95 -5.37
CA ASP X 149 46.67 -37.26 -5.93
C ASP X 149 47.97 -37.81 -5.39
N LEU X 150 49.05 -37.67 -6.17
CA LEU X 150 50.39 -38.09 -5.77
C LEU X 150 50.44 -39.57 -5.37
#